data_6SL0
#
_entry.id   6SL0
#
_cell.length_a   1.00
_cell.length_b   1.00
_cell.length_c   1.00
_cell.angle_alpha   90.00
_cell.angle_beta   90.00
_cell.angle_gamma   90.00
#
_symmetry.space_group_name_H-M   'P 1'
#
loop_
_entity.id
_entity.type
_entity.pdbx_description
1 polymer 'Serine/threonine-protein kinase Tel1'
2 non-polymer 'PHOSPHOTHIOPHOSPHORIC ACID-ADENYLATE ESTER'
3 non-polymer 'MAGNESIUM ION'
#
_entity_poly.entity_id   1
_entity_poly.type   'polypeptide(L)'
_entity_poly.pdbx_seq_one_letter_code
;MPRVKSYTGGTINFKEIESHLVGSSATARKDAVEALIAYFDGSRTQSQTTFDDKAYHRLFEALFRCTLIEKEAYFNSKKS
VKVTAAAAARLERCPEALRLAVRHGVTTIRRKTARAIIDHIVQVLPGPDGAYVMPLLAGYVKVLYEFLDNPASAENIAAL
SGEGWEVCVDFCIDVLSRFLELGDRESGSLSRASPAPGATARSGSVAGTQGSGEQIGTHVAVDVLSCLYMLCIAHNAPIQ
RKADRLPHVVIQLLQLRQMKIGELQKMAFATFNIVFQRMQAEDVALCKTLVKQVVPLLSHWWQPRALSRDAMLNSIRDEM
LKTLYGTRLYIQALLREAADESFPQDVEELLDTLWCDYSRREERARLQLDDITFTNMLLPPDHPRTGIFSLRPHHTAGEQ
NWALLENLAILEAAYSKHGQQEQSQQNQQQPEIDQPRKRRKMSGRQNRVHQKLHSLDPAVRLSALQLIPFLTRHKKPSLE
DVAETLEDLSKHVTAKQAIVASWAMLACSSLAIHEVSRHPSLSSSWKQLWQLAVRSLSLPPISRASCVLLNSILKANLIP
RHELADDINQIVTTADISGPAILVDASLGLMLNLLRFRNNMFPNASQATSNHIIRWVFVRWSPAELTYASLHGTHATPYD
LVNLLRACYGISPLVMAQPLRLFNGPIVLHWKEQAEMEPFIRYLLLLHEEEPDTTVTPAQQEEQLPESNSATDVAGSNAS
RRLALELFYPKVEELQELAESWQKRGGEGATPVSMERLRSMVLACLTGALLLPDLVNINSSLSRDLESAVFSIVDATLKV
ILNSPPSENLFGMILASSAPYIPHLIEPELIALKRERPHLLKFFGKLSEALYERSRRESSHRDDQVIDIDPDFEPQTSQK
NTASKAKTLPRRDILLSYTPEAFYLETSLRIHFLDIIRLNDGEIGRIPEPIINQLAGLSGEQFLCCREFMREIFTSDAIV
PLGGATTILETAGHIVSRYEYACCEVALCNCIDIMDSFINLWTDNHFDIAEMAGDLYHYLVKQSLPNNSMSAAAQIRLAS
LLLHLLEVKSEYASNLGLPSSQSTLLKILQDGPMKLKHYIGLEIPKLFGLYVLKTHDDIFVDVLEHLPSDPDVVEGLAFR
LFVLAELACRWPTLLRRSIYHTFEIPGKITKISKSQSCVTHSALYAASCIKRIAQTLKLSGPQELFKLFAPQLLYTWLDN
DSIQDIAYEIFGFSSLLDLLREAQTEAAAIMMMRGQEQEVCQLAQSLGLTPEKLVQQSFTKIIAYSIAHDISIAGGPDYV
TGESRMRKILGKEEYLANIHLNFADIISTFFDIFDQEDPIEKAFRRDERFAYAAETLEEIKKLGHLPTALPPNQQPMFRA
KYLPREIVHLCSRTQYEPENIWTPALVVFVARKLLKTIHPALGPLHACSVLRKIRVLICLAGDHAISGYPLEMLLHSLRV
FVVDPECADDALGITQYLIKRGDEYLKRTPSFLAGYALSSLADLRVFLESSQSSTTQESQFKATKSKAQEFHAWFSKYLA
AYDSPEFKDEGQKQAFRSITENAAHIRASGNAEKGTHESNLLLEILKDWGRENQLLNEPARDVALSMLCGVFNIPPSSRL
DVIETDEDAIKNGAVVWKSCSSQRLGGEYLAWAGRVLGRSFAASGEVPEDLLRESQLQEYRRLSQGVGSSEEGLLNLIKS
LTISGDCFTAGLAEAALRTIVSDAISDNDHDLLSACQESLPEPLLIASNWDPYRTPLSDQFKVDPPANTEVFSARALENP
NWSQHLAIRLALSAPKIVTLRVLPPILSKVKGFAERAFPFVVHLVLAYQLDKQQSAKRELSESLQEWLNFTSEPAKENLK
LLINTILYLRTQPLPGESSIADRAHWLDVNMASAAAAATRCGMYKVALLFAELAAESTRGSRRSSAARETDDSSDILLEI
FENIDDPDAYYGLSQDASLSTVLARLEYENDGAKSLAFRGAQYDSHLRGRDLQSRQDCNALIKALSSLGLAGLSNSLLQS
QQSIDGSSDSLDATFTTARKLEIWNLPAPVNSDSWAVTVYKAYQSMYQAQELDTVRSMVHDGLKNTVRHLSSGSLNTSVL
RQQLGALAALTELDDILNVRDQSELQCTLATFEKRSKWMMSGRYADVSQILSCRETTLSMWSQRHNLRAAGLTSADARLV
QIRGMLLSSDIFRFHRARQETLNLSTALSDLIPSCESLGLSVDAAIKMEAANALWDHGEMISSIRMLQAIDKDSSLKKQS
VPLSRSDLLSKIGYQVSVARLESPDAIQKKYLEPALKELKGKIEGREAGQVFHQFAVFCDEQLQNPDSLEDLARLQNLKK
GKDEEVAQLKALIASAKDSQLRNRYQSHLAKAKQWQELDQQELRRVEQTRSEFLKLCIENYLLSLAASDEHDNDALRFMA
LWLEKSEEEVANEVVKKWINKVPTRKFALLMNQLSSRLQDHNTLFQKLLIDLVYRICVDHPYHGMYHIWTGARTRVNKDD
EVAVSRQRATDKIAKALSKNNKVSSIWPAIDQTSRVYHALAMDRDPTRYKSGQKVPIKNSPVGQNFLSTMSNNPIPPPTL
QIEVSANLDYSHVPMIHKFAPEMAIASGVSAPKILTAIGTDGRKYKQLVKGGNDDLRQDAIMEQVFAAVSELLKLHRETR
QRNLGIRTYKVLPLTSSSGLIEFVSNTIPLHEYLMPAHERYYPKDLKGSQCRKEIANAQTKNTETRIAVYRRVTERFHPV
MRYFFMEYFPDPDEWFQKRTNYTRTTAAISMLGHVLGLGDRHGHNILLDHKTGEVVHIDLGVAFEMGRVLPVPELVPFRL
TRDIVDGMGITKTEGVFRRCCEFTLDALREEAASIQTILDSLRHDTLYQWSISPVRMAKLQNAREVGGEDGGVGGGEDGE
GGGVPKEKKQRPANEPSEADRAIEVVKKKLSKTLSVMATVNDLINQATSVSNLAVLYSGWAAYA
;
_entity_poly.pdbx_strand_id   A,B
#
loop_
_chem_comp.id
_chem_comp.type
_chem_comp.name
_chem_comp.formula
AGS non-polymer 'PHOSPHOTHIOPHOSPHORIC ACID-ADENYLATE ESTER' 'C10 H16 N5 O12 P3 S'
MG non-polymer 'MAGNESIUM ION' 'Mg 2'
#
# COMPACT_ATOMS: atom_id res chain seq x y z
N PHE A 14 -67.96 -75.04 35.94
CA PHE A 14 -66.71 -74.94 36.66
C PHE A 14 -66.85 -75.38 38.12
N LYS A 15 -68.00 -75.09 38.73
CA LYS A 15 -68.26 -75.51 40.10
C LYS A 15 -68.36 -77.02 40.19
N GLU A 16 -69.30 -77.60 39.43
CA GLU A 16 -69.35 -79.05 39.34
C GLU A 16 -68.06 -79.60 38.75
N ILE A 17 -67.41 -78.85 37.87
CA ILE A 17 -66.10 -79.26 37.39
C ILE A 17 -65.08 -79.20 38.53
N GLU A 18 -65.20 -78.21 39.41
CA GLU A 18 -64.30 -78.14 40.56
C GLU A 18 -64.49 -79.36 41.46
N SER A 19 -65.75 -79.78 41.64
CA SER A 19 -65.98 -81.02 42.37
C SER A 19 -65.46 -82.23 41.60
N HIS A 20 -65.51 -82.17 40.27
CA HIS A 20 -65.03 -83.28 39.45
C HIS A 20 -63.54 -83.49 39.62
N LEU A 21 -62.78 -82.40 39.56
CA LEU A 21 -61.33 -82.51 39.73
C LEU A 21 -60.99 -83.09 41.10
N VAL A 22 -61.64 -82.60 42.15
CA VAL A 22 -61.45 -83.13 43.50
C VAL A 22 -62.79 -83.44 44.11
N SER A 25 -63.17 -92.16 37.07
CA SER A 25 -63.80 -90.86 36.91
C SER A 25 -63.04 -89.99 35.93
N ALA A 26 -62.30 -90.63 35.03
CA ALA A 26 -61.47 -89.87 34.08
C ALA A 26 -62.31 -88.98 33.18
N THR A 27 -63.57 -89.34 32.94
CA THR A 27 -64.45 -88.48 32.16
C THR A 27 -64.68 -87.14 32.85
N ALA A 28 -64.48 -87.09 34.16
CA ALA A 28 -64.58 -85.83 34.88
C ALA A 28 -63.30 -85.01 34.75
N ARG A 29 -62.14 -85.66 34.96
CA ARG A 29 -60.88 -84.93 34.93
C ARG A 29 -60.54 -84.45 33.52
N LYS A 30 -60.47 -85.38 32.57
CA LYS A 30 -60.12 -85.02 31.21
C LYS A 30 -61.14 -84.03 30.62
N ASP A 31 -62.42 -84.22 30.95
CA ASP A 31 -63.45 -83.30 30.48
C ASP A 31 -63.30 -81.91 31.09
N ALA A 32 -62.96 -81.84 32.37
CA ALA A 32 -62.76 -80.55 33.00
C ALA A 32 -61.57 -79.83 32.40
N VAL A 33 -60.50 -80.57 32.10
CA VAL A 33 -59.33 -79.93 31.50
C VAL A 33 -59.63 -79.50 30.07
N GLU A 34 -60.42 -80.28 29.34
CA GLU A 34 -60.84 -79.84 28.01
C GLU A 34 -61.69 -78.57 28.08
N ALA A 35 -62.61 -78.51 29.03
CA ALA A 35 -63.41 -77.31 29.21
C ALA A 35 -62.57 -76.12 29.63
N LEU A 36 -61.51 -76.36 30.41
CA LEU A 36 -60.60 -75.29 30.77
C LEU A 36 -59.86 -74.78 29.54
N ILE A 37 -59.30 -75.69 28.75
CA ILE A 37 -58.63 -75.29 27.53
C ILE A 37 -59.58 -74.50 26.63
N ALA A 38 -60.85 -74.90 26.61
CA ALA A 38 -61.86 -74.12 25.88
C ALA A 38 -62.06 -72.75 26.50
N TYR A 39 -61.93 -72.66 27.82
CA TYR A 39 -61.99 -71.36 28.49
C TYR A 39 -60.78 -70.51 28.14
N PHE A 40 -59.61 -71.14 27.97
CA PHE A 40 -58.38 -70.44 27.62
C PHE A 40 -57.99 -70.68 26.17
N ALA A 55 -61.32 -65.60 44.62
CA ALA A 55 -62.09 -66.29 43.60
C ALA A 55 -61.26 -67.39 42.93
N TYR A 56 -60.27 -66.97 42.13
CA TYR A 56 -59.39 -67.92 41.45
C TYR A 56 -58.76 -68.90 42.42
N HIS A 57 -58.51 -68.46 43.66
CA HIS A 57 -57.86 -69.32 44.65
C HIS A 57 -58.55 -70.67 44.76
N ARG A 58 -59.87 -70.70 44.61
CA ARG A 58 -60.61 -71.95 44.79
C ARG A 58 -60.38 -72.90 43.62
N LEU A 59 -60.46 -72.40 42.40
CA LEU A 59 -60.12 -73.23 41.25
C LEU A 59 -58.67 -73.67 41.29
N PHE A 60 -57.79 -72.82 41.83
CA PHE A 60 -56.39 -73.20 41.95
C PHE A 60 -56.23 -74.36 42.93
N GLU A 61 -56.89 -74.28 44.08
CA GLU A 61 -56.92 -75.42 44.99
C GLU A 61 -57.42 -76.67 44.27
N ALA A 62 -58.49 -76.51 43.48
CA ALA A 62 -59.03 -77.63 42.75
C ALA A 62 -57.96 -78.28 41.89
N LEU A 63 -57.30 -77.47 41.06
CA LEU A 63 -56.28 -77.99 40.17
C LEU A 63 -55.15 -78.66 40.94
N PHE A 64 -54.71 -78.03 42.04
CA PHE A 64 -53.59 -78.58 42.80
C PHE A 64 -53.95 -79.94 43.37
N ARG A 65 -55.03 -80.01 44.14
CA ARG A 65 -55.40 -81.27 44.78
C ARG A 65 -55.84 -82.30 43.75
N CYS A 66 -56.28 -81.85 42.57
CA CYS A 66 -56.63 -82.78 41.50
C CYS A 66 -55.38 -83.45 40.94
N THR A 67 -54.37 -82.65 40.62
CA THR A 67 -53.10 -83.22 40.21
C THR A 67 -52.52 -84.11 41.29
N LEU A 68 -52.72 -83.75 42.57
CA LEU A 68 -52.22 -84.60 43.64
C LEU A 68 -52.95 -85.94 43.68
N ILE A 69 -54.28 -85.91 43.60
CA ILE A 69 -55.09 -87.13 43.57
C ILE A 69 -54.66 -88.03 42.42
N GLU A 70 -54.38 -87.43 41.26
CA GLU A 70 -53.91 -88.22 40.13
C GLU A 70 -52.49 -88.70 40.35
N LYS A 71 -51.68 -87.95 41.10
CA LYS A 71 -50.29 -88.35 41.31
C LYS A 71 -50.19 -89.56 42.21
N GLU A 72 -50.88 -89.53 43.35
CA GLU A 72 -50.91 -90.72 44.20
C GLU A 72 -51.60 -91.88 43.51
N ALA A 73 -52.51 -91.60 42.57
CA ALA A 73 -53.24 -92.64 41.85
C ALA A 73 -52.49 -93.11 40.60
N TYR A 74 -51.18 -93.04 40.62
CA TYR A 74 -50.35 -93.63 39.58
C TYR A 74 -50.23 -95.12 39.81
N ALA A 85 -50.12 -95.52 29.83
CA ALA A 85 -49.66 -94.19 29.46
C ALA A 85 -50.72 -93.14 29.72
N ALA A 86 -51.98 -93.57 29.84
CA ALA A 86 -53.08 -92.63 30.11
C ALA A 86 -52.81 -91.83 31.38
N ALA A 87 -52.28 -92.48 32.41
CA ALA A 87 -51.86 -91.76 33.61
C ALA A 87 -50.89 -90.63 33.24
N ALA A 88 -49.92 -90.94 32.38
CA ALA A 88 -48.93 -89.94 31.99
C ALA A 88 -49.58 -88.78 31.25
N ALA A 89 -50.52 -89.07 30.36
CA ALA A 89 -51.19 -88.01 29.62
C ALA A 89 -51.97 -87.10 30.55
N ARG A 90 -52.72 -87.67 31.49
CA ARG A 90 -53.50 -86.85 32.41
C ARG A 90 -52.58 -86.02 33.33
N LEU A 91 -51.45 -86.59 33.74
CA LEU A 91 -50.49 -85.83 34.53
C LEU A 91 -49.90 -84.68 33.72
N GLU A 92 -49.60 -84.93 32.45
CA GLU A 92 -49.08 -83.85 31.61
C GLU A 92 -50.13 -82.78 31.36
N ARG A 93 -51.40 -83.14 31.36
CA ARG A 93 -52.44 -82.22 30.94
C ARG A 93 -53.06 -81.40 32.07
N CYS A 94 -52.95 -81.83 33.34
CA CYS A 94 -53.59 -81.04 34.40
C CYS A 94 -52.87 -79.71 34.65
N PRO A 95 -51.56 -79.68 34.93
CA PRO A 95 -50.90 -78.39 35.11
C PRO A 95 -50.78 -77.58 33.83
N GLU A 96 -51.11 -78.14 32.68
CA GLU A 96 -51.29 -77.29 31.50
C GLU A 96 -52.45 -76.34 31.71
N ALA A 97 -53.59 -76.88 32.17
CA ALA A 97 -54.68 -76.01 32.60
C ALA A 97 -54.23 -75.06 33.69
N LEU A 98 -53.42 -75.55 34.62
CA LEU A 98 -52.91 -74.69 35.68
C LEU A 98 -52.16 -73.49 35.09
N ARG A 99 -51.14 -73.76 34.29
CA ARG A 99 -50.30 -72.70 33.73
C ARG A 99 -51.11 -71.76 32.85
N LEU A 100 -52.11 -72.26 32.14
CA LEU A 100 -52.96 -71.35 31.39
C LEU A 100 -53.84 -70.50 32.28
N ALA A 101 -54.11 -70.96 33.51
CA ALA A 101 -54.78 -70.10 34.47
C ALA A 101 -53.84 -69.07 35.08
N VAL A 102 -52.56 -69.43 35.26
CA VAL A 102 -51.59 -68.49 35.79
C VAL A 102 -51.01 -67.59 34.73
N ARG A 103 -51.49 -67.67 33.49
CA ARG A 103 -51.28 -66.64 32.49
C ARG A 103 -52.53 -65.78 32.29
N HIS A 104 -53.52 -65.92 33.18
CA HIS A 104 -54.76 -65.18 33.05
C HIS A 104 -55.25 -64.59 34.36
N GLY A 105 -54.73 -65.01 35.49
CA GLY A 105 -55.06 -64.39 36.76
C GLY A 105 -53.80 -63.90 37.44
N VAL A 106 -52.70 -63.99 36.70
CA VAL A 106 -51.40 -63.53 37.17
C VAL A 106 -51.38 -62.04 37.40
N THR A 107 -52.43 -61.33 37.01
CA THR A 107 -52.55 -59.91 37.29
C THR A 107 -53.24 -59.65 38.62
N THR A 108 -54.37 -60.31 38.86
CA THR A 108 -55.10 -60.20 40.12
C THR A 108 -54.70 -61.26 41.12
N ILE A 109 -53.47 -61.75 41.05
CA ILE A 109 -52.94 -62.66 42.03
C ILE A 109 -52.23 -61.85 43.11
N ARG A 110 -52.10 -62.42 44.30
CA ARG A 110 -51.44 -61.75 45.42
C ARG A 110 -50.53 -62.77 46.12
N ARG A 111 -49.89 -62.32 47.20
CA ARG A 111 -48.80 -63.10 47.78
C ARG A 111 -49.29 -64.38 48.45
N LYS A 112 -50.51 -64.38 48.96
CA LYS A 112 -51.08 -65.60 49.51
C LYS A 112 -51.16 -66.69 48.45
N THR A 113 -51.83 -66.39 47.34
CA THR A 113 -51.91 -67.32 46.23
C THR A 113 -50.53 -67.62 45.67
N ALA A 114 -49.63 -66.64 45.70
CA ALA A 114 -48.26 -66.87 45.25
C ALA A 114 -47.61 -67.99 46.05
N ARG A 115 -47.55 -67.83 47.37
CA ARG A 115 -46.96 -68.85 48.23
C ARG A 115 -47.65 -70.19 48.03
N ALA A 116 -48.99 -70.18 47.92
CA ALA A 116 -49.72 -71.42 47.74
C ALA A 116 -49.23 -72.17 46.50
N ILE A 117 -49.22 -71.48 45.36
CA ILE A 117 -48.74 -72.08 44.12
C ILE A 117 -47.33 -72.61 44.28
N ILE A 118 -46.46 -71.81 44.91
CA ILE A 118 -45.05 -72.17 44.97
C ILE A 118 -44.86 -73.43 45.80
N ASP A 119 -45.47 -73.48 46.98
CA ASP A 119 -45.32 -74.67 47.81
C ASP A 119 -45.95 -75.88 47.15
N HIS A 120 -47.05 -75.71 46.42
CA HIS A 120 -47.60 -76.85 45.67
C HIS A 120 -46.59 -77.36 44.66
N ILE A 121 -45.98 -76.45 43.90
CA ILE A 121 -45.03 -76.87 42.87
C ILE A 121 -43.85 -77.59 43.49
N VAL A 122 -43.41 -77.15 44.67
CA VAL A 122 -42.24 -77.79 45.28
C VAL A 122 -42.62 -79.01 46.11
N GLN A 123 -43.90 -79.21 46.39
CA GLN A 123 -44.35 -80.35 47.19
C GLN A 123 -44.82 -81.53 46.35
N VAL A 124 -45.62 -81.28 45.32
CA VAL A 124 -46.08 -82.37 44.45
C VAL A 124 -44.88 -83.09 43.86
N LEU A 125 -44.01 -82.35 43.20
CA LEU A 125 -42.77 -82.93 42.72
C LEU A 125 -41.87 -83.24 43.92
N PRO A 126 -41.24 -84.43 43.97
CA PRO A 126 -40.33 -84.76 45.08
C PRO A 126 -39.11 -83.86 45.13
N PRO A 135 -41.47 -86.54 33.76
CA PRO A 135 -42.92 -86.56 34.02
C PRO A 135 -43.54 -85.18 33.95
N LEU A 136 -43.77 -84.57 35.12
CA LEU A 136 -44.40 -83.27 35.21
C LEU A 136 -43.41 -82.13 35.36
N LEU A 137 -42.25 -82.25 34.72
CA LEU A 137 -41.27 -81.17 34.76
C LEU A 137 -41.76 -79.96 33.97
N ALA A 138 -42.06 -80.17 32.69
CA ALA A 138 -42.28 -79.04 31.79
C ALA A 138 -43.50 -78.22 32.20
N GLY A 139 -44.59 -78.88 32.60
CA GLY A 139 -45.77 -78.14 33.01
C GLY A 139 -45.53 -77.27 34.24
N TYR A 140 -44.92 -77.85 35.27
CA TYR A 140 -44.67 -77.09 36.49
C TYR A 140 -43.68 -75.96 36.22
N VAL A 141 -42.59 -76.25 35.53
CA VAL A 141 -41.61 -75.22 35.21
C VAL A 141 -42.24 -74.12 34.39
N LYS A 142 -43.19 -74.48 33.50
CA LYS A 142 -43.92 -73.46 32.77
C LYS A 142 -44.75 -72.59 33.70
N VAL A 143 -45.41 -73.20 34.67
CA VAL A 143 -46.17 -72.39 35.63
C VAL A 143 -45.25 -71.42 36.34
N LEU A 144 -44.08 -71.89 36.74
CA LEU A 144 -43.08 -71.02 37.37
C LEU A 144 -42.69 -69.88 36.44
N TYR A 145 -42.42 -70.20 35.18
CA TYR A 145 -41.98 -69.19 34.22
C TYR A 145 -43.04 -68.12 34.03
N GLU A 146 -44.30 -68.53 33.88
CA GLU A 146 -45.35 -67.55 33.64
C GLU A 146 -45.75 -66.82 34.91
N PHE A 147 -45.42 -67.36 36.08
CA PHE A 147 -45.62 -66.62 37.31
C PHE A 147 -44.57 -65.54 37.46
N LEU A 148 -43.34 -65.83 37.05
CA LEU A 148 -42.25 -64.87 37.18
C LEU A 148 -42.21 -63.85 36.06
N ASP A 149 -42.81 -64.16 34.90
CA ASP A 149 -42.75 -63.23 33.77
C ASP A 149 -43.28 -61.86 34.15
N ASN A 150 -44.34 -61.81 34.93
CA ASN A 150 -44.79 -60.56 35.51
C ASN A 150 -43.78 -60.11 36.56
N PRO A 151 -43.03 -59.02 36.33
CA PRO A 151 -41.92 -58.71 37.24
C PRO A 151 -42.36 -58.44 38.67
N ALA A 152 -43.46 -57.72 38.86
CA ALA A 152 -43.92 -57.43 40.21
C ALA A 152 -44.16 -58.70 41.01
N SER A 153 -44.42 -59.83 40.35
CA SER A 153 -44.61 -61.07 41.07
C SER A 153 -43.31 -61.51 41.73
N ALA A 154 -42.26 -61.70 40.93
CA ALA A 154 -40.98 -62.10 41.47
C ALA A 154 -40.34 -61.04 42.35
N GLU A 155 -40.85 -59.81 42.33
CA GLU A 155 -40.37 -58.81 43.28
C GLU A 155 -41.13 -58.87 44.59
N ASN A 156 -42.45 -58.96 44.55
CA ASN A 156 -43.22 -59.08 45.77
C ASN A 156 -42.96 -60.38 46.50
N ILE A 157 -42.44 -61.40 45.82
CA ILE A 157 -42.02 -62.58 46.57
C ILE A 157 -40.68 -62.37 47.27
N ALA A 158 -39.98 -61.27 46.97
CA ALA A 158 -38.77 -60.89 47.71
C ALA A 158 -39.10 -60.14 48.96
N ALA A 159 -40.33 -60.29 49.42
CA ALA A 159 -40.87 -59.64 50.61
C ALA A 159 -40.42 -60.35 51.87
N LEU A 160 -41.20 -60.17 52.93
CA LEU A 160 -40.80 -60.12 54.33
C LEU A 160 -39.55 -60.93 54.67
N SER A 161 -39.43 -62.15 54.17
CA SER A 161 -38.24 -62.93 54.47
C SER A 161 -37.35 -63.11 53.25
N GLY A 162 -37.86 -63.69 52.18
CA GLY A 162 -37.01 -64.27 51.16
C GLY A 162 -37.04 -65.77 51.33
N GLU A 163 -37.89 -66.23 52.25
CA GLU A 163 -38.15 -67.65 52.38
C GLU A 163 -38.63 -68.22 51.06
N GLY A 164 -39.72 -67.67 50.51
CA GLY A 164 -40.25 -68.17 49.26
C GLY A 164 -39.34 -67.89 48.08
N TRP A 165 -38.71 -66.72 48.07
CA TRP A 165 -37.73 -66.44 47.02
C TRP A 165 -36.60 -67.45 47.07
N GLU A 166 -36.11 -67.78 48.26
CA GLU A 166 -35.05 -68.78 48.34
C GLU A 166 -35.57 -70.16 47.97
N VAL A 167 -36.84 -70.44 48.27
CA VAL A 167 -37.44 -71.71 47.86
C VAL A 167 -37.38 -71.84 46.34
N CYS A 168 -37.76 -70.76 45.64
CA CYS A 168 -37.77 -70.78 44.17
C CYS A 168 -36.36 -70.85 43.61
N VAL A 169 -35.43 -70.06 44.16
CA VAL A 169 -34.07 -70.07 43.65
C VAL A 169 -33.43 -71.42 43.88
N ASP A 170 -33.69 -72.04 45.03
CA ASP A 170 -33.11 -73.35 45.29
C ASP A 170 -33.78 -74.41 44.43
N PHE A 171 -35.08 -74.31 44.22
CA PHE A 171 -35.77 -75.12 43.23
C PHE A 171 -34.96 -75.13 41.94
N CYS A 172 -34.73 -73.94 41.39
CA CYS A 172 -34.10 -73.86 40.08
C CYS A 172 -32.64 -74.32 40.13
N ILE A 173 -31.93 -74.04 41.22
CA ILE A 173 -30.53 -74.46 41.33
C ILE A 173 -30.44 -75.98 41.37
N ASP A 174 -31.27 -76.62 42.20
CA ASP A 174 -31.27 -78.08 42.25
C ASP A 174 -31.66 -78.66 40.90
N VAL A 175 -32.65 -78.07 40.23
CA VAL A 175 -33.05 -78.58 38.92
C VAL A 175 -31.87 -78.56 37.96
N LEU A 176 -31.18 -77.43 37.89
CA LEU A 176 -30.02 -77.33 37.01
C LEU A 176 -28.97 -78.36 37.39
N SER A 177 -28.60 -78.42 38.66
CA SER A 177 -27.56 -79.34 39.08
C SER A 177 -27.96 -80.80 38.96
N ARG A 178 -29.25 -81.08 38.71
CA ARG A 178 -29.62 -82.40 38.22
C ARG A 178 -29.25 -82.57 36.76
N PHE A 179 -29.46 -81.53 35.96
CA PHE A 179 -29.22 -81.52 34.54
C PHE A 179 -27.74 -81.62 34.22
N GLY A 217 -35.48 -82.04 31.09
CA GLY A 217 -35.23 -81.90 29.67
C GLY A 217 -34.21 -80.83 29.33
N THR A 218 -34.00 -80.58 28.04
CA THR A 218 -33.02 -79.61 27.59
C THR A 218 -33.62 -78.25 27.29
N HIS A 219 -34.82 -78.21 26.68
CA HIS A 219 -35.54 -76.95 26.58
C HIS A 219 -36.10 -76.54 27.93
N VAL A 220 -36.58 -77.50 28.71
CA VAL A 220 -36.98 -77.20 30.08
C VAL A 220 -35.79 -76.67 30.87
N ALA A 221 -34.58 -77.15 30.57
CA ALA A 221 -33.40 -76.60 31.22
C ALA A 221 -33.21 -75.13 30.86
N VAL A 222 -33.48 -74.77 29.62
CA VAL A 222 -33.43 -73.37 29.23
C VAL A 222 -34.46 -72.57 29.99
N ASP A 223 -35.66 -73.13 30.16
CA ASP A 223 -36.68 -72.41 30.91
C ASP A 223 -36.30 -72.30 32.38
N VAL A 224 -35.56 -73.27 32.90
CA VAL A 224 -35.08 -73.20 34.27
C VAL A 224 -34.11 -72.04 34.42
N LEU A 225 -33.14 -71.95 33.51
CA LEU A 225 -32.21 -70.84 33.59
C LEU A 225 -32.90 -69.51 33.35
N SER A 226 -33.97 -69.51 32.53
CA SER A 226 -34.73 -68.29 32.30
C SER A 226 -35.44 -67.82 33.56
N CYS A 227 -36.08 -68.73 34.29
CA CYS A 227 -36.77 -68.31 35.50
C CYS A 227 -35.77 -67.98 36.61
N LEU A 228 -34.62 -68.64 36.64
CA LEU A 228 -33.56 -68.23 37.54
C LEU A 228 -33.16 -66.79 37.29
N TYR A 229 -32.87 -66.45 36.04
CA TYR A 229 -32.58 -65.06 35.68
C TYR A 229 -33.72 -64.14 36.10
N MET A 230 -34.96 -64.51 35.80
CA MET A 230 -36.10 -63.66 36.11
C MET A 230 -36.22 -63.41 37.60
N LEU A 231 -35.79 -64.35 38.42
CA LEU A 231 -35.72 -64.09 39.86
C LEU A 231 -34.58 -63.14 40.18
N CYS A 232 -33.41 -63.36 39.58
CA CYS A 232 -32.24 -62.58 39.97
C CYS A 232 -32.35 -61.11 39.60
N ILE A 233 -33.18 -60.72 38.64
CA ILE A 233 -33.39 -59.29 38.35
C ILE A 233 -34.51 -58.83 39.27
N ALA A 234 -34.15 -58.55 40.50
CA ALA A 234 -35.05 -57.89 41.44
C ALA A 234 -34.16 -57.15 42.40
N HIS A 235 -34.11 -55.84 42.28
CA HIS A 235 -33.10 -55.10 43.01
C HIS A 235 -33.36 -55.06 44.50
N ASN A 236 -34.38 -55.77 44.98
CA ASN A 236 -34.49 -56.16 46.38
C ASN A 236 -34.62 -57.67 46.50
N ALA A 237 -33.84 -58.39 45.69
CA ALA A 237 -33.80 -59.84 45.79
C ALA A 237 -32.67 -60.21 46.74
N PRO A 238 -32.94 -60.84 47.86
CA PRO A 238 -31.85 -61.22 48.77
C PRO A 238 -31.01 -62.32 48.15
N ILE A 239 -29.84 -61.96 47.65
CA ILE A 239 -28.96 -62.91 46.98
C ILE A 239 -27.89 -63.43 47.92
N GLN A 240 -27.32 -62.54 48.74
CA GLN A 240 -26.19 -62.89 49.59
C GLN A 240 -26.38 -64.21 50.31
N ARG A 241 -27.61 -64.53 50.70
CA ARG A 241 -27.91 -65.76 51.40
C ARG A 241 -27.62 -66.98 50.54
N LYS A 242 -28.37 -67.12 49.45
CA LYS A 242 -28.16 -68.22 48.51
C LYS A 242 -27.26 -67.75 47.36
N ALA A 243 -26.05 -67.38 47.73
CA ALA A 243 -25.04 -66.90 46.78
C ALA A 243 -23.79 -67.76 46.80
N ASP A 244 -23.82 -68.89 47.50
CA ASP A 244 -22.65 -69.77 47.57
C ASP A 244 -22.62 -70.71 46.38
N ARG A 245 -23.71 -71.44 46.15
CA ARG A 245 -23.76 -72.41 45.07
C ARG A 245 -24.28 -71.84 43.78
N LEU A 246 -24.95 -70.69 43.81
CA LEU A 246 -25.59 -70.16 42.62
C LEU A 246 -24.58 -69.80 41.53
N PRO A 247 -23.57 -68.96 41.77
CA PRO A 247 -22.60 -68.70 40.71
C PRO A 247 -21.85 -69.93 40.28
N HIS A 248 -21.51 -70.80 41.22
CA HIS A 248 -20.82 -72.02 40.85
C HIS A 248 -21.71 -72.89 39.96
N VAL A 249 -23.01 -72.92 40.24
CA VAL A 249 -23.94 -73.61 39.35
C VAL A 249 -23.89 -73.02 37.95
N VAL A 250 -24.09 -71.70 37.84
CA VAL A 250 -24.23 -71.08 36.53
C VAL A 250 -22.96 -71.27 35.71
N ILE A 251 -21.79 -70.97 36.29
CA ILE A 251 -20.55 -71.06 35.53
C ILE A 251 -19.97 -72.47 35.50
N GLN A 252 -20.56 -73.42 36.21
CA GLN A 252 -20.25 -74.82 35.99
C GLN A 252 -20.98 -75.34 34.78
N LEU A 253 -22.25 -74.92 34.63
CA LEU A 253 -23.02 -75.24 33.44
C LEU A 253 -22.28 -74.79 32.19
N LEU A 254 -21.90 -73.51 32.14
CA LEU A 254 -21.35 -72.93 30.93
C LEU A 254 -20.07 -73.63 30.48
N GLN A 255 -19.33 -74.25 31.40
CA GLN A 255 -18.06 -74.88 31.02
C GLN A 255 -18.26 -76.00 30.00
N LEU A 256 -19.49 -76.39 29.71
CA LEU A 256 -19.76 -77.34 28.65
C LEU A 256 -19.53 -76.68 27.29
N ARG A 257 -18.57 -77.19 26.54
CA ARG A 257 -18.16 -76.57 25.29
C ARG A 257 -18.87 -77.22 24.10
N GLN A 258 -20.20 -77.20 24.15
CA GLN A 258 -21.04 -77.73 23.07
C GLN A 258 -22.43 -77.11 23.24
N MET A 259 -23.44 -77.70 22.57
CA MET A 259 -24.79 -77.13 22.54
C MET A 259 -24.75 -75.75 21.90
N LYS A 260 -24.50 -75.76 20.59
CA LYS A 260 -23.78 -74.73 19.85
C LYS A 260 -23.96 -73.31 20.35
N ILE A 261 -25.19 -72.78 20.33
CA ILE A 261 -25.49 -71.49 20.93
C ILE A 261 -27.00 -71.31 20.98
N GLY A 262 -27.50 -70.67 22.02
CA GLY A 262 -28.91 -70.39 22.10
C GLY A 262 -29.25 -69.62 23.35
N GLU A 263 -30.53 -69.67 23.71
CA GLU A 263 -30.97 -68.99 24.92
C GLU A 263 -30.20 -69.44 26.15
N LEU A 264 -29.73 -70.69 26.16
CA LEU A 264 -29.01 -71.19 27.33
C LEU A 264 -27.83 -70.30 27.68
N GLN A 265 -26.97 -70.01 26.70
CA GLN A 265 -25.77 -69.25 27.01
C GLN A 265 -26.05 -67.78 27.24
N LYS A 266 -27.03 -67.21 26.53
CA LYS A 266 -27.42 -65.84 26.79
C LYS A 266 -27.92 -65.67 28.22
N MET A 267 -28.73 -66.61 28.69
CA MET A 267 -29.24 -66.51 30.06
C MET A 267 -28.15 -66.83 31.08
N ALA A 268 -27.24 -67.76 30.76
CA ALA A 268 -26.09 -67.98 31.62
C ALA A 268 -25.34 -66.69 31.87
N PHE A 269 -25.01 -65.98 30.78
CA PHE A 269 -24.24 -64.75 30.95
C PHE A 269 -25.07 -63.64 31.57
N ALA A 270 -26.38 -63.62 31.36
CA ALA A 270 -27.20 -62.61 32.01
C ALA A 270 -27.22 -62.80 33.52
N THR A 271 -27.48 -64.02 33.99
CA THR A 271 -27.43 -64.26 35.43
C THR A 271 -26.04 -63.97 35.98
N PHE A 272 -25.00 -64.32 35.22
CA PHE A 272 -23.66 -64.00 35.69
C PHE A 272 -23.50 -62.51 35.90
N ASN A 273 -23.87 -61.71 34.90
CA ASN A 273 -23.76 -60.26 35.05
C ASN A 273 -24.48 -59.78 36.29
N ILE A 274 -25.71 -60.24 36.52
CA ILE A 274 -26.51 -59.68 37.60
C ILE A 274 -25.97 -60.10 38.96
N VAL A 275 -25.74 -61.40 39.14
CA VAL A 275 -25.20 -61.89 40.42
C VAL A 275 -23.87 -61.24 40.71
N PHE A 276 -23.00 -61.14 39.71
CA PHE A 276 -21.70 -60.50 39.92
C PHE A 276 -21.89 -59.04 40.28
N GLN A 277 -22.84 -58.35 39.66
CA GLN A 277 -23.06 -56.96 40.03
C GLN A 277 -23.48 -56.85 41.48
N ARG A 278 -24.27 -57.81 41.97
CA ARG A 278 -24.57 -57.85 43.39
C ARG A 278 -23.30 -58.03 44.21
N MET A 279 -22.60 -59.14 43.98
CA MET A 279 -21.48 -59.56 44.82
C MET A 279 -20.16 -58.95 44.40
N GLN A 280 -20.18 -57.79 43.74
CA GLN A 280 -18.95 -57.18 43.26
C GLN A 280 -18.15 -56.54 44.38
N ALA A 281 -18.82 -56.04 45.42
CA ALA A 281 -18.15 -55.41 46.55
C ALA A 281 -18.44 -56.12 47.86
N GLU A 282 -19.02 -57.31 47.79
CA GLU A 282 -19.14 -58.21 48.93
C GLU A 282 -18.71 -59.59 48.45
N ASP A 283 -17.95 -60.30 49.28
CA ASP A 283 -17.30 -61.54 48.87
C ASP A 283 -16.33 -61.31 47.72
N VAL A 284 -15.23 -60.62 48.05
CA VAL A 284 -14.14 -60.41 47.10
C VAL A 284 -13.49 -61.74 46.69
N ALA A 285 -13.36 -62.68 47.63
CA ALA A 285 -12.71 -63.94 47.31
C ALA A 285 -13.50 -64.73 46.27
N LEU A 286 -14.80 -64.89 46.51
CA LEU A 286 -15.66 -65.55 45.53
C LEU A 286 -15.50 -64.92 44.16
N CYS A 287 -15.39 -63.60 44.11
CA CYS A 287 -15.33 -62.92 42.82
C CYS A 287 -14.01 -63.17 42.13
N LYS A 288 -12.89 -63.08 42.85
CA LYS A 288 -11.61 -63.35 42.19
C LYS A 288 -11.58 -64.77 41.64
N THR A 289 -12.09 -65.74 42.40
CA THR A 289 -12.15 -67.10 41.89
C THR A 289 -13.01 -67.19 40.63
N LEU A 290 -14.21 -66.61 40.69
CA LEU A 290 -15.12 -66.66 39.55
C LEU A 290 -14.47 -66.08 38.30
N VAL A 291 -13.79 -64.95 38.43
CA VAL A 291 -13.22 -64.35 37.23
C VAL A 291 -12.06 -65.18 36.72
N LYS A 292 -11.25 -65.74 37.64
CA LYS A 292 -10.23 -66.67 37.19
C LYS A 292 -10.83 -67.83 36.43
N GLN A 293 -12.10 -68.13 36.68
CA GLN A 293 -12.74 -69.20 35.95
C GLN A 293 -13.39 -68.76 34.64
N VAL A 294 -13.90 -67.52 34.56
CA VAL A 294 -14.67 -67.12 33.38
C VAL A 294 -13.89 -66.24 32.42
N VAL A 295 -12.64 -65.93 32.70
CA VAL A 295 -11.85 -65.28 31.64
C VAL A 295 -11.49 -66.33 30.59
N PRO A 296 -11.16 -67.58 30.94
CA PRO A 296 -11.05 -68.60 29.89
C PRO A 296 -12.35 -68.87 29.15
N LEU A 297 -13.42 -69.18 29.88
CA LEU A 297 -14.67 -69.55 29.22
C LEU A 297 -15.24 -68.42 28.38
N LEU A 298 -14.65 -67.23 28.46
CA LEU A 298 -15.10 -66.13 27.62
C LEU A 298 -14.33 -66.11 26.32
N SER A 299 -13.08 -66.57 26.33
CA SER A 299 -12.31 -66.64 25.11
C SER A 299 -12.67 -67.86 24.29
N HIS A 300 -13.77 -68.53 24.60
CA HIS A 300 -14.24 -69.66 23.81
C HIS A 300 -15.62 -69.41 23.23
N TRP A 301 -16.57 -68.96 24.02
CA TRP A 301 -17.90 -68.66 23.50
C TRP A 301 -17.94 -67.33 22.75
N TRP A 302 -16.79 -66.76 22.42
CA TRP A 302 -16.73 -65.63 21.48
C TRP A 302 -16.40 -66.14 20.09
N GLN A 303 -16.96 -67.27 19.74
CA GLN A 303 -16.76 -67.87 18.43
C GLN A 303 -17.03 -66.85 17.33
N PRO A 304 -16.05 -66.53 16.49
CA PRO A 304 -16.23 -65.69 15.31
C PRO A 304 -16.42 -66.51 14.05
N MET A 312 -29.18 -63.84 17.39
CA MET A 312 -28.59 -64.48 18.57
C MET A 312 -27.26 -63.83 18.88
N LEU A 313 -26.30 -64.04 17.98
CA LEU A 313 -24.92 -63.65 18.25
C LEU A 313 -24.79 -62.17 18.58
N ASN A 314 -25.70 -61.33 18.07
CA ASN A 314 -25.73 -59.95 18.53
C ASN A 314 -25.90 -59.89 20.04
N SER A 315 -26.96 -60.53 20.56
CA SER A 315 -27.23 -60.44 21.99
C SER A 315 -26.16 -61.15 22.81
N ILE A 316 -25.54 -62.20 22.27
CA ILE A 316 -24.53 -62.91 23.03
C ILE A 316 -23.23 -62.10 23.10
N ARG A 317 -22.84 -61.47 22.00
CA ARG A 317 -21.72 -60.52 22.08
C ARG A 317 -22.05 -59.38 23.02
N ASP A 318 -23.31 -58.96 23.09
CA ASP A 318 -23.68 -57.88 24.00
C ASP A 318 -23.51 -58.31 25.45
N GLU A 319 -23.98 -59.51 25.79
CA GLU A 319 -23.84 -59.97 27.16
C GLU A 319 -22.38 -60.18 27.53
N MET A 320 -21.57 -60.66 26.60
CA MET A 320 -20.17 -60.83 26.93
C MET A 320 -19.45 -59.49 27.06
N LEU A 321 -19.89 -58.48 26.33
CA LEU A 321 -19.29 -57.15 26.52
C LEU A 321 -19.69 -56.56 27.86
N LYS A 322 -20.93 -56.78 28.29
CA LYS A 322 -21.30 -56.38 29.65
C LYS A 322 -20.44 -57.10 30.69
N THR A 323 -20.25 -58.40 30.51
CA THR A 323 -19.38 -59.16 31.41
C THR A 323 -17.99 -58.55 31.47
N LEU A 324 -17.43 -58.20 30.32
CA LEU A 324 -16.10 -57.60 30.31
C LEU A 324 -16.11 -56.23 30.99
N TYR A 325 -17.19 -55.47 30.86
CA TYR A 325 -17.32 -54.21 31.57
C TYR A 325 -17.27 -54.43 33.07
N GLY A 326 -17.92 -55.48 33.56
CA GLY A 326 -17.87 -55.78 34.97
C GLY A 326 -16.48 -56.16 35.43
N THR A 327 -15.97 -57.26 34.89
CA THR A 327 -14.72 -57.88 35.29
C THR A 327 -13.49 -57.01 35.05
N ARG A 328 -13.67 -55.82 34.50
CA ARG A 328 -12.52 -55.02 34.07
C ARG A 328 -11.55 -54.74 35.21
N LEU A 329 -11.97 -54.87 36.46
CA LEU A 329 -11.12 -54.52 37.59
C LEU A 329 -10.47 -55.73 38.24
N TYR A 330 -11.19 -56.85 38.31
CA TYR A 330 -10.56 -58.07 38.81
C TYR A 330 -9.46 -58.53 37.87
N ILE A 331 -9.60 -58.28 36.58
CA ILE A 331 -8.55 -58.65 35.62
C ILE A 331 -7.29 -57.85 35.89
N GLN A 332 -7.42 -56.55 36.07
CA GLN A 332 -6.24 -55.72 36.28
C GLN A 332 -5.64 -55.95 37.65
N ALA A 333 -6.45 -56.41 38.61
CA ALA A 333 -5.90 -56.77 39.91
C ALA A 333 -5.13 -58.08 39.83
N LEU A 334 -5.73 -59.09 39.20
CA LEU A 334 -5.09 -60.41 39.09
C LEU A 334 -3.80 -60.34 38.28
N LEU A 335 -3.82 -59.67 37.12
CA LEU A 335 -2.61 -59.53 36.33
C LEU A 335 -1.48 -58.89 37.13
N ARG A 336 -1.82 -58.18 38.21
CA ARG A 336 -0.85 -57.61 39.14
C ARG A 336 -0.72 -58.46 40.39
N GLU A 337 -0.77 -59.78 40.22
CA GLU A 337 -0.72 -60.70 41.35
C GLU A 337 -0.26 -62.09 40.91
N GLU A 341 1.09 -68.92 37.21
CA GLU A 341 0.90 -67.89 36.19
C GLU A 341 0.13 -68.41 34.98
N SER A 342 -1.08 -68.91 35.22
CA SER A 342 -1.98 -69.28 34.13
C SER A 342 -2.73 -68.06 33.62
N PHE A 343 -3.18 -67.20 34.53
CA PHE A 343 -4.01 -66.07 34.14
C PHE A 343 -3.37 -65.16 33.09
N PRO A 344 -2.07 -64.86 33.12
CA PRO A 344 -1.49 -64.10 32.00
C PRO A 344 -1.64 -64.80 30.65
N GLN A 345 -1.35 -66.11 30.59
CA GLN A 345 -1.51 -66.82 29.33
C GLN A 345 -2.95 -66.79 28.85
N ASP A 346 -3.88 -67.03 29.78
CA ASP A 346 -5.29 -67.05 29.41
C ASP A 346 -5.76 -65.69 28.93
N VAL A 347 -5.37 -64.62 29.65
CA VAL A 347 -5.82 -63.30 29.25
C VAL A 347 -5.22 -62.90 27.91
N GLU A 348 -3.97 -63.27 27.65
CA GLU A 348 -3.40 -62.96 26.34
C GLU A 348 -4.13 -63.70 25.23
N GLU A 349 -4.47 -64.97 25.47
CA GLU A 349 -5.25 -65.70 24.48
C GLU A 349 -6.59 -65.02 24.22
N LEU A 350 -7.19 -64.46 25.27
CA LEU A 350 -8.46 -63.78 25.08
C LEU A 350 -8.28 -62.46 24.32
N LEU A 351 -7.21 -61.73 24.62
CA LEU A 351 -6.90 -60.54 23.83
C LEU A 351 -6.83 -60.88 22.35
N ASP A 352 -6.14 -61.96 22.03
CA ASP A 352 -5.95 -62.30 20.62
C ASP A 352 -7.23 -62.83 19.99
N THR A 353 -8.10 -63.47 20.76
CA THR A 353 -9.42 -63.82 20.23
C THR A 353 -10.22 -62.57 19.89
N LEU A 354 -10.15 -61.54 20.74
CA LEU A 354 -10.85 -60.30 20.44
C LEU A 354 -10.30 -59.64 19.16
N TRP A 355 -8.97 -59.60 19.02
CA TRP A 355 -8.39 -59.03 17.80
C TRP A 355 -8.81 -59.82 16.57
N CYS A 356 -8.63 -61.14 16.60
CA CYS A 356 -9.02 -61.97 15.47
C CYS A 356 -10.50 -61.84 15.14
N ASP A 357 -11.34 -61.53 16.13
CA ASP A 357 -12.76 -61.35 15.83
C ASP A 357 -13.04 -60.00 15.22
N TYR A 358 -12.40 -58.95 15.72
CA TYR A 358 -12.73 -57.62 15.22
C TYR A 358 -12.09 -57.31 13.87
N SER A 359 -10.97 -57.95 13.55
CA SER A 359 -10.27 -57.59 12.31
C SER A 359 -10.93 -58.15 11.06
N ARG A 360 -11.73 -59.19 11.15
CA ARG A 360 -12.53 -59.66 10.02
C ARG A 360 -13.98 -59.17 10.11
N ARG A 361 -14.13 -57.85 10.07
CA ARG A 361 -15.42 -57.17 10.14
C ARG A 361 -15.44 -56.03 9.14
N GLU A 362 -15.11 -56.32 7.88
CA GLU A 362 -14.44 -55.39 6.97
C GLU A 362 -14.90 -53.93 7.00
N GLU A 363 -16.13 -53.61 6.60
CA GLU A 363 -16.48 -52.19 6.45
C GLU A 363 -17.88 -51.82 6.91
N ARG A 364 -18.85 -52.73 6.93
CA ARG A 364 -20.20 -52.33 7.31
C ARG A 364 -20.26 -52.00 8.79
N ALA A 365 -20.01 -52.99 9.63
CA ALA A 365 -20.05 -52.84 11.08
C ALA A 365 -18.63 -52.99 11.59
N ARG A 366 -17.90 -51.89 11.59
CA ARG A 366 -16.55 -51.89 12.11
C ARG A 366 -16.24 -50.56 12.78
N LEU A 367 -17.21 -49.97 13.46
CA LEU A 367 -17.09 -48.61 13.99
C LEU A 367 -16.81 -47.63 12.86
N GLN A 368 -17.82 -47.44 12.03
CA GLN A 368 -17.76 -46.47 10.94
C GLN A 368 -17.38 -45.08 11.44
N LEU A 369 -16.95 -44.19 10.56
CA LEU A 369 -16.62 -42.83 10.94
C LEU A 369 -17.84 -41.93 11.07
N ASP A 370 -19.04 -42.48 11.05
CA ASP A 370 -20.24 -41.72 11.34
C ASP A 370 -20.81 -42.06 12.71
N ASP A 371 -20.13 -42.93 13.47
CA ASP A 371 -20.46 -43.21 14.86
C ASP A 371 -19.65 -42.37 15.82
N ILE A 372 -18.98 -41.32 15.36
CA ILE A 372 -18.28 -40.41 16.24
C ILE A 372 -18.57 -38.99 15.80
N THR A 373 -18.52 -38.05 16.74
CA THR A 373 -18.67 -36.65 16.45
C THR A 373 -17.52 -35.87 17.05
N PHE A 374 -17.06 -34.84 16.32
CA PHE A 374 -16.01 -33.95 16.80
C PHE A 374 -16.58 -32.60 17.21
N THR A 375 -17.88 -32.51 17.42
CA THR A 375 -18.50 -31.24 17.76
C THR A 375 -18.11 -30.81 19.16
N ASN A 376 -18.04 -29.50 19.36
CA ASN A 376 -17.75 -28.93 20.66
C ASN A 376 -19.03 -28.51 21.38
N MET A 377 -19.91 -29.48 21.58
CA MET A 377 -21.08 -29.27 22.41
C MET A 377 -20.76 -29.67 23.83
N LEU A 378 -21.70 -29.39 24.72
CA LEU A 378 -21.53 -29.69 26.14
C LEU A 378 -22.19 -31.03 26.45
N LEU A 379 -21.54 -32.08 25.97
CA LEU A 379 -22.04 -33.42 26.22
C LEU A 379 -21.78 -33.79 27.68
N PRO A 380 -22.62 -34.65 28.26
CA PRO A 380 -22.53 -34.92 29.69
C PRO A 380 -21.23 -35.59 30.05
N PRO A 381 -20.81 -35.51 31.30
CA PRO A 381 -19.48 -36.03 31.65
C PRO A 381 -19.41 -37.54 31.63
N ASP A 382 -20.48 -38.24 32.01
CA ASP A 382 -20.47 -39.70 32.02
C ASP A 382 -20.61 -40.31 30.62
N HIS A 383 -20.50 -39.49 29.57
CA HIS A 383 -20.62 -39.97 28.21
C HIS A 383 -19.41 -40.81 27.84
N PRO A 384 -19.52 -41.66 26.82
CA PRO A 384 -18.34 -42.35 26.30
C PRO A 384 -17.56 -41.47 25.34
N ARG A 385 -16.27 -41.29 25.62
CA ARG A 385 -15.45 -40.41 24.78
C ARG A 385 -14.00 -40.85 24.89
N THR A 386 -13.20 -40.47 23.89
CA THR A 386 -11.78 -40.85 23.82
C THR A 386 -10.96 -39.71 23.23
N GLY A 387 -10.41 -38.87 24.08
CA GLY A 387 -9.33 -38.01 23.65
C GLY A 387 -9.72 -36.90 22.69
N ILE A 388 -10.31 -37.26 21.55
CA ILE A 388 -10.60 -36.30 20.50
C ILE A 388 -12.08 -36.34 20.13
N PHE A 389 -12.57 -37.52 19.79
CA PHE A 389 -13.94 -37.68 19.35
C PHE A 389 -14.78 -38.23 20.50
N SER A 390 -16.02 -38.58 20.22
CA SER A 390 -16.90 -39.15 21.22
C SER A 390 -18.08 -39.79 20.51
N LEU A 391 -18.74 -40.71 21.21
CA LEU A 391 -19.84 -41.43 20.59
C LEU A 391 -20.97 -40.48 20.23
N ARG A 392 -21.41 -40.55 18.98
CA ARG A 392 -22.45 -39.65 18.49
C ARG A 392 -23.70 -39.77 19.34
N PRO A 393 -24.24 -38.67 19.86
CA PRO A 393 -25.45 -38.73 20.67
C PRO A 393 -26.58 -39.44 19.94
N HIS A 394 -27.46 -40.07 20.71
CA HIS A 394 -28.63 -40.74 20.16
C HIS A 394 -28.25 -41.77 19.09
N HIS A 395 -27.23 -42.56 19.38
CA HIS A 395 -26.84 -43.67 18.53
C HIS A 395 -26.99 -44.92 19.37
N THR A 396 -28.16 -45.52 19.36
CA THR A 396 -28.36 -46.81 19.98
C THR A 396 -27.98 -47.95 19.08
N ALA A 397 -27.31 -47.67 17.96
CA ALA A 397 -26.95 -48.68 16.99
C ALA A 397 -25.45 -48.81 16.78
N GLY A 398 -24.64 -48.01 17.45
CA GLY A 398 -23.20 -48.09 17.28
C GLY A 398 -22.47 -48.16 18.59
N GLU A 399 -23.09 -48.81 19.57
CA GLU A 399 -22.54 -48.94 20.90
C GLU A 399 -21.75 -50.22 21.10
N GLN A 400 -22.03 -51.29 20.33
CA GLN A 400 -21.29 -52.52 20.52
C GLN A 400 -19.85 -52.41 20.04
N ASN A 401 -19.63 -51.74 18.92
CA ASN A 401 -18.27 -51.59 18.42
C ASN A 401 -17.46 -50.69 19.35
N TRP A 402 -18.05 -49.60 19.83
CA TRP A 402 -17.35 -48.77 20.80
C TRP A 402 -17.07 -49.56 22.06
N ALA A 403 -18.02 -50.41 22.47
CA ALA A 403 -17.82 -51.19 23.68
C ALA A 403 -16.64 -52.14 23.51
N LEU A 404 -16.59 -52.86 22.39
CA LEU A 404 -15.48 -53.77 22.16
C LEU A 404 -14.16 -53.03 22.17
N LEU A 405 -14.05 -51.95 21.41
CA LEU A 405 -12.76 -51.27 21.32
C LEU A 405 -12.36 -50.64 22.64
N GLU A 406 -13.33 -50.12 23.40
CA GLU A 406 -13.03 -49.54 24.70
C GLU A 406 -12.49 -50.61 25.64
N ASN A 407 -13.18 -51.74 25.74
CA ASN A 407 -12.76 -52.80 26.65
C ASN A 407 -11.42 -53.38 26.20
N LEU A 408 -11.21 -53.49 24.90
CA LEU A 408 -9.94 -54.01 24.41
C LEU A 408 -8.79 -53.08 24.77
N ALA A 409 -9.01 -51.77 24.64
CA ALA A 409 -7.96 -50.83 25.00
C ALA A 409 -7.64 -50.91 26.48
N ILE A 410 -8.67 -51.05 27.32
CA ILE A 410 -8.42 -51.14 28.77
C ILE A 410 -7.65 -52.42 29.09
N LEU A 411 -8.09 -53.55 28.55
CA LEU A 411 -7.41 -54.81 28.86
C LEU A 411 -6.02 -54.85 28.26
N GLU A 412 -5.78 -54.15 27.15
CA GLU A 412 -4.45 -54.15 26.55
C GLU A 412 -3.49 -53.29 27.36
N ALA A 413 -3.92 -52.10 27.78
CA ALA A 413 -3.05 -51.29 28.63
C ALA A 413 -2.91 -51.90 30.01
N ALA A 414 -3.79 -52.85 30.35
CA ALA A 414 -3.65 -53.56 31.62
C ALA A 414 -2.90 -54.88 31.48
N TYR A 415 -2.66 -55.34 30.25
CA TYR A 415 -1.83 -56.52 30.03
C TYR A 415 -0.38 -56.14 29.73
N SER A 416 -0.16 -55.22 28.80
CA SER A 416 1.18 -54.71 28.57
C SER A 416 1.75 -54.04 29.81
N LYS A 417 0.94 -53.86 30.86
CA LYS A 417 1.46 -53.42 32.14
C LYS A 417 2.14 -54.58 32.88
N HIS A 418 1.61 -55.79 32.72
CA HIS A 418 2.16 -56.97 33.40
C HIS A 418 2.16 -58.20 32.51
N ASN A 447 4.27 -54.69 24.28
CA ASN A 447 3.81 -53.96 23.12
C ASN A 447 3.22 -54.87 22.05
N ARG A 448 2.08 -55.48 22.36
CA ARG A 448 1.36 -56.22 21.33
C ARG A 448 0.91 -55.30 20.20
N VAL A 449 0.59 -54.05 20.53
CA VAL A 449 -0.05 -53.16 19.58
C VAL A 449 0.91 -52.75 18.48
N HIS A 450 2.16 -52.46 18.84
CA HIS A 450 3.13 -52.07 17.82
C HIS A 450 3.47 -53.22 16.89
N GLN A 451 3.54 -54.44 17.42
CA GLN A 451 3.71 -55.61 16.56
C GLN A 451 2.54 -55.74 15.60
N LYS A 452 1.32 -55.70 16.11
CA LYS A 452 0.16 -55.78 15.22
C LYS A 452 0.12 -54.60 14.26
N LEU A 453 0.78 -53.50 14.60
CA LEU A 453 0.81 -52.34 13.71
C LEU A 453 1.69 -52.62 12.50
N HIS A 454 2.79 -53.34 12.71
CA HIS A 454 3.65 -53.80 11.62
C HIS A 454 3.18 -55.14 11.08
N SER A 455 1.89 -55.44 11.21
CA SER A 455 1.37 -56.68 10.66
C SER A 455 1.36 -56.60 9.14
N LEU A 456 0.84 -57.66 8.53
CA LEU A 456 0.83 -57.80 7.09
C LEU A 456 -0.57 -57.72 6.49
N ASP A 457 -1.54 -58.40 7.08
CA ASP A 457 -2.90 -58.40 6.57
C ASP A 457 -3.55 -57.04 6.81
N PRO A 458 -3.99 -56.34 5.77
CA PRO A 458 -4.40 -54.94 5.93
C PRO A 458 -5.47 -54.72 6.99
N ALA A 459 -6.36 -55.68 7.22
CA ALA A 459 -7.39 -55.50 8.23
C ALA A 459 -6.77 -55.44 9.62
N VAL A 460 -5.67 -56.14 9.85
CA VAL A 460 -5.01 -56.05 11.15
C VAL A 460 -4.41 -54.66 11.34
N ARG A 461 -3.82 -54.09 10.29
CA ARG A 461 -3.29 -52.74 10.43
C ARG A 461 -4.40 -51.73 10.60
N LEU A 462 -5.56 -51.96 9.99
CA LEU A 462 -6.67 -51.03 10.20
C LEU A 462 -7.19 -51.09 11.63
N SER A 463 -7.36 -52.30 12.17
CA SER A 463 -7.79 -52.42 13.56
C SER A 463 -6.77 -51.78 14.50
N ALA A 464 -5.48 -51.96 14.22
CA ALA A 464 -4.48 -51.32 15.05
C ALA A 464 -4.38 -49.83 14.81
N LEU A 465 -4.99 -49.31 13.74
CA LEU A 465 -5.13 -47.86 13.57
C LEU A 465 -6.33 -47.33 14.34
N GLN A 466 -7.39 -48.13 14.45
CA GLN A 466 -8.55 -47.70 15.23
C GLN A 466 -8.24 -47.70 16.71
N LEU A 467 -7.45 -48.65 17.18
CA LEU A 467 -7.20 -48.79 18.61
C LEU A 467 -6.17 -47.79 19.16
N ILE A 468 -5.76 -46.78 18.40
CA ILE A 468 -4.74 -45.88 18.92
C ILE A 468 -5.32 -44.83 19.86
N PRO A 469 -6.46 -44.15 19.54
CA PRO A 469 -6.98 -43.12 20.47
C PRO A 469 -7.51 -43.69 21.77
N PHE A 470 -8.31 -44.75 21.65
CA PHE A 470 -8.81 -45.42 22.84
C PHE A 470 -7.69 -45.78 23.78
N LEU A 471 -6.59 -46.29 23.24
CA LEU A 471 -5.48 -46.75 24.07
C LEU A 471 -4.69 -45.58 24.62
N THR A 472 -4.35 -44.60 23.80
CA THR A 472 -3.59 -43.47 24.31
C THR A 472 -4.36 -42.70 25.36
N ARG A 473 -5.69 -42.84 25.41
CA ARG A 473 -6.43 -42.24 26.51
C ARG A 473 -5.91 -42.71 27.86
N HIS A 474 -5.39 -43.93 27.93
CA HIS A 474 -4.73 -44.39 29.15
C HIS A 474 -3.63 -45.38 28.74
N LYS A 475 -2.46 -44.83 28.43
CA LYS A 475 -1.21 -45.59 28.44
C LYS A 475 -0.05 -44.80 28.98
N LYS A 476 -0.09 -43.48 28.92
CA LYS A 476 1.01 -42.60 29.31
C LYS A 476 2.30 -43.09 28.64
N PRO A 477 2.41 -42.93 27.32
CA PRO A 477 3.57 -43.49 26.62
C PRO A 477 4.82 -42.67 26.86
N SER A 478 5.96 -43.31 26.60
CA SER A 478 7.25 -42.65 26.72
C SER A 478 7.59 -41.93 25.42
N LEU A 479 8.70 -41.19 25.42
CA LEU A 479 9.07 -40.37 24.28
C LEU A 479 9.42 -41.23 23.07
N GLU A 480 10.13 -42.34 23.29
CA GLU A 480 10.46 -43.22 22.19
C GLU A 480 9.22 -43.82 21.56
N ASP A 481 8.24 -44.22 22.37
CA ASP A 481 7.05 -44.87 21.84
C ASP A 481 6.19 -43.89 21.04
N VAL A 482 5.97 -42.70 21.58
CA VAL A 482 5.27 -41.66 20.84
C VAL A 482 5.97 -41.39 19.53
N ALA A 483 7.29 -41.16 19.56
CA ALA A 483 8.03 -40.84 18.35
C ALA A 483 7.92 -41.96 17.33
N GLU A 484 8.13 -43.21 17.74
CA GLU A 484 8.11 -44.31 16.81
C GLU A 484 6.73 -44.50 16.19
N THR A 485 5.70 -44.62 17.03
CA THR A 485 4.35 -44.77 16.50
C THR A 485 4.01 -43.64 15.55
N LEU A 486 4.46 -42.42 15.87
CA LEU A 486 4.16 -41.29 15.01
C LEU A 486 4.85 -41.41 13.67
N GLU A 487 6.10 -41.86 13.67
CA GLU A 487 6.80 -42.12 12.42
C GLU A 487 6.02 -43.10 11.55
N ASP A 488 5.56 -44.19 12.16
CA ASP A 488 4.85 -45.18 11.38
C ASP A 488 3.52 -44.63 10.88
N LEU A 489 2.89 -43.76 11.66
CA LEU A 489 1.61 -43.23 11.22
C LEU A 489 1.79 -42.26 10.06
N SER A 490 2.80 -41.39 10.14
CA SER A 490 3.16 -40.59 8.96
C SER A 490 3.51 -41.48 7.78
N LYS A 491 3.95 -42.71 8.04
CA LYS A 491 4.08 -43.67 6.96
C LYS A 491 2.72 -44.11 6.42
N HIS A 492 1.71 -44.20 7.29
CA HIS A 492 0.40 -44.70 6.88
C HIS A 492 -0.58 -43.62 6.45
N VAL A 493 -0.29 -42.35 6.72
CA VAL A 493 -1.26 -41.28 6.44
C VAL A 493 -1.60 -41.22 4.96
N THR A 494 -0.61 -41.45 4.10
CA THR A 494 -0.77 -41.32 2.65
C THR A 494 -1.16 -42.65 2.01
N ALA A 495 -2.17 -43.31 2.56
CA ALA A 495 -2.47 -44.69 2.18
C ALA A 495 -3.40 -44.80 0.99
N LYS A 496 -3.63 -43.69 0.27
CA LYS A 496 -4.52 -43.65 -0.90
C LYS A 496 -5.94 -44.08 -0.57
N GLN A 497 -6.27 -44.22 0.70
CA GLN A 497 -7.50 -44.90 1.11
C GLN A 497 -8.27 -44.03 2.08
N ALA A 498 -9.53 -43.76 1.77
CA ALA A 498 -10.37 -42.98 2.67
C ALA A 498 -10.33 -43.56 4.08
N ILE A 499 -10.64 -44.85 4.21
CA ILE A 499 -10.68 -45.50 5.52
C ILE A 499 -9.34 -45.34 6.23
N VAL A 500 -8.27 -45.83 5.59
CA VAL A 500 -6.99 -45.92 6.28
C VAL A 500 -6.38 -44.55 6.49
N ALA A 501 -6.43 -43.68 5.49
CA ALA A 501 -5.86 -42.34 5.67
C ALA A 501 -6.61 -41.57 6.73
N SER A 502 -7.93 -41.64 6.70
CA SER A 502 -8.76 -40.99 7.70
C SER A 502 -8.37 -41.47 9.10
N TRP A 503 -8.55 -42.76 9.36
CA TRP A 503 -8.26 -43.27 10.69
C TRP A 503 -6.82 -43.01 11.09
N ALA A 504 -5.90 -42.97 10.13
CA ALA A 504 -4.52 -42.70 10.48
C ALA A 504 -4.35 -41.29 10.99
N MET A 505 -4.95 -40.32 10.29
CA MET A 505 -4.87 -38.95 10.77
C MET A 505 -5.54 -38.80 12.13
N LEU A 506 -6.61 -39.55 12.37
CA LEU A 506 -7.25 -39.47 13.69
C LEU A 506 -6.34 -40.00 14.78
N ALA A 507 -5.66 -41.12 14.51
CA ALA A 507 -4.69 -41.64 15.48
C ALA A 507 -3.59 -40.63 15.75
N CYS A 508 -3.09 -40.00 14.68
CA CYS A 508 -2.05 -38.99 14.85
C CYS A 508 -2.52 -37.83 15.72
N SER A 509 -3.72 -37.32 15.46
CA SER A 509 -4.27 -36.23 16.25
C SER A 509 -4.68 -36.65 17.64
N SER A 510 -4.78 -37.94 17.90
CA SER A 510 -4.93 -38.42 19.27
C SER A 510 -3.60 -38.35 20.01
N LEU A 511 -2.53 -38.78 19.36
CA LEU A 511 -1.22 -38.71 19.99
C LEU A 511 -0.74 -37.27 20.15
N ALA A 512 -1.21 -36.35 19.33
CA ALA A 512 -0.70 -34.98 19.35
C ALA A 512 -1.20 -34.14 20.51
N ILE A 513 -1.82 -34.72 21.53
CA ILE A 513 -2.45 -33.93 22.60
C ILE A 513 -1.85 -34.29 23.95
N HIS A 514 -0.58 -34.68 23.96
CA HIS A 514 0.10 -35.03 25.20
C HIS A 514 0.93 -33.85 25.69
N GLU A 515 1.71 -34.10 26.76
CA GLU A 515 2.88 -33.31 27.06
C GLU A 515 4.14 -33.93 26.49
N VAL A 516 4.08 -35.19 26.10
CA VAL A 516 5.21 -35.85 25.47
C VAL A 516 5.43 -35.33 24.07
N SER A 517 4.34 -35.01 23.36
CA SER A 517 4.45 -34.63 21.96
C SER A 517 5.21 -33.32 21.78
N ARG A 518 5.20 -32.46 22.79
CA ARG A 518 5.89 -31.18 22.66
C ARG A 518 7.38 -31.31 22.95
N HIS A 519 8.06 -32.23 22.25
CA HIS A 519 9.50 -32.39 22.36
C HIS A 519 10.13 -32.21 20.98
N PRO A 520 11.21 -31.44 20.88
CA PRO A 520 11.74 -31.10 19.55
C PRO A 520 12.23 -32.29 18.73
N SER A 521 12.54 -33.43 19.36
CA SER A 521 13.12 -34.56 18.63
C SER A 521 12.23 -35.04 17.49
N LEU A 522 10.99 -34.57 17.41
CA LEU A 522 10.09 -34.97 16.33
C LEU A 522 9.34 -33.78 15.76
N SER A 523 9.81 -32.55 16.02
CA SER A 523 9.03 -31.37 15.65
C SER A 523 8.82 -31.30 14.15
N SER A 524 9.86 -31.55 13.37
CA SER A 524 9.68 -31.55 11.92
C SER A 524 8.69 -32.61 11.50
N SER A 525 8.67 -33.74 12.21
CA SER A 525 7.64 -34.75 11.99
C SER A 525 6.26 -34.10 11.93
N TRP A 526 5.96 -33.23 12.91
CA TRP A 526 4.68 -32.54 12.91
C TRP A 526 4.48 -31.77 11.62
N LYS A 527 5.47 -30.98 11.21
CA LYS A 527 5.39 -30.32 9.91
C LYS A 527 4.96 -31.33 8.85
N GLN A 528 5.66 -32.45 8.76
CA GLN A 528 5.28 -33.50 7.82
C GLN A 528 3.78 -33.77 7.88
N LEU A 529 3.28 -34.14 9.07
CA LEU A 529 1.86 -34.44 9.19
C LEU A 529 1.03 -33.23 8.81
N TRP A 530 1.38 -32.06 9.34
CA TRP A 530 0.69 -30.84 8.93
C TRP A 530 0.67 -30.78 7.41
N GLN A 531 1.83 -30.97 6.79
CA GLN A 531 1.90 -30.99 5.34
C GLN A 531 0.95 -32.03 4.76
N LEU A 532 1.07 -33.28 5.22
CA LEU A 532 0.24 -34.34 4.68
C LEU A 532 -1.24 -34.11 4.91
N ALA A 533 -1.61 -33.08 5.65
CA ALA A 533 -3.01 -32.70 5.78
C ALA A 533 -3.35 -31.45 5.00
N VAL A 534 -2.42 -30.49 4.90
CA VAL A 534 -2.74 -29.22 4.24
C VAL A 534 -3.16 -29.48 2.81
N ARG A 535 -2.59 -30.50 2.17
CA ARG A 535 -3.03 -30.84 0.83
C ARG A 535 -4.23 -31.78 0.87
N SER A 536 -4.40 -32.53 1.96
CA SER A 536 -5.49 -33.50 2.02
C SER A 536 -6.77 -32.87 2.55
N LEU A 537 -7.15 -31.71 2.02
CA LEU A 537 -8.32 -30.99 2.50
C LEU A 537 -9.41 -30.86 1.45
N SER A 538 -9.11 -31.12 0.19
CA SER A 538 -10.06 -30.89 -0.88
C SER A 538 -10.75 -32.16 -1.36
N LEU A 539 -10.36 -33.31 -0.85
CA LEU A 539 -11.03 -34.55 -1.22
C LEU A 539 -12.13 -34.85 -0.21
N PRO A 540 -13.38 -34.92 -0.62
CA PRO A 540 -14.47 -35.22 0.32
C PRO A 540 -14.33 -36.58 0.99
N PRO A 541 -13.57 -37.53 0.45
CA PRO A 541 -13.35 -38.75 1.25
C PRO A 541 -12.66 -38.49 2.58
N ILE A 542 -11.60 -37.69 2.62
CA ILE A 542 -10.81 -37.54 3.83
C ILE A 542 -10.72 -36.08 4.23
N SER A 543 -11.78 -35.32 3.96
CA SER A 543 -11.75 -33.91 4.36
C SER A 543 -12.02 -33.73 5.83
N ARG A 544 -12.60 -34.73 6.50
CA ARG A 544 -12.93 -34.58 7.90
C ARG A 544 -11.71 -34.85 8.78
N ALA A 545 -11.20 -36.09 8.73
CA ALA A 545 -10.05 -36.44 9.55
C ALA A 545 -8.93 -35.45 9.37
N SER A 546 -8.58 -35.13 8.13
CA SER A 546 -7.53 -34.17 7.88
C SER A 546 -7.77 -32.87 8.62
N CYS A 547 -8.97 -32.30 8.51
CA CYS A 547 -9.28 -31.09 9.26
C CYS A 547 -8.98 -31.27 10.73
N VAL A 548 -9.49 -32.36 11.32
CA VAL A 548 -9.19 -32.66 12.71
C VAL A 548 -7.70 -32.51 12.98
N LEU A 549 -6.87 -33.18 12.18
CA LEU A 549 -5.43 -33.09 12.37
C LEU A 549 -4.99 -31.65 12.44
N LEU A 550 -5.29 -30.87 11.40
CA LEU A 550 -4.91 -29.47 11.42
C LEU A 550 -5.37 -28.82 12.72
N ASN A 551 -6.64 -28.94 13.04
CA ASN A 551 -7.16 -28.28 14.22
C ASN A 551 -6.38 -28.71 15.45
N SER A 552 -6.09 -30.00 15.56
CA SER A 552 -5.35 -30.48 16.72
C SER A 552 -4.00 -29.79 16.83
N ILE A 553 -3.25 -29.73 15.73
CA ILE A 553 -1.94 -29.09 15.79
C ILE A 553 -2.09 -27.60 16.03
N LEU A 554 -3.23 -27.03 15.63
CA LEU A 554 -3.42 -25.60 15.83
C LEU A 554 -3.95 -25.31 17.23
N LYS A 555 -4.12 -26.33 18.06
CA LYS A 555 -4.59 -26.09 19.40
C LYS A 555 -3.51 -26.40 20.42
N ALA A 556 -2.75 -27.46 20.19
CA ALA A 556 -1.69 -27.88 21.10
C ALA A 556 -0.39 -27.12 20.88
N ASN A 557 -0.27 -26.36 19.79
CA ASN A 557 0.91 -25.54 19.52
C ASN A 557 2.18 -26.38 19.46
N LEU A 558 2.22 -27.27 18.48
CA LEU A 558 3.40 -28.08 18.20
C LEU A 558 4.25 -27.51 17.08
N ILE A 559 3.74 -26.52 16.35
CA ILE A 559 4.46 -25.84 15.28
C ILE A 559 4.30 -24.34 15.52
N PRO A 560 5.36 -23.55 15.45
CA PRO A 560 5.27 -22.12 15.83
C PRO A 560 4.30 -21.35 14.94
N ARG A 561 4.01 -20.13 15.37
CA ARG A 561 3.00 -19.30 14.71
C ARG A 561 3.56 -18.45 13.59
N HIS A 562 4.66 -18.86 12.98
CA HIS A 562 5.12 -18.25 11.73
C HIS A 562 5.33 -19.27 10.61
N GLU A 563 5.67 -20.51 10.92
CA GLU A 563 5.69 -21.55 9.90
C GLU A 563 4.29 -21.76 9.34
N LEU A 564 3.29 -21.78 10.20
CA LEU A 564 1.94 -22.11 9.76
C LEU A 564 1.07 -20.89 9.51
N ALA A 565 1.63 -19.80 8.99
CA ALA A 565 0.79 -18.63 8.72
C ALA A 565 0.46 -18.52 7.24
N ASP A 566 1.38 -18.93 6.37
CA ASP A 566 1.11 -18.85 4.94
C ASP A 566 0.07 -19.87 4.52
N ASP A 567 0.13 -21.07 5.09
CA ASP A 567 -0.86 -22.08 4.76
C ASP A 567 -2.24 -21.68 5.27
N ILE A 568 -2.30 -21.05 6.43
CA ILE A 568 -3.58 -20.57 6.93
C ILE A 568 -4.11 -19.43 6.06
N ASN A 569 -3.22 -18.55 5.60
CA ASN A 569 -3.64 -17.52 4.67
C ASN A 569 -4.20 -18.13 3.42
N GLN A 570 -3.56 -19.17 2.91
CA GLN A 570 -4.08 -19.86 1.72
C GLN A 570 -5.48 -20.39 1.98
N ILE A 571 -5.66 -21.09 3.10
CA ILE A 571 -6.94 -21.72 3.39
C ILE A 571 -8.05 -20.69 3.51
N VAL A 572 -7.79 -19.59 4.21
CA VAL A 572 -8.88 -18.65 4.51
C VAL A 572 -9.10 -17.64 3.39
N THR A 573 -8.07 -17.31 2.60
CA THR A 573 -8.26 -16.37 1.50
C THR A 573 -8.76 -17.07 0.26
N THR A 574 -8.23 -18.25 -0.05
CA THR A 574 -8.68 -18.99 -1.23
C THR A 574 -10.07 -19.60 -0.99
N ALA A 575 -10.14 -20.58 -0.10
CA ALA A 575 -11.36 -21.26 0.35
C ALA A 575 -11.97 -22.14 -0.73
N ASP A 576 -11.42 -22.16 -1.93
CA ASP A 576 -11.87 -23.09 -2.96
C ASP A 576 -10.84 -24.18 -3.27
N ILE A 577 -9.58 -23.90 -3.00
CA ILE A 577 -8.54 -24.92 -2.94
C ILE A 577 -7.89 -24.78 -1.58
N SER A 578 -7.67 -25.92 -0.92
CA SER A 578 -7.25 -25.95 0.48
C SER A 578 -8.30 -25.31 1.38
N GLY A 579 -9.56 -25.57 1.06
CA GLY A 579 -10.61 -25.31 2.00
C GLY A 579 -11.17 -26.62 2.50
N PRO A 580 -11.85 -26.59 3.61
CA PRO A 580 -12.46 -27.82 4.14
C PRO A 580 -13.65 -28.22 3.28
N ALA A 581 -13.38 -29.03 2.27
CA ALA A 581 -14.26 -29.23 1.12
C ALA A 581 -15.68 -29.67 1.45
N ILE A 582 -16.01 -29.94 2.70
CA ILE A 582 -17.21 -30.72 2.99
C ILE A 582 -18.19 -30.06 3.97
N LEU A 583 -17.79 -29.15 4.86
CA LEU A 583 -18.71 -28.48 5.81
C LEU A 583 -19.41 -29.47 6.74
N VAL A 584 -18.61 -30.05 7.62
CA VAL A 584 -19.07 -30.93 8.69
C VAL A 584 -18.64 -30.32 10.01
N ASP A 585 -18.86 -31.04 11.11
CA ASP A 585 -18.53 -30.54 12.43
C ASP A 585 -17.08 -30.06 12.51
N ALA A 586 -16.14 -30.89 12.04
CA ALA A 586 -14.74 -30.57 12.16
C ALA A 586 -14.32 -29.45 11.21
N SER A 587 -14.99 -29.32 10.06
CA SER A 587 -14.74 -28.19 9.16
C SER A 587 -15.06 -26.88 9.86
N LEU A 588 -16.21 -26.82 10.53
CA LEU A 588 -16.58 -25.58 11.21
C LEU A 588 -15.68 -25.31 12.40
N GLY A 589 -15.28 -26.35 13.12
CA GLY A 589 -14.30 -26.13 14.17
C GLY A 589 -13.03 -25.51 13.65
N LEU A 590 -12.45 -26.11 12.61
CA LEU A 590 -11.21 -25.57 12.06
C LEU A 590 -11.41 -24.16 11.53
N MET A 591 -12.53 -23.90 10.86
CA MET A 591 -12.70 -22.56 10.31
C MET A 591 -12.83 -21.53 11.40
N LEU A 592 -13.45 -21.88 12.53
CA LEU A 592 -13.49 -20.92 13.64
C LEU A 592 -12.10 -20.65 14.19
N ASN A 593 -11.31 -21.72 14.38
CA ASN A 593 -9.96 -21.50 14.88
C ASN A 593 -9.13 -20.67 13.91
N LEU A 594 -9.38 -20.83 12.60
CA LEU A 594 -8.65 -20.03 11.63
C LEU A 594 -9.09 -18.58 11.62
N LEU A 595 -10.39 -18.34 11.73
CA LEU A 595 -10.88 -16.97 11.83
C LEU A 595 -10.23 -16.26 13.00
N ARG A 596 -10.12 -16.94 14.13
CA ARG A 596 -9.50 -16.26 15.27
C ARG A 596 -8.00 -16.10 15.08
N PHE A 597 -7.33 -17.08 14.52
CA PHE A 597 -5.91 -16.94 14.20
C PHE A 597 -5.65 -15.72 13.33
N ARG A 598 -6.50 -15.50 12.33
CA ARG A 598 -6.26 -14.44 11.37
C ARG A 598 -6.81 -13.09 11.82
N ASN A 599 -7.71 -13.05 12.78
CA ASN A 599 -8.01 -11.78 13.42
C ASN A 599 -7.06 -11.48 14.57
N ASN A 600 -6.19 -12.41 14.90
CA ASN A 600 -5.14 -12.19 15.90
C ASN A 600 -3.80 -11.83 15.29
N MET A 601 -3.50 -12.29 14.07
CA MET A 601 -2.23 -11.93 13.48
C MET A 601 -2.34 -10.73 12.54
N PHE A 602 -3.38 -10.64 11.73
CA PHE A 602 -3.56 -9.52 10.81
C PHE A 602 -4.84 -8.79 11.19
N PRO A 603 -4.79 -7.91 12.20
CA PRO A 603 -6.01 -7.21 12.61
C PRO A 603 -6.59 -6.37 11.49
N ASN A 604 -5.74 -5.68 10.75
CA ASN A 604 -6.16 -5.09 9.49
C ASN A 604 -6.55 -6.20 8.52
N ALA A 605 -7.52 -5.91 7.66
CA ALA A 605 -8.16 -6.93 6.84
C ALA A 605 -8.79 -8.00 7.72
N SER A 606 -9.78 -7.58 8.50
CA SER A 606 -10.66 -8.48 9.22
C SER A 606 -12.00 -8.66 8.53
N GLN A 607 -12.42 -7.69 7.72
CA GLN A 607 -13.55 -7.93 6.84
C GLN A 607 -13.19 -8.92 5.76
N ALA A 608 -11.91 -9.00 5.39
CA ALA A 608 -11.49 -10.02 4.44
C ALA A 608 -11.75 -11.41 5.01
N THR A 609 -11.32 -11.64 6.24
CA THR A 609 -11.53 -12.93 6.87
C THR A 609 -13.02 -13.24 7.02
N SER A 610 -13.77 -12.29 7.56
CA SER A 610 -15.18 -12.54 7.82
C SER A 610 -15.97 -12.76 6.53
N ASN A 611 -15.62 -12.05 5.47
CA ASN A 611 -16.37 -12.22 4.24
C ASN A 611 -15.97 -13.49 3.50
N HIS A 612 -14.68 -13.84 3.52
CA HIS A 612 -14.28 -15.13 2.97
C HIS A 612 -14.94 -16.27 3.72
N ILE A 613 -15.05 -16.14 5.03
CA ILE A 613 -15.66 -17.17 5.85
C ILE A 613 -17.13 -17.33 5.50
N ILE A 614 -17.86 -16.22 5.39
CA ILE A 614 -19.27 -16.34 5.06
C ILE A 614 -19.46 -16.95 3.68
N ARG A 615 -18.62 -16.57 2.72
CA ARG A 615 -18.71 -17.16 1.39
C ARG A 615 -18.50 -18.66 1.44
N TRP A 616 -17.44 -19.11 2.13
CA TRP A 616 -17.19 -20.54 2.21
C TRP A 616 -18.35 -21.26 2.87
N VAL A 617 -18.92 -20.69 3.93
CA VAL A 617 -19.99 -21.36 4.64
C VAL A 617 -21.17 -21.58 3.72
N PHE A 618 -21.58 -20.54 3.00
CA PHE A 618 -22.78 -20.70 2.19
C PHE A 618 -22.52 -21.28 0.81
N VAL A 619 -21.26 -21.50 0.44
CA VAL A 619 -20.98 -22.29 -0.75
C VAL A 619 -20.99 -23.77 -0.42
N ARG A 620 -20.45 -24.14 0.75
CA ARG A 620 -20.38 -25.55 1.10
C ARG A 620 -21.67 -26.08 1.68
N TRP A 621 -22.46 -25.25 2.35
CA TRP A 621 -23.63 -25.74 3.07
C TRP A 621 -24.80 -25.85 2.11
N SER A 622 -24.89 -27.00 1.43
CA SER A 622 -26.00 -27.30 0.53
C SER A 622 -26.91 -28.33 1.18
N PRO A 623 -27.96 -27.92 1.88
CA PRO A 623 -28.79 -28.89 2.61
C PRO A 623 -29.74 -29.66 1.73
N ALA A 624 -30.23 -29.03 0.66
CA ALA A 624 -31.25 -29.64 -0.19
C ALA A 624 -30.62 -30.32 -1.40
N GLU A 625 -29.70 -31.25 -1.12
CA GLU A 625 -29.10 -32.06 -2.16
C GLU A 625 -28.89 -33.47 -1.62
N LEU A 626 -28.83 -34.45 -2.52
CA LEU A 626 -28.86 -35.83 -2.07
C LEU A 626 -27.55 -36.23 -1.40
N THR A 627 -26.41 -35.88 -2.01
CA THR A 627 -25.14 -36.29 -1.44
C THR A 627 -24.96 -35.68 -0.05
N TYR A 628 -25.22 -34.38 0.09
CA TYR A 628 -25.10 -33.76 1.40
C TYR A 628 -26.11 -34.34 2.37
N ALA A 629 -27.39 -34.17 2.09
CA ALA A 629 -28.44 -34.57 3.02
C ALA A 629 -28.35 -36.03 3.41
N SER A 630 -27.72 -36.88 2.60
CA SER A 630 -27.65 -38.31 2.89
C SER A 630 -26.32 -38.77 3.41
N LEU A 631 -25.23 -38.10 3.07
CA LEU A 631 -23.89 -38.57 3.40
C LEU A 631 -23.36 -37.92 4.68
N HIS A 632 -23.21 -36.60 4.68
CA HIS A 632 -22.69 -35.87 5.83
C HIS A 632 -23.70 -34.84 6.28
N GLY A 633 -24.95 -35.23 6.38
CA GLY A 633 -25.95 -34.36 6.95
C GLY A 633 -26.02 -34.62 8.44
N THR A 634 -25.73 -35.86 8.82
CA THR A 634 -25.78 -36.21 10.24
C THR A 634 -24.59 -35.66 11.00
N HIS A 635 -23.45 -35.45 10.32
CA HIS A 635 -22.29 -34.90 10.97
C HIS A 635 -22.53 -33.47 11.42
N ALA A 636 -23.05 -32.64 10.54
CA ALA A 636 -23.15 -31.20 10.79
C ALA A 636 -24.41 -30.88 11.56
N THR A 637 -24.27 -30.00 12.57
CA THR A 637 -25.33 -29.63 13.48
C THR A 637 -25.58 -28.12 13.42
N PRO A 638 -26.79 -27.67 13.76
CA PRO A 638 -27.07 -26.23 13.75
C PRO A 638 -26.28 -25.44 14.77
N TYR A 639 -25.88 -26.08 15.86
CA TYR A 639 -25.07 -25.39 16.87
C TYR A 639 -23.77 -24.88 16.27
N ASP A 640 -23.06 -25.73 15.54
CA ASP A 640 -21.78 -25.33 14.98
C ASP A 640 -21.94 -24.28 13.90
N LEU A 641 -22.91 -24.49 13.01
CA LEU A 641 -23.19 -23.50 11.97
C LEU A 641 -23.39 -22.13 12.58
N VAL A 642 -24.35 -22.02 13.50
CA VAL A 642 -24.71 -20.71 14.01
C VAL A 642 -23.60 -20.14 14.88
N ASN A 643 -22.78 -20.99 15.51
CA ASN A 643 -21.66 -20.45 16.26
C ASN A 643 -20.61 -19.83 15.34
N LEU A 644 -20.26 -20.52 14.26
CA LEU A 644 -19.32 -19.92 13.32
C LEU A 644 -19.87 -18.64 12.71
N LEU A 645 -21.15 -18.63 12.34
CA LEU A 645 -21.68 -17.43 11.73
C LEU A 645 -21.76 -16.27 12.72
N ARG A 646 -22.17 -16.54 13.96
CA ARG A 646 -22.20 -15.48 14.96
C ARG A 646 -20.81 -14.99 15.27
N ALA A 647 -19.80 -15.82 15.11
CA ALA A 647 -18.44 -15.35 15.29
C ALA A 647 -18.05 -14.39 14.16
N CYS A 648 -18.34 -14.77 12.92
CA CYS A 648 -17.86 -13.95 11.81
C CYS A 648 -18.66 -12.65 11.65
N TYR A 649 -19.94 -12.63 12.02
CA TYR A 649 -20.60 -11.34 12.23
C TYR A 649 -19.87 -10.57 13.33
N GLY A 650 -19.76 -11.18 14.50
CA GLY A 650 -19.11 -10.59 15.65
C GLY A 650 -20.03 -10.48 16.85
N ILE A 651 -21.03 -11.34 16.97
CA ILE A 651 -22.01 -11.14 18.03
C ILE A 651 -21.65 -11.89 19.30
N SER A 652 -21.83 -13.22 19.31
CA SER A 652 -21.62 -13.99 20.54
C SER A 652 -21.92 -15.47 20.31
N PRO A 653 -21.31 -16.37 21.06
CA PRO A 653 -21.68 -17.77 20.96
C PRO A 653 -23.14 -17.99 21.33
N LEU A 654 -23.67 -19.15 20.93
CA LEU A 654 -24.87 -19.64 21.56
C LEU A 654 -24.56 -20.01 23.00
N VAL A 655 -25.59 -20.03 23.84
CA VAL A 655 -25.32 -20.23 25.26
C VAL A 655 -24.97 -21.68 25.54
N MET A 656 -25.94 -22.57 25.39
CA MET A 656 -25.78 -23.99 25.69
C MET A 656 -25.05 -24.18 27.03
N ALA A 657 -25.70 -23.70 28.08
CA ALA A 657 -25.10 -23.71 29.41
C ALA A 657 -25.62 -24.85 30.28
N GLN A 658 -25.53 -26.10 29.81
CA GLN A 658 -25.88 -27.28 30.60
C GLN A 658 -25.56 -28.53 29.82
N PRO A 659 -25.36 -29.67 30.46
CA PRO A 659 -25.13 -30.91 29.71
C PRO A 659 -26.32 -31.23 28.83
N LEU A 660 -26.02 -31.68 27.62
CA LEU A 660 -27.04 -32.20 26.73
C LEU A 660 -27.78 -33.36 27.38
N ARG A 661 -29.05 -33.51 27.03
CA ARG A 661 -29.85 -34.64 27.46
C ARG A 661 -29.91 -35.67 26.33
N LEU A 662 -29.62 -36.93 26.66
CA LEU A 662 -29.59 -37.97 25.64
C LEU A 662 -30.04 -39.28 26.25
N PHE A 663 -30.30 -40.25 25.39
CA PHE A 663 -30.63 -41.59 25.81
C PHE A 663 -29.53 -42.53 25.35
N ASN A 664 -29.47 -43.69 25.97
CA ASN A 664 -28.40 -44.65 25.68
C ASN A 664 -29.01 -46.04 25.51
N GLY A 665 -28.17 -46.98 25.13
CA GLY A 665 -28.57 -48.34 24.95
C GLY A 665 -28.01 -49.23 26.04
N PRO A 666 -28.51 -50.44 26.11
CA PRO A 666 -28.16 -51.35 27.21
C PRO A 666 -26.71 -51.41 27.64
N ILE A 667 -25.74 -51.48 26.71
CA ILE A 667 -24.35 -51.63 27.12
C ILE A 667 -23.90 -50.41 27.91
N VAL A 668 -24.16 -49.22 27.38
CA VAL A 668 -23.69 -48.01 28.04
C VAL A 668 -24.45 -47.77 29.33
N LEU A 669 -25.75 -48.07 29.35
CA LEU A 669 -26.48 -47.97 30.60
C LEU A 669 -25.88 -48.90 31.66
N HIS A 670 -25.70 -50.17 31.32
CA HIS A 670 -25.12 -51.10 32.28
C HIS A 670 -23.77 -50.62 32.77
N TRP A 671 -22.97 -50.00 31.89
CA TRP A 671 -21.73 -49.43 32.40
C TRP A 671 -22.00 -48.26 33.32
N LYS A 672 -23.08 -47.53 33.09
CA LYS A 672 -23.39 -46.41 33.99
C LYS A 672 -23.90 -46.90 35.33
N GLU A 673 -24.27 -48.17 35.43
CA GLU A 673 -24.61 -48.72 36.74
C GLU A 673 -23.37 -48.97 37.58
N GLN A 674 -22.32 -49.52 36.97
CA GLN A 674 -21.09 -49.85 37.68
C GLN A 674 -20.10 -48.71 37.65
N ALA A 675 -20.59 -47.47 37.62
CA ALA A 675 -19.73 -46.30 37.46
C ALA A 675 -19.55 -45.49 38.72
N GLU A 676 -20.54 -45.47 39.60
CA GLU A 676 -20.39 -44.76 40.86
C GLU A 676 -19.58 -45.56 41.87
N MET A 677 -19.53 -46.88 41.72
CA MET A 677 -18.89 -47.73 42.71
C MET A 677 -17.48 -48.15 42.33
N GLU A 678 -16.94 -47.64 41.23
CA GLU A 678 -15.58 -48.04 40.87
C GLU A 678 -14.49 -47.51 41.80
N PRO A 679 -14.66 -46.39 42.53
CA PRO A 679 -13.61 -46.05 43.50
C PRO A 679 -13.54 -47.03 44.65
N PHE A 680 -14.68 -47.51 45.14
CA PHE A 680 -14.64 -48.49 46.21
C PHE A 680 -14.10 -49.82 45.71
N ILE A 681 -14.14 -50.09 44.41
CA ILE A 681 -13.54 -51.33 43.96
C ILE A 681 -12.06 -51.14 43.64
N ARG A 682 -11.63 -49.92 43.33
CA ARG A 682 -10.21 -49.68 43.27
C ARG A 682 -9.59 -49.60 44.66
N TYR A 683 -10.40 -49.46 45.69
CA TYR A 683 -9.90 -49.52 47.07
C TYR A 683 -9.95 -50.93 47.63
N LEU A 684 -11.12 -51.54 47.64
CA LEU A 684 -11.27 -52.90 48.16
C LEU A 684 -10.31 -53.87 47.51
N LEU A 685 -9.86 -53.57 46.30
CA LEU A 685 -8.92 -54.44 45.59
C LEU A 685 -7.49 -53.97 45.70
N LEU A 686 -7.26 -52.80 46.30
CA LEU A 686 -5.92 -52.24 46.50
C LEU A 686 -5.18 -52.07 45.17
N LEU A 687 -5.74 -51.23 44.32
CA LEU A 687 -5.07 -50.85 43.09
C LEU A 687 -4.64 -49.39 43.14
N ALA A 715 -20.63 -1.23 12.26
CA ALA A 715 -21.26 -1.03 10.96
C ALA A 715 -20.71 -2.00 9.93
N GLY A 716 -19.42 -2.30 10.00
CA GLY A 716 -18.87 -3.35 9.15
C GLY A 716 -19.50 -4.69 9.44
N SER A 717 -19.80 -4.95 10.72
CA SER A 717 -20.62 -6.10 11.07
C SER A 717 -21.91 -6.12 10.28
N ASN A 718 -22.50 -4.95 10.04
CA ASN A 718 -23.71 -4.89 9.23
C ASN A 718 -23.42 -5.25 7.77
N ALA A 719 -22.27 -4.84 7.25
CA ALA A 719 -21.86 -5.28 5.92
C ALA A 719 -21.84 -6.79 5.84
N SER A 720 -21.18 -7.42 6.81
CA SER A 720 -21.05 -8.88 6.78
C SER A 720 -22.39 -9.56 6.98
N ARG A 721 -23.26 -8.98 7.80
CA ARG A 721 -24.57 -9.58 8.00
C ARG A 721 -25.44 -9.51 6.76
N ARG A 722 -25.44 -8.37 6.06
CA ARG A 722 -26.17 -8.29 4.80
C ARG A 722 -25.57 -9.22 3.76
N LEU A 723 -24.24 -9.35 3.74
CA LEU A 723 -23.60 -10.33 2.88
C LEU A 723 -24.14 -11.72 3.13
N ALA A 724 -24.19 -12.11 4.40
CA ALA A 724 -24.67 -13.45 4.74
C ALA A 724 -26.12 -13.62 4.39
N LEU A 725 -26.93 -12.58 4.59
CA LEU A 725 -28.35 -12.68 4.26
C LEU A 725 -28.55 -12.89 2.77
N GLU A 726 -27.88 -12.09 1.94
CA GLU A 726 -27.93 -12.29 0.51
C GLU A 726 -27.52 -13.71 0.14
N LEU A 727 -26.38 -14.17 0.66
CA LEU A 727 -25.90 -15.50 0.30
C LEU A 727 -26.80 -16.61 0.82
N PHE A 728 -27.60 -16.34 1.86
CA PHE A 728 -28.36 -17.37 2.56
C PHE A 728 -29.76 -17.54 2.01
N TYR A 729 -30.43 -16.45 1.65
CA TYR A 729 -31.81 -16.55 1.17
C TYR A 729 -32.01 -17.59 0.06
N PRO A 730 -31.15 -17.73 -0.95
CA PRO A 730 -31.38 -18.79 -1.95
C PRO A 730 -31.52 -20.17 -1.35
N LYS A 731 -30.79 -20.46 -0.28
CA LYS A 731 -30.95 -21.76 0.38
C LYS A 731 -32.38 -21.96 0.84
N VAL A 732 -32.98 -20.93 1.44
CA VAL A 732 -34.33 -21.06 1.96
C VAL A 732 -35.33 -21.14 0.81
N GLU A 733 -35.10 -20.40 -0.27
CA GLU A 733 -36.00 -20.49 -1.42
C GLU A 733 -36.00 -21.89 -2.03
N GLU A 734 -34.81 -22.44 -2.26
CA GLU A 734 -34.72 -23.80 -2.79
C GLU A 734 -35.35 -24.80 -1.84
N LEU A 735 -35.11 -24.65 -0.53
CA LEU A 735 -35.71 -25.56 0.43
C LEU A 735 -37.23 -25.49 0.39
N GLN A 736 -37.78 -24.30 0.22
CA GLN A 736 -39.23 -24.20 0.18
C GLN A 736 -39.81 -24.81 -1.09
N GLU A 737 -39.09 -24.72 -2.21
CA GLU A 737 -39.59 -25.40 -3.40
C GLU A 737 -39.55 -26.91 -3.22
N LEU A 738 -38.44 -27.43 -2.70
CA LEU A 738 -38.35 -28.85 -2.39
C LEU A 738 -39.45 -29.29 -1.43
N ALA A 739 -39.89 -28.38 -0.55
CA ALA A 739 -40.94 -28.73 0.39
C ALA A 739 -42.31 -28.67 -0.25
N GLU A 740 -42.55 -27.72 -1.15
CA GLU A 740 -43.83 -27.68 -1.84
C GLU A 740 -44.01 -28.91 -2.71
N SER A 741 -42.90 -29.47 -3.20
CA SER A 741 -43.01 -30.70 -3.98
C SER A 741 -43.56 -31.87 -3.18
N TRP A 742 -43.48 -31.80 -1.84
CA TRP A 742 -43.84 -32.94 -1.01
C TRP A 742 -45.31 -32.99 -0.63
N GLN A 743 -46.15 -32.11 -1.16
CA GLN A 743 -47.56 -32.10 -0.80
C GLN A 743 -48.45 -31.88 -2.02
N VAL A 753 -38.21 -37.47 1.46
CA VAL A 753 -39.24 -38.16 2.23
C VAL A 753 -38.58 -39.18 3.13
N SER A 754 -37.31 -39.47 2.86
CA SER A 754 -36.58 -40.48 3.61
C SER A 754 -36.20 -39.91 4.98
N MET A 755 -35.41 -40.67 5.73
CA MET A 755 -34.94 -40.17 7.03
C MET A 755 -33.95 -39.03 6.83
N GLU A 756 -33.03 -39.18 5.88
CA GLU A 756 -31.92 -38.25 5.77
C GLU A 756 -32.35 -36.92 5.16
N ARG A 757 -33.14 -36.96 4.09
CA ARG A 757 -33.62 -35.71 3.49
C ARG A 757 -34.46 -34.91 4.48
N LEU A 758 -35.35 -35.58 5.19
CA LEU A 758 -36.21 -34.89 6.15
C LEU A 758 -35.40 -34.33 7.32
N ARG A 759 -34.42 -35.11 7.81
CA ARG A 759 -33.58 -34.63 8.90
C ARG A 759 -32.77 -33.42 8.47
N SER A 760 -32.23 -33.44 7.25
CA SER A 760 -31.50 -32.28 6.75
C SER A 760 -32.42 -31.07 6.67
N MET A 761 -33.65 -31.27 6.25
CA MET A 761 -34.56 -30.12 6.15
C MET A 761 -34.86 -29.55 7.53
N VAL A 762 -34.96 -30.40 8.54
CA VAL A 762 -35.26 -29.89 9.88
C VAL A 762 -34.04 -29.23 10.50
N LEU A 763 -32.84 -29.75 10.22
CA LEU A 763 -31.64 -29.05 10.67
C LEU A 763 -31.51 -27.71 9.98
N ALA A 764 -31.95 -27.62 8.73
CA ALA A 764 -31.92 -26.34 8.04
C ALA A 764 -32.91 -25.35 8.63
N CYS A 765 -34.11 -25.83 8.99
CA CYS A 765 -35.07 -24.89 9.59
C CYS A 765 -34.65 -24.50 11.00
N LEU A 766 -33.94 -25.37 11.72
CA LEU A 766 -33.34 -24.97 13.00
C LEU A 766 -32.29 -23.90 12.81
N THR A 767 -31.36 -24.12 11.88
CA THR A 767 -30.36 -23.09 11.59
C THR A 767 -31.03 -21.81 11.17
N GLY A 768 -32.19 -21.89 10.53
CA GLY A 768 -32.89 -20.68 10.13
C GLY A 768 -33.51 -19.96 11.30
N ALA A 769 -34.13 -20.71 12.20
CA ALA A 769 -34.82 -20.09 13.33
C ALA A 769 -33.84 -19.56 14.36
N LEU A 770 -32.61 -20.05 14.35
CA LEU A 770 -31.62 -19.60 15.32
C LEU A 770 -31.12 -18.20 14.99
N LEU A 771 -30.62 -18.00 13.77
CA LEU A 771 -30.15 -16.68 13.35
C LEU A 771 -31.20 -15.89 12.60
N LEU A 772 -32.42 -15.83 13.09
CA LEU A 772 -33.28 -14.79 12.57
C LEU A 772 -33.01 -13.48 13.28
N PRO A 773 -32.93 -13.44 14.62
CA PRO A 773 -32.61 -12.18 15.29
C PRO A 773 -31.30 -11.56 14.82
N ASP A 774 -30.39 -12.33 14.24
CA ASP A 774 -29.26 -11.72 13.55
C ASP A 774 -29.74 -10.95 12.34
N LEU A 775 -30.35 -11.65 11.40
CA LEU A 775 -30.64 -11.13 10.06
C LEU A 775 -32.02 -10.49 9.98
N VAL A 776 -32.33 -9.60 10.92
CA VAL A 776 -33.47 -8.70 10.77
C VAL A 776 -33.10 -7.24 11.04
N ASN A 777 -32.04 -6.98 11.81
CA ASN A 777 -31.51 -5.63 11.94
C ASN A 777 -31.04 -5.08 10.60
N ILE A 778 -30.76 -5.96 9.64
CA ILE A 778 -30.61 -5.54 8.26
C ILE A 778 -31.82 -4.74 7.82
N ASN A 779 -32.99 -5.39 7.85
CA ASN A 779 -34.27 -4.77 7.51
C ASN A 779 -34.25 -4.15 6.11
N SER A 780 -33.69 -4.89 5.16
CA SER A 780 -33.63 -4.46 3.76
C SER A 780 -34.64 -5.20 2.88
N SER A 781 -35.84 -5.43 3.42
CA SER A 781 -36.97 -6.01 2.69
C SER A 781 -36.71 -7.46 2.30
N LEU A 782 -35.49 -7.96 2.52
CA LEU A 782 -35.23 -9.40 2.57
C LEU A 782 -35.33 -9.93 3.98
N SER A 783 -36.05 -9.24 4.85
CA SER A 783 -36.32 -9.69 6.21
C SER A 783 -37.68 -10.36 6.31
N ARG A 784 -38.75 -9.64 5.95
CA ARG A 784 -40.09 -10.22 6.00
C ARG A 784 -40.15 -11.53 5.22
N ASP A 785 -39.71 -11.49 3.97
CA ASP A 785 -39.72 -12.68 3.13
C ASP A 785 -38.94 -13.82 3.76
N LEU A 786 -37.81 -13.50 4.42
CA LEU A 786 -37.00 -14.55 5.01
C LEU A 786 -37.76 -15.27 6.12
N GLU A 787 -38.34 -14.52 7.04
CA GLU A 787 -39.08 -15.14 8.13
C GLU A 787 -40.24 -15.96 7.60
N SER A 788 -41.04 -15.38 6.71
CA SER A 788 -42.20 -16.10 6.19
C SER A 788 -41.78 -17.38 5.47
N ALA A 789 -40.66 -17.33 4.76
CA ALA A 789 -40.21 -18.51 4.04
C ALA A 789 -39.70 -19.58 4.98
N VAL A 790 -38.93 -19.19 6.00
CA VAL A 790 -38.46 -20.17 6.98
C VAL A 790 -39.63 -20.89 7.61
N PHE A 791 -40.61 -20.13 8.08
CA PHE A 791 -41.70 -20.78 8.80
C PHE A 791 -42.66 -21.51 7.88
N SER A 792 -42.70 -21.16 6.59
CA SER A 792 -43.42 -22.00 5.65
C SER A 792 -42.72 -23.34 5.46
N ILE A 793 -41.38 -23.33 5.43
CA ILE A 793 -40.66 -24.61 5.43
C ILE A 793 -41.00 -25.41 6.68
N VAL A 794 -41.01 -24.75 7.83
CA VAL A 794 -41.25 -25.45 9.08
C VAL A 794 -42.63 -26.10 9.07
N ASP A 795 -43.64 -25.38 8.56
CA ASP A 795 -44.98 -25.93 8.53
C ASP A 795 -45.08 -27.10 7.55
N ALA A 796 -44.51 -26.96 6.35
CA ALA A 796 -44.52 -28.07 5.42
C ALA A 796 -43.85 -29.29 6.03
N THR A 797 -42.76 -29.08 6.77
CA THR A 797 -42.05 -30.19 7.38
C THR A 797 -42.91 -30.88 8.43
N LEU A 798 -43.53 -30.09 9.30
CA LEU A 798 -44.40 -30.68 10.31
C LEU A 798 -45.51 -31.49 9.67
N LYS A 799 -46.07 -31.01 8.56
CA LYS A 799 -47.17 -31.73 7.93
C LYS A 799 -46.71 -32.97 7.20
N VAL A 800 -45.45 -33.03 6.77
CA VAL A 800 -44.91 -34.32 6.34
C VAL A 800 -44.73 -35.23 7.55
N ILE A 801 -44.33 -34.66 8.68
CA ILE A 801 -43.99 -35.46 9.86
C ILE A 801 -45.23 -36.16 10.40
N LEU A 802 -46.31 -35.40 10.59
CA LEU A 802 -47.51 -35.95 11.22
C LEU A 802 -48.05 -37.13 10.45
N ASN A 803 -48.50 -36.89 9.22
CA ASN A 803 -49.19 -37.89 8.41
C ASN A 803 -48.15 -38.85 7.87
N SER A 804 -47.84 -39.86 8.65
CA SER A 804 -46.75 -40.79 8.36
C SER A 804 -46.89 -41.98 9.32
N PRO A 805 -46.24 -43.10 9.02
CA PRO A 805 -46.35 -44.26 9.90
C PRO A 805 -45.56 -44.03 11.17
N PRO A 806 -46.10 -44.40 12.33
CA PRO A 806 -45.31 -44.34 13.56
C PRO A 806 -44.33 -45.49 13.67
N SER A 807 -43.70 -45.85 12.56
CA SER A 807 -42.69 -46.89 12.50
C SER A 807 -41.35 -46.36 12.05
N GLU A 808 -41.35 -45.40 11.12
CA GLU A 808 -40.16 -44.60 10.88
C GLU A 808 -39.75 -43.85 12.13
N ASN A 809 -40.74 -43.41 12.91
CA ASN A 809 -40.51 -42.58 14.10
C ASN A 809 -39.77 -41.31 13.72
N LEU A 810 -40.43 -40.50 12.89
CA LEU A 810 -39.87 -39.20 12.54
C LEU A 810 -39.89 -38.26 13.72
N PHE A 811 -40.87 -38.40 14.61
CA PHE A 811 -40.87 -37.55 15.78
C PHE A 811 -39.69 -37.84 16.69
N GLY A 812 -39.23 -39.08 16.72
CA GLY A 812 -37.94 -39.36 17.33
C GLY A 812 -36.85 -38.47 16.76
N MET A 813 -36.81 -38.34 15.44
CA MET A 813 -35.78 -37.52 14.82
C MET A 813 -35.93 -36.05 15.20
N ILE A 814 -37.15 -35.52 15.11
CA ILE A 814 -37.29 -34.09 15.37
C ILE A 814 -37.00 -33.76 16.82
N LEU A 815 -37.42 -34.61 17.76
CA LEU A 815 -37.11 -34.34 19.15
C LEU A 815 -35.63 -34.50 19.43
N ALA A 816 -35.01 -35.56 18.93
CA ALA A 816 -33.59 -35.75 19.15
C ALA A 816 -32.76 -34.62 18.56
N SER A 817 -33.20 -34.04 17.44
CA SER A 817 -32.46 -32.92 16.85
C SER A 817 -32.73 -31.61 17.56
N SER A 818 -33.98 -31.36 17.98
CA SER A 818 -34.34 -30.09 18.58
C SER A 818 -34.03 -30.00 20.06
N ALA A 819 -33.78 -31.12 20.73
CA ALA A 819 -33.54 -31.06 22.17
C ALA A 819 -32.39 -30.14 22.55
N PRO A 820 -31.19 -30.25 21.97
CA PRO A 820 -30.07 -29.46 22.48
C PRO A 820 -30.27 -27.96 22.50
N TYR A 821 -31.41 -27.47 22.06
CA TYR A 821 -31.70 -26.04 22.12
C TYR A 821 -32.79 -25.71 23.12
N ILE A 822 -33.43 -26.71 23.71
CA ILE A 822 -34.38 -26.48 24.81
C ILE A 822 -33.62 -25.99 26.03
N PRO A 823 -34.04 -24.92 26.68
CA PRO A 823 -33.28 -24.36 27.78
C PRO A 823 -33.57 -25.08 29.10
N HIS A 824 -32.89 -24.63 30.14
CA HIS A 824 -33.25 -25.01 31.49
C HIS A 824 -34.50 -24.26 31.90
N LEU A 825 -35.38 -24.91 32.66
CA LEU A 825 -36.74 -24.43 32.85
C LEU A 825 -36.87 -23.46 34.01
N ILE A 826 -35.81 -22.74 34.36
CA ILE A 826 -35.89 -21.72 35.40
C ILE A 826 -36.48 -20.43 34.84
N GLU A 827 -36.82 -19.48 35.71
CA GLU A 827 -37.42 -18.21 35.31
C GLU A 827 -36.45 -17.30 34.55
N PRO A 828 -35.19 -17.15 34.97
CA PRO A 828 -34.31 -16.23 34.22
C PRO A 828 -33.99 -16.72 32.82
N GLU A 829 -33.74 -18.01 32.64
CA GLU A 829 -33.48 -18.51 31.29
C GLU A 829 -34.73 -18.42 30.44
N LEU A 830 -35.90 -18.67 31.03
CA LEU A 830 -37.14 -18.51 30.27
C LEU A 830 -37.48 -17.05 30.05
N ILE A 831 -36.76 -16.13 30.70
CA ILE A 831 -36.91 -14.72 30.39
C ILE A 831 -35.97 -14.33 29.25
N ALA A 832 -34.78 -14.92 29.23
CA ALA A 832 -33.85 -14.65 28.14
C ALA A 832 -34.19 -15.43 26.86
N LEU A 833 -35.14 -16.37 26.93
CA LEU A 833 -35.65 -16.97 25.71
C LEU A 833 -36.74 -16.12 25.08
N LYS A 834 -37.27 -15.16 25.83
CA LYS A 834 -38.27 -14.21 25.35
C LYS A 834 -37.64 -12.87 24.96
N ARG A 835 -36.31 -12.79 24.96
CA ARG A 835 -35.60 -11.55 24.72
C ARG A 835 -34.53 -11.67 23.65
N GLU A 836 -34.07 -12.87 23.34
CA GLU A 836 -32.95 -13.08 22.45
C GLU A 836 -33.27 -13.97 21.27
N ARG A 837 -34.01 -15.06 21.47
CA ARG A 837 -34.30 -16.03 20.41
C ARG A 837 -35.79 -16.34 20.38
N PRO A 838 -36.63 -15.40 19.92
CA PRO A 838 -38.07 -15.63 19.92
C PRO A 838 -38.54 -16.49 18.76
N HIS A 839 -37.80 -16.46 17.66
CA HIS A 839 -38.15 -17.32 16.53
C HIS A 839 -37.96 -18.78 16.89
N LEU A 840 -36.99 -19.08 17.74
CA LEU A 840 -36.90 -20.43 18.29
C LEU A 840 -38.16 -20.76 19.07
N LEU A 841 -38.74 -19.77 19.76
CA LEU A 841 -39.96 -20.03 20.51
C LEU A 841 -41.14 -20.30 19.58
N LYS A 842 -41.23 -19.59 18.46
CA LYS A 842 -42.29 -19.89 17.50
C LYS A 842 -42.12 -21.27 16.91
N PHE A 843 -40.88 -21.67 16.64
CA PHE A 843 -40.63 -23.05 16.25
C PHE A 843 -41.18 -24.00 17.29
N PHE A 844 -40.82 -23.79 18.56
CA PHE A 844 -41.26 -24.70 19.61
C PHE A 844 -42.77 -24.72 19.71
N GLY A 845 -43.43 -23.60 19.42
CA GLY A 845 -44.88 -23.59 19.41
C GLY A 845 -45.47 -24.47 18.32
N LYS A 846 -44.97 -24.34 17.09
CA LYS A 846 -45.46 -25.20 16.03
C LYS A 846 -45.23 -26.67 16.39
N LEU A 847 -44.07 -26.97 16.96
CA LEU A 847 -43.77 -28.35 17.32
C LEU A 847 -44.75 -28.85 18.38
N SER A 848 -45.08 -28.00 19.35
CA SER A 848 -46.03 -28.39 20.39
C SER A 848 -47.39 -28.67 19.80
N GLU A 849 -47.81 -27.87 18.80
CA GLU A 849 -49.09 -28.13 18.16
C GLU A 849 -49.09 -29.48 17.47
N ALA A 850 -48.02 -29.77 16.73
CA ALA A 850 -47.94 -31.07 16.06
C ALA A 850 -47.99 -32.21 17.07
N LEU A 851 -47.34 -32.04 18.22
CA LEU A 851 -47.36 -33.07 19.25
C LEU A 851 -48.76 -33.28 19.79
N TYR A 852 -49.42 -32.19 20.18
CA TYR A 852 -50.79 -32.30 20.69
C TYR A 852 -51.67 -33.03 19.70
N GLU A 853 -51.59 -32.66 18.42
CA GLU A 853 -52.52 -33.24 17.46
C GLU A 853 -52.21 -34.70 17.19
N ARG A 854 -50.93 -35.06 17.05
CA ARG A 854 -50.61 -36.47 16.86
C ARG A 854 -51.08 -37.30 18.05
N SER A 855 -51.08 -36.73 19.26
CA SER A 855 -51.66 -37.45 20.39
C SER A 855 -53.17 -37.50 20.27
N ARG A 856 -53.79 -36.46 19.72
CA ARG A 856 -55.23 -36.45 19.50
C ARG A 856 -55.66 -37.50 18.50
N ARG A 857 -54.74 -37.98 17.65
CA ARG A 857 -55.13 -38.97 16.64
C ARG A 857 -55.25 -40.37 17.23
N GLU A 858 -54.26 -40.80 18.00
CA GLU A 858 -54.32 -42.12 18.63
C GLU A 858 -55.39 -42.16 19.71
N THR A 888 -44.82 -52.16 28.92
CA THR A 888 -45.28 -51.17 29.88
C THR A 888 -44.11 -50.31 30.35
N LEU A 889 -43.20 -50.91 31.12
CA LEU A 889 -41.97 -50.25 31.52
C LEU A 889 -40.79 -50.99 30.92
N PRO A 890 -39.94 -50.34 30.13
CA PRO A 890 -38.83 -51.06 29.52
C PRO A 890 -37.83 -51.62 30.53
N ARG A 891 -37.44 -50.80 31.52
CA ARG A 891 -36.56 -51.26 32.58
C ARG A 891 -37.00 -50.64 33.89
N ARG A 892 -37.04 -51.46 34.93
CA ARG A 892 -37.21 -50.97 36.30
C ARG A 892 -35.87 -50.92 37.01
N ASP A 893 -35.04 -50.00 36.59
CA ASP A 893 -33.89 -49.56 37.34
C ASP A 893 -34.03 -48.09 37.64
N ILE A 894 -33.00 -47.50 38.24
CA ILE A 894 -32.96 -46.05 38.38
C ILE A 894 -32.69 -45.37 37.05
N LEU A 895 -32.28 -46.12 36.04
CA LEU A 895 -31.90 -45.58 34.75
C LEU A 895 -33.03 -45.67 33.73
N LEU A 896 -34.26 -45.94 34.16
CA LEU A 896 -35.37 -45.92 33.22
C LEU A 896 -35.43 -44.58 32.51
N SER A 897 -35.05 -43.52 33.18
CA SER A 897 -35.11 -42.18 32.60
C SER A 897 -33.95 -41.89 31.68
N TYR A 898 -33.20 -42.90 31.24
CA TYR A 898 -32.22 -42.71 30.18
C TYR A 898 -32.54 -43.57 28.97
N THR A 899 -33.68 -44.19 28.94
CA THR A 899 -34.05 -44.97 27.79
C THR A 899 -34.82 -44.13 26.79
N PRO A 900 -34.91 -44.56 25.54
CA PRO A 900 -35.59 -43.75 24.52
C PRO A 900 -36.98 -43.28 24.92
N GLU A 901 -37.81 -44.17 25.44
CA GLU A 901 -39.18 -43.82 25.79
C GLU A 901 -39.22 -42.64 26.75
N ALA A 902 -38.39 -42.68 27.78
CA ALA A 902 -38.39 -41.60 28.76
C ALA A 902 -37.90 -40.30 28.17
N PHE A 903 -36.86 -40.36 27.33
CA PHE A 903 -36.37 -39.14 26.69
C PHE A 903 -37.43 -38.49 25.83
N TYR A 904 -38.17 -39.29 25.08
CA TYR A 904 -39.22 -38.72 24.24
C TYR A 904 -40.32 -38.11 25.09
N LEU A 905 -40.71 -38.76 26.19
CA LEU A 905 -41.77 -38.16 26.99
C LEU A 905 -41.32 -36.87 27.66
N GLU A 906 -40.12 -36.86 28.24
CA GLU A 906 -39.63 -35.65 28.87
C GLU A 906 -39.48 -34.52 27.87
N THR A 907 -39.04 -34.82 26.64
CA THR A 907 -38.90 -33.76 25.65
C THR A 907 -40.28 -33.24 25.22
N SER A 908 -41.25 -34.13 25.02
CA SER A 908 -42.59 -33.67 24.72
C SER A 908 -43.07 -32.69 25.77
N LEU A 909 -42.84 -33.01 27.05
CA LEU A 909 -43.40 -32.13 28.07
C LEU A 909 -42.63 -30.82 28.22
N ARG A 910 -41.31 -30.82 28.01
CA ARG A 910 -40.60 -29.55 28.01
C ARG A 910 -41.06 -28.66 26.86
N ILE A 911 -41.34 -29.27 25.70
CA ILE A 911 -41.86 -28.49 24.57
C ILE A 911 -43.20 -27.87 24.91
N HIS A 912 -44.12 -28.67 25.45
CA HIS A 912 -45.39 -28.13 25.92
C HIS A 912 -45.18 -26.97 26.87
N PHE A 913 -44.24 -27.13 27.81
CA PHE A 913 -44.01 -26.11 28.81
C PHE A 913 -43.58 -24.79 28.17
N LEU A 914 -42.59 -24.87 27.27
CA LEU A 914 -42.09 -23.65 26.63
C LEU A 914 -43.19 -22.97 25.84
N ASP A 915 -44.03 -23.77 25.16
CA ASP A 915 -45.13 -23.18 24.39
C ASP A 915 -46.08 -22.39 25.29
N ILE A 916 -46.50 -23.00 26.41
CA ILE A 916 -47.42 -22.30 27.31
C ILE A 916 -46.78 -21.02 27.83
N ILE A 917 -45.49 -21.08 28.16
CA ILE A 917 -44.82 -19.88 28.67
C ILE A 917 -44.81 -18.78 27.63
N ARG A 918 -44.54 -19.14 26.37
CA ARG A 918 -44.59 -18.14 25.31
C ARG A 918 -45.96 -17.49 25.23
N LEU A 919 -47.01 -18.31 25.26
CA LEU A 919 -48.35 -17.74 25.06
C LEU A 919 -48.76 -16.84 26.22
N ASN A 920 -48.47 -17.23 27.46
CA ASN A 920 -48.96 -16.47 28.60
C ASN A 920 -48.19 -15.17 28.81
N ASP A 921 -46.87 -15.19 28.63
CA ASP A 921 -46.03 -13.98 28.70
C ASP A 921 -46.16 -13.29 30.06
N GLY A 922 -45.69 -13.98 31.09
CA GLY A 922 -45.77 -13.45 32.44
C GLY A 922 -46.05 -14.56 33.41
N GLU A 923 -46.56 -15.68 32.90
CA GLU A 923 -46.68 -16.89 33.69
C GLU A 923 -45.39 -17.68 33.63
N ILE A 924 -44.29 -17.00 33.91
CA ILE A 924 -42.99 -17.62 33.93
C ILE A 924 -42.76 -18.19 35.33
N GLY A 925 -42.19 -19.38 35.38
CA GLY A 925 -41.90 -20.01 36.65
C GLY A 925 -43.12 -20.62 37.31
N ARG A 926 -44.12 -19.80 37.62
CA ARG A 926 -45.37 -20.32 38.14
C ARG A 926 -45.80 -21.49 37.25
N ILE A 927 -45.80 -22.69 37.80
CA ILE A 927 -46.07 -23.88 36.99
C ILE A 927 -47.47 -23.76 36.42
N PRO A 928 -47.62 -23.75 35.09
CA PRO A 928 -48.94 -23.54 34.48
C PRO A 928 -49.85 -24.72 34.76
N GLU A 929 -51.01 -24.43 35.34
CA GLU A 929 -51.98 -25.47 35.67
C GLU A 929 -52.26 -26.43 34.52
N PRO A 930 -52.26 -26.02 33.24
CA PRO A 930 -52.32 -27.03 32.18
C PRO A 930 -51.20 -28.05 32.23
N ILE A 931 -49.97 -27.61 32.55
CA ILE A 931 -48.85 -28.56 32.59
C ILE A 931 -49.05 -29.55 33.72
N ILE A 932 -49.53 -29.10 34.87
CA ILE A 932 -49.75 -30.03 35.97
C ILE A 932 -50.89 -30.98 35.62
N ASN A 933 -51.94 -30.49 34.97
CA ASN A 933 -53.04 -31.35 34.59
C ASN A 933 -52.63 -32.36 33.51
N GLN A 934 -51.62 -32.02 32.72
CA GLN A 934 -51.02 -33.00 31.83
C GLN A 934 -50.11 -33.96 32.57
N LEU A 935 -49.59 -33.55 33.72
CA LEU A 935 -48.79 -34.45 34.53
C LEU A 935 -49.67 -35.46 35.26
N ALA A 936 -50.74 -34.99 35.89
CA ALA A 936 -51.64 -35.86 36.64
C ALA A 936 -52.67 -36.52 35.78
N GLY A 937 -52.43 -36.60 34.47
CA GLY A 937 -53.34 -37.24 33.56
C GLY A 937 -52.63 -38.25 32.69
N LEU A 938 -51.72 -39.01 33.28
CA LEU A 938 -50.91 -39.98 32.57
C LEU A 938 -51.19 -41.37 33.12
N SER A 939 -50.42 -42.35 32.65
CA SER A 939 -50.56 -43.73 33.05
C SER A 939 -49.49 -44.10 34.07
N GLY A 940 -49.68 -45.25 34.71
CA GLY A 940 -48.70 -45.71 35.67
C GLY A 940 -47.34 -45.98 35.07
N GLU A 941 -47.27 -46.16 33.76
CA GLU A 941 -46.01 -46.39 33.08
C GLU A 941 -45.33 -45.11 32.66
N GLN A 942 -46.04 -43.98 32.64
CA GLN A 942 -45.45 -42.76 32.13
C GLN A 942 -45.10 -41.78 33.23
N PHE A 943 -45.92 -41.72 34.28
CA PHE A 943 -45.56 -40.91 35.44
C PHE A 943 -44.17 -41.23 35.92
N LEU A 944 -43.79 -42.51 35.85
CA LEU A 944 -42.43 -42.90 36.22
C LEU A 944 -41.42 -42.46 35.17
N CYS A 945 -41.81 -42.40 33.91
CA CYS A 945 -40.87 -42.01 32.87
C CYS A 945 -40.48 -40.54 32.99
N CYS A 946 -41.46 -39.66 33.17
CA CYS A 946 -41.18 -38.23 33.22
C CYS A 946 -40.77 -37.73 34.60
N ARG A 947 -40.22 -38.60 35.44
CA ARG A 947 -39.89 -38.19 36.79
C ARG A 947 -38.72 -37.23 36.82
N GLU A 948 -37.78 -37.37 35.89
CA GLU A 948 -36.69 -36.40 35.83
C GLU A 948 -37.20 -35.03 35.46
N PHE A 949 -38.22 -34.97 34.61
CA PHE A 949 -38.84 -33.69 34.29
C PHE A 949 -39.53 -33.09 35.51
N MET A 950 -40.25 -33.92 36.26
CA MET A 950 -40.92 -33.39 37.47
C MET A 950 -39.90 -32.83 38.44
N ARG A 951 -38.84 -33.59 38.70
CA ARG A 951 -37.72 -33.10 39.50
C ARG A 951 -37.21 -31.76 38.99
N GLU A 952 -36.98 -31.65 37.69
CA GLU A 952 -36.39 -30.44 37.14
C GLU A 952 -37.28 -29.23 37.33
N ILE A 953 -38.59 -29.37 37.14
CA ILE A 953 -39.43 -28.19 37.29
C ILE A 953 -39.60 -27.85 38.77
N PHE A 954 -39.91 -28.84 39.61
CA PHE A 954 -40.31 -28.54 40.98
C PHE A 954 -39.13 -28.09 41.83
N THR A 955 -37.97 -28.74 41.70
CA THR A 955 -36.83 -28.32 42.49
C THR A 955 -36.48 -26.86 42.24
N SER A 956 -36.58 -26.43 40.99
CA SER A 956 -36.44 -25.02 40.66
C SER A 956 -37.51 -24.22 41.38
N ASP A 957 -37.12 -23.06 41.91
CA ASP A 957 -38.06 -22.17 42.59
C ASP A 957 -39.20 -21.79 41.66
N ALA A 958 -40.41 -22.23 41.97
CA ALA A 958 -41.53 -22.03 41.07
C ALA A 958 -42.83 -22.13 41.86
N ILE A 959 -43.62 -21.06 41.85
CA ILE A 959 -44.91 -21.08 42.53
C ILE A 959 -45.75 -22.20 41.97
N VAL A 960 -46.13 -23.15 42.82
CA VAL A 960 -47.04 -24.21 42.41
C VAL A 960 -48.39 -23.93 43.07
N PRO A 961 -49.50 -24.17 42.39
CA PRO A 961 -50.80 -24.02 43.05
C PRO A 961 -50.93 -25.00 44.21
N LEU A 962 -51.79 -24.65 45.17
CA LEU A 962 -52.06 -25.53 46.30
C LEU A 962 -52.49 -26.90 45.81
N GLY A 963 -53.59 -26.93 45.05
CA GLY A 963 -54.01 -28.16 44.39
C GLY A 963 -52.94 -28.76 43.51
N GLY A 964 -52.01 -27.95 43.02
CA GLY A 964 -50.91 -28.48 42.25
C GLY A 964 -50.10 -29.49 43.03
N ALA A 965 -49.45 -29.04 44.10
CA ALA A 965 -48.64 -29.94 44.91
C ALA A 965 -49.50 -31.05 45.50
N THR A 966 -50.70 -30.71 45.96
CA THR A 966 -51.56 -31.72 46.57
C THR A 966 -51.88 -32.85 45.59
N THR A 967 -52.33 -32.51 44.38
CA THR A 967 -52.72 -33.51 43.40
C THR A 967 -51.54 -34.32 42.91
N ILE A 968 -50.42 -33.64 42.61
CA ILE A 968 -49.21 -34.34 42.20
C ILE A 968 -48.82 -35.37 43.23
N LEU A 969 -48.80 -34.98 44.51
CA LEU A 969 -48.38 -35.88 45.56
C LEU A 969 -49.40 -37.00 45.76
N GLU A 970 -50.68 -36.67 45.61
CA GLU A 970 -51.72 -37.69 45.72
C GLU A 970 -51.50 -38.81 44.71
N THR A 971 -51.27 -38.45 43.45
CA THR A 971 -51.08 -39.46 42.42
C THR A 971 -49.75 -40.18 42.57
N ALA A 972 -48.69 -39.45 42.90
CA ALA A 972 -47.39 -40.08 43.08
C ALA A 972 -47.39 -41.04 44.25
N GLY A 973 -48.20 -40.77 45.27
CA GLY A 973 -48.37 -41.73 46.34
C GLY A 973 -49.18 -42.92 45.89
N HIS A 974 -50.29 -42.65 45.20
CA HIS A 974 -51.16 -43.75 44.79
C HIS A 974 -50.43 -44.76 43.93
N ILE A 975 -49.40 -44.33 43.20
CA ILE A 975 -48.68 -45.32 42.40
C ILE A 975 -47.98 -46.34 43.30
N VAL A 976 -47.60 -45.95 44.51
CA VAL A 976 -46.72 -46.77 45.34
C VAL A 976 -47.47 -47.80 46.17
N SER A 977 -48.80 -47.79 46.13
CA SER A 977 -49.60 -48.70 46.94
C SER A 977 -50.48 -49.60 46.09
N ARG A 978 -49.90 -50.23 45.06
CA ARG A 978 -50.67 -51.00 44.10
C ARG A 978 -50.27 -52.47 44.00
N TYR A 979 -49.33 -52.92 44.80
CA TYR A 979 -48.83 -54.29 44.82
C TYR A 979 -48.09 -54.65 43.54
N GLU A 980 -48.22 -53.84 42.51
CA GLU A 980 -47.39 -54.03 41.33
C GLU A 980 -46.23 -53.06 41.30
N TYR A 981 -46.35 -51.97 42.06
CA TYR A 981 -45.29 -50.99 42.23
C TYR A 981 -44.80 -50.88 43.65
N ALA A 982 -45.46 -51.55 44.61
CA ALA A 982 -45.04 -51.43 45.99
C ALA A 982 -43.59 -51.86 46.19
N CYS A 983 -43.09 -52.73 45.33
CA CYS A 983 -41.74 -53.22 45.48
C CYS A 983 -40.76 -52.71 44.42
N CYS A 984 -41.25 -52.24 43.28
CA CYS A 984 -40.34 -51.87 42.20
C CYS A 984 -39.51 -50.66 42.58
N GLU A 985 -38.27 -50.65 42.08
CA GLU A 985 -37.29 -49.65 42.47
C GLU A 985 -37.73 -48.25 42.05
N VAL A 986 -38.29 -48.12 40.84
CA VAL A 986 -38.51 -46.80 40.27
C VAL A 986 -39.64 -46.07 40.98
N ALA A 987 -40.69 -46.79 41.39
CA ALA A 987 -41.80 -46.12 42.06
C ALA A 987 -41.34 -45.53 43.39
N LEU A 988 -40.61 -46.32 44.17
CA LEU A 988 -40.13 -45.81 45.45
C LEU A 988 -39.21 -44.62 45.25
N CYS A 989 -38.29 -44.71 44.29
CA CYS A 989 -37.39 -43.60 44.05
C CYS A 989 -38.15 -42.36 43.64
N ASN A 990 -39.21 -42.52 42.86
CA ASN A 990 -39.94 -41.37 42.37
C ASN A 990 -40.76 -40.72 43.47
N CYS A 991 -41.39 -41.51 44.34
CA CYS A 991 -42.18 -40.88 45.39
C CYS A 991 -41.29 -40.22 46.42
N ILE A 992 -40.10 -40.79 46.68
CA ILE A 992 -39.16 -40.12 47.56
C ILE A 992 -38.68 -38.80 46.95
N ASP A 993 -38.38 -38.80 45.64
CA ASP A 993 -37.96 -37.56 45.01
C ASP A 993 -39.06 -36.50 45.05
N ILE A 994 -40.32 -36.91 44.85
CA ILE A 994 -41.38 -35.92 44.84
C ILE A 994 -41.62 -35.37 46.24
N MET A 995 -41.51 -36.22 47.27
CA MET A 995 -41.57 -35.68 48.63
C MET A 995 -40.42 -34.74 48.88
N ASP A 996 -39.23 -35.05 48.34
CA ASP A 996 -38.08 -34.18 48.50
C ASP A 996 -38.29 -32.84 47.83
N SER A 997 -39.02 -32.81 46.72
CA SER A 997 -39.22 -31.57 45.97
C SER A 997 -39.93 -30.53 46.83
N PHE A 998 -41.10 -30.87 47.37
CA PHE A 998 -41.79 -30.01 48.31
C PHE A 998 -41.46 -30.43 49.73
N ILE A 999 -40.20 -30.25 50.10
CA ILE A 999 -39.79 -30.56 51.45
C ILE A 999 -40.32 -29.53 52.42
N ASN A 1000 -40.53 -28.29 51.95
CA ASN A 1000 -40.78 -27.18 52.84
C ASN A 1000 -42.24 -26.70 52.81
N LEU A 1001 -43.16 -27.58 52.40
CA LEU A 1001 -44.57 -27.27 52.58
C LEU A 1001 -45.08 -27.87 53.89
N TRP A 1002 -45.00 -29.20 54.00
CA TRP A 1002 -45.48 -29.86 55.20
C TRP A 1002 -44.61 -29.55 56.41
N THR A 1003 -43.32 -29.34 56.20
CA THR A 1003 -42.47 -28.90 57.30
C THR A 1003 -42.36 -27.38 57.34
N ASP A 1004 -43.48 -26.67 57.19
CA ASP A 1004 -43.54 -25.27 57.59
C ASP A 1004 -44.71 -25.04 58.53
N ASN A 1005 -45.88 -25.52 58.11
CA ASN A 1005 -47.16 -25.16 58.71
C ASN A 1005 -47.99 -26.42 58.77
N HIS A 1006 -49.30 -26.25 58.91
CA HIS A 1006 -50.25 -27.33 58.63
C HIS A 1006 -51.09 -26.90 57.44
N PHE A 1007 -50.75 -27.42 56.26
CA PHE A 1007 -51.55 -27.25 55.06
C PHE A 1007 -52.53 -28.42 54.94
N ASP A 1008 -53.16 -28.58 53.79
CA ASP A 1008 -53.88 -29.81 53.51
C ASP A 1008 -52.94 -30.94 53.08
N ILE A 1009 -51.74 -30.59 52.62
CA ILE A 1009 -50.80 -31.58 52.12
C ILE A 1009 -50.01 -32.24 53.25
N ALA A 1010 -49.84 -31.55 54.38
CA ALA A 1010 -49.02 -32.07 55.47
C ALA A 1010 -49.45 -33.46 55.92
N GLU A 1011 -50.75 -33.74 55.87
CA GLU A 1011 -51.22 -35.08 56.22
C GLU A 1011 -50.74 -36.12 55.21
N MET A 1012 -50.74 -35.76 53.93
CA MET A 1012 -50.29 -36.71 52.91
C MET A 1012 -48.83 -37.05 53.12
N ALA A 1013 -47.99 -36.03 53.34
CA ALA A 1013 -46.58 -36.31 53.55
C ALA A 1013 -46.36 -37.06 54.85
N GLY A 1014 -47.16 -36.80 55.88
CA GLY A 1014 -47.06 -37.63 57.07
C GLY A 1014 -47.32 -39.09 56.76
N ASP A 1015 -48.45 -39.37 56.12
CA ASP A 1015 -48.79 -40.75 55.79
C ASP A 1015 -47.68 -41.40 54.99
N LEU A 1016 -47.11 -40.67 54.03
CA LEU A 1016 -46.11 -41.27 53.17
C LEU A 1016 -44.78 -41.49 53.89
N TYR A 1017 -44.35 -40.52 54.71
CA TYR A 1017 -43.16 -40.73 55.54
C TYR A 1017 -43.34 -41.96 56.42
N HIS A 1018 -44.49 -42.08 57.06
CA HIS A 1018 -44.74 -43.23 57.92
C HIS A 1018 -44.72 -44.55 57.14
N TYR A 1019 -45.39 -44.60 55.99
CA TYR A 1019 -45.40 -45.85 55.21
C TYR A 1019 -44.01 -46.22 54.74
N LEU A 1020 -43.22 -45.24 54.31
CA LEU A 1020 -41.90 -45.54 53.78
C LEU A 1020 -40.96 -45.98 54.90
N VAL A 1021 -40.97 -45.28 56.03
CA VAL A 1021 -40.01 -45.56 57.07
C VAL A 1021 -40.40 -46.81 57.85
N LYS A 1022 -41.59 -46.80 58.46
CA LYS A 1022 -41.95 -47.88 59.35
C LYS A 1022 -42.32 -49.17 58.61
N GLN A 1023 -42.89 -49.06 57.42
CA GLN A 1023 -43.49 -50.20 56.76
C GLN A 1023 -42.72 -50.66 55.54
N SER A 1024 -42.36 -49.74 54.64
CA SER A 1024 -41.70 -50.14 53.41
C SER A 1024 -40.30 -50.66 53.67
N LEU A 1025 -39.59 -50.07 54.62
CA LEU A 1025 -38.16 -50.34 54.78
C LEU A 1025 -37.88 -51.69 55.44
N PRO A 1026 -38.48 -52.05 56.58
CA PRO A 1026 -38.13 -53.34 57.19
C PRO A 1026 -38.77 -54.53 56.51
N ASN A 1027 -39.77 -54.33 55.68
CA ASN A 1027 -40.42 -55.41 54.94
C ASN A 1027 -39.53 -56.03 53.88
N ASN A 1028 -38.28 -55.58 53.79
CA ASN A 1028 -37.38 -55.94 52.71
C ASN A 1028 -38.02 -55.66 51.35
N SER A 1029 -38.48 -54.43 51.18
CA SER A 1029 -39.07 -53.97 49.93
C SER A 1029 -38.28 -52.86 49.26
N MET A 1030 -37.72 -51.94 50.03
CA MET A 1030 -36.85 -50.92 49.44
C MET A 1030 -35.60 -51.57 48.86
N SER A 1031 -35.23 -51.15 47.65
CA SER A 1031 -34.05 -51.67 46.99
C SER A 1031 -32.84 -50.81 47.35
N ALA A 1032 -31.72 -51.02 46.65
CA ALA A 1032 -30.51 -50.26 46.98
C ALA A 1032 -30.68 -48.79 46.59
N ALA A 1033 -31.19 -48.52 45.39
CA ALA A 1033 -31.38 -47.13 44.97
C ALA A 1033 -32.53 -46.47 45.72
N ALA A 1034 -33.53 -47.22 46.12
CA ALA A 1034 -34.58 -46.64 46.95
C ALA A 1034 -34.02 -46.21 48.30
N GLN A 1035 -33.23 -47.08 48.93
CA GLN A 1035 -32.62 -46.73 50.20
C GLN A 1035 -31.70 -45.53 50.05
N ILE A 1036 -31.01 -45.40 48.92
CA ILE A 1036 -30.18 -44.24 48.70
C ILE A 1036 -31.02 -42.97 48.60
N ARG A 1037 -32.11 -43.03 47.85
CA ARG A 1037 -32.95 -41.85 47.72
C ARG A 1037 -33.60 -41.48 49.05
N LEU A 1038 -33.92 -42.46 49.88
CA LEU A 1038 -34.48 -42.16 51.20
C LEU A 1038 -33.44 -41.59 52.13
N ALA A 1039 -32.20 -42.07 52.02
CA ALA A 1039 -31.13 -41.47 52.79
C ALA A 1039 -30.96 -40.01 52.43
N SER A 1040 -31.05 -39.68 51.13
CA SER A 1040 -30.94 -38.28 50.74
C SER A 1040 -32.12 -37.47 51.25
N LEU A 1041 -33.32 -38.04 51.22
CA LEU A 1041 -34.47 -37.36 51.79
C LEU A 1041 -34.24 -37.04 53.25
N LEU A 1042 -33.79 -38.01 54.04
CA LEU A 1042 -33.59 -37.77 55.47
C LEU A 1042 -32.49 -36.73 55.71
N LEU A 1043 -31.32 -36.93 55.10
CA LEU A 1043 -30.22 -36.00 55.27
C LEU A 1043 -30.63 -34.59 54.90
N HIS A 1044 -31.59 -34.45 53.99
CA HIS A 1044 -32.09 -33.11 53.70
C HIS A 1044 -33.13 -32.68 54.70
N LEU A 1045 -33.90 -33.62 55.24
CA LEU A 1045 -34.92 -33.28 56.22
C LEU A 1045 -34.30 -32.64 57.45
N LEU A 1046 -33.16 -33.19 57.89
CA LEU A 1046 -32.53 -32.69 59.11
C LEU A 1046 -32.14 -31.24 58.98
N GLU A 1047 -31.93 -30.77 57.75
CA GLU A 1047 -31.59 -29.36 57.54
C GLU A 1047 -32.80 -28.45 57.55
N VAL A 1048 -34.00 -28.98 57.77
CA VAL A 1048 -35.20 -28.17 57.73
C VAL A 1048 -35.98 -28.31 59.03
N LYS A 1049 -36.23 -29.54 59.44
CA LYS A 1049 -37.00 -29.80 60.65
C LYS A 1049 -36.17 -30.45 61.75
N SER A 1050 -35.43 -31.50 61.41
CA SER A 1050 -34.51 -32.20 62.30
C SER A 1050 -35.22 -32.88 63.44
N GLU A 1051 -36.54 -32.73 63.54
CA GLU A 1051 -37.31 -33.42 64.56
C GLU A 1051 -38.67 -33.85 64.02
N TYR A 1052 -38.92 -33.71 62.72
CA TYR A 1052 -40.24 -33.97 62.16
C TYR A 1052 -40.71 -35.38 62.50
N ALA A 1053 -39.82 -36.36 62.42
CA ALA A 1053 -40.24 -37.74 62.64
C ALA A 1053 -40.71 -38.00 64.06
N SER A 1054 -40.51 -37.07 64.99
CA SER A 1054 -41.09 -37.23 66.31
C SER A 1054 -42.45 -36.54 66.40
N ASN A 1055 -42.52 -35.28 65.99
CA ASN A 1055 -43.78 -34.55 66.00
C ASN A 1055 -44.87 -35.26 65.22
N LEU A 1056 -44.49 -36.26 64.42
CA LEU A 1056 -45.44 -37.16 63.80
C LEU A 1056 -45.60 -38.45 64.57
N GLY A 1057 -44.68 -38.79 65.46
CA GLY A 1057 -44.80 -40.01 66.23
C GLY A 1057 -44.01 -41.19 65.68
N LEU A 1058 -42.71 -40.99 65.47
CA LEU A 1058 -41.82 -42.05 65.02
C LEU A 1058 -40.46 -41.80 65.65
N PRO A 1059 -39.56 -42.76 65.56
CA PRO A 1059 -38.17 -42.48 65.93
C PRO A 1059 -37.60 -41.36 65.07
N SER A 1060 -36.62 -40.66 65.62
CA SER A 1060 -36.01 -39.52 64.96
C SER A 1060 -35.43 -39.93 63.61
N SER A 1061 -35.26 -38.94 62.73
CA SER A 1061 -34.76 -39.20 61.39
C SER A 1061 -33.34 -39.75 61.44
N GLN A 1062 -32.47 -39.15 62.25
CA GLN A 1062 -31.09 -39.62 62.35
C GLN A 1062 -31.04 -41.07 62.78
N SER A 1063 -31.95 -41.48 63.66
CA SER A 1063 -32.04 -42.87 64.06
C SER A 1063 -32.30 -43.76 62.86
N THR A 1064 -33.27 -43.38 62.03
CA THR A 1064 -33.55 -44.13 60.81
C THR A 1064 -32.33 -44.18 59.91
N LEU A 1065 -31.66 -43.04 59.77
CA LEU A 1065 -30.51 -42.97 58.86
C LEU A 1065 -29.42 -43.94 59.27
N LEU A 1066 -29.07 -43.95 60.55
CA LEU A 1066 -28.00 -44.84 60.97
C LEU A 1066 -28.44 -46.29 61.02
N LYS A 1067 -29.69 -46.56 61.40
CA LYS A 1067 -30.22 -47.91 61.27
C LYS A 1067 -30.09 -48.41 59.85
N ILE A 1068 -30.31 -47.52 58.88
CA ILE A 1068 -30.09 -47.85 57.47
C ILE A 1068 -28.61 -48.11 57.21
N LEU A 1069 -27.73 -47.28 57.78
CA LEU A 1069 -26.30 -47.45 57.52
C LEU A 1069 -25.81 -48.81 57.99
N GLN A 1070 -26.32 -49.29 59.12
CA GLN A 1070 -25.84 -50.57 59.63
C GLN A 1070 -26.23 -51.71 58.70
N ASP A 1071 -27.49 -51.77 58.30
CA ASP A 1071 -28.00 -52.83 57.45
C ASP A 1071 -28.41 -52.23 56.11
N GLY A 1072 -27.65 -52.52 55.07
CA GLY A 1072 -27.93 -52.03 53.75
C GLY A 1072 -26.90 -52.55 52.77
N PRO A 1073 -27.32 -52.82 51.55
CA PRO A 1073 -26.36 -53.32 50.55
C PRO A 1073 -25.23 -52.33 50.36
N MET A 1074 -24.02 -52.87 50.17
CA MET A 1074 -22.81 -52.05 50.21
C MET A 1074 -22.88 -50.83 49.33
N LYS A 1075 -23.76 -50.81 48.32
CA LYS A 1075 -23.93 -49.61 47.53
C LYS A 1075 -24.51 -48.48 48.38
N LEU A 1076 -25.52 -48.79 49.18
CA LEU A 1076 -26.08 -47.81 50.11
C LEU A 1076 -25.09 -47.39 51.18
N LYS A 1077 -24.36 -48.36 51.73
CA LYS A 1077 -23.33 -48.06 52.71
C LYS A 1077 -22.30 -47.12 52.12
N HIS A 1078 -21.87 -47.37 50.88
CA HIS A 1078 -20.89 -46.51 50.26
C HIS A 1078 -21.46 -45.10 50.09
N TYR A 1079 -22.68 -44.99 49.58
CA TYR A 1079 -23.27 -43.67 49.40
C TYR A 1079 -23.31 -42.91 50.70
N ILE A 1080 -23.86 -43.53 51.75
CA ILE A 1080 -24.00 -42.82 53.02
C ILE A 1080 -22.65 -42.47 53.61
N GLY A 1081 -21.73 -43.43 53.68
CA GLY A 1081 -20.40 -43.13 54.15
C GLY A 1081 -19.76 -42.00 53.38
N LEU A 1082 -20.13 -41.84 52.12
CA LEU A 1082 -19.61 -40.72 51.36
C LEU A 1082 -20.31 -39.41 51.70
N GLU A 1083 -21.60 -39.46 52.05
CA GLU A 1083 -22.32 -38.25 52.39
C GLU A 1083 -22.74 -38.21 53.85
N ILE A 1084 -22.06 -38.97 54.71
CA ILE A 1084 -22.20 -38.84 56.16
C ILE A 1084 -21.40 -37.66 56.69
N PRO A 1085 -20.19 -37.30 56.16
CA PRO A 1085 -19.44 -36.22 56.80
C PRO A 1085 -20.12 -34.87 56.64
N LYS A 1086 -21.30 -34.86 56.03
CA LYS A 1086 -22.16 -33.69 56.04
C LYS A 1086 -23.16 -33.73 57.19
N LEU A 1087 -23.32 -34.89 57.85
CA LEU A 1087 -24.19 -34.95 59.01
C LEU A 1087 -23.64 -34.14 60.17
N PHE A 1088 -22.34 -33.90 60.20
CA PHE A 1088 -21.72 -33.11 61.25
C PHE A 1088 -21.76 -31.62 60.96
N GLY A 1089 -22.44 -31.20 59.91
CA GLY A 1089 -22.57 -29.78 59.64
C GLY A 1089 -23.78 -29.14 60.25
N LEU A 1090 -24.66 -29.91 60.87
CA LEU A 1090 -25.89 -29.39 61.44
C LEU A 1090 -25.83 -29.31 62.95
N TYR A 1091 -24.64 -29.30 63.53
CA TYR A 1091 -24.50 -29.48 64.97
C TYR A 1091 -23.40 -28.57 65.51
N VAL A 1092 -23.64 -28.03 66.70
CA VAL A 1092 -22.68 -27.14 67.33
C VAL A 1092 -21.40 -27.92 67.64
N LEU A 1093 -20.28 -27.22 67.59
CA LEU A 1093 -18.97 -27.87 67.63
C LEU A 1093 -18.72 -28.61 68.93
N LYS A 1094 -19.57 -28.40 69.92
CA LYS A 1094 -19.37 -29.04 71.21
C LYS A 1094 -19.73 -30.52 71.18
N THR A 1095 -20.63 -30.91 70.28
CA THR A 1095 -21.23 -32.25 70.31
C THR A 1095 -20.84 -33.09 69.10
N HIS A 1096 -19.55 -33.10 68.74
CA HIS A 1096 -19.13 -33.90 67.60
C HIS A 1096 -18.58 -35.25 68.02
N ASP A 1097 -17.97 -35.33 69.19
CA ASP A 1097 -17.53 -36.63 69.65
C ASP A 1097 -18.69 -37.47 70.14
N ASP A 1098 -19.74 -36.84 70.64
CA ASP A 1098 -20.95 -37.58 70.96
C ASP A 1098 -21.58 -38.19 69.71
N ILE A 1099 -21.72 -37.39 68.66
CA ILE A 1099 -22.26 -37.91 67.41
C ILE A 1099 -21.34 -38.97 66.84
N PHE A 1100 -20.03 -38.79 66.98
CA PHE A 1100 -19.10 -39.75 66.43
C PHE A 1100 -19.20 -41.09 67.13
N VAL A 1101 -19.38 -41.06 68.46
CA VAL A 1101 -19.69 -42.29 69.19
C VAL A 1101 -20.96 -42.92 68.65
N ASP A 1102 -22.00 -42.11 68.46
CA ASP A 1102 -23.28 -42.64 67.99
C ASP A 1102 -23.14 -43.32 66.64
N VAL A 1103 -22.42 -42.69 65.72
CA VAL A 1103 -22.21 -43.26 64.39
C VAL A 1103 -21.41 -44.55 64.48
N LEU A 1104 -20.26 -44.49 65.15
CA LEU A 1104 -19.39 -45.66 65.21
C LEU A 1104 -20.08 -46.83 65.87
N GLU A 1105 -21.06 -46.55 66.73
CA GLU A 1105 -21.94 -47.61 67.24
C GLU A 1105 -22.63 -48.37 66.12
N HIS A 1106 -22.80 -47.75 64.95
CA HIS A 1106 -23.52 -48.34 63.82
C HIS A 1106 -22.63 -48.59 62.62
N LEU A 1107 -21.45 -49.14 62.81
CA LEU A 1107 -20.61 -49.51 61.68
C LEU A 1107 -20.45 -51.03 61.64
N PRO A 1108 -19.92 -51.60 60.56
CA PRO A 1108 -19.64 -53.04 60.53
C PRO A 1108 -18.34 -53.38 61.23
N SER A 1109 -18.36 -54.46 62.02
CA SER A 1109 -17.17 -54.86 62.77
C SER A 1109 -17.27 -56.35 63.12
N ASP A 1110 -16.58 -57.20 62.37
CA ASP A 1110 -16.45 -58.62 62.70
C ASP A 1110 -15.26 -59.22 61.98
N PRO A 1111 -14.38 -59.94 62.69
CA PRO A 1111 -13.08 -60.31 62.10
C PRO A 1111 -13.16 -61.24 60.91
N ASP A 1112 -14.16 -62.11 60.86
CA ASP A 1112 -14.30 -63.03 59.73
C ASP A 1112 -14.70 -62.30 58.45
N VAL A 1113 -15.45 -61.21 58.58
CA VAL A 1113 -15.87 -60.40 57.45
C VAL A 1113 -14.83 -59.31 57.25
N VAL A 1114 -14.15 -59.34 56.11
CA VAL A 1114 -13.14 -58.33 55.87
C VAL A 1114 -13.72 -57.11 55.14
N GLU A 1115 -14.80 -57.29 54.39
CA GLU A 1115 -15.44 -56.16 53.74
C GLU A 1115 -15.99 -55.19 54.75
N GLY A 1116 -16.50 -55.70 55.87
CA GLY A 1116 -16.99 -54.81 56.92
C GLY A 1116 -15.90 -53.88 57.43
N LEU A 1117 -14.76 -54.46 57.79
CA LEU A 1117 -13.67 -53.64 58.28
C LEU A 1117 -13.16 -52.70 57.20
N ALA A 1118 -13.17 -53.14 55.94
CA ALA A 1118 -12.77 -52.25 54.86
C ALA A 1118 -13.67 -51.04 54.78
N PHE A 1119 -14.98 -51.25 54.90
CA PHE A 1119 -15.92 -50.14 54.88
C PHE A 1119 -15.73 -49.23 56.08
N ARG A 1120 -15.43 -49.81 57.24
CA ARG A 1120 -15.24 -49.00 58.44
C ARG A 1120 -14.04 -48.08 58.30
N LEU A 1121 -12.90 -48.65 57.88
CA LEU A 1121 -11.73 -47.82 57.65
C LEU A 1121 -12.01 -46.76 56.61
N PHE A 1122 -12.80 -47.10 55.59
CA PHE A 1122 -13.14 -46.11 54.58
C PHE A 1122 -13.86 -44.93 55.19
N VAL A 1123 -14.94 -45.18 55.93
CA VAL A 1123 -15.73 -44.07 56.43
C VAL A 1123 -14.94 -43.26 57.45
N LEU A 1124 -14.09 -43.91 58.24
CA LEU A 1124 -13.27 -43.16 59.18
C LEU A 1124 -12.30 -42.25 58.44
N ALA A 1125 -11.70 -42.75 57.36
CA ALA A 1125 -10.83 -41.90 56.55
C ALA A 1125 -11.60 -40.73 55.97
N GLU A 1126 -12.86 -40.94 55.59
CA GLU A 1126 -13.63 -39.83 55.02
C GLU A 1126 -13.89 -38.76 56.06
N LEU A 1127 -14.45 -39.14 57.22
CA LEU A 1127 -14.67 -38.19 58.30
C LEU A 1127 -13.40 -37.41 58.61
N ALA A 1128 -12.28 -38.12 58.74
CA ALA A 1128 -11.02 -37.45 59.06
C ALA A 1128 -10.64 -36.45 57.97
N CYS A 1129 -10.64 -36.89 56.71
CA CYS A 1129 -10.24 -36.02 55.61
C CYS A 1129 -11.21 -34.89 55.36
N ARG A 1130 -12.35 -34.84 56.06
CA ARG A 1130 -13.21 -33.66 55.98
C ARG A 1130 -13.21 -32.83 57.26
N TRP A 1131 -13.40 -33.45 58.42
CA TRP A 1131 -13.56 -32.73 59.68
C TRP A 1131 -12.30 -32.83 60.51
N PRO A 1132 -11.64 -31.71 60.84
CA PRO A 1132 -10.45 -31.80 61.70
C PRO A 1132 -10.79 -32.10 63.15
N THR A 1133 -11.99 -31.76 63.59
CA THR A 1133 -12.43 -32.10 64.94
C THR A 1133 -12.27 -33.59 65.21
N LEU A 1134 -12.63 -34.42 64.23
CA LEU A 1134 -12.64 -35.86 64.39
C LEU A 1134 -11.42 -36.51 63.79
N LEU A 1135 -10.28 -35.81 63.76
CA LEU A 1135 -9.07 -36.43 63.25
C LEU A 1135 -8.44 -37.33 64.30
N ARG A 1136 -8.48 -36.92 65.57
CA ARG A 1136 -7.91 -37.71 66.62
C ARG A 1136 -8.57 -39.08 66.71
N ARG A 1137 -9.90 -39.10 66.81
CA ARG A 1137 -10.60 -40.38 66.93
C ARG A 1137 -10.53 -41.19 65.66
N SER A 1138 -10.51 -40.54 64.50
CA SER A 1138 -10.35 -41.28 63.26
C SER A 1138 -9.02 -42.01 63.23
N ILE A 1139 -7.93 -41.32 63.58
CA ILE A 1139 -6.63 -41.98 63.57
C ILE A 1139 -6.56 -43.05 64.65
N TYR A 1140 -7.13 -42.77 65.82
CA TYR A 1140 -7.10 -43.75 66.90
C TYR A 1140 -7.83 -45.03 66.50
N HIS A 1141 -9.06 -44.91 66.01
CA HIS A 1141 -9.80 -46.10 65.63
C HIS A 1141 -9.28 -46.71 64.33
N THR A 1142 -8.53 -45.97 63.53
CA THR A 1142 -7.88 -46.56 62.38
C THR A 1142 -6.74 -47.46 62.81
N PHE A 1143 -5.97 -47.02 63.81
CA PHE A 1143 -4.90 -47.85 64.36
C PHE A 1143 -5.40 -48.94 65.30
N GLU A 1144 -6.63 -48.82 65.79
CA GLU A 1144 -7.13 -49.74 66.81
C GLU A 1144 -7.35 -51.15 66.24
N ILE A 1145 -8.18 -51.27 65.22
CA ILE A 1145 -8.66 -52.58 64.75
C ILE A 1145 -7.55 -53.46 64.20
N PRO A 1146 -6.64 -52.96 63.35
CA PRO A 1146 -5.60 -53.87 62.86
C PRO A 1146 -4.66 -54.35 63.95
N THR A 1160 -4.47 -61.83 56.43
CA THR A 1160 -5.05 -60.57 56.90
C THR A 1160 -4.94 -59.48 55.85
N HIS A 1161 -6.05 -58.79 55.63
CA HIS A 1161 -6.09 -57.62 54.76
C HIS A 1161 -6.13 -56.31 55.52
N SER A 1162 -6.55 -56.33 56.80
CA SER A 1162 -6.81 -55.09 57.52
C SER A 1162 -5.55 -54.22 57.61
N ALA A 1163 -4.38 -54.84 57.60
CA ALA A 1163 -3.14 -54.07 57.57
C ALA A 1163 -3.09 -53.19 56.33
N LEU A 1164 -3.32 -53.77 55.16
CA LEU A 1164 -3.21 -53.01 53.92
C LEU A 1164 -4.29 -51.94 53.83
N TYR A 1165 -5.51 -52.26 54.25
CA TYR A 1165 -6.58 -51.28 54.18
C TYR A 1165 -6.29 -50.09 55.07
N ALA A 1166 -5.83 -50.34 56.30
CA ALA A 1166 -5.47 -49.24 57.19
C ALA A 1166 -4.30 -48.45 56.64
N ALA A 1167 -3.36 -49.12 55.95
CA ALA A 1167 -2.24 -48.42 55.37
C ALA A 1167 -2.70 -47.42 54.31
N SER A 1168 -3.56 -47.89 53.40
CA SER A 1168 -4.08 -47.03 52.35
C SER A 1168 -4.91 -45.89 52.93
N CYS A 1169 -5.68 -46.17 53.98
CA CYS A 1169 -6.49 -45.12 54.58
C CYS A 1169 -5.63 -44.04 55.24
N ILE A 1170 -4.58 -44.43 55.95
CA ILE A 1170 -3.69 -43.44 56.55
C ILE A 1170 -2.94 -42.66 55.46
N LYS A 1171 -2.56 -43.34 54.38
CA LYS A 1171 -1.91 -42.64 53.28
C LYS A 1171 -2.84 -41.57 52.71
N ARG A 1172 -4.13 -41.90 52.57
CA ARG A 1172 -5.07 -40.92 52.05
C ARG A 1172 -5.33 -39.80 53.04
N ILE A 1173 -5.42 -40.12 54.33
CA ILE A 1173 -5.62 -39.08 55.34
C ILE A 1173 -4.48 -38.08 55.27
N ALA A 1174 -3.24 -38.54 55.42
CA ALA A 1174 -2.13 -37.59 55.42
C ALA A 1174 -1.85 -37.03 54.05
N GLN A 1175 -2.38 -37.65 53.00
CA GLN A 1175 -2.13 -37.16 51.66
C GLN A 1175 -3.00 -35.96 51.33
N THR A 1176 -4.28 -36.02 51.71
CA THR A 1176 -5.24 -34.96 51.45
C THR A 1176 -5.43 -34.04 52.64
N LEU A 1177 -4.39 -33.81 53.41
CA LEU A 1177 -4.42 -32.88 54.53
C LEU A 1177 -3.23 -31.94 54.55
N LYS A 1178 -2.55 -31.74 53.42
CA LYS A 1178 -1.38 -30.88 53.34
C LYS A 1178 -0.24 -31.42 54.20
N LEU A 1179 -0.20 -32.73 54.40
CA LEU A 1179 0.87 -33.38 55.14
C LEU A 1179 1.83 -34.05 54.18
N SER A 1180 3.08 -34.21 54.63
CA SER A 1180 4.10 -34.81 53.78
C SER A 1180 3.73 -36.24 53.40
N GLY A 1181 3.67 -37.14 54.38
CA GLY A 1181 3.34 -38.52 54.15
C GLY A 1181 2.77 -39.19 55.37
N PRO A 1182 2.58 -40.49 55.30
CA PRO A 1182 1.99 -41.21 56.45
C PRO A 1182 2.85 -41.20 57.69
N GLN A 1183 4.16 -41.17 57.57
CA GLN A 1183 5.01 -41.12 58.75
C GLN A 1183 4.88 -39.79 59.48
N GLU A 1184 4.67 -38.71 58.74
CA GLU A 1184 4.43 -37.40 59.34
C GLU A 1184 3.06 -37.29 59.98
N LEU A 1185 2.24 -38.32 59.86
CA LEU A 1185 1.00 -38.44 60.60
C LEU A 1185 1.17 -39.25 61.86
N PHE A 1186 2.15 -40.16 61.87
CA PHE A 1186 2.58 -40.82 63.09
C PHE A 1186 3.36 -39.87 63.99
N LYS A 1187 4.08 -38.92 63.42
CA LYS A 1187 4.83 -37.97 64.23
C LYS A 1187 3.94 -37.09 65.07
N LEU A 1188 2.67 -36.95 64.72
CA LEU A 1188 1.75 -36.09 65.46
C LEU A 1188 0.99 -36.84 66.53
N PHE A 1189 0.86 -38.16 66.38
CA PHE A 1189 -0.01 -38.95 67.23
C PHE A 1189 0.71 -40.04 67.99
N ALA A 1190 2.01 -40.21 67.79
CA ALA A 1190 2.75 -41.23 68.51
C ALA A 1190 2.51 -41.25 70.01
N PRO A 1191 2.39 -40.12 70.72
CA PRO A 1191 2.08 -40.18 72.14
C PRO A 1191 0.88 -41.05 72.47
N GLN A 1192 -0.27 -40.74 71.88
CA GLN A 1192 -1.50 -41.41 72.30
C GLN A 1192 -1.51 -42.86 71.84
N LEU A 1193 -1.13 -43.11 70.60
CA LEU A 1193 -1.07 -44.49 70.12
C LEU A 1193 -0.16 -45.33 70.99
N LEU A 1194 1.05 -44.85 71.24
CA LEU A 1194 2.02 -45.63 72.01
C LEU A 1194 1.55 -45.81 73.44
N TYR A 1195 0.99 -44.79 74.06
CA TYR A 1195 0.49 -44.96 75.42
C TYR A 1195 -0.59 -46.03 75.48
N THR A 1196 -1.67 -45.82 74.71
CA THR A 1196 -2.81 -46.73 74.77
C THR A 1196 -2.42 -48.14 74.35
N TRP A 1197 -1.40 -48.28 73.50
CA TRP A 1197 -1.06 -49.60 73.02
C TRP A 1197 -0.06 -50.32 73.92
N LEU A 1198 1.04 -49.65 74.29
CA LEU A 1198 2.02 -50.21 75.20
C LEU A 1198 1.50 -50.35 76.62
N ASP A 1199 0.30 -49.87 76.92
CA ASP A 1199 -0.31 -50.20 78.21
C ASP A 1199 -0.24 -51.71 78.46
N ASN A 1200 -0.92 -52.49 77.64
CA ASN A 1200 -0.84 -53.94 77.73
C ASN A 1200 -0.49 -54.48 76.35
N ASP A 1201 0.81 -54.44 76.04
CA ASP A 1201 1.43 -55.03 74.86
C ASP A 1201 2.91 -54.75 74.92
N SER A 1202 3.65 -55.15 73.90
CA SER A 1202 5.08 -54.84 73.83
C SER A 1202 5.38 -54.20 72.49
N ILE A 1203 6.32 -53.26 72.48
CA ILE A 1203 6.63 -52.50 71.28
C ILE A 1203 7.03 -53.40 70.12
N GLN A 1204 7.66 -54.54 70.41
CA GLN A 1204 8.24 -55.34 69.34
C GLN A 1204 7.21 -55.96 68.42
N ASP A 1205 5.94 -55.97 68.79
CA ASP A 1205 4.91 -56.56 67.93
C ASP A 1205 3.89 -55.53 67.51
N ILE A 1206 4.36 -54.37 67.08
CA ILE A 1206 3.49 -53.28 66.66
C ILE A 1206 3.41 -53.31 65.14
N ALA A 1207 2.37 -52.66 64.61
CA ALA A 1207 2.07 -52.69 63.18
C ALA A 1207 2.87 -51.59 62.49
N TYR A 1208 4.05 -51.96 62.00
CA TYR A 1208 4.86 -51.06 61.21
C TYR A 1208 4.38 -50.96 59.77
N GLU A 1209 3.23 -51.53 59.47
CA GLU A 1209 2.68 -51.48 58.11
C GLU A 1209 1.70 -50.35 57.92
N ILE A 1210 0.90 -50.04 58.93
CA ILE A 1210 0.32 -48.71 59.02
C ILE A 1210 1.46 -47.73 59.27
N PHE A 1211 1.26 -46.48 58.89
CA PHE A 1211 2.32 -45.48 58.98
C PHE A 1211 3.55 -45.99 58.25
N GLY A 1212 3.41 -46.17 56.93
CA GLY A 1212 4.39 -46.90 56.13
C GLY A 1212 5.84 -46.67 56.50
N PHE A 1213 6.50 -47.73 56.97
CA PHE A 1213 7.84 -47.61 57.54
C PHE A 1213 8.80 -48.62 56.94
N SER A 1214 8.29 -49.76 56.46
CA SER A 1214 9.07 -50.84 55.88
C SER A 1214 10.02 -51.48 56.87
N SER A 1215 9.90 -51.18 58.15
CA SER A 1215 10.75 -51.80 59.16
C SER A 1215 10.16 -51.54 60.54
N LEU A 1216 10.65 -52.31 61.50
CA LEU A 1216 10.44 -51.95 62.90
C LEU A 1216 11.60 -51.15 63.43
N LEU A 1217 12.80 -51.38 62.88
CA LEU A 1217 13.95 -50.56 63.24
C LEU A 1217 13.93 -49.22 62.53
N ASP A 1218 12.98 -49.02 61.63
CA ASP A 1218 12.72 -47.68 61.10
C ASP A 1218 11.70 -46.96 61.96
N LEU A 1219 10.65 -47.67 62.39
CA LEU A 1219 9.68 -47.12 63.30
C LEU A 1219 10.28 -46.76 64.64
N LEU A 1220 11.37 -47.42 65.01
CA LEU A 1220 11.99 -47.16 66.31
C LEU A 1220 12.94 -45.98 66.28
N ARG A 1221 13.63 -45.74 65.16
CA ARG A 1221 14.54 -44.60 65.07
C ARG A 1221 13.80 -43.28 65.17
N GLU A 1222 12.49 -43.33 65.33
CA GLU A 1222 11.68 -42.15 65.61
C GLU A 1222 10.91 -42.26 66.92
N ALA A 1223 10.57 -43.47 67.35
CA ALA A 1223 9.75 -43.68 68.54
C ALA A 1223 10.59 -44.08 69.75
N GLN A 1224 11.86 -43.67 69.79
CA GLN A 1224 12.66 -43.94 70.98
C GLN A 1224 12.10 -43.19 72.18
N THR A 1225 11.84 -41.90 72.02
CA THR A 1225 11.60 -41.04 73.16
C THR A 1225 10.27 -41.34 73.83
N GLU A 1226 9.18 -41.32 73.05
CA GLU A 1226 7.87 -41.59 73.61
C GLU A 1226 7.80 -42.98 74.22
N ALA A 1227 8.24 -43.99 73.47
CA ALA A 1227 8.17 -45.36 73.97
C ALA A 1227 8.98 -45.52 75.24
N ALA A 1228 10.23 -45.03 75.23
CA ALA A 1228 11.08 -45.19 76.41
C ALA A 1228 10.49 -44.48 77.61
N ALA A 1229 9.98 -43.27 77.41
CA ALA A 1229 9.44 -42.53 78.53
C ALA A 1229 8.19 -43.19 79.08
N ILE A 1230 7.37 -43.79 78.21
CA ILE A 1230 6.15 -44.42 78.69
C ILE A 1230 6.46 -45.71 79.44
N MET A 1231 7.36 -46.53 78.88
CA MET A 1231 7.83 -47.72 79.59
C MET A 1231 8.35 -47.36 80.96
N MET A 1232 9.24 -46.38 81.05
CA MET A 1232 9.74 -45.98 82.35
C MET A 1232 8.70 -45.26 83.19
N MET A 1233 7.57 -44.85 82.60
CA MET A 1233 6.48 -44.31 83.40
C MET A 1233 5.73 -45.40 84.13
N ARG A 1234 5.43 -46.50 83.45
CA ARG A 1234 4.74 -47.61 84.13
C ARG A 1234 5.74 -48.61 84.69
N GLY A 1235 6.57 -49.18 83.82
CA GLY A 1235 7.75 -49.93 84.20
C GLY A 1235 7.84 -51.21 83.41
N GLN A 1236 8.87 -51.29 82.57
CA GLN A 1236 9.14 -52.47 81.76
C GLN A 1236 10.65 -52.63 81.58
N GLU A 1237 11.42 -52.46 82.65
CA GLU A 1237 12.87 -52.40 82.57
C GLU A 1237 13.48 -53.34 81.54
N GLN A 1238 13.02 -54.61 81.53
CA GLN A 1238 13.51 -55.54 80.53
C GLN A 1238 13.05 -55.14 79.13
N GLU A 1239 11.92 -54.46 79.00
CA GLU A 1239 11.52 -54.04 77.66
C GLU A 1239 12.30 -52.82 77.20
N VAL A 1240 12.67 -51.93 78.12
CA VAL A 1240 13.58 -50.84 77.75
C VAL A 1240 14.91 -51.42 77.32
N CYS A 1241 15.38 -52.45 78.03
CA CYS A 1241 16.62 -53.11 77.63
C CYS A 1241 16.48 -53.80 76.27
N GLN A 1242 15.31 -54.34 75.97
CA GLN A 1242 15.09 -54.97 74.68
C GLN A 1242 15.05 -53.94 73.56
N LEU A 1243 14.38 -52.81 73.79
CA LEU A 1243 14.43 -51.70 72.85
C LEU A 1243 15.87 -51.30 72.59
N ALA A 1244 16.66 -51.16 73.67
CA ALA A 1244 18.03 -50.70 73.54
C ALA A 1244 18.87 -51.69 72.74
N GLN A 1245 18.76 -52.98 73.08
CA GLN A 1245 19.43 -54.03 72.31
C GLN A 1245 19.09 -53.93 70.83
N SER A 1246 17.79 -53.91 70.51
CA SER A 1246 17.37 -53.86 69.11
C SER A 1246 17.97 -52.65 68.41
N LEU A 1247 17.95 -51.49 69.05
CA LEU A 1247 18.50 -50.30 68.43
C LEU A 1247 19.98 -50.51 68.09
N GLY A 1248 20.80 -50.72 69.12
CA GLY A 1248 22.24 -50.81 68.97
C GLY A 1248 22.92 -50.11 70.11
N LEU A 1249 22.18 -49.19 70.72
CA LEU A 1249 22.67 -48.41 71.85
C LEU A 1249 22.29 -49.11 73.15
N THR A 1250 23.25 -49.19 74.07
CA THR A 1250 22.96 -49.76 75.37
C THR A 1250 21.91 -48.92 76.09
N PRO A 1251 21.21 -49.51 77.07
CA PRO A 1251 20.14 -48.75 77.74
C PRO A 1251 20.60 -47.43 78.33
N GLU A 1252 21.89 -47.30 78.68
CA GLU A 1252 22.32 -46.12 79.42
C GLU A 1252 22.40 -44.90 78.53
N LYS A 1253 23.06 -45.00 77.38
CA LYS A 1253 23.10 -43.83 76.51
C LYS A 1253 21.73 -43.58 75.90
N LEU A 1254 20.89 -44.61 75.79
CA LEU A 1254 19.50 -44.39 75.38
C LEU A 1254 18.80 -43.48 76.37
N VAL A 1255 18.77 -43.88 77.64
CA VAL A 1255 18.20 -43.04 78.67
C VAL A 1255 18.85 -41.66 78.68
N GLN A 1256 20.10 -41.57 78.25
CA GLN A 1256 20.74 -40.28 78.10
C GLN A 1256 20.22 -39.51 76.91
N GLN A 1257 19.66 -40.19 75.90
CA GLN A 1257 19.08 -39.49 74.77
C GLN A 1257 17.73 -38.88 75.09
N SER A 1258 16.88 -39.64 75.79
CA SER A 1258 15.51 -39.23 76.09
C SER A 1258 15.29 -38.99 77.57
N PHE A 1259 16.24 -38.30 78.20
CA PHE A 1259 16.13 -38.03 79.62
C PHE A 1259 15.01 -37.04 79.92
N THR A 1260 14.79 -36.08 79.03
CA THR A 1260 13.83 -35.01 79.30
C THR A 1260 12.41 -35.55 79.43
N LYS A 1261 11.92 -36.23 78.39
CA LYS A 1261 10.57 -36.77 78.45
C LYS A 1261 10.43 -37.78 79.57
N ILE A 1262 11.47 -38.57 79.81
CA ILE A 1262 11.42 -39.54 80.91
C ILE A 1262 11.14 -38.83 82.22
N ILE A 1263 11.87 -37.75 82.51
CA ILE A 1263 11.66 -37.08 83.77
C ILE A 1263 10.31 -36.39 83.79
N ALA A 1264 9.88 -35.84 82.65
CA ALA A 1264 8.59 -35.16 82.61
C ALA A 1264 7.48 -36.12 83.01
N TYR A 1265 7.42 -37.27 82.35
CA TYR A 1265 6.38 -38.23 82.67
C TYR A 1265 6.53 -38.76 84.09
N SER A 1266 7.73 -39.20 84.47
CA SER A 1266 7.93 -39.81 85.78
C SER A 1266 7.52 -38.87 86.90
N ILE A 1267 7.94 -37.60 86.85
CA ILE A 1267 7.47 -36.65 87.84
C ILE A 1267 5.97 -36.51 87.75
N ALA A 1268 5.43 -36.52 86.53
CA ALA A 1268 3.98 -36.42 86.40
C ALA A 1268 3.28 -37.61 87.01
N HIS A 1269 3.87 -38.80 86.90
CA HIS A 1269 3.23 -40.04 87.36
C HIS A 1269 3.62 -40.40 88.78
N ASP A 1270 3.85 -39.41 89.64
CA ASP A 1270 4.23 -39.64 91.02
C ASP A 1270 3.91 -38.42 91.86
N GLY A 1282 9.70 -42.70 90.44
CA GLY A 1282 10.47 -43.59 89.59
C GLY A 1282 11.79 -42.98 89.13
N GLU A 1283 12.03 -41.73 89.54
CA GLU A 1283 13.30 -41.09 89.22
C GLU A 1283 14.45 -41.82 89.90
N SER A 1284 14.21 -42.40 91.07
CA SER A 1284 15.23 -43.23 91.70
C SER A 1284 15.69 -44.33 90.76
N ARG A 1285 14.77 -44.90 89.99
CA ARG A 1285 15.15 -45.88 88.99
C ARG A 1285 16.01 -45.27 87.89
N MET A 1286 15.97 -43.95 87.73
CA MET A 1286 16.90 -43.29 86.81
C MET A 1286 18.24 -43.08 87.47
N ARG A 1287 18.25 -42.83 88.79
CA ARG A 1287 19.51 -42.69 89.50
C ARG A 1287 20.28 -44.01 89.48
N LYS A 1288 19.57 -45.13 89.53
CA LYS A 1288 20.21 -46.44 89.61
C LYS A 1288 20.77 -46.91 88.28
N ILE A 1289 20.60 -46.16 87.19
CA ILE A 1289 21.17 -46.52 85.90
C ILE A 1289 22.20 -45.49 85.44
N LEU A 1290 22.00 -44.21 85.75
CA LEU A 1290 23.01 -43.21 85.43
C LEU A 1290 23.97 -43.01 86.59
N GLY A 1291 23.48 -42.58 87.74
CA GLY A 1291 24.31 -42.27 88.87
C GLY A 1291 23.65 -41.23 89.75
N LYS A 1292 24.44 -40.72 90.69
CA LYS A 1292 24.00 -39.69 91.62
C LYS A 1292 24.78 -38.40 91.46
N GLU A 1293 25.72 -38.35 90.53
CA GLU A 1293 26.37 -37.12 90.12
C GLU A 1293 26.30 -36.90 88.62
N GLU A 1294 25.68 -37.82 87.89
CA GLU A 1294 25.44 -37.60 86.47
C GLU A 1294 23.99 -37.22 86.21
N TYR A 1295 23.07 -37.91 86.88
CA TYR A 1295 21.65 -37.60 86.76
C TYR A 1295 21.37 -36.14 87.07
N LEU A 1296 22.05 -35.60 88.08
CA LEU A 1296 21.84 -34.19 88.41
C LEU A 1296 22.44 -33.26 87.35
N ALA A 1297 23.54 -33.67 86.73
CA ALA A 1297 24.07 -32.92 85.61
C ALA A 1297 23.07 -32.92 84.45
N ASN A 1298 22.37 -34.04 84.24
CA ASN A 1298 21.38 -34.07 83.18
C ASN A 1298 20.17 -33.21 83.51
N ILE A 1299 19.82 -33.11 84.78
CA ILE A 1299 18.74 -32.19 85.15
C ILE A 1299 19.18 -30.75 84.94
N HIS A 1300 20.46 -30.46 85.18
CA HIS A 1300 20.97 -29.12 84.91
C HIS A 1300 20.98 -28.81 83.41
N LEU A 1301 21.27 -29.83 82.59
CA LEU A 1301 21.33 -29.62 81.15
C LEU A 1301 19.93 -29.49 80.54
N ASN A 1302 18.93 -30.12 81.15
CA ASN A 1302 17.60 -30.21 80.54
C ASN A 1302 16.53 -29.59 81.41
N PHE A 1303 16.78 -28.39 81.94
CA PHE A 1303 15.82 -27.78 82.84
C PHE A 1303 14.66 -27.17 82.08
N ALA A 1304 14.93 -26.28 81.13
CA ALA A 1304 13.87 -25.60 80.42
C ALA A 1304 13.09 -26.56 79.54
N ASP A 1305 13.76 -27.55 78.95
CA ASP A 1305 13.03 -28.54 78.19
C ASP A 1305 12.08 -29.33 79.07
N ILE A 1306 12.46 -29.56 80.32
CA ILE A 1306 11.58 -30.29 81.24
C ILE A 1306 10.39 -29.43 81.62
N ILE A 1307 10.60 -28.14 81.87
CA ILE A 1307 9.44 -27.30 82.20
C ILE A 1307 8.50 -27.20 81.01
N SER A 1308 9.06 -27.14 79.80
CA SER A 1308 8.23 -27.14 78.60
C SER A 1308 7.41 -28.42 78.50
N THR A 1309 8.04 -29.57 78.76
CA THR A 1309 7.30 -30.81 78.73
C THR A 1309 6.34 -30.94 79.90
N PHE A 1310 6.49 -30.11 80.94
CA PHE A 1310 5.48 -30.09 82.00
C PHE A 1310 4.27 -29.30 81.58
N PHE A 1311 4.46 -28.23 80.85
CA PHE A 1311 3.31 -27.51 80.34
C PHE A 1311 2.65 -28.24 79.17
N ASP A 1312 3.33 -29.19 78.54
CA ASP A 1312 2.65 -29.92 77.48
C ASP A 1312 1.60 -30.90 78.02
N ILE A 1313 1.94 -31.69 79.04
CA ILE A 1313 1.09 -32.81 79.44
C ILE A 1313 0.07 -32.48 80.52
N PHE A 1314 0.13 -31.31 81.13
CA PHE A 1314 -0.78 -31.01 82.22
C PHE A 1314 -2.17 -30.72 81.68
N ASP A 1315 -3.17 -31.36 82.27
CA ASP A 1315 -4.56 -31.23 81.86
C ASP A 1315 -5.23 -30.12 82.66
N GLN A 1316 -5.99 -29.28 81.97
CA GLN A 1316 -6.64 -28.13 82.62
C GLN A 1316 -7.92 -28.63 83.31
N GLU A 1317 -7.83 -28.86 84.62
CA GLU A 1317 -8.97 -29.34 85.40
C GLU A 1317 -9.40 -28.32 86.44
N ASP A 1318 -8.51 -27.92 87.35
CA ASP A 1318 -8.81 -26.98 88.42
C ASP A 1318 -7.53 -26.32 88.91
N PRO A 1319 -6.98 -25.36 88.17
CA PRO A 1319 -5.69 -24.78 88.57
C PRO A 1319 -5.82 -23.74 89.66
N ILE A 1320 -6.88 -22.95 89.62
CA ILE A 1320 -7.06 -21.89 90.62
C ILE A 1320 -7.24 -22.48 92.01
N GLU A 1321 -7.87 -23.65 92.10
CA GLU A 1321 -8.01 -24.32 93.39
C GLU A 1321 -6.66 -24.65 94.00
N LYS A 1322 -5.72 -25.12 93.18
CA LYS A 1322 -4.41 -25.52 93.68
C LYS A 1322 -3.51 -24.32 93.93
N ALA A 1323 -3.66 -23.27 93.10
CA ALA A 1323 -2.80 -22.10 93.22
C ALA A 1323 -2.66 -21.65 94.68
N PHE A 1324 -3.78 -21.29 95.31
CA PHE A 1324 -3.74 -20.91 96.71
C PHE A 1324 -3.91 -22.12 97.63
N PHE A 1330 3.37 -19.83 94.88
CA PHE A 1330 2.18 -20.00 94.05
C PHE A 1330 0.96 -19.30 94.65
N ALA A 1331 1.22 -18.32 95.51
CA ALA A 1331 0.15 -17.57 96.16
C ALA A 1331 -0.18 -16.29 95.40
N TYR A 1332 0.03 -16.26 94.09
CA TYR A 1332 -0.29 -15.09 93.29
C TYR A 1332 -1.00 -15.52 92.01
N ALA A 1333 -0.80 -16.77 91.62
CA ALA A 1333 -1.45 -17.30 90.42
C ALA A 1333 -2.96 -17.27 90.54
N ALA A 1334 -3.47 -17.43 91.76
CA ALA A 1334 -4.91 -17.55 91.97
C ALA A 1334 -5.62 -16.26 91.62
N GLU A 1335 -5.22 -15.15 92.23
CA GLU A 1335 -5.85 -13.87 91.94
C GLU A 1335 -5.67 -13.48 90.49
N THR A 1336 -4.49 -13.76 89.92
CA THR A 1336 -4.22 -13.37 88.54
C THR A 1336 -5.11 -14.13 87.57
N LEU A 1337 -5.19 -15.45 87.72
CA LEU A 1337 -6.09 -16.23 86.88
C LEU A 1337 -7.54 -15.85 87.14
N GLU A 1338 -7.88 -15.47 88.38
CA GLU A 1338 -9.23 -14.99 88.65
C GLU A 1338 -9.54 -13.71 87.89
N GLU A 1339 -8.56 -12.80 87.80
CA GLU A 1339 -8.77 -11.56 87.06
C GLU A 1339 -8.88 -11.84 85.58
N ILE A 1340 -7.98 -12.66 85.03
CA ILE A 1340 -8.04 -12.96 83.61
C ILE A 1340 -9.28 -13.78 83.24
N LYS A 1341 -9.92 -14.42 84.21
CA LYS A 1341 -11.21 -15.04 83.94
C LYS A 1341 -12.40 -14.12 84.19
N LYS A 1342 -12.21 -13.07 84.98
CA LYS A 1342 -13.25 -12.08 85.19
C LYS A 1342 -13.35 -11.09 84.03
N LEU A 1343 -12.22 -10.77 83.40
CA LEU A 1343 -12.24 -9.88 82.25
C LEU A 1343 -13.05 -10.48 81.10
N GLY A 1344 -12.62 -11.65 80.63
CA GLY A 1344 -13.32 -12.36 79.57
C GLY A 1344 -13.15 -13.86 79.69
N PRO A 1356 -0.57 -39.10 77.31
CA PRO A 1356 -0.60 -38.92 78.77
C PRO A 1356 -1.18 -37.57 79.19
N MET A 1357 -2.13 -37.61 80.13
CA MET A 1357 -2.75 -36.42 80.66
C MET A 1357 -2.70 -36.51 82.18
N PHE A 1358 -2.29 -35.43 82.83
CA PHE A 1358 -2.22 -35.36 84.28
C PHE A 1358 -2.95 -34.13 84.77
N ARG A 1359 -3.59 -34.26 85.92
CA ARG A 1359 -4.49 -33.22 86.39
C ARG A 1359 -3.75 -31.92 86.69
N ALA A 1360 -4.50 -30.82 86.65
CA ALA A 1360 -3.92 -29.52 86.94
C ALA A 1360 -3.47 -29.38 88.38
N LYS A 1361 -4.14 -30.05 89.32
CA LYS A 1361 -3.79 -29.90 90.73
C LYS A 1361 -2.32 -30.17 90.99
N TYR A 1362 -1.69 -30.99 90.14
CA TYR A 1362 -0.28 -31.28 90.31
C TYR A 1362 0.59 -30.05 90.07
N LEU A 1363 0.31 -29.33 88.98
CA LEU A 1363 1.31 -28.50 88.30
C LEU A 1363 2.29 -27.78 89.22
N PRO A 1364 1.87 -27.00 90.22
CA PRO A 1364 2.87 -26.36 91.08
C PRO A 1364 3.83 -27.35 91.71
N ARG A 1365 3.32 -28.32 92.48
CA ARG A 1365 4.19 -29.23 93.18
C ARG A 1365 5.17 -29.92 92.25
N GLU A 1366 4.70 -30.34 91.07
CA GLU A 1366 5.59 -30.93 90.07
C GLU A 1366 6.85 -30.10 89.91
N ILE A 1367 6.67 -28.83 89.52
CA ILE A 1367 7.81 -27.93 89.35
C ILE A 1367 8.71 -28.00 90.57
N VAL A 1368 8.12 -27.84 91.75
CA VAL A 1368 8.90 -27.81 92.99
C VAL A 1368 9.80 -29.04 93.08
N HIS A 1369 9.24 -30.22 92.85
CA HIS A 1369 10.01 -31.43 93.09
C HIS A 1369 11.21 -31.52 92.15
N LEU A 1370 11.10 -30.93 90.97
CA LEU A 1370 12.23 -30.93 90.04
C LEU A 1370 13.23 -29.87 90.44
N CYS A 1371 12.76 -28.73 90.93
CA CYS A 1371 13.66 -27.61 91.17
C CYS A 1371 14.27 -27.63 92.56
N SER A 1372 13.99 -28.66 93.35
CA SER A 1372 14.66 -28.84 94.63
C SER A 1372 15.91 -29.68 94.51
N ARG A 1373 16.34 -29.99 93.28
CA ARG A 1373 17.57 -30.71 93.05
C ARG A 1373 18.59 -29.96 92.21
N THR A 1374 18.23 -28.81 91.67
CA THR A 1374 19.18 -27.91 91.03
C THR A 1374 19.57 -26.82 92.01
N GLN A 1375 20.25 -25.80 91.51
CA GLN A 1375 20.56 -24.61 92.29
C GLN A 1375 19.44 -23.59 92.23
N TYR A 1376 18.84 -23.37 91.06
CA TYR A 1376 17.81 -22.35 90.91
C TYR A 1376 16.59 -22.72 91.73
N GLU A 1377 16.18 -21.81 92.61
CA GLU A 1377 15.16 -22.13 93.61
C GLU A 1377 13.80 -22.29 92.94
N PRO A 1378 13.01 -23.28 93.36
CA PRO A 1378 11.70 -23.51 92.71
C PRO A 1378 10.76 -22.33 92.75
N GLU A 1379 10.98 -21.38 93.66
CA GLU A 1379 10.06 -20.25 93.78
C GLU A 1379 10.07 -19.39 92.52
N ASN A 1380 11.18 -18.75 92.24
CA ASN A 1380 11.24 -17.69 91.24
C ASN A 1380 12.17 -18.11 90.10
N ILE A 1381 11.61 -18.82 89.13
CA ILE A 1381 12.36 -19.13 87.93
C ILE A 1381 11.51 -18.74 86.72
N TRP A 1382 11.53 -17.46 86.36
CA TRP A 1382 10.70 -17.01 85.25
C TRP A 1382 11.36 -15.87 84.49
N THR A 1383 12.64 -16.03 84.14
CA THR A 1383 13.27 -15.06 83.28
C THR A 1383 12.58 -15.03 81.92
N PRO A 1384 12.69 -13.94 81.18
CA PRO A 1384 11.93 -13.83 79.94
C PRO A 1384 12.28 -14.85 78.89
N ALA A 1385 13.54 -15.29 78.80
CA ALA A 1385 13.88 -16.33 77.83
C ALA A 1385 13.05 -17.57 78.06
N LEU A 1386 12.94 -18.00 79.32
CA LEU A 1386 12.15 -19.19 79.63
C LEU A 1386 10.68 -18.96 79.32
N VAL A 1387 10.16 -17.78 79.62
CA VAL A 1387 8.75 -17.49 79.35
C VAL A 1387 8.46 -17.60 77.86
N VAL A 1388 9.27 -16.93 77.03
CA VAL A 1388 9.02 -16.97 75.60
C VAL A 1388 9.21 -18.38 75.07
N PHE A 1389 10.18 -19.10 75.62
CA PHE A 1389 10.37 -20.49 75.24
C PHE A 1389 9.09 -21.28 75.44
N VAL A 1390 8.57 -21.26 76.67
CA VAL A 1390 7.41 -22.07 76.97
C VAL A 1390 6.21 -21.63 76.15
N ALA A 1391 6.01 -20.32 76.02
CA ALA A 1391 4.84 -19.84 75.29
C ALA A 1391 4.90 -20.22 73.83
N ARG A 1392 6.09 -20.16 73.23
CA ARG A 1392 6.21 -20.58 71.83
C ARG A 1392 5.98 -22.06 71.71
N LYS A 1393 6.44 -22.85 72.69
CA LYS A 1393 6.13 -24.27 72.66
C LYS A 1393 4.63 -24.49 72.62
N LEU A 1394 3.91 -23.84 73.54
CA LEU A 1394 2.46 -24.01 73.60
C LEU A 1394 1.82 -23.68 72.27
N LEU A 1395 2.19 -22.55 71.68
CA LEU A 1395 1.56 -22.15 70.42
C LEU A 1395 1.89 -23.15 69.31
N LYS A 1396 3.16 -23.48 69.15
CA LYS A 1396 3.57 -24.47 68.16
C LYS A 1396 2.83 -25.78 68.32
N THR A 1397 2.36 -26.09 69.53
CA THR A 1397 1.63 -27.33 69.73
C THR A 1397 0.37 -27.39 68.88
N ILE A 1398 -0.33 -26.27 68.72
CA ILE A 1398 -1.55 -26.24 67.91
C ILE A 1398 -1.19 -26.52 66.46
N HIS A 1399 -2.17 -26.82 65.64
CA HIS A 1399 -1.90 -27.23 64.27
C HIS A 1399 -3.15 -27.02 63.43
N PRO A 1400 -3.00 -26.76 62.13
CA PRO A 1400 -4.19 -26.53 61.30
C PRO A 1400 -4.97 -27.78 61.00
N ALA A 1401 -4.29 -28.92 60.93
CA ALA A 1401 -4.98 -30.18 60.67
C ALA A 1401 -5.52 -30.83 61.93
N LEU A 1402 -5.18 -30.31 63.10
CA LEU A 1402 -5.51 -30.98 64.34
C LEU A 1402 -6.81 -30.51 64.97
N GLY A 1403 -7.43 -29.47 64.43
CA GLY A 1403 -8.76 -29.08 64.84
C GLY A 1403 -8.83 -27.76 65.55
N PRO A 1404 -9.98 -27.09 65.45
CA PRO A 1404 -10.21 -25.83 66.17
C PRO A 1404 -10.72 -26.01 67.60
N LEU A 1405 -10.71 -27.24 68.13
CA LEU A 1405 -10.98 -27.48 69.53
C LEU A 1405 -9.71 -27.59 70.36
N HIS A 1406 -8.59 -27.96 69.73
CA HIS A 1406 -7.29 -27.90 70.37
C HIS A 1406 -7.00 -26.49 70.89
N ALA A 1407 -7.30 -25.50 70.05
CA ALA A 1407 -6.81 -24.14 70.29
C ALA A 1407 -7.30 -23.59 71.62
N CYS A 1408 -8.54 -23.87 71.98
CA CYS A 1408 -9.06 -23.24 73.18
C CYS A 1408 -8.45 -23.88 74.44
N SER A 1409 -8.06 -25.14 74.36
CA SER A 1409 -7.32 -25.77 75.47
C SER A 1409 -5.93 -25.18 75.59
N VAL A 1410 -5.20 -25.09 74.47
CA VAL A 1410 -3.89 -24.46 74.50
C VAL A 1410 -3.98 -23.04 75.04
N LEU A 1411 -5.07 -22.35 74.71
CA LEU A 1411 -5.24 -20.99 75.21
C LEU A 1411 -5.44 -20.96 76.71
N ARG A 1412 -6.22 -21.89 77.24
CA ARG A 1412 -6.36 -21.97 78.69
C ARG A 1412 -5.01 -22.18 79.36
N LYS A 1413 -4.19 -23.07 78.79
CA LYS A 1413 -2.88 -23.31 79.38
C LYS A 1413 -1.99 -22.07 79.29
N ILE A 1414 -2.11 -21.31 78.20
CA ILE A 1414 -1.33 -20.08 78.09
C ILE A 1414 -1.76 -19.09 79.15
N ARG A 1415 -3.06 -19.03 79.43
CA ARG A 1415 -3.51 -18.16 80.52
C ARG A 1415 -2.89 -18.58 81.83
N VAL A 1416 -2.77 -19.88 82.04
CA VAL A 1416 -2.09 -20.36 83.25
C VAL A 1416 -0.65 -19.88 83.29
N LEU A 1417 0.06 -19.98 82.16
CA LEU A 1417 1.44 -19.54 82.13
C LEU A 1417 1.57 -18.05 82.41
N ILE A 1418 0.64 -17.25 81.87
CA ILE A 1418 0.72 -15.80 82.05
C ILE A 1418 0.41 -15.42 83.49
N CYS A 1419 -0.53 -16.12 84.12
CA CYS A 1419 -0.84 -15.80 85.50
C CYS A 1419 0.26 -16.27 86.45
N LEU A 1420 0.94 -17.36 86.09
CA LEU A 1420 2.00 -17.89 86.93
C LEU A 1420 3.29 -17.09 86.79
N ALA A 1421 3.68 -16.74 85.56
CA ALA A 1421 4.91 -16.00 85.36
C ALA A 1421 4.85 -14.64 86.03
N GLY A 1422 3.72 -13.97 85.93
CA GLY A 1422 3.50 -12.80 86.75
C GLY A 1422 3.93 -11.50 86.15
N ASP A 1423 5.12 -11.04 86.51
CA ASP A 1423 5.59 -9.72 86.14
C ASP A 1423 6.61 -9.73 85.01
N HIS A 1424 7.06 -10.89 84.58
CA HIS A 1424 7.95 -10.98 83.44
C HIS A 1424 7.21 -11.16 82.13
N ALA A 1425 5.97 -11.64 82.17
CA ALA A 1425 5.14 -11.78 80.99
C ALA A 1425 4.19 -10.61 80.80
N ILE A 1426 4.49 -9.45 81.39
CA ILE A 1426 3.68 -8.27 81.18
C ILE A 1426 4.59 -7.07 80.92
N SER A 1427 5.84 -7.31 80.58
CA SER A 1427 6.74 -6.21 80.31
C SER A 1427 7.90 -6.71 79.48
N GLY A 1428 8.37 -5.87 78.58
CA GLY A 1428 9.48 -6.24 77.74
C GLY A 1428 9.01 -6.96 76.49
N TYR A 1429 9.94 -7.67 75.87
CA TYR A 1429 9.60 -8.44 74.68
C TYR A 1429 8.55 -9.52 74.92
N PRO A 1430 8.47 -10.20 76.06
CA PRO A 1430 7.35 -11.13 76.26
C PRO A 1430 6.00 -10.50 76.07
N LEU A 1431 5.81 -9.25 76.51
CA LEU A 1431 4.52 -8.58 76.32
C LEU A 1431 4.18 -8.46 74.84
N GLU A 1432 5.11 -7.93 74.04
CA GLU A 1432 4.86 -7.81 72.61
C GLU A 1432 4.56 -9.16 72.00
N MET A 1433 5.36 -10.17 72.33
CA MET A 1433 5.23 -11.48 71.72
C MET A 1433 3.88 -12.10 72.03
N LEU A 1434 3.40 -11.94 73.26
CA LEU A 1434 2.11 -12.53 73.60
C LEU A 1434 0.98 -11.77 72.94
N LEU A 1435 1.05 -10.44 72.93
CA LEU A 1435 -0.04 -9.67 72.33
C LEU A 1435 -0.26 -10.09 70.90
N HIS A 1436 0.81 -10.37 70.16
CA HIS A 1436 0.69 -10.83 68.78
C HIS A 1436 -0.20 -12.08 68.64
N SER A 1437 0.23 -13.19 69.23
CA SER A 1437 -0.49 -14.43 69.01
C SER A 1437 -1.87 -14.41 69.63
N LEU A 1438 -2.04 -13.74 70.77
CA LEU A 1438 -3.37 -13.69 71.33
C LEU A 1438 -4.31 -12.89 70.43
N ARG A 1439 -3.77 -11.93 69.68
CA ARG A 1439 -4.58 -11.31 68.64
C ARG A 1439 -5.07 -12.35 67.65
N VAL A 1440 -4.16 -13.18 67.15
CA VAL A 1440 -4.58 -14.21 66.20
C VAL A 1440 -5.69 -15.11 66.77
N PHE A 1441 -5.66 -15.38 68.08
CA PHE A 1441 -6.73 -16.15 68.69
C PHE A 1441 -8.00 -15.33 68.93
N VAL A 1442 -7.94 -14.00 68.86
CA VAL A 1442 -9.13 -13.18 69.03
C VAL A 1442 -10.02 -13.17 67.78
N VAL A 1443 -9.47 -13.40 66.59
CA VAL A 1443 -10.29 -13.42 65.38
C VAL A 1443 -10.86 -14.80 65.09
N ASP A 1444 -10.59 -15.78 65.94
CA ASP A 1444 -11.15 -17.12 65.79
C ASP A 1444 -12.59 -17.14 66.29
N PRO A 1445 -13.57 -17.41 65.43
CA PRO A 1445 -14.98 -17.36 65.87
C PRO A 1445 -15.35 -18.44 66.85
N GLU A 1446 -14.52 -19.47 67.02
CA GLU A 1446 -14.81 -20.55 67.95
C GLU A 1446 -14.86 -20.06 69.38
N CYS A 1447 -13.84 -19.33 69.80
CA CYS A 1447 -13.78 -18.79 71.16
C CYS A 1447 -12.91 -17.54 71.13
N ALA A 1448 -13.54 -16.39 71.25
CA ALA A 1448 -12.87 -15.12 71.45
C ALA A 1448 -13.19 -14.60 72.85
N ASP A 1449 -13.62 -15.51 73.71
CA ASP A 1449 -13.86 -15.19 75.12
C ASP A 1449 -12.57 -15.25 75.94
N ASP A 1450 -11.76 -16.29 75.72
CA ASP A 1450 -10.44 -16.40 76.35
C ASP A 1450 -9.48 -15.28 75.94
N ALA A 1451 -9.26 -15.12 74.65
CA ALA A 1451 -8.19 -14.25 74.17
C ALA A 1451 -8.50 -12.77 74.40
N LEU A 1452 -9.77 -12.37 74.35
CA LEU A 1452 -10.10 -10.97 74.62
C LEU A 1452 -9.80 -10.62 76.08
N GLY A 1453 -9.98 -11.57 76.98
CA GLY A 1453 -9.67 -11.32 78.38
C GLY A 1453 -8.18 -11.17 78.62
N ILE A 1454 -7.39 -12.12 78.12
CA ILE A 1454 -5.95 -12.01 78.32
C ILE A 1454 -5.43 -10.72 77.68
N THR A 1455 -5.96 -10.35 76.51
CA THR A 1455 -5.50 -9.14 75.86
C THR A 1455 -5.84 -7.90 76.68
N GLN A 1456 -7.07 -7.83 77.21
CA GLN A 1456 -7.40 -6.70 78.08
C GLN A 1456 -6.44 -6.62 79.25
N TYR A 1457 -6.17 -7.76 79.90
CA TYR A 1457 -5.32 -7.72 81.08
C TYR A 1457 -3.92 -7.25 80.74
N LEU A 1458 -3.37 -7.74 79.64
CA LEU A 1458 -2.01 -7.37 79.26
C LEU A 1458 -1.92 -5.89 78.90
N ILE A 1459 -2.86 -5.41 78.08
CA ILE A 1459 -2.81 -4.00 77.70
C ILE A 1459 -2.99 -3.10 78.91
N LYS A 1460 -3.86 -3.51 79.84
CA LYS A 1460 -4.12 -2.68 81.01
C LYS A 1460 -2.92 -2.67 81.94
N ARG A 1461 -2.28 -3.81 82.14
CA ARG A 1461 -1.18 -3.89 83.10
C ARG A 1461 0.13 -3.35 82.55
N GLY A 1462 0.34 -3.43 81.24
CA GLY A 1462 1.60 -2.95 80.69
C GLY A 1462 1.55 -1.52 80.23
N ASP A 1463 0.69 -0.71 80.85
CA ASP A 1463 0.58 0.69 80.46
C ASP A 1463 1.91 1.41 80.62
N GLU A 1464 2.62 1.12 81.71
CA GLU A 1464 3.88 1.83 81.95
C GLU A 1464 4.91 1.52 80.88
N TYR A 1465 4.77 0.39 80.19
CA TYR A 1465 5.71 0.00 79.16
C TYR A 1465 5.26 0.48 77.79
N LEU A 1466 3.97 0.35 77.48
CA LEU A 1466 3.46 0.76 76.18
C LEU A 1466 3.59 2.25 75.94
N LYS A 1467 3.81 3.05 76.99
CA LYS A 1467 4.09 4.46 76.81
C LYS A 1467 5.53 4.73 76.40
N ARG A 1468 6.41 3.75 76.50
CA ARG A 1468 7.77 3.89 76.04
C ARG A 1468 7.96 3.40 74.60
N THR A 1469 7.05 2.59 74.10
CA THR A 1469 7.16 2.00 72.77
C THR A 1469 5.89 2.34 71.99
N PRO A 1470 5.78 3.57 71.50
CA PRO A 1470 4.60 3.92 70.70
C PRO A 1470 4.65 3.34 69.31
N SER A 1471 5.84 3.02 68.79
CA SER A 1471 5.92 2.42 67.46
C SER A 1471 5.33 1.02 67.44
N PHE A 1472 5.48 0.27 68.53
CA PHE A 1472 4.84 -1.04 68.60
C PHE A 1472 3.34 -0.89 68.76
N LEU A 1473 2.91 0.02 69.62
CA LEU A 1473 1.48 0.15 69.86
C LEU A 1473 0.74 0.66 68.64
N ALA A 1474 1.35 1.51 67.82
CA ALA A 1474 0.67 1.96 66.62
C ALA A 1474 0.34 0.80 65.70
N GLY A 1475 1.35 -0.01 65.37
CA GLY A 1475 1.09 -1.14 64.49
C GLY A 1475 0.17 -2.17 65.12
N TYR A 1476 0.33 -2.43 66.41
CA TYR A 1476 -0.56 -3.39 67.05
C TYR A 1476 -1.99 -2.90 67.08
N ALA A 1477 -2.20 -1.62 67.35
CA ALA A 1477 -3.54 -1.07 67.36
C ALA A 1477 -4.16 -1.14 65.98
N LEU A 1478 -3.40 -0.76 64.95
CA LEU A 1478 -3.92 -0.82 63.59
C LEU A 1478 -4.32 -2.24 63.22
N SER A 1479 -3.41 -3.20 63.40
CA SER A 1479 -3.70 -4.58 63.05
C SER A 1479 -4.88 -5.10 63.84
N SER A 1480 -4.84 -4.99 65.17
CA SER A 1480 -5.90 -5.53 66.00
C SER A 1480 -7.25 -4.91 65.67
N LEU A 1481 -7.29 -3.58 65.56
CA LEU A 1481 -8.55 -2.90 65.26
C LEU A 1481 -9.10 -3.35 63.92
N ALA A 1482 -8.25 -3.44 62.90
CA ALA A 1482 -8.71 -3.88 61.59
C ALA A 1482 -9.30 -5.29 61.67
N ASP A 1483 -8.57 -6.21 62.30
CA ASP A 1483 -9.03 -7.59 62.41
C ASP A 1483 -10.36 -7.63 63.16
N LEU A 1484 -10.47 -6.89 64.25
CA LEU A 1484 -11.71 -6.85 65.02
C LEU A 1484 -12.85 -6.35 64.16
N ARG A 1485 -12.64 -5.27 63.42
CA ARG A 1485 -13.71 -4.74 62.58
C ARG A 1485 -14.18 -5.78 61.56
N VAL A 1486 -13.23 -6.42 60.88
CA VAL A 1486 -13.61 -7.44 59.90
C VAL A 1486 -14.40 -8.55 60.57
N PHE A 1487 -13.95 -9.00 61.74
CA PHE A 1487 -14.68 -10.04 62.47
C PHE A 1487 -16.07 -9.57 62.90
N LEU A 1488 -16.21 -8.28 63.18
CA LEU A 1488 -17.51 -7.75 63.57
C LEU A 1488 -18.47 -7.78 62.39
N GLU A 1489 -17.99 -7.46 61.19
CA GLU A 1489 -18.88 -7.41 60.04
C GLU A 1489 -19.26 -8.81 59.58
N SER A 1490 -18.29 -9.71 59.49
CA SER A 1490 -18.57 -11.09 59.09
C SER A 1490 -19.50 -11.73 60.10
N SER A 1491 -20.49 -12.46 59.59
CA SER A 1491 -21.48 -13.10 60.46
C SER A 1491 -21.97 -14.37 59.77
N GLN A 1492 -21.35 -15.49 60.10
CA GLN A 1492 -21.71 -16.80 59.53
C GLN A 1492 -21.56 -17.84 60.64
N SER A 1493 -22.65 -18.10 61.35
CA SER A 1493 -22.67 -19.02 62.49
C SER A 1493 -23.59 -20.20 62.15
N SER A 1494 -23.00 -21.34 61.82
CA SER A 1494 -23.74 -22.56 61.52
C SER A 1494 -23.48 -23.68 62.53
N THR A 1495 -22.22 -23.92 62.89
CA THR A 1495 -21.87 -24.86 63.94
C THR A 1495 -21.66 -24.17 65.27
N THR A 1496 -22.05 -22.91 65.38
CA THR A 1496 -21.97 -22.14 66.61
C THR A 1496 -23.38 -21.82 67.06
N GLN A 1497 -23.66 -22.03 68.35
CA GLN A 1497 -24.97 -21.72 68.89
C GLN A 1497 -25.33 -20.28 68.55
N GLU A 1498 -26.43 -20.09 67.84
CA GLU A 1498 -26.77 -18.76 67.35
C GLU A 1498 -26.89 -17.73 68.47
N SER A 1499 -26.96 -18.16 69.72
CA SER A 1499 -26.91 -17.23 70.85
C SER A 1499 -25.49 -17.05 71.38
N GLN A 1500 -24.72 -18.13 71.42
CA GLN A 1500 -23.29 -18.03 71.73
C GLN A 1500 -22.63 -16.97 70.87
N PHE A 1501 -23.05 -16.87 69.61
CA PHE A 1501 -22.46 -15.90 68.69
C PHE A 1501 -22.78 -14.48 69.10
N LYS A 1502 -24.04 -14.18 69.42
CA LYS A 1502 -24.38 -12.85 69.89
C LYS A 1502 -23.59 -12.49 71.14
N ALA A 1503 -23.38 -13.46 72.03
CA ALA A 1503 -22.57 -13.23 73.20
C ALA A 1503 -21.17 -12.74 72.82
N THR A 1504 -20.48 -13.53 72.01
CA THR A 1504 -19.11 -13.15 71.66
C THR A 1504 -19.06 -11.87 70.86
N LYS A 1505 -20.07 -11.60 70.03
CA LYS A 1505 -20.07 -10.36 69.26
C LYS A 1505 -20.18 -9.16 70.17
N SER A 1506 -21.05 -9.22 71.18
CA SER A 1506 -21.12 -8.12 72.14
C SER A 1506 -19.80 -7.94 72.87
N LYS A 1507 -19.19 -9.06 73.28
CA LYS A 1507 -17.90 -8.97 73.98
C LYS A 1507 -16.86 -8.27 73.11
N ALA A 1508 -16.81 -8.63 71.82
CA ALA A 1508 -15.87 -8.00 70.91
C ALA A 1508 -16.14 -6.52 70.74
N GLN A 1509 -17.42 -6.15 70.59
CA GLN A 1509 -17.75 -4.74 70.43
C GLN A 1509 -17.31 -3.92 71.62
N GLU A 1510 -17.48 -4.44 72.83
CA GLU A 1510 -17.06 -3.69 74.01
C GLU A 1510 -15.55 -3.62 74.12
N PHE A 1511 -14.85 -4.70 73.76
CA PHE A 1511 -13.39 -4.59 73.74
C PHE A 1511 -12.94 -3.53 72.75
N HIS A 1512 -13.60 -3.46 71.59
CA HIS A 1512 -13.27 -2.43 70.62
C HIS A 1512 -13.53 -1.04 71.18
N ALA A 1513 -14.65 -0.85 71.86
CA ALA A 1513 -14.97 0.46 72.42
C ALA A 1513 -13.98 0.85 73.51
N TRP A 1514 -13.60 -0.11 74.35
CA TRP A 1514 -12.62 0.16 75.40
C TRP A 1514 -11.25 0.46 74.82
N PHE A 1515 -10.81 -0.32 73.84
CA PHE A 1515 -9.51 -0.10 73.25
C PHE A 1515 -9.46 1.24 72.54
N SER A 1516 -10.55 1.62 71.88
CA SER A 1516 -10.56 2.92 71.23
C SER A 1516 -10.49 4.04 72.26
N LYS A 1517 -11.18 3.89 73.39
CA LYS A 1517 -11.05 4.87 74.46
C LYS A 1517 -9.61 4.96 74.96
N TYR A 1518 -8.99 3.81 75.21
CA TYR A 1518 -7.61 3.79 75.68
C TYR A 1518 -6.67 4.47 74.70
N LEU A 1519 -6.87 4.23 73.41
CA LEU A 1519 -6.00 4.82 72.41
C LEU A 1519 -6.22 6.32 72.31
N ALA A 1520 -7.47 6.77 72.37
CA ALA A 1520 -7.74 8.19 72.38
C ALA A 1520 -7.11 8.86 73.59
N ALA A 1521 -7.05 8.15 74.71
CA ALA A 1521 -6.41 8.70 75.90
C ALA A 1521 -4.90 8.48 75.93
N TYR A 1522 -4.35 7.72 74.99
CA TYR A 1522 -2.92 7.45 75.01
C TYR A 1522 -2.14 8.71 74.68
N ASP A 1523 -1.01 8.88 75.37
CA ASP A 1523 -0.10 9.98 75.09
C ASP A 1523 1.26 9.58 75.64
N SER A 1524 2.28 9.60 74.78
CA SER A 1524 3.56 9.10 75.19
C SER A 1524 4.62 10.19 75.12
N PRO A 1525 5.58 10.19 76.06
CA PRO A 1525 6.70 11.12 75.96
C PRO A 1525 7.75 10.67 74.97
N GLU A 1526 7.62 9.46 74.43
CA GLU A 1526 8.60 8.88 73.53
C GLU A 1526 8.34 9.22 72.07
N PHE A 1527 7.23 9.90 71.76
CA PHE A 1527 7.02 10.35 70.40
C PHE A 1527 8.17 11.22 69.94
N LYS A 1528 8.67 10.94 68.73
CA LYS A 1528 9.78 11.70 68.20
C LYS A 1528 9.42 13.18 68.08
N ASP A 1529 8.35 13.49 67.35
CA ASP A 1529 7.90 14.87 67.23
C ASP A 1529 6.41 14.98 67.52
N GLU A 1530 5.83 16.15 67.28
CA GLU A 1530 4.39 16.28 67.32
C GLU A 1530 3.74 15.82 66.02
N GLY A 1531 4.51 15.77 64.94
CA GLY A 1531 4.01 15.14 63.73
C GLY A 1531 3.69 13.68 63.96
N GLN A 1532 4.57 12.96 64.66
CA GLN A 1532 4.30 11.56 64.97
C GLN A 1532 3.08 11.42 65.87
N LYS A 1533 2.88 12.36 66.79
CA LYS A 1533 1.74 12.27 67.66
C LYS A 1533 0.44 12.50 66.90
N GLN A 1534 0.43 13.45 65.98
CA GLN A 1534 -0.76 13.65 65.17
C GLN A 1534 -1.01 12.48 64.23
N ALA A 1535 0.06 11.89 63.70
CA ALA A 1535 -0.09 10.70 62.89
C ALA A 1535 -0.68 9.55 63.69
N PHE A 1536 -0.22 9.37 64.93
CA PHE A 1536 -0.77 8.34 65.79
C PHE A 1536 -2.24 8.57 66.04
N ARG A 1537 -2.60 9.80 66.42
CA ARG A 1537 -4.01 10.10 66.66
C ARG A 1537 -4.85 9.81 65.44
N SER A 1538 -4.40 10.26 64.27
CA SER A 1538 -5.19 10.10 63.06
C SER A 1538 -5.34 8.63 62.69
N ILE A 1539 -4.24 7.88 62.73
CA ILE A 1539 -4.29 6.47 62.39
C ILE A 1539 -5.26 5.74 63.30
N THR A 1540 -5.09 5.90 64.62
CA THR A 1540 -5.92 5.16 65.56
C THR A 1540 -7.38 5.56 65.43
N GLU A 1541 -7.66 6.87 65.36
CA GLU A 1541 -9.03 7.34 65.32
C GLU A 1541 -9.73 6.90 64.04
N ASN A 1542 -9.07 7.01 62.90
CA ASN A 1542 -9.71 6.60 61.67
C ASN A 1542 -9.89 5.09 61.64
N ALA A 1543 -8.90 4.33 62.12
CA ALA A 1543 -9.02 2.88 62.14
C ALA A 1543 -10.14 2.42 63.04
N ALA A 1544 -10.46 3.19 64.08
CA ALA A 1544 -11.54 2.80 64.96
C ALA A 1544 -12.91 2.84 64.29
N HIS A 1545 -13.03 3.52 63.14
CA HIS A 1545 -14.34 3.74 62.53
C HIS A 1545 -14.39 3.34 61.05
N ILE A 1546 -13.45 2.51 60.59
CA ILE A 1546 -13.47 2.10 59.19
C ILE A 1546 -14.55 1.04 58.97
N ARG A 1547 -14.87 0.82 57.70
CA ARG A 1547 -15.85 -0.18 57.29
C ARG A 1547 -15.14 -1.48 56.93
N ALA A 1548 -15.85 -2.38 56.25
CA ALA A 1548 -15.25 -3.66 55.84
C ALA A 1548 -14.32 -3.52 54.64
N SER A 1549 -14.51 -2.50 53.81
CA SER A 1549 -13.70 -2.28 52.62
C SER A 1549 -13.13 -0.87 52.67
N GLY A 1550 -12.39 -0.51 51.63
CA GLY A 1550 -11.75 0.78 51.54
C GLY A 1550 -12.19 1.51 50.28
N ASN A 1551 -12.14 2.84 50.34
CA ASN A 1551 -12.47 3.67 49.21
C ASN A 1551 -11.47 4.81 49.14
N ALA A 1552 -11.57 5.62 48.09
CA ALA A 1552 -10.65 6.72 47.86
C ALA A 1552 -11.35 8.06 47.81
N GLU A 1553 -12.57 8.14 48.32
CA GLU A 1553 -13.30 9.39 48.32
C GLU A 1553 -12.63 10.38 49.25
N LYS A 1554 -13.22 11.56 49.37
CA LYS A 1554 -12.62 12.65 50.12
C LYS A 1554 -13.44 12.89 51.37
N GLY A 1555 -12.87 12.57 52.53
CA GLY A 1555 -13.51 12.82 53.81
C GLY A 1555 -13.99 11.58 54.54
N THR A 1556 -13.95 10.41 53.92
CA THR A 1556 -14.33 9.20 54.60
C THR A 1556 -13.23 8.77 55.55
N HIS A 1557 -13.48 7.71 56.32
CA HIS A 1557 -12.48 7.22 57.25
C HIS A 1557 -11.48 6.32 56.57
N GLU A 1558 -11.94 5.47 55.64
CA GLU A 1558 -11.03 4.56 54.96
C GLU A 1558 -10.01 5.33 54.13
N SER A 1559 -10.44 6.44 53.51
CA SER A 1559 -9.52 7.20 52.68
C SER A 1559 -8.52 7.97 53.52
N ASN A 1560 -8.96 8.55 54.64
CA ASN A 1560 -8.03 9.20 55.54
C ASN A 1560 -7.02 8.21 56.11
N LEU A 1561 -7.47 7.00 56.43
CA LEU A 1561 -6.55 5.98 56.92
C LEU A 1561 -5.57 5.56 55.85
N LEU A 1562 -6.04 5.36 54.61
CA LEU A 1562 -5.15 5.01 53.52
C LEU A 1562 -4.12 6.10 53.30
N LEU A 1563 -4.57 7.36 53.32
CA LEU A 1563 -3.63 8.45 53.11
C LEU A 1563 -2.62 8.53 54.23
N GLU A 1564 -3.03 8.26 55.47
CA GLU A 1564 -2.10 8.28 56.59
C GLU A 1564 -1.07 7.17 56.47
N ILE A 1565 -1.52 5.96 56.11
CA ILE A 1565 -0.59 4.86 55.95
C ILE A 1565 0.42 5.17 54.85
N LEU A 1566 -0.05 5.70 53.73
CA LEU A 1566 0.85 6.00 52.63
C LEU A 1566 1.83 7.10 53.03
N LYS A 1567 1.32 8.20 53.57
CA LYS A 1567 2.17 9.31 53.96
C LYS A 1567 3.22 8.88 54.97
N ASP A 1568 2.84 8.01 55.91
CA ASP A 1568 3.81 7.50 56.86
C ASP A 1568 4.84 6.62 56.20
N TRP A 1569 4.41 5.78 55.25
CA TRP A 1569 5.31 4.84 54.60
C TRP A 1569 6.54 5.56 54.08
N GLY A 1570 6.35 6.67 53.39
CA GLY A 1570 7.49 7.45 52.92
C GLY A 1570 7.89 8.46 53.96
N ARG A 1571 8.88 8.10 54.77
CA ARG A 1571 9.37 8.91 55.89
C ARG A 1571 10.66 8.27 56.37
N GLU A 1572 11.21 8.85 57.43
CA GLU A 1572 12.43 8.35 58.06
C GLU A 1572 12.19 7.74 59.43
N ASN A 1573 11.29 8.33 60.21
CA ASN A 1573 10.88 7.80 61.50
C ASN A 1573 9.39 7.45 61.39
N GLN A 1574 9.13 6.23 60.95
CA GLN A 1574 7.78 5.78 60.68
C GLN A 1574 7.26 4.93 61.82
N LEU A 1575 5.96 5.03 62.06
CA LEU A 1575 5.32 4.26 63.12
C LEU A 1575 5.12 2.81 62.71
N LEU A 1576 4.34 2.58 61.66
CA LEU A 1576 4.00 1.22 61.29
C LEU A 1576 5.19 0.48 60.71
N ASN A 1577 5.29 -0.81 61.01
CA ASN A 1577 6.26 -1.69 60.40
C ASN A 1577 5.60 -2.41 59.22
N GLU A 1578 6.37 -3.24 58.53
CA GLU A 1578 5.86 -3.88 57.32
C GLU A 1578 4.69 -4.82 57.59
N PRO A 1579 4.70 -5.69 58.59
CA PRO A 1579 3.52 -6.54 58.80
C PRO A 1579 2.24 -5.78 59.11
N ALA A 1580 2.30 -4.78 59.98
CA ALA A 1580 1.10 -4.04 60.32
C ALA A 1580 0.55 -3.30 59.12
N ARG A 1581 1.43 -2.66 58.36
CA ARG A 1581 1.00 -1.93 57.18
C ARG A 1581 0.45 -2.88 56.13
N ASP A 1582 1.04 -4.06 56.01
CA ASP A 1582 0.54 -5.05 55.06
C ASP A 1582 -0.85 -5.53 55.45
N VAL A 1583 -1.08 -5.71 56.75
CA VAL A 1583 -2.40 -6.13 57.21
C VAL A 1583 -3.43 -5.06 56.89
N ALA A 1584 -3.13 -3.80 57.24
CA ALA A 1584 -4.09 -2.73 57.00
C ALA A 1584 -4.36 -2.54 55.52
N LEU A 1585 -3.32 -2.59 54.69
CA LEU A 1585 -3.51 -2.44 53.26
C LEU A 1585 -4.33 -3.58 52.69
N SER A 1586 -4.02 -4.82 53.07
CA SER A 1586 -4.81 -5.95 52.58
C SER A 1586 -6.25 -5.88 53.05
N MET A 1587 -6.50 -5.20 54.15
CA MET A 1587 -7.89 -5.05 54.60
C MET A 1587 -8.61 -3.94 53.85
N LEU A 1588 -7.91 -2.86 53.52
CA LEU A 1588 -8.55 -1.75 52.81
C LEU A 1588 -8.60 -2.00 51.31
N CYS A 1589 -7.45 -2.32 50.71
CA CYS A 1589 -7.31 -2.46 49.26
C CYS A 1589 -7.73 -3.81 48.73
N GLY A 1590 -8.26 -4.70 49.57
CA GLY A 1590 -8.71 -5.98 49.08
C GLY A 1590 -9.96 -5.86 48.24
N VAL A 1591 -10.91 -5.05 48.69
CA VAL A 1591 -12.09 -4.68 47.91
C VAL A 1591 -12.17 -3.17 47.95
N PHE A 1592 -11.90 -2.53 46.82
CA PHE A 1592 -11.74 -1.09 46.75
C PHE A 1592 -12.93 -0.47 46.05
N ASN A 1593 -12.98 0.85 46.06
CA ASN A 1593 -14.08 1.59 45.44
C ASN A 1593 -13.51 2.91 44.91
N ILE A 1594 -13.13 2.89 43.64
CA ILE A 1594 -12.46 4.06 43.04
C ILE A 1594 -13.53 5.08 42.65
N PRO A 1595 -13.36 6.36 43.00
CA PRO A 1595 -14.38 7.34 42.69
C PRO A 1595 -14.57 7.46 41.20
N PRO A 1596 -15.77 7.78 40.74
CA PRO A 1596 -15.98 7.96 39.30
C PRO A 1596 -15.18 9.11 38.76
N SER A 1597 -15.36 10.27 39.35
CA SER A 1597 -14.66 11.47 38.92
C SER A 1597 -13.32 11.55 39.64
N SER A 1598 -12.64 12.67 39.50
CA SER A 1598 -11.41 12.92 40.22
C SER A 1598 -11.47 14.17 41.06
N ARG A 1599 -12.60 14.88 41.06
CA ARG A 1599 -12.79 15.98 41.99
C ARG A 1599 -13.18 15.48 43.38
N LEU A 1600 -13.74 14.27 43.45
CA LEU A 1600 -14.07 13.63 44.72
C LEU A 1600 -12.96 12.73 45.22
N ASP A 1601 -11.83 12.68 44.53
CA ASP A 1601 -10.78 11.75 44.85
C ASP A 1601 -9.94 12.30 45.98
N VAL A 1602 -9.32 11.41 46.75
CA VAL A 1602 -8.48 11.84 47.86
C VAL A 1602 -7.18 12.41 47.36
N ILE A 1603 -6.74 12.01 46.16
CA ILE A 1603 -5.61 12.63 45.48
C ILE A 1603 -6.15 13.18 44.18
N GLU A 1604 -6.25 14.48 44.09
CA GLU A 1604 -6.86 15.12 42.93
C GLU A 1604 -6.00 16.19 42.28
N THR A 1605 -4.98 16.70 42.96
CA THR A 1605 -4.10 17.70 42.41
C THR A 1605 -2.83 17.05 41.88
N ASP A 1606 -2.18 17.74 40.94
CA ASP A 1606 -0.92 17.23 40.41
C ASP A 1606 0.16 17.22 41.48
N GLU A 1607 0.05 18.09 42.48
CA GLU A 1607 1.07 18.16 43.52
C GLU A 1607 0.96 16.98 44.49
N ASP A 1608 -0.25 16.67 44.94
CA ASP A 1608 -0.41 15.49 45.78
C ASP A 1608 0.04 14.25 45.05
N ALA A 1609 -0.20 14.17 43.74
CA ALA A 1609 0.20 13.00 42.98
C ALA A 1609 1.72 12.92 42.85
N ILE A 1610 2.39 14.04 42.61
CA ILE A 1610 3.84 14.00 42.57
C ILE A 1610 4.39 13.62 43.93
N LYS A 1611 3.75 14.07 45.00
CA LYS A 1611 4.23 13.77 46.35
C LYS A 1611 4.04 12.30 46.70
N ASN A 1612 2.91 11.72 46.35
CA ASN A 1612 2.57 10.38 46.78
C ASN A 1612 2.78 9.31 45.72
N GLY A 1613 3.34 9.65 44.57
CA GLY A 1613 3.50 8.65 43.53
C GLY A 1613 4.44 7.52 43.91
N ALA A 1614 5.55 7.85 44.57
CA ALA A 1614 6.52 6.82 44.92
C ALA A 1614 5.92 5.81 45.89
N VAL A 1615 5.19 6.29 46.89
CA VAL A 1615 4.60 5.38 47.87
C VAL A 1615 3.45 4.62 47.26
N VAL A 1616 2.67 5.24 46.38
CA VAL A 1616 1.58 4.51 45.78
C VAL A 1616 2.11 3.45 44.84
N TRP A 1617 3.27 3.65 44.23
CA TRP A 1617 3.86 2.57 43.46
C TRP A 1617 4.41 1.48 44.36
N LYS A 1618 5.03 1.87 45.46
CA LYS A 1618 5.50 0.86 46.41
C LYS A 1618 4.34 0.02 46.94
N SER A 1619 3.16 0.61 47.01
CA SER A 1619 1.99 -0.10 47.54
C SER A 1619 1.48 -1.13 46.55
N CYS A 1620 1.29 -0.75 45.29
CA CYS A 1620 0.79 -1.68 44.30
C CYS A 1620 1.93 -2.52 43.74
N SER A 1621 2.71 -3.12 44.63
CA SER A 1621 3.70 -4.14 44.29
C SER A 1621 3.48 -5.37 45.14
N SER A 1622 2.21 -5.71 45.34
CA SER A 1622 1.77 -6.89 46.07
C SER A 1622 0.88 -7.72 45.15
N GLN A 1623 0.24 -8.72 45.74
CA GLN A 1623 -0.64 -9.60 44.98
C GLN A 1623 -2.01 -9.76 45.59
N ARG A 1624 -2.24 -9.20 46.77
CA ARG A 1624 -3.54 -9.27 47.45
C ARG A 1624 -4.38 -8.03 47.16
N LEU A 1625 -4.14 -7.36 46.05
CA LEU A 1625 -4.77 -6.08 45.74
C LEU A 1625 -5.80 -6.26 44.65
N GLY A 1626 -6.99 -5.71 44.87
CA GLY A 1626 -8.07 -5.83 43.92
C GLY A 1626 -7.78 -5.13 42.63
N GLY A 1627 -8.78 -5.17 41.75
CA GLY A 1627 -8.65 -4.52 40.48
C GLY A 1627 -8.87 -3.04 40.60
N GLU A 1628 -9.82 -2.64 41.44
CA GLU A 1628 -10.08 -1.21 41.56
C GLU A 1628 -8.95 -0.49 42.27
N TYR A 1629 -8.22 -1.17 43.16
CA TYR A 1629 -7.06 -0.51 43.73
C TYR A 1629 -5.96 -0.33 42.71
N LEU A 1630 -5.76 -1.31 41.84
CA LEU A 1630 -4.77 -1.10 40.80
C LEU A 1630 -5.20 -0.01 39.84
N ALA A 1631 -6.50 0.13 39.57
CA ALA A 1631 -6.93 1.22 38.72
C ALA A 1631 -6.67 2.57 39.40
N TRP A 1632 -6.88 2.65 40.71
CA TRP A 1632 -6.61 3.91 41.40
C TRP A 1632 -5.12 4.21 41.44
N ALA A 1633 -4.28 3.21 41.72
CA ALA A 1633 -2.84 3.42 41.67
C ALA A 1633 -2.38 3.78 40.27
N GLY A 1634 -3.01 3.24 39.24
CA GLY A 1634 -2.69 3.67 37.90
C GLY A 1634 -3.03 5.13 37.67
N ARG A 1635 -4.19 5.56 38.17
CA ARG A 1635 -4.56 6.96 37.98
C ARG A 1635 -3.56 7.86 38.67
N VAL A 1636 -3.11 7.48 39.86
CA VAL A 1636 -2.16 8.32 40.59
C VAL A 1636 -0.80 8.34 39.90
N LEU A 1637 -0.30 7.19 39.46
CA LEU A 1637 0.98 7.18 38.77
C LEU A 1637 0.90 7.94 37.45
N GLY A 1638 -0.22 7.86 36.77
CA GLY A 1638 -0.35 8.58 35.52
C GLY A 1638 -0.41 10.07 35.72
N ARG A 1639 -1.11 10.52 36.75
CA ARG A 1639 -1.14 11.95 37.03
C ARG A 1639 0.22 12.44 37.46
N SER A 1640 0.97 11.63 38.21
CA SER A 1640 2.32 12.04 38.61
C SER A 1640 3.26 12.14 37.42
N PHE A 1641 3.16 11.20 36.47
CA PHE A 1641 4.04 11.27 35.30
C PHE A 1641 3.61 12.36 34.33
N ALA A 1642 2.31 12.58 34.19
CA ALA A 1642 1.85 13.66 33.35
C ALA A 1642 2.16 15.01 33.93
N ALA A 1643 2.35 15.11 35.24
CA ALA A 1643 2.70 16.38 35.85
C ALA A 1643 4.19 16.58 36.06
N SER A 1644 4.99 15.52 36.02
CA SER A 1644 6.42 15.69 36.27
C SER A 1644 7.28 15.08 35.19
N GLY A 1645 6.78 14.08 34.49
CA GLY A 1645 7.57 13.47 33.46
C GLY A 1645 8.74 12.67 33.97
N GLU A 1646 8.71 12.29 35.24
CA GLU A 1646 9.79 11.56 35.87
C GLU A 1646 9.29 10.21 36.37
N VAL A 1647 10.14 9.20 36.19
CA VAL A 1647 9.84 7.83 36.59
C VAL A 1647 10.15 7.68 38.07
N PRO A 1648 9.28 7.02 38.85
CA PRO A 1648 9.65 6.71 40.23
C PRO A 1648 10.90 5.85 40.28
N GLU A 1649 11.81 6.19 41.19
CA GLU A 1649 13.12 5.57 41.20
C GLU A 1649 13.07 4.10 41.55
N ASP A 1650 11.94 3.62 42.07
CA ASP A 1650 11.82 2.20 42.36
C ASP A 1650 11.83 1.38 41.09
N LEU A 1651 11.42 1.97 39.98
CA LEU A 1651 11.34 1.29 38.70
C LEU A 1651 12.65 1.32 37.94
N LEU A 1652 13.58 2.17 38.32
CA LEU A 1652 14.82 2.36 37.58
C LEU A 1652 15.99 1.57 38.14
N ARG A 1653 15.94 1.17 39.41
CA ARG A 1653 17.04 0.42 40.00
C ARG A 1653 17.09 -0.99 39.44
N GLU A 1654 18.29 -1.51 39.29
CA GLU A 1654 18.49 -2.82 38.69
C GLU A 1654 19.26 -3.80 39.55
N SER A 1655 19.99 -3.35 40.56
CA SER A 1655 20.66 -4.22 41.50
C SER A 1655 19.97 -4.13 42.84
N GLN A 1656 20.32 -5.06 43.72
CA GLN A 1656 19.76 -5.09 45.05
C GLN A 1656 20.68 -4.47 46.09
N LEU A 1657 21.73 -3.78 45.66
CA LEU A 1657 22.70 -3.26 46.62
C LEU A 1657 22.07 -2.27 47.58
N GLN A 1658 20.98 -1.62 47.21
CA GLN A 1658 20.37 -0.72 48.17
C GLN A 1658 19.72 -1.46 49.32
N GLU A 1659 19.15 -2.64 49.08
CA GLU A 1659 18.63 -3.42 50.19
C GLU A 1659 19.76 -3.91 51.07
N TYR A 1660 20.81 -4.44 50.48
CA TYR A 1660 21.92 -4.94 51.28
C TYR A 1660 22.57 -3.84 52.10
N ARG A 1661 22.51 -2.59 51.63
CA ARG A 1661 23.07 -1.51 52.43
C ARG A 1661 22.08 -0.96 53.44
N ARG A 1662 20.79 -1.15 53.21
CA ARG A 1662 19.81 -0.77 54.23
C ARG A 1662 19.81 -1.73 55.40
N LEU A 1663 20.00 -3.02 55.13
CA LEU A 1663 20.11 -3.99 56.21
C LEU A 1663 21.41 -3.80 56.98
N SER A 1664 22.54 -4.00 56.33
CA SER A 1664 23.84 -3.97 56.99
C SER A 1664 24.24 -2.51 57.26
N GLN A 1665 23.49 -1.87 58.15
CA GLN A 1665 23.69 -0.48 58.48
C GLN A 1665 24.15 -0.33 59.93
N GLY A 1666 24.77 0.81 60.21
CA GLY A 1666 25.38 1.02 61.51
C GLY A 1666 26.87 0.71 61.52
N VAL A 1667 27.22 -0.55 61.30
CA VAL A 1667 28.61 -0.96 61.15
C VAL A 1667 28.94 -1.29 59.70
N GLY A 1668 27.98 -1.87 58.98
CA GLY A 1668 28.19 -2.23 57.60
C GLY A 1668 28.82 -3.60 57.43
N SER A 1669 28.44 -4.56 58.25
CA SER A 1669 28.97 -5.91 58.16
C SER A 1669 27.87 -6.88 57.79
N SER A 1670 28.26 -8.09 57.44
CA SER A 1670 27.28 -9.11 57.10
C SER A 1670 26.58 -9.64 58.34
N GLU A 1671 27.24 -9.57 59.51
CA GLU A 1671 26.58 -10.02 60.72
C GLU A 1671 25.37 -9.16 61.04
N GLU A 1672 25.49 -7.84 60.95
CA GLU A 1672 24.32 -7.00 61.16
C GLU A 1672 23.26 -7.26 60.12
N GLY A 1673 23.66 -7.60 58.90
CA GLY A 1673 22.67 -7.89 57.88
C GLY A 1673 21.87 -9.12 58.23
N LEU A 1674 22.56 -10.19 58.61
CA LEU A 1674 21.84 -11.40 59.00
C LEU A 1674 21.01 -11.17 60.25
N LEU A 1675 21.51 -10.39 61.19
CA LEU A 1675 20.72 -10.15 62.40
C LEU A 1675 19.46 -9.35 62.09
N ASN A 1676 19.53 -8.40 61.16
CA ASN A 1676 18.31 -7.71 60.78
C ASN A 1676 17.38 -8.64 60.05
N LEU A 1677 17.91 -9.52 59.20
CA LEU A 1677 17.05 -10.43 58.47
C LEU A 1677 16.34 -11.39 59.42
N ILE A 1678 17.03 -11.85 60.46
CA ILE A 1678 16.42 -12.77 61.42
C ILE A 1678 15.46 -12.03 62.33
N LYS A 1679 15.83 -10.83 62.79
CA LYS A 1679 14.95 -10.06 63.64
C LYS A 1679 13.64 -9.72 62.93
N SER A 1680 13.70 -9.48 61.63
CA SER A 1680 12.45 -9.18 60.93
C SER A 1680 11.52 -10.37 60.84
N LEU A 1681 11.97 -11.57 61.20
CA LEU A 1681 11.10 -12.72 61.17
C LEU A 1681 10.29 -12.87 62.45
N THR A 1682 10.74 -12.26 63.54
CA THR A 1682 9.97 -12.36 64.78
C THR A 1682 8.64 -11.65 64.68
N ILE A 1683 8.59 -10.53 63.95
CA ILE A 1683 7.38 -9.75 63.86
C ILE A 1683 6.53 -10.08 62.63
N SER A 1684 7.11 -10.69 61.60
CA SER A 1684 6.43 -10.91 60.33
C SER A 1684 6.22 -12.39 60.03
N GLY A 1685 6.16 -13.24 61.05
CA GLY A 1685 6.08 -14.66 60.85
C GLY A 1685 4.81 -15.25 61.45
N ASP A 1686 4.53 -16.48 61.03
CA ASP A 1686 3.59 -17.37 61.69
C ASP A 1686 4.30 -18.15 62.81
N CYS A 1687 3.52 -18.62 63.77
CA CYS A 1687 4.03 -19.16 65.03
C CYS A 1687 5.32 -19.92 64.84
N PHE A 1688 5.38 -20.74 63.80
CA PHE A 1688 6.58 -21.53 63.55
C PHE A 1688 7.77 -20.66 63.21
N THR A 1689 7.58 -19.72 62.28
CA THR A 1689 8.69 -18.89 61.85
C THR A 1689 9.19 -17.99 62.95
N ALA A 1690 8.27 -17.37 63.69
CA ALA A 1690 8.71 -16.56 64.81
C ALA A 1690 9.41 -17.40 65.85
N GLY A 1691 9.00 -18.65 66.01
CA GLY A 1691 9.69 -19.51 66.96
C GLY A 1691 11.11 -19.80 66.52
N LEU A 1692 11.29 -20.11 65.24
CA LEU A 1692 12.63 -20.37 64.71
C LEU A 1692 13.54 -19.15 64.84
N ALA A 1693 12.99 -17.96 64.58
CA ALA A 1693 13.79 -16.75 64.68
C ALA A 1693 14.17 -16.43 66.12
N GLU A 1694 13.23 -16.56 67.05
CA GLU A 1694 13.56 -16.30 68.44
C GLU A 1694 14.58 -17.31 68.95
N ALA A 1695 14.48 -18.56 68.52
CA ALA A 1695 15.47 -19.55 68.94
C ALA A 1695 16.85 -19.19 68.42
N ALA A 1696 16.94 -18.82 67.15
CA ALA A 1696 18.24 -18.47 66.57
C ALA A 1696 18.85 -17.28 67.30
N LEU A 1697 18.06 -16.23 67.53
CA LEU A 1697 18.59 -15.07 68.24
C LEU A 1697 18.99 -15.40 69.66
N ARG A 1698 18.26 -16.30 70.32
CA ARG A 1698 18.63 -16.67 71.68
C ARG A 1698 19.99 -17.32 71.70
N THR A 1699 20.21 -18.29 70.82
CA THR A 1699 21.51 -18.92 70.78
C THR A 1699 22.61 -17.93 70.41
N ILE A 1700 22.36 -17.09 69.42
CA ILE A 1700 23.39 -16.15 68.98
C ILE A 1700 23.77 -15.21 70.12
N VAL A 1701 22.78 -14.56 70.73
CA VAL A 1701 23.09 -13.55 71.74
C VAL A 1701 23.70 -14.18 72.97
N SER A 1702 23.25 -15.37 73.35
CA SER A 1702 23.85 -16.00 74.51
C SER A 1702 25.30 -16.38 74.24
N ASP A 1703 25.60 -16.89 73.06
CA ASP A 1703 26.98 -17.26 72.77
C ASP A 1703 27.86 -16.03 72.58
N ALA A 1704 27.28 -14.91 72.18
CA ALA A 1704 28.08 -13.70 72.11
C ALA A 1704 28.32 -13.10 73.48
N ILE A 1705 27.39 -13.30 74.41
CA ILE A 1705 27.58 -12.79 75.76
C ILE A 1705 28.58 -13.63 76.52
N SER A 1706 28.49 -14.96 76.41
CA SER A 1706 29.38 -15.82 77.18
C SER A 1706 30.81 -15.74 76.68
N ASP A 1707 31.02 -15.86 75.38
CA ASP A 1707 32.35 -15.87 74.80
C ASP A 1707 32.96 -14.48 74.65
N ASN A 1708 32.22 -13.42 74.98
CA ASN A 1708 32.73 -12.06 74.95
C ASN A 1708 33.28 -11.67 73.58
N ASP A 1709 32.52 -12.00 72.54
CA ASP A 1709 32.88 -11.58 71.20
C ASP A 1709 32.45 -10.13 71.01
N HIS A 1710 33.42 -9.24 70.86
CA HIS A 1710 33.10 -7.83 70.79
C HIS A 1710 32.55 -7.43 69.44
N ASP A 1711 33.01 -8.05 68.35
CA ASP A 1711 32.45 -7.76 67.04
C ASP A 1711 30.98 -8.14 66.97
N LEU A 1712 30.68 -9.37 67.36
CA LEU A 1712 29.29 -9.82 67.36
C LEU A 1712 28.44 -9.07 68.38
N LEU A 1713 29.02 -8.71 69.53
CA LEU A 1713 28.28 -7.89 70.48
C LEU A 1713 27.92 -6.54 69.89
N SER A 1714 28.88 -5.90 69.22
CA SER A 1714 28.58 -4.61 68.61
C SER A 1714 27.58 -4.76 67.48
N ALA A 1715 27.55 -5.93 66.83
CA ALA A 1715 26.53 -6.16 65.81
C ALA A 1715 25.15 -6.29 66.44
N CYS A 1716 25.04 -7.02 67.56
CA CYS A 1716 23.75 -7.22 68.20
C CYS A 1716 23.22 -5.93 68.80
N GLN A 1717 24.09 -5.15 69.46
CA GLN A 1717 23.62 -3.94 70.10
C GLN A 1717 23.09 -2.94 69.10
N GLU A 1718 23.40 -3.10 67.82
CA GLU A 1718 22.91 -2.19 66.80
C GLU A 1718 21.87 -2.79 65.89
N SER A 1719 21.70 -4.11 65.91
CA SER A 1719 20.67 -4.74 65.11
C SER A 1719 19.38 -4.96 65.88
N LEU A 1720 19.45 -5.20 67.18
CA LEU A 1720 18.29 -5.53 67.96
C LEU A 1720 17.95 -4.42 68.93
N PRO A 1721 16.68 -4.09 69.09
CA PRO A 1721 16.29 -3.17 70.16
C PRO A 1721 16.53 -3.81 71.51
N GLU A 1722 16.56 -2.97 72.54
CA GLU A 1722 16.94 -3.45 73.87
C GLU A 1722 15.99 -4.51 74.43
N PRO A 1723 14.66 -4.41 74.30
CA PRO A 1723 13.81 -5.46 74.87
C PRO A 1723 14.06 -6.82 74.25
N LEU A 1724 14.33 -6.88 72.95
CA LEU A 1724 14.67 -8.15 72.33
C LEU A 1724 16.11 -8.56 72.63
N LEU A 1725 16.97 -7.59 72.91
CA LEU A 1725 18.34 -7.91 73.28
C LEU A 1725 18.42 -8.48 74.68
N ILE A 1726 17.42 -8.23 75.51
CA ILE A 1726 17.38 -8.76 76.87
C ILE A 1726 16.68 -10.11 76.92
N ALA A 1727 15.63 -10.29 76.13
CA ALA A 1727 14.87 -11.53 76.10
C ALA A 1727 15.54 -12.61 75.29
N SER A 1728 16.77 -12.39 74.83
CA SER A 1728 17.51 -13.40 74.08
C SER A 1728 18.66 -13.97 74.89
N ASN A 1729 18.80 -13.57 76.14
CA ASN A 1729 19.96 -13.89 76.95
C ASN A 1729 19.55 -14.91 77.99
N TRP A 1730 20.11 -16.12 77.90
CA TRP A 1730 20.00 -17.12 78.95
C TRP A 1730 20.99 -16.77 80.06
N ASP A 1731 20.60 -15.80 80.89
CA ASP A 1731 21.54 -15.31 81.91
C ASP A 1731 21.73 -16.34 83.02
N PRO A 1732 20.66 -16.76 83.76
CA PRO A 1732 20.79 -17.74 84.85
C PRO A 1732 20.51 -19.18 84.50
N TYR A 1733 20.68 -19.58 83.24
CA TYR A 1733 20.27 -20.89 82.76
C TYR A 1733 21.28 -21.43 81.76
N ARG A 1734 20.84 -22.31 80.86
CA ARG A 1734 21.70 -22.83 79.82
C ARG A 1734 20.87 -23.18 78.60
N THR A 1735 21.45 -23.03 77.41
CA THR A 1735 20.70 -23.15 76.17
C THR A 1735 20.17 -24.57 75.98
N PRO A 1736 18.86 -24.75 75.84
CA PRO A 1736 18.27 -26.09 75.86
C PRO A 1736 18.42 -26.84 74.55
N LEU A 1737 18.51 -28.17 74.67
CA LEU A 1737 18.71 -29.03 73.50
C LEU A 1737 17.52 -29.06 72.56
N SER A 1738 16.43 -28.38 72.88
CA SER A 1738 15.29 -28.30 71.98
C SER A 1738 15.45 -27.17 70.96
N ASP A 1739 16.21 -26.14 71.31
CA ASP A 1739 16.51 -25.07 70.37
C ASP A 1739 17.48 -25.54 69.29
N GLN A 1740 18.68 -25.97 69.69
CA GLN A 1740 19.77 -26.26 68.77
C GLN A 1740 19.48 -27.55 68.02
N PHE A 1741 18.61 -27.45 67.01
CA PHE A 1741 18.21 -28.61 66.23
C PHE A 1741 18.73 -28.49 64.81
N LYS A 1742 19.51 -29.49 64.40
CA LYS A 1742 20.21 -29.43 63.12
C LYS A 1742 19.35 -30.02 62.01
N VAL A 1743 19.66 -29.58 60.79
CA VAL A 1743 19.02 -30.08 59.57
C VAL A 1743 20.11 -30.21 58.51
N GLU A 1750 24.42 -32.87 43.07
CA GLU A 1750 25.27 -31.93 43.79
C GLU A 1750 24.78 -30.52 43.51
N VAL A 1751 25.16 -29.58 44.38
CA VAL A 1751 24.78 -28.19 44.22
C VAL A 1751 25.92 -27.34 43.71
N PHE A 1752 27.15 -27.83 43.77
CA PHE A 1752 28.32 -27.13 43.24
C PHE A 1752 28.61 -27.53 41.81
N SER A 1753 27.61 -27.50 40.93
CA SER A 1753 27.79 -27.89 39.53
C SER A 1753 26.72 -27.23 38.69
N ALA A 1754 26.80 -27.43 37.38
CA ALA A 1754 25.85 -26.81 36.47
C ALA A 1754 24.54 -27.60 36.44
N ARG A 1755 23.55 -27.03 35.76
CA ARG A 1755 22.20 -27.58 35.65
C ARG A 1755 21.51 -27.58 37.00
N ALA A 1756 22.25 -27.21 38.05
CA ALA A 1756 21.67 -27.00 39.36
C ALA A 1756 21.12 -25.60 39.48
N LEU A 1757 21.52 -24.70 38.58
CA LEU A 1757 21.05 -23.34 38.61
C LEU A 1757 19.59 -23.23 38.22
N GLU A 1758 18.97 -24.31 37.78
CA GLU A 1758 17.62 -24.24 37.27
C GLU A 1758 16.56 -24.75 38.24
N ASN A 1759 16.96 -25.29 39.38
CA ASN A 1759 15.77 -25.61 40.15
C ASN A 1759 15.48 -24.51 41.14
N PRO A 1760 14.22 -24.22 41.41
CA PRO A 1760 13.87 -23.04 42.20
C PRO A 1760 14.37 -23.05 43.64
N ASN A 1761 15.12 -24.06 44.03
CA ASN A 1761 15.69 -24.14 45.36
C ASN A 1761 17.20 -24.21 45.33
N TRP A 1762 17.81 -23.66 44.28
CA TRP A 1762 19.26 -23.66 44.22
C TRP A 1762 19.85 -22.84 45.35
N SER A 1763 19.30 -21.65 45.56
CA SER A 1763 19.85 -20.75 46.57
C SER A 1763 19.78 -21.37 47.95
N GLN A 1764 18.66 -22.00 48.28
CA GLN A 1764 18.49 -22.58 49.61
C GLN A 1764 19.46 -23.72 49.85
N HIS A 1765 19.56 -24.65 48.89
CA HIS A 1765 20.49 -25.76 49.04
C HIS A 1765 21.94 -25.28 49.11
N LEU A 1766 22.30 -24.31 48.28
CA LEU A 1766 23.68 -23.84 48.30
C LEU A 1766 23.99 -23.07 49.57
N ALA A 1767 23.03 -22.30 50.07
CA ALA A 1767 23.25 -21.58 51.31
C ALA A 1767 23.43 -22.53 52.47
N ILE A 1768 22.62 -23.59 52.52
CA ILE A 1768 22.78 -24.58 53.59
C ILE A 1768 24.13 -25.27 53.46
N ARG A 1769 24.49 -25.67 52.24
CA ARG A 1769 25.77 -26.32 52.01
C ARG A 1769 26.93 -25.46 52.47
N LEU A 1770 26.85 -24.15 52.25
CA LEU A 1770 27.94 -23.26 52.66
C LEU A 1770 27.93 -23.03 54.16
N ALA A 1771 26.75 -22.77 54.73
CA ALA A 1771 26.68 -22.47 56.15
C ALA A 1771 27.09 -23.65 57.00
N LEU A 1772 26.90 -24.88 56.51
CA LEU A 1772 27.33 -26.02 57.29
C LEU A 1772 28.84 -26.15 57.37
N SER A 1773 29.57 -25.51 56.45
CA SER A 1773 31.01 -25.68 56.39
C SER A 1773 31.75 -24.75 57.33
N ALA A 1774 31.06 -23.97 58.14
CA ALA A 1774 31.70 -23.04 59.07
C ALA A 1774 30.95 -23.11 60.40
N PRO A 1775 31.19 -24.14 61.19
CA PRO A 1775 30.46 -24.27 62.46
C PRO A 1775 30.95 -23.32 63.53
N LYS A 1776 32.17 -22.78 63.43
CA LYS A 1776 32.69 -21.94 64.49
C LYS A 1776 31.99 -20.59 64.52
N ILE A 1777 31.47 -20.12 63.39
CA ILE A 1777 30.72 -18.88 63.38
C ILE A 1777 29.32 -19.17 63.89
N VAL A 1778 28.95 -18.54 65.01
CA VAL A 1778 27.66 -18.86 65.59
C VAL A 1778 26.54 -18.34 64.70
N THR A 1779 26.77 -17.28 63.93
CA THR A 1779 25.70 -16.70 63.15
C THR A 1779 25.32 -17.61 61.98
N LEU A 1780 26.26 -18.41 61.50
CA LEU A 1780 25.97 -19.35 60.43
C LEU A 1780 25.51 -20.71 60.93
N ARG A 1781 25.79 -21.02 62.19
CA ARG A 1781 25.41 -22.31 62.73
C ARG A 1781 23.91 -22.43 62.90
N VAL A 1782 23.22 -21.33 63.18
CA VAL A 1782 21.80 -21.37 63.50
C VAL A 1782 20.96 -21.13 62.26
N LEU A 1783 21.59 -21.05 61.10
CA LEU A 1783 20.87 -20.67 59.88
C LEU A 1783 20.11 -21.81 59.21
N PRO A 1784 20.68 -23.00 59.04
CA PRO A 1784 19.98 -24.06 58.31
C PRO A 1784 18.55 -24.28 58.80
N PRO A 1785 18.26 -24.14 60.10
CA PRO A 1785 16.87 -24.28 60.54
C PRO A 1785 15.94 -23.18 60.05
N ILE A 1786 16.47 -22.08 59.52
CA ILE A 1786 15.66 -21.00 58.98
C ILE A 1786 15.70 -20.98 57.46
N LEU A 1787 16.86 -21.33 56.89
CA LEU A 1787 17.00 -21.35 55.44
C LEU A 1787 16.11 -22.40 54.80
N SER A 1788 15.91 -23.52 55.49
CA SER A 1788 15.10 -24.59 54.91
C SER A 1788 13.61 -24.36 55.14
N LYS A 1789 13.22 -23.84 56.30
CA LYS A 1789 11.80 -23.70 56.59
C LYS A 1789 11.22 -22.44 55.94
N VAL A 1790 11.75 -21.27 56.30
CA VAL A 1790 11.16 -20.02 55.85
C VAL A 1790 11.32 -19.89 54.35
N LYS A 1791 10.28 -19.40 53.69
CA LYS A 1791 10.26 -19.28 52.24
C LYS A 1791 10.75 -17.91 51.81
N GLY A 1792 11.66 -17.90 50.84
CA GLY A 1792 12.22 -16.66 50.36
C GLY A 1792 13.29 -16.07 51.23
N PHE A 1793 13.75 -16.80 52.25
CA PHE A 1793 14.77 -16.26 53.13
C PHE A 1793 16.16 -16.48 52.56
N ALA A 1794 16.36 -17.55 51.81
CA ALA A 1794 17.70 -17.83 51.29
C ALA A 1794 18.10 -16.84 50.22
N GLU A 1795 17.17 -16.40 49.39
CA GLU A 1795 17.49 -15.37 48.40
C GLU A 1795 17.82 -14.04 49.07
N ARG A 1796 17.20 -13.73 50.20
CA ARG A 1796 17.52 -12.48 50.86
C ARG A 1796 18.83 -12.57 51.62
N ALA A 1797 19.21 -13.75 52.09
CA ALA A 1797 20.38 -13.90 52.93
C ALA A 1797 21.59 -14.47 52.21
N PHE A 1798 21.48 -14.76 50.92
CA PHE A 1798 22.59 -15.39 50.20
C PHE A 1798 23.88 -14.58 50.21
N PRO A 1799 23.90 -13.29 49.90
CA PRO A 1799 25.18 -12.58 49.88
C PRO A 1799 25.86 -12.56 51.23
N PHE A 1800 25.09 -12.36 52.31
CA PHE A 1800 25.69 -12.30 53.62
C PHE A 1800 26.33 -13.62 54.00
N VAL A 1801 25.66 -14.73 53.66
CA VAL A 1801 26.21 -16.05 53.97
C VAL A 1801 27.50 -16.28 53.20
N VAL A 1802 27.49 -15.99 51.89
CA VAL A 1802 28.69 -16.20 51.09
C VAL A 1802 29.83 -15.36 51.64
N HIS A 1803 29.56 -14.12 51.99
CA HIS A 1803 30.64 -13.27 52.48
C HIS A 1803 31.16 -13.77 53.80
N LEU A 1804 30.27 -14.23 54.68
CA LEU A 1804 30.71 -14.69 56.00
C LEU A 1804 31.62 -15.90 55.86
N VAL A 1805 31.24 -16.85 55.01
CA VAL A 1805 32.04 -18.05 54.82
C VAL A 1805 33.40 -17.69 54.22
N LEU A 1806 33.40 -16.88 53.16
CA LEU A 1806 34.65 -16.55 52.49
C LEU A 1806 35.57 -15.76 53.42
N ALA A 1807 35.00 -14.89 54.24
CA ALA A 1807 35.84 -14.12 55.14
C ALA A 1807 36.36 -14.98 56.27
N TYR A 1808 35.57 -15.96 56.71
CA TYR A 1808 36.03 -16.88 57.74
C TYR A 1808 37.23 -17.67 57.26
N GLN A 1809 37.08 -18.38 56.16
CA GLN A 1809 38.20 -19.23 55.73
C GLN A 1809 39.17 -18.49 54.82
N LEU A 1810 39.61 -17.31 55.26
CA LEU A 1810 40.53 -16.52 54.43
C LEU A 1810 41.96 -16.99 54.59
N ASP A 1811 42.39 -17.22 55.83
CA ASP A 1811 43.74 -17.69 56.10
C ASP A 1811 43.85 -19.20 56.19
N LYS A 1812 42.73 -19.89 56.40
CA LYS A 1812 42.71 -21.34 56.41
C LYS A 1812 42.72 -21.85 54.97
N GLN A 1813 42.41 -23.12 54.78
CA GLN A 1813 42.28 -23.67 53.43
C GLN A 1813 41.02 -23.12 52.79
N GLN A 1814 41.17 -22.47 51.63
CA GLN A 1814 40.07 -21.78 50.99
C GLN A 1814 39.32 -22.75 50.10
N SER A 1815 38.31 -23.39 50.68
CA SER A 1815 37.53 -24.38 49.98
C SER A 1815 36.33 -23.79 49.27
N ALA A 1816 35.56 -22.96 49.97
CA ALA A 1816 34.38 -22.36 49.35
C ALA A 1816 34.78 -21.48 48.18
N LYS A 1817 35.90 -20.77 48.30
CA LYS A 1817 36.36 -19.95 47.18
C LYS A 1817 36.64 -20.82 45.97
N ARG A 1818 37.38 -21.91 46.16
CA ARG A 1818 37.73 -22.79 45.06
C ARG A 1818 36.48 -23.38 44.41
N GLU A 1819 35.55 -23.88 45.22
CA GLU A 1819 34.37 -24.49 44.66
C GLU A 1819 33.51 -23.47 43.92
N LEU A 1820 33.27 -22.31 44.53
CA LEU A 1820 32.41 -21.32 43.89
C LEU A 1820 33.05 -20.76 42.63
N SER A 1821 34.36 -20.53 42.65
CA SER A 1821 35.00 -19.98 41.47
C SER A 1821 35.18 -21.00 40.37
N GLU A 1822 35.16 -22.30 40.70
CA GLU A 1822 35.11 -23.30 39.64
C GLU A 1822 33.70 -23.46 39.08
N SER A 1823 32.68 -23.30 39.90
CA SER A 1823 31.33 -23.46 39.37
C SER A 1823 30.87 -22.23 38.59
N LEU A 1824 31.41 -21.05 38.92
CA LEU A 1824 30.98 -19.84 38.23
C LEU A 1824 31.30 -19.91 36.74
N GLN A 1825 32.39 -20.59 36.37
CA GLN A 1825 32.72 -20.72 34.95
C GLN A 1825 31.61 -21.40 34.17
N GLU A 1826 30.78 -22.20 34.82
CA GLU A 1826 29.66 -22.84 34.16
C GLU A 1826 28.35 -22.15 34.43
N TRP A 1827 28.22 -21.48 35.57
CA TRP A 1827 26.95 -20.84 35.89
C TRP A 1827 26.74 -19.57 35.11
N LEU A 1828 27.81 -18.83 34.82
CA LEU A 1828 27.65 -17.54 34.17
C LEU A 1828 27.31 -17.69 32.69
N ASN A 1829 27.70 -18.80 32.08
CA ASN A 1829 27.40 -19.05 30.66
C ASN A 1829 26.13 -19.89 30.54
N PHE A 1830 25.03 -19.39 31.09
CA PHE A 1830 23.81 -20.18 31.22
C PHE A 1830 22.62 -19.41 30.66
N THR A 1831 22.33 -19.62 29.40
CA THR A 1831 21.15 -19.03 28.79
C THR A 1831 19.96 -19.93 29.06
N SER A 1832 18.99 -19.43 29.81
CA SER A 1832 17.79 -20.21 30.12
C SER A 1832 16.75 -19.30 30.74
N GLU A 1833 15.51 -19.67 30.58
CA GLU A 1833 14.45 -18.91 31.22
C GLU A 1833 14.29 -19.31 32.69
N PRO A 1834 14.33 -20.60 33.05
CA PRO A 1834 14.21 -20.94 34.48
C PRO A 1834 15.42 -20.56 35.31
N ALA A 1835 16.58 -20.34 34.70
CA ALA A 1835 17.79 -20.02 35.44
C ALA A 1835 18.10 -18.54 35.48
N LYS A 1836 17.22 -17.68 34.97
CA LYS A 1836 17.48 -16.25 34.98
C LYS A 1836 17.43 -15.70 36.40
N GLU A 1837 16.48 -16.17 37.20
CA GLU A 1837 16.27 -15.59 38.51
C GLU A 1837 17.35 -15.99 39.51
N ASN A 1838 18.06 -17.08 39.28
CA ASN A 1838 19.21 -17.41 40.10
C ASN A 1838 20.48 -16.76 39.57
N LEU A 1839 20.52 -16.49 38.27
CA LEU A 1839 21.64 -15.74 37.73
C LEU A 1839 21.66 -14.31 38.25
N LYS A 1840 20.48 -13.70 38.37
CA LYS A 1840 20.41 -12.38 38.99
C LYS A 1840 21.00 -12.40 40.38
N LEU A 1841 20.74 -13.45 41.13
CA LEU A 1841 21.24 -13.54 42.50
C LEU A 1841 22.75 -13.74 42.51
N LEU A 1842 23.29 -14.48 41.56
CA LEU A 1842 24.74 -14.61 41.49
C LEU A 1842 25.41 -13.29 41.16
N ILE A 1843 24.83 -12.53 40.24
CA ILE A 1843 25.41 -11.24 39.90
C ILE A 1843 25.34 -10.28 41.08
N ASN A 1844 24.21 -10.25 41.79
CA ASN A 1844 24.12 -9.40 42.97
C ASN A 1844 25.08 -9.83 44.05
N THR A 1845 25.37 -11.12 44.17
CA THR A 1845 26.38 -11.54 45.14
C THR A 1845 27.75 -11.05 44.75
N ILE A 1846 28.09 -11.10 43.47
CA ILE A 1846 29.40 -10.58 43.04
C ILE A 1846 29.49 -9.08 43.32
N LEU A 1847 28.44 -8.35 42.96
CA LEU A 1847 28.42 -6.92 43.25
C LEU A 1847 28.58 -6.64 44.73
N TYR A 1848 27.89 -7.41 45.57
CA TYR A 1848 27.99 -7.16 47.00
C TYR A 1848 29.37 -7.46 47.52
N LEU A 1849 30.01 -8.51 47.04
CA LEU A 1849 31.36 -8.77 47.51
C LEU A 1849 32.33 -7.70 47.05
N ARG A 1850 32.02 -7.01 45.95
CA ARG A 1850 32.90 -5.93 45.53
C ARG A 1850 32.94 -4.76 46.51
N THR A 1851 31.99 -4.67 47.44
CA THR A 1851 31.94 -3.54 48.36
C THR A 1851 32.40 -3.89 49.76
N GLN A 1852 32.92 -5.09 50.00
CA GLN A 1852 33.36 -5.51 51.33
C GLN A 1852 34.87 -5.53 51.41
N PRO A 1853 35.47 -4.81 52.35
CA PRO A 1853 36.93 -4.71 52.37
C PRO A 1853 37.58 -6.02 52.70
N LEU A 1854 38.47 -6.44 51.84
CA LEU A 1854 39.39 -7.52 52.13
C LEU A 1854 40.20 -7.16 53.37
N PRO A 1855 40.51 -8.12 54.24
CA PRO A 1855 41.51 -7.86 55.27
C PRO A 1855 42.93 -7.97 54.71
N GLY A 1856 43.72 -6.94 54.96
CA GLY A 1856 45.08 -6.87 54.44
C GLY A 1856 45.13 -6.48 52.99
N GLU A 1857 44.47 -5.39 52.62
CA GLU A 1857 44.45 -4.90 51.26
C GLU A 1857 45.05 -3.51 51.21
N SER A 1858 45.64 -3.19 50.06
CA SER A 1858 46.16 -1.86 49.81
C SER A 1858 45.18 -0.98 49.07
N SER A 1859 44.37 -1.56 48.20
CA SER A 1859 43.49 -0.80 47.33
C SER A 1859 42.21 -1.59 47.13
N ILE A 1860 41.21 -0.94 46.55
CA ILE A 1860 39.98 -1.65 46.20
C ILE A 1860 40.18 -2.59 45.03
N ALA A 1861 41.36 -2.58 44.43
CA ALA A 1861 41.63 -3.50 43.34
C ALA A 1861 41.93 -4.91 43.81
N ASP A 1862 42.02 -5.13 45.13
CA ASP A 1862 42.20 -6.45 45.70
C ASP A 1862 40.89 -7.10 46.10
N ARG A 1863 39.80 -6.38 46.08
CA ARG A 1863 38.51 -7.00 46.27
C ARG A 1863 38.10 -7.83 45.12
N ALA A 1864 38.98 -8.01 44.14
CA ALA A 1864 38.74 -8.95 43.07
C ALA A 1864 39.20 -10.36 43.43
N HIS A 1865 39.65 -10.55 44.66
CA HIS A 1865 40.14 -11.84 45.13
C HIS A 1865 39.19 -12.55 46.07
N TRP A 1866 38.01 -11.99 46.32
CA TRP A 1866 36.99 -12.74 47.04
C TRP A 1866 36.69 -14.03 46.31
N LEU A 1867 36.24 -13.93 45.07
CA LEU A 1867 36.10 -15.04 44.15
C LEU A 1867 37.07 -14.81 43.00
N ASP A 1868 36.97 -15.64 41.96
CA ASP A 1868 37.75 -15.46 40.74
C ASP A 1868 36.79 -15.46 39.57
N VAL A 1869 36.27 -14.29 39.24
CA VAL A 1869 35.24 -14.15 38.23
C VAL A 1869 35.91 -13.76 36.93
N ASN A 1870 35.45 -14.35 35.84
CA ASN A 1870 35.83 -13.93 34.50
C ASN A 1870 34.89 -12.81 34.10
N MET A 1871 35.40 -11.58 34.08
CA MET A 1871 34.51 -10.43 34.02
C MET A 1871 33.84 -10.26 32.67
N ALA A 1872 34.39 -10.83 31.61
CA ALA A 1872 33.68 -10.84 30.33
C ALA A 1872 32.45 -11.72 30.39
N SER A 1873 32.56 -12.88 31.04
CA SER A 1873 31.42 -13.77 31.19
C SER A 1873 30.35 -13.14 32.08
N ALA A 1874 30.78 -12.46 33.14
CA ALA A 1874 29.83 -11.78 34.00
C ALA A 1874 29.15 -10.62 33.28
N ALA A 1875 29.89 -9.91 32.43
CA ALA A 1875 29.29 -8.85 31.64
C ALA A 1875 28.23 -9.39 30.69
N ALA A 1876 28.56 -10.47 29.98
CA ALA A 1876 27.56 -11.09 29.12
C ALA A 1876 26.34 -11.56 29.90
N ALA A 1877 26.57 -12.15 31.08
CA ALA A 1877 25.47 -12.65 31.87
C ALA A 1877 24.57 -11.53 32.35
N ALA A 1878 25.16 -10.43 32.80
CA ALA A 1878 24.37 -9.29 33.24
C ALA A 1878 23.64 -8.66 32.08
N THR A 1879 24.17 -8.78 30.86
CA THR A 1879 23.44 -8.29 29.71
C THR A 1879 22.23 -9.17 29.42
N ARG A 1880 22.36 -10.49 29.63
CA ARG A 1880 21.22 -11.37 29.40
C ARG A 1880 20.09 -11.07 30.37
N CYS A 1881 20.41 -10.69 31.61
CA CYS A 1881 19.41 -10.46 32.63
C CYS A 1881 18.80 -9.06 32.56
N GLY A 1882 19.28 -8.20 31.70
CA GLY A 1882 18.72 -6.87 31.59
C GLY A 1882 19.26 -5.86 32.57
N MET A 1883 20.45 -6.09 33.11
CA MET A 1883 21.11 -5.16 34.01
C MET A 1883 22.25 -4.53 33.23
N TYR A 1884 21.99 -3.39 32.60
CA TYR A 1884 22.96 -2.87 31.65
C TYR A 1884 24.02 -2.00 32.28
N LYS A 1885 23.72 -1.26 33.36
CA LYS A 1885 24.77 -0.51 34.02
C LYS A 1885 25.72 -1.45 34.75
N VAL A 1886 25.20 -2.51 35.35
CA VAL A 1886 26.04 -3.55 35.94
C VAL A 1886 26.88 -4.22 34.87
N ALA A 1887 26.30 -4.43 33.69
CA ALA A 1887 27.06 -5.01 32.59
C ALA A 1887 28.17 -4.09 32.16
N LEU A 1888 27.91 -2.79 32.13
CA LEU A 1888 28.95 -1.84 31.73
C LEU A 1888 30.08 -1.80 32.75
N LEU A 1889 29.73 -1.84 34.05
CA LEU A 1889 30.77 -1.89 35.07
C LEU A 1889 31.63 -3.13 34.92
N PHE A 1890 31.01 -4.29 34.70
CA PHE A 1890 31.79 -5.51 34.52
C PHE A 1890 32.65 -5.43 33.28
N ALA A 1891 32.12 -4.85 32.20
CA ALA A 1891 32.90 -4.74 30.97
C ALA A 1891 34.13 -3.86 31.19
N GLU A 1892 33.99 -2.80 31.98
CA GLU A 1892 35.14 -1.95 32.26
C GLU A 1892 36.17 -2.69 33.09
N LEU A 1893 35.72 -3.46 34.09
CA LEU A 1893 36.67 -4.26 34.86
C LEU A 1893 37.39 -5.28 33.99
N ALA A 1894 36.68 -5.88 33.04
CA ALA A 1894 37.30 -6.82 32.12
C ALA A 1894 38.37 -6.14 31.29
N ALA A 1895 38.05 -4.98 30.72
CA ALA A 1895 39.03 -4.28 29.91
C ALA A 1895 40.25 -3.91 30.73
N GLU A 1896 40.07 -3.54 31.99
CA GLU A 1896 41.22 -3.32 32.85
C GLU A 1896 42.04 -4.59 33.00
N SER A 1897 41.37 -5.73 33.12
CA SER A 1897 42.09 -6.99 33.26
C SER A 1897 42.92 -7.31 32.02
N THR A 1898 42.47 -6.89 30.84
CA THR A 1898 43.25 -7.19 29.64
C THR A 1898 44.52 -6.36 29.57
N ARG A 1899 44.38 -5.04 29.52
CA ARG A 1899 45.46 -4.10 29.16
C ARG A 1899 46.83 -4.43 29.72
N SER A 1914 34.00 -6.71 22.10
CA SER A 1914 33.27 -5.54 21.62
C SER A 1914 31.98 -5.96 20.94
N ASP A 1915 31.66 -7.24 21.05
CA ASP A 1915 30.36 -7.72 20.63
C ASP A 1915 29.31 -7.61 21.72
N ILE A 1916 29.74 -7.55 22.99
CA ILE A 1916 28.81 -7.34 24.08
C ILE A 1916 28.63 -5.85 24.35
N LEU A 1917 29.64 -5.04 24.03
CA LEU A 1917 29.52 -3.61 24.25
C LEU A 1917 28.46 -3.02 23.36
N LEU A 1918 28.20 -3.61 22.21
CA LEU A 1918 27.16 -3.07 21.35
C LEU A 1918 25.78 -3.28 21.97
N GLU A 1919 25.55 -4.47 22.52
CA GLU A 1919 24.27 -4.73 23.16
C GLU A 1919 24.10 -3.92 24.43
N ILE A 1920 25.21 -3.63 25.12
CA ILE A 1920 25.14 -2.76 26.29
C ILE A 1920 24.78 -1.35 25.88
N PHE A 1921 25.54 -0.79 24.94
CA PHE A 1921 25.38 0.59 24.52
C PHE A 1921 24.01 0.86 23.92
N GLU A 1922 23.48 -0.08 23.13
CA GLU A 1922 22.18 0.12 22.49
C GLU A 1922 21.07 0.31 23.52
N ASN A 1923 21.20 -0.27 24.71
CA ASN A 1923 20.10 -0.32 25.65
C ASN A 1923 20.31 0.52 26.91
N ILE A 1924 21.54 0.88 27.23
CA ILE A 1924 21.75 1.72 28.39
C ILE A 1924 21.11 3.09 28.16
N ASP A 1925 20.77 3.75 29.26
CA ASP A 1925 19.90 4.94 29.20
C ASP A 1925 20.74 6.21 29.27
N ASP A 1926 21.38 6.54 28.14
CA ASP A 1926 22.17 7.75 28.01
C ASP A 1926 22.10 8.17 26.55
N PRO A 1927 21.90 9.44 26.26
CA PRO A 1927 21.76 9.85 24.87
C PRO A 1927 23.03 9.72 24.06
N ASP A 1928 24.20 9.92 24.67
CA ASP A 1928 25.44 10.05 23.93
C ASP A 1928 26.34 8.83 24.02
N ALA A 1929 26.04 7.87 24.88
CA ALA A 1929 26.97 6.76 25.14
C ALA A 1929 27.19 5.92 23.89
N TYR A 1930 26.13 5.69 23.11
CA TYR A 1930 26.18 4.80 21.96
C TYR A 1930 27.20 5.25 20.93
N TYR A 1931 27.43 6.54 20.81
CA TYR A 1931 28.30 7.06 19.79
C TYR A 1931 29.76 6.89 20.12
N GLY A 1932 30.05 6.38 21.32
CA GLY A 1932 31.43 6.13 21.69
C GLY A 1932 31.97 4.82 21.23
N LEU A 1933 31.11 3.95 20.72
CA LEU A 1933 31.49 2.63 20.28
C LEU A 1933 31.95 2.67 18.84
N SER A 1934 33.11 2.08 18.55
CA SER A 1934 33.67 2.05 17.21
C SER A 1934 33.34 0.74 16.52
N GLN A 1935 32.92 0.83 15.27
CA GLN A 1935 32.61 -0.36 14.48
C GLN A 1935 32.96 -0.07 13.03
N ASP A 1936 33.03 -1.13 12.23
CA ASP A 1936 33.42 -0.98 10.83
C ASP A 1936 32.32 -0.26 10.05
N ALA A 1937 32.75 0.62 9.15
CA ALA A 1937 31.85 1.56 8.50
C ALA A 1937 31.28 0.98 7.21
N SER A 1938 30.06 1.39 6.90
CA SER A 1938 29.35 1.03 5.68
C SER A 1938 28.04 1.79 5.68
N LEU A 1939 27.30 1.69 4.58
CA LEU A 1939 25.99 2.34 4.53
C LEU A 1939 25.04 1.69 5.51
N SER A 1940 25.20 0.39 5.76
CA SER A 1940 24.33 -0.30 6.70
C SER A 1940 24.55 0.18 8.12
N THR A 1941 25.80 0.41 8.51
CA THR A 1941 26.08 0.86 9.87
C THR A 1941 25.60 2.29 10.08
N VAL A 1942 25.73 3.14 9.07
CA VAL A 1942 25.17 4.48 9.17
C VAL A 1942 23.66 4.43 9.26
N LEU A 1943 23.05 3.48 8.56
CA LEU A 1943 21.62 3.32 8.70
C LEU A 1943 21.24 2.87 10.09
N ALA A 1944 22.03 1.96 10.66
CA ALA A 1944 21.75 1.50 12.03
C ALA A 1944 21.83 2.66 13.01
N ARG A 1945 22.85 3.50 12.86
CA ARG A 1945 22.98 4.64 13.75
C ARG A 1945 21.83 5.62 13.56
N LEU A 1946 21.36 5.78 12.33
CA LEU A 1946 20.26 6.72 12.09
C LEU A 1946 18.94 6.17 12.62
N GLU A 1947 18.77 4.85 12.65
CA GLU A 1947 17.55 4.31 13.19
C GLU A 1947 17.58 4.27 14.71
N TYR A 1948 18.76 4.06 15.31
CA TYR A 1948 18.89 4.25 16.75
C TYR A 1948 18.57 5.69 17.12
N GLU A 1949 19.14 6.63 16.38
CA GLU A 1949 18.96 8.05 16.62
C GLU A 1949 17.53 8.51 16.38
N ASN A 1950 16.69 7.67 15.80
CA ASN A 1950 15.31 8.02 15.45
C ASN A 1950 15.27 9.27 14.56
N ASP A 1951 16.11 9.26 13.53
CA ASP A 1951 16.10 10.35 12.57
C ASP A 1951 14.90 10.21 11.64
N GLY A 1952 14.57 11.31 10.98
CA GLY A 1952 13.36 11.36 10.18
C GLY A 1952 13.62 11.03 8.73
N ALA A 1953 13.66 12.05 7.88
CA ALA A 1953 13.89 11.81 6.47
C ALA A 1953 15.25 11.19 6.20
N LYS A 1954 16.21 11.40 7.10
CA LYS A 1954 17.56 10.95 6.82
C LYS A 1954 17.64 9.44 6.81
N SER A 1955 16.89 8.76 7.67
CA SER A 1955 16.83 7.31 7.64
C SER A 1955 15.85 6.82 6.60
N LEU A 1956 14.86 7.65 6.27
CA LEU A 1956 13.94 7.31 5.20
C LEU A 1956 14.67 7.17 3.88
N ALA A 1957 15.67 8.00 3.63
CA ALA A 1957 16.43 7.90 2.38
C ALA A 1957 17.17 6.58 2.28
N PHE A 1958 18.00 6.26 3.28
CA PHE A 1958 18.78 5.03 3.25
C PHE A 1958 17.88 3.80 3.26
N ARG A 1959 16.77 3.86 4.00
CA ARG A 1959 15.87 2.71 4.03
C ARG A 1959 15.14 2.53 2.71
N GLY A 1960 14.73 3.62 2.07
CA GLY A 1960 14.12 3.50 0.76
C GLY A 1960 15.08 2.92 -0.26
N ALA A 1961 16.34 3.32 -0.21
CA ALA A 1961 17.33 2.71 -1.10
C ALA A 1961 17.45 1.22 -0.86
N GLN A 1962 17.63 0.81 0.40
CA GLN A 1962 17.74 -0.62 0.70
C GLN A 1962 16.49 -1.36 0.26
N TYR A 1963 15.33 -0.80 0.55
CA TYR A 1963 14.07 -1.48 0.26
C TYR A 1963 13.88 -1.67 -1.23
N ASP A 1964 14.18 -0.65 -2.03
CA ASP A 1964 14.11 -0.82 -3.48
C ASP A 1964 15.08 -1.89 -3.95
N SER A 1965 16.34 -1.80 -3.52
CA SER A 1965 17.33 -2.75 -3.99
C SER A 1965 17.00 -4.17 -3.58
N HIS A 1966 16.23 -4.37 -2.51
CA HIS A 1966 15.83 -5.71 -2.11
C HIS A 1966 14.56 -6.18 -2.77
N LEU A 1967 13.63 -5.28 -3.09
CA LEU A 1967 12.47 -5.67 -3.89
C LEU A 1967 12.89 -6.04 -5.30
N ARG A 1968 13.88 -5.34 -5.85
CA ARG A 1968 14.28 -5.58 -7.23
C ARG A 1968 14.99 -6.91 -7.36
N GLY A 1969 15.88 -7.22 -6.45
CA GLY A 1969 16.60 -8.46 -6.49
C GLY A 1969 15.87 -9.66 -5.91
N ARG A 1970 14.59 -9.51 -5.60
CA ARG A 1970 13.80 -10.57 -4.98
C ARG A 1970 14.47 -11.12 -3.73
N ASP A 1971 15.09 -10.24 -2.97
CA ASP A 1971 15.73 -10.65 -1.73
C ASP A 1971 14.68 -10.82 -0.64
N LEU A 1972 14.98 -11.67 0.33
CA LEU A 1972 14.06 -11.93 1.42
C LEU A 1972 14.18 -10.92 2.55
N GLN A 1973 15.22 -10.10 2.56
CA GLN A 1973 15.34 -9.12 3.63
C GLN A 1973 14.36 -7.96 3.46
N SER A 1974 13.73 -7.82 2.30
CA SER A 1974 12.88 -6.67 2.06
C SER A 1974 11.80 -6.55 3.12
N ARG A 1975 11.29 -7.70 3.58
CA ARG A 1975 10.31 -7.69 4.66
C ARG A 1975 10.81 -6.90 5.85
N GLN A 1976 11.99 -7.27 6.35
CA GLN A 1976 12.62 -6.50 7.43
C GLN A 1976 12.72 -5.03 7.06
N ASP A 1977 13.17 -4.75 5.83
CA ASP A 1977 13.24 -3.38 5.36
C ASP A 1977 11.89 -2.70 5.52
N CYS A 1978 10.83 -3.33 5.00
CA CYS A 1978 9.50 -2.77 5.14
C CYS A 1978 9.20 -2.49 6.60
N ASN A 1979 9.51 -3.45 7.48
CA ASN A 1979 9.30 -3.24 8.91
C ASN A 1979 9.99 -1.95 9.34
N ALA A 1980 11.29 -1.85 9.07
CA ALA A 1980 12.02 -0.66 9.47
C ALA A 1980 11.34 0.59 8.93
N LEU A 1981 10.96 0.56 7.65
CA LEU A 1981 10.35 1.73 7.06
C LEU A 1981 9.12 2.15 7.84
N ILE A 1982 8.27 1.17 8.17
CA ILE A 1982 7.07 1.49 8.94
C ILE A 1982 7.46 2.24 10.19
N LYS A 1983 8.42 1.69 10.93
CA LYS A 1983 8.90 2.36 12.14
C LYS A 1983 9.30 3.79 11.83
N ALA A 1984 10.17 3.98 10.83
CA ALA A 1984 10.60 5.32 10.48
C ALA A 1984 9.41 6.21 10.19
N LEU A 1985 8.48 5.73 9.38
CA LEU A 1985 7.39 6.60 8.97
C LEU A 1985 6.42 6.86 10.10
N SER A 1986 6.47 6.09 11.17
CA SER A 1986 5.64 6.40 12.32
C SER A 1986 6.35 7.27 13.33
N SER A 1987 7.65 7.50 13.16
CA SER A 1987 8.36 8.44 14.01
C SER A 1987 8.38 9.83 13.41
N LEU A 1988 7.95 9.98 12.16
CA LEU A 1988 7.87 11.27 11.50
C LEU A 1988 6.51 11.93 11.69
N GLY A 1989 5.45 11.16 11.62
CA GLY A 1989 4.11 11.71 11.63
C GLY A 1989 3.36 11.46 10.34
N LEU A 1990 4.03 10.91 9.33
CA LEU A 1990 3.38 10.52 8.09
C LEU A 1990 2.61 9.23 8.32
N ALA A 1991 1.35 9.36 8.70
CA ALA A 1991 0.55 8.19 9.01
C ALA A 1991 -0.06 7.55 7.79
N GLY A 1992 -0.41 8.32 6.76
CA GLY A 1992 -0.98 7.72 5.56
C GLY A 1992 0.00 6.82 4.85
N LEU A 1993 1.26 7.25 4.73
CA LEU A 1993 2.25 6.43 4.07
C LEU A 1993 2.50 5.14 4.83
N SER A 1994 2.56 5.21 6.16
CA SER A 1994 2.77 3.98 6.91
C SER A 1994 1.54 3.07 6.85
N ASN A 1995 0.36 3.64 6.78
CA ASN A 1995 -0.85 2.83 6.61
C ASN A 1995 -0.80 2.04 5.31
N SER A 1996 -0.45 2.72 4.21
CA SER A 1996 -0.33 2.04 2.93
C SER A 1996 0.80 1.01 2.94
N LEU A 1997 1.88 1.29 3.66
CA LEU A 1997 2.93 0.28 3.80
C LEU A 1997 2.47 -0.90 4.65
N LEU A 1998 1.47 -0.70 5.50
CA LEU A 1998 1.00 -1.76 6.36
C LEU A 1998 0.15 -2.76 5.61
N GLN A 1999 -0.86 -2.27 4.89
CA GLN A 1999 -1.77 -3.20 4.21
C GLN A 1999 -1.03 -4.11 3.24
N SER A 2000 -0.04 -3.56 2.52
CA SER A 2000 0.71 -4.35 1.55
C SER A 2000 1.33 -5.59 2.19
N GLN A 2001 2.04 -5.41 3.30
CA GLN A 2001 2.63 -6.54 4.01
C GLN A 2001 1.56 -7.54 4.41
N GLN A 2002 1.82 -8.82 4.11
CA GLN A 2002 0.87 -9.90 4.36
C GLN A 2002 1.38 -10.97 5.31
N SER A 2003 2.68 -11.03 5.58
CA SER A 2003 3.20 -11.82 6.70
C SER A 2003 3.49 -10.83 7.82
N ILE A 2004 2.53 -10.67 8.74
CA ILE A 2004 2.70 -9.72 9.82
C ILE A 2004 3.38 -10.46 10.97
N ASP A 2005 4.67 -10.77 10.82
CA ASP A 2005 5.44 -11.48 11.85
C ASP A 2005 6.76 -10.73 12.07
N GLY A 2006 6.65 -9.65 12.83
CA GLY A 2006 7.66 -8.64 13.08
C GLY A 2006 7.93 -8.31 14.54
N SER A 2007 8.52 -9.13 15.38
CA SER A 2007 8.25 -9.34 16.81
C SER A 2007 7.09 -8.53 17.39
N SER A 2008 7.32 -7.36 18.00
CA SER A 2008 6.26 -6.57 18.62
C SER A 2008 6.28 -5.17 18.08
N ASP A 2009 7.25 -4.87 17.21
CA ASP A 2009 7.32 -3.57 16.55
C ASP A 2009 6.11 -3.36 15.63
N SER A 2010 5.70 -4.42 14.93
CA SER A 2010 4.54 -4.33 14.05
C SER A 2010 3.24 -4.29 14.83
N LEU A 2011 3.20 -4.96 15.98
CA LEU A 2011 2.00 -4.95 16.83
C LEU A 2011 1.67 -3.53 17.26
N ASP A 2012 2.67 -2.78 17.71
CA ASP A 2012 2.44 -1.41 18.16
C ASP A 2012 2.21 -0.47 16.99
N ALA A 2013 2.91 -0.73 15.88
CA ALA A 2013 2.73 0.11 14.70
C ALA A 2013 1.37 -0.06 14.04
N THR A 2014 0.69 -1.19 14.25
CA THR A 2014 -0.61 -1.39 13.64
C THR A 2014 -1.72 -0.65 14.36
N PHE A 2015 -1.46 -0.11 15.54
CA PHE A 2015 -2.49 0.58 16.30
C PHE A 2015 -2.19 2.05 16.54
N THR A 2016 -0.93 2.46 16.53
CA THR A 2016 -0.66 3.89 16.51
C THR A 2016 -1.27 4.54 15.28
N THR A 2017 -1.06 3.93 14.11
CA THR A 2017 -1.57 4.49 12.87
C THR A 2017 -3.08 4.50 12.85
N ALA A 2018 -3.70 3.45 13.36
CA ALA A 2018 -5.15 3.40 13.40
C ALA A 2018 -5.71 4.47 14.30
N ARG A 2019 -5.03 4.78 15.40
CA ARG A 2019 -5.52 5.83 16.27
C ARG A 2019 -5.33 7.20 15.66
N LYS A 2020 -4.22 7.41 14.94
CA LYS A 2020 -3.98 8.72 14.36
C LYS A 2020 -4.93 9.01 13.22
N LEU A 2021 -5.17 8.03 12.34
CA LEU A 2021 -6.10 8.21 11.25
C LEU A 2021 -7.55 8.01 11.67
N GLU A 2022 -7.80 7.62 12.92
CA GLU A 2022 -9.15 7.41 13.45
C GLU A 2022 -9.88 6.32 12.67
N ILE A 2023 -9.29 5.14 12.67
CA ILE A 2023 -9.88 3.94 12.10
C ILE A 2023 -10.30 3.04 13.26
N TRP A 2024 -11.56 3.14 13.67
CA TRP A 2024 -12.01 2.58 14.94
C TRP A 2024 -12.62 1.19 14.80
N ASN A 2025 -12.26 0.42 13.78
CA ASN A 2025 -12.85 -0.89 13.59
C ASN A 2025 -11.78 -1.97 13.49
N LEU A 2026 -10.68 -1.78 14.11
CA LEU A 2026 -9.76 -2.90 14.12
C LEU A 2026 -10.13 -3.84 15.26
N PRO A 2027 -9.99 -5.13 15.08
CA PRO A 2027 -10.20 -6.06 16.18
C PRO A 2027 -8.96 -6.11 17.04
N ALA A 2028 -9.04 -5.55 18.22
CA ALA A 2028 -7.87 -5.39 19.06
C ALA A 2028 -7.61 -6.67 19.84
N PRO A 2029 -6.39 -7.17 19.87
CA PRO A 2029 -6.10 -8.37 20.63
C PRO A 2029 -6.34 -8.14 22.10
N VAL A 2030 -6.62 -9.23 22.81
CA VAL A 2030 -6.89 -9.19 24.24
C VAL A 2030 -5.70 -9.77 24.97
N ASN A 2031 -5.38 -9.18 26.13
CA ASN A 2031 -4.20 -9.52 26.92
C ASN A 2031 -2.92 -9.34 26.09
N SER A 2032 -2.66 -8.09 25.72
CA SER A 2032 -1.46 -7.70 24.99
C SER A 2032 -0.65 -6.73 25.83
N ASP A 2033 0.67 -6.84 25.70
CA ASP A 2033 1.60 -6.03 26.48
C ASP A 2033 1.95 -4.73 25.79
N SER A 2034 1.11 -4.25 24.91
CA SER A 2034 1.41 -3.10 24.08
C SER A 2034 0.61 -1.91 24.57
N TRP A 2035 1.25 -0.76 24.68
CA TRP A 2035 0.53 0.44 25.13
C TRP A 2035 -0.40 0.95 24.05
N ALA A 2036 -0.02 0.79 22.78
CA ALA A 2036 -0.83 1.32 21.69
C ALA A 2036 -2.17 0.61 21.64
N VAL A 2037 -2.18 -0.70 21.92
CA VAL A 2037 -3.42 -1.46 21.95
C VAL A 2037 -4.32 -0.99 23.07
N THR A 2038 -3.73 -0.73 24.24
CA THR A 2038 -4.52 -0.28 25.39
C THR A 2038 -5.18 1.05 25.10
N VAL A 2039 -4.39 2.02 24.67
CA VAL A 2039 -4.93 3.34 24.35
C VAL A 2039 -5.95 3.25 23.22
N TYR A 2040 -5.69 2.38 22.24
CA TYR A 2040 -6.61 2.23 21.13
C TYR A 2040 -7.93 1.67 21.59
N LYS A 2041 -7.91 0.69 22.49
CA LYS A 2041 -9.15 0.12 22.97
C LYS A 2041 -9.95 1.15 23.74
N ALA A 2042 -9.28 1.99 24.53
CA ALA A 2042 -10.01 3.05 25.22
C ALA A 2042 -10.69 3.99 24.23
N TYR A 2043 -9.98 4.44 23.21
CA TYR A 2043 -10.59 5.40 22.29
C TYR A 2043 -11.66 4.75 21.44
N GLN A 2044 -11.43 3.50 21.03
CA GLN A 2044 -12.43 2.78 20.26
C GLN A 2044 -13.72 2.67 21.03
N SER A 2045 -13.64 2.19 22.28
CA SER A 2045 -14.81 2.14 23.13
C SER A 2045 -15.44 3.50 23.31
N MET A 2046 -14.66 4.56 23.28
CA MET A 2046 -15.25 5.89 23.30
C MET A 2046 -16.04 6.17 22.03
N TYR A 2047 -15.63 5.60 20.91
CA TYR A 2047 -16.37 5.80 19.67
C TYR A 2047 -17.65 4.98 19.64
N GLN A 2048 -17.57 3.70 19.99
CA GLN A 2048 -18.71 2.78 19.92
C GLN A 2048 -19.36 2.63 21.28
N ALA A 2049 -19.95 3.72 21.76
CA ALA A 2049 -20.63 3.67 23.06
C ALA A 2049 -21.59 4.82 23.17
N GLN A 2050 -22.70 4.59 23.86
CA GLN A 2050 -23.73 5.61 24.03
C GLN A 2050 -23.84 6.11 25.46
N GLU A 2051 -23.10 5.53 26.40
CA GLU A 2051 -23.15 5.94 27.79
C GLU A 2051 -21.73 6.04 28.35
N LEU A 2052 -21.53 7.02 29.23
CA LEU A 2052 -20.22 7.25 29.81
C LEU A 2052 -19.73 6.10 30.68
N ASP A 2053 -20.62 5.26 31.18
CA ASP A 2053 -20.20 4.20 32.08
C ASP A 2053 -19.36 3.16 31.36
N THR A 2054 -19.72 2.82 30.12
CA THR A 2054 -18.94 1.86 29.36
C THR A 2054 -17.54 2.40 29.10
N VAL A 2055 -17.44 3.68 28.78
CA VAL A 2055 -16.14 4.28 28.50
C VAL A 2055 -15.29 4.32 29.76
N ARG A 2056 -15.88 4.69 30.90
CA ARG A 2056 -15.14 4.68 32.15
C ARG A 2056 -14.67 3.29 32.50
N SER A 2057 -15.51 2.28 32.27
CA SER A 2057 -15.10 0.91 32.56
C SER A 2057 -13.92 0.50 31.70
N MET A 2058 -13.93 0.89 30.43
CA MET A 2058 -12.82 0.53 29.56
C MET A 2058 -11.54 1.26 29.94
N VAL A 2059 -11.65 2.53 30.34
CA VAL A 2059 -10.49 3.28 30.79
C VAL A 2059 -9.90 2.65 32.05
N HIS A 2060 -10.75 2.28 33.00
CA HIS A 2060 -10.25 1.68 34.24
C HIS A 2060 -9.62 0.32 33.98
N ASP A 2061 -10.19 -0.47 33.07
CA ASP A 2061 -9.55 -1.72 32.71
C ASP A 2061 -8.18 -1.47 32.10
N GLY A 2062 -8.06 -0.40 31.32
CA GLY A 2062 -6.76 -0.08 30.74
C GLY A 2062 -5.73 0.28 31.79
N LEU A 2063 -6.12 1.12 32.75
CA LEU A 2063 -5.19 1.49 33.83
C LEU A 2063 -4.77 0.27 34.63
N LYS A 2064 -5.72 -0.61 34.94
CA LYS A 2064 -5.40 -1.81 35.71
C LYS A 2064 -4.42 -2.70 34.98
N ASN A 2065 -4.66 -2.95 33.70
CA ASN A 2065 -3.77 -3.81 32.94
C ASN A 2065 -2.39 -3.19 32.79
N THR A 2066 -2.33 -1.89 32.58
CA THR A 2066 -1.03 -1.25 32.44
C THR A 2066 -0.22 -1.36 33.72
N VAL A 2067 -0.87 -1.20 34.87
CA VAL A 2067 -0.13 -1.33 36.13
C VAL A 2067 0.34 -2.77 36.32
N ARG A 2068 -0.50 -3.75 36.00
CA ARG A 2068 -0.03 -5.12 36.12
C ARG A 2068 1.17 -5.38 35.23
N HIS A 2069 1.18 -4.78 34.04
CA HIS A 2069 2.31 -5.01 33.15
C HIS A 2069 3.57 -4.32 33.66
N LEU A 2070 3.43 -3.12 34.24
CA LEU A 2070 4.58 -2.48 34.86
C LEU A 2070 5.13 -3.30 36.01
N SER A 2071 4.25 -3.97 36.75
CA SER A 2071 4.71 -4.83 37.84
C SER A 2071 5.35 -6.12 37.35
N SER A 2072 5.11 -6.51 36.10
CA SER A 2072 5.64 -7.78 35.62
C SER A 2072 7.16 -7.89 35.67
N GLY A 2073 7.89 -6.79 35.78
CA GLY A 2073 9.33 -6.91 35.92
C GLY A 2073 10.20 -6.50 34.73
N SER A 2074 10.69 -7.47 33.96
CA SER A 2074 11.79 -7.22 33.04
C SER A 2074 11.39 -6.35 31.86
N LEU A 2075 11.54 -5.04 32.04
CA LEU A 2075 11.30 -4.04 31.01
C LEU A 2075 12.49 -3.11 31.02
N ASN A 2076 13.05 -2.84 29.85
CA ASN A 2076 14.09 -1.83 29.77
C ASN A 2076 13.43 -0.46 29.78
N THR A 2077 14.23 0.59 29.62
CA THR A 2077 13.75 1.93 29.96
C THR A 2077 12.75 2.47 28.94
N SER A 2078 12.93 2.15 27.66
CA SER A 2078 12.01 2.69 26.66
C SER A 2078 10.62 2.12 26.82
N VAL A 2079 10.51 0.81 27.03
CA VAL A 2079 9.19 0.20 27.24
C VAL A 2079 8.58 0.70 28.53
N LEU A 2080 9.39 0.88 29.56
CA LEU A 2080 8.90 1.42 30.82
C LEU A 2080 8.31 2.81 30.63
N ARG A 2081 9.04 3.68 29.94
CA ARG A 2081 8.53 5.02 29.76
C ARG A 2081 7.32 5.05 28.85
N GLN A 2082 7.23 4.10 27.90
CA GLN A 2082 6.03 4.01 27.08
C GLN A 2082 4.82 3.63 27.93
N GLN A 2083 4.98 2.67 28.84
CA GLN A 2083 3.85 2.29 29.68
C GLN A 2083 3.41 3.43 30.57
N LEU A 2084 4.36 4.17 31.13
CA LEU A 2084 3.99 5.31 31.95
C LEU A 2084 3.28 6.38 31.13
N GLY A 2085 3.70 6.60 29.89
CA GLY A 2085 3.00 7.54 29.03
C GLY A 2085 1.60 7.07 28.68
N ALA A 2086 1.39 5.76 28.58
CA ALA A 2086 0.05 5.23 28.41
C ALA A 2086 -0.82 5.52 29.62
N LEU A 2087 -0.27 5.37 30.82
CA LEU A 2087 -1.01 5.74 32.02
C LEU A 2087 -1.38 7.21 31.98
N ALA A 2088 -0.46 8.07 31.56
CA ALA A 2088 -0.76 9.51 31.52
C ALA A 2088 -1.85 9.83 30.52
N ALA A 2089 -1.83 9.18 29.36
CA ALA A 2089 -2.85 9.41 28.35
C ALA A 2089 -4.22 8.97 28.83
N LEU A 2090 -4.31 7.78 29.45
CA LEU A 2090 -5.58 7.32 29.98
C LEU A 2090 -6.08 8.25 31.09
N THR A 2091 -5.18 8.79 31.89
CA THR A 2091 -5.61 9.69 32.95
C THR A 2091 -6.17 11.00 32.38
N GLU A 2092 -5.54 11.54 31.35
CA GLU A 2092 -6.10 12.76 30.75
C GLU A 2092 -7.44 12.49 30.09
N LEU A 2093 -7.59 11.32 29.47
CA LEU A 2093 -8.88 10.93 28.92
C LEU A 2093 -9.93 10.89 30.01
N ASP A 2094 -9.62 10.24 31.11
CA ASP A 2094 -10.57 10.14 32.21
C ASP A 2094 -10.87 11.50 32.83
N ASP A 2095 -9.93 12.43 32.72
CA ASP A 2095 -10.17 13.77 33.25
C ASP A 2095 -11.16 14.54 32.41
N ILE A 2096 -11.00 14.52 31.08
CA ILE A 2096 -11.97 15.27 30.29
C ILE A 2096 -13.29 14.56 30.17
N LEU A 2097 -13.36 13.24 30.36
CA LEU A 2097 -14.66 12.60 30.33
C LEU A 2097 -15.54 13.01 31.49
N ASN A 2098 -14.97 13.52 32.58
CA ASN A 2098 -15.69 13.77 33.82
C ASN A 2098 -15.93 15.24 34.08
N VAL A 2099 -15.87 16.08 33.07
CA VAL A 2099 -16.17 17.50 33.27
C VAL A 2099 -17.68 17.66 33.26
N ARG A 2100 -18.17 18.57 34.11
CA ARG A 2100 -19.60 18.80 34.23
C ARG A 2100 -20.04 20.19 33.84
N ASP A 2101 -19.16 21.18 33.88
CA ASP A 2101 -19.54 22.54 33.57
C ASP A 2101 -18.36 23.26 32.93
N GLN A 2102 -18.47 24.57 32.79
CA GLN A 2102 -17.45 25.35 32.10
C GLN A 2102 -16.21 25.54 32.97
N SER A 2103 -16.40 25.76 34.28
CA SER A 2103 -15.27 26.04 35.15
C SER A 2103 -14.28 24.88 35.20
N GLU A 2104 -14.79 23.64 35.19
CA GLU A 2104 -13.87 22.51 35.15
C GLU A 2104 -13.19 22.39 33.80
N LEU A 2105 -13.87 22.80 32.73
CA LEU A 2105 -13.21 22.83 31.42
C LEU A 2105 -12.03 23.78 31.45
N GLN A 2106 -12.24 24.97 31.98
CA GLN A 2106 -11.15 25.93 32.06
C GLN A 2106 -10.06 25.44 33.00
N CYS A 2107 -10.41 24.73 34.07
CA CYS A 2107 -9.38 24.21 34.96
C CYS A 2107 -8.57 23.11 34.27
N THR A 2108 -9.22 22.29 33.45
CA THR A 2108 -8.48 21.29 32.68
C THR A 2108 -7.51 21.96 31.73
N LEU A 2109 -7.96 23.02 31.05
CA LEU A 2109 -7.06 23.73 30.16
C LEU A 2109 -5.85 24.29 30.91
N ALA A 2110 -6.08 24.89 32.08
CA ALA A 2110 -4.97 25.42 32.85
C ALA A 2110 -4.00 24.31 33.27
N THR A 2111 -4.53 23.14 33.59
CA THR A 2111 -3.67 22.01 33.88
C THR A 2111 -2.79 21.68 32.69
N PHE A 2112 -3.37 21.71 31.49
CA PHE A 2112 -2.56 21.45 30.30
C PHE A 2112 -1.43 22.45 30.18
N GLU A 2113 -1.68 23.70 30.55
CA GLU A 2113 -0.64 24.72 30.45
C GLU A 2113 0.52 24.46 31.42
N LYS A 2114 0.21 24.16 32.68
CA LYS A 2114 1.29 23.86 33.62
C LYS A 2114 2.09 22.65 33.17
N ARG A 2115 1.41 21.61 32.69
CA ARG A 2115 2.17 20.48 32.20
C ARG A 2115 3.03 20.87 31.02
N SER A 2116 2.61 21.84 30.21
CA SER A 2116 3.49 22.33 29.16
C SER A 2116 4.78 22.90 29.74
N LYS A 2117 4.65 23.61 30.86
CA LYS A 2117 5.85 24.12 31.54
C LYS A 2117 6.83 22.99 31.79
N TRP A 2118 6.34 21.84 32.26
CA TRP A 2118 7.30 20.74 32.45
C TRP A 2118 7.78 20.19 31.11
N MET A 2119 6.93 20.21 30.08
CA MET A 2119 7.21 19.47 28.86
C MET A 2119 8.30 20.11 28.04
N MET A 2120 8.41 21.43 28.09
CA MET A 2120 9.34 22.13 27.21
C MET A 2120 10.74 21.58 27.24
N SER A 2121 11.19 21.01 28.35
CA SER A 2121 12.56 20.55 28.45
C SER A 2121 12.68 19.05 28.61
N GLY A 2122 11.57 18.33 28.67
CA GLY A 2122 11.59 16.90 28.92
C GLY A 2122 12.04 16.11 27.72
N ARG A 2123 12.07 14.80 27.91
CA ARG A 2123 12.48 13.91 26.83
C ARG A 2123 11.47 13.99 25.70
N TYR A 2124 11.92 13.68 24.49
CA TYR A 2124 11.04 13.93 23.35
C TYR A 2124 10.06 12.81 23.12
N ALA A 2125 10.45 11.56 23.37
CA ALA A 2125 9.51 10.46 23.16
C ALA A 2125 8.30 10.60 24.06
N ASP A 2126 8.53 10.87 25.35
CA ASP A 2126 7.43 11.01 26.29
C ASP A 2126 6.52 12.15 25.89
N VAL A 2127 7.10 13.29 25.49
CA VAL A 2127 6.30 14.45 25.17
C VAL A 2127 5.48 14.21 23.92
N SER A 2128 6.08 13.61 22.89
CA SER A 2128 5.34 13.39 21.66
C SER A 2128 4.21 12.42 21.89
N GLN A 2129 4.45 11.38 22.68
CA GLN A 2129 3.41 10.40 22.94
C GLN A 2129 2.24 11.01 23.70
N ILE A 2130 2.53 11.74 24.77
CA ILE A 2130 1.46 12.36 25.56
C ILE A 2130 0.68 13.36 24.73
N LEU A 2131 1.38 14.14 23.90
CA LEU A 2131 0.69 15.20 23.17
C LEU A 2131 -0.14 14.64 22.03
N SER A 2132 0.32 13.58 21.37
CA SER A 2132 -0.52 12.98 20.35
C SER A 2132 -1.76 12.35 20.95
N CYS A 2133 -1.62 11.65 22.09
CA CYS A 2133 -2.81 11.09 22.72
C CYS A 2133 -3.77 12.18 23.18
N ARG A 2134 -3.24 13.33 23.62
CA ARG A 2134 -4.11 14.42 24.02
C ARG A 2134 -4.87 15.00 22.83
N GLU A 2135 -4.22 15.06 21.67
CA GLU A 2135 -4.92 15.50 20.47
C GLU A 2135 -6.08 14.58 20.13
N THR A 2136 -5.82 13.26 20.19
CA THR A 2136 -6.89 12.32 19.90
C THR A 2136 -8.03 12.48 20.89
N THR A 2137 -7.71 12.66 22.16
CA THR A 2137 -8.73 12.80 23.19
C THR A 2137 -9.61 14.00 22.92
N LEU A 2138 -9.01 15.16 22.66
CA LEU A 2138 -9.82 16.35 22.48
C LEU A 2138 -10.66 16.27 21.23
N SER A 2139 -10.14 15.68 20.15
CA SER A 2139 -10.95 15.59 18.94
C SER A 2139 -12.12 14.64 19.12
N MET A 2140 -11.87 13.45 19.71
CA MET A 2140 -12.95 12.52 19.94
C MET A 2140 -14.01 13.12 20.86
N TRP A 2141 -13.60 13.83 21.89
CA TRP A 2141 -14.59 14.45 22.77
C TRP A 2141 -15.39 15.50 22.03
N SER A 2142 -14.77 16.20 21.08
CA SER A 2142 -15.53 17.19 20.35
C SER A 2142 -16.51 16.56 19.39
N GLN A 2143 -16.23 15.36 18.91
CA GLN A 2143 -17.11 14.73 17.94
C GLN A 2143 -18.32 14.08 18.60
N ARG A 2144 -18.11 13.42 19.74
CA ARG A 2144 -19.13 12.55 20.35
C ARG A 2144 -20.04 13.37 21.25
N HIS A 2145 -21.18 13.77 20.71
CA HIS A 2145 -22.05 14.71 21.41
C HIS A 2145 -22.82 14.05 22.57
N ASN A 2146 -23.04 12.75 22.52
CA ASN A 2146 -23.86 12.13 23.56
C ASN A 2146 -23.08 11.80 24.81
N LEU A 2147 -21.74 11.76 24.73
CA LEU A 2147 -20.91 11.54 25.90
C LEU A 2147 -20.74 12.79 26.75
N ARG A 2148 -20.98 13.96 26.20
CA ARG A 2148 -20.72 15.19 26.94
C ARG A 2148 -21.84 15.47 27.93
N ALA A 2149 -21.58 16.42 28.82
CA ALA A 2149 -22.52 16.74 29.88
C ALA A 2149 -23.64 17.59 29.30
N ALA A 2150 -24.47 18.18 30.17
CA ALA A 2150 -25.64 18.90 29.70
C ALA A 2150 -25.26 20.24 29.10
N GLY A 2151 -24.63 21.09 29.90
CA GLY A 2151 -24.43 22.47 29.47
C GLY A 2151 -23.18 22.73 28.66
N LEU A 2152 -22.61 21.70 28.05
CA LEU A 2152 -21.41 21.84 27.24
C LEU A 2152 -21.79 21.71 25.78
N THR A 2153 -21.97 22.85 25.11
CA THR A 2153 -22.36 22.86 23.72
C THR A 2153 -21.19 22.42 22.85
N SER A 2154 -21.41 22.37 21.54
CA SER A 2154 -20.34 21.96 20.65
C SER A 2154 -19.34 23.07 20.39
N ALA A 2155 -19.75 24.32 20.53
CA ALA A 2155 -18.81 25.42 20.40
C ALA A 2155 -17.76 25.37 21.49
N ASP A 2156 -18.16 24.98 22.70
CA ASP A 2156 -17.22 24.87 23.81
C ASP A 2156 -16.20 23.77 23.55
N ALA A 2157 -16.66 22.61 23.12
CA ALA A 2157 -15.72 21.53 22.84
C ALA A 2157 -14.80 21.88 21.70
N ARG A 2158 -15.32 22.55 20.67
CA ARG A 2158 -14.47 22.96 19.57
C ARG A 2158 -13.41 23.94 20.03
N LEU A 2159 -13.82 24.95 20.78
CA LEU A 2159 -12.88 25.96 21.24
C LEU A 2159 -11.78 25.34 22.10
N VAL A 2160 -12.15 24.42 22.97
CA VAL A 2160 -11.14 23.79 23.80
C VAL A 2160 -10.19 22.95 22.96
N GLN A 2161 -10.72 22.26 21.95
CA GLN A 2161 -9.84 21.50 21.07
C GLN A 2161 -8.82 22.39 20.40
N ILE A 2162 -9.28 23.54 19.92
CA ILE A 2162 -8.39 24.47 19.23
C ILE A 2162 -7.31 24.99 20.16
N ARG A 2163 -7.68 25.35 21.39
CA ARG A 2163 -6.69 25.85 22.32
C ARG A 2163 -5.67 24.78 22.69
N GLY A 2164 -6.11 23.55 22.92
CA GLY A 2164 -5.17 22.48 23.18
C GLY A 2164 -4.21 22.26 22.02
N MET A 2165 -4.69 22.39 20.80
CA MET A 2165 -3.81 22.22 19.65
C MET A 2165 -2.78 23.34 19.57
N LEU A 2166 -3.19 24.58 19.83
CA LEU A 2166 -2.22 25.69 19.75
C LEU A 2166 -1.15 25.55 20.82
N LEU A 2167 -1.54 25.09 22.01
CA LEU A 2167 -0.57 24.80 23.06
C LEU A 2167 0.43 23.73 22.62
N SER A 2168 -0.06 22.63 22.05
CA SER A 2168 0.85 21.61 21.57
C SER A 2168 1.76 22.14 20.48
N SER A 2169 1.29 23.13 19.72
CA SER A 2169 2.13 23.68 18.66
C SER A 2169 3.30 24.46 19.24
N ASP A 2170 3.06 25.26 20.28
CA ASP A 2170 4.18 25.88 20.99
C ASP A 2170 5.19 24.85 21.46
N ILE A 2171 4.71 23.80 22.14
CA ILE A 2171 5.62 22.81 22.70
C ILE A 2171 6.43 22.13 21.62
N PHE A 2172 5.81 21.79 20.50
CA PHE A 2172 6.52 21.15 19.40
C PHE A 2172 7.47 22.11 18.72
N ARG A 2173 7.18 23.41 18.74
CA ARG A 2173 8.09 24.36 18.10
C ARG A 2173 9.43 24.45 18.83
N PHE A 2174 9.41 24.47 20.18
CA PHE A 2174 10.69 24.52 20.87
C PHE A 2174 11.53 23.27 20.62
N HIS A 2175 10.91 22.10 20.58
CA HIS A 2175 11.68 20.89 20.33
C HIS A 2175 12.20 20.83 18.92
N ARG A 2176 11.87 21.80 18.08
CA ARG A 2176 12.27 21.81 16.67
C ARG A 2176 11.85 20.52 15.97
N ALA A 2177 10.59 20.16 16.14
CA ALA A 2177 9.98 19.05 15.44
C ALA A 2177 9.18 19.65 14.29
N ARG A 2178 9.78 19.69 13.11
CA ARG A 2178 9.14 20.37 12.00
C ARG A 2178 7.87 19.64 11.57
N GLN A 2179 7.96 18.33 11.43
CA GLN A 2179 6.83 17.61 10.87
C GLN A 2179 5.62 17.64 11.78
N GLU A 2180 5.83 17.75 13.08
CA GLU A 2180 4.68 17.77 13.97
C GLU A 2180 3.99 19.13 13.98
N THR A 2181 4.75 20.22 13.85
CA THR A 2181 4.10 21.50 13.67
C THR A 2181 3.38 21.58 12.34
N LEU A 2182 3.92 20.92 11.32
CA LEU A 2182 3.24 20.88 10.04
C LEU A 2182 1.92 20.11 10.14
N ASN A 2183 1.97 18.92 10.74
CA ASN A 2183 0.74 18.15 10.95
C ASN A 2183 -0.28 18.95 11.74
N LEU A 2184 0.15 19.59 12.83
CA LEU A 2184 -0.81 20.31 13.66
C LEU A 2184 -1.41 21.48 12.92
N SER A 2185 -0.61 22.25 12.18
CA SER A 2185 -1.17 23.42 11.53
C SER A 2185 -2.08 23.02 10.39
N THR A 2186 -1.80 21.92 9.72
CA THR A 2186 -2.72 21.43 8.70
C THR A 2186 -4.04 20.98 9.32
N ALA A 2187 -3.97 20.16 10.37
CA ALA A 2187 -5.19 19.68 11.01
C ALA A 2187 -5.97 20.81 11.64
N LEU A 2188 -5.32 21.91 11.98
CA LEU A 2188 -6.04 23.07 12.49
C LEU A 2188 -6.71 23.83 11.38
N SER A 2189 -6.01 24.04 10.27
CA SER A 2189 -6.61 24.72 9.14
C SER A 2189 -7.80 23.97 8.60
N ASP A 2190 -7.85 22.65 8.78
CA ASP A 2190 -9.02 21.92 8.33
C ASP A 2190 -10.23 22.11 9.24
N LEU A 2191 -10.08 22.69 10.42
CA LEU A 2191 -11.21 22.86 11.31
C LEU A 2191 -11.96 24.16 11.11
N ILE A 2192 -11.47 25.05 10.26
CA ILE A 2192 -12.05 26.38 10.12
C ILE A 2192 -13.44 26.35 9.49
N PRO A 2193 -13.69 25.58 8.42
CA PRO A 2193 -15.06 25.51 7.93
C PRO A 2193 -16.06 25.02 8.96
N SER A 2194 -15.73 23.97 9.71
CA SER A 2194 -16.63 23.49 10.74
C SER A 2194 -16.67 24.38 11.97
N CYS A 2195 -15.74 25.33 12.09
CA CYS A 2195 -15.77 26.29 13.19
C CYS A 2195 -16.58 27.53 12.86
N GLU A 2196 -16.63 27.92 11.59
CA GLU A 2196 -17.44 29.07 11.22
C GLU A 2196 -18.93 28.79 11.29
N SER A 2197 -19.33 27.52 11.21
CA SER A 2197 -20.74 27.18 11.30
C SER A 2197 -21.23 27.03 12.74
N LEU A 2198 -20.32 26.83 13.68
CA LEU A 2198 -20.66 26.79 15.10
C LEU A 2198 -20.70 28.17 15.73
N GLY A 2199 -20.35 29.21 14.98
CA GLY A 2199 -20.33 30.55 15.51
C GLY A 2199 -19.03 30.98 16.13
N LEU A 2200 -17.93 30.36 15.75
CA LEU A 2200 -16.62 30.68 16.30
C LEU A 2200 -15.82 31.50 15.30
N SER A 2201 -15.00 32.40 15.81
CA SER A 2201 -14.10 33.20 15.01
C SER A 2201 -12.70 32.84 15.45
N VAL A 2202 -12.09 31.87 14.77
CA VAL A 2202 -10.75 31.42 15.12
C VAL A 2202 -9.85 31.41 13.89
N ASP A 2203 -10.15 32.26 12.92
CA ASP A 2203 -9.37 32.26 11.69
C ASP A 2203 -8.01 32.91 11.89
N ALA A 2204 -7.93 33.94 12.71
CA ALA A 2204 -6.67 34.67 12.85
C ALA A 2204 -5.62 33.83 13.58
N ALA A 2205 -6.01 33.18 14.67
CA ALA A 2205 -5.04 32.38 15.41
C ALA A 2205 -4.55 31.20 14.60
N ILE A 2206 -5.45 30.58 13.84
CA ILE A 2206 -5.09 29.41 13.05
C ILE A 2206 -4.21 29.81 11.86
N LYS A 2207 -4.52 30.93 11.21
CA LYS A 2207 -3.65 31.39 10.14
C LYS A 2207 -2.30 31.85 10.68
N MET A 2208 -2.24 32.38 11.89
CA MET A 2208 -0.95 32.70 12.46
C MET A 2208 -0.15 31.45 12.78
N GLU A 2209 -0.83 30.37 13.18
CA GLU A 2209 -0.11 29.13 13.35
C GLU A 2209 0.45 28.61 12.04
N ALA A 2210 -0.33 28.74 10.96
CA ALA A 2210 0.19 28.34 9.65
C ALA A 2210 1.38 29.18 9.26
N ALA A 2211 1.31 30.48 9.50
CA ALA A 2211 2.44 31.36 9.19
C ALA A 2211 3.67 30.97 9.98
N ASN A 2212 3.49 30.55 11.23
CA ASN A 2212 4.64 30.09 12.02
C ASN A 2212 5.23 28.81 11.45
N ALA A 2213 4.39 27.87 11.01
CA ALA A 2213 4.92 26.66 10.38
C ALA A 2213 5.74 26.99 9.14
N LEU A 2214 5.20 27.88 8.31
CA LEU A 2214 5.95 28.31 7.13
C LEU A 2214 7.29 28.92 7.52
N TRP A 2215 7.28 29.86 8.47
CA TRP A 2215 8.52 30.52 8.84
C TRP A 2215 9.53 29.54 9.39
N ASP A 2216 9.07 28.50 10.08
CA ASP A 2216 10.00 27.53 10.64
C ASP A 2216 10.47 26.51 9.62
N HIS A 2217 9.84 26.41 8.47
CA HIS A 2217 10.40 25.56 7.42
C HIS A 2217 11.29 26.31 6.45
N GLY A 2218 11.41 27.62 6.58
CA GLY A 2218 12.29 28.39 5.73
C GLY A 2218 11.60 29.32 4.76
N GLU A 2219 10.30 29.22 4.59
CA GLU A 2219 9.58 30.10 3.68
C GLU A 2219 9.37 31.43 4.38
N MET A 2220 10.32 32.34 4.21
CA MET A 2220 10.19 33.63 4.87
C MET A 2220 9.17 34.52 4.18
N ILE A 2221 9.21 34.61 2.85
CA ILE A 2221 8.32 35.54 2.18
C ILE A 2221 6.88 35.07 2.26
N SER A 2222 6.65 33.76 2.19
CA SER A 2222 5.29 33.26 2.29
C SER A 2222 4.73 33.54 3.67
N SER A 2223 5.53 33.37 4.72
CA SER A 2223 5.08 33.68 6.06
C SER A 2223 4.76 35.16 6.20
N ILE A 2224 5.61 36.02 5.66
CA ILE A 2224 5.36 37.45 5.79
C ILE A 2224 4.08 37.84 5.06
N ARG A 2225 3.86 37.27 3.86
CA ARG A 2225 2.66 37.60 3.11
C ARG A 2225 1.42 37.11 3.84
N MET A 2226 1.52 35.96 4.49
CA MET A 2226 0.38 35.43 5.22
C MET A 2226 0.04 36.28 6.44
N LEU A 2227 1.04 36.73 7.18
CA LEU A 2227 0.78 37.61 8.31
C LEU A 2227 0.21 38.94 7.86
N GLN A 2228 0.71 39.47 6.74
CA GLN A 2228 0.16 40.73 6.28
C GLN A 2228 -1.28 40.57 5.83
N ALA A 2229 -1.64 39.41 5.27
CA ALA A 2229 -3.04 39.18 4.93
C ALA A 2229 -3.91 39.07 6.17
N ILE A 2230 -3.40 38.43 7.24
CA ILE A 2230 -4.13 38.41 8.50
C ILE A 2230 -4.38 39.82 9.00
N ASP A 2231 -3.36 40.67 8.90
CA ASP A 2231 -3.49 42.02 9.43
C ASP A 2231 -4.42 42.87 8.58
N LYS A 2232 -4.45 42.64 7.27
CA LYS A 2232 -5.28 43.47 6.40
C LYS A 2232 -6.75 43.16 6.57
N ASP A 2233 -7.16 41.93 6.26
CA ASP A 2233 -8.57 41.55 6.25
C ASP A 2233 -8.83 40.54 7.37
N SER A 2234 -9.05 41.04 8.58
CA SER A 2234 -9.44 40.24 9.72
C SER A 2234 -9.81 41.17 10.86
N SER A 2235 -10.80 40.76 11.65
CA SER A 2235 -11.30 41.57 12.75
C SER A 2235 -10.71 41.00 14.03
N LEU A 2236 -9.52 41.47 14.39
CA LEU A 2236 -8.81 40.92 15.55
C LEU A 2236 -9.48 41.27 16.88
N LYS A 2237 -10.50 42.12 16.87
CA LYS A 2237 -11.19 42.48 18.10
C LYS A 2237 -12.30 41.49 18.44
N LYS A 2238 -13.26 41.32 17.54
CA LYS A 2238 -14.42 40.46 17.80
C LYS A 2238 -14.09 39.05 17.34
N GLN A 2239 -13.32 38.34 18.16
CA GLN A 2239 -13.03 36.95 17.83
C GLN A 2239 -12.42 36.24 19.02
N SER A 2240 -12.83 34.98 19.21
CA SER A 2240 -12.31 34.15 20.28
C SER A 2240 -10.89 33.71 19.96
N VAL A 2241 -10.23 33.12 20.95
CA VAL A 2241 -8.79 32.89 20.87
C VAL A 2241 -8.15 34.22 20.49
N PRO A 2242 -8.06 35.17 21.42
CA PRO A 2242 -7.75 36.55 21.04
C PRO A 2242 -6.40 36.68 20.36
N LEU A 2243 -6.24 37.79 19.66
CA LEU A 2243 -4.99 38.09 18.98
C LEU A 2243 -4.85 39.60 18.94
N SER A 2244 -3.92 40.14 19.72
CA SER A 2244 -3.73 41.58 19.77
C SER A 2244 -3.09 42.06 18.49
N ARG A 2245 -3.45 43.27 18.09
CA ARG A 2245 -2.94 43.81 16.83
C ARG A 2245 -1.49 44.25 16.97
N SER A 2246 -1.07 44.62 18.18
CA SER A 2246 0.30 45.06 18.37
C SER A 2246 1.29 43.92 18.34
N ASP A 2247 0.91 42.75 18.84
CA ASP A 2247 1.84 41.63 18.72
C ASP A 2247 1.91 41.13 17.30
N LEU A 2248 0.81 41.16 16.56
CA LEU A 2248 0.86 40.83 15.14
C LEU A 2248 1.73 41.81 14.38
N LEU A 2249 1.56 43.11 14.64
CA LEU A 2249 2.37 44.10 13.94
C LEU A 2249 3.84 43.94 14.27
N SER A 2250 4.18 43.68 15.52
CA SER A 2250 5.58 43.52 15.84
C SER A 2250 6.14 42.23 15.30
N LYS A 2251 5.30 41.21 15.15
CA LYS A 2251 5.75 39.98 14.51
C LYS A 2251 6.08 40.22 13.04
N ILE A 2252 5.20 40.92 12.33
CA ILE A 2252 5.49 41.27 10.94
C ILE A 2252 6.76 42.10 10.86
N GLY A 2253 6.93 43.06 11.77
CA GLY A 2253 8.11 43.90 11.72
C GLY A 2253 9.39 43.13 11.94
N TYR A 2254 9.37 42.19 12.89
CA TYR A 2254 10.54 41.37 13.10
C TYR A 2254 10.86 40.52 11.88
N GLN A 2255 9.84 39.91 11.28
CA GLN A 2255 10.11 39.04 10.15
C GLN A 2255 10.52 39.82 8.91
N VAL A 2256 10.01 41.02 8.73
CA VAL A 2256 10.40 41.84 7.60
C VAL A 2256 11.82 42.35 7.79
N SER A 2257 12.23 42.61 9.02
CA SER A 2257 13.61 43.03 9.26
C SER A 2257 14.58 41.88 9.04
N VAL A 2258 14.20 40.67 9.42
CA VAL A 2258 15.12 39.55 9.25
C VAL A 2258 15.33 39.26 7.76
N ALA A 2259 14.29 39.37 6.96
CA ALA A 2259 14.38 39.06 5.54
C ALA A 2259 14.80 40.25 4.69
N ARG A 2260 15.10 41.39 5.30
CA ARG A 2260 15.51 42.59 4.58
C ARG A 2260 14.50 42.99 3.53
N LEU A 2261 13.24 42.64 3.73
CA LEU A 2261 12.23 42.82 2.69
C LEU A 2261 11.88 44.27 2.46
N GLU A 2262 12.12 45.15 3.44
CA GLU A 2262 11.83 46.57 3.28
C GLU A 2262 12.93 47.36 3.95
N SER A 2263 13.03 48.62 3.57
CA SER A 2263 14.10 49.47 4.08
C SER A 2263 13.83 49.82 5.53
N PRO A 2264 14.86 49.88 6.37
CA PRO A 2264 14.64 50.10 7.80
C PRO A 2264 13.96 51.41 8.14
N ASP A 2265 13.67 52.23 7.15
CA ASP A 2265 12.90 53.43 7.41
C ASP A 2265 11.41 53.22 7.22
N ALA A 2266 11.02 52.22 6.43
CA ALA A 2266 9.61 51.84 6.31
C ALA A 2266 9.19 50.82 7.33
N ILE A 2267 10.12 50.01 7.83
CA ILE A 2267 9.80 49.09 8.92
C ILE A 2267 9.36 49.86 10.14
N GLN A 2268 10.00 50.98 10.42
CA GLN A 2268 9.65 51.75 11.60
C GLN A 2268 8.37 52.52 11.40
N LYS A 2269 8.04 52.85 10.17
CA LYS A 2269 6.88 53.67 9.91
C LYS A 2269 5.61 52.85 9.75
N LYS A 2270 5.72 51.61 9.28
CA LYS A 2270 4.55 50.77 9.05
C LYS A 2270 4.29 49.77 10.15
N TYR A 2271 5.29 49.36 10.90
CA TYR A 2271 5.08 48.24 11.80
C TYR A 2271 5.44 48.53 13.25
N LEU A 2272 6.49 49.30 13.51
CA LEU A 2272 6.88 49.47 14.90
C LEU A 2272 6.15 50.62 15.58
N GLU A 2273 6.04 51.74 14.92
CA GLU A 2273 5.33 52.86 15.53
C GLU A 2273 3.83 52.59 15.58
N PRO A 2274 3.22 51.96 14.56
CA PRO A 2274 1.84 51.52 14.75
C PRO A 2274 1.67 50.55 15.88
N ALA A 2275 2.65 49.69 16.15
CA ALA A 2275 2.54 48.80 17.30
C ALA A 2275 2.53 49.59 18.60
N LEU A 2276 3.49 50.50 18.79
CA LEU A 2276 3.49 51.31 20.00
C LEU A 2276 2.22 52.12 20.12
N LYS A 2277 1.62 52.50 19.01
CA LYS A 2277 0.37 53.23 19.10
C LYS A 2277 -0.80 52.32 19.44
N GLU A 2278 -0.74 51.05 19.06
CA GLU A 2278 -1.81 50.11 19.39
C GLU A 2278 -1.79 49.71 20.85
N LEU A 2279 -0.67 49.86 21.54
CA LEU A 2279 -0.65 49.56 22.97
C LEU A 2279 -1.63 50.43 23.71
N LYS A 2280 -1.86 51.66 23.24
CA LYS A 2280 -2.83 52.59 23.83
C LYS A 2280 -2.47 52.92 25.27
N GLY A 2281 -1.28 53.50 25.44
CA GLY A 2281 -0.83 54.01 26.72
C GLY A 2281 -0.54 52.97 27.79
N LYS A 2282 -0.81 51.70 27.54
CA LYS A 2282 -0.51 50.64 28.49
C LYS A 2282 0.99 50.36 28.45
N ILE A 2283 1.65 50.47 29.60
CA ILE A 2283 3.10 50.32 29.66
C ILE A 2283 3.48 49.22 30.64
N GLU A 2284 2.62 48.22 30.78
CA GLU A 2284 2.91 47.11 31.66
C GLU A 2284 2.33 45.84 31.07
N GLY A 2285 2.98 44.71 31.35
CA GLY A 2285 2.56 43.42 30.84
C GLY A 2285 3.60 42.83 29.91
N ARG A 2286 3.27 41.66 29.37
CA ARG A 2286 4.19 41.02 28.44
C ARG A 2286 3.99 41.49 27.00
N GLU A 2287 2.78 41.89 26.65
CA GLU A 2287 2.56 42.46 25.32
C GLU A 2287 3.40 43.71 25.13
N ALA A 2288 3.32 44.65 26.09
CA ALA A 2288 4.10 45.87 26.01
C ALA A 2288 5.59 45.59 26.16
N GLY A 2289 5.96 44.61 26.97
CA GLY A 2289 7.36 44.25 27.04
C GLY A 2289 7.90 43.78 25.72
N GLN A 2290 7.13 42.96 25.01
CA GLN A 2290 7.58 42.48 23.70
C GLN A 2290 7.69 43.64 22.72
N VAL A 2291 6.72 44.53 22.71
CA VAL A 2291 6.74 45.65 21.78
C VAL A 2291 7.94 46.56 22.04
N PHE A 2292 8.17 46.89 23.30
CA PHE A 2292 9.27 47.80 23.63
C PHE A 2292 10.61 47.17 23.38
N HIS A 2293 10.78 45.89 23.68
CA HIS A 2293 12.05 45.25 23.37
C HIS A 2293 12.27 45.20 21.87
N GLN A 2294 11.23 44.91 21.10
CA GLN A 2294 11.32 44.94 19.65
C GLN A 2294 11.85 46.29 19.18
N PHE A 2295 11.21 47.37 19.61
CA PHE A 2295 11.60 48.69 19.13
C PHE A 2295 13.00 49.07 19.58
N ALA A 2296 13.38 48.73 20.81
CA ALA A 2296 14.71 49.09 21.29
C ALA A 2296 15.79 48.34 20.53
N VAL A 2297 15.58 47.06 20.28
CA VAL A 2297 16.58 46.30 19.53
C VAL A 2297 16.68 46.83 18.11
N PHE A 2298 15.55 47.23 17.53
CA PHE A 2298 15.59 47.81 16.18
C PHE A 2298 16.43 49.07 16.17
N CYS A 2299 16.15 50.02 17.08
CA CYS A 2299 16.92 51.26 17.08
C CYS A 2299 18.40 51.02 17.38
N ASP A 2300 18.71 50.13 18.33
CA ASP A 2300 20.10 49.80 18.60
C ASP A 2300 20.78 49.28 17.36
N GLU A 2301 20.13 48.34 16.66
CA GLU A 2301 20.70 47.80 15.44
C GLU A 2301 20.89 48.87 14.39
N GLN A 2302 20.04 49.90 14.39
CA GLN A 2302 20.25 50.97 13.43
C GLN A 2302 21.44 51.83 13.79
N LEU A 2303 21.73 51.99 15.08
CA LEU A 2303 22.92 52.76 15.47
C LEU A 2303 24.20 52.05 15.03
N GLN A 2304 24.43 50.85 15.54
CA GLN A 2304 25.62 50.08 15.21
C GLN A 2304 25.41 49.39 13.86
N ASN A 2305 25.39 50.20 12.82
CA ASN A 2305 25.24 49.73 11.46
C ASN A 2305 26.52 50.02 10.70
N PRO A 2306 27.15 49.03 10.08
CA PRO A 2306 28.40 49.31 9.35
C PRO A 2306 28.23 50.31 8.22
N ASP A 2307 27.12 50.24 7.48
CA ASP A 2307 26.88 51.19 6.41
C ASP A 2307 26.75 52.61 6.96
N SER A 2308 25.96 52.78 8.03
CA SER A 2308 25.74 54.13 8.55
C SER A 2308 26.99 54.69 9.18
N LEU A 2309 27.80 53.84 9.82
CA LEU A 2309 29.05 54.31 10.38
C LEU A 2309 30.03 54.70 9.27
N GLU A 2310 30.08 53.92 8.18
CA GLU A 2310 30.92 54.31 7.05
C GLU A 2310 30.45 55.63 6.45
N ASP A 2311 29.13 55.83 6.37
CA ASP A 2311 28.63 57.09 5.83
C ASP A 2311 29.01 58.27 6.72
N LEU A 2312 28.89 58.09 8.04
CA LEU A 2312 29.26 59.16 8.96
C LEU A 2312 30.75 59.45 8.88
N ALA A 2313 31.57 58.41 8.74
CA ALA A 2313 33.01 58.61 8.63
C ALA A 2313 33.36 59.32 7.32
N ARG A 2314 32.69 58.96 6.23
CA ARG A 2314 32.95 59.61 4.95
C ARG A 2314 32.58 61.09 5.02
N LEU A 2315 31.40 61.39 5.57
CA LEU A 2315 31.02 62.80 5.68
C LEU A 2315 31.95 63.55 6.62
N GLN A 2316 32.47 62.89 7.65
CA GLN A 2316 33.39 63.57 8.56
C GLN A 2316 34.71 63.87 7.87
N ASN A 2317 35.25 62.92 7.11
CA ASN A 2317 36.49 63.20 6.37
C ASN A 2317 36.25 64.29 5.33
N LEU A 2318 35.07 64.31 4.71
CA LEU A 2318 34.77 65.37 3.76
C LEU A 2318 34.77 66.73 4.43
N LYS A 2319 34.10 66.84 5.59
CA LYS A 2319 34.11 68.11 6.32
C LYS A 2319 35.53 68.51 6.67
N LYS A 2320 36.33 67.56 7.16
CA LYS A 2320 37.70 67.88 7.55
C LYS A 2320 38.52 68.40 6.37
N GLY A 2321 38.46 67.67 5.25
CA GLY A 2321 39.24 68.07 4.09
C GLY A 2321 38.80 69.40 3.51
N LYS A 2322 37.48 69.63 3.45
CA LYS A 2322 37.00 70.90 2.92
C LYS A 2322 37.36 72.06 3.82
N ASP A 2323 37.33 71.85 5.14
CA ASP A 2323 37.75 72.92 6.03
C ASP A 2323 39.23 73.20 5.90
N GLU A 2324 40.04 72.15 5.70
CA GLU A 2324 41.47 72.35 5.49
C GLU A 2324 41.73 73.12 4.20
N GLU A 2325 40.97 72.81 3.15
CA GLU A 2325 41.13 73.53 1.89
C GLU A 2325 40.74 75.00 2.04
N VAL A 2326 39.62 75.27 2.73
CA VAL A 2326 39.20 76.65 2.95
C VAL A 2326 40.25 77.40 3.75
N ALA A 2327 40.83 76.76 4.77
CA ALA A 2327 41.88 77.41 5.52
C ALA A 2327 43.09 77.69 4.63
N GLN A 2328 43.42 76.76 3.74
CA GLN A 2328 44.52 77.00 2.80
C GLN A 2328 44.29 78.25 1.97
N LEU A 2329 43.04 78.46 1.50
CA LEU A 2329 42.77 79.68 0.74
C LEU A 2329 42.69 80.91 1.64
N LYS A 2330 42.16 80.76 2.84
CA LYS A 2330 41.96 81.91 3.71
C LYS A 2330 42.19 81.54 5.17
N HIS A 2348 36.23 81.59 -6.23
CA HIS A 2348 36.83 80.37 -5.71
C HIS A 2348 36.42 80.17 -4.25
N LEU A 2349 36.73 81.16 -3.41
CA LEU A 2349 36.38 81.07 -2.00
C LEU A 2349 34.88 80.95 -1.81
N ALA A 2350 34.08 81.60 -2.66
CA ALA A 2350 32.63 81.58 -2.50
C ALA A 2350 32.07 80.19 -2.71
N LYS A 2351 32.40 79.57 -3.85
CA LYS A 2351 31.89 78.22 -4.12
C LYS A 2351 32.46 77.21 -3.13
N ALA A 2352 33.73 77.38 -2.73
CA ALA A 2352 34.32 76.48 -1.75
C ALA A 2352 33.56 76.55 -0.42
N LYS A 2353 33.25 77.76 0.04
CA LYS A 2353 32.48 77.92 1.26
C LYS A 2353 31.07 77.38 1.10
N GLN A 2354 30.46 77.56 -0.06
CA GLN A 2354 29.12 77.05 -0.27
C GLN A 2354 29.09 75.53 -0.20
N TRP A 2355 30.06 74.88 -0.83
CA TRP A 2355 30.20 73.43 -0.73
C TRP A 2355 30.43 73.01 0.73
N GLN A 2356 31.25 73.77 1.46
CA GLN A 2356 31.49 73.47 2.86
C GLN A 2356 30.20 73.54 3.67
N GLU A 2357 29.39 74.56 3.42
CA GLU A 2357 28.13 74.71 4.16
C GLU A 2357 27.16 73.59 3.81
N LEU A 2358 27.12 73.18 2.56
CA LEU A 2358 26.25 72.05 2.20
C LEU A 2358 26.70 70.78 2.90
N ASP A 2359 28.02 70.55 2.99
CA ASP A 2359 28.52 69.43 3.76
C ASP A 2359 28.10 69.50 5.21
N GLN A 2360 28.18 70.70 5.81
CA GLN A 2360 27.75 70.87 7.20
C GLN A 2360 26.27 70.52 7.36
N GLN A 2361 25.43 70.94 6.42
CA GLN A 2361 24.00 70.65 6.53
C GLN A 2361 23.74 69.15 6.44
N GLU A 2362 24.42 68.47 5.51
CA GLU A 2362 24.28 67.02 5.42
C GLU A 2362 24.73 66.33 6.71
N LEU A 2363 25.84 66.78 7.29
CA LEU A 2363 26.33 66.16 8.51
C LEU A 2363 25.39 66.41 9.68
N ARG A 2364 24.81 67.62 9.76
CA ARG A 2364 23.81 67.87 10.80
C ARG A 2364 22.62 66.93 10.67
N ARG A 2365 22.16 66.70 9.44
CA ARG A 2365 21.04 65.80 9.26
C ARG A 2365 21.37 64.40 9.74
N VAL A 2366 22.55 63.90 9.35
CA VAL A 2366 22.93 62.54 9.75
C VAL A 2366 23.04 62.43 11.27
N GLU A 2367 23.71 63.40 11.89
CA GLU A 2367 23.86 63.34 13.34
C GLU A 2367 22.53 63.45 14.06
N GLN A 2368 21.60 64.25 13.53
CA GLN A 2368 20.30 64.33 14.18
C GLN A 2368 19.54 63.01 14.09
N THR A 2369 19.64 62.33 12.94
CA THR A 2369 19.03 61.01 12.84
C THR A 2369 19.61 60.07 13.90
N ARG A 2370 20.95 60.08 14.04
CA ARG A 2370 21.55 59.19 15.03
C ARG A 2370 21.13 59.57 16.45
N SER A 2371 20.95 60.86 16.72
CA SER A 2371 20.53 61.26 18.06
C SER A 2371 19.11 60.80 18.36
N GLU A 2372 18.21 60.87 17.37
CA GLU A 2372 16.87 60.34 17.58
C GLU A 2372 16.90 58.85 17.85
N PHE A 2373 17.70 58.12 17.09
CA PHE A 2373 17.81 56.68 17.34
C PHE A 2373 18.32 56.40 18.74
N LEU A 2374 19.30 57.17 19.22
CA LEU A 2374 19.81 56.95 20.57
C LEU A 2374 18.74 57.19 21.61
N LYS A 2375 17.99 58.29 21.48
CA LYS A 2375 16.89 58.55 22.41
C LYS A 2375 15.93 57.38 22.46
N LEU A 2376 15.46 56.93 21.30
CA LEU A 2376 14.46 55.87 21.28
C LEU A 2376 15.04 54.57 21.83
N CYS A 2377 16.31 54.30 21.56
CA CYS A 2377 16.91 53.08 22.06
C CYS A 2377 16.94 53.06 23.57
N ILE A 2378 17.45 54.12 24.19
CA ILE A 2378 17.57 54.13 25.64
C ILE A 2378 16.19 54.13 26.29
N GLU A 2379 15.27 54.96 25.79
CA GLU A 2379 13.94 55.01 26.39
C GLU A 2379 13.24 53.66 26.32
N ASN A 2380 13.34 52.98 25.19
CA ASN A 2380 12.62 51.71 25.08
C ASN A 2380 13.30 50.60 25.85
N TYR A 2381 14.62 50.62 25.98
CA TYR A 2381 15.24 49.66 26.87
C TYR A 2381 14.72 49.83 28.29
N LEU A 2382 14.63 51.08 28.76
CA LEU A 2382 14.18 51.30 30.13
C LEU A 2382 12.72 50.93 30.29
N LEU A 2383 11.89 51.17 29.28
CA LEU A 2383 10.48 50.80 29.42
C LEU A 2383 10.29 49.28 29.33
N SER A 2384 11.14 48.58 28.58
CA SER A 2384 11.00 47.14 28.52
C SER A 2384 11.44 46.48 29.81
N LEU A 2385 12.45 47.05 30.48
CA LEU A 2385 12.86 46.50 31.78
C LEU A 2385 11.79 46.70 32.82
N ALA A 2386 11.03 47.78 32.76
CA ALA A 2386 10.02 48.07 33.75
C ALA A 2386 8.71 47.34 33.52
N ALA A 2387 8.55 46.64 32.40
CA ALA A 2387 7.26 46.07 32.04
C ALA A 2387 7.15 44.59 32.37
N SER A 2388 8.12 43.78 31.94
CA SER A 2388 8.07 42.34 32.17
C SER A 2388 9.45 41.85 32.55
N ASP A 2389 9.56 40.55 32.81
CA ASP A 2389 10.81 39.91 33.17
C ASP A 2389 11.35 39.01 32.08
N GLU A 2390 10.73 39.01 30.90
CA GLU A 2390 11.19 38.13 29.84
C GLU A 2390 12.56 38.54 29.34
N HIS A 2391 12.79 39.83 29.20
CA HIS A 2391 14.05 40.37 28.69
C HIS A 2391 14.76 41.09 29.83
N ASP A 2392 15.72 40.40 30.45
CA ASP A 2392 16.45 40.98 31.56
C ASP A 2392 17.92 41.16 31.31
N ASN A 2393 18.44 40.64 30.20
CA ASN A 2393 19.76 41.05 29.77
C ASN A 2393 19.73 42.37 29.03
N ASP A 2394 18.57 43.00 28.92
CA ASP A 2394 18.50 44.37 28.48
C ASP A 2394 19.11 45.31 29.50
N ALA A 2395 19.30 44.86 30.74
CA ALA A 2395 19.96 45.70 31.73
C ALA A 2395 21.44 45.84 31.43
N LEU A 2396 22.09 44.75 31.04
CA LEU A 2396 23.49 44.80 30.65
C LEU A 2396 23.70 45.64 29.40
N ARG A 2397 22.80 45.51 28.42
CA ARG A 2397 22.91 46.28 27.20
C ARG A 2397 22.61 47.75 27.43
N PHE A 2398 21.58 48.04 28.22
CA PHE A 2398 21.32 49.43 28.57
C PHE A 2398 22.49 50.03 29.31
N MET A 2399 23.11 49.27 30.21
CA MET A 2399 24.22 49.82 30.98
C MET A 2399 25.42 50.13 30.10
N ALA A 2400 25.77 49.20 29.21
CA ALA A 2400 26.85 49.50 28.27
C ALA A 2400 26.52 50.73 27.44
N LEU A 2401 25.30 50.79 26.91
CA LEU A 2401 24.91 51.90 26.05
C LEU A 2401 24.89 53.21 26.79
N TRP A 2402 24.59 53.20 28.07
CA TRP A 2402 24.54 54.43 28.84
C TRP A 2402 25.91 54.87 29.32
N LEU A 2403 26.80 53.92 29.62
CA LEU A 2403 28.13 54.30 30.02
C LEU A 2403 28.96 54.77 28.85
N GLU A 2404 28.64 54.32 27.63
CA GLU A 2404 29.33 54.88 26.48
C GLU A 2404 28.95 56.34 26.24
N LYS A 2405 27.72 56.73 26.54
CA LYS A 2405 27.21 58.07 26.28
C LYS A 2405 27.08 58.89 27.55
N SER A 2406 28.05 58.77 28.46
CA SER A 2406 27.93 59.47 29.72
C SER A 2406 27.99 60.98 29.56
N GLU A 2407 28.56 61.49 28.47
CA GLU A 2407 28.69 62.92 28.28
C GLU A 2407 27.55 63.52 27.46
N GLU A 2408 26.96 62.76 26.55
CA GLU A 2408 25.92 63.28 25.68
C GLU A 2408 24.67 63.57 26.51
N GLU A 2409 24.38 64.84 26.73
CA GLU A 2409 23.32 65.22 27.67
C GLU A 2409 21.95 64.74 27.24
N VAL A 2410 21.77 64.42 25.97
CA VAL A 2410 20.54 63.80 25.48
C VAL A 2410 20.26 62.50 26.23
N ALA A 2411 21.25 61.60 26.21
CA ALA A 2411 21.09 60.33 26.88
C ALA A 2411 20.78 60.52 28.35
N ASN A 2412 21.46 61.45 29.00
CA ASN A 2412 21.25 61.64 30.42
C ASN A 2412 19.87 62.21 30.72
N GLU A 2413 19.32 63.04 29.85
CA GLU A 2413 17.95 63.49 30.07
C GLU A 2413 16.95 62.35 29.96
N VAL A 2414 17.10 61.51 28.93
CA VAL A 2414 16.16 60.39 28.80
C VAL A 2414 16.27 59.44 29.99
N VAL A 2415 17.50 59.15 30.41
CA VAL A 2415 17.68 58.26 31.54
C VAL A 2415 17.07 58.88 32.78
N LYS A 2416 17.29 60.18 33.00
CA LYS A 2416 16.71 60.83 34.16
C LYS A 2416 15.20 60.71 34.14
N LYS A 2417 14.61 60.78 32.97
CA LYS A 2417 13.15 60.74 32.91
C LYS A 2417 12.62 59.35 33.22
N TRP A 2418 13.31 58.29 32.78
CA TRP A 2418 12.71 56.96 32.83
C TRP A 2418 13.36 55.99 33.81
N ILE A 2419 14.39 56.38 34.54
CA ILE A 2419 15.14 55.40 35.31
C ILE A 2419 14.45 54.97 36.59
N ASN A 2420 13.54 55.77 37.12
CA ASN A 2420 12.96 55.48 38.44
C ASN A 2420 11.83 54.47 38.39
N LYS A 2421 11.51 53.90 37.24
CA LYS A 2421 10.45 52.92 37.16
C LYS A 2421 10.96 51.50 37.00
N VAL A 2422 12.26 51.31 36.84
CA VAL A 2422 12.82 49.97 36.75
C VAL A 2422 13.00 49.42 38.16
N PRO A 2423 12.58 48.18 38.44
CA PRO A 2423 12.93 47.58 39.72
C PRO A 2423 14.43 47.44 39.86
N THR A 2424 14.95 47.81 41.02
CA THR A 2424 16.39 47.75 41.16
C THR A 2424 16.92 46.34 41.19
N ARG A 2425 16.06 45.33 41.19
CA ARG A 2425 16.57 43.97 41.17
C ARG A 2425 17.14 43.59 39.81
N LYS A 2426 16.95 44.44 38.80
CA LYS A 2426 17.51 44.16 37.49
C LYS A 2426 18.98 44.58 37.41
N PHE A 2427 19.37 45.54 38.22
CA PHE A 2427 20.73 46.05 38.25
C PHE A 2427 21.54 45.47 39.39
N ALA A 2428 20.96 44.61 40.21
CA ALA A 2428 21.62 44.21 41.45
C ALA A 2428 22.90 43.45 41.19
N LEU A 2429 22.96 42.68 40.10
CA LEU A 2429 24.16 41.90 39.79
C LEU A 2429 25.19 42.69 39.00
N LEU A 2430 24.94 43.96 38.72
CA LEU A 2430 25.88 44.80 37.99
C LEU A 2430 26.49 45.85 38.89
N MET A 2431 26.84 45.49 40.13
CA MET A 2431 27.42 46.47 41.02
C MET A 2431 28.93 46.55 40.91
N ASN A 2432 29.58 45.58 40.27
CA ASN A 2432 30.99 45.75 39.98
C ASN A 2432 31.21 46.82 38.93
N GLN A 2433 30.29 46.93 37.98
CA GLN A 2433 30.41 47.91 36.91
C GLN A 2433 29.88 49.27 37.31
N LEU A 2434 28.91 49.30 38.21
CA LEU A 2434 28.33 50.57 38.59
C LEU A 2434 29.19 51.28 39.61
N SER A 2435 29.63 50.57 40.64
CA SER A 2435 30.45 51.19 41.66
C SER A 2435 31.87 51.48 41.20
N SER A 2436 32.25 51.08 40.01
CA SER A 2436 33.56 51.42 39.49
C SER A 2436 33.58 52.73 38.74
N ARG A 2437 32.41 53.25 38.39
CA ARG A 2437 32.28 54.52 37.69
C ARG A 2437 31.86 55.65 38.60
N LEU A 2438 31.80 55.42 39.91
CA LEU A 2438 31.39 56.45 40.83
C LEU A 2438 32.45 57.53 40.90
N GLN A 2439 32.01 58.79 40.90
CA GLN A 2439 32.88 59.93 41.13
C GLN A 2439 32.03 61.06 41.68
N ASP A 2440 32.70 62.06 42.22
CA ASP A 2440 32.03 63.26 42.73
C ASP A 2440 32.38 64.41 41.79
N HIS A 2441 31.55 64.58 40.77
CA HIS A 2441 31.80 65.59 39.74
C HIS A 2441 30.66 66.57 39.56
N ASN A 2442 29.53 66.37 40.24
CA ASN A 2442 28.37 67.24 40.20
C ASN A 2442 27.69 67.30 38.85
N THR A 2443 28.01 66.39 37.93
CA THR A 2443 27.37 66.38 36.63
C THR A 2443 25.98 65.78 36.78
N LEU A 2444 25.31 65.49 35.67
CA LEU A 2444 24.05 64.79 35.75
C LEU A 2444 24.26 63.28 35.71
N PHE A 2445 25.25 62.82 34.97
CA PHE A 2445 25.55 61.41 34.97
C PHE A 2445 25.83 60.91 36.37
N GLN A 2446 26.60 61.67 37.14
CA GLN A 2446 26.92 61.22 38.49
C GLN A 2446 25.72 61.35 39.42
N LYS A 2447 24.89 62.37 39.27
CA LYS A 2447 23.71 62.46 40.11
C LYS A 2447 22.73 61.35 39.83
N LEU A 2448 22.77 60.77 38.64
CA LEU A 2448 21.92 59.61 38.37
C LEU A 2448 22.58 58.33 38.85
N LEU A 2449 23.88 58.20 38.62
CA LEU A 2449 24.57 56.98 38.97
C LEU A 2449 24.60 56.78 40.48
N ILE A 2450 24.85 57.86 41.23
CA ILE A 2450 24.93 57.73 42.68
C ILE A 2450 23.57 57.40 43.25
N ASP A 2451 22.52 58.01 42.72
CA ASP A 2451 21.19 57.68 43.21
C ASP A 2451 20.84 56.24 42.89
N LEU A 2452 21.22 55.74 41.72
CA LEU A 2452 20.91 54.37 41.40
C LEU A 2452 21.66 53.39 42.31
N VAL A 2453 22.95 53.65 42.56
CA VAL A 2453 23.71 52.77 43.44
C VAL A 2453 23.15 52.81 44.85
N TYR A 2454 22.72 53.99 45.29
CA TYR A 2454 22.10 54.13 46.60
C TYR A 2454 20.82 53.30 46.70
N ARG A 2455 19.95 53.39 45.70
CA ARG A 2455 18.71 52.65 45.77
C ARG A 2455 18.93 51.15 45.69
N ILE A 2456 19.95 50.71 44.95
CA ILE A 2456 20.26 49.28 44.92
C ILE A 2456 20.70 48.83 46.30
N CYS A 2457 21.61 49.58 46.94
CA CYS A 2457 22.08 49.18 48.26
C CYS A 2457 20.99 49.26 49.32
N VAL A 2458 19.97 50.09 49.11
CA VAL A 2458 18.88 50.14 50.08
C VAL A 2458 17.91 48.98 49.88
N ASP A 2459 17.55 48.66 48.64
CA ASP A 2459 16.58 47.59 48.43
C ASP A 2459 17.21 46.22 48.66
N HIS A 2460 18.41 45.99 48.15
CA HIS A 2460 19.09 44.70 48.23
C HIS A 2460 20.43 44.91 48.91
N PRO A 2461 20.44 44.94 50.25
CA PRO A 2461 21.67 45.35 50.95
C PRO A 2461 22.78 44.34 50.86
N TYR A 2462 22.46 43.05 50.88
CA TYR A 2462 23.51 42.05 50.80
C TYR A 2462 24.10 41.92 49.42
N HIS A 2463 23.68 42.76 48.48
CA HIS A 2463 24.23 42.76 47.13
C HIS A 2463 24.99 44.02 46.80
N GLY A 2464 24.83 45.09 47.57
CA GLY A 2464 25.52 46.33 47.28
C GLY A 2464 26.37 46.88 48.40
N MET A 2465 26.09 46.46 49.64
CA MET A 2465 26.78 47.12 50.73
C MET A 2465 28.22 46.65 50.90
N TYR A 2466 28.57 45.44 50.47
CA TYR A 2466 29.97 45.08 50.51
C TYR A 2466 30.76 45.84 49.46
N HIS A 2467 30.14 46.13 48.32
CA HIS A 2467 30.80 46.98 47.34
C HIS A 2467 31.02 48.37 47.88
N ILE A 2468 30.03 48.91 48.59
CA ILE A 2468 30.20 50.24 49.19
C ILE A 2468 31.30 50.21 50.25
N TRP A 2469 31.31 49.19 51.11
CA TRP A 2469 32.34 49.12 52.14
C TRP A 2469 33.72 49.05 51.51
N THR A 2470 33.90 48.17 50.52
CA THR A 2470 35.21 48.07 49.88
C THR A 2470 35.58 49.37 49.21
N GLY A 2471 34.62 50.09 48.65
CA GLY A 2471 34.93 51.32 47.96
C GLY A 2471 35.35 52.43 48.91
N ALA A 2472 34.75 52.48 50.09
CA ALA A 2472 35.13 53.52 51.05
C ALA A 2472 36.42 53.17 51.76
N ARG A 2473 36.44 52.05 52.47
CA ARG A 2473 37.62 51.65 53.24
C ARG A 2473 38.69 50.99 52.39
N VAL A 2482 42.14 58.77 39.46
CA VAL A 2482 40.69 58.90 39.63
C VAL A 2482 40.20 58.00 40.76
N ALA A 2483 41.15 57.43 41.52
CA ALA A 2483 40.76 56.61 42.64
C ALA A 2483 40.30 57.46 43.82
N VAL A 2484 40.81 58.67 43.95
CA VAL A 2484 40.44 59.51 45.08
C VAL A 2484 39.00 59.99 44.95
N SER A 2485 38.58 60.33 43.74
CA SER A 2485 37.19 60.75 43.55
C SER A 2485 36.23 59.60 43.77
N ARG A 2486 36.57 58.41 43.25
CA ARG A 2486 35.73 57.25 43.48
C ARG A 2486 35.60 56.97 44.97
N GLN A 2487 36.71 57.03 45.71
CA GLN A 2487 36.66 56.82 47.14
C GLN A 2487 35.79 57.87 47.82
N ARG A 2488 35.88 59.13 47.39
CA ARG A 2488 35.08 60.15 48.03
C ARG A 2488 33.60 59.93 47.80
N ALA A 2489 33.23 59.55 46.58
CA ALA A 2489 31.82 59.34 46.27
C ALA A 2489 31.28 58.13 47.02
N THR A 2490 32.04 57.04 47.04
CA THR A 2490 31.61 55.89 47.81
C THR A 2490 31.49 56.21 49.29
N ASP A 2491 32.36 57.09 49.80
CA ASP A 2491 32.26 57.49 51.21
C ASP A 2491 30.99 58.29 51.46
N LYS A 2492 30.61 59.15 50.53
CA LYS A 2492 29.36 59.88 50.69
C LYS A 2492 28.17 58.94 50.67
N ILE A 2493 28.18 57.94 49.79
CA ILE A 2493 27.09 56.97 49.77
C ILE A 2493 27.05 56.18 51.08
N ALA A 2494 28.22 55.84 51.62
CA ALA A 2494 28.24 55.11 52.88
C ALA A 2494 27.66 55.95 54.00
N LYS A 2495 28.05 57.22 54.07
CA LYS A 2495 27.51 58.10 55.10
C LYS A 2495 26.00 58.22 54.96
N ALA A 2496 25.49 58.26 53.74
CA ALA A 2496 24.04 58.35 53.57
C ALA A 2496 23.37 57.03 53.91
N LEU A 2497 24.06 55.91 53.70
CA LEU A 2497 23.49 54.62 54.05
C LEU A 2497 23.32 54.48 55.55
N SER A 2498 24.30 54.96 56.31
CA SER A 2498 24.16 54.91 57.75
C SER A 2498 23.36 56.09 58.26
N LYS A 2499 22.25 56.41 57.59
CA LYS A 2499 21.36 57.45 58.07
C LYS A 2499 19.89 57.15 57.87
N ASN A 2500 19.51 56.16 57.06
CA ASN A 2500 18.11 55.96 56.73
C ASN A 2500 17.57 54.74 57.46
N ASN A 2501 16.24 54.61 57.45
CA ASN A 2501 15.57 53.71 58.36
C ASN A 2501 15.58 52.27 57.88
N LYS A 2502 15.50 52.04 56.57
CA LYS A 2502 15.44 50.67 56.07
C LYS A 2502 16.73 49.93 56.37
N VAL A 2503 17.86 50.50 56.01
CA VAL A 2503 19.14 49.87 56.24
C VAL A 2503 19.89 50.65 57.31
N SER A 2504 19.65 50.30 58.57
CA SER A 2504 20.38 50.89 59.68
C SER A 2504 20.84 49.87 60.71
N SER A 2505 20.21 48.70 60.79
CA SER A 2505 20.74 47.59 61.55
C SER A 2505 21.56 46.67 60.69
N ILE A 2506 21.75 46.99 59.42
CA ILE A 2506 22.48 46.15 58.49
C ILE A 2506 23.82 46.77 58.11
N TRP A 2507 23.88 48.09 57.95
CA TRP A 2507 25.15 48.69 57.57
C TRP A 2507 26.18 48.67 58.70
N PRO A 2508 25.82 48.97 59.94
CA PRO A 2508 26.81 48.83 61.01
C PRO A 2508 27.30 47.40 61.19
N ALA A 2509 26.41 46.42 61.05
CA ALA A 2509 26.82 45.03 61.18
C ALA A 2509 27.90 44.70 60.16
N ILE A 2510 27.65 45.05 58.89
CA ILE A 2510 28.60 44.76 57.84
C ILE A 2510 29.89 45.54 58.05
N ASP A 2511 29.78 46.77 58.56
CA ASP A 2511 30.96 47.57 58.87
C ASP A 2511 31.86 46.84 59.86
N GLN A 2512 31.34 46.56 61.06
CA GLN A 2512 32.15 45.97 62.11
C GLN A 2512 32.66 44.59 61.72
N THR A 2513 31.80 43.80 61.09
CA THR A 2513 32.17 42.44 60.72
C THR A 2513 33.27 42.44 59.68
N SER A 2514 33.18 43.29 58.67
CA SER A 2514 34.24 43.35 57.68
C SER A 2514 35.53 43.83 58.30
N ARG A 2515 35.45 44.77 59.25
CA ARG A 2515 36.68 45.20 59.92
C ARG A 2515 37.37 44.04 60.60
N VAL A 2516 36.61 43.20 61.30
CA VAL A 2516 37.29 42.12 62.01
C VAL A 2516 37.72 41.01 61.07
N TYR A 2517 36.98 40.77 59.98
CA TYR A 2517 37.42 39.79 58.97
C TYR A 2517 38.73 40.22 58.34
N HIS A 2518 38.85 41.49 58.00
CA HIS A 2518 40.09 41.99 57.43
C HIS A 2518 41.23 41.90 58.43
N ALA A 2519 40.97 42.26 59.69
CA ALA A 2519 42.01 42.15 60.72
C ALA A 2519 42.49 40.72 60.84
N LEU A 2520 41.56 39.77 60.87
CA LEU A 2520 41.94 38.37 60.96
C LEU A 2520 42.71 37.90 59.73
N ALA A 2521 42.37 38.45 58.55
CA ALA A 2521 43.06 38.06 57.34
C ALA A 2521 44.50 38.52 57.36
N MET A 2522 44.72 39.77 57.75
CA MET A 2522 46.06 40.36 57.68
C MET A 2522 47.01 39.78 58.73
N ASP A 2523 46.49 39.13 59.77
CA ASP A 2523 47.29 38.73 60.92
C ASP A 2523 47.99 37.42 60.61
N ARG A 2524 49.29 37.48 60.33
CA ARG A 2524 50.10 36.30 60.08
C ARG A 2524 51.21 36.23 61.11
N ASP A 2525 51.35 35.08 61.76
CA ASP A 2525 52.43 34.83 62.69
C ASP A 2525 52.97 33.42 62.44
N PRO A 2526 54.21 33.29 61.98
CA PRO A 2526 54.73 31.95 61.64
C PRO A 2526 54.74 30.99 62.81
N THR A 2527 54.80 31.49 64.05
CA THR A 2527 54.80 30.63 65.21
C THR A 2527 53.39 30.27 65.65
N ARG A 2528 52.52 31.27 65.77
CA ARG A 2528 51.16 31.03 66.20
C ARG A 2528 50.32 30.34 65.14
N TYR A 2529 50.73 30.41 63.87
CA TYR A 2529 50.01 29.79 62.77
C TYR A 2529 51.00 28.93 61.97
N LYS A 2530 50.99 27.63 62.23
CA LYS A 2530 51.87 26.71 61.53
C LYS A 2530 51.11 26.02 60.39
N SER A 2531 51.70 26.04 59.21
CA SER A 2531 51.05 25.53 58.02
C SER A 2531 50.74 24.04 58.17
N GLY A 2532 49.46 23.70 58.16
CA GLY A 2532 49.01 22.33 58.27
C GLY A 2532 48.36 21.98 59.59
N GLN A 2533 48.48 22.84 60.60
CA GLN A 2533 47.95 22.55 61.93
C GLN A 2533 46.45 22.83 61.95
N LYS A 2534 45.88 22.89 63.15
CA LYS A 2534 44.46 23.21 63.33
C LYS A 2534 44.32 23.92 64.68
N VAL A 2535 44.34 25.24 64.63
CA VAL A 2535 44.51 26.06 65.83
C VAL A 2535 43.15 26.54 66.32
N PRO A 2536 42.86 26.49 67.62
CA PRO A 2536 41.61 27.09 68.11
C PRO A 2536 41.71 28.59 68.03
N ILE A 2537 40.68 29.23 67.46
CA ILE A 2537 40.72 30.68 67.27
C ILE A 2537 40.16 31.28 68.56
N LYS A 2538 40.99 31.24 69.60
CA LYS A 2538 40.78 32.04 70.79
C LYS A 2538 42.09 32.51 71.42
N ASN A 2539 43.24 32.18 70.84
CA ASN A 2539 44.51 32.44 71.48
C ASN A 2539 45.18 33.72 71.03
N SER A 2540 44.96 34.13 69.79
CA SER A 2540 45.42 35.44 69.39
C SER A 2540 44.43 36.51 69.87
N PRO A 2541 44.89 37.72 70.13
CA PRO A 2541 43.94 38.80 70.42
C PRO A 2541 43.01 39.08 69.27
N VAL A 2542 43.54 39.00 68.04
CA VAL A 2542 42.70 39.14 66.85
C VAL A 2542 41.59 38.12 66.86
N GLY A 2543 41.90 36.88 67.24
CA GLY A 2543 40.88 35.84 67.26
C GLY A 2543 39.77 36.13 68.24
N GLN A 2544 40.13 36.60 69.43
CA GLN A 2544 39.09 36.85 70.44
C GLN A 2544 38.26 38.07 70.08
N ASN A 2545 38.90 39.13 69.60
CA ASN A 2545 38.15 40.29 69.13
C ASN A 2545 37.20 39.90 68.01
N PHE A 2546 37.67 39.03 67.11
CA PHE A 2546 36.83 38.56 66.01
C PHE A 2546 35.62 37.79 66.53
N LEU A 2547 35.85 36.84 67.43
CA LEU A 2547 34.74 36.04 67.93
C LEU A 2547 33.71 36.92 68.65
N SER A 2548 34.18 37.85 69.48
CA SER A 2548 33.26 38.71 70.20
C SER A 2548 32.46 39.58 69.24
N THR A 2549 33.15 40.25 68.31
CA THR A 2549 32.47 41.13 67.37
C THR A 2549 31.46 40.38 66.53
N MET A 2550 31.77 39.14 66.18
CA MET A 2550 30.85 38.36 65.37
C MET A 2550 29.67 37.89 66.21
N SER A 2551 29.87 37.70 67.50
CA SER A 2551 28.74 37.33 68.35
C SER A 2551 27.79 38.51 68.52
N ASN A 2552 28.32 39.73 68.62
CA ASN A 2552 27.47 40.88 68.85
C ASN A 2552 26.71 41.34 67.61
N ASN A 2553 27.21 41.02 66.42
CA ASN A 2553 26.62 41.49 65.15
C ASN A 2553 26.21 40.31 64.28
N PRO A 2554 24.93 40.04 64.14
CA PRO A 2554 24.52 38.90 63.30
C PRO A 2554 24.32 39.27 61.84
N ILE A 2555 24.95 38.53 60.95
CA ILE A 2555 24.81 38.73 59.50
C ILE A 2555 24.74 37.37 58.84
N PRO A 2556 24.28 37.30 57.59
CA PRO A 2556 24.41 36.07 56.85
C PRO A 2556 25.88 35.81 56.53
N PRO A 2557 26.26 34.56 56.34
CA PRO A 2557 27.65 34.27 56.06
C PRO A 2557 28.09 35.01 54.82
N PRO A 2558 29.24 35.67 54.86
CA PRO A 2558 29.60 36.54 53.74
C PRO A 2558 29.85 35.80 52.46
N THR A 2559 30.08 34.49 52.50
CA THR A 2559 30.32 33.71 51.30
C THR A 2559 29.11 32.87 50.91
N LEU A 2560 27.95 33.15 51.46
CA LEU A 2560 26.73 32.48 51.03
C LEU A 2560 26.15 33.23 49.83
N GLN A 2561 25.74 32.47 48.82
CA GLN A 2561 25.17 33.07 47.61
C GLN A 2561 23.70 33.33 47.84
N ILE A 2562 23.31 34.58 47.92
CA ILE A 2562 21.93 34.98 48.16
C ILE A 2562 21.28 35.29 46.82
N GLU A 2563 20.14 34.69 46.55
CA GLU A 2563 19.39 35.02 45.35
C GLU A 2563 18.58 36.29 45.56
N VAL A 2564 18.41 37.04 44.49
CA VAL A 2564 17.74 38.34 44.57
C VAL A 2564 16.24 38.12 44.73
N SER A 2565 15.62 38.85 45.66
CA SER A 2565 14.23 38.66 46.00
C SER A 2565 13.38 39.72 45.33
N ALA A 2566 12.39 39.29 44.54
CA ALA A 2566 11.47 40.24 43.94
C ALA A 2566 10.57 40.89 44.97
N ASN A 2567 10.25 40.18 46.05
CA ASN A 2567 9.43 40.73 47.11
C ASN A 2567 10.21 41.54 48.12
N LEU A 2568 11.53 41.69 47.94
CA LEU A 2568 12.37 42.54 48.79
C LEU A 2568 12.35 42.07 50.24
N ASP A 2569 12.35 40.76 50.45
CA ASP A 2569 12.25 40.17 51.77
C ASP A 2569 13.46 39.27 52.01
N TYR A 2570 14.41 39.75 52.80
CA TYR A 2570 15.62 39.01 53.09
C TYR A 2570 15.67 38.54 54.54
N SER A 2571 14.51 38.16 55.08
CA SER A 2571 14.42 37.63 56.42
C SER A 2571 14.63 36.12 56.47
N HIS A 2572 14.38 35.42 55.38
CA HIS A 2572 14.58 33.99 55.31
C HIS A 2572 16.03 33.58 55.12
N VAL A 2573 16.96 34.51 55.27
CA VAL A 2573 18.38 34.24 55.02
C VAL A 2573 19.03 33.78 56.32
N PRO A 2574 19.78 32.69 56.30
CA PRO A 2574 20.42 32.22 57.54
C PRO A 2574 21.50 33.18 58.00
N MET A 2575 21.44 33.56 59.26
CA MET A 2575 22.49 34.38 59.87
C MET A 2575 23.54 33.47 60.49
N ILE A 2576 24.71 34.06 60.76
CA ILE A 2576 25.76 33.29 61.43
C ILE A 2576 25.36 33.10 62.88
N HIS A 2577 25.22 31.84 63.29
CA HIS A 2577 24.91 31.55 64.68
C HIS A 2577 26.16 31.56 65.54
N LYS A 2578 27.15 30.75 65.19
CA LYS A 2578 28.39 30.73 65.93
C LYS A 2578 29.50 30.28 65.01
N PHE A 2579 30.72 30.22 65.53
CA PHE A 2579 31.85 29.70 64.79
C PHE A 2579 32.35 28.42 65.45
N ALA A 2580 32.79 27.48 64.62
CA ALA A 2580 33.47 26.32 65.16
C ALA A 2580 34.72 26.77 65.91
N PRO A 2581 35.08 26.08 66.98
CA PRO A 2581 36.15 26.59 67.85
C PRO A 2581 37.50 26.69 67.18
N GLU A 2582 37.79 25.80 66.24
CA GLU A 2582 39.11 25.75 65.61
C GLU A 2582 39.05 26.20 64.16
N MET A 2583 40.23 26.46 63.62
CA MET A 2583 40.39 26.86 62.23
C MET A 2583 41.63 26.18 61.68
N ALA A 2584 41.53 25.67 60.46
CA ALA A 2584 42.66 25.02 59.83
C ALA A 2584 43.59 26.05 59.22
N ILE A 2585 44.75 25.59 58.77
CA ILE A 2585 45.75 26.46 58.16
C ILE A 2585 46.35 25.74 56.96
N ALA A 2586 46.53 26.47 55.86
CA ALA A 2586 47.12 25.92 54.66
C ALA A 2586 48.56 26.38 54.49
N SER A 2587 49.25 25.78 53.53
CA SER A 2587 50.68 26.03 53.34
C SER A 2587 50.91 27.27 52.49
N GLY A 2588 51.75 28.16 52.99
CA GLY A 2588 52.06 29.39 52.27
C GLY A 2588 52.92 30.29 53.12
N VAL A 2589 52.99 31.56 52.73
CA VAL A 2589 53.71 32.55 53.52
C VAL A 2589 52.72 33.26 54.42
N SER A 2590 51.76 33.96 53.81
CA SER A 2590 50.65 34.53 54.55
C SER A 2590 49.60 33.45 54.69
N ALA A 2591 49.55 32.82 55.86
CA ALA A 2591 48.78 31.62 56.10
C ALA A 2591 47.30 31.82 55.79
N PRO A 2592 46.77 31.19 54.74
CA PRO A 2592 45.32 31.24 54.53
C PRO A 2592 44.64 30.34 55.53
N LYS A 2593 43.69 30.89 56.28
CA LYS A 2593 43.02 30.16 57.34
C LYS A 2593 41.60 29.81 56.92
N ILE A 2594 41.19 28.59 57.25
CA ILE A 2594 39.90 28.08 56.83
C ILE A 2594 38.97 28.09 58.03
N LEU A 2595 38.10 29.08 58.11
CA LEU A 2595 37.15 29.14 59.19
C LEU A 2595 35.93 28.31 58.87
N THR A 2596 35.15 27.99 59.89
CA THR A 2596 33.87 27.34 59.73
C THR A 2596 32.85 28.15 60.52
N ALA A 2597 31.66 28.30 59.98
CA ALA A 2597 30.61 29.03 60.66
C ALA A 2597 29.36 28.19 60.68
N ILE A 2598 28.78 27.99 61.85
CA ILE A 2598 27.53 27.27 61.97
C ILE A 2598 26.42 28.30 61.94
N GLY A 2599 25.51 28.16 60.97
CA GLY A 2599 24.48 29.15 60.77
C GLY A 2599 23.25 28.90 61.62
N THR A 2600 22.25 29.74 61.41
CA THR A 2600 21.00 29.61 62.16
C THR A 2600 20.29 28.32 61.81
N ASP A 2601 20.20 28.00 60.52
CA ASP A 2601 19.51 26.79 60.09
C ASP A 2601 20.33 25.53 60.33
N GLY A 2602 21.52 25.65 60.93
CA GLY A 2602 22.29 24.49 61.31
C GLY A 2602 23.20 23.92 60.26
N ARG A 2603 23.54 24.68 59.23
CA ARG A 2603 24.48 24.22 58.22
C ARG A 2603 25.85 24.83 58.48
N LYS A 2604 26.87 24.19 57.93
CA LYS A 2604 28.24 24.65 58.09
C LYS A 2604 28.69 25.34 56.83
N TYR A 2605 29.11 26.59 56.96
CA TYR A 2605 29.66 27.37 55.87
C TYR A 2605 31.15 27.56 56.14
N LYS A 2606 31.99 26.89 55.37
CA LYS A 2606 33.41 27.10 55.52
C LYS A 2606 33.84 28.28 54.68
N GLN A 2607 34.98 28.87 55.02
CA GLN A 2607 35.45 30.08 54.37
C GLN A 2607 36.96 30.07 54.34
N LEU A 2608 37.53 30.54 53.26
CA LEU A 2608 38.95 30.84 53.22
C LEU A 2608 39.06 32.32 53.51
N VAL A 2609 39.79 32.68 54.55
CA VAL A 2609 40.09 34.06 54.83
C VAL A 2609 41.48 34.32 54.26
N LYS A 2610 41.52 34.85 53.05
CA LYS A 2610 42.75 34.92 52.27
C LYS A 2610 43.36 36.29 52.41
N GLY A 2611 44.59 36.34 52.89
CA GLY A 2611 45.31 37.58 53.04
C GLY A 2611 46.61 37.55 52.29
N GLY A 2612 47.19 38.72 52.05
CA GLY A 2612 48.45 38.78 51.34
C GLY A 2612 48.49 39.93 50.36
N ASN A 2613 48.99 39.67 49.16
CA ASN A 2613 49.10 40.68 48.12
C ASN A 2613 48.39 40.24 46.84
N ASP A 2614 47.43 39.33 46.94
CA ASP A 2614 46.75 38.82 45.77
C ASP A 2614 45.70 39.81 45.28
N ASP A 2615 45.17 39.54 44.10
CA ASP A 2615 44.08 40.31 43.53
C ASP A 2615 42.90 39.37 43.36
N LEU A 2616 41.95 39.46 44.27
CA LEU A 2616 40.72 38.69 44.17
C LEU A 2616 39.66 39.38 43.33
N ARG A 2617 39.86 40.64 42.95
CA ARG A 2617 38.86 41.26 42.11
C ARG A 2617 38.88 40.69 40.70
N GLN A 2618 40.05 40.32 40.19
CA GLN A 2618 40.13 39.58 38.94
C GLN A 2618 39.31 38.31 39.03
N ASP A 2619 39.53 37.51 40.08
CA ASP A 2619 38.84 36.25 40.23
C ASP A 2619 37.34 36.45 40.38
N ALA A 2620 36.92 37.52 41.05
CA ALA A 2620 35.50 37.77 41.25
C ALA A 2620 34.83 38.18 39.96
N ILE A 2621 35.46 39.08 39.21
CA ILE A 2621 34.92 39.51 37.92
C ILE A 2621 34.80 38.33 36.97
N MET A 2622 35.85 37.51 36.88
CA MET A 2622 35.78 36.39 35.97
C MET A 2622 34.78 35.34 36.42
N GLU A 2623 34.62 35.13 37.71
CA GLU A 2623 33.58 34.22 38.15
C GLU A 2623 32.22 34.72 37.73
N GLN A 2624 32.01 36.05 37.78
CA GLN A 2624 30.72 36.59 37.36
C GLN A 2624 30.50 36.42 35.86
N VAL A 2625 31.54 36.62 35.07
CA VAL A 2625 31.42 36.46 33.61
C VAL A 2625 31.11 35.01 33.26
N PHE A 2626 31.82 34.07 33.87
CA PHE A 2626 31.58 32.66 33.60
C PHE A 2626 30.18 32.25 34.02
N ALA A 2627 29.69 32.78 35.14
CA ALA A 2627 28.33 32.47 35.55
C ALA A 2627 27.30 33.02 34.56
N ALA A 2628 27.55 34.20 34.01
CA ALA A 2628 26.62 34.76 33.02
C ALA A 2628 26.58 33.93 31.74
N VAL A 2629 27.74 33.50 31.26
CA VAL A 2629 27.76 32.69 30.04
C VAL A 2629 27.10 31.33 30.29
N SER A 2630 27.38 30.71 31.43
CA SER A 2630 26.70 29.47 31.71
C SER A 2630 25.20 29.67 31.82
N GLU A 2631 24.75 30.85 32.25
CA GLU A 2631 23.32 31.10 32.23
C GLU A 2631 22.81 31.22 30.81
N LEU A 2632 23.62 31.73 29.89
CA LEU A 2632 23.21 31.73 28.49
C LEU A 2632 22.98 30.32 27.99
N LEU A 2633 23.74 29.37 28.50
CA LEU A 2633 23.61 28.00 28.00
C LEU A 2633 22.23 27.40 28.23
N LYS A 2634 21.43 27.96 29.12
CA LYS A 2634 20.16 27.34 29.47
C LYS A 2634 19.06 27.59 28.46
N LEU A 2635 19.32 28.38 27.42
CA LEU A 2635 18.26 28.79 26.51
C LEU A 2635 18.16 27.91 25.29
N HIS A 2636 18.95 26.86 25.20
CA HIS A 2636 19.00 26.01 24.02
C HIS A 2636 18.63 24.60 24.41
N ARG A 2637 17.95 23.90 23.50
CA ARG A 2637 17.39 22.61 23.86
C ARG A 2637 18.47 21.60 24.19
N GLU A 2638 19.55 21.56 23.42
CA GLU A 2638 20.50 20.48 23.58
C GLU A 2638 21.30 20.61 24.86
N THR A 2639 21.70 21.83 25.23
CA THR A 2639 22.47 22.01 26.45
C THR A 2639 21.60 22.04 27.68
N ARG A 2640 20.36 22.45 27.55
CA ARG A 2640 19.46 22.42 28.68
C ARG A 2640 18.96 21.02 28.98
N GLN A 2641 18.81 20.19 27.94
CA GLN A 2641 18.40 18.81 28.16
C GLN A 2641 19.45 18.04 28.94
N ARG A 2642 20.72 18.41 28.82
CA ARG A 2642 21.81 17.73 29.48
C ARG A 2642 22.31 18.47 30.70
N ASN A 2643 21.66 19.55 31.09
CA ASN A 2643 22.09 20.37 32.22
C ASN A 2643 23.57 20.73 32.09
N LEU A 2644 23.98 21.12 30.89
CA LEU A 2644 25.34 21.57 30.70
C LEU A 2644 25.50 22.96 31.29
N GLY A 2645 26.49 23.11 32.15
CA GLY A 2645 26.73 24.37 32.83
C GLY A 2645 27.92 24.20 33.72
N ILE A 2646 28.24 25.25 34.46
CA ILE A 2646 29.39 25.20 35.33
C ILE A 2646 28.93 25.38 36.76
N ARG A 2647 29.75 24.89 37.69
CA ARG A 2647 29.50 25.06 39.11
C ARG A 2647 30.18 26.33 39.57
N THR A 2648 29.47 27.15 40.32
CA THR A 2648 29.99 28.44 40.75
C THR A 2648 30.38 28.40 42.21
N TYR A 2649 31.20 29.37 42.59
CA TYR A 2649 31.53 29.63 43.98
C TYR A 2649 31.52 31.14 44.15
N LYS A 2650 31.74 31.61 45.37
CA LYS A 2650 31.57 33.01 45.69
C LYS A 2650 32.89 33.60 46.17
N VAL A 2651 33.38 34.61 45.48
CA VAL A 2651 34.55 35.36 45.91
C VAL A 2651 34.07 36.73 46.37
N LEU A 2652 34.62 37.21 47.47
CA LEU A 2652 34.22 38.48 48.06
C LEU A 2652 35.48 39.24 48.46
N PRO A 2653 35.93 40.19 47.64
CA PRO A 2653 37.12 40.96 47.99
C PRO A 2653 36.77 42.01 49.04
N LEU A 2654 37.52 42.01 50.14
CA LEU A 2654 37.30 42.99 51.19
C LEU A 2654 38.12 44.24 50.94
N THR A 2655 39.42 44.08 50.77
CA THR A 2655 40.30 45.20 50.44
C THR A 2655 41.17 44.81 49.25
N SER A 2656 42.13 45.65 48.90
CA SER A 2656 43.04 45.31 47.82
C SER A 2656 44.07 44.27 48.25
N SER A 2657 43.91 43.67 49.42
CA SER A 2657 44.89 42.69 49.88
C SER A 2657 44.26 41.51 50.60
N SER A 2658 42.94 41.35 50.57
CA SER A 2658 42.30 40.33 51.38
C SER A 2658 40.91 40.05 50.86
N GLY A 2659 40.43 38.85 51.16
CA GLY A 2659 39.10 38.48 50.74
C GLY A 2659 38.59 37.27 51.47
N LEU A 2660 37.33 36.98 51.23
CA LEU A 2660 36.66 35.78 51.69
C LEU A 2660 36.30 34.94 50.49
N ILE A 2661 36.75 33.71 50.46
CA ILE A 2661 36.42 32.79 49.37
C ILE A 2661 35.57 31.68 49.94
N GLU A 2662 34.56 31.26 49.19
CA GLU A 2662 33.71 30.19 49.64
C GLU A 2662 34.43 28.86 49.51
N PHE A 2663 34.53 28.12 50.61
CA PHE A 2663 35.16 26.81 50.57
C PHE A 2663 34.12 25.81 50.09
N VAL A 2664 34.30 25.31 48.88
CA VAL A 2664 33.30 24.44 48.27
C VAL A 2664 33.16 23.18 49.11
N SER A 2665 31.91 22.77 49.32
CA SER A 2665 31.52 21.98 50.48
C SER A 2665 32.27 20.67 50.63
N ASN A 2666 32.05 19.72 49.75
CA ASN A 2666 32.56 18.36 49.96
C ASN A 2666 33.33 17.89 48.76
N THR A 2667 34.28 18.70 48.31
CA THR A 2667 35.14 18.39 47.20
C THR A 2667 36.50 17.92 47.71
N ILE A 2668 37.39 17.61 46.77
CA ILE A 2668 38.77 17.28 47.06
C ILE A 2668 39.62 17.71 45.88
N PRO A 2669 40.74 18.41 46.07
CA PRO A 2669 41.52 18.87 44.93
C PRO A 2669 41.98 17.71 44.08
N LEU A 2670 42.08 17.95 42.77
CA LEU A 2670 42.41 16.88 41.85
C LEU A 2670 43.81 16.34 42.12
N HIS A 2671 44.74 17.20 42.46
CA HIS A 2671 46.09 16.76 42.70
C HIS A 2671 46.20 15.97 43.99
N GLU A 2672 45.40 16.32 45.00
CA GLU A 2672 45.42 15.64 46.29
C GLU A 2672 44.75 14.28 46.24
N TYR A 2673 43.85 14.05 45.29
CA TYR A 2673 43.47 12.67 45.04
C TYR A 2673 44.52 11.94 44.21
N LEU A 2674 45.04 12.59 43.17
CA LEU A 2674 45.81 11.83 42.20
C LEU A 2674 47.19 11.46 42.69
N MET A 2675 47.77 12.21 43.59
CA MET A 2675 49.14 11.86 43.90
C MET A 2675 49.25 10.68 44.85
N PRO A 2676 48.40 10.57 45.88
CA PRO A 2676 48.39 9.31 46.65
C PRO A 2676 47.88 8.11 45.88
N ALA A 2677 46.86 8.28 45.04
CA ALA A 2677 46.32 7.15 44.30
C ALA A 2677 47.34 6.56 43.35
N HIS A 2678 48.22 7.37 42.80
CA HIS A 2678 49.19 6.85 41.83
C HIS A 2678 50.14 5.86 42.47
N GLU A 2679 50.46 6.05 43.73
CA GLU A 2679 51.33 5.12 44.41
C GLU A 2679 50.57 4.04 45.15
N ARG A 2680 49.28 4.25 45.39
CA ARG A 2680 48.49 3.19 45.98
C ARG A 2680 48.15 2.11 44.97
N TYR A 2681 47.89 2.48 43.72
CA TYR A 2681 47.51 1.47 42.72
C TYR A 2681 48.66 0.97 41.89
N TYR A 2682 49.78 1.69 41.79
CA TYR A 2682 50.95 1.26 41.02
C TYR A 2682 52.19 1.50 41.85
N PRO A 2683 52.53 0.58 42.74
CA PRO A 2683 53.69 0.81 43.62
C PRO A 2683 55.03 0.70 42.93
N LYS A 2684 55.09 0.28 41.67
CA LYS A 2684 56.35 0.21 40.95
C LYS A 2684 56.59 1.41 40.04
N ASP A 2685 55.66 2.35 39.96
CA ASP A 2685 55.85 3.51 39.11
C ASP A 2685 56.66 4.57 39.84
N LEU A 2686 57.00 5.62 39.09
CA LEU A 2686 57.65 6.78 39.67
C LEU A 2686 56.69 7.52 40.60
N LYS A 2687 57.26 8.34 41.47
CA LYS A 2687 56.44 9.19 42.29
C LYS A 2687 56.05 10.45 41.53
N GLY A 2688 55.06 11.17 42.06
CA GLY A 2688 54.71 12.44 41.45
C GLY A 2688 55.86 13.42 41.52
N SER A 2689 56.58 13.42 42.64
CA SER A 2689 57.70 14.34 42.81
C SER A 2689 58.87 13.96 41.90
N GLN A 2690 59.10 12.67 41.69
CA GLN A 2690 60.16 12.26 40.78
C GLN A 2690 59.84 12.65 39.35
N CYS A 2691 58.57 12.50 38.93
CA CYS A 2691 58.20 12.95 37.60
C CYS A 2691 58.33 14.46 37.46
N ARG A 2692 57.88 15.21 38.46
CA ARG A 2692 57.98 16.65 38.38
C ARG A 2692 59.43 17.09 38.29
N LYS A 2693 60.29 16.52 39.11
CA LYS A 2693 61.70 16.91 39.08
C LYS A 2693 62.35 16.52 37.77
N GLU A 2694 62.04 15.33 37.25
CA GLU A 2694 62.64 14.88 36.00
C GLU A 2694 62.21 15.76 34.83
N ILE A 2695 60.99 16.28 34.88
CA ILE A 2695 60.52 17.16 33.82
C ILE A 2695 61.04 18.57 34.01
N ALA A 2696 61.27 19.00 35.24
CA ALA A 2696 61.79 20.34 35.47
C ALA A 2696 63.28 20.44 35.21
N ASN A 2697 64.02 19.35 35.29
CA ASN A 2697 65.44 19.42 34.98
C ASN A 2697 65.66 19.68 33.50
N ALA A 2698 64.85 19.08 32.64
CA ALA A 2698 64.99 19.31 31.21
C ALA A 2698 64.11 20.45 30.73
N GLN A 2699 64.19 21.58 31.42
CA GLN A 2699 63.39 22.74 31.07
C GLN A 2699 64.14 23.75 30.23
N THR A 2700 65.45 23.67 30.23
CA THR A 2700 66.32 24.57 29.48
C THR A 2700 67.05 23.81 28.38
N LYS A 2701 66.33 22.95 27.67
CA LYS A 2701 66.91 22.12 26.63
C LYS A 2701 66.04 22.16 25.39
N ASN A 2702 66.58 21.63 24.29
CA ASN A 2702 65.87 21.69 23.03
C ASN A 2702 64.59 20.87 23.09
N THR A 2703 63.67 21.17 22.19
CA THR A 2703 62.37 20.52 22.22
C THR A 2703 62.49 19.01 22.03
N GLU A 2704 63.48 18.54 21.29
CA GLU A 2704 63.63 17.11 21.12
C GLU A 2704 63.90 16.42 22.44
N THR A 2705 64.83 16.96 23.23
CA THR A 2705 65.15 16.35 24.51
C THR A 2705 63.98 16.46 25.48
N ARG A 2706 63.26 17.57 25.46
CA ARG A 2706 62.10 17.71 26.35
C ARG A 2706 61.05 16.66 26.02
N ILE A 2707 60.75 16.46 24.73
CA ILE A 2707 59.75 15.47 24.38
C ILE A 2707 60.23 14.06 24.69
N ALA A 2708 61.53 13.79 24.52
CA ALA A 2708 62.03 12.46 24.86
C ALA A 2708 61.93 12.19 26.35
N VAL A 2709 62.27 13.17 27.17
CA VAL A 2709 62.16 13.01 28.61
C VAL A 2709 60.70 12.84 29.02
N TYR A 2710 59.80 13.56 28.36
CA TYR A 2710 58.40 13.43 28.70
C TYR A 2710 57.85 12.07 28.34
N ARG A 2711 58.20 11.54 27.18
CA ARG A 2711 57.78 10.19 26.86
C ARG A 2711 58.33 9.19 27.86
N ARG A 2712 59.61 9.35 28.21
CA ARG A 2712 60.22 8.41 29.15
C ARG A 2712 59.52 8.45 30.50
N VAL A 2713 59.08 9.62 30.92
CA VAL A 2713 58.40 9.72 32.21
C VAL A 2713 57.01 9.13 32.14
N THR A 2714 56.25 9.47 31.11
CA THR A 2714 54.90 8.96 31.06
C THR A 2714 54.83 7.48 30.69
N GLU A 2715 55.92 6.86 30.26
CA GLU A 2715 55.88 5.42 30.14
C GLU A 2715 55.97 4.71 31.48
N ARG A 2716 56.32 5.43 32.55
CA ARG A 2716 56.41 4.89 33.89
C ARG A 2716 55.43 5.57 34.82
N PHE A 2717 54.27 5.96 34.30
CA PHE A 2717 53.29 6.68 35.10
C PHE A 2717 51.93 6.38 34.48
N HIS A 2718 51.13 5.57 35.12
CA HIS A 2718 49.89 5.22 34.48
C HIS A 2718 48.71 5.89 35.15
N PRO A 2719 47.68 6.23 34.40
CA PRO A 2719 46.55 6.96 34.98
C PRO A 2719 45.74 6.10 35.92
N VAL A 2720 45.16 6.74 36.94
CA VAL A 2720 44.41 6.03 37.96
C VAL A 2720 43.10 6.70 38.24
N MET A 2721 42.67 7.62 37.38
CA MET A 2721 41.51 8.43 37.73
C MET A 2721 40.25 7.60 37.72
N ARG A 2722 40.22 6.50 36.97
CA ARG A 2722 39.01 5.70 36.87
C ARG A 2722 38.61 5.11 38.19
N TYR A 2723 39.50 5.12 39.16
CA TYR A 2723 39.20 4.57 40.47
C TYR A 2723 38.47 5.55 41.35
N PHE A 2724 38.59 6.85 41.11
CA PHE A 2724 37.85 7.80 41.93
C PHE A 2724 36.38 7.46 41.97
N PHE A 2725 35.85 6.85 40.93
CA PHE A 2725 34.44 6.53 40.90
C PHE A 2725 34.18 5.14 41.41
N MET A 2726 35.15 4.23 41.30
CA MET A 2726 34.93 2.90 41.82
C MET A 2726 35.12 2.82 43.32
N GLU A 2727 35.56 3.87 43.97
CA GLU A 2727 35.79 3.84 45.39
C GLU A 2727 34.99 4.86 46.16
N TYR A 2728 34.35 5.81 45.51
CA TYR A 2728 33.36 6.63 46.19
C TYR A 2728 31.93 6.23 45.84
N PHE A 2729 31.72 5.50 44.74
CA PHE A 2729 30.39 5.07 44.32
C PHE A 2729 30.50 3.63 43.88
N PRO A 2730 30.28 2.67 44.79
CA PRO A 2730 30.36 1.26 44.40
C PRO A 2730 29.08 0.71 43.78
N ASP A 2731 27.98 1.43 43.86
CA ASP A 2731 26.72 0.97 43.29
C ASP A 2731 26.69 1.30 41.81
N PRO A 2732 26.45 0.32 40.93
CA PRO A 2732 26.59 0.60 39.50
C PRO A 2732 25.65 1.68 38.97
N ASP A 2733 24.43 1.77 39.48
CA ASP A 2733 23.53 2.82 39.03
C ASP A 2733 24.11 4.20 39.35
N GLU A 2734 24.48 4.39 40.61
CA GLU A 2734 25.09 5.63 41.04
C GLU A 2734 26.44 5.87 40.35
N TRP A 2735 27.24 4.83 40.18
CA TRP A 2735 28.53 4.98 39.52
C TRP A 2735 28.37 5.51 38.11
N PHE A 2736 27.42 4.98 37.36
CA PHE A 2736 27.22 5.44 36.00
C PHE A 2736 26.76 6.89 35.99
N GLN A 2737 25.78 7.23 36.82
CA GLN A 2737 25.31 8.61 36.81
C GLN A 2737 26.41 9.59 37.19
N LYS A 2738 27.25 9.25 38.17
CA LYS A 2738 28.27 10.19 38.59
C LYS A 2738 29.38 10.32 37.56
N ARG A 2739 29.73 9.23 36.89
CA ARG A 2739 30.75 9.34 35.85
C ARG A 2739 30.26 10.17 34.68
N THR A 2740 28.96 10.09 34.37
CA THR A 2740 28.41 10.96 33.35
C THR A 2740 28.41 12.42 33.78
N ASN A 2741 28.11 12.70 35.05
CA ASN A 2741 28.22 14.07 35.54
C ASN A 2741 29.63 14.60 35.37
N TYR A 2742 30.63 13.79 35.68
CA TYR A 2742 32.01 14.24 35.53
C TYR A 2742 32.31 14.57 34.09
N THR A 2743 31.96 13.67 33.17
CA THR A 2743 32.25 13.91 31.76
C THR A 2743 31.56 15.15 31.23
N ARG A 2744 30.29 15.35 31.57
CA ARG A 2744 29.57 16.50 31.07
C ARG A 2744 30.11 17.81 31.62
N THR A 2745 30.40 17.87 32.91
CA THR A 2745 30.92 19.13 33.43
C THR A 2745 32.33 19.42 32.92
N THR A 2746 33.13 18.38 32.69
CA THR A 2746 34.43 18.60 32.08
C THR A 2746 34.29 19.13 30.66
N ALA A 2747 33.36 18.59 29.89
CA ALA A 2747 33.17 19.08 28.53
C ALA A 2747 32.72 20.53 28.52
N ALA A 2748 31.73 20.87 29.34
CA ALA A 2748 31.24 22.24 29.36
C ALA A 2748 32.33 23.21 29.76
N ILE A 2749 33.11 22.89 30.80
CA ILE A 2749 34.12 23.86 31.18
C ILE A 2749 35.28 23.88 30.22
N SER A 2750 35.53 22.81 29.48
CA SER A 2750 36.57 22.84 28.47
C SER A 2750 36.20 23.77 27.33
N MET A 2751 35.00 23.64 26.78
CA MET A 2751 34.62 24.56 25.71
C MET A 2751 34.53 26.00 26.23
N LEU A 2752 33.92 26.20 27.39
CA LEU A 2752 33.75 27.54 27.92
C LEU A 2752 35.06 28.19 28.29
N GLY A 2753 36.08 27.41 28.61
CA GLY A 2753 37.36 27.98 28.93
C GLY A 2753 38.29 28.05 27.77
N HIS A 2754 37.94 27.40 26.67
CA HIS A 2754 38.61 27.69 25.41
C HIS A 2754 38.12 29.02 24.84
N VAL A 2755 36.81 29.22 24.82
CA VAL A 2755 36.27 30.44 24.23
C VAL A 2755 36.73 31.69 24.95
N LEU A 2756 36.93 31.61 26.27
CA LEU A 2756 37.37 32.76 27.07
C LEU A 2756 38.83 32.67 27.46
N GLY A 2757 39.61 31.82 26.79
CA GLY A 2757 41.04 31.80 27.00
C GLY A 2757 41.49 31.42 28.38
N LEU A 2758 40.65 30.75 29.14
CA LEU A 2758 40.94 30.45 30.54
C LEU A 2758 42.22 29.65 30.68
N GLY A 2759 43.11 30.08 31.56
CA GLY A 2759 44.39 29.44 31.75
C GLY A 2759 44.69 29.20 33.21
N ASP A 2760 45.88 28.69 33.54
CA ASP A 2760 46.26 28.34 34.91
C ASP A 2760 45.45 27.17 35.44
N ARG A 2761 45.25 26.17 34.58
CA ARG A 2761 44.39 25.04 34.90
C ARG A 2761 45.20 23.85 35.43
N HIS A 2762 45.95 24.07 36.50
CA HIS A 2762 46.71 22.98 37.06
C HIS A 2762 45.87 22.23 38.07
N GLY A 2763 46.46 21.26 38.75
CA GLY A 2763 45.66 20.37 39.56
C GLY A 2763 45.09 20.99 40.81
N HIS A 2764 45.60 22.13 41.25
CA HIS A 2764 45.14 22.74 42.48
C HIS A 2764 44.00 23.70 42.26
N ASN A 2765 43.61 23.94 41.00
CA ASN A 2765 42.47 24.78 40.66
C ASN A 2765 41.27 23.97 40.20
N ILE A 2766 41.33 22.66 40.27
CA ILE A 2766 40.24 21.79 39.84
C ILE A 2766 39.88 20.91 41.02
N LEU A 2767 38.63 20.99 41.45
CA LEU A 2767 38.13 20.25 42.60
C LEU A 2767 37.18 19.18 42.13
N LEU A 2768 37.22 18.02 42.75
CA LEU A 2768 36.34 16.91 42.41
C LEU A 2768 35.29 16.80 43.49
N ASP A 2769 34.02 16.94 43.11
CA ASP A 2769 32.93 16.87 44.06
C ASP A 2769 32.55 15.40 44.25
N HIS A 2770 32.90 14.81 45.38
CA HIS A 2770 32.69 13.39 45.56
C HIS A 2770 31.32 13.06 46.13
N LYS A 2771 30.34 13.94 45.96
CA LYS A 2771 28.95 13.62 46.20
C LYS A 2771 28.12 13.59 44.93
N THR A 2772 28.44 14.43 43.95
CA THR A 2772 27.77 14.46 42.66
C THR A 2772 28.67 14.10 41.49
N GLY A 2773 29.97 13.98 41.70
CA GLY A 2773 30.85 13.55 40.66
C GLY A 2773 31.45 14.66 39.84
N GLU A 2774 30.90 15.87 39.87
CA GLU A 2774 31.17 16.91 38.89
C GLU A 2774 32.25 17.87 39.34
N VAL A 2775 33.10 18.28 38.41
CA VAL A 2775 34.29 19.07 38.70
C VAL A 2775 33.91 20.52 38.91
N VAL A 2776 34.71 21.21 39.72
CA VAL A 2776 34.54 22.64 39.97
C VAL A 2776 35.86 23.31 39.67
N HIS A 2777 35.82 24.36 38.88
CA HIS A 2777 37.01 25.11 38.55
C HIS A 2777 37.01 26.41 39.34
N ILE A 2778 38.08 26.65 40.08
CA ILE A 2778 38.24 27.83 40.91
C ILE A 2778 39.42 28.62 40.36
N ASP A 2779 39.63 29.82 40.91
CA ASP A 2779 40.82 30.60 40.60
C ASP A 2779 40.85 30.98 39.12
N LEU A 2780 39.79 31.64 38.67
CA LEU A 2780 39.56 31.87 37.25
C LEU A 2780 40.10 33.20 36.76
N GLY A 2781 41.19 33.70 37.32
CA GLY A 2781 41.58 35.06 37.02
C GLY A 2781 42.48 35.27 35.83
N VAL A 2782 43.19 34.23 35.41
CA VAL A 2782 44.09 34.29 34.26
C VAL A 2782 43.27 33.87 33.05
N ALA A 2783 42.62 34.82 32.42
CA ALA A 2783 41.75 34.54 31.28
C ALA A 2783 42.23 35.33 30.08
N PHE A 2784 41.49 35.22 28.98
CA PHE A 2784 41.77 35.96 27.76
C PHE A 2784 43.22 35.80 27.30
N GLU A 2785 43.70 34.57 27.36
CA GLU A 2785 44.99 34.15 26.83
C GLU A 2785 46.17 34.80 27.54
N MET A 2786 45.99 35.32 28.75
CA MET A 2786 47.13 35.83 29.49
C MET A 2786 48.13 34.75 29.85
N GLY A 2787 47.81 33.48 29.59
CA GLY A 2787 48.64 32.38 30.02
C GLY A 2787 49.73 32.00 29.05
N ARG A 2788 49.58 32.36 27.78
CA ARG A 2788 50.62 32.10 26.82
C ARG A 2788 51.60 33.25 26.71
N VAL A 2789 51.56 34.18 27.67
CA VAL A 2789 52.55 35.24 27.78
C VAL A 2789 53.58 34.95 28.86
N LEU A 2790 53.36 33.94 29.69
CA LEU A 2790 54.24 33.58 30.78
C LEU A 2790 55.61 33.19 30.26
N PRO A 2791 56.61 33.04 31.13
CA PRO A 2791 57.92 32.56 30.66
C PRO A 2791 57.86 31.20 29.97
N VAL A 2792 57.24 30.20 30.61
CA VAL A 2792 57.02 28.91 29.96
C VAL A 2792 55.55 28.84 29.60
N PRO A 2793 55.17 29.16 28.37
CA PRO A 2793 53.77 29.43 28.07
C PRO A 2793 52.89 28.20 28.20
N GLU A 2794 51.60 28.45 28.41
CA GLU A 2794 50.58 27.40 28.43
C GLU A 2794 49.91 27.39 27.07
N LEU A 2795 50.33 26.47 26.21
CA LEU A 2795 49.91 26.46 24.81
C LEU A 2795 48.90 25.37 24.50
N VAL A 2796 48.03 25.04 25.45
CA VAL A 2796 46.98 24.05 25.25
C VAL A 2796 45.65 24.75 25.46
N PRO A 2797 44.59 24.38 24.76
CA PRO A 2797 43.33 25.10 24.95
C PRO A 2797 42.67 24.81 26.28
N PHE A 2798 42.84 23.61 26.82
CA PHE A 2798 42.27 23.24 28.11
C PHE A 2798 43.04 22.03 28.61
N ARG A 2799 42.71 21.60 29.84
CA ARG A 2799 43.40 20.48 30.47
C ARG A 2799 42.73 19.18 30.06
N LEU A 2800 43.42 18.35 29.31
CA LEU A 2800 42.92 17.05 28.89
C LEU A 2800 44.02 16.01 28.96
N THR A 2801 44.72 15.95 30.09
CA THR A 2801 45.81 15.00 30.26
C THR A 2801 45.27 13.58 30.33
N ARG A 2802 46.17 12.63 30.56
CA ARG A 2802 45.76 11.23 30.51
C ARG A 2802 44.86 10.85 31.67
N ASP A 2803 44.93 11.57 32.78
CA ASP A 2803 44.07 11.22 33.90
C ASP A 2803 42.69 11.84 33.77
N ILE A 2804 42.60 13.07 33.29
CA ILE A 2804 41.28 13.62 33.01
C ILE A 2804 40.55 12.73 32.03
N VAL A 2805 41.26 12.19 31.04
CA VAL A 2805 40.62 11.37 30.01
C VAL A 2805 40.39 9.96 30.52
N ASP A 2806 41.18 9.51 31.49
CA ASP A 2806 40.98 8.17 32.04
C ASP A 2806 39.72 8.10 32.88
N GLY A 2807 39.31 9.21 33.46
CA GLY A 2807 38.09 9.19 34.21
C GLY A 2807 36.84 9.00 33.40
N MET A 2808 36.95 8.67 32.12
CA MET A 2808 35.80 8.63 31.21
C MET A 2808 35.51 7.24 30.67
N GLY A 2809 36.44 6.30 30.79
CA GLY A 2809 36.13 4.90 30.66
C GLY A 2809 36.64 4.28 29.37
N ILE A 2810 35.98 3.22 28.92
CA ILE A 2810 36.39 2.55 27.68
C ILE A 2810 36.44 3.56 26.53
N THR A 2811 35.39 4.34 26.37
CA THR A 2811 35.33 5.38 25.34
C THR A 2811 36.07 6.62 25.84
N LYS A 2812 37.38 6.67 25.58
CA LYS A 2812 38.22 7.75 26.10
C LYS A 2812 37.63 9.11 25.79
N THR A 2813 37.53 9.46 24.51
CA THR A 2813 36.93 10.73 24.09
C THR A 2813 35.67 10.51 23.28
N GLU A 2814 35.74 9.74 22.19
CA GLU A 2814 34.59 9.52 21.33
C GLU A 2814 33.41 9.03 22.15
N GLY A 2815 32.38 9.85 22.31
CA GLY A 2815 31.25 9.48 23.14
C GLY A 2815 30.55 10.66 23.77
N VAL A 2816 30.46 10.66 25.11
CA VAL A 2816 29.79 11.73 25.83
C VAL A 2816 30.60 13.02 25.79
N PHE A 2817 31.92 12.93 25.91
CA PHE A 2817 32.76 14.12 25.99
C PHE A 2817 32.79 14.87 24.67
N ARG A 2818 32.82 14.16 23.55
CA ARG A 2818 32.89 14.84 22.27
C ARG A 2818 31.53 15.37 21.86
N ARG A 2819 30.47 14.63 22.10
CA ARG A 2819 29.15 15.15 21.78
C ARG A 2819 28.79 16.34 22.66
N CYS A 2820 29.22 16.33 23.92
CA CYS A 2820 28.91 17.45 24.79
C CYS A 2820 29.77 18.66 24.46
N CYS A 2821 31.04 18.45 24.08
CA CYS A 2821 31.82 19.55 23.55
C CYS A 2821 31.13 20.19 22.36
N GLU A 2822 30.60 19.38 21.45
CA GLU A 2822 29.99 19.97 20.26
C GLU A 2822 28.68 20.67 20.58
N PHE A 2823 27.86 20.14 21.48
CA PHE A 2823 26.63 20.85 21.83
C PHE A 2823 26.94 22.17 22.53
N THR A 2824 27.93 22.18 23.43
CA THR A 2824 28.30 23.43 24.08
C THR A 2824 28.80 24.44 23.08
N LEU A 2825 29.75 24.05 22.23
CA LEU A 2825 30.32 25.01 21.29
C LEU A 2825 29.31 25.43 20.24
N ASP A 2826 28.31 24.61 19.96
CA ASP A 2826 27.27 25.01 19.03
C ASP A 2826 26.31 25.99 19.67
N ALA A 2827 26.04 25.85 20.96
CA ALA A 2827 25.19 26.83 21.62
C ALA A 2827 25.93 28.10 21.93
N LEU A 2828 27.25 28.06 22.02
CA LEU A 2828 27.99 29.27 22.33
C LEU A 2828 28.11 30.18 21.13
N ARG A 2829 28.32 29.64 19.94
CA ARG A 2829 28.43 30.48 18.76
C ARG A 2829 27.07 30.88 18.19
N GLU A 2830 25.97 30.47 18.81
CA GLU A 2830 24.67 31.05 18.51
C GLU A 2830 24.26 32.08 19.53
N GLU A 2831 25.11 32.36 20.51
CA GLU A 2831 24.90 33.42 21.48
C GLU A 2831 26.05 34.41 21.43
N ALA A 2832 26.69 34.56 20.28
CA ALA A 2832 27.86 35.42 20.20
C ALA A 2832 27.49 36.88 20.44
N ALA A 2833 26.24 37.26 20.17
CA ALA A 2833 25.84 38.62 20.49
C ALA A 2833 25.78 38.85 21.99
N SER A 2834 25.23 37.89 22.74
CA SER A 2834 25.13 38.06 24.17
C SER A 2834 26.49 37.98 24.83
N ILE A 2835 27.37 37.14 24.32
CA ILE A 2835 28.72 37.10 24.86
C ILE A 2835 29.44 38.40 24.54
N GLN A 2836 29.18 38.98 23.38
CA GLN A 2836 29.76 40.28 23.08
C GLN A 2836 29.24 41.33 24.04
N THR A 2837 27.96 41.26 24.40
CA THR A 2837 27.40 42.22 25.35
C THR A 2837 28.03 42.08 26.73
N ILE A 2838 28.26 40.84 27.17
CA ILE A 2838 28.89 40.62 28.47
C ILE A 2838 30.30 41.18 28.47
N LEU A 2839 31.09 40.85 27.45
CA LEU A 2839 32.44 41.40 27.42
C LEU A 2839 32.45 42.90 27.21
N ASP A 2840 31.42 43.46 26.59
CA ASP A 2840 31.36 44.90 26.46
C ASP A 2840 31.13 45.55 27.81
N SER A 2841 30.20 45.01 28.59
CA SER A 2841 30.06 45.49 29.97
C SER A 2841 31.37 45.37 30.72
N LEU A 2842 32.16 44.36 30.41
CA LEU A 2842 33.50 44.27 31.00
C LEU A 2842 34.41 45.39 30.50
N ARG A 2843 34.17 45.88 29.28
CA ARG A 2843 35.08 46.88 28.71
C ARG A 2843 34.94 48.24 29.40
N HIS A 2844 33.79 48.52 30.01
CA HIS A 2844 33.55 49.77 30.72
C HIS A 2844 33.77 49.63 32.21
N ASP A 2845 34.63 48.71 32.61
CA ASP A 2845 34.99 48.51 34.02
C ASP A 2845 36.40 49.04 34.19
N THR A 2846 36.53 50.18 34.85
CA THR A 2846 37.82 50.87 34.95
C THR A 2846 38.86 50.06 35.71
N LEU A 2847 38.44 49.13 36.55
CA LEU A 2847 39.33 48.44 37.46
C LEU A 2847 39.77 47.07 36.98
N TYR A 2848 39.24 46.59 35.86
CA TYR A 2848 39.63 45.28 35.36
C TYR A 2848 40.90 45.42 34.53
N GLN A 2849 41.92 44.63 34.83
CA GLN A 2849 43.18 44.68 34.13
C GLN A 2849 43.20 43.65 33.02
N TRP A 2850 43.56 44.07 31.82
CA TRP A 2850 43.56 43.17 30.67
C TRP A 2850 44.93 42.56 30.41
N SER A 2851 45.88 42.77 31.30
CA SER A 2851 47.17 42.12 31.22
C SER A 2851 47.54 41.63 32.62
N ILE A 2852 48.42 40.65 32.67
CA ILE A 2852 48.76 40.00 33.92
C ILE A 2852 49.96 40.72 34.51
N SER A 2853 49.77 41.31 35.69
CA SER A 2853 50.79 42.17 36.26
C SER A 2853 51.96 41.34 36.78
N PRO A 2854 53.21 41.78 36.56
CA PRO A 2854 54.37 40.92 36.86
C PRO A 2854 54.41 40.40 38.28
N VAL A 2855 53.67 41.00 39.21
CA VAL A 2855 53.55 40.42 40.55
C VAL A 2855 53.00 39.00 40.46
N ARG A 2856 51.79 38.86 39.93
CA ARG A 2856 51.19 37.54 39.82
C ARG A 2856 51.93 36.68 38.79
N MET A 2857 52.49 37.29 37.74
CA MET A 2857 53.26 36.52 36.78
C MET A 2857 54.48 35.88 37.44
N ALA A 2858 55.03 36.52 38.47
CA ALA A 2858 56.10 35.90 39.24
C ALA A 2858 55.55 34.94 40.29
N LYS A 2859 54.31 35.16 40.73
CA LYS A 2859 53.69 34.25 41.68
C LYS A 2859 53.17 32.98 41.04
N LEU A 2860 53.12 32.92 39.70
CA LEU A 2860 52.58 31.77 38.98
C LEU A 2860 53.64 30.75 38.58
N GLN A 2861 54.83 31.20 38.18
CA GLN A 2861 55.83 30.29 37.63
C GLN A 2861 57.17 30.45 38.31
N ASN A 2862 57.16 30.49 39.64
CA ASN A 2862 58.39 30.47 40.43
C ASN A 2862 59.35 31.60 40.06
N SER A 2897 44.26 48.36 21.55
CA SER A 2897 43.78 48.35 22.92
C SER A 2897 43.65 46.92 23.40
N GLU A 2898 44.11 46.63 24.61
CA GLU A 2898 44.10 45.25 25.11
C GLU A 2898 42.68 44.70 25.17
N ALA A 2899 41.73 45.51 25.62
CA ALA A 2899 40.35 45.08 25.58
C ALA A 2899 39.94 44.71 24.18
N ASP A 2900 40.34 45.51 23.20
CA ASP A 2900 39.91 45.27 21.83
C ASP A 2900 40.53 44.00 21.28
N ARG A 2901 41.80 43.77 21.53
CA ARG A 2901 42.43 42.55 21.05
C ARG A 2901 41.80 41.32 21.70
N ALA A 2902 41.58 41.36 23.01
CA ALA A 2902 41.01 40.21 23.68
C ALA A 2902 39.60 39.92 23.17
N ILE A 2903 38.76 40.95 23.06
CA ILE A 2903 37.40 40.72 22.62
C ILE A 2903 37.36 40.33 21.15
N GLU A 2904 38.35 40.74 20.36
CA GLU A 2904 38.39 40.30 18.98
C GLU A 2904 38.76 38.83 18.88
N VAL A 2905 39.70 38.38 19.71
CA VAL A 2905 40.04 36.96 19.71
C VAL A 2905 38.86 36.12 20.14
N VAL A 2906 38.16 36.55 21.19
CA VAL A 2906 36.96 35.85 21.61
C VAL A 2906 35.94 35.83 20.49
N LYS A 2907 35.85 36.92 19.72
CA LYS A 2907 34.85 37.00 18.67
C LYS A 2907 35.20 36.14 17.48
N LYS A 2908 36.47 35.88 17.25
CA LYS A 2908 36.83 35.02 16.14
C LYS A 2908 36.91 33.55 16.55
N LYS A 2909 36.93 33.24 17.84
CA LYS A 2909 36.74 31.84 18.26
C LYS A 2909 35.30 31.39 18.12
N LEU A 2910 34.36 32.32 18.01
CA LEU A 2910 32.95 32.02 17.87
C LEU A 2910 32.46 32.19 16.44
N SER A 2911 33.35 32.07 15.46
CA SER A 2911 33.01 32.30 14.07
C SER A 2911 32.53 31.02 13.42
N LYS A 2912 31.47 31.12 12.63
CA LYS A 2912 30.85 29.95 12.04
C LYS A 2912 31.53 29.48 10.76
N THR A 2913 32.80 29.83 10.56
CA THR A 2913 33.50 29.44 9.34
C THR A 2913 33.70 27.92 9.27
N LEU A 2914 34.36 27.35 10.27
CA LEU A 2914 34.48 25.90 10.36
C LEU A 2914 33.25 25.31 11.02
N SER A 2915 33.02 24.03 10.77
CA SER A 2915 31.93 23.36 11.44
C SER A 2915 32.32 23.04 12.88
N VAL A 2916 31.32 22.71 13.70
CA VAL A 2916 31.61 22.43 15.09
C VAL A 2916 32.41 21.15 15.21
N MET A 2917 32.11 20.16 14.37
CA MET A 2917 32.83 18.90 14.43
C MET A 2917 34.31 19.12 14.16
N ALA A 2918 34.64 19.90 13.14
CA ALA A 2918 36.04 20.11 12.81
C ALA A 2918 36.75 20.93 13.87
N THR A 2919 36.07 21.94 14.42
CA THR A 2919 36.66 22.74 15.47
C THR A 2919 36.99 21.90 16.69
N VAL A 2920 36.05 21.06 17.12
CA VAL A 2920 36.28 20.22 18.28
C VAL A 2920 37.35 19.18 18.01
N ASN A 2921 37.38 18.62 16.80
CA ASN A 2921 38.46 17.70 16.48
C ASN A 2921 39.80 18.38 16.60
N ASP A 2922 39.91 19.60 16.12
CA ASP A 2922 41.20 20.29 16.21
C ASP A 2922 41.57 20.59 17.66
N LEU A 2923 40.60 21.02 18.46
CA LEU A 2923 40.87 21.32 19.85
C LEU A 2923 41.34 20.08 20.59
N ILE A 2924 40.63 18.96 20.43
CA ILE A 2924 41.01 17.75 21.13
C ILE A 2924 42.30 17.16 20.59
N ASN A 2925 42.68 17.49 19.35
CA ASN A 2925 43.98 17.07 18.88
C ASN A 2925 45.08 17.89 19.54
N GLN A 2926 44.88 19.19 19.70
CA GLN A 2926 45.98 19.95 20.26
C GLN A 2926 46.01 19.95 21.78
N ALA A 2927 44.94 19.48 22.43
CA ALA A 2927 44.94 19.41 23.89
C ALA A 2927 45.58 18.15 24.39
N THR A 2928 45.58 17.08 23.58
CA THR A 2928 46.14 15.79 23.97
C THR A 2928 47.45 15.48 23.26
N SER A 2929 48.04 16.44 22.58
CA SER A 2929 49.23 16.17 21.79
C SER A 2929 50.44 16.07 22.69
N VAL A 2930 51.32 15.11 22.40
CA VAL A 2930 52.51 14.94 23.23
C VAL A 2930 53.52 16.05 22.98
N SER A 2931 53.57 16.59 21.78
CA SER A 2931 54.49 17.69 21.51
C SER A 2931 54.02 19.00 22.13
N ASN A 2932 52.74 19.13 22.46
CA ASN A 2932 52.25 20.27 23.21
C ASN A 2932 52.33 20.06 24.70
N LEU A 2933 52.04 18.85 25.17
CA LEU A 2933 52.12 18.57 26.59
C LEU A 2933 53.55 18.43 27.07
N ALA A 2934 54.51 18.22 26.18
CA ALA A 2934 55.85 18.01 26.66
C ALA A 2934 56.57 19.30 27.01
N VAL A 2935 56.11 20.43 26.49
CA VAL A 2935 56.79 21.70 26.69
C VAL A 2935 56.00 22.63 27.60
N LEU A 2936 55.11 22.08 28.43
CA LEU A 2936 54.40 22.85 29.42
C LEU A 2936 55.22 22.93 30.69
N TYR A 2937 54.87 23.91 31.53
CA TYR A 2937 55.57 24.09 32.79
C TYR A 2937 55.40 22.87 33.67
N SER A 2938 56.42 22.58 34.49
CA SER A 2938 56.41 21.36 35.28
C SER A 2938 55.42 21.42 36.43
N GLY A 2939 55.05 22.61 36.89
CA GLY A 2939 54.01 22.71 37.89
C GLY A 2939 52.63 22.45 37.34
N TRP A 2940 52.45 22.64 36.05
CA TRP A 2940 51.27 22.22 35.30
C TRP A 2940 51.47 20.74 35.04
N ALA A 2941 51.00 19.90 35.97
CA ALA A 2941 51.43 18.52 35.92
C ALA A 2941 50.84 17.80 34.73
N ALA A 2942 51.55 17.79 33.61
CA ALA A 2942 51.01 17.20 32.40
C ALA A 2942 51.23 15.70 32.33
N TYR A 2943 52.31 15.22 32.96
CA TYR A 2943 52.54 13.78 33.05
C TYR A 2943 51.38 13.09 33.74
N ALA A 2944 50.76 13.76 34.69
CA ALA A 2944 49.67 13.20 35.45
C ALA A 2944 48.49 12.94 34.56
N PHE B 14 -55.46 -59.28 -70.37
CA PHE B 14 -55.34 -57.87 -70.71
C PHE B 14 -55.38 -57.63 -72.22
N LYS B 15 -54.81 -58.57 -72.99
CA LYS B 15 -54.85 -58.46 -74.44
C LYS B 15 -56.28 -58.61 -74.96
N GLU B 16 -56.91 -59.74 -74.64
CA GLU B 16 -58.33 -59.88 -74.95
C GLU B 16 -59.15 -58.83 -74.24
N ILE B 17 -58.72 -58.41 -73.05
CA ILE B 17 -59.38 -57.29 -72.39
C ILE B 17 -59.16 -56.00 -73.18
N GLU B 18 -57.97 -55.84 -73.78
CA GLU B 18 -57.73 -54.66 -74.60
C GLU B 18 -58.65 -54.66 -75.82
N SER B 19 -58.88 -55.83 -76.41
CA SER B 19 -59.86 -55.92 -77.48
C SER B 19 -61.27 -55.68 -76.96
N HIS B 20 -61.54 -56.08 -75.72
CA HIS B 20 -62.86 -55.90 -75.13
C HIS B 20 -63.20 -54.43 -74.97
N LEU B 21 -62.26 -53.66 -74.44
CA LEU B 21 -62.48 -52.23 -74.27
C LEU B 21 -62.74 -51.56 -75.62
N VAL B 22 -61.93 -51.88 -76.63
CA VAL B 22 -62.14 -51.36 -77.97
C VAL B 22 -62.12 -52.51 -78.96
N SER B 25 -72.21 -55.17 -74.83
CA SER B 25 -70.93 -55.76 -74.49
C SER B 25 -70.42 -55.24 -73.16
N ALA B 26 -71.34 -54.81 -72.30
CA ALA B 26 -70.95 -54.23 -71.02
C ALA B 26 -70.21 -55.24 -70.15
N THR B 27 -70.47 -56.53 -70.33
CA THR B 27 -69.74 -57.54 -69.59
C THR B 27 -68.25 -57.51 -69.92
N ALA B 28 -67.90 -56.97 -71.09
CA ALA B 28 -66.49 -56.82 -71.45
C ALA B 28 -65.89 -55.57 -70.79
N ARG B 29 -66.59 -54.44 -70.87
CA ARG B 29 -66.05 -53.19 -70.33
C ARG B 29 -65.98 -53.22 -68.81
N LYS B 30 -67.11 -53.45 -68.16
CA LYS B 30 -67.13 -53.47 -66.70
C LYS B 30 -66.21 -54.56 -66.15
N ASP B 31 -66.17 -55.71 -66.83
CA ASP B 31 -65.28 -56.79 -66.39
C ASP B 31 -63.81 -56.41 -66.55
N ALA B 32 -63.47 -55.74 -67.64
CA ALA B 32 -62.09 -55.32 -67.83
C ALA B 32 -61.69 -54.30 -66.78
N VAL B 33 -62.60 -53.38 -66.43
CA VAL B 33 -62.26 -52.39 -65.43
C VAL B 33 -62.16 -53.05 -64.04
N GLU B 34 -63.00 -54.04 -63.77
CA GLU B 34 -62.87 -54.78 -62.51
C GLU B 34 -61.53 -55.51 -62.45
N ALA B 35 -61.13 -56.14 -63.55
CA ALA B 35 -59.83 -56.81 -63.59
C ALA B 35 -58.68 -55.83 -63.46
N LEU B 36 -58.84 -54.61 -63.99
CA LEU B 36 -57.83 -53.59 -63.81
C LEU B 36 -57.73 -53.18 -62.35
N ILE B 37 -58.86 -52.90 -61.72
CA ILE B 37 -58.86 -52.56 -60.29
C ILE B 37 -58.21 -53.68 -59.49
N ALA B 38 -58.45 -54.93 -59.89
CA ALA B 38 -57.77 -56.06 -59.25
C ALA B 38 -56.27 -56.02 -59.51
N TYR B 39 -55.87 -55.54 -60.69
CA TYR B 39 -54.46 -55.36 -60.97
C TYR B 39 -53.86 -54.24 -60.13
N PHE B 40 -54.64 -53.19 -59.84
CA PHE B 40 -54.20 -52.07 -59.03
C PHE B 40 -54.83 -52.11 -57.64
N ALA B 55 -45.01 -50.11 -74.28
CA ALA B 55 -45.84 -51.15 -73.70
C ALA B 55 -47.16 -50.59 -73.17
N TYR B 56 -47.06 -49.84 -72.07
CA TYR B 56 -48.24 -49.21 -71.48
C TYR B 56 -49.02 -48.39 -72.49
N HIS B 57 -48.32 -47.80 -73.47
CA HIS B 57 -48.98 -46.96 -74.45
C HIS B 57 -50.17 -47.64 -75.09
N ARG B 58 -50.08 -48.96 -75.28
CA ARG B 58 -51.15 -49.68 -75.98
C ARG B 58 -52.39 -49.81 -75.08
N LEU B 59 -52.20 -50.20 -73.82
CA LEU B 59 -53.32 -50.22 -72.89
C LEU B 59 -53.89 -48.84 -72.70
N PHE B 60 -53.05 -47.81 -72.75
CA PHE B 60 -53.55 -46.45 -72.62
C PHE B 60 -54.44 -46.08 -73.80
N GLU B 61 -54.01 -46.40 -75.02
CA GLU B 61 -54.87 -46.24 -76.17
C GLU B 61 -56.18 -46.98 -75.97
N ALA B 62 -56.11 -48.20 -75.45
CA ALA B 62 -57.31 -48.97 -75.20
C ALA B 62 -58.27 -48.21 -74.31
N LEU B 63 -57.77 -47.76 -73.16
CA LEU B 63 -58.61 -47.04 -72.21
C LEU B 63 -59.20 -45.77 -72.83
N PHE B 64 -58.37 -45.03 -73.57
CA PHE B 64 -58.84 -43.77 -74.16
C PHE B 64 -59.97 -44.03 -75.15
N ARG B 65 -59.72 -44.86 -76.15
CA ARG B 65 -60.73 -45.11 -77.17
C ARG B 65 -61.93 -45.85 -76.60
N CYS B 66 -61.73 -46.58 -75.49
CA CYS B 66 -62.85 -47.24 -74.83
C CYS B 66 -63.78 -46.22 -74.18
N THR B 67 -63.21 -45.30 -73.42
CA THR B 67 -64.00 -44.22 -72.87
C THR B 67 -64.66 -43.40 -73.98
N LEU B 68 -63.98 -43.24 -75.11
CA LEU B 68 -64.59 -42.51 -76.23
C LEU B 68 -65.78 -43.27 -76.80
N ILE B 69 -65.61 -44.57 -77.05
CA ILE B 69 -66.71 -45.41 -77.55
C ILE B 69 -67.90 -45.35 -76.61
N GLU B 70 -67.64 -45.36 -75.29
CA GLU B 70 -68.73 -45.25 -74.35
C GLU B 70 -69.32 -43.85 -74.33
N LYS B 71 -68.50 -42.83 -74.63
CA LYS B 71 -68.98 -41.46 -74.58
C LYS B 71 -69.95 -41.18 -75.71
N GLU B 72 -69.56 -41.53 -76.95
CA GLU B 72 -70.48 -41.39 -78.07
C GLU B 72 -71.70 -42.29 -77.91
N ALA B 73 -71.56 -43.41 -77.18
CA ALA B 73 -72.65 -44.35 -76.97
C ALA B 73 -73.49 -43.99 -75.75
N TYR B 74 -73.57 -42.72 -75.41
CA TYR B 74 -74.48 -42.23 -74.40
C TYR B 74 -75.89 -42.12 -74.98
N ALA B 85 -78.74 -44.72 -65.78
CA ALA B 85 -77.61 -44.30 -64.96
C ALA B 85 -76.40 -45.21 -65.18
N ALA B 86 -76.64 -46.41 -65.72
CA ALA B 86 -75.55 -47.34 -66.00
C ALA B 86 -74.49 -46.72 -66.88
N ALA B 87 -74.93 -45.95 -67.89
CA ALA B 87 -73.99 -45.20 -68.71
C ALA B 87 -73.11 -44.31 -67.83
N ALA B 88 -73.73 -43.63 -66.87
CA ALA B 88 -72.98 -42.73 -66.00
C ALA B 88 -71.97 -43.49 -65.16
N ALA B 89 -72.35 -44.66 -64.64
CA ALA B 89 -71.44 -45.44 -63.83
C ALA B 89 -70.24 -45.90 -64.64
N ARG B 90 -70.48 -46.40 -65.86
CA ARG B 90 -69.37 -46.86 -66.68
C ARG B 90 -68.46 -45.69 -67.08
N LEU B 91 -69.04 -44.53 -67.34
CA LEU B 91 -68.21 -43.35 -67.65
C LEU B 91 -67.38 -42.95 -66.44
N GLU B 92 -67.97 -43.01 -65.24
CA GLU B 92 -67.19 -42.69 -64.04
C GLU B 92 -66.10 -43.71 -63.78
N ARG B 93 -66.31 -44.95 -64.20
CA ARG B 93 -65.40 -46.02 -63.81
C ARG B 93 -64.26 -46.27 -64.80
N CYS B 94 -64.38 -45.85 -66.06
CA CYS B 94 -63.28 -46.14 -67.00
C CYS B 94 -62.02 -45.32 -66.70
N PRO B 95 -62.07 -43.99 -66.63
CA PRO B 95 -60.86 -43.24 -66.29
C PRO B 95 -60.41 -43.43 -64.86
N GLU B 96 -61.19 -44.09 -64.00
CA GLU B 96 -60.65 -44.53 -62.73
C GLU B 96 -59.55 -45.55 -62.95
N ALA B 97 -59.83 -46.54 -63.81
CA ALA B 97 -58.76 -47.44 -64.24
C ALA B 97 -57.63 -46.66 -64.89
N LEU B 98 -57.96 -45.66 -65.70
CA LEU B 98 -56.92 -44.85 -66.32
C LEU B 98 -56.01 -44.23 -65.27
N ARG B 99 -56.59 -43.47 -64.34
CA ARG B 99 -55.80 -42.77 -63.32
C ARG B 99 -55.02 -43.73 -62.46
N LEU B 100 -55.55 -44.92 -62.18
CA LEU B 100 -54.78 -45.89 -61.43
C LEU B 100 -53.63 -46.45 -62.26
N ALA B 101 -53.75 -46.41 -63.59
CA ALA B 101 -52.59 -46.76 -64.43
C ALA B 101 -51.57 -45.64 -64.48
N VAL B 102 -52.02 -44.38 -64.42
CA VAL B 102 -51.10 -43.25 -64.44
C VAL B 102 -50.55 -42.95 -63.05
N ARG B 103 -50.89 -43.74 -62.05
CA ARG B 103 -50.16 -43.76 -60.79
C ARG B 103 -49.24 -44.97 -60.68
N HIS B 104 -49.05 -45.69 -61.79
CA HIS B 104 -48.22 -46.88 -61.77
C HIS B 104 -47.27 -46.98 -62.95
N GLY B 105 -47.45 -46.19 -64.00
CA GLY B 105 -46.51 -46.14 -65.10
C GLY B 105 -46.02 -44.72 -65.28
N VAL B 106 -46.41 -43.86 -64.34
CA VAL B 106 -46.00 -42.47 -64.35
C VAL B 106 -44.51 -42.31 -64.15
N THR B 107 -43.80 -43.40 -63.86
CA THR B 107 -42.35 -43.38 -63.76
C THR B 107 -41.70 -43.67 -65.11
N THR B 108 -42.14 -44.72 -65.79
CA THR B 108 -41.64 -45.08 -67.11
C THR B 108 -42.47 -44.47 -68.23
N ILE B 109 -43.10 -43.33 -67.99
CA ILE B 109 -43.79 -42.60 -69.02
C ILE B 109 -42.82 -41.60 -69.62
N ARG B 110 -43.10 -41.18 -70.86
CA ARG B 110 -42.25 -40.21 -71.56
C ARG B 110 -43.16 -39.19 -72.26
N ARG B 111 -42.54 -38.27 -72.99
CA ARG B 111 -43.27 -37.10 -73.46
C ARG B 111 -44.28 -37.45 -74.55
N LYS B 112 -44.02 -38.49 -75.33
CA LYS B 112 -44.99 -38.95 -76.31
C LYS B 112 -46.29 -39.35 -75.64
N THR B 113 -46.20 -40.29 -74.68
CA THR B 113 -47.36 -40.70 -73.92
C THR B 113 -47.95 -39.55 -73.13
N ALA B 114 -47.10 -38.62 -72.67
CA ALA B 114 -47.59 -37.43 -71.99
C ALA B 114 -48.55 -36.64 -72.87
N ARG B 115 -48.07 -36.23 -74.05
CA ARG B 115 -48.91 -35.48 -74.97
C ARG B 115 -50.16 -36.26 -75.32
N ALA B 116 -50.03 -37.57 -75.54
CA ALA B 116 -51.19 -38.38 -75.89
C ALA B 116 -52.27 -38.28 -74.81
N ILE B 117 -51.88 -38.54 -73.56
CA ILE B 117 -52.82 -38.45 -72.45
C ILE B 117 -53.45 -37.07 -72.39
N ILE B 118 -52.63 -36.02 -72.56
CA ILE B 118 -53.13 -34.67 -72.36
C ILE B 118 -54.16 -34.32 -73.42
N ASP B 119 -53.85 -34.60 -74.68
CA ASP B 119 -54.80 -34.28 -75.74
C ASP B 119 -56.06 -35.12 -75.60
N HIS B 120 -55.95 -36.38 -75.15
CA HIS B 120 -57.15 -37.16 -74.90
C HIS B 120 -58.02 -36.48 -73.84
N ILE B 121 -57.40 -36.05 -72.74
CA ILE B 121 -58.17 -35.44 -71.66
C ILE B 121 -58.85 -34.17 -72.13
N VAL B 122 -58.19 -33.40 -73.01
CA VAL B 122 -58.78 -32.15 -73.46
C VAL B 122 -59.71 -32.34 -74.66
N GLN B 123 -59.69 -33.51 -75.29
CA GLN B 123 -60.53 -33.78 -76.45
C GLN B 123 -61.82 -34.52 -76.10
N VAL B 124 -61.74 -35.56 -75.27
CA VAL B 124 -62.95 -36.28 -74.87
C VAL B 124 -63.92 -35.33 -74.22
N LEU B 125 -63.48 -34.63 -73.19
CA LEU B 125 -64.30 -33.59 -72.59
C LEU B 125 -64.41 -32.41 -73.56
N PRO B 126 -65.60 -31.85 -73.78
CA PRO B 126 -65.76 -30.69 -74.67
C PRO B 126 -65.02 -29.46 -74.18
N PRO B 135 -70.13 -34.92 -64.89
CA PRO B 135 -69.92 -36.24 -65.50
C PRO B 135 -68.53 -36.79 -65.22
N LEU B 136 -67.64 -36.66 -66.20
CA LEU B 136 -66.29 -37.19 -66.09
C LEU B 136 -65.27 -36.14 -65.68
N LEU B 137 -65.68 -35.20 -64.83
CA LEU B 137 -64.74 -34.19 -64.33
C LEU B 137 -63.72 -34.82 -63.40
N ALA B 138 -64.20 -35.47 -62.33
CA ALA B 138 -63.31 -35.87 -61.25
C ALA B 138 -62.28 -36.89 -61.71
N GLY B 139 -62.69 -37.86 -62.53
CA GLY B 139 -61.74 -38.86 -63.00
C GLY B 139 -60.63 -38.25 -63.84
N TYR B 140 -61.00 -37.43 -64.81
CA TYR B 140 -60.00 -36.81 -65.68
C TYR B 140 -59.09 -35.89 -64.89
N VAL B 141 -59.67 -35.03 -64.05
CA VAL B 141 -58.87 -34.12 -63.24
C VAL B 141 -57.94 -34.90 -62.34
N LYS B 142 -58.39 -36.06 -61.84
CA LYS B 142 -57.51 -36.92 -61.06
C LYS B 142 -56.35 -37.43 -61.89
N VAL B 143 -56.61 -37.84 -63.14
CA VAL B 143 -55.51 -38.27 -64.00
C VAL B 143 -54.51 -37.14 -64.17
N LEU B 144 -55.01 -35.93 -64.37
CA LEU B 144 -54.12 -34.77 -64.49
C LEU B 144 -53.29 -34.59 -63.22
N TYR B 145 -53.95 -34.67 -62.06
CA TYR B 145 -53.27 -34.46 -60.79
C TYR B 145 -52.16 -35.49 -60.58
N GLU B 146 -52.45 -36.75 -60.87
CA GLU B 146 -51.44 -37.78 -60.65
C GLU B 146 -50.38 -37.79 -61.73
N PHE B 147 -50.65 -37.19 -62.89
CA PHE B 147 -49.62 -37.01 -63.88
C PHE B 147 -48.65 -35.92 -63.47
N LEU B 148 -49.18 -34.86 -62.86
CA LEU B 148 -48.35 -33.72 -62.45
C LEU B 148 -47.65 -33.94 -61.13
N ASP B 149 -48.16 -34.84 -60.28
CA ASP B 149 -47.56 -35.04 -58.96
C ASP B 149 -46.08 -35.38 -59.08
N ASN B 150 -45.72 -36.20 -60.05
CA ASN B 150 -44.31 -36.42 -60.37
C ASN B 150 -43.75 -35.14 -60.97
N PRO B 151 -42.84 -34.43 -60.29
CA PRO B 151 -42.44 -33.10 -60.78
C PRO B 151 -41.79 -33.12 -62.15
N ALA B 152 -40.91 -34.10 -62.40
CA ALA B 152 -40.25 -34.17 -63.70
C ALA B 152 -41.25 -34.24 -64.84
N SER B 153 -42.46 -34.73 -64.59
CA SER B 153 -43.46 -34.77 -65.64
C SER B 153 -43.87 -33.36 -66.05
N ALA B 154 -44.37 -32.58 -65.09
CA ALA B 154 -44.78 -31.22 -65.40
C ALA B 154 -43.61 -30.32 -65.77
N GLU B 155 -42.38 -30.76 -65.55
CA GLU B 155 -41.23 -30.00 -66.04
C GLU B 155 -40.88 -30.37 -67.47
N ASN B 156 -40.83 -31.66 -67.78
CA ASN B 156 -40.54 -32.07 -69.14
C ASN B 156 -41.65 -31.69 -70.10
N ILE B 157 -42.86 -31.43 -69.62
CA ILE B 157 -43.86 -30.87 -70.53
C ILE B 157 -43.64 -29.39 -70.79
N ALA B 158 -42.73 -28.74 -70.05
CA ALA B 158 -42.33 -27.36 -70.34
C ALA B 158 -41.25 -27.31 -71.38
N ALA B 159 -41.14 -28.38 -72.15
CA ALA B 159 -40.17 -28.54 -73.21
C ALA B 159 -40.58 -27.81 -74.47
N LEU B 160 -40.06 -28.26 -75.60
CA LEU B 160 -39.72 -27.50 -76.79
C LEU B 160 -40.56 -26.24 -77.01
N SER B 161 -41.87 -26.32 -76.85
CA SER B 161 -42.69 -25.13 -77.05
C SER B 161 -43.26 -24.61 -75.73
N GLY B 162 -44.03 -25.42 -75.03
CA GLY B 162 -44.93 -24.90 -74.02
C GLY B 162 -46.33 -24.96 -74.59
N GLU B 163 -46.44 -25.55 -75.78
CA GLU B 163 -47.75 -25.83 -76.35
C GLU B 163 -48.57 -26.68 -75.38
N GLY B 164 -48.05 -27.84 -74.99
CA GLY B 164 -48.78 -28.71 -74.09
C GLY B 164 -48.91 -28.13 -72.70
N TRP B 165 -47.86 -27.48 -72.21
CA TRP B 165 -47.95 -26.81 -70.93
C TRP B 165 -49.05 -25.76 -70.95
N GLU B 166 -49.13 -24.98 -72.04
CA GLU B 166 -50.20 -23.99 -72.12
C GLU B 166 -51.55 -24.66 -72.26
N VAL B 167 -51.60 -25.80 -72.94
CA VAL B 167 -52.85 -26.55 -73.04
C VAL B 167 -53.35 -26.92 -71.66
N CYS B 168 -52.45 -27.41 -70.80
CA CYS B 168 -52.83 -27.81 -69.45
C CYS B 168 -53.20 -26.61 -68.59
N VAL B 169 -52.41 -25.53 -68.66
CA VAL B 169 -52.71 -24.37 -67.85
C VAL B 169 -54.03 -23.75 -68.28
N ASP B 170 -54.31 -23.71 -69.57
CA ASP B 170 -55.57 -23.15 -70.03
C ASP B 170 -56.73 -24.07 -69.68
N PHE B 171 -56.53 -25.38 -69.78
CA PHE B 171 -57.47 -26.35 -69.24
C PHE B 171 -57.90 -25.92 -67.84
N CYS B 172 -56.91 -25.79 -66.96
CA CYS B 172 -57.23 -25.52 -65.56
C CYS B 172 -57.82 -24.13 -65.36
N ILE B 173 -57.37 -23.14 -66.14
CA ILE B 173 -57.91 -21.79 -66.00
C ILE B 173 -59.38 -21.75 -66.43
N ASP B 174 -59.69 -22.36 -67.57
CA ASP B 174 -61.07 -22.43 -68.01
C ASP B 174 -61.93 -23.18 -67.01
N VAL B 175 -61.41 -24.29 -66.47
CA VAL B 175 -62.18 -25.04 -65.49
C VAL B 175 -62.53 -24.17 -64.30
N LEU B 176 -61.53 -23.48 -63.75
CA LEU B 176 -61.80 -22.59 -62.63
C LEU B 176 -62.82 -21.53 -63.00
N SER B 177 -62.60 -20.83 -64.11
CA SER B 177 -63.50 -19.76 -64.49
C SER B 177 -64.89 -20.25 -64.86
N ARG B 178 -65.07 -21.56 -65.02
CA ARG B 178 -66.43 -22.12 -65.02
C ARG B 178 -66.99 -22.16 -63.60
N PHE B 179 -66.15 -22.54 -62.64
CA PHE B 179 -66.53 -22.68 -61.24
C PHE B 179 -66.87 -21.34 -60.62
N GLY B 217 -67.16 -29.66 -59.73
CA GLY B 217 -67.39 -29.79 -58.30
C GLY B 217 -66.58 -28.84 -57.45
N THR B 218 -66.67 -28.98 -56.13
CA THR B 218 -65.97 -28.11 -55.20
C THR B 218 -64.66 -28.71 -54.71
N HIS B 219 -64.64 -30.02 -54.43
CA HIS B 219 -63.36 -30.68 -54.17
C HIS B 219 -62.56 -30.84 -55.45
N VAL B 220 -63.25 -31.13 -56.56
CA VAL B 220 -62.58 -31.14 -57.85
C VAL B 220 -62.01 -29.76 -58.15
N ALA B 221 -62.69 -28.70 -57.71
CA ALA B 221 -62.13 -27.36 -57.87
C ALA B 221 -60.83 -27.21 -57.10
N VAL B 222 -60.76 -27.78 -55.91
CA VAL B 222 -59.51 -27.77 -55.16
C VAL B 222 -58.44 -28.52 -55.90
N ASP B 223 -58.80 -29.66 -56.50
CA ASP B 223 -57.80 -30.40 -57.27
C ASP B 223 -57.37 -29.64 -58.51
N VAL B 224 -58.27 -28.83 -59.07
CA VAL B 224 -57.91 -28.00 -60.21
C VAL B 224 -56.87 -26.97 -59.80
N LEU B 225 -57.12 -26.27 -58.70
CA LEU B 225 -56.14 -25.31 -58.24
C LEU B 225 -54.84 -25.99 -57.83
N SER B 226 -54.92 -27.22 -57.33
CA SER B 226 -53.72 -27.95 -56.97
C SER B 226 -52.87 -28.28 -58.19
N CYS B 227 -53.49 -28.74 -59.28
CA CYS B 227 -52.71 -29.06 -60.46
C CYS B 227 -52.22 -27.80 -61.16
N LEU B 228 -52.99 -26.71 -61.08
CA LEU B 228 -52.50 -25.42 -61.55
C LEU B 228 -51.22 -25.04 -60.83
N TYR B 229 -51.23 -25.08 -59.50
CA TYR B 229 -50.02 -24.84 -58.73
C TYR B 229 -48.90 -25.77 -59.15
N MET B 230 -49.19 -27.06 -59.27
CA MET B 230 -48.16 -28.04 -59.62
C MET B 230 -47.53 -27.75 -60.97
N LEU B 231 -48.29 -27.15 -61.88
CA LEU B 231 -47.70 -26.68 -63.13
C LEU B 231 -46.83 -25.45 -62.89
N CYS B 232 -47.33 -24.51 -62.10
CA CYS B 232 -46.62 -23.24 -61.97
C CYS B 232 -45.28 -23.37 -61.26
N ILE B 233 -45.05 -24.41 -60.47
CA ILE B 233 -43.72 -24.62 -59.86
C ILE B 233 -42.92 -25.43 -60.87
N ALA B 234 -42.39 -24.74 -61.85
CA ALA B 234 -41.42 -25.33 -62.77
C ALA B 234 -40.57 -24.17 -63.25
N HIS B 235 -39.34 -24.10 -62.78
CA HIS B 235 -38.57 -22.90 -63.01
C HIS B 235 -38.14 -22.75 -64.45
N ASN B 236 -38.58 -23.63 -65.34
CA ASN B 236 -38.60 -23.37 -66.77
C ASN B 236 -40.01 -23.54 -67.32
N ALA B 237 -40.99 -23.05 -66.57
CA ALA B 237 -42.37 -23.04 -67.04
C ALA B 237 -42.62 -21.72 -67.74
N PRO B 238 -42.92 -21.71 -69.02
CA PRO B 238 -43.19 -20.44 -69.70
C PRO B 238 -44.49 -19.84 -69.22
N ILE B 239 -44.40 -18.83 -68.35
CA ILE B 239 -45.58 -18.22 -67.78
C ILE B 239 -45.98 -16.95 -68.52
N GLN B 240 -44.99 -16.15 -68.91
CA GLN B 240 -45.25 -14.85 -69.52
C GLN B 240 -46.32 -14.90 -70.59
N ARG B 241 -46.37 -15.99 -71.35
CA ARG B 241 -47.36 -16.15 -72.40
C ARG B 241 -48.78 -16.16 -71.85
N LYS B 242 -49.10 -17.18 -71.07
CA LYS B 242 -50.42 -17.28 -70.42
C LYS B 242 -50.34 -16.71 -69.01
N ALA B 243 -50.04 -15.42 -68.96
CA ALA B 243 -49.93 -14.68 -67.70
C ALA B 243 -50.89 -13.51 -67.63
N ASP B 244 -51.81 -13.41 -68.60
CA ASP B 244 -52.77 -12.31 -68.61
C ASP B 244 -53.97 -12.64 -67.74
N ARG B 245 -54.61 -13.79 -68.00
CA ARG B 245 -55.80 -14.16 -67.27
C ARG B 245 -55.52 -14.99 -66.03
N LEU B 246 -54.32 -15.57 -65.93
CA LEU B 246 -54.02 -16.49 -64.82
C LEU B 246 -54.07 -15.78 -63.47
N PRO B 247 -53.31 -14.71 -63.22
CA PRO B 247 -53.43 -14.05 -61.92
C PRO B 247 -54.82 -13.50 -61.67
N HIS B 248 -55.47 -12.97 -62.69
CA HIS B 248 -56.81 -12.45 -62.50
C HIS B 248 -57.76 -13.59 -62.13
N VAL B 249 -57.57 -14.77 -62.72
CA VAL B 249 -58.34 -15.94 -62.31
C VAL B 249 -58.13 -16.23 -60.83
N VAL B 250 -56.87 -16.39 -60.43
CA VAL B 250 -56.58 -16.86 -59.06
C VAL B 250 -57.11 -15.86 -58.03
N ILE B 251 -56.81 -14.56 -58.22
CA ILE B 251 -57.23 -13.57 -57.23
C ILE B 251 -58.66 -13.10 -57.42
N GLN B 252 -59.33 -13.52 -58.50
CA GLN B 252 -60.77 -13.35 -58.60
C GLN B 252 -61.47 -14.41 -57.77
N LEU B 253 -60.97 -15.64 -57.85
CA LEU B 253 -61.47 -16.72 -57.01
C LEU B 253 -61.44 -16.32 -55.54
N LEU B 254 -60.26 -15.91 -55.06
CA LEU B 254 -60.07 -15.67 -53.64
C LEU B 254 -61.00 -14.60 -53.10
N GLN B 255 -61.46 -13.66 -53.94
CA GLN B 255 -62.31 -12.58 -53.44
C GLN B 255 -63.60 -13.09 -52.84
N LEU B 256 -63.91 -14.37 -52.98
CA LEU B 256 -65.06 -14.96 -52.31
C LEU B 256 -64.79 -15.08 -50.82
N ARG B 257 -65.57 -14.37 -50.01
CA ARG B 257 -65.34 -14.29 -48.58
C ARG B 257 -66.17 -15.32 -47.82
N GLN B 258 -65.98 -16.59 -48.18
CA GLN B 258 -66.66 -17.71 -47.54
C GLN B 258 -65.86 -18.97 -47.87
N MET B 259 -66.48 -20.15 -47.66
CA MET B 259 -65.78 -21.43 -47.80
C MET B 259 -64.60 -21.51 -46.82
N LYS B 260 -64.97 -21.62 -45.55
CA LYS B 260 -64.25 -21.06 -44.41
C LYS B 260 -62.74 -21.04 -44.54
N ILE B 261 -62.10 -22.20 -44.68
CA ILE B 261 -60.66 -22.27 -44.96
C ILE B 261 -60.31 -23.70 -45.33
N GLY B 262 -59.38 -23.87 -46.25
CA GLY B 262 -58.93 -25.20 -46.60
C GLY B 262 -57.83 -25.15 -47.64
N GLU B 263 -57.65 -26.29 -48.31
CA GLU B 263 -56.64 -26.36 -49.37
C GLU B 263 -56.86 -25.30 -50.44
N LEU B 264 -58.11 -24.91 -50.67
CA LEU B 264 -58.39 -23.93 -51.72
C LEU B 264 -57.59 -22.65 -51.51
N GLN B 265 -57.65 -22.08 -50.31
CA GLN B 265 -56.98 -20.80 -50.10
C GLN B 265 -55.47 -20.95 -49.99
N LYS B 266 -54.99 -22.05 -49.41
CA LYS B 266 -53.56 -22.29 -49.38
C LYS B 266 -52.99 -22.39 -50.79
N MET B 267 -53.68 -23.08 -51.69
CA MET B 267 -53.20 -23.19 -53.05
C MET B 267 -53.38 -21.89 -53.83
N ALA B 268 -54.44 -21.14 -53.54
CA ALA B 268 -54.59 -19.81 -54.13
C ALA B 268 -53.36 -18.97 -53.82
N PHE B 269 -52.99 -18.91 -52.55
CA PHE B 269 -51.86 -18.06 -52.18
C PHE B 269 -50.53 -18.65 -52.66
N ALA B 270 -50.42 -19.96 -52.79
CA ALA B 270 -49.19 -20.53 -53.32
C ALA B 270 -49.00 -20.15 -54.79
N THR B 271 -50.03 -20.33 -55.62
CA THR B 271 -49.91 -19.90 -57.01
C THR B 271 -49.66 -18.41 -57.09
N PHE B 272 -50.31 -17.63 -56.23
CA PHE B 272 -50.04 -16.19 -56.25
C PHE B 272 -48.57 -15.92 -56.01
N ASN B 273 -48.00 -16.50 -54.96
CA ASN B 273 -46.58 -16.29 -54.68
C ASN B 273 -45.73 -16.63 -55.88
N ILE B 274 -45.98 -17.77 -56.52
CA ILE B 274 -45.07 -18.23 -57.57
C ILE B 274 -45.20 -17.36 -58.82
N VAL B 275 -46.44 -17.15 -59.27
CA VAL B 275 -46.66 -16.31 -60.47
C VAL B 275 -46.12 -14.92 -60.24
N PHE B 276 -46.36 -14.34 -59.06
CA PHE B 276 -45.84 -13.02 -58.76
C PHE B 276 -44.33 -13.02 -58.76
N GLN B 277 -43.71 -14.08 -58.23
CA GLN B 277 -42.26 -14.12 -58.25
C GLN B 277 -41.75 -14.13 -59.68
N ARG B 278 -42.46 -14.81 -60.58
CA ARG B 278 -42.10 -14.72 -61.99
C ARG B 278 -42.23 -13.28 -62.49
N MET B 279 -43.43 -12.72 -62.40
CA MET B 279 -43.77 -11.44 -63.02
C MET B 279 -43.43 -10.25 -62.14
N GLN B 280 -42.48 -10.39 -61.22
CA GLN B 280 -42.15 -9.31 -60.30
C GLN B 280 -41.36 -8.21 -60.98
N ALA B 281 -40.54 -8.55 -61.97
CA ALA B 281 -39.73 -7.58 -62.70
C ALA B 281 -40.06 -7.53 -64.18
N GLU B 282 -41.15 -8.17 -64.58
CA GLU B 282 -41.73 -8.02 -65.91
C GLU B 282 -43.22 -7.80 -65.72
N ASP B 283 -43.79 -6.88 -66.51
CA ASP B 283 -45.16 -6.43 -66.30
C ASP B 283 -45.33 -5.79 -64.91
N VAL B 284 -44.71 -4.61 -64.77
CA VAL B 284 -44.87 -3.81 -63.57
C VAL B 284 -46.32 -3.35 -63.38
N ALA B 285 -47.01 -3.02 -64.46
CA ALA B 285 -48.38 -2.53 -64.35
C ALA B 285 -49.30 -3.62 -63.79
N LEU B 286 -49.25 -4.81 -64.38
CA LEU B 286 -50.02 -5.94 -63.86
C LEU B 286 -49.78 -6.12 -62.37
N CYS B 287 -48.52 -5.97 -61.94
CA CYS B 287 -48.20 -6.22 -60.55
C CYS B 287 -48.77 -5.15 -59.63
N LYS B 288 -48.64 -3.87 -60.01
CA LYS B 288 -49.20 -2.82 -59.16
C LYS B 288 -50.71 -3.01 -59.01
N THR B 289 -51.39 -3.34 -60.11
CA THR B 289 -52.82 -3.60 -60.01
C THR B 289 -53.12 -4.77 -59.08
N LEU B 290 -52.41 -5.89 -59.28
CA LEU B 290 -52.63 -7.07 -58.45
C LEU B 290 -52.46 -6.75 -56.98
N VAL B 291 -51.42 -6.01 -56.62
CA VAL B 291 -51.21 -5.76 -55.20
C VAL B 291 -52.26 -4.81 -54.67
N LYS B 292 -52.67 -3.82 -55.46
CA LYS B 292 -53.79 -3.00 -55.04
C LYS B 292 -55.02 -3.83 -54.80
N GLN B 293 -55.11 -5.00 -55.43
CA GLN B 293 -56.24 -5.87 -55.18
C GLN B 293 -56.05 -6.83 -54.02
N VAL B 294 -54.82 -7.28 -53.74
CA VAL B 294 -54.65 -8.31 -52.72
C VAL B 294 -54.13 -7.78 -51.40
N VAL B 295 -53.90 -6.48 -51.27
CA VAL B 295 -53.64 -5.98 -49.91
C VAL B 295 -54.94 -5.97 -49.12
N PRO B 296 -56.10 -5.61 -49.71
CA PRO B 296 -57.35 -5.83 -48.97
C PRO B 296 -57.64 -7.29 -48.68
N LEU B 297 -57.64 -8.15 -49.69
CA LEU B 297 -58.01 -9.55 -49.49
C LEU B 297 -57.07 -10.27 -48.54
N LEU B 298 -55.96 -9.63 -48.16
CA LEU B 298 -55.06 -10.22 -47.20
C LEU B 298 -55.45 -9.84 -45.78
N SER B 299 -56.04 -8.65 -45.62
CA SER B 299 -56.50 -8.24 -44.31
C SER B 299 -57.84 -8.86 -43.95
N HIS B 300 -58.28 -9.87 -44.70
CA HIS B 300 -59.50 -10.59 -44.39
C HIS B 300 -59.25 -12.06 -44.11
N TRP B 301 -58.50 -12.75 -44.97
CA TRP B 301 -58.19 -14.14 -44.72
C TRP B 301 -57.10 -14.32 -43.69
N TRP B 302 -56.76 -13.28 -42.94
CA TRP B 302 -55.91 -13.42 -41.75
C TRP B 302 -56.78 -13.49 -40.50
N GLN B 303 -57.90 -14.18 -40.61
CA GLN B 303 -58.81 -14.37 -39.51
C GLN B 303 -58.07 -14.88 -38.28
N PRO B 304 -58.09 -14.15 -37.17
CA PRO B 304 -57.55 -14.59 -35.89
C PRO B 304 -58.63 -15.16 -34.98
N MET B 312 -53.76 -26.41 -40.53
CA MET B 312 -54.15 -25.56 -41.64
C MET B 312 -53.60 -24.16 -41.44
N LEU B 313 -54.13 -23.49 -40.42
CA LEU B 313 -53.85 -22.07 -40.23
C LEU B 313 -52.36 -21.79 -40.11
N ASN B 314 -51.57 -22.76 -39.63
CA ASN B 314 -50.13 -22.60 -39.70
C ASN B 314 -49.68 -22.36 -41.12
N SER B 315 -50.05 -23.27 -42.03
CA SER B 315 -49.58 -23.14 -43.42
C SER B 315 -50.18 -21.93 -44.11
N ILE B 316 -51.39 -21.53 -43.73
CA ILE B 316 -52.01 -20.38 -44.38
C ILE B 316 -51.36 -19.08 -43.91
N ARG B 317 -51.07 -18.97 -42.61
CA ARG B 317 -50.26 -17.83 -42.17
C ARG B 317 -48.91 -17.83 -42.82
N ASP B 318 -48.33 -19.01 -43.07
CA ASP B 318 -47.03 -19.06 -43.72
C ASP B 318 -47.10 -18.53 -45.15
N GLU B 319 -48.12 -18.95 -45.90
CA GLU B 319 -48.24 -18.47 -47.27
C GLU B 319 -48.51 -16.98 -47.31
N MET B 320 -49.30 -16.47 -46.37
CA MET B 320 -49.55 -15.04 -46.38
C MET B 320 -48.32 -14.25 -45.97
N LEU B 321 -47.47 -14.82 -45.12
CA LEU B 321 -46.22 -14.13 -44.80
C LEU B 321 -45.26 -14.13 -45.98
N LYS B 322 -45.23 -15.21 -46.75
CA LYS B 322 -44.47 -15.19 -48.00
C LYS B 322 -45.00 -14.12 -48.93
N THR B 323 -46.32 -14.04 -49.08
CA THR B 323 -46.93 -13.00 -49.91
C THR B 323 -46.49 -11.62 -49.46
N LEU B 324 -46.50 -11.37 -48.16
CA LEU B 324 -46.08 -10.07 -47.65
C LEU B 324 -44.60 -9.82 -47.92
N TYR B 325 -43.77 -10.87 -47.85
CA TYR B 325 -42.36 -10.74 -48.22
C TYR B 325 -42.21 -10.30 -49.67
N GLY B 326 -43.02 -10.85 -50.55
CA GLY B 326 -42.98 -10.43 -51.94
C GLY B 326 -43.38 -8.99 -52.12
N THR B 327 -44.64 -8.69 -51.80
CA THR B 327 -45.28 -7.41 -52.03
C THR B 327 -44.65 -6.25 -51.27
N ARG B 328 -43.61 -6.52 -50.48
CA ARG B 328 -43.09 -5.49 -49.58
C ARG B 328 -42.64 -4.25 -50.32
N LEU B 329 -42.41 -4.32 -51.63
CA LEU B 329 -41.90 -3.17 -52.38
C LEU B 329 -42.97 -2.44 -53.14
N TYR B 330 -43.95 -3.16 -53.69
CA TYR B 330 -45.07 -2.48 -54.32
C TYR B 330 -45.87 -1.69 -53.31
N ILE B 331 -45.94 -2.16 -52.07
CA ILE B 331 -46.65 -1.44 -51.03
C ILE B 331 -45.97 -0.10 -50.74
N GLN B 332 -44.65 -0.12 -50.60
CA GLN B 332 -43.94 1.11 -50.28
C GLN B 332 -43.90 2.05 -51.47
N ALA B 333 -44.00 1.51 -52.68
CA ALA B 333 -44.10 2.37 -53.86
C ALA B 333 -45.47 3.02 -53.94
N LEU B 334 -46.53 2.23 -53.78
CA LEU B 334 -47.89 2.75 -53.86
C LEU B 334 -48.16 3.78 -52.78
N LEU B 335 -47.81 3.47 -51.53
CA LEU B 335 -48.01 4.44 -50.45
C LEU B 335 -47.33 5.77 -50.75
N ARG B 336 -46.34 5.76 -51.64
CA ARG B 336 -45.68 6.98 -52.12
C ARG B 336 -46.21 7.40 -53.48
N GLU B 337 -47.51 7.24 -53.69
CA GLU B 337 -48.12 7.55 -54.97
C GLU B 337 -49.62 7.81 -54.82
N GLU B 341 -57.26 7.80 -52.88
CA GLU B 341 -56.50 7.39 -51.70
C GLU B 341 -57.21 6.30 -50.90
N SER B 342 -57.50 5.17 -51.56
CA SER B 342 -58.00 3.99 -50.87
C SER B 342 -56.87 3.19 -50.25
N PHE B 343 -55.77 3.04 -50.97
CA PHE B 343 -54.68 2.19 -50.51
C PHE B 343 -54.14 2.58 -49.14
N PRO B 344 -53.99 3.85 -48.76
CA PRO B 344 -53.61 4.13 -47.36
C PRO B 344 -54.60 3.61 -46.34
N GLN B 345 -55.91 3.80 -46.55
CA GLN B 345 -56.88 3.28 -45.61
C GLN B 345 -56.81 1.76 -45.53
N ASP B 346 -56.70 1.10 -46.68
CA ASP B 346 -56.64 -0.35 -46.69
C ASP B 346 -55.40 -0.86 -45.99
N VAL B 347 -54.24 -0.25 -46.27
CA VAL B 347 -53.02 -0.73 -45.67
C VAL B 347 -53.03 -0.49 -44.16
N GLU B 348 -53.59 0.62 -43.71
CA GLU B 348 -53.68 0.83 -42.26
C GLU B 348 -54.59 -0.20 -41.62
N GLU B 349 -55.72 -0.52 -42.25
CA GLU B 349 -56.57 -1.58 -41.72
C GLU B 349 -55.82 -2.89 -41.63
N LEU B 350 -54.96 -3.17 -42.61
CA LEU B 350 -54.19 -4.41 -42.56
C LEU B 350 -53.14 -4.38 -41.46
N LEU B 351 -52.49 -3.23 -41.27
CA LEU B 351 -51.57 -3.09 -40.15
C LEU B 351 -52.27 -3.44 -38.84
N ASP B 352 -53.47 -2.91 -38.66
CA ASP B 352 -54.17 -3.12 -37.39
C ASP B 352 -54.69 -4.54 -37.26
N THR B 353 -55.01 -5.21 -38.37
CA THR B 353 -55.33 -6.63 -38.29
C THR B 353 -54.11 -7.44 -37.84
N LEU B 354 -52.93 -7.09 -38.33
CA LEU B 354 -51.72 -7.79 -37.88
C LEU B 354 -51.47 -7.57 -36.40
N TRP B 355 -51.61 -6.33 -35.92
CA TRP B 355 -51.44 -6.07 -34.49
C TRP B 355 -52.45 -6.85 -33.66
N CYS B 356 -53.73 -6.72 -34.00
CA CYS B 356 -54.77 -7.44 -33.26
C CYS B 356 -54.54 -8.96 -33.29
N ASP B 357 -53.91 -9.48 -34.33
CA ASP B 357 -53.64 -10.92 -34.36
C ASP B 357 -52.46 -11.29 -33.49
N TYR B 358 -51.41 -10.48 -33.51
CA TYR B 358 -50.21 -10.87 -32.77
C TYR B 358 -50.33 -10.61 -31.28
N SER B 359 -51.14 -9.65 -30.86
CA SER B 359 -51.19 -9.29 -29.45
C SER B 359 -51.95 -10.29 -28.59
N ARG B 360 -52.83 -11.09 -29.17
CA ARG B 360 -53.48 -12.17 -28.44
C ARG B 360 -52.82 -13.52 -28.74
N ARG B 361 -51.54 -13.61 -28.39
CA ARG B 361 -50.72 -14.81 -28.60
C ARG B 361 -49.86 -15.05 -27.36
N GLU B 362 -50.50 -15.07 -26.19
CA GLU B 362 -49.91 -14.63 -24.93
C GLU B 362 -48.44 -14.99 -24.67
N GLU B 363 -48.08 -16.27 -24.50
CA GLU B 363 -46.72 -16.58 -24.08
C GLU B 363 -46.08 -17.79 -24.75
N ARG B 364 -46.84 -18.76 -25.25
CA ARG B 364 -46.21 -19.94 -25.84
C ARG B 364 -45.52 -19.58 -27.14
N ALA B 365 -46.29 -19.16 -28.13
CA ALA B 365 -45.78 -18.81 -29.44
C ALA B 365 -45.97 -17.30 -29.61
N ARG B 366 -45.00 -16.56 -29.13
CA ARG B 366 -45.01 -15.12 -29.29
C ARG B 366 -43.61 -14.58 -29.46
N LEU B 367 -42.76 -15.29 -30.19
CA LEU B 367 -41.34 -14.98 -30.29
C LEU B 367 -40.71 -14.96 -28.90
N GLN B 368 -40.61 -16.15 -28.33
CA GLN B 368 -39.95 -16.33 -27.04
C GLN B 368 -38.53 -15.77 -27.05
N LEU B 369 -37.95 -15.56 -25.88
CA LEU B 369 -36.59 -15.07 -25.79
C LEU B 369 -35.55 -16.16 -25.96
N ASP B 370 -35.95 -17.35 -26.39
CA ASP B 370 -35.00 -18.39 -26.75
C ASP B 370 -34.92 -18.59 -28.26
N ASP B 371 -35.64 -17.78 -29.03
CA ASP B 371 -35.53 -17.74 -30.47
C ASP B 371 -34.58 -16.66 -30.95
N ILE B 372 -33.77 -16.08 -30.08
CA ILE B 372 -32.76 -15.13 -30.47
C ILE B 372 -31.47 -15.46 -29.76
N THR B 373 -30.34 -15.11 -30.37
CA THR B 373 -29.03 -15.28 -29.76
C THR B 373 -28.27 -13.97 -29.83
N PHE B 374 -27.52 -13.67 -28.76
CA PHE B 374 -26.67 -12.50 -28.71
C PHE B 374 -25.20 -12.86 -28.87
N THR B 375 -24.91 -14.06 -29.36
CA THR B 375 -23.54 -14.50 -29.48
C THR B 375 -22.81 -13.74 -30.57
N ASN B 376 -21.52 -13.55 -30.39
CA ASN B 376 -20.68 -12.90 -31.38
C ASN B 376 -19.95 -13.92 -32.26
N MET B 377 -20.74 -14.75 -32.92
CA MET B 377 -20.19 -15.65 -33.92
C MET B 377 -20.26 -14.97 -35.28
N LEU B 378 -19.66 -15.63 -36.27
CA LEU B 378 -19.61 -15.10 -37.63
C LEU B 378 -20.76 -15.71 -38.43
N LEU B 379 -21.97 -15.27 -38.10
CA LEU B 379 -23.13 -15.74 -38.82
C LEU B 379 -23.16 -15.12 -40.22
N PRO B 380 -23.75 -15.81 -41.19
CA PRO B 380 -23.66 -15.35 -42.58
C PRO B 380 -24.37 -14.03 -42.77
N PRO B 381 -24.03 -13.29 -43.81
CA PRO B 381 -24.61 -11.94 -43.95
C PRO B 381 -26.07 -11.95 -44.32
N ASP B 382 -26.53 -12.91 -45.12
CA ASP B 382 -27.93 -12.97 -45.51
C ASP B 382 -28.84 -13.51 -44.41
N HIS B 383 -28.33 -13.65 -43.19
CA HIS B 383 -29.10 -14.16 -42.08
C HIS B 383 -30.15 -13.12 -41.66
N PRO B 384 -31.21 -13.54 -40.98
CA PRO B 384 -32.14 -12.57 -40.39
C PRO B 384 -31.62 -12.04 -39.06
N ARG B 385 -31.51 -10.73 -38.95
CA ARG B 385 -30.98 -10.12 -37.74
C ARG B 385 -31.54 -8.72 -37.59
N THR B 386 -31.51 -8.20 -36.36
CA THR B 386 -32.05 -6.87 -36.05
C THR B 386 -31.21 -6.17 -34.99
N GLY B 387 -30.25 -5.39 -35.43
CA GLY B 387 -29.65 -4.42 -34.53
C GLY B 387 -28.78 -4.99 -33.43
N ILE B 388 -29.34 -5.89 -32.61
CA ILE B 388 -28.64 -6.40 -31.44
C ILE B 388 -28.60 -7.92 -31.48
N PHE B 389 -29.77 -8.55 -31.60
CA PHE B 389 -29.87 -10.00 -31.57
C PHE B 389 -30.02 -10.52 -33.00
N SER B 390 -30.28 -11.80 -33.14
CA SER B 390 -30.48 -12.41 -34.44
C SER B 390 -31.13 -13.77 -34.24
N LEU B 391 -31.76 -14.26 -35.29
CA LEU B 391 -32.49 -15.51 -35.19
C LEU B 391 -31.53 -16.65 -34.88
N ARG B 392 -31.86 -17.42 -33.84
CA ARG B 392 -30.99 -18.50 -33.40
C ARG B 392 -30.75 -19.49 -34.53
N PRO B 393 -29.50 -19.81 -34.85
CA PRO B 393 -29.22 -20.76 -35.92
C PRO B 393 -29.95 -22.08 -35.70
N HIS B 394 -30.27 -22.75 -36.80
CA HIS B 394 -30.92 -24.05 -36.77
C HIS B 394 -32.21 -24.02 -35.95
N HIS B 395 -33.01 -23.00 -36.18
CA HIS B 395 -34.34 -22.91 -35.60
C HIS B 395 -35.32 -22.88 -36.76
N THR B 396 -35.75 -24.05 -37.18
CA THR B 396 -36.82 -24.13 -38.17
C THR B 396 -38.19 -24.05 -37.53
N ALA B 397 -38.27 -23.70 -36.26
CA ALA B 397 -39.53 -23.66 -35.53
C ALA B 397 -39.87 -22.29 -35.00
N GLY B 398 -39.03 -21.28 -35.21
CA GLY B 398 -39.32 -19.94 -34.71
C GLY B 398 -39.15 -18.89 -35.78
N GLU B 399 -39.47 -19.25 -37.02
CA GLU B 399 -39.32 -18.37 -38.16
C GLU B 399 -40.60 -17.63 -38.50
N GLN B 400 -41.77 -18.16 -38.14
CA GLN B 400 -43.01 -17.44 -38.46
C GLN B 400 -43.17 -16.19 -37.63
N ASN B 401 -42.84 -16.24 -36.34
CA ASN B 401 -42.97 -15.07 -35.50
C ASN B 401 -41.98 -13.99 -35.93
N TRP B 402 -40.74 -14.37 -36.23
CA TRP B 402 -39.79 -13.40 -36.74
C TRP B 402 -40.26 -12.84 -38.06
N ALA B 403 -40.87 -13.69 -38.89
CA ALA B 403 -41.35 -13.20 -40.18
C ALA B 403 -42.44 -12.15 -39.99
N LEU B 404 -43.42 -12.44 -39.14
CA LEU B 404 -44.48 -11.48 -38.88
C LEU B 404 -43.91 -10.16 -38.37
N LEU B 405 -43.08 -10.22 -37.35
CA LEU B 405 -42.60 -8.97 -36.76
C LEU B 405 -41.71 -8.20 -37.73
N GLU B 406 -40.91 -8.90 -38.53
CA GLU B 406 -40.07 -8.24 -39.51
C GLU B 406 -40.92 -7.52 -40.54
N ASN B 407 -41.90 -8.22 -41.11
CA ASN B 407 -42.75 -7.61 -42.12
C ASN B 407 -43.58 -6.47 -41.54
N LEU B 408 -44.03 -6.62 -40.31
CA LEU B 408 -44.80 -5.55 -39.68
C LEU B 408 -43.95 -4.31 -39.47
N ALA B 409 -42.69 -4.49 -39.06
CA ALA B 409 -41.82 -3.34 -38.89
C ALA B 409 -41.56 -2.65 -40.21
N ILE B 410 -41.38 -3.41 -41.29
CA ILE B 410 -41.14 -2.79 -42.58
C ILE B 410 -42.38 -2.02 -43.04
N LEU B 411 -43.55 -2.63 -42.96
CA LEU B 411 -44.76 -1.96 -43.40
C LEU B 411 -45.11 -0.78 -42.52
N GLU B 412 -44.74 -0.82 -41.24
CA GLU B 412 -45.03 0.30 -40.36
C GLU B 412 -44.11 1.48 -40.64
N ALA B 413 -42.82 1.23 -40.82
CA ALA B 413 -41.93 2.33 -41.18
C ALA B 413 -42.20 2.81 -42.59
N ALA B 414 -42.93 2.02 -43.39
CA ALA B 414 -43.32 2.45 -44.72
C ALA B 414 -44.70 3.07 -44.75
N TYR B 415 -45.47 2.95 -43.68
CA TYR B 415 -46.76 3.64 -43.58
C TYR B 415 -46.63 4.97 -42.85
N SER B 416 -46.01 4.98 -41.68
CA SER B 416 -45.73 6.23 -41.00
C SER B 416 -44.85 7.14 -41.83
N LYS B 417 -44.32 6.66 -42.96
CA LYS B 417 -43.64 7.52 -43.91
C LYS B 417 -44.64 8.31 -44.74
N HIS B 418 -45.80 7.71 -45.04
CA HIS B 418 -46.82 8.36 -45.86
C HIS B 418 -48.23 8.06 -45.37
N ASN B 447 -47.12 8.04 -36.24
CA ASN B 447 -46.66 7.33 -35.06
C ASN B 447 -47.73 6.44 -34.47
N ARG B 448 -48.11 5.39 -35.19
CA ARG B 448 -48.99 4.39 -34.62
C ARG B 448 -48.33 3.70 -33.43
N VAL B 449 -47.01 3.54 -33.48
CA VAL B 449 -46.32 2.70 -32.51
C VAL B 449 -46.30 3.36 -31.15
N HIS B 450 -46.08 4.67 -31.09
CA HIS B 450 -46.06 5.34 -29.80
C HIS B 450 -47.45 5.37 -29.16
N GLN B 451 -48.50 5.52 -29.97
CA GLN B 451 -49.85 5.40 -29.42
C GLN B 451 -50.08 4.01 -28.85
N LYS B 452 -49.77 2.97 -29.63
CA LYS B 452 -49.94 1.62 -29.10
C LYS B 452 -49.03 1.38 -27.91
N LEU B 453 -47.96 2.16 -27.77
CA LEU B 453 -47.07 2.00 -26.62
C LEU B 453 -47.73 2.50 -25.35
N HIS B 454 -48.51 3.59 -25.46
CA HIS B 454 -49.33 4.10 -24.37
C HIS B 454 -50.69 3.44 -24.33
N SER B 455 -50.80 2.22 -24.86
CA SER B 455 -52.06 1.52 -24.80
C SER B 455 -52.36 1.09 -23.37
N LEU B 456 -53.47 0.38 -23.22
CA LEU B 456 -53.96 -0.03 -21.91
C LEU B 456 -53.87 -1.53 -21.68
N ASP B 457 -54.27 -2.33 -22.65
CA ASP B 457 -54.24 -3.78 -22.51
C ASP B 457 -52.79 -4.27 -22.53
N PRO B 458 -52.33 -4.94 -21.47
CA PRO B 458 -50.88 -5.23 -21.36
C PRO B 458 -50.29 -5.96 -22.54
N ALA B 459 -51.06 -6.81 -23.23
CA ALA B 459 -50.51 -7.51 -24.38
C ALA B 459 -50.17 -6.55 -25.51
N VAL B 460 -50.93 -5.45 -25.64
CA VAL B 460 -50.60 -4.47 -26.66
C VAL B 460 -49.28 -3.77 -26.32
N ARG B 461 -49.07 -3.46 -25.04
CA ARG B 461 -47.80 -2.85 -24.67
C ARG B 461 -46.65 -3.82 -24.84
N LEU B 462 -46.88 -5.11 -24.62
CA LEU B 462 -45.81 -6.08 -24.84
C LEU B 462 -45.46 -6.20 -26.32
N SER B 463 -46.46 -6.28 -27.19
CA SER B 463 -46.19 -6.32 -28.61
C SER B 463 -45.46 -5.06 -29.08
N ALA B 464 -45.84 -3.91 -28.54
CA ALA B 464 -45.15 -2.68 -28.89
C ALA B 464 -43.78 -2.59 -28.25
N LEU B 465 -43.48 -3.43 -27.26
CA LEU B 465 -42.11 -3.55 -26.76
C LEU B 465 -41.27 -4.47 -27.62
N GLN B 466 -41.89 -5.50 -28.20
CA GLN B 466 -41.15 -6.38 -29.09
C GLN B 466 -40.82 -5.68 -30.40
N LEU B 467 -41.71 -4.85 -30.89
CA LEU B 467 -41.52 -4.23 -32.20
C LEU B 467 -40.54 -3.05 -32.19
N ILE B 468 -39.81 -2.81 -31.11
CA ILE B 468 -38.93 -1.64 -31.11
C ILE B 468 -37.62 -1.90 -31.84
N PRO B 469 -36.92 -3.05 -31.64
CA PRO B 469 -35.63 -3.25 -32.35
C PRO B 469 -35.80 -3.44 -33.84
N PHE B 470 -36.76 -4.29 -34.23
CA PHE B 470 -37.04 -4.49 -35.63
C PHE B 470 -37.30 -3.17 -36.34
N LEU B 471 -38.04 -2.28 -35.68
CA LEU B 471 -38.40 -1.02 -36.31
C LEU B 471 -37.24 -0.04 -36.32
N THR B 472 -36.53 0.10 -35.20
CA THR B 472 -35.41 1.02 -35.19
C THR B 472 -34.32 0.60 -36.15
N ARG B 473 -34.30 -0.67 -36.56
CA ARG B 473 -33.36 -1.06 -37.61
C ARG B 473 -33.54 -0.21 -38.86
N HIS B 474 -34.76 0.25 -39.13
CA HIS B 474 -34.98 1.19 -40.22
C HIS B 474 -36.15 2.08 -39.84
N LYS B 475 -35.84 3.16 -39.11
CA LYS B 475 -36.71 4.32 -39.02
C LYS B 475 -35.96 5.62 -39.03
N LYS B 476 -34.69 5.64 -38.63
CA LYS B 476 -33.88 6.83 -38.48
C LYS B 476 -34.65 7.86 -37.67
N PRO B 477 -34.84 7.63 -36.37
CA PRO B 477 -35.70 8.53 -35.58
C PRO B 477 -34.99 9.84 -35.28
N SER B 478 -35.80 10.84 -34.92
CA SER B 478 -35.28 12.14 -34.53
C SER B 478 -34.95 12.15 -33.05
N LEU B 479 -34.37 13.25 -32.59
CA LEU B 479 -33.91 13.34 -31.21
C LEU B 479 -35.07 13.32 -30.23
N GLU B 480 -36.17 14.01 -30.55
CA GLU B 480 -37.33 13.99 -29.68
C GLU B 480 -37.92 12.60 -29.56
N ASP B 481 -37.98 11.85 -30.67
CA ASP B 481 -38.60 10.53 -30.64
C ASP B 481 -37.76 9.54 -29.85
N VAL B 482 -36.45 9.53 -30.09
CA VAL B 482 -35.55 8.71 -29.29
C VAL B 482 -35.70 9.04 -27.81
N ALA B 483 -35.62 10.33 -27.47
CA ALA B 483 -35.70 10.73 -26.07
C ALA B 483 -37.02 10.30 -25.43
N GLU B 484 -38.14 10.55 -26.11
CA GLU B 484 -39.43 10.23 -25.54
C GLU B 484 -39.60 8.73 -25.36
N THR B 485 -39.39 7.95 -26.42
CA THR B 485 -39.51 6.51 -26.31
C THR B 485 -38.62 5.98 -25.20
N LEU B 486 -37.42 6.55 -25.06
CA LEU B 486 -36.50 6.08 -24.03
C LEU B 486 -37.03 6.39 -22.64
N GLU B 487 -37.62 7.57 -22.46
CA GLU B 487 -38.25 7.90 -21.18
C GLU B 487 -39.32 6.87 -20.85
N ASP B 488 -40.16 6.54 -21.81
CA ASP B 488 -41.23 5.59 -21.53
C ASP B 488 -40.67 4.20 -21.24
N LEU B 489 -39.56 3.85 -21.90
CA LEU B 489 -39.01 2.52 -21.66
C LEU B 489 -38.39 2.44 -20.27
N SER B 490 -37.65 3.46 -19.85
CA SER B 490 -37.21 3.54 -18.47
C SER B 490 -38.40 3.51 -17.52
N LYS B 491 -39.57 3.94 -17.98
CA LYS B 491 -40.78 3.74 -17.19
C LYS B 491 -41.17 2.26 -17.15
N HIS B 492 -40.93 1.53 -18.23
CA HIS B 492 -41.36 0.13 -18.31
C HIS B 492 -40.31 -0.88 -17.85
N VAL B 493 -39.05 -0.47 -17.69
CA VAL B 493 -37.98 -1.42 -17.39
C VAL B 493 -38.25 -2.15 -16.07
N THR B 494 -38.80 -1.44 -15.10
CA THR B 494 -39.01 -1.98 -13.75
C THR B 494 -40.40 -2.59 -13.61
N ALA B 495 -40.79 -3.44 -14.53
CA ALA B 495 -42.17 -3.90 -14.63
C ALA B 495 -42.46 -5.12 -13.78
N LYS B 496 -41.55 -5.48 -12.87
CA LYS B 496 -41.70 -6.64 -12.00
C LYS B 496 -41.86 -7.95 -12.77
N GLN B 497 -41.65 -7.93 -14.07
CA GLN B 497 -42.06 -9.03 -14.93
C GLN B 497 -40.89 -9.47 -15.79
N ALA B 498 -40.55 -10.76 -15.74
CA ALA B 498 -39.49 -11.29 -16.58
C ALA B 498 -39.70 -10.90 -18.04
N ILE B 499 -40.88 -11.22 -18.58
CA ILE B 499 -41.18 -10.93 -19.99
C ILE B 499 -41.01 -9.45 -20.27
N VAL B 500 -41.75 -8.62 -19.55
CA VAL B 500 -41.83 -7.20 -19.90
C VAL B 500 -40.52 -6.49 -19.57
N ALA B 501 -39.93 -6.77 -18.41
CA ALA B 501 -38.66 -6.11 -18.09
C ALA B 501 -37.58 -6.51 -19.06
N SER B 502 -37.48 -7.80 -19.36
CA SER B 502 -36.52 -8.28 -20.34
C SER B 502 -36.68 -7.56 -21.66
N TRP B 503 -37.84 -7.73 -22.30
CA TRP B 503 -38.05 -7.11 -23.60
C TRP B 503 -37.86 -5.61 -23.55
N ALA B 504 -38.16 -4.97 -22.42
CA ALA B 504 -37.98 -3.54 -22.34
C ALA B 504 -36.51 -3.18 -22.39
N MET B 505 -35.68 -3.90 -21.63
CA MET B 505 -34.25 -3.62 -21.69
C MET B 505 -33.70 -3.90 -23.07
N LEU B 506 -34.23 -4.91 -23.77
CA LEU B 506 -33.76 -5.16 -25.13
C LEU B 506 -34.11 -4.01 -26.06
N ALA B 507 -35.33 -3.49 -25.95
CA ALA B 507 -35.70 -2.33 -26.75
C ALA B 507 -34.78 -1.14 -26.45
N CYS B 508 -34.51 -0.91 -25.17
CA CYS B 508 -33.62 0.18 -24.79
C CYS B 508 -32.23 0.02 -25.41
N SER B 509 -31.66 -1.19 -25.33
CA SER B 509 -30.36 -1.45 -25.91
C SER B 509 -30.37 -1.50 -27.42
N SER B 510 -31.54 -1.57 -28.04
CA SER B 510 -31.64 -1.37 -29.48
C SER B 510 -31.55 0.11 -29.82
N LEU B 511 -32.25 0.94 -29.05
CA LEU B 511 -32.17 2.37 -29.30
C LEU B 511 -30.81 2.95 -28.95
N ALA B 512 -30.07 2.32 -28.06
CA ALA B 512 -28.80 2.87 -27.58
C ALA B 512 -27.65 2.74 -28.56
N ILE B 513 -27.88 2.39 -29.82
CA ILE B 513 -26.79 2.11 -30.76
C ILE B 513 -26.87 3.04 -31.96
N HIS B 514 -27.39 4.24 -31.76
CA HIS B 514 -27.50 5.21 -32.85
C HIS B 514 -26.35 6.20 -32.78
N GLU B 515 -26.41 7.22 -33.64
CA GLU B 515 -25.71 8.47 -33.43
C GLU B 515 -26.59 9.50 -32.76
N VAL B 516 -27.89 9.27 -32.74
CA VAL B 516 -28.82 10.17 -32.06
C VAL B 516 -28.69 10.02 -30.55
N SER B 517 -28.43 8.80 -30.08
CA SER B 517 -28.42 8.54 -28.65
C SER B 517 -27.29 9.28 -27.95
N ARG B 518 -26.21 9.60 -28.65
CA ARG B 518 -25.09 10.29 -28.02
C ARG B 518 -25.32 11.79 -27.96
N HIS B 519 -26.46 12.21 -27.39
CA HIS B 519 -26.74 13.61 -27.16
C HIS B 519 -26.99 13.86 -25.68
N PRO B 520 -26.40 14.91 -25.11
CA PRO B 520 -26.46 15.08 -23.64
C PRO B 520 -27.87 15.28 -23.10
N SER B 521 -28.84 15.69 -23.91
CA SER B 521 -30.18 15.99 -23.38
C SER B 521 -30.82 14.82 -22.68
N LEU B 522 -30.25 13.62 -22.78
CA LEU B 522 -30.79 12.45 -22.11
C LEU B 522 -29.70 11.63 -21.44
N SER B 523 -28.51 12.21 -21.24
CA SER B 523 -27.37 11.42 -20.77
C SER B 523 -27.65 10.81 -19.40
N SER B 524 -28.20 11.59 -18.47
CA SER B 524 -28.53 11.02 -17.18
C SER B 524 -29.54 9.92 -17.32
N SER B 525 -30.46 10.04 -18.29
CA SER B 525 -31.36 8.93 -18.61
C SER B 525 -30.59 7.62 -18.72
N TRP B 526 -29.48 7.63 -19.47
CA TRP B 526 -28.67 6.43 -19.60
C TRP B 526 -28.23 5.93 -18.24
N LYS B 527 -27.68 6.82 -17.40
CA LYS B 527 -27.36 6.42 -16.04
C LYS B 527 -28.53 5.66 -15.42
N GLN B 528 -29.72 6.28 -15.47
CA GLN B 528 -30.92 5.60 -14.98
C GLN B 528 -30.99 4.17 -15.47
N LEU B 529 -31.00 3.98 -16.79
CA LEU B 529 -31.09 2.64 -17.35
C LEU B 529 -29.92 1.79 -16.88
N TRP B 530 -28.70 2.32 -16.97
CA TRP B 530 -27.56 1.61 -16.41
C TRP B 530 -27.86 1.19 -15.00
N GLN B 531 -28.33 2.12 -14.19
CA GLN B 531 -28.72 1.80 -12.82
C GLN B 531 -29.75 0.69 -12.80
N LEU B 532 -30.85 0.86 -13.53
CA LEU B 532 -31.91 -0.13 -13.52
C LEU B 532 -31.47 -1.48 -14.03
N ALA B 533 -30.25 -1.59 -14.54
CA ALA B 533 -29.69 -2.89 -14.90
C ALA B 533 -28.64 -3.36 -13.93
N VAL B 534 -27.84 -2.45 -13.34
CA VAL B 534 -26.75 -2.87 -12.47
C VAL B 534 -27.30 -3.68 -11.30
N ARG B 535 -28.51 -3.35 -10.85
CA ARG B 535 -29.12 -4.15 -9.80
C ARG B 535 -29.88 -5.33 -10.38
N SER B 536 -30.31 -5.24 -11.64
CA SER B 536 -31.10 -6.31 -12.22
C SER B 536 -30.21 -7.38 -12.87
N LEU B 537 -29.18 -7.83 -12.16
CA LEU B 537 -28.24 -8.79 -12.68
C LEU B 537 -28.24 -10.12 -11.96
N SER B 538 -28.84 -10.18 -10.78
CA SER B 538 -28.76 -11.37 -9.95
C SER B 538 -30.03 -12.22 -10.01
N LEU B 539 -31.06 -11.77 -10.70
CA LEU B 539 -32.27 -12.56 -10.86
C LEU B 539 -32.17 -13.37 -12.15
N PRO B 540 -32.20 -14.69 -12.10
CA PRO B 540 -32.13 -15.50 -13.32
C PRO B 540 -33.29 -15.24 -14.28
N PRO B 541 -34.42 -14.71 -13.84
CA PRO B 541 -35.43 -14.33 -14.86
C PRO B 541 -34.92 -13.31 -15.86
N ILE B 542 -34.28 -12.23 -15.41
CA ILE B 542 -33.92 -11.14 -16.31
C ILE B 542 -32.42 -10.88 -16.27
N SER B 543 -31.64 -11.93 -16.07
CA SER B 543 -30.19 -11.73 -16.05
C SER B 543 -29.62 -11.60 -17.45
N ARG B 544 -30.35 -12.01 -18.48
CA ARG B 544 -29.83 -11.94 -19.83
C ARG B 544 -30.01 -10.55 -20.43
N ALA B 545 -31.27 -10.14 -20.58
CA ALA B 545 -31.54 -8.82 -21.15
C ALA B 545 -30.76 -7.75 -20.45
N SER B 546 -30.81 -7.73 -19.11
CA SER B 546 -30.06 -6.74 -18.37
C SER B 546 -28.60 -6.71 -18.77
N CYS B 547 -27.94 -7.87 -18.81
CA CYS B 547 -26.55 -7.91 -19.26
C CYS B 547 -26.41 -7.23 -20.59
N VAL B 548 -27.24 -7.61 -21.56
CA VAL B 548 -27.22 -6.97 -22.87
C VAL B 548 -27.18 -5.46 -22.71
N LEU B 549 -28.13 -4.90 -21.95
CA LEU B 549 -28.16 -3.46 -21.74
C LEU B 549 -26.81 -2.95 -21.31
N LEU B 550 -26.28 -3.48 -20.21
CA LEU B 550 -24.97 -3.04 -19.76
C LEU B 550 -23.97 -3.10 -20.90
N ASN B 551 -23.86 -4.25 -21.55
CA ASN B 551 -22.88 -4.40 -22.60
C ASN B 551 -23.07 -3.35 -23.66
N SER B 552 -24.32 -3.09 -24.05
CA SER B 552 -24.59 -2.09 -25.07
C SER B 552 -24.05 -0.73 -24.65
N ILE B 553 -24.35 -0.30 -23.43
CA ILE B 553 -23.87 1.00 -22.99
C ILE B 553 -22.36 0.99 -22.85
N LEU B 554 -21.78 -0.18 -22.61
CA LEU B 554 -20.33 -0.25 -22.46
C LEU B 554 -19.64 -0.36 -23.80
N LYS B 555 -20.40 -0.35 -24.89
CA LYS B 555 -19.78 -0.44 -26.20
C LYS B 555 -19.96 0.86 -26.97
N ALA B 556 -21.12 1.49 -26.85
CA ALA B 556 -21.42 2.73 -27.55
C ALA B 556 -20.90 3.96 -26.82
N ASN B 557 -20.45 3.81 -25.57
CA ASN B 557 -19.86 4.92 -24.81
C ASN B 557 -20.84 6.08 -24.67
N LEU B 558 -21.94 5.81 -23.98
CA LEU B 558 -22.92 6.84 -23.65
C LEU B 558 -22.75 7.38 -22.23
N ILE B 559 -21.91 6.74 -21.42
CA ILE B 559 -21.60 7.17 -20.06
C ILE B 559 -20.09 7.15 -19.92
N PRO B 560 -19.47 8.20 -19.39
CA PRO B 560 -17.99 8.28 -19.38
C PRO B 560 -17.36 7.15 -18.58
N ARG B 561 -16.04 7.03 -18.73
CA ARG B 561 -15.28 5.92 -18.14
C ARG B 561 -14.81 6.21 -16.73
N HIS B 562 -15.49 7.08 -16.00
CA HIS B 562 -15.26 7.21 -14.56
C HIS B 562 -16.54 7.07 -13.74
N GLU B 563 -17.69 7.43 -14.28
CA GLU B 563 -18.95 7.12 -13.60
C GLU B 563 -19.13 5.61 -13.48
N LEU B 564 -18.82 4.88 -14.53
CA LEU B 564 -19.09 3.45 -14.55
C LEU B 564 -17.88 2.60 -14.20
N ALA B 565 -17.03 3.05 -13.28
CA ALA B 565 -15.87 2.23 -12.93
C ALA B 565 -16.09 1.52 -11.60
N ASP B 566 -16.81 2.15 -10.67
CA ASP B 566 -17.04 1.51 -9.39
C ASP B 566 -18.01 0.35 -9.52
N ASP B 567 -19.03 0.50 -10.36
CA ASP B 567 -19.97 -0.59 -10.58
C ASP B 567 -19.30 -1.77 -11.27
N ILE B 568 -18.40 -1.48 -12.21
CA ILE B 568 -17.66 -2.56 -12.85
C ILE B 568 -16.73 -3.24 -11.88
N ASN B 569 -16.09 -2.46 -10.99
CA ASN B 569 -15.28 -3.07 -9.95
C ASN B 569 -16.11 -3.98 -9.09
N GLN B 570 -17.32 -3.55 -8.72
CA GLN B 570 -18.20 -4.40 -7.94
C GLN B 570 -18.49 -5.70 -8.67
N ILE B 571 -18.88 -5.60 -9.94
CA ILE B 571 -19.26 -6.78 -10.70
C ILE B 571 -18.11 -7.77 -10.81
N VAL B 572 -16.90 -7.29 -11.10
CA VAL B 572 -15.80 -8.21 -11.38
C VAL B 572 -15.08 -8.68 -10.14
N THR B 573 -15.07 -7.89 -9.06
CA THR B 573 -14.42 -8.32 -7.83
C THR B 573 -15.35 -9.16 -6.98
N THR B 574 -16.62 -8.79 -6.88
CA THR B 574 -17.56 -9.58 -6.10
C THR B 574 -17.93 -10.88 -6.82
N ALA B 575 -18.64 -10.76 -7.94
CA ALA B 575 -19.05 -11.84 -8.83
C ALA B 575 -20.09 -12.75 -8.22
N ASP B 576 -20.48 -12.55 -6.97
CA ASP B 576 -21.57 -13.30 -6.37
C ASP B 576 -22.80 -12.45 -6.12
N ILE B 577 -22.63 -11.15 -5.98
CA ILE B 577 -23.72 -10.18 -6.05
C ILE B 577 -23.32 -9.18 -7.13
N SER B 578 -24.28 -8.85 -7.99
CA SER B 578 -24.01 -8.07 -9.20
C SER B 578 -23.06 -8.80 -10.12
N GLY B 579 -23.23 -10.12 -10.21
CA GLY B 579 -22.63 -10.86 -11.27
C GLY B 579 -23.71 -11.33 -12.23
N PRO B 580 -23.32 -11.68 -13.43
CA PRO B 580 -24.30 -12.20 -14.39
C PRO B 580 -24.77 -13.58 -14.00
N ALA B 581 -25.83 -13.63 -13.20
CA ALA B 581 -26.19 -14.79 -12.41
C ALA B 581 -26.38 -16.09 -13.18
N ILE B 582 -26.28 -16.09 -14.51
CA ILE B 582 -26.82 -17.21 -15.28
C ILE B 582 -25.84 -17.85 -16.25
N LEU B 583 -24.79 -17.19 -16.74
CA LEU B 583 -23.80 -17.78 -17.67
C LEU B 583 -24.45 -18.25 -18.97
N VAL B 584 -24.88 -17.27 -19.76
CA VAL B 584 -25.41 -17.47 -21.09
C VAL B 584 -24.54 -16.68 -22.06
N ASP B 585 -24.94 -16.62 -23.33
CA ASP B 585 -24.17 -15.92 -24.34
C ASP B 585 -23.86 -14.49 -23.93
N ALA B 586 -24.87 -13.76 -23.48
CA ALA B 586 -24.70 -12.35 -23.16
C ALA B 586 -23.91 -12.16 -21.87
N SER B 587 -24.00 -13.10 -20.93
CA SER B 587 -23.16 -13.05 -19.74
C SER B 587 -21.69 -13.11 -20.10
N LEU B 588 -21.33 -14.03 -21.00
CA LEU B 588 -19.93 -14.15 -21.38
C LEU B 588 -19.48 -12.95 -22.21
N GLY B 589 -20.35 -12.42 -23.06
CA GLY B 589 -19.99 -11.18 -23.74
C GLY B 589 -19.67 -10.07 -22.77
N LEU B 590 -20.57 -9.82 -21.82
CA LEU B 590 -20.33 -8.76 -20.86
C LEU B 590 -19.08 -9.02 -20.04
N MET B 591 -18.87 -10.26 -19.62
CA MET B 591 -17.70 -10.51 -18.79
C MET B 591 -16.41 -10.31 -19.57
N LEU B 592 -16.40 -10.61 -20.86
CA LEU B 592 -15.20 -10.31 -21.64
C LEU B 592 -14.97 -8.81 -21.74
N ASN B 593 -16.03 -8.05 -22.02
CA ASN B 593 -15.86 -6.60 -22.09
C ASN B 593 -15.40 -6.03 -20.75
N LEU B 594 -15.84 -6.62 -19.64
CA LEU B 594 -15.41 -6.14 -18.33
C LEU B 594 -13.96 -6.50 -18.05
N LEU B 595 -13.55 -7.72 -18.41
CA LEU B 595 -12.15 -8.09 -18.25
C LEU B 595 -11.26 -7.12 -18.98
N ARG B 596 -11.64 -6.74 -20.20
CA ARG B 596 -10.78 -5.81 -20.93
C ARG B 596 -10.83 -4.41 -20.34
N PHE B 597 -12.01 -3.95 -19.91
CA PHE B 597 -12.11 -2.67 -19.23
C PHE B 597 -11.19 -2.59 -18.02
N ARG B 598 -11.12 -3.67 -17.24
CA ARG B 598 -10.36 -3.65 -16.01
C ARG B 598 -8.90 -4.00 -16.19
N ASN B 599 -8.51 -4.60 -17.31
CA ASN B 599 -7.09 -4.66 -17.64
C ASN B 599 -6.63 -3.42 -18.39
N ASN B 600 -7.55 -2.54 -18.73
CA ASN B 600 -7.21 -1.25 -19.33
C ASN B 600 -7.16 -0.12 -18.34
N MET B 601 -7.94 -0.17 -17.27
CA MET B 601 -7.89 0.91 -16.30
C MET B 601 -6.96 0.62 -15.14
N PHE B 602 -6.95 -0.61 -14.61
CA PHE B 602 -6.08 -0.97 -13.50
C PHE B 602 -5.14 -2.06 -13.97
N PRO B 603 -4.05 -1.71 -14.67
CA PRO B 603 -3.13 -2.75 -15.15
C PRO B 603 -2.53 -3.55 -14.03
N ASN B 604 -2.15 -2.90 -12.95
CA ASN B 604 -1.85 -3.62 -11.72
C ASN B 604 -3.11 -4.30 -11.21
N ALA B 605 -2.93 -5.46 -10.58
CA ALA B 605 -4.04 -6.34 -10.24
C ALA B 605 -4.78 -6.76 -11.51
N SER B 606 -4.06 -7.49 -12.35
CA SER B 606 -4.65 -8.18 -13.50
C SER B 606 -4.84 -9.66 -13.23
N GLN B 607 -4.06 -10.24 -12.32
CA GLN B 607 -4.37 -11.57 -11.84
C GLN B 607 -5.64 -11.57 -11.01
N ALA B 608 -5.94 -10.44 -10.37
CA ALA B 608 -7.21 -10.34 -9.66
C ALA B 608 -8.38 -10.50 -10.63
N THR B 609 -8.35 -9.76 -11.73
CA THR B 609 -9.42 -9.85 -12.71
C THR B 609 -9.50 -11.26 -13.30
N SER B 610 -8.36 -11.81 -13.74
CA SER B 610 -8.38 -13.10 -14.40
C SER B 610 -8.81 -14.21 -13.45
N ASN B 611 -8.43 -14.13 -12.18
CA ASN B 611 -8.81 -15.19 -11.26
C ASN B 611 -10.27 -15.06 -10.82
N HIS B 612 -10.74 -13.83 -10.61
CA HIS B 612 -12.17 -13.65 -10.34
C HIS B 612 -13.01 -14.14 -11.51
N ILE B 613 -12.54 -13.89 -12.73
CA ILE B 613 -13.26 -14.31 -13.92
C ILE B 613 -13.33 -15.82 -14.00
N ILE B 614 -12.21 -16.50 -13.78
CA ILE B 614 -12.23 -17.96 -13.85
C ILE B 614 -13.15 -18.53 -12.78
N ARG B 615 -13.11 -17.96 -11.57
CA ARG B 615 -14.00 -18.44 -10.51
C ARG B 615 -15.45 -18.30 -10.92
N TRP B 616 -15.83 -17.12 -11.40
CA TRP B 616 -17.22 -16.91 -11.81
C TRP B 616 -17.62 -17.88 -12.90
N VAL B 617 -16.75 -18.12 -13.88
CA VAL B 617 -17.10 -18.99 -14.99
C VAL B 617 -17.38 -20.39 -14.48
N PHE B 618 -16.53 -20.93 -13.63
CA PHE B 618 -16.74 -22.31 -13.21
C PHE B 618 -17.67 -22.45 -12.02
N VAL B 619 -18.12 -21.35 -11.42
CA VAL B 619 -19.20 -21.44 -10.46
C VAL B 619 -20.54 -21.42 -11.17
N ARG B 620 -20.67 -20.61 -12.22
CA ARG B 620 -21.95 -20.51 -12.90
C ARG B 620 -22.17 -21.63 -13.91
N TRP B 621 -21.12 -22.17 -14.51
CA TRP B 621 -21.28 -23.12 -15.59
C TRP B 621 -21.48 -24.51 -15.02
N SER B 622 -22.73 -24.84 -14.72
CA SER B 622 -23.12 -26.16 -14.24
C SER B 622 -23.85 -26.90 -15.34
N PRO B 623 -23.17 -27.71 -16.14
CA PRO B 623 -23.82 -28.36 -17.29
C PRO B 623 -24.67 -29.55 -16.90
N ALA B 624 -24.27 -30.27 -15.87
CA ALA B 624 -24.95 -31.51 -15.49
C ALA B 624 -25.97 -31.26 -14.39
N GLU B 625 -26.90 -30.36 -14.67
CA GLU B 625 -28.01 -30.09 -13.77
C GLU B 625 -29.26 -29.81 -14.60
N LEU B 626 -30.42 -30.04 -14.01
CA LEU B 626 -31.65 -30.01 -14.81
C LEU B 626 -32.00 -28.59 -15.21
N THR B 627 -31.96 -27.64 -14.27
CA THR B 627 -32.36 -26.28 -14.61
C THR B 627 -31.45 -25.70 -15.69
N TYR B 628 -30.14 -25.86 -15.52
CA TYR B 628 -29.23 -25.36 -16.56
C TYR B 628 -29.44 -26.10 -17.86
N ALA B 629 -29.19 -27.40 -17.87
CA ALA B 629 -29.23 -28.18 -19.10
C ALA B 629 -30.55 -28.05 -19.84
N SER B 630 -31.63 -27.70 -19.16
CA SER B 630 -32.94 -27.64 -19.78
C SER B 630 -33.42 -26.23 -20.07
N LEU B 631 -32.98 -25.24 -19.31
CA LEU B 631 -33.50 -23.89 -19.41
C LEU B 631 -32.62 -23.00 -20.30
N HIS B 632 -31.38 -22.80 -19.91
CA HIS B 632 -30.44 -21.96 -20.65
C HIS B 632 -29.22 -22.76 -21.05
N GLY B 633 -29.43 -23.95 -21.56
CA GLY B 633 -28.34 -24.72 -22.10
C GLY B 633 -28.21 -24.41 -23.56
N THR B 634 -29.34 -24.08 -24.19
CA THR B 634 -29.33 -23.76 -25.61
C THR B 634 -28.75 -22.38 -25.87
N HIS B 635 -28.84 -21.47 -24.91
CA HIS B 635 -28.30 -20.14 -25.09
C HIS B 635 -26.78 -20.18 -25.18
N ALA B 636 -26.13 -20.89 -24.25
CA ALA B 636 -24.68 -20.85 -24.13
C ALA B 636 -24.03 -21.84 -25.08
N THR B 637 -22.95 -21.39 -25.73
CA THR B 637 -22.25 -22.15 -26.75
C THR B 637 -20.78 -22.34 -26.36
N PRO B 638 -20.13 -23.38 -26.84
CA PRO B 638 -18.71 -23.59 -26.53
C PRO B 638 -17.79 -22.51 -27.06
N TYR B 639 -18.18 -21.86 -28.16
CA TYR B 639 -17.36 -20.78 -28.71
C TYR B 639 -17.17 -19.67 -27.69
N ASP B 640 -18.25 -19.23 -27.07
CA ASP B 640 -18.15 -18.12 -26.12
C ASP B 640 -17.40 -18.52 -24.86
N LEU B 641 -17.69 -19.71 -24.33
CA LEU B 641 -16.96 -20.21 -23.17
C LEU B 641 -15.48 -20.16 -23.43
N VAL B 642 -15.04 -20.84 -24.49
CA VAL B 642 -13.61 -20.98 -24.69
C VAL B 642 -12.98 -19.66 -25.09
N ASN B 643 -13.73 -18.75 -25.69
CA ASN B 643 -13.15 -17.44 -25.98
C ASN B 643 -12.91 -16.64 -24.70
N LEU B 644 -13.88 -16.63 -23.78
CA LEU B 644 -13.64 -15.95 -22.51
C LEU B 644 -12.49 -16.58 -21.74
N LEU B 645 -12.43 -17.91 -21.71
CA LEU B 645 -11.36 -18.54 -20.95
C LEU B 645 -10.00 -18.28 -21.58
N ARG B 646 -9.91 -18.36 -22.91
CA ARG B 646 -8.64 -18.07 -23.56
C ARG B 646 -8.24 -16.63 -23.38
N ALA B 647 -9.20 -15.74 -23.20
CA ALA B 647 -8.86 -14.36 -22.90
C ALA B 647 -8.26 -14.24 -21.50
N CYS B 648 -8.90 -14.88 -20.52
CA CYS B 648 -8.43 -14.68 -19.15
C CYS B 648 -7.13 -15.42 -18.85
N TYR B 649 -6.88 -16.56 -19.50
CA TYR B 649 -5.50 -17.07 -19.52
C TYR B 649 -4.59 -16.04 -20.14
N GLY B 650 -4.89 -15.65 -21.38
CA GLY B 650 -4.12 -14.69 -22.13
C GLY B 650 -3.60 -15.24 -23.45
N ILE B 651 -4.29 -16.21 -24.04
CA ILE B 651 -3.72 -16.86 -25.21
C ILE B 651 -4.18 -16.21 -26.50
N SER B 652 -5.43 -16.44 -26.91
CA SER B 652 -5.89 -15.95 -28.20
C SER B 652 -7.33 -16.37 -28.46
N PRO B 653 -8.09 -15.62 -29.26
CA PRO B 653 -9.42 -16.07 -29.64
C PRO B 653 -9.36 -17.39 -30.40
N LEU B 654 -10.52 -18.06 -30.46
CA LEU B 654 -10.70 -19.06 -31.48
C LEU B 654 -10.74 -18.39 -32.85
N VAL B 655 -10.43 -19.16 -33.89
CA VAL B 655 -10.29 -18.54 -35.20
C VAL B 655 -11.66 -18.19 -35.76
N MET B 656 -12.45 -19.21 -36.10
CA MET B 656 -13.76 -19.03 -36.72
C MET B 656 -13.69 -17.99 -37.84
N ALA B 657 -12.90 -18.31 -38.85
CA ALA B 657 -12.65 -17.37 -39.95
C ALA B 657 -13.48 -17.69 -41.19
N GLN B 658 -14.80 -17.79 -41.06
CA GLN B 658 -15.70 -17.97 -42.20
C GLN B 658 -17.13 -17.94 -41.73
N PRO B 659 -18.10 -17.62 -42.59
CA PRO B 659 -19.50 -17.66 -42.16
C PRO B 659 -19.89 -19.05 -41.73
N LEU B 660 -20.66 -19.11 -40.64
CA LEU B 660 -21.26 -20.36 -40.20
C LEU B 660 -22.13 -20.95 -41.30
N ARG B 661 -22.21 -22.27 -41.33
CA ARG B 661 -23.10 -22.98 -42.24
C ARG B 661 -24.36 -23.39 -41.47
N LEU B 662 -25.52 -23.08 -42.04
CA LEU B 662 -26.78 -23.37 -41.37
C LEU B 662 -27.84 -23.71 -42.40
N PHE B 663 -28.95 -24.23 -41.92
CA PHE B 663 -30.10 -24.50 -42.75
C PHE B 663 -31.25 -23.61 -42.30
N ASN B 664 -32.22 -23.43 -43.18
CA ASN B 664 -33.34 -22.54 -42.90
C ASN B 664 -34.64 -23.24 -43.27
N GLY B 665 -35.74 -22.57 -42.95
CA GLY B 665 -37.05 -23.07 -43.26
C GLY B 665 -37.70 -22.28 -44.36
N PRO B 666 -38.79 -22.79 -44.88
CA PRO B 666 -39.43 -22.21 -46.07
C PRO B 666 -39.55 -20.70 -46.12
N ILE B 667 -39.96 -20.02 -45.04
CA ILE B 667 -40.16 -18.59 -45.12
C ILE B 667 -38.85 -17.88 -45.41
N VAL B 668 -37.81 -18.21 -44.67
CA VAL B 668 -36.54 -17.52 -44.84
C VAL B 668 -35.90 -17.90 -46.16
N LEU B 669 -36.03 -19.16 -46.58
CA LEU B 669 -35.54 -19.52 -47.91
C LEU B 669 -36.23 -18.71 -48.99
N HIS B 670 -37.57 -18.68 -48.98
CA HIS B 670 -38.30 -17.91 -49.97
C HIS B 670 -37.87 -16.45 -49.95
N TRP B 671 -37.59 -15.89 -48.78
CA TRP B 671 -37.05 -14.54 -48.80
C TRP B 671 -35.67 -14.50 -49.41
N LYS B 672 -34.89 -15.57 -49.26
CA LYS B 672 -33.56 -15.57 -49.87
C LYS B 672 -33.64 -15.72 -51.38
N GLU B 673 -34.79 -16.11 -51.91
CA GLU B 673 -34.96 -16.11 -53.36
C GLU B 673 -35.14 -14.70 -53.90
N GLN B 674 -35.93 -13.88 -53.23
CA GLN B 674 -36.23 -12.52 -53.67
C GLN B 674 -35.24 -11.53 -53.09
N ALA B 675 -34.01 -11.94 -52.85
CA ALA B 675 -33.02 -11.10 -52.18
C ALA B 675 -31.95 -10.56 -53.08
N GLU B 676 -31.59 -11.28 -54.14
CA GLU B 676 -30.63 -10.76 -55.10
C GLU B 676 -31.24 -9.74 -56.05
N MET B 677 -32.55 -9.80 -56.25
CA MET B 677 -33.21 -8.96 -57.24
C MET B 677 -33.86 -7.72 -56.65
N GLU B 678 -33.71 -7.47 -55.36
CA GLU B 678 -34.33 -6.29 -54.80
C GLU B 678 -33.72 -4.96 -55.26
N PRO B 679 -32.45 -4.87 -55.68
CA PRO B 679 -31.99 -3.59 -56.23
C PRO B 679 -32.67 -3.25 -57.55
N PHE B 680 -32.88 -4.24 -58.41
CA PHE B 680 -33.56 -3.97 -59.66
C PHE B 680 -35.02 -3.65 -59.42
N ILE B 681 -35.60 -4.04 -58.29
CA ILE B 681 -36.98 -3.64 -58.05
C ILE B 681 -37.04 -2.30 -57.34
N ARG B 682 -35.99 -1.92 -56.61
CA ARG B 682 -35.95 -0.54 -56.15
C ARG B 682 -35.60 0.43 -57.26
N TYR B 683 -35.11 -0.07 -58.39
CA TYR B 683 -34.89 0.78 -59.56
C TYR B 683 -36.10 0.82 -60.47
N LEU B 684 -36.55 -0.33 -60.95
CA LEU B 684 -37.71 -0.41 -61.83
C LEU B 684 -38.92 0.30 -61.24
N LEU B 685 -38.99 0.42 -59.92
CA LEU B 685 -40.11 1.09 -59.27
C LEU B 685 -39.79 2.52 -58.88
N LEU B 686 -38.54 2.96 -59.07
CA LEU B 686 -38.10 4.32 -58.79
C LEU B 686 -38.35 4.69 -57.32
N LEU B 687 -37.69 3.96 -56.44
CA LEU B 687 -37.71 4.30 -55.03
C LEU B 687 -36.35 4.79 -54.57
N ALA B 715 4.24 -16.62 -16.84
CA ALA B 715 4.18 -17.56 -15.73
C ALA B 715 2.92 -17.36 -14.88
N GLY B 716 2.50 -16.11 -14.71
CA GLY B 716 1.22 -15.86 -14.07
C GLY B 716 0.07 -16.45 -14.85
N SER B 717 0.18 -16.41 -16.18
CA SER B 717 -0.75 -17.15 -17.03
C SER B 717 -0.82 -18.61 -16.62
N ASN B 718 0.32 -19.18 -16.23
CA ASN B 718 0.32 -20.56 -15.75
C ASN B 718 -0.43 -20.69 -14.43
N ALA B 719 -0.29 -19.70 -13.54
CA ALA B 719 -1.08 -19.70 -12.32
C ALA B 719 -2.56 -19.76 -12.65
N SER B 720 -3.01 -18.89 -13.56
CA SER B 720 -4.42 -18.85 -13.89
C SER B 720 -4.88 -20.12 -14.59
N ARG B 721 -4.03 -20.71 -15.41
CA ARG B 721 -4.39 -21.95 -16.09
C ARG B 721 -4.54 -23.11 -15.12
N ARG B 722 -3.62 -23.24 -14.16
CA ARG B 722 -3.76 -24.28 -13.15
C ARG B 722 -4.99 -24.03 -12.28
N LEU B 723 -5.26 -22.77 -11.97
CA LEU B 723 -6.49 -22.42 -11.28
C LEU B 723 -7.71 -22.94 -12.02
N ALA B 724 -7.77 -22.66 -13.32
CA ALA B 724 -8.91 -23.09 -14.11
C ALA B 724 -8.99 -24.60 -14.18
N LEU B 725 -7.86 -25.27 -14.30
CA LEU B 725 -7.86 -26.72 -14.36
C LEU B 725 -8.41 -27.33 -13.08
N GLU B 726 -7.93 -26.88 -11.93
CA GLU B 726 -8.47 -27.31 -10.65
C GLU B 726 -9.97 -27.08 -10.60
N LEU B 727 -10.42 -25.87 -10.93
CA LEU B 727 -11.84 -25.57 -10.83
C LEU B 727 -12.67 -26.34 -11.84
N PHE B 728 -12.06 -26.83 -12.92
CA PHE B 728 -12.79 -27.42 -14.04
C PHE B 728 -12.93 -28.92 -13.92
N TYR B 729 -11.89 -29.61 -13.46
CA TYR B 729 -11.95 -31.07 -13.38
C TYR B 729 -13.19 -31.61 -12.68
N PRO B 730 -13.68 -31.07 -11.56
CA PRO B 730 -14.92 -31.60 -10.97
C PRO B 730 -16.08 -31.64 -11.92
N LYS B 731 -16.19 -30.66 -12.82
CA LYS B 731 -17.26 -30.70 -13.82
C LYS B 731 -17.17 -31.96 -14.65
N VAL B 732 -15.96 -32.32 -15.09
CA VAL B 732 -15.80 -33.50 -15.93
C VAL B 732 -16.05 -34.77 -15.15
N GLU B 733 -15.63 -34.81 -13.88
CA GLU B 733 -15.90 -35.99 -13.06
C GLU B 733 -17.39 -36.21 -12.87
N GLU B 734 -18.12 -35.15 -12.51
CA GLU B 734 -19.56 -35.28 -12.35
C GLU B 734 -20.22 -35.67 -13.66
N LEU B 735 -19.78 -35.09 -14.78
CA LEU B 735 -20.35 -35.45 -16.07
C LEU B 735 -20.12 -36.92 -16.38
N GLN B 736 -18.95 -37.44 -16.03
CA GLN B 736 -18.69 -38.84 -16.34
C GLN B 736 -19.53 -39.76 -15.46
N GLU B 737 -19.80 -39.37 -14.22
CA GLU B 737 -20.69 -40.20 -13.42
C GLU B 737 -22.11 -40.19 -13.98
N LEU B 738 -22.61 -39.00 -14.33
CA LEU B 738 -23.91 -38.90 -14.98
C LEU B 738 -23.96 -39.73 -16.25
N ALA B 739 -22.82 -39.86 -16.95
CA ALA B 739 -22.81 -40.64 -18.18
C ALA B 739 -22.74 -42.12 -17.90
N GLU B 740 -22.02 -42.55 -16.87
CA GLU B 740 -22.01 -43.96 -16.53
C GLU B 740 -23.39 -44.43 -16.09
N SER B 741 -24.17 -43.52 -15.51
CA SER B 741 -25.53 -43.90 -15.13
C SER B 741 -26.40 -44.26 -16.34
N TRP B 742 -26.00 -43.83 -17.54
CA TRP B 742 -26.86 -44.00 -18.71
C TRP B 742 -26.64 -45.32 -19.45
N GLN B 743 -25.83 -46.22 -18.92
CA GLN B 743 -25.57 -47.49 -19.60
C GLN B 743 -25.55 -48.66 -18.63
N VAL B 753 -31.27 -38.14 -20.85
CA VAL B 753 -31.62 -38.96 -21.99
C VAL B 753 -32.46 -38.12 -22.94
N SER B 754 -32.95 -36.99 -22.46
CA SER B 754 -33.82 -36.13 -23.25
C SER B 754 -32.98 -35.37 -24.28
N MET B 755 -33.62 -34.44 -24.99
CA MET B 755 -32.87 -33.62 -25.94
C MET B 755 -31.94 -32.67 -25.20
N GLU B 756 -32.42 -32.04 -24.14
CA GLU B 756 -31.68 -30.96 -23.51
C GLU B 756 -30.50 -31.48 -22.70
N ARG B 757 -30.71 -32.53 -21.91
CA ARG B 757 -29.61 -33.09 -21.13
C ARG B 757 -28.50 -33.59 -22.04
N LEU B 758 -28.86 -34.29 -23.10
CA LEU B 758 -27.86 -34.83 -24.02
C LEU B 758 -27.13 -33.71 -24.76
N ARG B 759 -27.87 -32.67 -25.19
CA ARG B 759 -27.22 -31.55 -25.86
C ARG B 759 -26.27 -30.83 -24.94
N SER B 760 -26.65 -30.64 -23.68
CA SER B 760 -25.74 -30.02 -22.72
C SER B 760 -24.50 -30.86 -22.54
N MET B 761 -24.64 -32.17 -22.50
CA MET B 761 -23.46 -33.01 -22.34
C MET B 761 -22.53 -32.91 -23.54
N VAL B 762 -23.09 -32.78 -24.74
CA VAL B 762 -22.23 -32.68 -25.92
C VAL B 762 -21.59 -31.30 -26.02
N LEU B 763 -22.30 -30.26 -25.61
CA LEU B 763 -21.65 -28.95 -25.54
C LEU B 763 -20.55 -28.94 -24.51
N ALA B 764 -20.72 -29.70 -23.42
CA ALA B 764 -19.66 -29.80 -22.42
C ALA B 764 -18.45 -30.54 -22.96
N CYS B 765 -18.68 -31.62 -23.71
CA CYS B 765 -17.52 -32.34 -24.26
C CYS B 765 -16.85 -31.54 -25.37
N LEU B 766 -17.59 -30.70 -26.10
CA LEU B 766 -16.96 -29.77 -27.03
C LEU B 766 -16.09 -28.76 -26.31
N THR B 767 -16.64 -28.12 -25.27
CA THR B 767 -15.84 -27.20 -24.48
C THR B 767 -14.63 -27.89 -23.90
N GLY B 768 -14.73 -29.18 -23.62
CA GLY B 768 -13.59 -29.90 -23.09
C GLY B 768 -12.53 -30.16 -24.15
N ALA B 769 -12.96 -30.55 -25.34
CA ALA B 769 -12.01 -30.87 -26.40
C ALA B 769 -11.36 -29.63 -26.97
N LEU B 770 -11.98 -28.46 -26.79
CA LEU B 770 -11.41 -27.24 -27.33
C LEU B 770 -10.21 -26.77 -26.52
N LEU B 771 -10.37 -26.62 -25.20
CA LEU B 771 -9.26 -26.21 -24.35
C LEU B 771 -8.56 -27.39 -23.69
N LEU B 772 -8.25 -28.42 -24.43
CA LEU B 772 -7.28 -29.35 -23.87
C LEU B 772 -5.87 -28.83 -24.13
N PRO B 773 -5.51 -28.39 -25.35
CA PRO B 773 -4.17 -27.85 -25.54
C PRO B 773 -3.84 -26.68 -24.63
N ASP B 774 -4.83 -26.00 -24.07
CA ASP B 774 -4.54 -25.06 -22.99
C ASP B 774 -4.05 -25.82 -21.77
N LEU B 775 -4.89 -26.69 -21.23
CA LEU B 775 -4.67 -27.31 -19.92
C LEU B 775 -3.92 -28.62 -20.01
N VAL B 776 -2.80 -28.63 -20.72
CA VAL B 776 -1.84 -29.72 -20.62
C VAL B 776 -0.41 -29.22 -20.39
N ASN B 777 -0.09 -27.98 -20.78
CA ASN B 777 1.18 -27.38 -20.39
C ASN B 777 1.32 -27.26 -18.89
N ILE B 778 0.20 -27.29 -18.17
CA ILE B 778 0.25 -27.49 -16.72
C ILE B 778 1.05 -28.74 -16.40
N ASN B 779 0.57 -29.89 -16.90
CA ASN B 779 1.23 -31.19 -16.72
C ASN B 779 1.48 -31.50 -15.25
N SER B 780 0.47 -31.26 -14.41
CA SER B 780 0.53 -31.56 -12.98
C SER B 780 -0.28 -32.80 -12.63
N SER B 781 -0.23 -33.82 -13.48
CA SER B 781 -0.84 -35.13 -13.24
C SER B 781 -2.36 -35.05 -13.20
N LEU B 782 -2.93 -33.84 -13.24
CA LEU B 782 -4.33 -33.65 -13.60
C LEU B 782 -4.48 -33.39 -15.09
N SER B 783 -3.51 -33.82 -15.88
CA SER B 783 -3.59 -33.73 -17.34
C SER B 783 -4.05 -35.05 -17.95
N ARG B 784 -3.32 -36.14 -17.69
CA ARG B 784 -3.71 -37.45 -18.21
C ARG B 784 -5.15 -37.77 -17.86
N ASP B 785 -5.47 -37.68 -16.57
CA ASP B 785 -6.82 -37.99 -16.11
C ASP B 785 -7.86 -37.11 -16.81
N LEU B 786 -7.52 -35.83 -17.06
CA LEU B 786 -8.48 -34.94 -17.70
C LEU B 786 -8.81 -35.40 -19.11
N GLU B 787 -7.79 -35.68 -19.91
CA GLU B 787 -8.03 -36.13 -21.28
C GLU B 787 -8.83 -37.43 -21.29
N SER B 788 -8.38 -38.41 -20.50
CA SER B 788 -9.08 -39.69 -20.50
C SER B 788 -10.53 -39.54 -20.07
N ALA B 789 -10.79 -38.66 -19.11
CA ALA B 789 -12.16 -38.47 -18.65
C ALA B 789 -13.01 -37.78 -19.68
N VAL B 790 -12.48 -36.75 -20.34
CA VAL B 790 -13.23 -36.07 -21.40
C VAL B 790 -13.63 -37.07 -22.47
N PHE B 791 -12.67 -37.85 -22.95
CA PHE B 791 -12.99 -38.74 -24.06
C PHE B 791 -13.82 -39.94 -23.64
N SER B 792 -13.78 -40.32 -22.35
CA SER B 792 -14.74 -41.30 -21.87
C SER B 792 -16.16 -40.73 -21.89
N ILE B 793 -16.32 -39.45 -21.53
CA ILE B 793 -17.63 -38.82 -21.69
C ILE B 793 -18.05 -38.86 -23.14
N VAL B 794 -17.12 -38.52 -24.05
CA VAL B 794 -17.46 -38.46 -25.47
C VAL B 794 -17.94 -39.81 -25.97
N ASP B 795 -17.25 -40.88 -25.55
CA ASP B 795 -17.63 -42.21 -26.00
C ASP B 795 -18.99 -42.62 -25.43
N ALA B 796 -19.21 -42.39 -24.13
CA ALA B 796 -20.51 -42.70 -23.56
C ALA B 796 -21.62 -41.95 -24.30
N THR B 797 -21.36 -40.69 -24.66
CA THR B 797 -22.36 -39.90 -25.35
C THR B 797 -22.66 -40.48 -26.72
N LEU B 798 -21.60 -40.81 -27.47
CA LEU B 798 -21.84 -41.39 -28.79
C LEU B 798 -22.64 -42.67 -28.67
N LYS B 799 -22.39 -43.49 -27.65
CA LYS B 799 -23.11 -44.75 -27.53
C LYS B 799 -24.54 -44.56 -27.07
N VAL B 800 -24.84 -43.46 -26.37
CA VAL B 800 -26.25 -43.13 -26.20
C VAL B 800 -26.85 -42.66 -27.52
N ILE B 801 -26.06 -41.96 -28.32
CA ILE B 801 -26.59 -41.35 -29.54
C ILE B 801 -26.99 -42.42 -30.55
N LEU B 802 -26.09 -43.38 -30.79
CA LEU B 802 -26.31 -44.39 -31.82
C LEU B 802 -27.58 -45.18 -31.55
N ASN B 803 -27.60 -45.93 -30.45
CA ASN B 803 -28.68 -46.85 -30.14
C ASN B 803 -29.86 -46.04 -29.63
N SER B 804 -30.68 -45.58 -30.55
CA SER B 804 -31.77 -44.66 -30.27
C SER B 804 -32.66 -44.59 -31.51
N PRO B 805 -33.88 -44.10 -31.38
CA PRO B 805 -34.76 -44.02 -32.53
C PRO B 805 -34.33 -42.91 -33.46
N PRO B 806 -34.33 -43.13 -34.78
CA PRO B 806 -34.07 -42.04 -35.70
C PRO B 806 -35.26 -41.12 -35.87
N SER B 807 -35.95 -40.83 -34.78
CA SER B 807 -37.08 -39.92 -34.76
C SER B 807 -36.84 -38.73 -33.85
N GLU B 808 -36.14 -38.94 -32.74
CA GLU B 808 -35.57 -37.81 -32.01
C GLU B 808 -34.59 -37.05 -32.88
N ASN B 809 -33.86 -37.77 -33.73
CA ASN B 809 -32.79 -37.20 -34.55
C ASN B 809 -31.75 -36.53 -33.68
N LEU B 810 -31.11 -37.35 -32.84
CA LEU B 810 -30.01 -36.84 -32.03
C LEU B 810 -28.80 -36.50 -32.88
N PHE B 811 -28.61 -37.21 -33.99
CA PHE B 811 -27.50 -36.86 -34.85
C PHE B 811 -27.70 -35.49 -35.49
N GLY B 812 -28.93 -35.09 -35.74
CA GLY B 812 -29.20 -33.71 -36.05
C GLY B 812 -28.62 -32.76 -35.02
N MET B 813 -28.81 -33.08 -33.74
CA MET B 813 -28.30 -32.22 -32.69
C MET B 813 -26.78 -32.19 -32.70
N ILE B 814 -26.14 -33.36 -32.77
CA ILE B 814 -24.68 -33.37 -32.65
C ILE B 814 -24.05 -32.67 -33.85
N LEU B 815 -24.59 -32.87 -35.06
CA LEU B 815 -24.02 -32.18 -36.20
C LEU B 815 -24.27 -30.69 -36.14
N ALA B 816 -25.49 -30.28 -35.81
CA ALA B 816 -25.79 -28.86 -35.70
C ALA B 816 -24.93 -28.17 -34.65
N SER B 817 -24.60 -28.87 -33.57
CA SER B 817 -23.76 -28.26 -32.54
C SER B 817 -22.29 -28.27 -32.92
N SER B 818 -21.81 -29.34 -33.54
CA SER B 818 -20.39 -29.47 -33.85
C SER B 818 -19.97 -28.77 -35.12
N ALA B 819 -20.91 -28.40 -35.99
CA ALA B 819 -20.53 -27.78 -37.26
C ALA B 819 -19.68 -26.53 -37.07
N PRO B 820 -20.07 -25.54 -36.28
CA PRO B 820 -19.32 -24.28 -36.26
C PRO B 820 -17.84 -24.39 -35.93
N TYR B 821 -17.34 -25.60 -35.65
CA TYR B 821 -15.92 -25.78 -35.41
C TYR B 821 -15.23 -26.56 -36.52
N ILE B 822 -15.97 -27.05 -37.50
CA ILE B 822 -15.38 -27.67 -38.69
C ILE B 822 -14.69 -26.58 -39.50
N PRO B 823 -13.46 -26.77 -39.93
CA PRO B 823 -12.73 -25.71 -40.62
C PRO B 823 -13.06 -25.67 -42.11
N HIS B 824 -12.45 -24.72 -42.78
CA HIS B 824 -12.44 -24.71 -44.24
C HIS B 824 -11.48 -25.77 -44.73
N LEU B 825 -11.82 -26.44 -45.82
CA LEU B 825 -11.15 -27.68 -46.21
C LEU B 825 -9.91 -27.45 -47.07
N ILE B 826 -9.25 -26.31 -46.93
CA ILE B 826 -8.00 -26.05 -47.65
C ILE B 826 -6.84 -26.70 -46.92
N GLU B 827 -5.67 -26.75 -47.57
CA GLU B 827 -4.48 -27.39 -47.00
C GLU B 827 -3.89 -26.61 -45.81
N PRO B 828 -3.80 -25.27 -45.85
CA PRO B 828 -3.20 -24.59 -44.69
C PRO B 828 -4.05 -24.69 -43.43
N GLU B 829 -5.37 -24.54 -43.55
CA GLU B 829 -6.22 -24.68 -42.37
C GLU B 829 -6.18 -26.12 -41.85
N LEU B 830 -6.14 -27.10 -42.76
CA LEU B 830 -6.04 -28.48 -42.31
C LEU B 830 -4.65 -28.80 -41.80
N ILE B 831 -3.69 -27.89 -41.99
CA ILE B 831 -2.39 -28.04 -41.35
C ILE B 831 -2.41 -27.43 -39.96
N ALA B 832 -3.12 -26.32 -39.80
CA ALA B 832 -3.24 -25.71 -38.47
C ALA B 832 -4.26 -26.41 -37.59
N LEU B 833 -5.04 -27.35 -38.14
CA LEU B 833 -5.86 -28.20 -37.29
C LEU B 833 -5.06 -29.38 -36.75
N LYS B 834 -3.90 -29.64 -37.32
CA LYS B 834 -2.98 -30.68 -36.86
C LYS B 834 -1.87 -30.12 -35.97
N ARG B 835 -1.95 -28.84 -35.63
CA ARG B 835 -0.89 -28.16 -34.90
C ARG B 835 -1.40 -27.43 -33.68
N GLU B 836 -2.68 -27.12 -33.59
CA GLU B 836 -3.24 -26.29 -32.54
C GLU B 836 -4.34 -26.95 -31.76
N ARG B 837 -5.26 -27.67 -32.42
CA ARG B 837 -6.41 -28.28 -31.77
C ARG B 837 -6.55 -29.73 -32.19
N PRO B 838 -5.66 -30.62 -31.72
CA PRO B 838 -5.71 -32.02 -32.14
C PRO B 838 -6.78 -32.82 -31.40
N HIS B 839 -7.11 -32.40 -30.19
CA HIS B 839 -8.17 -33.08 -29.46
C HIS B 839 -9.51 -32.87 -30.13
N LEU B 840 -9.70 -31.72 -30.77
CA LEU B 840 -10.87 -31.56 -31.62
C LEU B 840 -10.84 -32.58 -32.74
N LEU B 841 -9.67 -32.90 -33.26
CA LEU B 841 -9.59 -33.89 -34.33
C LEU B 841 -9.94 -35.28 -33.83
N LYS B 842 -9.51 -35.64 -32.61
CA LYS B 842 -9.91 -36.93 -32.06
C LYS B 842 -11.42 -36.99 -31.84
N PHE B 843 -12.01 -35.88 -31.39
CA PHE B 843 -13.46 -35.82 -31.34
C PHE B 843 -14.06 -36.11 -32.70
N PHE B 844 -13.58 -35.41 -33.74
CA PHE B 844 -14.15 -35.60 -35.06
C PHE B 844 -13.97 -37.03 -35.54
N GLY B 845 -12.89 -37.68 -35.12
CA GLY B 845 -12.71 -39.08 -35.48
C GLY B 845 -13.76 -39.98 -34.84
N LYS B 846 -13.98 -39.83 -33.54
CA LYS B 846 -15.03 -40.62 -32.91
C LYS B 846 -16.37 -40.38 -33.57
N LEU B 847 -16.66 -39.12 -33.90
CA LEU B 847 -17.92 -38.80 -34.53
C LEU B 847 -18.04 -39.48 -35.89
N SER B 848 -16.94 -39.49 -36.65
CA SER B 848 -16.95 -40.15 -37.95
C SER B 848 -17.22 -41.63 -37.81
N GLU B 849 -16.64 -42.26 -36.78
CA GLU B 849 -16.89 -43.69 -36.57
C GLU B 849 -18.36 -43.94 -36.28
N ALA B 850 -18.96 -43.11 -35.42
CA ALA B 850 -20.38 -43.28 -35.12
C ALA B 850 -21.22 -43.11 -36.37
N LEU B 851 -20.85 -42.17 -37.24
CA LEU B 851 -21.59 -41.96 -38.49
C LEU B 851 -21.49 -43.17 -39.39
N TYR B 852 -20.27 -43.65 -39.63
CA TYR B 852 -20.09 -44.83 -40.46
C TYR B 852 -20.93 -45.98 -39.96
N GLU B 853 -20.91 -46.23 -38.64
CA GLU B 853 -21.59 -47.41 -38.12
C GLU B 853 -23.10 -47.25 -38.20
N ARG B 854 -23.63 -46.08 -37.84
CA ARG B 854 -25.07 -45.88 -37.98
C ARG B 854 -25.52 -46.05 -39.42
N SER B 855 -24.67 -45.70 -40.39
CA SER B 855 -25.02 -45.99 -41.77
C SER B 855 -24.93 -47.48 -42.06
N ARG B 856 -23.99 -48.17 -41.42
CA ARG B 856 -23.87 -49.62 -41.57
C ARG B 856 -25.07 -50.35 -41.02
N ARG B 857 -25.85 -49.71 -40.13
CA ARG B 857 -27.00 -50.40 -39.55
C ARG B 857 -28.19 -50.43 -40.51
N GLU B 858 -28.53 -49.29 -41.10
CA GLU B 858 -29.64 -49.25 -42.05
C GLU B 858 -29.29 -49.99 -43.33
N THR B 888 -37.86 -37.82 -51.99
CA THR B 888 -36.61 -37.96 -52.73
C THR B 888 -35.81 -36.66 -52.64
N LEU B 889 -36.30 -35.62 -53.29
CA LEU B 889 -35.71 -34.29 -53.19
C LEU B 889 -36.71 -33.35 -52.54
N PRO B 890 -36.37 -32.71 -51.42
CA PRO B 890 -37.35 -31.84 -50.77
C PRO B 890 -37.74 -30.64 -51.61
N ARG B 891 -36.77 -29.96 -52.22
CA ARG B 891 -37.05 -28.84 -53.11
C ARG B 891 -36.08 -28.89 -54.28
N ARG B 892 -36.61 -28.68 -55.48
CA ARG B 892 -35.77 -28.46 -56.66
C ARG B 892 -35.71 -26.97 -56.98
N ASP B 893 -35.01 -26.26 -56.13
CA ASP B 893 -34.55 -24.92 -56.43
C ASP B 893 -33.03 -24.91 -56.36
N ILE B 894 -32.45 -23.72 -56.50
CA ILE B 894 -31.03 -23.58 -56.23
C ILE B 894 -30.73 -23.64 -54.75
N LEU B 895 -31.75 -23.56 -53.90
CA LEU B 895 -31.59 -23.51 -52.46
C LEU B 895 -31.79 -24.88 -51.82
N LEU B 896 -31.80 -25.96 -52.59
CA LEU B 896 -31.89 -27.27 -51.98
C LEU B 896 -30.77 -27.47 -50.98
N SER B 897 -29.63 -26.86 -51.23
CA SER B 897 -28.48 -27.01 -50.34
C SER B 897 -28.56 -26.13 -49.11
N TYR B 898 -29.73 -25.58 -48.79
CA TYR B 898 -29.92 -24.91 -47.51
C TYR B 898 -31.00 -25.59 -46.70
N THR B 899 -31.47 -26.72 -47.12
CA THR B 899 -32.48 -27.42 -46.35
C THR B 899 -31.81 -28.39 -45.38
N PRO B 900 -32.53 -28.84 -44.34
CA PRO B 900 -31.91 -29.73 -43.35
C PRO B 900 -31.21 -30.93 -43.93
N GLU B 901 -31.85 -31.62 -44.87
CA GLU B 901 -31.26 -32.83 -45.45
C GLU B 901 -29.88 -32.57 -46.03
N ALA B 902 -29.76 -31.48 -46.80
CA ALA B 902 -28.48 -31.17 -47.42
C ALA B 902 -27.43 -30.81 -46.40
N PHE B 903 -27.81 -30.03 -45.37
CA PHE B 903 -26.86 -29.67 -44.33
C PHE B 903 -26.32 -30.90 -43.62
N TYR B 904 -27.20 -31.85 -43.30
CA TYR B 904 -26.73 -33.05 -42.64
C TYR B 904 -25.80 -33.85 -43.54
N LEU B 905 -26.11 -33.96 -44.83
CA LEU B 905 -25.22 -34.74 -45.68
C LEU B 905 -23.86 -34.07 -45.85
N GLU B 906 -23.85 -32.76 -46.09
CA GLU B 906 -22.59 -32.06 -46.23
C GLU B 906 -21.76 -32.13 -44.95
N THR B 907 -22.41 -32.05 -43.79
CA THR B 907 -21.65 -32.14 -42.54
C THR B 907 -21.09 -33.54 -42.34
N SER B 908 -21.89 -34.58 -42.63
CA SER B 908 -21.37 -35.93 -42.57
C SER B 908 -20.11 -36.06 -43.39
N LEU B 909 -20.12 -35.51 -44.61
CA LEU B 909 -18.97 -35.74 -45.46
C LEU B 909 -17.76 -34.89 -45.06
N ARG B 910 -17.96 -33.68 -44.54
CA ARG B 910 -16.81 -32.94 -44.03
C ARG B 910 -16.20 -33.65 -42.83
N ILE B 911 -17.03 -34.26 -41.98
CA ILE B 911 -16.50 -35.02 -40.84
C ILE B 911 -15.66 -36.19 -41.34
N HIS B 912 -16.19 -36.97 -42.28
CA HIS B 912 -15.42 -38.04 -42.88
C HIS B 912 -14.09 -37.53 -43.40
N PHE B 913 -14.11 -36.39 -44.09
CA PHE B 913 -12.91 -35.85 -44.69
C PHE B 913 -11.86 -35.54 -43.62
N LEU B 914 -12.27 -34.82 -42.57
CA LEU B 914 -11.31 -34.46 -41.53
C LEU B 914 -10.73 -35.70 -40.87
N ASP B 915 -11.55 -36.74 -40.68
CA ASP B 915 -11.06 -37.96 -40.07
C ASP B 915 -9.97 -38.60 -40.92
N ILE B 916 -10.23 -38.73 -42.22
CA ILE B 916 -9.23 -39.34 -43.11
C ILE B 916 -7.94 -38.53 -43.10
N ILE B 917 -8.06 -37.20 -43.10
CA ILE B 917 -6.87 -36.36 -43.10
C ILE B 917 -6.07 -36.58 -41.83
N ARG B 918 -6.74 -36.68 -40.68
CA ARG B 918 -6.04 -36.96 -39.44
C ARG B 918 -5.28 -38.26 -39.53
N LEU B 919 -5.93 -39.32 -40.03
CA LEU B 919 -5.28 -40.62 -40.02
C LEU B 919 -4.08 -40.67 -40.95
N ASN B 920 -4.19 -40.07 -42.14
CA ASN B 920 -3.12 -40.20 -43.13
C ASN B 920 -1.90 -39.34 -42.79
N ASP B 921 -2.11 -38.13 -42.30
CA ASP B 921 -1.03 -37.25 -41.84
C ASP B 921 -0.02 -36.97 -42.95
N GLY B 922 -0.49 -36.27 -43.97
CA GLY B 922 0.36 -35.97 -45.11
C GLY B 922 -0.43 -36.03 -46.38
N GLU B 923 -1.57 -36.71 -46.32
CA GLU B 923 -2.53 -36.67 -47.42
C GLU B 923 -3.46 -35.47 -47.26
N ILE B 924 -2.86 -34.32 -47.05
CA ILE B 924 -3.61 -33.08 -46.93
C ILE B 924 -3.84 -32.52 -48.32
N GLY B 925 -5.03 -32.00 -48.56
CA GLY B 925 -5.36 -31.42 -49.84
C GLY B 925 -5.64 -32.45 -50.92
N ARG B 926 -4.66 -33.28 -51.23
CA ARG B 926 -4.89 -34.37 -52.16
C ARG B 926 -6.18 -35.08 -51.76
N ILE B 927 -7.20 -34.99 -52.59
CA ILE B 927 -8.51 -35.52 -52.22
C ILE B 927 -8.38 -37.02 -52.00
N PRO B 928 -8.68 -37.52 -50.80
CA PRO B 928 -8.48 -38.94 -50.50
C PRO B 928 -9.43 -39.81 -51.30
N GLU B 929 -8.88 -40.74 -52.05
CA GLU B 929 -9.69 -41.64 -52.87
C GLU B 929 -10.86 -42.26 -52.13
N PRO B 930 -10.79 -42.58 -50.83
CA PRO B 930 -12.01 -42.98 -50.13
C PRO B 930 -13.11 -41.93 -50.17
N ILE B 931 -12.75 -40.64 -50.05
CA ILE B 931 -13.77 -39.61 -50.06
C ILE B 931 -14.44 -39.53 -51.44
N ILE B 932 -13.65 -39.67 -52.50
CA ILE B 932 -14.26 -39.63 -53.82
C ILE B 932 -15.13 -40.86 -54.04
N ASN B 933 -14.69 -42.02 -53.56
CA ASN B 933 -15.49 -43.23 -53.71
C ASN B 933 -16.76 -43.17 -52.88
N GLN B 934 -16.76 -42.39 -51.79
CA GLN B 934 -17.99 -42.10 -51.08
C GLN B 934 -18.83 -41.07 -51.80
N LEU B 935 -18.22 -40.24 -52.64
CA LEU B 935 -18.98 -39.29 -53.44
C LEU B 935 -19.67 -39.99 -54.60
N ALA B 936 -18.93 -40.84 -55.32
CA ALA B 936 -19.47 -41.54 -56.48
C ALA B 936 -20.21 -42.80 -56.11
N GLY B 937 -20.64 -42.92 -54.86
CA GLY B 937 -21.37 -44.07 -54.40
C GLY B 937 -22.64 -43.67 -53.68
N LEU B 938 -23.34 -42.66 -54.22
CA LEU B 938 -24.54 -42.12 -53.61
C LEU B 938 -25.71 -42.31 -54.57
N SER B 939 -26.85 -41.75 -54.20
CA SER B 939 -28.07 -41.83 -54.99
C SER B 939 -28.28 -40.55 -55.77
N GLY B 940 -29.22 -40.61 -56.71
CA GLY B 940 -29.54 -39.44 -57.50
C GLY B 940 -30.10 -38.30 -56.67
N GLU B 941 -30.61 -38.59 -55.49
CA GLU B 941 -31.15 -37.57 -54.59
C GLU B 941 -30.10 -36.97 -53.69
N GLN B 942 -28.94 -37.60 -53.55
CA GLN B 942 -27.95 -37.12 -52.60
C GLN B 942 -26.77 -36.45 -53.28
N PHE B 943 -26.36 -36.95 -54.45
CA PHE B 943 -25.33 -36.26 -55.22
C PHE B 943 -25.70 -34.80 -55.40
N LEU B 944 -26.99 -34.51 -55.58
CA LEU B 944 -27.42 -33.13 -55.71
C LEU B 944 -27.38 -32.40 -54.37
N CYS B 945 -27.59 -33.12 -53.27
CA CYS B 945 -27.58 -32.49 -51.97
C CYS B 945 -26.18 -32.00 -51.59
N CYS B 946 -25.17 -32.86 -51.76
CA CYS B 946 -23.82 -32.51 -51.35
C CYS B 946 -23.05 -31.71 -52.41
N ARG B 947 -23.74 -31.00 -53.28
CA ARG B 947 -23.05 -30.30 -54.35
C ARG B 947 -22.25 -29.13 -53.82
N GLU B 948 -22.72 -28.47 -52.77
CA GLU B 948 -21.94 -27.39 -52.18
C GLU B 948 -20.64 -27.93 -51.59
N PHE B 949 -20.69 -29.13 -51.04
CA PHE B 949 -19.46 -29.75 -50.55
C PHE B 949 -18.50 -30.06 -51.70
N MET B 950 -19.03 -30.59 -52.80
CA MET B 950 -18.15 -30.89 -53.93
C MET B 950 -17.48 -29.61 -54.45
N ARG B 951 -18.28 -28.56 -54.63
CA ARG B 951 -17.73 -27.24 -54.97
C ARG B 951 -16.62 -26.84 -54.01
N GLU B 952 -16.87 -26.96 -52.71
CA GLU B 952 -15.91 -26.47 -51.73
C GLU B 952 -14.60 -27.22 -51.81
N ILE B 953 -14.63 -28.54 -51.99
CA ILE B 953 -13.36 -29.25 -52.02
C ILE B 953 -12.64 -29.01 -53.35
N PHE B 954 -13.36 -29.13 -54.47
CA PHE B 954 -12.69 -29.12 -55.76
C PHE B 954 -12.18 -27.75 -56.15
N THR B 955 -12.97 -26.69 -55.92
CA THR B 955 -12.50 -25.36 -56.26
C THR B 955 -11.20 -25.03 -55.54
N SER B 956 -11.08 -25.45 -54.29
CA SER B 956 -9.83 -25.32 -53.57
C SER B 956 -8.75 -26.12 -54.29
N ASP B 957 -7.54 -25.56 -54.37
CA ASP B 957 -6.42 -26.23 -55.00
C ASP B 957 -6.15 -27.56 -54.31
N ALA B 958 -6.36 -28.66 -55.02
CA ALA B 958 -6.25 -29.98 -54.40
C ALA B 958 -6.00 -31.02 -55.48
N ILE B 959 -4.89 -31.73 -55.38
CA ILE B 959 -4.59 -32.78 -56.34
C ILE B 959 -5.71 -33.80 -56.32
N VAL B 960 -6.37 -33.98 -57.45
CA VAL B 960 -7.38 -35.02 -57.59
C VAL B 960 -6.80 -36.12 -58.46
N PRO B 961 -7.07 -37.39 -58.18
CA PRO B 961 -6.60 -38.45 -59.07
C PRO B 961 -7.24 -38.32 -60.44
N LEU B 962 -6.57 -38.86 -61.45
CA LEU B 962 -7.12 -38.86 -62.80
C LEU B 962 -8.51 -39.48 -62.81
N GLY B 963 -8.59 -40.73 -62.40
CA GLY B 963 -9.89 -41.38 -62.21
C GLY B 963 -10.81 -40.61 -61.29
N GLY B 964 -10.25 -39.80 -60.39
CA GLY B 964 -11.09 -38.98 -59.54
C GLY B 964 -11.96 -38.04 -60.34
N ALA B 965 -11.33 -37.11 -61.06
CA ALA B 965 -12.09 -36.15 -61.86
C ALA B 965 -12.92 -36.87 -62.91
N THR B 966 -12.34 -37.89 -63.54
CA THR B 966 -13.06 -38.60 -64.60
C THR B 966 -14.35 -39.23 -64.07
N THR B 967 -14.27 -39.96 -62.96
CA THR B 967 -15.43 -40.65 -62.42
C THR B 967 -16.47 -39.68 -61.89
N ILE B 968 -16.01 -38.66 -61.15
CA ILE B 968 -16.93 -37.64 -60.65
C ILE B 968 -17.72 -37.04 -61.79
N LEU B 969 -17.02 -36.65 -62.86
CA LEU B 969 -17.68 -36.01 -63.98
C LEU B 969 -18.59 -36.99 -64.73
N GLU B 970 -18.16 -38.24 -64.82
CA GLU B 970 -18.99 -39.27 -65.45
C GLU B 970 -20.35 -39.37 -64.76
N THR B 971 -20.33 -39.48 -63.43
CA THR B 971 -21.59 -39.62 -62.69
C THR B 971 -22.40 -38.33 -62.70
N ALA B 972 -21.73 -37.19 -62.54
CA ALA B 972 -22.45 -35.92 -62.56
C ALA B 972 -23.09 -35.65 -63.91
N GLY B 973 -22.48 -36.14 -64.99
CA GLY B 973 -23.12 -36.06 -66.28
C GLY B 973 -24.28 -37.02 -66.38
N HIS B 974 -24.07 -38.26 -65.95
CA HIS B 974 -25.12 -39.26 -66.07
C HIS B 974 -26.39 -38.83 -65.36
N ILE B 975 -26.28 -38.02 -64.31
CA ILE B 975 -27.50 -37.59 -63.66
C ILE B 975 -28.35 -36.72 -64.59
N VAL B 976 -27.71 -36.01 -65.53
CA VAL B 976 -28.41 -34.98 -66.30
C VAL B 976 -29.10 -35.53 -67.53
N SER B 977 -28.95 -36.82 -67.83
CA SER B 977 -29.53 -37.42 -69.02
C SER B 977 -30.51 -38.53 -68.68
N ARG B 978 -31.43 -38.27 -67.75
CA ARG B 978 -32.32 -39.32 -67.25
C ARG B 978 -33.80 -39.03 -67.46
N TYR B 979 -34.15 -37.93 -68.09
CA TYR B 979 -35.53 -37.51 -68.35
C TYR B 979 -36.27 -37.15 -67.08
N GLU B 980 -35.73 -37.52 -65.93
CA GLU B 980 -36.30 -37.05 -64.68
C GLU B 980 -35.51 -35.89 -64.11
N TYR B 981 -34.26 -35.75 -64.55
CA TYR B 981 -33.40 -34.64 -64.18
C TYR B 981 -33.00 -33.78 -65.36
N ALA B 982 -33.33 -34.19 -66.58
CA ALA B 982 -32.91 -33.42 -67.75
C ALA B 982 -33.45 -31.99 -67.68
N CYS B 983 -34.57 -31.77 -66.99
CA CYS B 983 -35.15 -30.45 -66.92
C CYS B 983 -35.02 -29.78 -65.57
N CYS B 984 -34.81 -30.53 -64.50
CA CYS B 984 -34.83 -29.93 -63.17
C CYS B 984 -33.67 -28.97 -62.98
N GLU B 985 -33.92 -27.91 -62.22
CA GLU B 985 -32.97 -26.82 -62.07
C GLU B 985 -31.68 -27.29 -61.41
N VAL B 986 -31.79 -28.14 -60.40
CA VAL B 986 -30.64 -28.44 -59.56
C VAL B 986 -29.63 -29.30 -60.31
N ALA B 987 -30.10 -30.24 -61.13
CA ALA B 987 -29.16 -31.09 -61.86
C ALA B 987 -28.32 -30.27 -62.82
N LEU B 988 -28.96 -29.40 -63.58
CA LEU B 988 -28.22 -28.56 -64.52
C LEU B 988 -27.22 -27.69 -63.78
N CYS B 989 -27.66 -27.06 -62.69
CA CYS B 989 -26.76 -26.20 -61.94
C CYS B 989 -25.57 -26.98 -61.42
N ASN B 990 -25.80 -28.22 -60.99
CA ASN B 990 -24.73 -29.00 -60.41
C ASN B 990 -23.74 -29.46 -61.47
N CYS B 991 -24.21 -29.87 -62.63
CA CYS B 991 -23.25 -30.32 -63.64
C CYS B 991 -22.46 -29.16 -64.20
N ILE B 992 -23.08 -27.98 -64.31
CA ILE B 992 -22.33 -26.79 -64.72
C ILE B 992 -21.28 -26.44 -63.67
N ASP B 993 -21.63 -26.51 -62.38
CA ASP B 993 -20.63 -26.22 -61.35
C ASP B 993 -19.49 -27.21 -61.37
N ILE B 994 -19.78 -28.49 -61.62
CA ILE B 994 -18.71 -29.47 -61.61
C ILE B 994 -17.81 -29.30 -62.82
N MET B 995 -18.38 -28.95 -63.97
CA MET B 995 -17.52 -28.62 -65.11
C MET B 995 -16.68 -27.40 -64.81
N ASP B 996 -17.25 -26.42 -64.10
CA ASP B 996 -16.52 -25.23 -63.73
C ASP B 996 -15.36 -25.55 -62.80
N SER B 997 -15.52 -26.55 -61.93
CA SER B 997 -14.49 -26.88 -60.96
C SER B 997 -13.19 -27.28 -61.65
N PHE B 998 -13.26 -28.28 -62.53
CA PHE B 998 -12.11 -28.66 -63.35
C PHE B 998 -12.21 -27.98 -64.71
N ILE B 999 -12.09 -26.65 -64.68
CA ILE B 999 -12.11 -25.91 -65.93
C ILE B 999 -10.81 -26.11 -66.67
N ASN B 1000 -9.71 -26.38 -65.97
CA ASN B 1000 -8.38 -26.34 -66.56
C ASN B 1000 -7.78 -27.72 -66.76
N LEU B 1001 -8.61 -28.76 -66.85
CA LEU B 1001 -8.10 -30.05 -67.28
C LEU B 1001 -8.30 -30.22 -68.78
N TRP B 1002 -9.56 -30.18 -69.23
CA TRP B 1002 -9.85 -30.35 -70.64
C TRP B 1002 -9.36 -29.17 -71.46
N THR B 1003 -9.35 -27.98 -70.90
CA THR B 1003 -8.75 -26.84 -71.59
C THR B 1003 -7.30 -26.65 -71.18
N ASP B 1004 -6.52 -27.74 -71.14
CA ASP B 1004 -5.07 -27.62 -71.14
C ASP B 1004 -4.48 -28.49 -72.25
N ASN B 1005 -4.90 -29.75 -72.28
CA ASN B 1005 -4.27 -30.80 -73.05
C ASN B 1005 -5.37 -31.65 -73.65
N HIS B 1006 -5.02 -32.86 -74.07
CA HIS B 1006 -6.01 -33.90 -74.33
C HIS B 1006 -5.79 -35.01 -73.31
N PHE B 1007 -6.63 -35.02 -72.27
CA PHE B 1007 -6.67 -36.10 -71.31
C PHE B 1007 -7.70 -37.13 -71.75
N ASP B 1008 -8.08 -38.05 -70.87
CA ASP B 1008 -9.24 -38.88 -71.11
C ASP B 1008 -10.53 -38.15 -70.79
N ILE B 1009 -10.46 -37.10 -69.97
CA ILE B 1009 -11.64 -36.38 -69.54
C ILE B 1009 -12.09 -35.34 -70.56
N ALA B 1010 -11.17 -34.84 -71.40
CA ALA B 1010 -11.49 -33.79 -72.36
C ALA B 1010 -12.66 -34.15 -73.25
N GLU B 1011 -12.81 -35.43 -73.60
CA GLU B 1011 -13.95 -35.84 -74.39
C GLU B 1011 -15.25 -35.71 -73.62
N MET B 1012 -15.23 -36.03 -72.32
CA MET B 1012 -16.44 -35.91 -71.52
C MET B 1012 -16.89 -34.46 -71.45
N ALA B 1013 -15.96 -33.55 -71.18
CA ALA B 1013 -16.32 -32.16 -71.10
C ALA B 1013 -16.76 -31.63 -72.46
N GLY B 1014 -16.16 -32.11 -73.54
CA GLY B 1014 -16.68 -31.73 -74.84
C GLY B 1014 -18.13 -32.13 -75.02
N ASP B 1015 -18.42 -33.40 -74.78
CA ASP B 1015 -19.80 -33.89 -74.92
C ASP B 1015 -20.75 -33.06 -74.08
N LEU B 1016 -20.35 -32.73 -72.85
CA LEU B 1016 -21.26 -32.04 -71.96
C LEU B 1016 -21.44 -30.58 -72.37
N TYR B 1017 -20.36 -29.89 -72.75
CA TYR B 1017 -20.48 -28.55 -73.30
C TYR B 1017 -21.43 -28.53 -74.49
N HIS B 1018 -21.27 -29.47 -75.40
CA HIS B 1018 -22.13 -29.54 -76.57
C HIS B 1018 -23.59 -29.79 -76.19
N TYR B 1019 -23.85 -30.74 -75.30
CA TYR B 1019 -25.24 -31.02 -74.91
C TYR B 1019 -25.87 -29.83 -74.23
N LEU B 1020 -25.12 -29.14 -73.38
CA LEU B 1020 -25.70 -28.02 -72.65
C LEU B 1020 -25.96 -26.83 -73.56
N VAL B 1021 -25.00 -26.51 -74.43
CA VAL B 1021 -25.12 -25.32 -75.24
C VAL B 1021 -26.09 -25.54 -76.40
N LYS B 1022 -25.79 -26.53 -77.25
CA LYS B 1022 -26.58 -26.68 -78.47
C LYS B 1022 -27.94 -27.30 -78.22
N GLN B 1023 -28.07 -28.16 -77.22
CA GLN B 1023 -29.26 -28.97 -77.06
C GLN B 1023 -30.10 -28.58 -75.84
N SER B 1024 -29.48 -28.43 -74.68
CA SER B 1024 -30.25 -28.14 -73.47
C SER B 1024 -30.84 -26.75 -73.52
N LEU B 1025 -30.11 -25.79 -74.07
CA LEU B 1025 -30.51 -24.38 -73.94
C LEU B 1025 -31.67 -23.99 -74.84
N PRO B 1026 -31.67 -24.28 -76.14
CA PRO B 1026 -32.80 -23.85 -76.98
C PRO B 1026 -34.04 -24.70 -76.82
N ASN B 1027 -33.94 -25.88 -76.23
CA ASN B 1027 -35.08 -26.75 -76.01
C ASN B 1027 -36.03 -26.22 -74.96
N ASN B 1028 -35.77 -25.02 -74.45
CA ASN B 1028 -36.49 -24.45 -73.31
C ASN B 1028 -36.49 -25.41 -72.13
N SER B 1029 -35.29 -25.85 -71.76
CA SER B 1029 -35.09 -26.73 -70.61
C SER B 1029 -34.28 -26.09 -69.50
N MET B 1030 -33.26 -25.30 -69.83
CA MET B 1030 -32.53 -24.58 -68.79
C MET B 1030 -33.44 -23.56 -68.11
N SER B 1031 -33.38 -23.51 -66.79
CA SER B 1031 -34.18 -22.57 -66.02
C SER B 1031 -33.41 -21.28 -65.83
N ALA B 1032 -33.90 -20.40 -64.96
CA ALA B 1032 -33.23 -19.12 -64.75
C ALA B 1032 -31.89 -19.32 -64.05
N ALA B 1033 -31.87 -20.12 -62.99
CA ALA B 1033 -30.62 -20.34 -62.27
C ALA B 1033 -29.66 -21.21 -63.07
N ALA B 1034 -30.17 -22.11 -63.90
CA ALA B 1034 -29.28 -22.87 -64.77
C ALA B 1034 -28.61 -21.94 -65.77
N GLN B 1035 -29.38 -21.05 -66.38
CA GLN B 1035 -28.80 -20.11 -67.33
C GLN B 1035 -27.79 -19.21 -66.65
N ILE B 1036 -28.03 -18.85 -65.39
CA ILE B 1036 -27.06 -18.05 -64.65
C ILE B 1036 -25.76 -18.82 -64.44
N ARG B 1037 -25.87 -20.08 -64.03
CA ARG B 1037 -24.67 -20.87 -63.80
C ARG B 1037 -23.91 -21.12 -65.09
N LEU B 1038 -24.62 -21.24 -66.21
CA LEU B 1038 -23.94 -21.43 -67.49
C LEU B 1038 -23.29 -20.14 -67.95
N ALA B 1039 -23.92 -19.00 -67.67
CA ALA B 1039 -23.27 -17.73 -67.96
C ALA B 1039 -21.98 -17.59 -67.19
N SER B 1040 -21.97 -18.01 -65.92
CA SER B 1040 -20.73 -17.95 -65.16
C SER B 1040 -19.69 -18.91 -65.71
N LEU B 1041 -20.11 -20.10 -66.11
CA LEU B 1041 -19.18 -21.03 -66.76
C LEU B 1041 -18.53 -20.40 -67.98
N LEU B 1042 -19.33 -19.80 -68.85
CA LEU B 1042 -18.77 -19.20 -70.07
C LEU B 1042 -17.84 -18.04 -69.75
N LEU B 1043 -18.32 -17.08 -68.94
CA LEU B 1043 -17.51 -15.93 -68.57
C LEU B 1043 -16.19 -16.37 -67.95
N HIS B 1044 -16.17 -17.53 -67.32
CA HIS B 1044 -14.90 -18.02 -66.81
C HIS B 1044 -14.11 -18.74 -67.89
N LEU B 1045 -14.79 -19.37 -68.82
CA LEU B 1045 -14.11 -20.08 -69.89
C LEU B 1045 -13.27 -19.12 -70.72
N LEU B 1046 -13.81 -17.94 -71.00
CA LEU B 1046 -13.11 -16.97 -71.84
C LEU B 1046 -11.79 -16.56 -71.23
N GLU B 1047 -11.65 -16.67 -69.91
CA GLU B 1047 -10.40 -16.33 -69.25
C GLU B 1047 -9.38 -17.45 -69.31
N VAL B 1048 -9.69 -18.57 -69.96
CA VAL B 1048 -8.78 -19.71 -69.99
C VAL B 1048 -8.51 -20.11 -71.43
N LYS B 1049 -9.57 -20.29 -72.22
CA LYS B 1049 -9.42 -20.72 -73.61
C LYS B 1049 -9.88 -19.66 -74.60
N SER B 1050 -11.06 -19.09 -74.38
CA SER B 1050 -11.62 -17.99 -75.17
C SER B 1050 -11.90 -18.41 -76.59
N GLU B 1051 -11.59 -19.64 -76.97
CA GLU B 1051 -11.91 -20.15 -78.29
C GLU B 1051 -12.30 -21.62 -78.24
N TYR B 1052 -12.46 -22.20 -77.05
CA TYR B 1052 -12.69 -23.63 -76.93
C TYR B 1052 -13.91 -24.07 -77.74
N ALA B 1053 -14.97 -23.28 -77.70
CA ALA B 1053 -16.20 -23.68 -78.38
C ALA B 1053 -16.05 -23.76 -79.88
N SER B 1054 -14.95 -23.28 -80.45
CA SER B 1054 -14.70 -23.49 -81.87
C SER B 1054 -13.86 -24.74 -82.11
N ASN B 1055 -12.74 -24.86 -81.41
CA ASN B 1055 -11.89 -26.04 -81.53
C ASN B 1055 -12.65 -27.32 -81.26
N LEU B 1056 -13.84 -27.22 -80.69
CA LEU B 1056 -14.76 -28.35 -80.58
C LEU B 1056 -15.79 -28.36 -81.70
N GLY B 1057 -16.00 -27.24 -82.39
CA GLY B 1057 -16.97 -27.21 -83.46
C GLY B 1057 -18.33 -26.65 -83.07
N LEU B 1058 -18.34 -25.46 -82.50
CA LEU B 1058 -19.58 -24.76 -82.15
C LEU B 1058 -19.34 -23.28 -82.33
N PRO B 1059 -20.39 -22.47 -82.29
CA PRO B 1059 -20.19 -21.03 -82.21
C PRO B 1059 -19.40 -20.66 -80.97
N SER B 1060 -18.69 -19.54 -81.06
CA SER B 1060 -17.83 -19.07 -79.98
C SER B 1060 -18.63 -18.89 -78.69
N SER B 1061 -17.91 -18.92 -77.57
CA SER B 1061 -18.55 -18.81 -76.26
C SER B 1061 -19.23 -17.46 -76.09
N GLN B 1062 -18.55 -16.38 -76.49
CA GLN B 1062 -19.15 -15.04 -76.36
C GLN B 1062 -20.44 -14.94 -77.14
N SER B 1063 -20.51 -15.61 -78.29
CA SER B 1063 -21.74 -15.65 -79.07
C SER B 1063 -22.86 -16.26 -78.25
N THR B 1064 -22.58 -17.40 -77.61
CA THR B 1064 -23.58 -18.03 -76.75
C THR B 1064 -23.98 -17.11 -75.62
N LEU B 1065 -23.01 -16.44 -75.01
CA LEU B 1065 -23.28 -15.59 -73.87
C LEU B 1065 -24.25 -14.46 -74.24
N LEU B 1066 -23.99 -13.78 -75.36
CA LEU B 1066 -24.86 -12.68 -75.70
C LEU B 1066 -26.20 -13.16 -76.27
N LYS B 1067 -26.21 -14.28 -77.00
CA LYS B 1067 -27.48 -14.88 -77.37
C LYS B 1067 -28.32 -15.17 -76.14
N ILE B 1068 -27.69 -15.60 -75.06
CA ILE B 1068 -28.38 -15.78 -73.78
C ILE B 1068 -28.86 -14.43 -73.24
N LEU B 1069 -28.03 -13.40 -73.34
CA LEU B 1069 -28.41 -12.10 -72.78
C LEU B 1069 -29.67 -11.56 -73.47
N GLN B 1070 -29.80 -11.77 -74.77
CA GLN B 1070 -30.95 -11.24 -75.47
C GLN B 1070 -32.24 -11.91 -75.01
N ASP B 1071 -32.25 -13.23 -74.96
CA ASP B 1071 -33.41 -14.01 -74.59
C ASP B 1071 -33.12 -14.74 -73.28
N GLY B 1072 -33.75 -14.29 -72.20
CA GLY B 1072 -33.57 -14.90 -70.90
C GLY B 1072 -34.42 -14.20 -69.88
N PRO B 1073 -34.94 -14.93 -68.91
CA PRO B 1073 -35.78 -14.30 -67.88
C PRO B 1073 -35.01 -13.22 -67.17
N MET B 1074 -35.71 -12.13 -66.83
CA MET B 1074 -35.06 -10.92 -66.36
C MET B 1074 -34.09 -11.17 -65.22
N LYS B 1075 -34.22 -12.28 -64.50
CA LYS B 1075 -33.23 -12.60 -63.48
C LYS B 1075 -31.87 -12.87 -64.11
N LEU B 1076 -31.86 -13.65 -65.19
CA LEU B 1076 -30.62 -13.90 -65.92
C LEU B 1076 -30.07 -12.63 -66.56
N LYS B 1077 -30.95 -11.83 -67.16
CA LYS B 1077 -30.53 -10.57 -67.74
C LYS B 1077 -29.90 -9.68 -66.68
N HIS B 1078 -30.49 -9.62 -65.49
CA HIS B 1078 -29.92 -8.81 -64.44
C HIS B 1078 -28.56 -9.32 -64.04
N TYR B 1079 -28.43 -10.63 -63.84
CA TYR B 1079 -27.14 -11.19 -63.46
C TYR B 1079 -26.07 -10.84 -64.48
N ILE B 1080 -26.36 -11.11 -65.76
CA ILE B 1080 -25.34 -10.88 -66.79
C ILE B 1080 -25.01 -9.41 -66.91
N GLY B 1081 -26.03 -8.54 -67.01
CA GLY B 1081 -25.78 -7.12 -67.04
C GLY B 1081 -24.96 -6.66 -65.85
N LEU B 1082 -25.07 -7.35 -64.73
CA LEU B 1082 -24.25 -7.00 -63.59
C LEU B 1082 -22.82 -7.51 -63.74
N GLU B 1083 -22.63 -8.67 -64.38
CA GLU B 1083 -21.28 -9.22 -64.56
C GLU B 1083 -20.84 -9.23 -66.01
N ILE B 1084 -21.44 -8.38 -66.85
CA ILE B 1084 -20.94 -8.12 -68.19
C ILE B 1084 -19.76 -7.15 -68.18
N PRO B 1085 -19.70 -6.11 -67.29
CA PRO B 1085 -18.59 -5.17 -67.41
C PRO B 1085 -17.25 -5.79 -67.07
N LYS B 1086 -17.25 -7.09 -66.78
CA LYS B 1086 -16.02 -7.87 -66.70
C LYS B 1086 -15.67 -8.52 -68.02
N LEU B 1087 -16.60 -8.56 -68.98
CA LEU B 1087 -16.27 -9.08 -70.30
C LEU B 1087 -15.26 -8.20 -71.03
N PHE B 1088 -15.18 -6.94 -70.67
CA PHE B 1088 -14.24 -6.02 -71.28
C PHE B 1088 -12.87 -6.06 -70.62
N GLY B 1089 -12.64 -6.98 -69.70
CA GLY B 1089 -11.33 -7.11 -69.09
C GLY B 1089 -10.41 -8.09 -69.79
N LEU B 1090 -10.91 -8.79 -70.79
CA LEU B 1090 -10.12 -9.80 -71.48
C LEU B 1090 -9.69 -9.34 -72.86
N TYR B 1091 -9.67 -8.03 -73.10
CA TYR B 1091 -9.51 -7.52 -74.46
C TYR B 1091 -8.62 -6.28 -74.45
N VAL B 1092 -7.78 -6.16 -75.47
CA VAL B 1092 -6.88 -5.02 -75.57
C VAL B 1092 -7.70 -3.76 -75.76
N LEU B 1093 -7.17 -2.65 -75.24
CA LEU B 1093 -7.93 -1.41 -75.13
C LEU B 1093 -8.36 -0.86 -76.49
N LYS B 1094 -7.81 -1.40 -77.56
CA LYS B 1094 -8.13 -0.88 -78.89
C LYS B 1094 -9.52 -1.32 -79.33
N THR B 1095 -10.02 -2.44 -78.83
CA THR B 1095 -11.23 -3.07 -79.36
C THR B 1095 -12.38 -3.06 -78.36
N HIS B 1096 -12.63 -1.92 -77.71
CA HIS B 1096 -13.73 -1.86 -76.75
C HIS B 1096 -14.98 -1.28 -77.38
N ASP B 1097 -14.84 -0.39 -78.34
CA ASP B 1097 -16.04 0.11 -79.01
C ASP B 1097 -16.59 -0.92 -79.98
N ASP B 1098 -15.74 -1.77 -80.53
CA ASP B 1098 -16.23 -2.88 -81.34
C ASP B 1098 -17.05 -3.85 -80.49
N ILE B 1099 -16.52 -4.23 -79.32
CA ILE B 1099 -17.27 -5.11 -78.43
C ILE B 1099 -18.54 -4.43 -77.96
N PHE B 1100 -18.47 -3.13 -77.72
CA PHE B 1100 -19.65 -2.42 -77.23
C PHE B 1100 -20.76 -2.39 -78.28
N VAL B 1101 -20.38 -2.20 -79.55
CA VAL B 1101 -21.34 -2.37 -80.64
C VAL B 1101 -21.94 -3.76 -80.60
N ASP B 1102 -21.08 -4.78 -80.48
CA ASP B 1102 -21.55 -6.16 -80.49
C ASP B 1102 -22.57 -6.41 -79.39
N VAL B 1103 -22.27 -5.94 -78.19
CA VAL B 1103 -23.16 -6.13 -77.05
C VAL B 1103 -24.47 -5.40 -77.29
N LEU B 1104 -24.39 -4.10 -77.61
CA LEU B 1104 -25.59 -3.30 -77.75
C LEU B 1104 -26.49 -3.84 -78.86
N GLU B 1105 -25.89 -4.55 -79.83
CA GLU B 1105 -26.68 -5.30 -80.80
C GLU B 1105 -27.61 -6.30 -80.13
N HIS B 1106 -27.28 -6.75 -78.92
CA HIS B 1106 -28.05 -7.77 -78.21
C HIS B 1106 -28.69 -7.25 -76.92
N LEU B 1107 -29.31 -6.09 -76.97
CA LEU B 1107 -30.04 -5.60 -75.82
C LEU B 1107 -31.53 -5.53 -76.14
N PRO B 1108 -32.40 -5.34 -75.16
CA PRO B 1108 -33.82 -5.15 -75.45
C PRO B 1108 -34.13 -3.72 -75.87
N SER B 1109 -34.97 -3.58 -76.90
CA SER B 1109 -35.32 -2.25 -77.41
C SER B 1109 -36.65 -2.33 -78.16
N ASP B 1110 -37.73 -1.90 -77.52
CA ASP B 1110 -39.03 -1.75 -78.18
C ASP B 1110 -39.92 -0.83 -77.38
N PRO B 1111 -40.55 0.16 -78.01
CA PRO B 1111 -41.20 1.24 -77.25
C PRO B 1111 -42.37 0.80 -76.40
N ASP B 1112 -43.11 -0.21 -76.84
CA ASP B 1112 -44.25 -0.69 -76.06
C ASP B 1112 -43.82 -1.39 -74.78
N VAL B 1113 -42.66 -2.02 -74.80
CA VAL B 1113 -42.11 -2.69 -73.63
C VAL B 1113 -41.23 -1.70 -72.89
N VAL B 1114 -41.62 -1.35 -71.67
CA VAL B 1114 -40.83 -0.39 -70.91
C VAL B 1114 -39.77 -1.09 -70.05
N GLU B 1115 -40.00 -2.34 -69.68
CA GLU B 1115 -38.99 -3.09 -68.92
C GLU B 1115 -37.74 -3.29 -69.74
N GLY B 1116 -37.89 -3.51 -71.05
CA GLY B 1116 -36.73 -3.65 -71.90
C GLY B 1116 -35.84 -2.42 -71.87
N LEU B 1117 -36.43 -1.25 -72.08
CA LEU B 1117 -35.65 -0.03 -72.04
C LEU B 1117 -35.07 0.21 -70.66
N ALA B 1118 -35.81 -0.15 -69.61
CA ALA B 1118 -35.26 -0.02 -68.25
C ALA B 1118 -34.01 -0.85 -68.09
N PHE B 1119 -34.03 -2.09 -68.58
CA PHE B 1119 -32.86 -2.96 -68.49
C PHE B 1119 -31.71 -2.40 -69.31
N ARG B 1120 -32.02 -1.82 -70.48
CA ARG B 1120 -30.97 -1.28 -71.34
C ARG B 1120 -30.26 -0.12 -70.66
N LEU B 1121 -31.03 0.83 -70.14
CA LEU B 1121 -30.43 1.94 -69.42
C LEU B 1121 -29.64 1.44 -68.23
N PHE B 1122 -30.13 0.39 -67.56
CA PHE B 1122 -29.39 -0.16 -66.43
C PHE B 1122 -28.01 -0.64 -66.87
N VAL B 1123 -27.95 -1.49 -67.89
CA VAL B 1123 -26.66 -2.07 -68.25
C VAL B 1123 -25.72 -1.00 -68.80
N LEU B 1124 -26.25 0.01 -69.50
CA LEU B 1124 -25.39 1.09 -69.96
C LEU B 1124 -24.82 1.87 -68.79
N ALA B 1125 -25.63 2.13 -67.77
CA ALA B 1125 -25.11 2.79 -66.58
C ALA B 1125 -24.04 1.95 -65.92
N GLU B 1126 -24.19 0.63 -65.92
CA GLU B 1126 -23.17 -0.22 -65.29
C GLU B 1126 -21.85 -0.14 -66.04
N LEU B 1127 -21.88 -0.39 -67.34
CA LEU B 1127 -20.67 -0.26 -68.16
C LEU B 1127 -19.99 1.08 -67.93
N ALA B 1128 -20.76 2.16 -67.96
CA ALA B 1128 -20.19 3.48 -67.75
C ALA B 1128 -19.54 3.60 -66.39
N CYS B 1129 -20.27 3.25 -65.34
CA CYS B 1129 -19.76 3.38 -63.97
C CYS B 1129 -18.61 2.43 -63.69
N ARG B 1130 -18.26 1.53 -64.60
CA ARG B 1130 -17.05 0.73 -64.43
C ARG B 1130 -15.94 1.11 -65.39
N TRP B 1131 -16.22 1.21 -66.68
CA TRP B 1131 -15.20 1.43 -67.69
C TRP B 1131 -15.24 2.86 -68.19
N PRO B 1132 -14.16 3.64 -68.04
CA PRO B 1132 -14.17 5.01 -68.57
C PRO B 1132 -14.06 5.06 -70.08
N THR B 1133 -13.48 4.03 -70.70
CA THR B 1133 -13.43 3.96 -72.16
C THR B 1133 -14.81 4.11 -72.77
N LEU B 1134 -15.81 3.47 -72.17
CA LEU B 1134 -17.16 3.43 -72.70
C LEU B 1134 -18.08 4.42 -72.02
N LEU B 1135 -17.54 5.54 -71.52
CA LEU B 1135 -18.40 6.54 -70.92
C LEU B 1135 -19.09 7.38 -71.98
N ARG B 1136 -18.37 7.70 -73.06
CA ARG B 1136 -18.94 8.50 -74.11
C ARG B 1136 -20.15 7.82 -74.73
N ARG B 1137 -19.99 6.57 -75.15
CA ARG B 1137 -21.11 5.87 -75.78
C ARG B 1137 -22.22 5.55 -74.79
N SER B 1138 -21.88 5.29 -73.54
CA SER B 1138 -22.92 5.08 -72.54
C SER B 1138 -23.78 6.32 -72.39
N ILE B 1139 -23.16 7.49 -72.25
CA ILE B 1139 -23.95 8.71 -72.10
C ILE B 1139 -24.71 9.01 -73.37
N TYR B 1140 -24.09 8.80 -74.53
CA TYR B 1140 -24.78 9.07 -75.78
C TYR B 1140 -26.02 8.20 -75.94
N HIS B 1141 -25.88 6.88 -75.76
CA HIS B 1141 -27.03 6.01 -75.89
C HIS B 1141 -28.00 6.14 -74.74
N THR B 1142 -27.57 6.68 -73.61
CA THR B 1142 -28.50 6.97 -72.53
C THR B 1142 -29.39 8.14 -72.89
N PHE B 1143 -28.82 9.17 -73.52
CA PHE B 1143 -29.60 10.30 -73.98
C PHE B 1143 -30.35 10.03 -75.27
N GLU B 1144 -29.97 8.98 -76.01
CA GLU B 1144 -30.56 8.73 -77.32
C GLU B 1144 -32.02 8.30 -77.23
N ILE B 1145 -32.30 7.23 -76.51
CA ILE B 1145 -33.62 6.58 -76.54
C ILE B 1145 -34.73 7.46 -75.99
N PRO B 1146 -34.55 8.12 -74.84
CA PRO B 1146 -35.68 8.95 -74.38
C PRO B 1146 -35.98 10.13 -75.29
N THR B 1160 -45.06 7.93 -70.24
CA THR B 1160 -43.66 7.57 -70.48
C THR B 1160 -42.88 7.44 -69.18
N HIS B 1161 -42.13 6.34 -69.08
CA HIS B 1161 -41.23 6.12 -67.96
C HIS B 1161 -39.78 6.36 -68.33
N SER B 1162 -39.43 6.29 -69.61
CA SER B 1162 -38.04 6.30 -70.03
C SER B 1162 -37.32 7.57 -69.57
N ALA B 1163 -38.06 8.67 -69.44
CA ALA B 1163 -37.47 9.88 -68.90
C ALA B 1163 -36.93 9.65 -67.49
N LEU B 1164 -37.74 9.07 -66.62
CA LEU B 1164 -37.33 8.89 -65.24
C LEU B 1164 -36.20 7.88 -65.12
N TYR B 1165 -36.26 6.81 -65.89
CA TYR B 1165 -35.21 5.80 -65.83
C TYR B 1165 -33.88 6.37 -66.28
N ALA B 1166 -33.88 7.13 -67.38
CA ALA B 1166 -32.64 7.76 -67.81
C ALA B 1166 -32.15 8.79 -66.81
N ALA B 1167 -33.07 9.47 -66.12
CA ALA B 1167 -32.66 10.43 -65.10
C ALA B 1167 -31.92 9.75 -63.97
N SER B 1168 -32.50 8.65 -63.46
CA SER B 1168 -31.87 7.92 -62.38
C SER B 1168 -30.53 7.32 -62.81
N CYS B 1169 -30.45 6.85 -64.06
CA CYS B 1169 -29.20 6.29 -64.54
C CYS B 1169 -28.10 7.33 -64.65
N ILE B 1170 -28.42 8.52 -65.16
CA ILE B 1170 -27.42 9.58 -65.22
C ILE B 1170 -27.03 10.05 -63.83
N LYS B 1171 -27.99 10.10 -62.90
CA LYS B 1171 -27.65 10.45 -61.53
C LYS B 1171 -26.67 9.46 -60.93
N ARG B 1172 -26.87 8.17 -61.22
CA ARG B 1172 -25.94 7.17 -60.70
C ARG B 1172 -24.59 7.24 -61.39
N ILE B 1173 -24.58 7.48 -62.70
CA ILE B 1173 -23.31 7.61 -63.41
C ILE B 1173 -22.49 8.73 -62.79
N ALA B 1174 -23.03 9.95 -62.76
CA ALA B 1174 -22.25 11.05 -62.23
C ALA B 1174 -22.09 10.98 -60.72
N GLN B 1175 -22.88 10.16 -60.05
CA GLN B 1175 -22.76 10.07 -58.60
C GLN B 1175 -21.59 9.19 -58.19
N THR B 1176 -21.41 8.07 -58.88
CA THR B 1176 -20.34 7.12 -58.57
C THR B 1176 -19.14 7.30 -59.49
N LEU B 1177 -18.85 8.53 -59.89
CA LEU B 1177 -17.68 8.83 -60.69
C LEU B 1177 -16.91 10.04 -60.17
N LYS B 1178 -17.07 10.39 -58.89
CA LYS B 1178 -16.40 11.54 -58.29
C LYS B 1178 -16.83 12.84 -58.96
N LEU B 1179 -18.06 12.87 -59.48
CA LEU B 1179 -18.62 14.06 -60.08
C LEU B 1179 -19.61 14.71 -59.14
N SER B 1180 -19.80 16.01 -59.30
CA SER B 1180 -20.71 16.74 -58.42
C SER B 1180 -22.13 16.22 -58.54
N GLY B 1181 -22.74 16.37 -59.71
CA GLY B 1181 -24.10 15.93 -59.93
C GLY B 1181 -24.36 15.68 -61.39
N PRO B 1182 -25.62 15.42 -61.73
CA PRO B 1182 -25.96 15.12 -63.13
C PRO B 1182 -25.74 16.29 -64.08
N GLN B 1183 -25.89 17.52 -63.63
CA GLN B 1183 -25.66 18.65 -64.51
C GLN B 1183 -24.18 18.79 -64.86
N GLU B 1184 -23.30 18.44 -63.94
CA GLU B 1184 -21.86 18.43 -64.20
C GLU B 1184 -21.44 17.29 -65.10
N LEU B 1185 -22.36 16.42 -65.46
CA LEU B 1185 -22.15 15.42 -66.50
C LEU B 1185 -22.65 15.89 -67.85
N PHE B 1186 -23.63 16.79 -67.86
CA PHE B 1186 -24.01 17.49 -69.07
C PHE B 1186 -22.97 18.53 -69.46
N LYS B 1187 -22.28 19.12 -68.50
CA LYS B 1187 -21.25 20.10 -68.81
C LYS B 1187 -20.09 19.50 -69.58
N LEU B 1188 -19.90 18.20 -69.52
CA LEU B 1188 -18.78 17.56 -70.21
C LEU B 1188 -19.16 17.08 -71.60
N PHE B 1189 -20.44 16.84 -71.85
CA PHE B 1189 -20.88 16.20 -73.07
C PHE B 1189 -21.84 17.05 -73.88
N ALA B 1190 -22.20 18.24 -73.43
CA ALA B 1190 -23.10 19.10 -74.19
C ALA B 1190 -22.71 19.27 -75.65
N PRO B 1191 -21.43 19.40 -76.03
CA PRO B 1191 -21.11 19.48 -77.45
C PRO B 1191 -21.73 18.36 -78.28
N GLN B 1192 -21.44 17.11 -77.93
CA GLN B 1192 -21.84 16.02 -78.81
C GLN B 1192 -23.34 15.81 -78.78
N LEU B 1193 -23.94 15.84 -77.60
CA LEU B 1193 -25.39 15.70 -77.50
C LEU B 1193 -26.09 16.77 -78.31
N LEU B 1194 -25.71 18.02 -78.11
CA LEU B 1194 -26.37 19.11 -78.80
C LEU B 1194 -26.15 19.05 -80.30
N TYR B 1195 -24.94 18.71 -80.75
CA TYR B 1195 -24.71 18.59 -82.18
C TYR B 1195 -25.60 17.52 -82.78
N THR B 1196 -25.47 16.29 -82.28
CA THR B 1196 -26.20 15.17 -82.86
C THR B 1196 -27.70 15.36 -82.75
N TRP B 1197 -28.16 16.11 -81.75
CA TRP B 1197 -29.59 16.25 -81.57
C TRP B 1197 -30.18 17.42 -82.36
N LEU B 1198 -29.57 18.60 -82.25
CA LEU B 1198 -30.00 19.77 -83.01
C LEU B 1198 -29.73 19.64 -84.49
N ASP B 1199 -29.04 18.59 -84.95
CA ASP B 1199 -28.97 18.33 -86.38
C ASP B 1199 -30.37 18.40 -87.01
N ASN B 1200 -31.25 17.49 -86.61
CA ASN B 1200 -32.63 17.52 -87.07
C ASN B 1200 -33.53 17.46 -85.84
N ASP B 1201 -33.71 18.62 -85.22
CA ASP B 1201 -34.65 18.88 -84.13
C ASP B 1201 -34.54 20.34 -83.73
N SER B 1202 -35.26 20.76 -82.72
CA SER B 1202 -35.14 22.12 -82.22
C SER B 1202 -34.90 22.08 -80.71
N ILE B 1203 -34.10 23.03 -80.22
CA ILE B 1203 -33.70 23.04 -78.82
C ILE B 1203 -34.89 23.07 -77.89
N GLN B 1204 -35.99 23.69 -78.30
CA GLN B 1204 -37.10 23.94 -77.40
C GLN B 1204 -37.81 22.67 -76.96
N ASP B 1205 -37.57 21.54 -77.62
CA ASP B 1205 -38.24 20.30 -77.23
C ASP B 1205 -37.22 19.25 -76.81
N ILE B 1206 -36.27 19.63 -75.98
CA ILE B 1206 -35.23 18.74 -75.51
C ILE B 1206 -35.62 18.25 -74.12
N ALA B 1207 -35.01 17.15 -73.72
CA ALA B 1207 -35.35 16.47 -72.46
C ALA B 1207 -34.56 17.11 -71.33
N TYR B 1208 -35.17 18.08 -70.69
CA TYR B 1208 -34.59 18.70 -69.51
C TYR B 1208 -34.79 17.86 -68.26
N GLU B 1209 -35.29 16.64 -68.40
CA GLU B 1209 -35.51 15.76 -67.27
C GLU B 1209 -34.36 14.81 -67.03
N ILE B 1210 -33.71 14.33 -68.08
CA ILE B 1210 -32.34 13.86 -67.96
C ILE B 1210 -31.48 15.07 -67.64
N PHE B 1211 -30.33 14.83 -67.01
CA PHE B 1211 -29.48 15.92 -66.55
C PHE B 1211 -30.29 16.89 -65.70
N GLY B 1212 -30.78 16.39 -64.57
CA GLY B 1212 -31.79 17.08 -63.78
C GLY B 1212 -31.64 18.58 -63.70
N PHE B 1213 -32.63 19.30 -64.27
CA PHE B 1213 -32.53 20.74 -64.43
C PHE B 1213 -33.76 21.47 -63.90
N SER B 1214 -34.90 20.78 -63.89
CA SER B 1214 -36.18 21.33 -63.44
C SER B 1214 -36.67 22.48 -64.30
N SER B 1215 -36.04 22.72 -65.45
CA SER B 1215 -36.49 23.78 -66.34
C SER B 1215 -35.84 23.60 -67.69
N LEU B 1216 -36.39 24.29 -68.68
CA LEU B 1216 -35.67 24.48 -69.93
C LEU B 1216 -34.91 25.78 -69.92
N LEU B 1217 -35.40 26.77 -69.19
CA LEU B 1217 -34.67 28.02 -69.02
C LEU B 1217 -33.55 27.88 -68.01
N ASP B 1218 -33.47 26.72 -67.34
CA ASP B 1218 -32.28 26.40 -66.56
C ASP B 1218 -31.26 25.68 -67.42
N LEU B 1219 -31.72 24.75 -68.27
CA LEU B 1219 -30.84 24.08 -69.20
C LEU B 1219 -30.24 25.05 -70.21
N LEU B 1220 -30.91 26.17 -70.47
CA LEU B 1220 -30.41 27.12 -71.45
C LEU B 1220 -29.39 28.08 -70.87
N ARG B 1221 -29.52 28.45 -69.60
CA ARG B 1221 -28.55 29.36 -68.98
C ARG B 1221 -27.17 28.74 -68.90
N GLU B 1222 -27.02 27.51 -69.38
CA GLU B 1222 -25.72 26.87 -69.53
C GLU B 1222 -25.42 26.47 -70.97
N ALA B 1223 -26.43 26.20 -71.78
CA ALA B 1223 -26.26 25.73 -73.14
C ALA B 1223 -26.44 26.84 -74.17
N GLN B 1224 -26.18 28.09 -73.79
CA GLN B 1224 -26.24 29.17 -74.77
C GLN B 1224 -25.16 28.98 -75.82
N THR B 1225 -23.93 28.75 -75.39
CA THR B 1225 -22.78 28.87 -76.29
C THR B 1225 -22.75 27.74 -77.31
N GLU B 1226 -22.80 26.50 -76.85
CA GLU B 1226 -22.77 25.36 -77.76
C GLU B 1226 -23.95 25.40 -78.73
N ALA B 1227 -25.16 25.58 -78.19
CA ALA B 1227 -26.35 25.58 -79.04
C ALA B 1227 -26.28 26.70 -80.07
N ALA B 1228 -25.96 27.92 -79.62
CA ALA B 1228 -25.92 29.04 -80.55
C ALA B 1228 -24.87 28.84 -81.62
N ALA B 1229 -23.69 28.33 -81.23
CA ALA B 1229 -22.64 28.16 -82.21
C ALA B 1229 -23.00 27.07 -83.21
N ILE B 1230 -23.69 26.02 -82.77
CA ILE B 1230 -24.05 24.95 -83.69
C ILE B 1230 -25.14 25.39 -84.65
N MET B 1231 -26.16 26.07 -84.13
CA MET B 1231 -27.19 26.65 -84.99
C MET B 1231 -26.57 27.54 -86.04
N MET B 1232 -25.70 28.46 -85.63
CA MET B 1232 -25.06 29.31 -86.63
C MET B 1232 -24.03 28.56 -87.47
N MET B 1233 -23.66 27.35 -87.09
CA MET B 1233 -22.81 26.54 -87.96
C MET B 1233 -23.60 25.96 -89.12
N ARG B 1234 -24.79 25.43 -88.85
CA ARG B 1234 -25.61 24.90 -89.94
C ARG B 1234 -26.55 25.97 -90.50
N GLY B 1235 -27.40 26.50 -89.64
CA GLY B 1235 -28.17 27.70 -89.90
C GLY B 1235 -29.61 27.53 -89.48
N GLN B 1236 -30.01 28.28 -88.47
CA GLN B 1236 -31.38 28.27 -87.96
C GLN B 1236 -31.75 29.66 -87.45
N GLU B 1237 -31.41 30.70 -88.23
CA GLU B 1237 -31.54 32.08 -87.78
C GLU B 1237 -32.77 32.35 -86.92
N GLN B 1238 -33.93 31.84 -87.37
CA GLN B 1238 -35.13 31.99 -86.57
C GLN B 1238 -35.05 31.20 -85.26
N GLU B 1239 -34.30 30.11 -85.24
CA GLU B 1239 -34.17 29.38 -83.99
C GLU B 1239 -33.20 30.07 -83.03
N VAL B 1240 -32.17 30.72 -83.56
CA VAL B 1240 -31.32 31.54 -82.70
C VAL B 1240 -32.13 32.68 -82.12
N CYS B 1241 -33.00 33.28 -82.94
CA CYS B 1241 -33.88 34.33 -82.44
C CYS B 1241 -34.86 33.80 -81.40
N GLN B 1242 -35.31 32.56 -81.56
CA GLN B 1242 -36.21 31.97 -80.58
C GLN B 1242 -35.51 31.69 -79.26
N LEU B 1243 -34.28 31.15 -79.34
CA LEU B 1243 -33.45 31.01 -78.16
C LEU B 1243 -33.29 32.34 -77.45
N ALA B 1244 -32.99 33.39 -78.21
CA ALA B 1244 -32.74 34.70 -77.64
C ALA B 1244 -33.98 35.24 -76.96
N GLN B 1245 -35.13 35.17 -77.65
CA GLN B 1245 -36.41 35.56 -77.04
C GLN B 1245 -36.63 34.84 -75.72
N SER B 1246 -36.54 33.51 -75.74
CA SER B 1246 -36.79 32.73 -74.53
C SER B 1246 -35.87 33.17 -73.40
N LEU B 1247 -34.59 33.37 -73.70
CA LEU B 1247 -33.66 33.80 -72.65
C LEU B 1247 -34.12 35.13 -72.04
N GLY B 1248 -34.17 36.18 -72.85
CA GLY B 1248 -34.46 37.52 -72.37
C GLY B 1248 -33.57 38.52 -73.09
N LEU B 1249 -32.46 38.01 -73.59
CA LEU B 1249 -31.48 38.82 -74.31
C LEU B 1249 -31.79 38.78 -75.80
N THR B 1250 -31.75 39.93 -76.45
CA THR B 1250 -31.95 39.98 -77.88
C THR B 1250 -30.84 39.20 -78.58
N PRO B 1251 -31.08 38.75 -79.82
CA PRO B 1251 -30.06 37.95 -80.51
C PRO B 1251 -28.70 38.62 -80.59
N GLU B 1252 -28.64 39.95 -80.56
CA GLU B 1252 -27.38 40.63 -80.84
C GLU B 1252 -26.42 40.51 -79.66
N LYS B 1253 -26.88 40.85 -78.45
CA LYS B 1253 -25.98 40.69 -77.31
C LYS B 1253 -25.73 39.23 -77.01
N LEU B 1254 -26.64 38.34 -77.40
CA LEU B 1254 -26.38 36.91 -77.30
C LEU B 1254 -25.18 36.54 -78.15
N VAL B 1255 -25.25 36.84 -79.45
CA VAL B 1255 -24.11 36.60 -80.32
C VAL B 1255 -22.86 37.29 -79.79
N GLN B 1256 -23.03 38.39 -79.07
CA GLN B 1256 -21.90 39.03 -78.43
C GLN B 1256 -21.39 38.24 -77.22
N GLN B 1257 -22.23 37.40 -76.62
CA GLN B 1257 -21.77 36.57 -75.51
C GLN B 1257 -20.95 35.38 -75.99
N SER B 1258 -21.40 34.72 -77.06
CA SER B 1258 -20.78 33.50 -77.55
C SER B 1258 -20.16 33.70 -78.92
N PHE B 1259 -19.45 34.81 -79.09
CA PHE B 1259 -18.82 35.11 -80.37
C PHE B 1259 -17.67 34.15 -80.65
N THR B 1260 -16.93 33.73 -79.62
CA THR B 1260 -15.73 32.94 -79.83
C THR B 1260 -16.05 31.59 -80.45
N LYS B 1261 -16.90 30.81 -79.78
CA LYS B 1261 -17.26 29.49 -80.31
C LYS B 1261 -17.94 29.61 -81.66
N ILE B 1262 -18.76 30.65 -81.85
CA ILE B 1262 -19.41 30.84 -83.15
C ILE B 1262 -18.36 30.95 -84.24
N ILE B 1263 -17.35 31.79 -84.04
CA ILE B 1263 -16.36 31.96 -85.09
C ILE B 1263 -15.54 30.69 -85.25
N ALA B 1264 -15.24 30.01 -84.15
CA ALA B 1264 -14.45 28.79 -84.25
C ALA B 1264 -15.14 27.77 -85.15
N TYR B 1265 -16.41 27.50 -84.86
CA TYR B 1265 -17.13 26.53 -85.68
C TYR B 1265 -17.31 27.03 -87.09
N SER B 1266 -17.79 28.27 -87.26
CA SER B 1266 -18.07 28.78 -88.60
C SER B 1266 -16.83 28.72 -89.50
N ILE B 1267 -15.68 29.18 -89.00
CA ILE B 1267 -14.47 29.04 -89.79
C ILE B 1267 -14.17 27.58 -90.03
N ALA B 1268 -14.42 26.72 -89.04
CA ALA B 1268 -14.19 25.31 -89.26
C ALA B 1268 -15.11 24.74 -90.31
N HIS B 1269 -16.35 25.22 -90.39
CA HIS B 1269 -17.35 24.67 -91.29
C HIS B 1269 -17.39 25.41 -92.63
N ASP B 1270 -16.25 25.91 -93.09
CA ASP B 1270 -16.18 26.63 -94.35
C ASP B 1270 -14.76 26.61 -94.89
N GLY B 1282 -19.90 31.61 -93.29
CA GLY B 1282 -21.05 32.06 -92.54
C GLY B 1282 -20.73 33.24 -91.63
N GLU B 1283 -19.46 33.65 -91.61
CA GLU B 1283 -19.07 34.82 -90.84
C GLU B 1283 -19.75 36.07 -91.37
N SER B 1284 -19.98 36.12 -92.68
CA SER B 1284 -20.74 37.23 -93.24
C SER B 1284 -22.08 37.37 -92.54
N ARG B 1285 -22.72 36.25 -92.21
CA ARG B 1285 -23.96 36.31 -91.44
C ARG B 1285 -23.74 36.87 -90.04
N MET B 1286 -22.49 36.84 -89.55
CA MET B 1286 -22.20 37.52 -88.29
C MET B 1286 -21.99 39.00 -88.52
N ARG B 1287 -21.43 39.37 -89.67
CA ARG B 1287 -21.27 40.78 -89.98
C ARG B 1287 -22.62 41.46 -90.14
N LYS B 1288 -23.61 40.73 -90.66
CA LYS B 1288 -24.92 41.30 -90.93
C LYS B 1288 -25.77 41.48 -89.67
N ILE B 1289 -25.30 41.05 -88.50
CA ILE B 1289 -26.02 41.23 -87.25
C ILE B 1289 -25.27 42.15 -86.30
N LEU B 1290 -23.93 42.10 -86.29
CA LEU B 1290 -23.17 43.04 -85.48
C LEU B 1290 -22.80 44.29 -86.27
N GLY B 1291 -22.04 44.13 -87.35
CA GLY B 1291 -21.57 45.26 -88.11
C GLY B 1291 -20.27 44.91 -88.81
N LYS B 1292 -19.64 45.94 -89.35
CA LYS B 1292 -18.37 45.82 -90.05
C LYS B 1292 -17.26 46.58 -89.37
N GLU B 1293 -17.55 47.24 -88.25
CA GLU B 1293 -16.55 47.82 -87.38
C GLU B 1293 -16.69 47.36 -85.94
N GLU B 1294 -17.69 46.52 -85.66
CA GLU B 1294 -17.79 45.92 -84.33
C GLU B 1294 -17.32 44.47 -84.36
N TYR B 1295 -17.72 43.73 -85.39
CA TYR B 1295 -17.29 42.35 -85.54
C TYR B 1295 -15.78 42.23 -85.50
N LEU B 1296 -15.07 43.17 -86.13
CA LEU B 1296 -13.62 43.14 -86.12
C LEU B 1296 -13.06 43.47 -84.74
N ALA B 1297 -13.74 44.34 -84.00
CA ALA B 1297 -13.35 44.58 -82.62
C ALA B 1297 -13.52 43.32 -81.78
N ASN B 1298 -14.57 42.54 -82.06
CA ASN B 1298 -14.75 41.30 -81.33
C ASN B 1298 -13.70 40.26 -81.69
N ILE B 1299 -13.24 40.26 -82.95
CA ILE B 1299 -12.15 39.38 -83.31
C ILE B 1299 -10.86 39.81 -82.62
N HIS B 1300 -10.67 41.11 -82.44
CA HIS B 1300 -9.50 41.59 -81.70
C HIS B 1300 -9.58 41.22 -80.23
N LEU B 1301 -10.79 41.23 -79.67
CA LEU B 1301 -10.95 40.90 -78.25
C LEU B 1301 -10.82 39.41 -78.00
N ASN B 1302 -11.16 38.58 -78.98
CA ASN B 1302 -11.24 37.13 -78.76
C ASN B 1302 -10.30 36.36 -79.68
N PHE B 1303 -9.05 36.80 -79.79
CA PHE B 1303 -8.13 36.14 -80.70
C PHE B 1303 -7.59 34.85 -80.11
N ALA B 1304 -7.01 34.91 -78.93
CA ALA B 1304 -6.41 33.73 -78.34
C ALA B 1304 -7.45 32.69 -77.96
N ASP B 1305 -8.62 33.13 -77.52
CA ASP B 1305 -9.68 32.17 -77.25
C ASP B 1305 -10.12 31.46 -78.53
N ILE B 1306 -10.08 32.16 -79.66
CA ILE B 1306 -10.45 31.52 -80.92
C ILE B 1306 -9.39 30.52 -81.35
N ILE B 1307 -8.11 30.85 -81.18
CA ILE B 1307 -7.09 29.87 -81.54
C ILE B 1307 -7.18 28.64 -80.64
N SER B 1308 -7.47 28.85 -79.36
CA SER B 1308 -7.68 27.74 -78.45
C SER B 1308 -8.85 26.86 -78.90
N THR B 1309 -9.96 27.49 -79.29
CA THR B 1309 -11.07 26.70 -79.78
C THR B 1309 -10.79 26.09 -81.15
N PHE B 1310 -9.76 26.55 -81.85
CA PHE B 1310 -9.37 25.87 -83.07
C PHE B 1310 -8.57 24.63 -82.77
N PHE B 1311 -7.73 24.67 -81.76
CA PHE B 1311 -7.04 23.45 -81.38
C PHE B 1311 -7.95 22.47 -80.65
N ASP B 1312 -9.10 22.91 -80.15
CA ASP B 1312 -9.99 21.94 -79.53
C ASP B 1312 -10.67 21.03 -80.55
N ILE B 1313 -11.22 21.59 -81.64
CA ILE B 1313 -12.10 20.83 -82.51
C ILE B 1313 -11.40 20.16 -83.68
N PHE B 1314 -10.13 20.43 -83.93
CA PHE B 1314 -9.46 19.87 -85.08
C PHE B 1314 -9.16 18.39 -84.84
N ASP B 1315 -9.52 17.56 -85.81
CA ASP B 1315 -9.33 16.11 -85.74
C ASP B 1315 -7.99 15.74 -86.35
N GLN B 1316 -7.26 14.87 -85.67
CA GLN B 1316 -5.92 14.46 -86.13
C GLN B 1316 -6.07 13.39 -87.21
N GLU B 1317 -5.99 13.82 -88.47
CA GLU B 1317 -6.13 12.92 -89.61
C GLU B 1317 -4.84 12.83 -90.42
N ASP B 1318 -4.34 13.95 -90.93
CA ASP B 1318 -3.13 13.98 -91.75
C ASP B 1318 -2.52 15.38 -91.72
N PRO B 1319 -1.85 15.76 -90.64
CA PRO B 1319 -1.34 17.13 -90.53
C PRO B 1319 -0.06 17.35 -91.30
N ILE B 1320 0.83 16.35 -91.32
CA ILE B 1320 2.10 16.49 -91.99
C ILE B 1320 1.90 16.68 -93.49
N GLU B 1321 0.87 16.04 -94.06
CA GLU B 1321 0.56 16.22 -95.47
C GLU B 1321 0.23 17.67 -95.79
N LYS B 1322 -0.53 18.33 -94.92
CA LYS B 1322 -0.94 19.70 -95.17
C LYS B 1322 0.18 20.68 -94.86
N ALA B 1323 1.00 20.38 -93.85
CA ALA B 1323 2.05 21.29 -93.43
C ALA B 1323 2.83 21.84 -94.62
N PHE B 1324 3.46 20.94 -95.39
CA PHE B 1324 4.17 21.38 -96.60
C PHE B 1324 3.25 21.39 -97.82
N PHE B 1330 3.93 27.77 -92.85
CA PHE B 1330 3.70 26.40 -92.41
C PHE B 1330 4.66 25.42 -93.07
N ALA B 1331 5.79 25.95 -93.56
CA ALA B 1331 6.79 25.13 -94.21
C ALA B 1331 7.88 24.66 -93.25
N TYR B 1332 7.56 24.52 -91.97
CA TYR B 1332 8.53 24.05 -91.00
C TYR B 1332 7.87 23.01 -90.10
N ALA B 1333 6.55 23.03 -90.02
CA ALA B 1333 5.82 22.06 -89.19
C ALA B 1333 6.06 20.64 -89.68
N ALA B 1334 6.27 20.47 -90.99
CA ALA B 1334 6.36 19.13 -91.56
C ALA B 1334 7.61 18.41 -91.06
N GLU B 1335 8.78 19.03 -91.24
CA GLU B 1335 10.01 18.40 -90.79
C GLU B 1335 10.00 18.20 -89.27
N THR B 1336 9.45 19.16 -88.53
CA THR B 1336 9.46 19.07 -87.08
C THR B 1336 8.59 17.92 -86.60
N LEU B 1337 7.37 17.83 -87.11
CA LEU B 1337 6.52 16.70 -86.76
C LEU B 1337 7.11 15.39 -87.26
N GLU B 1338 7.83 15.41 -88.38
CA GLU B 1338 8.51 14.21 -88.85
C GLU B 1338 9.59 13.77 -87.87
N GLU B 1339 10.34 14.72 -87.31
CA GLU B 1339 11.36 14.39 -86.34
C GLU B 1339 10.75 13.86 -85.05
N ILE B 1340 9.72 14.54 -84.55
CA ILE B 1340 9.09 14.09 -83.31
C ILE B 1340 8.35 12.77 -83.50
N LYS B 1341 8.05 12.38 -84.74
CA LYS B 1341 7.53 11.04 -84.97
C LYS B 1341 8.61 10.00 -85.25
N LYS B 1342 9.80 10.45 -85.65
CA LYS B 1342 10.93 9.55 -85.84
C LYS B 1342 11.61 9.19 -84.52
N LEU B 1343 11.63 10.12 -83.57
CA LEU B 1343 12.20 9.84 -82.25
C LEU B 1343 11.43 8.72 -81.55
N GLY B 1344 10.13 8.95 -81.32
CA GLY B 1344 9.27 7.97 -80.70
C GLY B 1344 7.84 8.09 -81.18
N PRO B 1356 -18.48 18.36 -82.63
CA PRO B 1356 -17.95 18.73 -83.94
C PRO B 1356 -16.48 18.36 -84.12
N MET B 1357 -16.18 17.69 -85.23
CA MET B 1357 -14.83 17.29 -85.57
C MET B 1357 -14.54 17.74 -86.99
N PHE B 1358 -13.39 18.35 -87.21
CA PHE B 1358 -12.98 18.83 -88.52
C PHE B 1358 -11.59 18.31 -88.83
N ARG B 1359 -11.35 17.99 -90.09
CA ARG B 1359 -10.13 17.30 -90.47
C ARG B 1359 -8.90 18.16 -90.21
N ALA B 1360 -7.76 17.48 -90.07
CA ALA B 1360 -6.51 18.17 -89.84
C ALA B 1360 -6.06 19.00 -91.04
N LYS B 1361 -6.40 18.58 -92.26
CA LYS B 1361 -5.95 19.30 -93.45
C LYS B 1361 -6.32 20.77 -93.40
N TYR B 1362 -7.39 21.11 -92.68
CA TYR B 1362 -7.79 22.50 -92.57
C TYR B 1362 -6.76 23.32 -91.80
N LEU B 1363 -6.31 22.80 -90.66
CA LEU B 1363 -5.79 23.62 -89.55
C LEU B 1363 -4.99 24.84 -89.97
N PRO B 1364 -3.94 24.74 -90.80
CA PRO B 1364 -3.23 25.97 -91.18
C PRO B 1364 -4.14 27.02 -91.80
N ARG B 1365 -4.82 26.68 -92.90
CA ARG B 1365 -5.63 27.67 -93.59
C ARG B 1365 -6.64 28.33 -92.66
N GLU B 1366 -7.28 27.54 -91.79
CA GLU B 1366 -8.20 28.10 -90.80
C GLU B 1366 -7.58 29.30 -90.11
N ILE B 1367 -6.43 29.09 -89.45
CA ILE B 1367 -5.74 30.19 -88.77
C ILE B 1367 -5.61 31.38 -89.71
N VAL B 1368 -5.10 31.13 -90.91
CA VAL B 1368 -4.86 32.22 -91.86
C VAL B 1368 -6.12 33.05 -92.05
N HIS B 1369 -7.25 32.39 -92.30
CA HIS B 1369 -8.44 33.14 -92.66
C HIS B 1369 -8.90 34.04 -91.51
N LEU B 1370 -8.60 33.63 -90.27
CA LEU B 1370 -8.96 34.47 -89.13
C LEU B 1370 -7.97 35.60 -88.97
N CYS B 1371 -6.69 35.33 -89.24
CA CYS B 1371 -5.67 36.31 -88.93
C CYS B 1371 -5.41 37.27 -90.09
N SER B 1372 -6.17 37.17 -91.17
CA SER B 1372 -6.11 38.15 -92.24
C SER B 1372 -7.10 39.28 -92.04
N ARG B 1373 -7.73 39.35 -90.88
CA ARG B 1373 -8.64 40.44 -90.56
C ARG B 1373 -8.24 41.23 -89.32
N THR B 1374 -7.22 40.79 -88.60
CA THR B 1374 -6.62 41.57 -87.53
C THR B 1374 -5.37 42.26 -88.06
N GLN B 1375 -4.60 42.84 -87.14
CA GLN B 1375 -3.30 43.40 -87.47
C GLN B 1375 -2.20 42.35 -87.42
N TYR B 1376 -2.21 41.47 -86.41
CA TYR B 1376 -1.15 40.49 -86.26
C TYR B 1376 -1.16 39.51 -87.43
N GLU B 1377 -0.02 39.40 -88.11
CA GLU B 1377 0.04 38.67 -89.36
C GLU B 1377 -0.13 37.17 -89.12
N PRO B 1378 -0.88 36.48 -89.97
CA PRO B 1378 -1.11 35.03 -89.75
C PRO B 1378 0.15 34.19 -89.71
N GLU B 1379 1.26 34.70 -90.25
CA GLU B 1379 2.48 33.90 -90.28
C GLU B 1379 2.99 33.61 -88.88
N ASN B 1380 3.42 34.64 -88.17
CA ASN B 1380 4.18 34.47 -86.93
C ASN B 1380 3.40 35.03 -85.77
N ILE B 1381 2.53 34.21 -85.19
CA ILE B 1381 1.85 34.58 -83.97
C ILE B 1381 2.03 33.47 -82.94
N TRP B 1382 3.17 33.45 -82.26
CA TRP B 1382 3.42 32.38 -81.31
C TRP B 1382 4.25 32.86 -80.13
N THR B 1383 3.87 33.99 -79.54
CA THR B 1383 4.51 34.41 -78.31
C THR B 1383 4.28 33.39 -77.22
N PRO B 1384 5.14 33.34 -76.20
CA PRO B 1384 5.04 32.27 -75.21
C PRO B 1384 3.74 32.29 -74.42
N ALA B 1385 3.16 33.45 -74.14
CA ALA B 1385 1.88 33.48 -73.44
C ALA B 1385 0.84 32.68 -74.19
N LEU B 1386 0.74 32.90 -75.51
CA LEU B 1386 -0.24 32.16 -76.29
C LEU B 1386 0.08 30.67 -76.32
N VAL B 1387 1.35 30.31 -76.40
CA VAL B 1387 1.72 28.90 -76.42
C VAL B 1387 1.29 28.21 -75.14
N VAL B 1388 1.64 28.80 -73.99
CA VAL B 1388 1.27 28.17 -72.73
C VAL B 1388 -0.23 28.15 -72.57
N PHE B 1389 -0.91 29.19 -73.02
CA PHE B 1389 -2.36 29.21 -73.00
C PHE B 1389 -2.92 28.00 -73.72
N VAL B 1390 -2.54 27.83 -74.98
CA VAL B 1390 -3.11 26.75 -75.78
C VAL B 1390 -2.75 25.40 -75.19
N ALA B 1391 -1.50 25.23 -74.76
CA ALA B 1391 -1.07 23.93 -74.24
C ALA B 1391 -1.82 23.58 -72.96
N ARG B 1392 -2.05 24.57 -72.10
CA ARG B 1392 -2.80 24.29 -70.88
C ARG B 1392 -4.24 23.96 -71.21
N LYS B 1393 -4.80 24.62 -72.22
CA LYS B 1393 -6.14 24.26 -72.66
C LYS B 1393 -6.19 22.80 -73.06
N LEU B 1394 -5.25 22.38 -73.91
CA LEU B 1394 -5.24 20.99 -74.37
C LEU B 1394 -5.17 20.03 -73.21
N LEU B 1395 -4.27 20.29 -72.26
CA LEU B 1395 -4.13 19.37 -71.14
C LEU B 1395 -5.40 19.33 -70.29
N LYS B 1396 -5.90 20.50 -69.91
CA LYS B 1396 -7.15 20.58 -69.15
C LYS B 1396 -8.29 19.85 -69.85
N THR B 1397 -8.23 19.71 -71.16
CA THR B 1397 -9.29 19.00 -71.87
C THR B 1397 -9.41 17.55 -71.40
N ILE B 1398 -8.29 16.89 -71.11
CA ILE B 1398 -8.32 15.50 -70.66
C ILE B 1398 -8.99 15.45 -69.30
N HIS B 1399 -9.37 14.27 -68.86
CA HIS B 1399 -10.13 14.14 -67.63
C HIS B 1399 -9.99 12.72 -67.09
N PRO B 1400 -10.07 12.53 -65.77
CA PRO B 1400 -9.91 11.17 -65.24
C PRO B 1400 -11.11 10.29 -65.49
N ALA B 1401 -12.31 10.87 -65.56
CA ALA B 1401 -13.49 10.08 -65.82
C ALA B 1401 -13.75 9.87 -67.30
N LEU B 1402 -13.00 10.53 -68.18
CA LEU B 1402 -13.30 10.52 -69.59
C LEU B 1402 -12.54 9.45 -70.37
N GLY B 1403 -11.59 8.75 -69.73
CA GLY B 1403 -10.97 7.60 -70.34
C GLY B 1403 -9.52 7.79 -70.67
N PRO B 1404 -8.77 6.69 -70.68
CA PRO B 1404 -7.35 6.72 -71.08
C PRO B 1404 -7.12 6.61 -72.57
N LEU B 1405 -8.16 6.70 -73.38
CA LEU B 1405 -8.02 6.80 -74.83
C LEU B 1405 -8.07 8.25 -75.32
N HIS B 1406 -8.70 9.13 -74.55
CA HIS B 1406 -8.64 10.56 -74.81
C HIS B 1406 -7.20 11.04 -74.85
N ALA B 1407 -6.41 10.58 -73.88
CA ALA B 1407 -5.11 11.18 -73.62
C ALA B 1407 -4.19 11.09 -74.82
N CYS B 1408 -4.22 9.98 -75.55
CA CYS B 1408 -3.27 9.83 -76.62
C CYS B 1408 -3.63 10.72 -77.81
N SER B 1409 -4.92 11.02 -77.98
CA SER B 1409 -5.33 11.99 -78.99
C SER B 1409 -4.89 13.40 -78.61
N VAL B 1410 -5.17 13.81 -77.37
CA VAL B 1410 -4.72 15.10 -76.89
C VAL B 1410 -3.21 15.23 -77.04
N LEU B 1411 -2.49 14.13 -76.82
CA LEU B 1411 -1.04 14.16 -76.96
C LEU B 1411 -0.61 14.38 -78.40
N ARG B 1412 -1.29 13.72 -79.34
CA ARG B 1412 -0.99 13.96 -80.75
C ARG B 1412 -1.19 15.44 -81.09
N LYS B 1413 -2.27 16.03 -80.59
CA LYS B 1413 -2.51 17.44 -80.89
C LYS B 1413 -1.45 18.33 -80.25
N ILE B 1414 -0.97 17.96 -79.06
CA ILE B 1414 0.10 18.73 -78.43
C ILE B 1414 1.37 18.65 -79.27
N ARG B 1415 1.64 17.48 -79.83
CA ARG B 1415 2.80 17.38 -80.71
C ARG B 1415 2.64 18.31 -81.90
N VAL B 1416 1.42 18.43 -82.42
CA VAL B 1416 1.19 19.38 -83.51
C VAL B 1416 1.49 20.80 -83.05
N LEU B 1417 1.03 21.17 -81.86
CA LEU B 1417 1.28 22.51 -81.37
C LEU B 1417 2.78 22.78 -81.19
N ILE B 1418 3.52 21.78 -80.71
CA ILE B 1418 4.95 21.97 -80.47
C ILE B 1418 5.71 22.08 -81.77
N CYS B 1419 5.30 21.31 -82.79
CA CYS B 1419 5.98 21.40 -84.07
C CYS B 1419 5.63 22.69 -84.79
N LEU B 1420 4.42 23.19 -84.58
CA LEU B 1420 3.99 24.42 -85.26
C LEU B 1420 4.59 25.65 -84.59
N ALA B 1421 4.57 25.72 -83.26
CA ALA B 1421 5.09 26.89 -82.57
C ALA B 1421 6.57 27.07 -82.84
N GLY B 1422 7.32 25.99 -82.85
CA GLY B 1422 8.67 26.05 -83.36
C GLY B 1422 9.73 26.36 -82.33
N ASP B 1423 10.12 27.63 -82.26
CA ASP B 1423 11.25 28.04 -81.44
C ASP B 1423 10.84 28.72 -80.14
N HIS B 1424 9.56 28.99 -79.95
CA HIS B 1424 9.10 29.53 -78.68
C HIS B 1424 8.68 28.45 -77.69
N ALA B 1425 8.38 27.25 -78.17
CA ALA B 1425 8.05 26.14 -77.32
C ALA B 1425 9.24 25.23 -77.06
N ILE B 1426 10.46 25.72 -77.23
CA ILE B 1426 11.64 24.94 -76.90
C ILE B 1426 12.63 25.79 -76.12
N SER B 1427 12.16 26.91 -75.56
CA SER B 1427 13.05 27.75 -74.80
C SER B 1427 12.23 28.62 -73.87
N GLY B 1428 12.76 28.87 -72.68
CA GLY B 1428 12.07 29.69 -71.72
C GLY B 1428 11.13 28.87 -70.88
N TYR B 1429 10.18 29.57 -70.26
CA TYR B 1429 9.19 28.88 -69.44
C TYR B 1429 8.33 27.89 -70.20
N PRO B 1430 7.97 28.09 -71.48
CA PRO B 1430 7.25 27.02 -72.18
C PRO B 1430 7.97 25.69 -72.17
N LEU B 1431 9.30 25.69 -72.30
CA LEU B 1431 10.04 24.43 -72.25
C LEU B 1431 9.83 23.72 -70.94
N GLU B 1432 10.04 24.41 -69.82
CA GLU B 1432 9.83 23.80 -68.51
C GLU B 1432 8.41 23.28 -68.37
N MET B 1433 7.44 24.09 -68.77
CA MET B 1433 6.04 23.74 -68.58
C MET B 1433 5.67 22.49 -69.37
N LEU B 1434 6.19 22.37 -70.58
CA LEU B 1434 5.86 21.20 -71.38
C LEU B 1434 6.55 19.96 -70.84
N LEU B 1435 7.82 20.10 -70.46
CA LEU B 1435 8.54 18.92 -69.96
C LEU B 1435 7.80 18.30 -68.78
N HIS B 1436 7.23 19.13 -67.92
CA HIS B 1436 6.46 18.62 -66.78
C HIS B 1436 5.33 17.66 -67.20
N SER B 1437 4.36 18.19 -67.95
CA SER B 1437 3.19 17.38 -68.26
C SER B 1437 3.53 16.20 -69.17
N LEU B 1438 4.47 16.39 -70.09
CA LEU B 1438 4.82 15.25 -70.93
C LEU B 1438 5.46 14.15 -70.10
N ARG B 1439 6.14 14.51 -69.02
CA ARG B 1439 6.58 13.48 -68.08
C ARG B 1439 5.40 12.69 -67.57
N VAL B 1440 4.36 13.40 -67.10
CA VAL B 1440 3.18 12.70 -66.60
C VAL B 1440 2.59 11.74 -67.63
N PHE B 1441 2.65 12.11 -68.91
CA PHE B 1441 2.18 11.20 -69.95
C PHE B 1441 3.18 10.08 -70.27
N VAL B 1442 4.43 10.18 -69.84
CA VAL B 1442 5.40 9.11 -70.07
C VAL B 1442 5.21 7.93 -69.13
N VAL B 1443 4.63 8.13 -67.94
CA VAL B 1443 4.40 7.01 -67.02
C VAL B 1443 3.07 6.33 -67.26
N ASP B 1444 2.31 6.77 -68.26
CA ASP B 1444 1.05 6.12 -68.62
C ASP B 1444 1.33 4.86 -69.44
N PRO B 1445 0.95 3.69 -68.95
CA PRO B 1445 1.27 2.45 -69.70
C PRO B 1445 0.52 2.31 -70.99
N GLU B 1446 -0.52 3.11 -71.21
CA GLU B 1446 -1.30 3.02 -72.44
C GLU B 1446 -0.47 3.38 -73.66
N CYS B 1447 0.22 4.51 -73.59
CA CYS B 1447 1.07 4.95 -74.69
C CYS B 1447 2.16 5.85 -74.12
N ALA B 1448 3.38 5.32 -74.09
CA ALA B 1448 4.58 6.08 -73.76
C ALA B 1448 5.45 6.18 -75.00
N ASP B 1449 4.83 5.95 -76.16
CA ASP B 1449 5.51 6.11 -77.44
C ASP B 1449 5.52 7.57 -77.91
N ASP B 1450 4.38 8.24 -77.79
CA ASP B 1450 4.26 9.68 -78.07
C ASP B 1450 5.13 10.55 -77.16
N ALA B 1451 4.93 10.42 -75.85
CA ALA B 1451 5.53 11.36 -74.90
C ALA B 1451 7.05 11.19 -74.80
N LEU B 1452 7.56 9.97 -74.96
CA LEU B 1452 9.02 9.80 -74.92
C LEU B 1452 9.68 10.49 -76.11
N GLY B 1453 9.01 10.52 -77.26
CA GLY B 1453 9.57 11.20 -78.41
C GLY B 1453 9.59 12.70 -78.23
N ILE B 1454 8.46 13.29 -77.83
CA ILE B 1454 8.45 14.73 -77.61
C ILE B 1454 9.47 15.12 -76.55
N THR B 1455 9.60 14.32 -75.50
CA THR B 1455 10.56 14.64 -74.45
C THR B 1455 11.99 14.59 -74.97
N GLN B 1456 12.33 13.56 -75.75
CA GLN B 1456 13.66 13.52 -76.33
C GLN B 1456 13.92 14.76 -77.17
N TYR B 1457 12.95 15.14 -78.00
CA TYR B 1457 13.18 16.28 -78.89
C TYR B 1457 13.39 17.56 -78.10
N LEU B 1458 12.58 17.77 -77.07
CA LEU B 1458 12.69 18.99 -76.29
C LEU B 1458 14.01 19.05 -75.53
N ILE B 1459 14.39 17.96 -74.86
CA ILE B 1459 15.64 17.96 -74.11
C ILE B 1459 16.82 18.16 -75.05
N LYS B 1460 16.76 17.55 -76.23
CA LYS B 1460 17.87 17.65 -77.17
C LYS B 1460 17.98 19.05 -77.75
N ARG B 1461 16.85 19.68 -78.08
CA ARG B 1461 16.89 20.98 -78.72
C ARG B 1461 17.12 22.13 -77.74
N GLY B 1462 16.69 21.97 -76.49
CA GLY B 1462 16.87 23.06 -75.53
C GLY B 1462 18.15 22.95 -74.74
N ASP B 1463 19.18 22.33 -75.31
CA ASP B 1463 20.44 22.19 -74.59
C ASP B 1463 21.02 23.54 -74.23
N GLU B 1464 20.93 24.51 -75.14
CA GLU B 1464 21.52 25.81 -74.86
C GLU B 1464 20.84 26.50 -73.70
N TYR B 1465 19.60 26.14 -73.39
CA TYR B 1465 18.86 26.74 -72.30
C TYR B 1465 19.03 25.97 -71.01
N LEU B 1466 18.98 24.63 -71.08
CA LEU B 1466 19.12 23.82 -69.88
C LEU B 1466 20.48 23.95 -69.23
N LYS B 1467 21.48 24.48 -69.93
CA LYS B 1467 22.76 24.75 -69.31
C LYS B 1467 22.76 26.05 -68.51
N ARG B 1468 21.73 26.88 -68.65
CA ARG B 1468 21.59 28.07 -67.84
C ARG B 1468 20.76 27.84 -66.60
N THR B 1469 19.95 26.79 -66.57
CA THR B 1469 19.04 26.51 -65.45
C THR B 1469 19.32 25.10 -64.96
N PRO B 1470 20.40 24.93 -64.20
CA PRO B 1470 20.67 23.59 -63.65
C PRO B 1470 19.76 23.23 -62.49
N SER B 1471 19.20 24.21 -61.80
CA SER B 1471 18.28 23.92 -60.71
C SER B 1471 17.00 23.28 -61.21
N PHE B 1472 16.52 23.68 -62.38
CA PHE B 1472 15.37 23.01 -62.97
C PHE B 1472 15.72 21.63 -63.44
N LEU B 1473 16.86 21.48 -64.10
CA LEU B 1473 17.21 20.18 -64.65
C LEU B 1473 17.48 19.17 -63.56
N ALA B 1474 18.02 19.58 -62.42
CA ALA B 1474 18.24 18.62 -61.34
C ALA B 1474 16.93 18.00 -60.88
N GLY B 1475 15.96 18.84 -60.54
CA GLY B 1475 14.68 18.31 -60.09
C GLY B 1475 13.95 17.54 -61.18
N TYR B 1476 14.01 18.02 -62.41
CA TYR B 1476 13.34 17.30 -63.48
C TYR B 1476 13.98 15.96 -63.72
N ALA B 1477 15.31 15.89 -63.69
CA ALA B 1477 16.00 14.62 -63.89
C ALA B 1477 15.65 13.65 -62.77
N LEU B 1478 15.68 14.13 -61.53
CA LEU B 1478 15.34 13.26 -60.40
C LEU B 1478 13.94 12.71 -60.54
N SER B 1479 12.95 13.59 -60.74
CA SER B 1479 11.58 13.15 -60.86
C SER B 1479 11.40 12.20 -62.03
N SER B 1480 11.84 12.59 -63.21
CA SER B 1480 11.64 11.78 -64.40
C SER B 1480 12.31 10.42 -64.26
N LEU B 1481 13.57 10.41 -63.81
CA LEU B 1481 14.29 9.16 -63.66
C LEU B 1481 13.61 8.23 -62.66
N ALA B 1482 13.16 8.78 -61.54
CA ALA B 1482 12.46 7.97 -60.55
C ALA B 1482 11.20 7.36 -61.14
N ASP B 1483 10.38 8.18 -61.78
CA ASP B 1483 9.15 7.70 -62.39
C ASP B 1483 9.43 6.62 -63.41
N LEU B 1484 10.43 6.85 -64.26
CA LEU B 1484 10.80 5.86 -65.26
C LEU B 1484 11.20 4.56 -64.62
N ARG B 1485 12.03 4.61 -63.58
CA ARG B 1485 12.46 3.38 -62.93
C ARG B 1485 11.27 2.61 -62.38
N VAL B 1486 10.37 3.31 -61.67
CA VAL B 1486 9.19 2.64 -61.13
C VAL B 1486 8.39 1.99 -62.26
N PHE B 1487 8.18 2.72 -63.35
CA PHE B 1487 7.45 2.17 -64.49
C PHE B 1487 8.17 0.97 -65.09
N LEU B 1488 9.49 0.98 -65.05
CA LEU B 1488 10.25 -0.15 -65.58
C LEU B 1488 10.05 -1.40 -64.75
N GLU B 1489 10.01 -1.24 -63.42
CA GLU B 1489 9.88 -2.41 -62.56
C GLU B 1489 8.45 -2.95 -62.59
N SER B 1490 7.45 -2.08 -62.51
CA SER B 1490 6.06 -2.53 -62.59
C SER B 1490 5.79 -3.19 -63.93
N SER B 1491 5.09 -4.31 -63.89
CA SER B 1491 4.80 -5.06 -65.11
C SER B 1491 3.46 -5.78 -64.92
N GLN B 1492 2.39 -5.14 -65.39
CA GLN B 1492 1.04 -5.70 -65.30
C GLN B 1492 0.29 -5.31 -66.58
N SER B 1493 0.34 -6.18 -67.58
CA SER B 1493 -0.27 -5.93 -68.89
C SER B 1493 -1.37 -6.96 -69.11
N SER B 1494 -2.62 -6.54 -68.97
CA SER B 1494 -3.78 -7.39 -69.20
C SER B 1494 -4.64 -6.92 -70.37
N THR B 1495 -4.93 -5.63 -70.45
CA THR B 1495 -5.62 -5.05 -71.61
C THR B 1495 -4.64 -4.46 -72.61
N THR B 1496 -3.36 -4.75 -72.46
CA THR B 1496 -2.33 -4.30 -73.39
C THR B 1496 -1.75 -5.52 -74.08
N GLN B 1497 -1.60 -5.46 -75.40
CA GLN B 1497 -1.00 -6.57 -76.13
C GLN B 1497 0.33 -6.93 -75.52
N GLU B 1498 0.47 -8.18 -75.08
CA GLU B 1498 1.67 -8.56 -74.36
C GLU B 1498 2.94 -8.33 -75.15
N SER B 1499 2.85 -8.08 -76.45
CA SER B 1499 4.01 -7.69 -77.23
C SER B 1499 4.16 -6.17 -77.34
N GLN B 1500 3.03 -5.47 -77.46
CA GLN B 1500 3.05 -4.01 -77.38
C GLN B 1500 3.77 -3.55 -76.13
N PHE B 1501 3.61 -4.29 -75.03
CA PHE B 1501 4.24 -3.92 -73.77
C PHE B 1501 5.75 -4.06 -73.85
N LYS B 1502 6.27 -5.17 -74.38
CA LYS B 1502 7.71 -5.31 -74.54
C LYS B 1502 8.26 -4.19 -75.42
N ALA B 1503 7.52 -3.80 -76.45
CA ALA B 1503 7.95 -2.69 -77.29
C ALA B 1503 8.16 -1.43 -76.46
N THR B 1504 7.11 -1.01 -75.74
CA THR B 1504 7.23 0.23 -74.97
C THR B 1504 8.26 0.12 -73.87
N LYS B 1505 8.44 -1.06 -73.28
CA LYS B 1505 9.43 -1.21 -72.23
C LYS B 1505 10.84 -1.02 -72.78
N SER B 1506 11.13 -1.58 -73.95
CA SER B 1506 12.43 -1.34 -74.56
C SER B 1506 12.62 0.13 -74.87
N LYS B 1507 11.58 0.78 -75.40
CA LYS B 1507 11.68 2.22 -75.70
C LYS B 1507 12.03 3.02 -74.45
N ALA B 1508 11.36 2.69 -73.35
CA ALA B 1508 11.62 3.39 -72.08
C ALA B 1508 13.05 3.15 -71.61
N GLN B 1509 13.51 1.90 -71.69
CA GLN B 1509 14.87 1.60 -71.23
C GLN B 1509 15.90 2.38 -72.02
N GLU B 1510 15.72 2.51 -73.32
CA GLU B 1510 16.68 3.27 -74.11
C GLU B 1510 16.60 4.76 -73.81
N PHE B 1511 15.39 5.29 -73.60
CA PHE B 1511 15.33 6.69 -73.20
C PHE B 1511 16.05 6.90 -71.89
N HIS B 1512 15.90 5.97 -70.95
CA HIS B 1512 16.61 6.07 -69.69
C HIS B 1512 18.12 6.04 -69.90
N ALA B 1513 18.60 5.15 -70.76
CA ALA B 1513 20.04 5.06 -71.00
C ALA B 1513 20.57 6.32 -71.68
N TRP B 1514 19.81 6.87 -72.62
CA TRP B 1514 20.21 8.10 -73.28
C TRP B 1514 20.20 9.28 -72.33
N PHE B 1515 19.16 9.41 -71.52
CA PHE B 1515 19.07 10.51 -70.57
C PHE B 1515 20.18 10.43 -69.56
N SER B 1516 20.51 9.22 -69.09
CA SER B 1516 21.61 9.09 -68.15
C SER B 1516 22.93 9.49 -68.79
N LYS B 1517 23.14 9.13 -70.06
CA LYS B 1517 24.34 9.58 -70.76
C LYS B 1517 24.37 11.11 -70.85
N TYR B 1518 23.26 11.72 -71.23
CA TYR B 1518 23.20 13.17 -71.33
C TYR B 1518 23.50 13.83 -70.01
N LEU B 1519 22.97 13.30 -68.92
CA LEU B 1519 23.20 13.89 -67.61
C LEU B 1519 24.64 13.72 -67.17
N ALA B 1520 25.23 12.55 -67.41
CA ALA B 1520 26.64 12.37 -67.11
C ALA B 1520 27.50 13.33 -67.91
N ALA B 1521 27.09 13.66 -69.12
CA ALA B 1521 27.83 14.62 -69.93
C ALA B 1521 27.46 16.06 -69.64
N TYR B 1522 26.43 16.30 -68.84
CA TYR B 1522 26.01 17.67 -68.57
C TYR B 1522 27.05 18.39 -67.74
N ASP B 1523 27.25 19.67 -68.05
CA ASP B 1523 28.13 20.53 -67.27
C ASP B 1523 27.73 21.97 -67.55
N SER B 1524 27.42 22.72 -66.49
CA SER B 1524 26.89 24.04 -66.70
C SER B 1524 27.80 25.09 -66.08
N PRO B 1525 27.92 26.26 -66.71
CA PRO B 1525 28.66 27.36 -66.10
C PRO B 1525 27.86 28.08 -65.04
N GLU B 1526 26.58 27.76 -64.90
CA GLU B 1526 25.68 28.43 -63.97
C GLU B 1526 25.68 27.80 -62.58
N PHE B 1527 26.38 26.69 -62.38
CA PHE B 1527 26.51 26.13 -61.05
C PHE B 1527 27.10 27.16 -60.10
N LYS B 1528 26.48 27.30 -58.93
CA LYS B 1528 26.95 28.27 -57.96
C LYS B 1528 28.38 27.96 -57.53
N ASP B 1529 28.62 26.74 -57.04
CA ASP B 1529 29.97 26.35 -56.67
C ASP B 1529 30.32 25.00 -57.28
N GLU B 1530 31.45 24.43 -56.88
CA GLU B 1530 31.76 23.06 -57.24
C GLU B 1530 31.07 22.07 -56.31
N GLY B 1531 30.67 22.51 -55.12
CA GLY B 1531 29.82 21.68 -54.30
C GLY B 1531 28.51 21.36 -54.97
N GLN B 1532 27.89 22.36 -55.61
CA GLN B 1532 26.65 22.12 -56.33
C GLN B 1532 26.88 21.18 -57.51
N LYS B 1533 28.03 21.28 -58.15
CA LYS B 1533 28.30 20.40 -59.29
C LYS B 1533 28.47 18.97 -58.84
N GLN B 1534 29.16 18.75 -57.72
CA GLN B 1534 29.30 17.40 -57.21
C GLN B 1534 27.96 16.86 -56.71
N ALA B 1535 27.14 17.72 -56.11
CA ALA B 1535 25.81 17.29 -55.71
C ALA B 1535 24.98 16.89 -56.92
N PHE B 1536 25.06 17.66 -58.00
CA PHE B 1536 24.34 17.31 -59.22
C PHE B 1536 24.80 15.97 -59.75
N ARG B 1537 26.12 15.79 -59.87
CA ARG B 1537 26.62 14.52 -60.36
C ARG B 1537 26.14 13.36 -59.50
N SER B 1538 26.24 13.50 -58.18
CA SER B 1538 25.87 12.41 -57.29
C SER B 1538 24.38 12.09 -57.37
N ILE B 1539 23.55 13.13 -57.34
CA ILE B 1539 22.11 12.92 -57.42
C ILE B 1539 21.75 12.21 -58.70
N THR B 1540 22.20 12.73 -59.85
CA THR B 1540 21.81 12.14 -61.11
C THR B 1540 22.34 10.72 -61.25
N GLU B 1541 23.61 10.50 -60.91
CA GLU B 1541 24.21 9.19 -61.09
C GLU B 1541 23.56 8.15 -60.18
N ASN B 1542 23.31 8.49 -58.92
CA ASN B 1542 22.69 7.51 -58.05
C ASN B 1542 21.24 7.27 -58.47
N ALA B 1543 20.53 8.31 -58.88
CA ALA B 1543 19.14 8.14 -59.31
C ALA B 1543 19.06 7.27 -60.55
N ALA B 1544 20.09 7.29 -61.39
CA ALA B 1544 20.05 6.47 -62.59
C ALA B 1544 20.09 4.97 -62.29
N HIS B 1545 20.47 4.57 -61.07
CA HIS B 1545 20.68 3.16 -60.76
C HIS B 1545 19.94 2.70 -59.51
N ILE B 1546 18.93 3.43 -59.07
CA ILE B 1546 18.18 3.03 -57.88
C ILE B 1546 17.23 1.88 -58.23
N ARG B 1547 16.75 1.22 -57.18
CA ARG B 1547 15.80 0.12 -57.31
C ARG B 1547 14.37 0.65 -57.14
N ALA B 1548 13.41 -0.26 -56.92
CA ALA B 1548 12.02 0.14 -56.74
C ALA B 1548 11.76 0.72 -55.36
N SER B 1549 12.55 0.36 -54.36
CA SER B 1549 12.38 0.83 -52.99
C SER B 1549 13.67 1.46 -52.51
N GLY B 1550 13.68 1.91 -51.27
CA GLY B 1550 14.83 2.56 -50.69
C GLY B 1550 15.27 1.83 -49.43
N ASN B 1551 16.56 1.97 -49.11
CA ASN B 1551 17.12 1.37 -47.91
C ASN B 1551 18.08 2.38 -47.30
N ALA B 1552 18.61 2.04 -46.12
CA ALA B 1552 19.50 2.92 -45.39
C ALA B 1552 20.86 2.29 -45.16
N GLU B 1553 21.20 1.26 -45.92
CA GLU B 1553 22.49 0.61 -45.76
C GLU B 1553 23.60 1.56 -46.20
N LYS B 1554 24.83 1.08 -46.14
CA LYS B 1554 26.00 1.91 -46.39
C LYS B 1554 26.63 1.47 -47.70
N GLY B 1555 26.54 2.31 -48.72
CA GLY B 1555 27.17 2.05 -50.00
C GLY B 1555 26.21 1.72 -51.13
N THR B 1556 24.93 1.54 -50.84
CA THR B 1556 23.98 1.29 -51.91
C THR B 1556 23.67 2.59 -52.63
N HIS B 1557 22.87 2.51 -53.70
CA HIS B 1557 22.52 3.70 -54.45
C HIS B 1557 21.36 4.44 -53.80
N GLU B 1558 20.38 3.70 -53.29
CA GLU B 1558 19.22 4.35 -52.68
C GLU B 1558 19.65 5.14 -51.44
N SER B 1559 20.60 4.62 -50.68
CA SER B 1559 21.03 5.32 -49.47
C SER B 1559 21.86 6.54 -49.80
N ASN B 1560 22.74 6.45 -50.80
CA ASN B 1560 23.48 7.62 -51.24
C ASN B 1560 22.55 8.69 -51.77
N LEU B 1561 21.52 8.29 -52.51
CA LEU B 1561 20.56 9.25 -53.01
C LEU B 1561 19.77 9.89 -51.88
N LEU B 1562 19.33 9.10 -50.90
CA LEU B 1562 18.62 9.65 -49.76
C LEU B 1562 19.50 10.63 -49.00
N LEU B 1563 20.76 10.27 -48.80
CA LEU B 1563 21.66 11.15 -48.08
C LEU B 1563 21.89 12.44 -48.86
N GLU B 1564 21.99 12.35 -50.19
CA GLU B 1564 22.17 13.56 -50.99
C GLU B 1564 20.95 14.47 -50.92
N ILE B 1565 19.75 13.88 -51.03
CA ILE B 1565 18.54 14.68 -50.94
C ILE B 1565 18.46 15.36 -49.59
N LEU B 1566 18.74 14.63 -48.51
CA LEU B 1566 18.66 15.23 -47.19
C LEU B 1566 19.70 16.33 -47.02
N LYS B 1567 20.95 16.03 -47.36
CA LYS B 1567 22.02 17.01 -47.21
C LYS B 1567 21.73 18.27 -48.01
N ASP B 1568 21.16 18.12 -49.21
CA ASP B 1568 20.80 19.28 -49.99
C ASP B 1568 19.66 20.06 -49.36
N TRP B 1569 18.68 19.34 -48.81
CA TRP B 1569 17.51 19.99 -48.24
C TRP B 1569 17.92 21.07 -47.26
N GLY B 1570 18.84 20.76 -46.36
CA GLY B 1570 19.36 21.75 -45.44
C GLY B 1570 20.54 22.48 -46.02
N ARG B 1571 20.27 23.63 -46.64
CA ARG B 1571 21.27 24.44 -47.33
C ARG B 1571 20.62 25.78 -47.64
N GLU B 1572 21.38 26.62 -48.34
CA GLU B 1572 20.91 27.94 -48.76
C GLU B 1572 20.69 28.05 -50.26
N ASN B 1573 21.56 27.41 -51.05
CA ASN B 1573 21.41 27.34 -52.49
C ASN B 1573 21.22 25.87 -52.84
N GLN B 1574 19.97 25.44 -52.84
CA GLN B 1574 19.63 24.04 -53.03
C GLN B 1574 19.15 23.81 -54.46
N LEU B 1575 19.46 22.62 -54.97
CA LEU B 1575 19.05 22.26 -56.32
C LEU B 1575 17.58 21.89 -56.38
N LEU B 1576 17.19 20.85 -55.66
CA LEU B 1576 15.83 20.36 -55.76
C LEU B 1576 14.84 21.32 -55.13
N ASN B 1577 13.66 21.43 -55.73
CA ASN B 1577 12.55 22.15 -55.14
C ASN B 1577 11.64 21.16 -54.42
N GLU B 1578 10.58 21.69 -53.80
CA GLU B 1578 9.73 20.84 -52.98
C GLU B 1578 9.02 19.74 -53.76
N PRO B 1579 8.42 19.98 -54.93
CA PRO B 1579 7.80 18.86 -55.65
C PRO B 1579 8.76 17.75 -56.05
N ALA B 1580 9.93 18.09 -56.57
CA ALA B 1580 10.87 17.05 -56.99
C ALA B 1580 11.34 16.24 -55.80
N ARG B 1581 11.67 16.91 -54.71
CA ARG B 1581 12.13 16.22 -53.52
C ARG B 1581 11.02 15.36 -52.94
N ASP B 1582 9.78 15.85 -52.99
CA ASP B 1582 8.66 15.05 -52.49
C ASP B 1582 8.46 13.81 -53.33
N VAL B 1583 8.62 13.92 -54.65
CA VAL B 1583 8.50 12.75 -55.51
C VAL B 1583 9.56 11.73 -55.18
N ALA B 1584 10.82 12.17 -55.10
CA ALA B 1584 11.91 11.24 -54.82
C ALA B 1584 11.76 10.59 -53.46
N LEU B 1585 11.38 11.36 -52.44
CA LEU B 1585 11.20 10.80 -51.12
C LEU B 1585 10.05 9.81 -51.10
N SER B 1586 8.91 10.15 -51.71
CA SER B 1586 7.80 9.21 -51.75
C SER B 1586 8.15 7.95 -52.52
N MET B 1587 9.12 8.03 -53.43
CA MET B 1587 9.52 6.83 -54.15
C MET B 1587 10.49 5.98 -53.33
N LEU B 1588 11.37 6.62 -52.55
CA LEU B 1588 12.33 5.87 -51.75
C LEU B 1588 11.72 5.40 -50.43
N CYS B 1589 11.14 6.33 -49.67
CA CYS B 1589 10.63 6.08 -48.34
C CYS B 1589 9.24 5.46 -48.30
N GLY B 1590 8.66 5.14 -49.46
CA GLY B 1590 7.35 4.51 -49.46
C GLY B 1590 7.41 3.09 -48.95
N VAL B 1591 8.41 2.33 -49.39
CA VAL B 1591 8.71 1.01 -48.86
C VAL B 1591 10.19 1.01 -48.51
N PHE B 1592 10.50 0.99 -47.22
CA PHE B 1592 11.84 1.21 -46.72
C PHE B 1592 12.40 -0.10 -46.20
N ASN B 1593 13.69 -0.09 -45.87
CA ASN B 1593 14.37 -1.27 -45.36
C ASN B 1593 15.44 -0.80 -44.37
N ILE B 1594 15.08 -0.79 -43.10
CA ILE B 1594 15.96 -0.25 -42.06
C ILE B 1594 16.98 -1.33 -41.69
N PRO B 1595 18.27 -1.01 -41.63
CA PRO B 1595 19.26 -2.04 -41.33
C PRO B 1595 19.02 -2.61 -39.96
N PRO B 1596 19.37 -3.88 -39.74
CA PRO B 1596 19.20 -4.45 -38.40
C PRO B 1596 20.08 -3.77 -37.39
N SER B 1597 21.38 -3.74 -37.67
CA SER B 1597 22.33 -3.12 -36.78
C SER B 1597 22.43 -1.63 -37.10
N SER B 1598 23.40 -0.96 -36.50
CA SER B 1598 23.67 0.42 -36.80
C SER B 1598 25.09 0.65 -37.25
N ARG B 1599 25.90 -0.40 -37.36
CA ARG B 1599 27.22 -0.28 -37.97
C ARG B 1599 27.12 -0.32 -39.48
N LEU B 1600 26.05 -0.89 -40.03
CA LEU B 1600 25.77 -0.90 -41.45
C LEU B 1600 24.91 0.26 -41.89
N ASP B 1601 24.55 1.16 -40.98
CA ASP B 1601 23.61 2.22 -41.27
C ASP B 1601 24.33 3.35 -41.97
N VAL B 1602 23.59 4.12 -42.77
CA VAL B 1602 24.18 5.24 -43.48
C VAL B 1602 24.46 6.39 -42.54
N ILE B 1603 23.73 6.47 -41.43
CA ILE B 1603 24.02 7.40 -40.35
C ILE B 1603 24.28 6.57 -39.12
N GLU B 1604 25.53 6.50 -38.71
CA GLU B 1604 25.93 5.64 -37.61
C GLU B 1604 26.70 6.34 -36.51
N THR B 1605 27.24 7.52 -36.75
CA THR B 1605 27.98 8.27 -35.75
C THR B 1605 27.06 9.32 -35.12
N ASP B 1606 27.42 9.73 -33.90
CA ASP B 1606 26.66 10.77 -33.23
C ASP B 1606 26.78 12.10 -33.96
N GLU B 1607 27.87 12.30 -34.68
CA GLU B 1607 28.08 13.57 -35.39
C GLU B 1607 27.20 13.67 -36.63
N ASP B 1608 27.15 12.61 -37.44
CA ASP B 1608 26.24 12.63 -38.58
C ASP B 1608 24.81 12.80 -38.12
N ALA B 1609 24.45 12.21 -36.98
CA ALA B 1609 23.08 12.34 -36.49
C ALA B 1609 22.81 13.76 -36.02
N ILE B 1610 23.74 14.40 -35.32
CA ILE B 1610 23.52 15.78 -34.94
C ILE B 1610 23.43 16.66 -36.17
N LYS B 1611 24.21 16.34 -37.21
CA LYS B 1611 24.20 17.15 -38.42
C LYS B 1611 22.89 17.00 -39.19
N ASN B 1612 22.37 15.79 -39.29
CA ASN B 1612 21.23 15.51 -40.15
C ASN B 1612 19.91 15.38 -39.40
N GLY B 1613 19.89 15.63 -38.08
CA GLY B 1613 18.65 15.46 -37.35
C GLY B 1613 17.56 16.41 -37.77
N ALA B 1614 17.91 17.67 -38.03
CA ALA B 1614 16.88 18.65 -38.40
C ALA B 1614 16.22 18.28 -39.70
N VAL B 1615 17.01 17.88 -40.70
CA VAL B 1615 16.45 17.53 -41.99
C VAL B 1615 15.70 16.22 -41.91
N VAL B 1616 16.17 15.26 -41.12
CA VAL B 1616 15.45 14.02 -41.03
C VAL B 1616 14.14 14.22 -40.30
N TRP B 1617 14.05 15.19 -39.40
CA TRP B 1617 12.75 15.49 -38.83
C TRP B 1617 11.86 16.22 -39.83
N LYS B 1618 12.43 17.13 -40.59
CA LYS B 1618 11.65 17.79 -41.63
C LYS B 1618 11.09 16.78 -42.63
N SER B 1619 11.82 15.68 -42.84
CA SER B 1619 11.41 14.67 -43.80
C SER B 1619 10.22 13.87 -43.28
N CYS B 1620 10.30 13.37 -42.06
CA CYS B 1620 9.22 12.58 -41.50
C CYS B 1620 8.14 13.48 -40.92
N SER B 1621 7.69 14.44 -41.73
CA SER B 1621 6.52 15.25 -41.44
C SER B 1621 5.57 15.20 -42.62
N SER B 1622 5.43 14.03 -43.21
CA SER B 1622 4.54 13.74 -44.31
C SER B 1622 3.61 12.60 -43.90
N GLN B 1623 2.86 12.10 -44.87
CA GLN B 1623 1.93 11.01 -44.61
C GLN B 1623 2.09 9.84 -45.57
N ARG B 1624 2.95 9.96 -46.58
CA ARG B 1624 3.19 8.89 -47.53
C ARG B 1624 4.41 8.07 -47.16
N LEU B 1625 4.76 8.03 -45.88
CA LEU B 1625 5.98 7.40 -45.41
C LEU B 1625 5.66 6.10 -44.68
N GLY B 1626 6.38 5.05 -45.04
CA GLY B 1626 6.15 3.75 -44.46
C GLY B 1626 6.49 3.71 -42.99
N GLY B 1627 6.34 2.52 -42.43
CA GLY B 1627 6.64 2.33 -41.04
C GLY B 1627 8.12 2.21 -40.82
N GLU B 1628 8.82 1.56 -41.72
CA GLU B 1628 10.26 1.40 -41.51
C GLU B 1628 10.98 2.71 -41.70
N TYR B 1629 10.47 3.62 -42.53
CA TYR B 1629 11.12 4.92 -42.60
C TYR B 1629 10.91 5.71 -41.33
N LEU B 1630 9.73 5.63 -40.73
CA LEU B 1630 9.55 6.31 -39.46
C LEU B 1630 10.42 5.69 -38.39
N ALA B 1631 10.63 4.38 -38.42
CA ALA B 1631 11.53 3.78 -37.44
C ALA B 1631 12.96 4.28 -37.64
N TRP B 1632 13.39 4.42 -38.88
CA TRP B 1632 14.73 4.94 -39.13
C TRP B 1632 14.87 6.40 -38.72
N ALA B 1633 13.87 7.23 -39.05
CA ALA B 1633 13.89 8.61 -38.59
C ALA B 1633 13.85 8.69 -37.07
N GLY B 1634 13.14 7.79 -36.41
CA GLY B 1634 13.19 7.76 -34.97
C GLY B 1634 14.58 7.44 -34.46
N ARG B 1635 15.25 6.48 -35.08
CA ARG B 1635 16.59 6.14 -34.63
C ARG B 1635 17.52 7.31 -34.78
N VAL B 1636 17.39 8.06 -35.87
CA VAL B 1636 18.27 9.20 -36.10
C VAL B 1636 17.96 10.33 -35.12
N LEU B 1637 16.69 10.64 -34.89
CA LEU B 1637 16.36 11.69 -33.93
C LEU B 1637 16.77 11.30 -32.52
N GLY B 1638 16.66 10.03 -32.18
CA GLY B 1638 17.06 9.60 -30.86
C GLY B 1638 18.55 9.67 -30.66
N ARG B 1639 19.32 9.29 -31.68
CA ARG B 1639 20.76 9.40 -31.56
C ARG B 1639 21.19 10.86 -31.49
N SER B 1640 20.51 11.73 -32.23
CA SER B 1640 20.84 13.16 -32.15
C SER B 1640 20.54 13.75 -30.79
N PHE B 1641 19.40 13.36 -30.17
CA PHE B 1641 19.08 13.90 -28.86
C PHE B 1641 19.94 13.27 -27.76
N ALA B 1642 20.27 11.99 -27.89
CA ALA B 1642 21.15 11.38 -26.93
C ALA B 1642 22.56 11.89 -27.04
N ALA B 1643 22.95 12.43 -28.18
CA ALA B 1643 24.30 12.99 -28.32
C ALA B 1643 24.36 14.49 -28.10
N SER B 1644 23.24 15.20 -28.15
CA SER B 1644 23.30 16.65 -27.98
C SER B 1644 22.34 17.16 -26.92
N GLY B 1645 21.27 16.44 -26.67
CA GLY B 1645 20.34 16.90 -25.67
C GLY B 1645 19.56 18.12 -26.08
N GLU B 1646 19.51 18.42 -27.37
CA GLU B 1646 18.83 19.59 -27.89
C GLU B 1646 17.72 19.18 -28.82
N VAL B 1647 16.61 19.90 -28.73
CA VAL B 1647 15.41 19.66 -29.54
C VAL B 1647 15.61 20.34 -30.89
N PRO B 1648 15.26 19.68 -32.00
CA PRO B 1648 15.26 20.40 -33.28
C PRO B 1648 14.30 21.58 -33.25
N GLU B 1649 14.75 22.71 -33.79
CA GLU B 1649 13.99 23.94 -33.63
C GLU B 1649 12.68 23.92 -34.37
N ASP B 1650 12.48 22.95 -35.26
CA ASP B 1650 11.20 22.85 -35.94
C ASP B 1650 10.09 22.47 -34.98
N LEU B 1651 10.43 21.81 -33.88
CA LEU B 1651 9.48 21.35 -32.89
C LEU B 1651 9.16 22.42 -31.85
N LEU B 1652 9.97 23.46 -31.75
CA LEU B 1652 9.82 24.46 -30.71
C LEU B 1652 9.07 25.69 -31.15
N ARG B 1653 8.99 25.97 -32.45
CA ARG B 1653 8.30 27.14 -32.92
C ARG B 1653 6.80 26.98 -32.78
N GLU B 1654 6.12 28.08 -32.47
CA GLU B 1654 4.69 28.04 -32.22
C GLU B 1654 3.87 28.96 -33.11
N SER B 1655 4.46 29.96 -33.72
CA SER B 1655 3.78 30.81 -34.67
C SER B 1655 4.28 30.52 -36.08
N GLN B 1656 3.57 31.04 -37.05
CA GLN B 1656 3.93 30.86 -38.45
C GLN B 1656 4.67 32.06 -39.01
N LEU B 1657 5.10 32.99 -38.17
CA LEU B 1657 5.73 34.20 -38.68
C LEU B 1657 7.00 33.91 -39.48
N GLN B 1658 7.65 32.78 -39.22
CA GLN B 1658 8.83 32.50 -40.02
C GLN B 1658 8.47 32.14 -41.46
N GLU B 1659 7.34 31.47 -41.69
CA GLU B 1659 6.92 31.24 -43.06
C GLU B 1659 6.55 32.53 -43.74
N TYR B 1660 5.77 33.37 -43.06
CA TYR B 1660 5.36 34.62 -43.67
C TYR B 1660 6.54 35.52 -43.98
N ARG B 1661 7.63 35.40 -43.23
CA ARG B 1661 8.81 36.20 -43.54
C ARG B 1661 9.70 35.54 -44.57
N ARG B 1662 9.61 34.23 -44.73
CA ARG B 1662 10.34 33.58 -45.81
C ARG B 1662 9.70 33.85 -47.17
N LEU B 1663 8.37 33.90 -47.22
CA LEU B 1663 7.69 34.25 -48.45
C LEU B 1663 7.92 35.71 -48.80
N SER B 1664 7.43 36.62 -47.97
CA SER B 1664 7.48 38.05 -48.26
C SER B 1664 8.90 38.57 -48.01
N GLN B 1665 9.82 38.13 -48.86
CA GLN B 1665 11.22 38.47 -48.75
C GLN B 1665 11.66 39.31 -49.94
N GLY B 1666 12.76 40.03 -49.74
CA GLY B 1666 13.21 40.98 -50.74
C GLY B 1666 12.74 42.40 -50.46
N VAL B 1667 11.43 42.62 -50.52
CA VAL B 1667 10.84 43.90 -50.14
C VAL B 1667 10.13 43.81 -48.80
N GLY B 1668 9.50 42.67 -48.53
CA GLY B 1668 8.79 42.48 -47.28
C GLY B 1668 7.36 42.98 -47.33
N SER B 1669 6.69 42.78 -48.45
CA SER B 1669 5.30 43.21 -48.61
C SER B 1669 4.41 42.00 -48.78
N SER B 1670 3.11 42.23 -48.69
CA SER B 1670 2.17 41.14 -48.89
C SER B 1670 2.03 40.79 -50.36
N GLU B 1671 2.32 41.72 -51.25
CA GLU B 1671 2.26 41.39 -52.67
C GLU B 1671 3.30 40.36 -53.05
N GLU B 1672 4.54 40.52 -52.57
CA GLU B 1672 5.53 39.49 -52.82
C GLU B 1672 5.14 38.18 -52.19
N GLY B 1673 4.48 38.21 -51.05
CA GLY B 1673 4.06 36.98 -50.42
C GLY B 1673 3.05 36.24 -51.27
N LEU B 1674 2.05 36.96 -51.75
CA LEU B 1674 1.05 36.32 -52.62
C LEU B 1674 1.68 35.86 -53.92
N LEU B 1675 2.61 36.62 -54.47
CA LEU B 1675 3.23 36.21 -55.72
C LEU B 1675 4.06 34.96 -55.53
N ASN B 1676 4.73 34.82 -54.39
CA ASN B 1676 5.45 33.57 -54.15
C ASN B 1676 4.49 32.42 -53.95
N LEU B 1677 3.37 32.67 -53.27
CA LEU B 1677 2.41 31.61 -53.05
C LEU B 1677 1.80 31.13 -54.36
N ILE B 1678 1.54 32.05 -55.27
CA ILE B 1678 0.97 31.68 -56.56
C ILE B 1678 2.01 31.04 -57.46
N LYS B 1679 3.23 31.57 -57.47
CA LYS B 1679 4.28 30.99 -58.28
C LYS B 1679 4.59 29.56 -57.85
N SER B 1680 4.49 29.28 -56.56
CA SER B 1680 4.75 27.91 -56.13
C SER B 1680 3.69 26.93 -56.60
N LEU B 1681 2.58 27.40 -57.14
CA LEU B 1681 1.56 26.50 -57.64
C LEU B 1681 1.83 26.05 -59.06
N THR B 1682 2.63 26.80 -59.82
CA THR B 1682 2.93 26.40 -61.18
C THR B 1682 3.75 25.12 -61.22
N ILE B 1683 4.64 24.94 -60.26
CA ILE B 1683 5.52 23.77 -60.27
C ILE B 1683 4.99 22.62 -59.42
N SER B 1684 4.08 22.88 -58.47
CA SER B 1684 3.64 21.87 -57.53
C SER B 1684 2.17 21.52 -57.69
N GLY B 1685 1.61 21.69 -58.88
CA GLY B 1685 0.20 21.49 -59.10
C GLY B 1685 -0.08 20.40 -60.13
N ASP B 1686 -1.33 19.97 -60.14
CA ASP B 1686 -1.92 19.20 -61.23
C ASP B 1686 -2.47 20.14 -62.29
N CYS B 1687 -2.58 19.63 -63.52
CA CYS B 1687 -2.86 20.43 -64.71
C CYS B 1687 -3.80 21.59 -64.42
N PHE B 1688 -4.85 21.33 -63.65
CA PHE B 1688 -5.81 22.38 -63.34
C PHE B 1688 -5.19 23.47 -62.49
N THR B 1689 -4.50 23.08 -61.42
CA THR B 1689 -3.93 24.08 -60.51
C THR B 1689 -2.85 24.89 -61.19
N ALA B 1690 -1.97 24.23 -61.93
CA ALA B 1690 -0.95 24.99 -62.64
C ALA B 1690 -1.59 25.91 -63.67
N GLY B 1691 -2.71 25.50 -64.26
CA GLY B 1691 -3.38 26.38 -65.20
C GLY B 1691 -3.93 27.62 -64.52
N LEU B 1692 -4.57 27.43 -63.36
CA LEU B 1692 -5.10 28.55 -62.61
C LEU B 1692 -3.99 29.52 -62.19
N ALA B 1693 -2.86 28.99 -61.76
CA ALA B 1693 -1.76 29.85 -61.32
C ALA B 1693 -1.14 30.61 -62.48
N GLU B 1694 -0.92 29.94 -63.63
CA GLU B 1694 -0.37 30.64 -64.77
C GLU B 1694 -1.33 31.72 -65.25
N ALA B 1695 -2.63 31.45 -65.21
CA ALA B 1695 -3.60 32.47 -65.63
C ALA B 1695 -3.54 33.68 -64.71
N ALA B 1696 -3.51 33.44 -63.39
CA ALA B 1696 -3.46 34.55 -62.45
C ALA B 1696 -2.21 35.38 -62.65
N LEU B 1697 -1.05 34.74 -62.79
CA LEU B 1697 0.17 35.50 -63.01
C LEU B 1697 0.16 36.24 -64.32
N ARG B 1698 -0.45 35.67 -65.36
CA ARG B 1698 -0.52 36.38 -66.63
C ARG B 1698 -1.30 37.67 -66.49
N THR B 1699 -2.46 37.59 -65.87
CA THR B 1699 -3.24 38.81 -65.68
C THR B 1699 -2.51 39.81 -64.80
N ILE B 1700 -1.91 39.35 -63.71
CA ILE B 1700 -1.23 40.26 -62.80
C ILE B 1700 -0.10 40.97 -63.51
N VAL B 1701 0.80 40.22 -64.15
CA VAL B 1701 1.98 40.83 -64.73
C VAL B 1701 1.60 41.72 -65.90
N SER B 1702 0.61 41.33 -66.69
CA SER B 1702 0.22 42.19 -67.80
C SER B 1702 -0.38 43.50 -67.29
N ASP B 1703 -1.19 43.44 -66.26
CA ASP B 1703 -1.78 44.68 -65.74
C ASP B 1703 -0.75 45.54 -65.01
N ALA B 1704 0.30 44.93 -64.49
CA ALA B 1704 1.36 45.72 -63.89
C ALA B 1704 2.23 46.36 -64.96
N ILE B 1705 2.38 45.71 -66.11
CA ILE B 1705 3.19 46.27 -67.17
C ILE B 1705 2.44 47.40 -67.87
N SER B 1706 1.15 47.22 -68.14
CA SER B 1706 0.41 48.24 -68.87
C SER B 1706 0.20 49.49 -68.03
N ASP B 1707 -0.26 49.33 -66.80
CA ASP B 1707 -0.57 50.46 -65.94
C ASP B 1707 0.66 51.06 -65.27
N ASN B 1708 1.85 50.50 -65.48
CA ASN B 1708 3.10 51.04 -64.96
C ASN B 1708 3.07 51.22 -63.45
N ASP B 1709 2.58 50.19 -62.75
CA ASP B 1709 2.61 50.21 -61.30
C ASP B 1709 4.01 49.81 -60.84
N HIS B 1710 4.71 50.74 -60.22
CA HIS B 1710 6.09 50.48 -59.86
C HIS B 1710 6.20 49.61 -58.63
N ASP B 1711 5.28 49.73 -57.67
CA ASP B 1711 5.32 48.85 -56.51
C ASP B 1711 5.09 47.40 -56.91
N LEU B 1712 4.04 47.16 -57.68
CA LEU B 1712 3.77 45.80 -58.14
C LEU B 1712 4.84 45.29 -59.10
N LEU B 1713 5.41 46.17 -59.92
CA LEU B 1713 6.51 45.75 -60.77
C LEU B 1713 7.71 45.31 -59.95
N SER B 1714 8.05 46.09 -58.92
CA SER B 1714 9.17 45.70 -58.08
C SER B 1714 8.87 44.43 -57.31
N ALA B 1715 7.58 44.17 -57.03
CA ALA B 1715 7.23 42.91 -56.40
C ALA B 1715 7.42 41.73 -57.36
N CYS B 1716 7.00 41.90 -58.61
CA CYS B 1716 7.12 40.81 -59.59
C CYS B 1716 8.57 40.53 -59.93
N GLN B 1717 9.38 41.58 -60.13
CA GLN B 1717 10.76 41.36 -60.51
C GLN B 1717 11.54 40.62 -59.44
N GLU B 1718 11.03 40.57 -58.21
CA GLU B 1718 11.71 39.87 -57.14
C GLU B 1718 11.03 38.59 -56.71
N SER B 1719 9.79 38.38 -57.12
CA SER B 1719 9.11 37.14 -56.80
C SER B 1719 9.23 36.09 -57.90
N LEU B 1720 9.31 36.50 -59.15
CA LEU B 1720 9.32 35.58 -60.26
C LEU B 1720 10.67 35.56 -60.94
N PRO B 1721 11.17 34.40 -61.32
CA PRO B 1721 12.37 34.35 -62.17
C PRO B 1721 12.06 34.92 -63.53
N GLU B 1722 13.12 35.27 -64.26
CA GLU B 1722 12.93 35.96 -65.53
C GLU B 1722 12.16 35.15 -66.57
N PRO B 1723 12.39 33.84 -66.76
CA PRO B 1723 11.61 33.13 -67.77
C PRO B 1723 10.13 33.13 -67.51
N LEU B 1724 9.71 33.04 -66.24
CA LEU B 1724 8.29 33.15 -65.93
C LEU B 1724 7.81 34.59 -65.96
N LEU B 1725 8.71 35.54 -65.75
CA LEU B 1725 8.34 36.94 -65.84
C LEU B 1725 8.12 37.37 -67.27
N ILE B 1726 8.69 36.64 -68.23
CA ILE B 1726 8.51 36.94 -69.65
C ILE B 1726 7.31 36.22 -70.23
N ALA B 1727 7.07 34.98 -69.79
CA ALA B 1727 5.95 34.20 -70.29
C ALA B 1727 4.64 34.56 -69.66
N SER B 1728 4.59 35.64 -68.87
CA SER B 1728 3.35 36.10 -68.27
C SER B 1728 2.87 37.40 -68.88
N ASN B 1729 3.54 37.89 -69.91
CA ASN B 1729 3.30 39.20 -70.47
C ASN B 1729 2.62 39.04 -71.81
N TRP B 1730 1.37 39.50 -71.91
CA TRP B 1730 0.68 39.63 -73.18
C TRP B 1730 1.18 40.89 -73.87
N ASP B 1731 2.36 40.79 -74.48
CA ASP B 1731 2.97 41.99 -75.07
C ASP B 1731 2.24 42.42 -76.33
N PRO B 1732 2.13 41.57 -77.40
CA PRO B 1732 1.45 41.95 -78.65
C PRO B 1732 0.01 41.51 -78.78
N TYR B 1733 -0.70 41.32 -77.67
CA TYR B 1733 -2.04 40.73 -77.67
C TYR B 1733 -2.91 41.41 -76.64
N ARG B 1734 -3.94 40.70 -76.15
CA ARG B 1734 -4.80 41.23 -75.10
C ARG B 1734 -5.34 40.09 -74.26
N THR B 1735 -5.55 40.34 -72.98
CA THR B 1735 -5.88 39.27 -72.03
C THR B 1735 -7.23 38.64 -72.36
N PRO B 1736 -7.29 37.34 -72.61
CA PRO B 1736 -8.51 36.72 -73.14
C PRO B 1736 -9.57 36.47 -72.09
N LEU B 1737 -10.83 36.52 -72.53
CA LEU B 1737 -11.96 36.36 -71.62
C LEU B 1737 -12.09 34.96 -71.04
N SER B 1738 -11.22 34.03 -71.43
CA SER B 1738 -11.25 32.70 -70.85
C SER B 1738 -10.44 32.63 -69.57
N ASP B 1739 -9.45 33.51 -69.42
CA ASP B 1739 -8.68 33.60 -68.18
C ASP B 1739 -9.51 34.21 -67.07
N GLN B 1740 -9.96 35.46 -67.26
CA GLN B 1740 -10.60 36.25 -66.22
C GLN B 1740 -11.99 35.70 -65.92
N PHE B 1741 -12.04 34.60 -65.18
CA PHE B 1741 -13.30 33.95 -64.86
C PHE B 1741 -13.60 34.08 -63.38
N LYS B 1742 -14.75 34.67 -63.07
CA LYS B 1742 -15.09 35.00 -61.70
C LYS B 1742 -15.83 33.85 -61.03
N VAL B 1743 -15.75 33.84 -59.70
CA VAL B 1743 -16.45 32.87 -58.86
C VAL B 1743 -16.97 33.63 -57.63
N GLU B 1750 -23.84 33.51 -42.91
CA GLU B 1750 -22.84 34.56 -43.11
C GLU B 1750 -21.51 34.08 -42.59
N VAL B 1751 -20.44 34.72 -43.05
CA VAL B 1751 -19.09 34.38 -42.62
C VAL B 1751 -18.52 35.38 -41.65
N PHE B 1752 -19.13 36.56 -41.53
CA PHE B 1752 -18.71 37.58 -40.57
C PHE B 1752 -19.49 37.46 -39.25
N SER B 1753 -19.56 36.25 -38.68
CA SER B 1753 -20.31 36.04 -37.44
C SER B 1753 -19.75 34.81 -36.74
N ALA B 1754 -20.28 34.53 -35.56
CA ALA B 1754 -19.80 33.40 -34.78
C ALA B 1754 -20.41 32.10 -35.29
N ARG B 1755 -19.91 30.98 -34.74
CA ARG B 1755 -20.32 29.64 -35.12
C ARG B 1755 -19.90 29.33 -36.55
N ALA B 1756 -19.37 30.34 -37.24
CA ALA B 1756 -18.78 30.14 -38.54
C ALA B 1756 -17.34 29.71 -38.42
N LEU B 1757 -16.75 29.90 -37.25
CA LEU B 1757 -15.37 29.51 -37.02
C LEU B 1757 -15.19 28.02 -36.99
N GLU B 1758 -16.27 27.25 -37.03
CA GLU B 1758 -16.17 25.82 -36.86
C GLU B 1758 -16.30 25.04 -38.16
N ASN B 1759 -16.59 25.70 -39.28
CA ASN B 1759 -16.57 24.75 -40.37
C ASN B 1759 -15.23 24.79 -41.08
N PRO B 1760 -14.74 23.66 -41.55
CA PRO B 1760 -13.36 23.59 -42.06
C PRO B 1760 -13.08 24.45 -43.27
N ASN B 1761 -14.05 25.24 -43.73
CA ASN B 1761 -13.86 26.14 -44.85
C ASN B 1761 -14.11 27.58 -44.47
N TRP B 1762 -13.91 27.91 -43.20
CA TRP B 1762 -14.09 29.29 -42.76
C TRP B 1762 -13.09 30.19 -43.46
N SER B 1763 -11.83 29.78 -43.48
CA SER B 1763 -10.78 30.62 -44.04
C SER B 1763 -11.03 30.90 -45.51
N GLN B 1764 -11.42 29.88 -46.26
CA GLN B 1764 -11.63 30.03 -47.70
C GLN B 1764 -12.78 30.99 -47.99
N HIS B 1765 -13.92 30.78 -47.32
CA HIS B 1765 -15.07 31.67 -47.53
C HIS B 1765 -14.75 33.09 -47.11
N LEU B 1766 -14.07 33.27 -45.99
CA LEU B 1766 -13.78 34.63 -45.53
C LEU B 1766 -12.75 35.30 -46.43
N ALA B 1767 -11.78 34.55 -46.93
CA ALA B 1767 -10.80 35.12 -47.84
C ALA B 1767 -11.45 35.57 -49.13
N ILE B 1768 -12.37 34.75 -49.66
CA ILE B 1768 -13.07 35.14 -50.87
C ILE B 1768 -13.92 36.38 -50.61
N ARG B 1769 -14.65 36.38 -49.49
CA ARG B 1769 -15.48 37.52 -49.14
C ARG B 1769 -14.67 38.80 -49.05
N LEU B 1770 -13.46 38.72 -48.52
CA LEU B 1770 -12.63 39.92 -48.39
C LEU B 1770 -12.04 40.33 -49.73
N ALA B 1771 -11.51 39.36 -50.48
CA ALA B 1771 -10.85 39.68 -51.74
C ALA B 1771 -11.84 40.26 -52.74
N LEU B 1772 -13.12 39.88 -52.66
CA LEU B 1772 -14.07 40.45 -53.60
C LEU B 1772 -14.36 41.91 -53.32
N SER B 1773 -14.05 42.40 -52.13
CA SER B 1773 -14.39 43.76 -51.75
C SER B 1773 -13.35 44.78 -52.19
N ALA B 1774 -12.32 44.36 -52.91
CA ALA B 1774 -11.27 45.27 -53.38
C ALA B 1774 -10.92 44.90 -54.81
N PRO B 1775 -11.75 45.30 -55.77
CA PRO B 1775 -11.47 44.93 -57.16
C PRO B 1775 -10.36 45.74 -57.79
N LYS B 1776 -10.01 46.91 -57.25
CA LYS B 1776 -8.99 47.73 -57.88
C LYS B 1776 -7.60 47.13 -57.71
N ILE B 1777 -7.37 46.35 -56.67
CA ILE B 1777 -6.08 45.67 -56.51
C ILE B 1777 -6.08 44.45 -57.41
N VAL B 1778 -5.16 44.43 -58.37
CA VAL B 1778 -5.16 43.32 -59.32
C VAL B 1778 -4.77 42.04 -58.62
N THR B 1779 -3.97 42.11 -57.57
CA THR B 1779 -3.48 40.89 -56.94
C THR B 1779 -4.59 40.17 -56.20
N LEU B 1780 -5.59 40.90 -55.74
CA LEU B 1780 -6.72 40.29 -55.06
C LEU B 1780 -7.85 39.93 -56.00
N ARG B 1781 -7.87 40.51 -57.19
CA ARG B 1781 -8.94 40.23 -58.14
C ARG B 1781 -8.84 38.83 -58.69
N VAL B 1782 -7.63 38.30 -58.84
CA VAL B 1782 -7.43 37.01 -59.48
C VAL B 1782 -7.41 35.88 -58.47
N LEU B 1783 -7.68 36.19 -57.22
CA LEU B 1783 -7.54 35.18 -56.17
C LEU B 1783 -8.71 34.21 -56.03
N PRO B 1784 -9.96 34.67 -56.05
CA PRO B 1784 -11.09 33.75 -55.83
C PRO B 1784 -11.01 32.49 -56.69
N PRO B 1785 -10.52 32.57 -57.94
CA PRO B 1785 -10.39 31.33 -58.73
C PRO B 1785 -9.34 30.36 -58.21
N ILE B 1786 -8.48 30.78 -57.29
CA ILE B 1786 -7.47 29.91 -56.70
C ILE B 1786 -7.83 29.55 -55.27
N LEU B 1787 -8.44 30.49 -54.54
CA LEU B 1787 -8.84 30.24 -53.15
C LEU B 1787 -9.89 29.15 -53.07
N SER B 1788 -10.79 29.10 -54.06
CA SER B 1788 -11.87 28.11 -54.01
C SER B 1788 -11.41 26.74 -54.53
N LYS B 1789 -10.59 26.71 -55.57
CA LYS B 1789 -10.22 25.43 -56.15
C LYS B 1789 -9.10 24.76 -55.35
N VAL B 1790 -7.94 25.41 -55.24
CA VAL B 1790 -6.79 24.79 -54.63
C VAL B 1790 -7.04 24.55 -53.15
N LYS B 1791 -6.62 23.39 -52.67
CA LYS B 1791 -6.85 22.99 -51.30
C LYS B 1791 -5.70 23.41 -50.39
N GLY B 1792 -6.03 24.02 -49.27
CA GLY B 1792 -5.02 24.49 -48.35
C GLY B 1792 -4.37 25.78 -48.74
N PHE B 1793 -4.87 26.46 -49.76
CA PHE B 1793 -4.26 27.71 -50.19
C PHE B 1793 -4.76 28.88 -49.39
N ALA B 1794 -6.00 28.82 -48.91
CA ALA B 1794 -6.55 29.96 -48.18
C ALA B 1794 -5.91 30.11 -46.82
N GLU B 1795 -5.58 29.00 -46.16
CA GLU B 1795 -4.87 29.09 -44.89
C GLU B 1795 -3.48 29.66 -45.06
N ARG B 1796 -2.82 29.37 -46.18
CA ARG B 1796 -1.49 29.92 -46.39
C ARG B 1796 -1.55 31.38 -46.80
N ALA B 1797 -2.61 31.82 -47.45
CA ALA B 1797 -2.68 33.17 -47.99
C ALA B 1797 -3.54 34.10 -47.17
N PHE B 1798 -4.13 33.64 -46.07
CA PHE B 1798 -5.05 34.48 -45.31
C PHE B 1798 -4.42 35.77 -44.79
N PRO B 1799 -3.25 35.76 -44.13
CA PRO B 1799 -2.72 37.02 -43.62
C PRO B 1799 -2.44 38.04 -44.70
N PHE B 1800 -1.90 37.60 -45.83
CA PHE B 1800 -1.58 38.52 -46.91
C PHE B 1800 -2.84 39.18 -47.44
N VAL B 1801 -3.91 38.40 -47.60
CA VAL B 1801 -5.17 38.95 -48.10
C VAL B 1801 -5.73 39.97 -47.13
N VAL B 1802 -5.77 39.62 -45.84
CA VAL B 1802 -6.31 40.55 -44.85
C VAL B 1802 -5.50 41.84 -44.84
N HIS B 1803 -4.19 41.73 -44.90
CA HIS B 1803 -3.38 42.94 -44.87
C HIS B 1803 -3.59 43.77 -46.11
N LEU B 1804 -3.72 43.13 -47.27
CA LEU B 1804 -3.88 43.89 -48.50
C LEU B 1804 -5.18 44.67 -48.49
N VAL B 1805 -6.26 44.03 -48.05
CA VAL B 1805 -7.56 44.69 -47.99
C VAL B 1805 -7.52 45.85 -47.00
N LEU B 1806 -7.00 45.61 -45.79
CA LEU B 1806 -6.99 46.65 -44.77
C LEU B 1806 -6.11 47.82 -45.19
N ALA B 1807 -5.01 47.54 -45.86
CA ALA B 1807 -4.14 48.62 -46.30
C ALA B 1807 -4.75 49.38 -47.45
N TYR B 1808 -5.49 48.70 -48.31
CA TYR B 1808 -6.18 49.37 -49.41
C TYR B 1808 -7.19 50.36 -48.89
N GLN B 1809 -8.13 49.89 -48.08
CA GLN B 1809 -9.18 50.81 -47.64
C GLN B 1809 -8.80 51.52 -46.36
N LEU B 1810 -7.62 52.13 -46.33
CA LEU B 1810 -7.17 52.83 -45.13
C LEU B 1810 -7.75 54.23 -45.05
N ASP B 1811 -7.71 54.96 -46.15
CA ASP B 1811 -8.25 56.31 -46.20
C ASP B 1811 -9.70 56.37 -46.66
N LYS B 1812 -10.18 55.31 -47.32
CA LYS B 1812 -11.57 55.23 -47.72
C LYS B 1812 -12.41 54.83 -46.52
N GLN B 1813 -13.65 54.43 -46.76
CA GLN B 1813 -14.49 53.91 -45.68
C GLN B 1813 -13.98 52.56 -45.25
N GLN B 1814 -13.66 52.41 -43.96
CA GLN B 1814 -13.02 51.21 -43.44
C GLN B 1814 -14.09 50.21 -43.06
N SER B 1815 -14.44 49.36 -44.03
CA SER B 1815 -15.48 48.38 -43.83
C SER B 1815 -14.94 47.06 -43.31
N ALA B 1816 -13.88 46.54 -43.92
CA ALA B 1816 -13.33 45.27 -43.48
C ALA B 1816 -12.81 45.39 -42.05
N LYS B 1817 -12.22 46.52 -41.69
CA LYS B 1817 -11.77 46.71 -40.33
C LYS B 1817 -12.94 46.61 -39.36
N ARG B 1818 -14.03 47.32 -39.65
CA ARG B 1818 -15.19 47.32 -38.76
C ARG B 1818 -15.77 45.92 -38.64
N GLU B 1819 -15.94 45.22 -39.75
CA GLU B 1819 -16.53 43.90 -39.69
C GLU B 1819 -15.63 42.92 -38.94
N LEU B 1820 -14.34 42.92 -39.25
CA LEU B 1820 -13.45 41.96 -38.60
C LEU B 1820 -13.28 42.26 -37.11
N SER B 1821 -13.20 43.53 -36.76
CA SER B 1821 -13.05 43.87 -35.35
C SER B 1821 -14.33 43.70 -34.56
N GLU B 1822 -15.50 43.71 -35.21
CA GLU B 1822 -16.70 43.32 -34.49
C GLU B 1822 -16.84 41.81 -34.38
N SER B 1823 -16.36 41.06 -35.35
CA SER B 1823 -16.48 39.60 -35.24
C SER B 1823 -15.45 39.02 -34.28
N LEU B 1824 -14.29 39.68 -34.15
CA LEU B 1824 -13.25 39.13 -33.28
C LEU B 1824 -13.72 39.04 -31.84
N GLN B 1825 -14.59 39.95 -31.41
CA GLN B 1825 -15.11 39.89 -30.04
C GLN B 1825 -15.83 38.58 -29.76
N GLU B 1826 -16.34 37.92 -30.79
CA GLU B 1826 -16.99 36.63 -30.63
C GLU B 1826 -16.10 35.47 -31.01
N TRP B 1827 -15.16 35.69 -31.92
CA TRP B 1827 -14.33 34.58 -32.37
C TRP B 1827 -13.26 34.23 -31.35
N LEU B 1828 -12.75 35.22 -30.63
CA LEU B 1828 -11.65 34.95 -29.71
C LEU B 1828 -12.12 34.22 -28.46
N ASN B 1829 -13.38 34.37 -28.09
CA ASN B 1829 -13.94 33.70 -26.91
C ASN B 1829 -14.63 32.41 -27.33
N PHE B 1830 -13.89 31.52 -27.99
CA PHE B 1830 -14.48 30.34 -28.61
C PHE B 1830 -13.74 29.08 -28.19
N THR B 1831 -14.21 28.45 -27.13
CA THR B 1831 -13.66 27.18 -26.69
C THR B 1831 -14.32 26.07 -27.49
N SER B 1832 -13.55 25.36 -28.29
CA SER B 1832 -14.08 24.25 -29.09
C SER B 1832 -12.93 23.46 -29.67
N GLU B 1833 -13.18 22.20 -29.92
CA GLU B 1833 -12.17 21.39 -30.59
C GLU B 1833 -12.18 21.62 -32.10
N PRO B 1834 -13.33 21.69 -32.78
CA PRO B 1834 -13.29 21.94 -34.23
C PRO B 1834 -12.86 23.35 -34.59
N ALA B 1835 -12.93 24.30 -33.67
CA ALA B 1835 -12.58 25.69 -33.97
C ALA B 1835 -11.17 26.06 -33.56
N LYS B 1836 -10.38 25.12 -33.07
CA LYS B 1836 -9.04 25.44 -32.62
C LYS B 1836 -8.15 25.80 -33.80
N GLU B 1837 -8.29 25.08 -34.92
CA GLU B 1837 -7.39 25.26 -36.04
C GLU B 1837 -7.64 26.54 -36.81
N ASN B 1838 -8.84 27.11 -36.71
CA ASN B 1838 -9.09 28.43 -37.27
C ASN B 1838 -8.73 29.53 -36.29
N LEU B 1839 -8.81 29.24 -35.00
CA LEU B 1839 -8.34 30.21 -34.02
C LEU B 1839 -6.84 30.43 -34.12
N LYS B 1840 -6.09 29.36 -34.36
CA LYS B 1840 -4.66 29.52 -34.60
C LYS B 1840 -4.40 30.46 -35.76
N LEU B 1841 -5.20 30.36 -36.80
CA LEU B 1841 -5.01 31.21 -37.96
C LEU B 1841 -5.37 32.66 -37.67
N LEU B 1842 -6.38 32.87 -36.84
CA LEU B 1842 -6.70 34.25 -36.45
C LEU B 1842 -5.58 34.87 -35.63
N ILE B 1843 -5.01 34.11 -34.71
CA ILE B 1843 -3.92 34.63 -33.90
C ILE B 1843 -2.69 34.93 -34.77
N ASN B 1844 -2.36 34.03 -35.70
CA ASN B 1844 -1.25 34.30 -36.58
C ASN B 1844 -1.50 35.49 -37.48
N THR B 1845 -2.75 35.74 -37.86
CA THR B 1845 -3.03 36.95 -38.63
C THR B 1845 -2.81 38.20 -37.79
N ILE B 1846 -3.21 38.18 -36.53
CA ILE B 1846 -2.97 39.33 -35.67
C ILE B 1846 -1.47 39.57 -35.51
N LEU B 1847 -0.73 38.51 -35.24
CA LEU B 1847 0.72 38.62 -35.11
C LEU B 1847 1.33 39.19 -36.39
N TYR B 1848 0.88 38.72 -37.55
CA TYR B 1848 1.46 39.20 -38.79
C TYR B 1848 1.14 40.66 -39.01
N LEU B 1849 -0.07 41.10 -38.68
CA LEU B 1849 -0.36 42.51 -38.86
C LEU B 1849 0.45 43.37 -37.91
N ARG B 1850 0.87 42.82 -36.77
CA ARG B 1850 1.71 43.60 -35.88
C ARG B 1850 3.07 43.96 -36.47
N THR B 1851 3.50 43.30 -37.54
CA THR B 1851 4.82 43.54 -38.11
C THR B 1851 4.78 44.35 -39.39
N GLN B 1852 3.62 44.86 -39.81
CA GLN B 1852 3.50 45.61 -41.04
C GLN B 1852 3.33 47.09 -40.76
N PRO B 1853 4.18 47.95 -41.29
CA PRO B 1853 4.12 49.36 -40.92
C PRO B 1853 2.85 50.02 -41.42
N LEU B 1854 2.13 50.63 -40.52
CA LEU B 1854 1.06 51.54 -40.85
C LEU B 1854 1.61 52.66 -41.71
N PRO B 1855 0.87 53.15 -42.69
CA PRO B 1855 1.26 54.40 -43.34
C PRO B 1855 0.86 55.60 -42.49
N GLY B 1856 1.81 56.49 -42.26
CA GLY B 1856 1.60 57.66 -41.42
C GLY B 1856 1.61 57.34 -39.95
N GLU B 1857 2.65 56.66 -39.48
CA GLU B 1857 2.77 56.29 -38.09
C GLU B 1857 4.03 56.93 -37.52
N SER B 1858 3.99 57.20 -36.22
CA SER B 1858 5.15 57.69 -35.50
C SER B 1858 5.92 56.59 -34.81
N SER B 1859 5.24 55.56 -34.36
CA SER B 1859 5.86 54.51 -33.57
C SER B 1859 5.20 53.19 -33.91
N ILE B 1860 5.80 52.10 -33.44
CA ILE B 1860 5.18 50.79 -33.60
C ILE B 1860 3.96 50.62 -32.71
N ALA B 1861 3.68 51.60 -31.86
CA ALA B 1861 2.49 51.52 -31.03
C ALA B 1861 1.22 51.87 -31.78
N ASP B 1862 1.33 52.30 -33.04
CA ASP B 1862 0.18 52.57 -33.88
C ASP B 1862 -0.20 51.39 -34.75
N ARG B 1863 0.61 50.36 -34.80
CA ARG B 1863 0.21 49.15 -35.47
C ARG B 1863 -0.82 48.40 -34.71
N ALA B 1864 -1.33 48.98 -33.64
CA ALA B 1864 -2.48 48.42 -32.96
C ALA B 1864 -3.79 48.88 -33.56
N HIS B 1865 -3.74 49.64 -34.64
CA HIS B 1865 -4.91 50.18 -35.30
C HIS B 1865 -5.25 49.48 -36.60
N TRP B 1866 -4.50 48.43 -36.98
CA TRP B 1866 -4.94 47.61 -38.10
C TRP B 1866 -6.33 47.07 -37.84
N LEU B 1867 -6.49 46.32 -36.76
CA LEU B 1867 -7.76 45.88 -36.24
C LEU B 1867 -7.94 46.51 -34.87
N ASP B 1868 -8.98 46.10 -34.15
CA ASP B 1868 -9.20 46.53 -32.78
C ASP B 1868 -9.38 45.29 -31.93
N VAL B 1869 -8.28 44.76 -31.44
CA VAL B 1869 -8.27 43.50 -30.71
C VAL B 1869 -8.30 43.82 -29.23
N ASN B 1870 -9.08 43.05 -28.48
CA ASN B 1870 -9.04 43.08 -27.03
C ASN B 1870 -7.96 42.11 -26.59
N MET B 1871 -6.84 42.66 -26.11
CA MET B 1871 -5.64 41.84 -25.97
C MET B 1871 -5.74 40.84 -24.83
N ALA B 1872 -6.61 41.06 -23.86
CA ALA B 1872 -6.85 40.04 -22.85
C ALA B 1872 -7.54 38.83 -23.45
N SER B 1873 -8.51 39.06 -24.33
CA SER B 1873 -9.19 37.95 -24.99
C SER B 1873 -8.25 37.20 -25.92
N ALA B 1874 -7.38 37.93 -26.61
CA ALA B 1874 -6.40 37.28 -27.47
C ALA B 1874 -5.39 36.49 -26.66
N ALA B 1875 -5.00 37.00 -25.48
CA ALA B 1875 -4.10 36.26 -24.61
C ALA B 1875 -4.73 34.96 -24.14
N ALA B 1876 -5.98 35.02 -23.68
CA ALA B 1876 -6.69 33.81 -23.29
C ALA B 1876 -6.80 32.83 -24.45
N ALA B 1877 -7.10 33.34 -25.64
CA ALA B 1877 -7.26 32.47 -26.80
C ALA B 1877 -5.96 31.78 -27.16
N ALA B 1878 -4.86 32.53 -27.14
CA ALA B 1878 -3.57 31.93 -27.43
C ALA B 1878 -3.15 30.94 -26.36
N THR B 1879 -3.63 31.12 -25.14
CA THR B 1879 -3.37 30.13 -24.11
C THR B 1879 -4.15 28.86 -24.36
N ARG B 1880 -5.37 28.97 -24.89
CA ARG B 1880 -6.14 27.78 -25.20
C ARG B 1880 -5.49 26.96 -26.30
N CYS B 1881 -4.85 27.62 -27.27
CA CYS B 1881 -4.25 26.94 -28.41
C CYS B 1881 -2.86 26.40 -28.12
N GLY B 1882 -2.30 26.67 -26.95
CA GLY B 1882 -0.98 26.17 -26.64
C GLY B 1882 0.16 27.00 -27.14
N MET B 1883 -0.07 28.28 -27.41
CA MET B 1883 0.98 29.20 -27.85
C MET B 1883 1.26 30.11 -26.68
N TYR B 1884 2.23 29.75 -25.85
CA TYR B 1884 2.39 30.44 -24.58
C TYR B 1884 3.25 31.68 -24.68
N LYS B 1885 4.26 31.71 -25.55
CA LYS B 1885 5.03 32.94 -25.70
C LYS B 1885 4.20 34.01 -26.40
N VAL B 1886 3.38 33.62 -27.38
CA VAL B 1886 2.43 34.54 -28.00
C VAL B 1886 1.43 35.03 -26.98
N ALA B 1887 1.00 34.14 -26.08
CA ALA B 1887 0.08 34.55 -25.02
C ALA B 1887 0.74 35.55 -24.10
N LEU B 1888 2.01 35.35 -23.77
CA LEU B 1888 2.70 36.28 -22.90
C LEU B 1888 2.86 37.64 -23.56
N LEU B 1889 3.18 37.66 -24.87
CA LEU B 1889 3.27 38.92 -25.58
C LEU B 1889 1.94 39.66 -25.56
N PHE B 1890 0.84 38.94 -25.82
CA PHE B 1890 -0.46 39.58 -25.78
C PHE B 1890 -0.80 40.09 -24.39
N ALA B 1891 -0.45 39.32 -23.36
CA ALA B 1891 -0.73 39.75 -22.00
C ALA B 1891 0.03 41.02 -21.65
N GLU B 1892 1.26 41.15 -22.15
CA GLU B 1892 2.01 42.37 -21.90
C GLU B 1892 1.38 43.56 -22.62
N LEU B 1893 0.94 43.36 -23.86
CA LEU B 1893 0.25 44.44 -24.57
C LEU B 1893 -1.04 44.85 -23.84
N ALA B 1894 -1.76 43.88 -23.30
CA ALA B 1894 -2.96 44.19 -22.54
C ALA B 1894 -2.64 45.03 -21.33
N ALA B 1895 -1.63 44.62 -20.55
CA ALA B 1895 -1.26 45.38 -19.37
C ALA B 1895 -0.85 46.80 -19.74
N GLU B 1896 -0.16 46.97 -20.86
CA GLU B 1896 0.13 48.33 -21.31
C GLU B 1896 -1.14 49.08 -21.58
N SER B 1897 -2.13 48.42 -22.17
CA SER B 1897 -3.40 49.10 -22.47
C SER B 1897 -4.11 49.54 -21.20
N THR B 1898 -3.95 48.81 -20.08
CA THR B 1898 -4.62 49.23 -18.85
C THR B 1898 -3.99 50.48 -18.26
N ARG B 1899 -2.71 50.39 -17.89
CA ARG B 1899 -2.03 51.37 -17.04
C ARG B 1899 -2.36 52.83 -17.32
N SER B 1914 -4.94 38.33 -13.99
CA SER B 1914 -3.85 37.55 -13.41
C SER B 1914 -4.28 36.11 -13.21
N ASP B 1915 -5.45 35.77 -13.74
CA ASP B 1915 -5.86 34.38 -13.80
C ASP B 1915 -5.36 33.68 -15.04
N ILE B 1916 -5.04 34.43 -16.10
CA ILE B 1916 -4.46 33.84 -17.28
C ILE B 1916 -2.94 33.81 -17.18
N LEU B 1917 -2.36 34.73 -16.42
CA LEU B 1917 -0.92 34.75 -16.27
C LEU B 1917 -0.43 33.50 -15.55
N LEU B 1918 -1.26 32.93 -14.70
CA LEU B 1918 -0.83 31.71 -14.01
C LEU B 1918 -0.73 30.55 -14.99
N GLU B 1919 -1.70 30.41 -15.87
CA GLU B 1919 -1.65 29.35 -16.86
C GLU B 1919 -0.54 29.56 -17.85
N ILE B 1920 -0.22 30.83 -18.15
CA ILE B 1920 0.91 31.11 -19.03
C ILE B 1920 2.21 30.73 -18.35
N PHE B 1921 2.43 31.23 -17.13
CA PHE B 1921 3.67 31.03 -16.41
C PHE B 1921 3.94 29.56 -16.11
N GLU B 1922 2.90 28.80 -15.77
CA GLU B 1922 3.09 27.38 -15.45
C GLU B 1922 3.66 26.61 -16.62
N ASN B 1923 3.37 27.02 -17.85
CA ASN B 1923 3.69 26.21 -19.02
C ASN B 1923 4.79 26.78 -19.90
N ILE B 1924 5.08 28.07 -19.81
CA ILE B 1924 6.14 28.63 -20.62
C ILE B 1924 7.47 28.02 -20.19
N ASP B 1925 8.43 28.01 -21.12
CA ASP B 1925 9.64 27.22 -20.96
C ASP B 1925 10.79 28.10 -20.47
N ASP B 1926 10.75 28.43 -19.18
CA ASP B 1926 11.80 29.21 -18.53
C ASP B 1926 11.85 28.78 -17.08
N PRO B 1927 13.03 28.56 -16.52
CA PRO B 1927 13.09 28.08 -15.14
C PRO B 1927 12.62 29.08 -14.12
N ASP B 1928 12.83 30.37 -14.35
CA ASP B 1928 12.62 31.37 -13.31
C ASP B 1928 11.37 32.21 -13.49
N ALA B 1929 10.69 32.10 -14.63
CA ALA B 1929 9.59 33.01 -14.93
C ALA B 1929 8.43 32.86 -13.95
N TYR B 1930 8.15 31.62 -13.55
CA TYR B 1930 7.00 31.31 -12.71
C TYR B 1930 7.06 32.03 -11.38
N TYR B 1931 8.25 32.29 -10.86
CA TYR B 1931 8.40 32.87 -9.54
C TYR B 1931 8.14 34.36 -9.55
N GLY B 1932 7.91 34.94 -10.73
CA GLY B 1932 7.60 36.35 -10.80
C GLY B 1932 6.17 36.69 -10.60
N LEU B 1933 5.31 35.69 -10.56
CA LEU B 1933 3.88 35.87 -10.42
C LEU B 1933 3.51 35.93 -8.94
N SER B 1934 2.75 36.93 -8.56
CA SER B 1934 2.31 37.12 -7.18
C SER B 1934 0.92 36.54 -6.97
N GLN B 1935 0.75 35.81 -5.87
CA GLN B 1935 -0.55 35.25 -5.53
C GLN B 1935 -0.68 35.21 -4.02
N ASP B 1936 -1.90 35.01 -3.55
CA ASP B 1936 -2.14 35.02 -2.11
C ASP B 1936 -1.51 33.79 -1.46
N ALA B 1937 -0.94 33.99 -0.27
CA ALA B 1937 -0.10 33.00 0.36
C ALA B 1937 -0.90 32.08 1.26
N SER B 1938 -0.44 30.83 1.36
CA SER B 1938 -1.01 29.81 2.22
C SER B 1938 -0.12 28.58 2.10
N LEU B 1939 -0.41 27.57 2.92
CA LEU B 1939 0.35 26.33 2.82
C LEU B 1939 0.08 25.65 1.50
N SER B 1940 -1.12 25.82 0.95
CA SER B 1940 -1.46 25.19 -0.32
C SER B 1940 -0.66 25.81 -1.46
N THR B 1941 -0.50 27.13 -1.44
CA THR B 1941 0.24 27.78 -2.52
C THR B 1941 1.72 27.44 -2.46
N VAL B 1942 2.28 27.34 -1.25
CA VAL B 1942 3.66 26.90 -1.13
C VAL B 1942 3.80 25.46 -1.60
N LEU B 1943 2.78 24.65 -1.36
CA LEU B 1943 2.84 23.29 -1.87
C LEU B 1943 2.79 23.28 -3.39
N ALA B 1944 1.96 24.15 -3.97
CA ALA B 1944 1.89 24.23 -5.42
C ALA B 1944 3.23 24.62 -6.01
N ARG B 1945 3.89 25.60 -5.40
CA ARG B 1945 5.20 26.01 -5.89
C ARG B 1945 6.22 24.91 -5.73
N LEU B 1946 6.13 24.13 -4.66
CA LEU B 1946 7.10 23.05 -4.46
C LEU B 1946 6.86 21.90 -5.42
N GLU B 1947 5.61 21.69 -5.83
CA GLU B 1947 5.37 20.62 -6.80
C GLU B 1947 5.69 21.06 -8.22
N TYR B 1948 5.51 22.35 -8.54
CA TYR B 1948 6.03 22.87 -9.80
C TYR B 1948 7.54 22.73 -9.84
N GLU B 1949 8.20 23.12 -8.75
CA GLU B 1949 9.65 23.07 -8.64
C GLU B 1949 10.20 21.66 -8.65
N ASN B 1950 9.34 20.66 -8.54
CA ASN B 1950 9.75 19.26 -8.45
C ASN B 1950 10.74 19.04 -7.31
N ASP B 1951 10.38 19.57 -6.14
CA ASP B 1951 11.19 19.35 -4.96
C ASP B 1951 10.97 17.94 -4.43
N GLY B 1952 11.90 17.49 -3.60
CA GLY B 1952 11.89 16.13 -3.14
C GLY B 1952 11.18 15.97 -1.82
N ALA B 1953 11.95 15.83 -0.74
CA ALA B 1953 11.35 15.65 0.57
C ALA B 1953 10.53 16.87 0.99
N LYS B 1954 10.84 18.04 0.45
CA LYS B 1954 10.18 19.24 0.92
C LYS B 1954 8.71 19.25 0.54
N SER B 1955 8.37 18.71 -0.62
CA SER B 1955 6.97 18.59 -1.00
C SER B 1955 6.36 17.34 -0.40
N LEU B 1956 7.18 16.35 -0.12
CA LEU B 1956 6.70 15.15 0.56
C LEU B 1956 6.16 15.49 1.93
N ALA B 1957 6.78 16.43 2.64
CA ALA B 1957 6.29 16.81 3.95
C ALA B 1957 4.90 17.45 3.87
N PHE B 1958 4.76 18.49 3.06
CA PHE B 1958 3.47 19.18 2.95
C PHE B 1958 2.38 18.26 2.39
N ARG B 1959 2.75 17.39 1.45
CA ARG B 1959 1.76 16.48 0.88
C ARG B 1959 1.35 15.42 1.89
N GLY B 1960 2.29 14.90 2.68
CA GLY B 1960 1.92 13.95 3.71
C GLY B 1960 1.00 14.57 4.74
N ALA B 1961 1.25 15.83 5.12
CA ALA B 1961 0.33 16.51 6.02
C ALA B 1961 -1.06 16.62 5.43
N GLN B 1962 -1.17 17.11 4.20
CA GLN B 1962 -2.48 17.22 3.56
C GLN B 1962 -3.15 15.87 3.46
N TYR B 1963 -2.41 14.86 3.05
CA TYR B 1963 -2.99 13.54 2.83
C TYR B 1963 -3.52 12.94 4.12
N ASP B 1964 -2.77 13.07 5.21
CA ASP B 1964 -3.28 12.60 6.50
C ASP B 1964 -4.53 13.36 6.89
N SER B 1965 -4.49 14.69 6.82
CA SER B 1965 -5.64 15.47 7.25
C SER B 1965 -6.86 15.20 6.40
N HIS B 1966 -6.70 14.73 5.17
CA HIS B 1966 -7.85 14.40 4.34
C HIS B 1966 -8.32 12.97 4.51
N LEU B 1967 -7.42 12.04 4.82
CA LEU B 1967 -7.86 10.69 5.18
C LEU B 1967 -8.61 10.70 6.50
N ARG B 1968 -8.19 11.54 7.43
CA ARG B 1968 -8.80 11.53 8.75
C ARG B 1968 -10.20 12.12 8.71
N GLY B 1969 -10.38 13.21 7.98
CA GLY B 1969 -11.67 13.84 7.87
C GLY B 1969 -12.59 13.23 6.83
N ARG B 1970 -12.23 12.09 6.25
CA ARG B 1970 -13.00 11.44 5.21
C ARG B 1970 -13.30 12.40 4.06
N ASP B 1971 -12.34 13.24 3.73
CA ASP B 1971 -12.49 14.16 2.63
C ASP B 1971 -12.26 13.43 1.32
N LEU B 1972 -12.88 13.96 0.26
CA LEU B 1972 -12.76 13.35 -1.06
C LEU B 1972 -11.52 13.82 -1.81
N GLN B 1973 -10.84 14.85 -1.34
CA GLN B 1973 -9.65 15.29 -2.04
C GLN B 1973 -8.47 14.38 -1.82
N SER B 1974 -8.55 13.46 -0.84
CA SER B 1974 -7.39 12.63 -0.54
C SER B 1974 -6.90 11.88 -1.76
N ARG B 1975 -7.83 11.46 -2.62
CA ARG B 1975 -7.45 10.81 -3.86
C ARG B 1975 -6.45 11.64 -4.62
N GLN B 1976 -6.82 12.90 -4.91
CA GLN B 1976 -5.89 13.83 -5.55
C GLN B 1976 -4.58 13.89 -4.78
N ASP B 1977 -4.66 14.02 -3.45
CA ASP B 1977 -3.46 14.02 -2.64
C ASP B 1977 -2.62 12.79 -2.93
N CYS B 1978 -3.23 11.61 -2.88
CA CYS B 1978 -2.50 10.39 -3.19
C CYS B 1978 -1.83 10.51 -4.55
N ASN B 1979 -2.58 10.99 -5.54
CA ASN B 1979 -2.00 11.19 -6.87
C ASN B 1979 -0.73 12.03 -6.76
N ALA B 1980 -0.85 13.22 -6.16
CA ALA B 1980 0.31 14.08 -6.03
C ALA B 1980 1.45 13.34 -5.36
N LEU B 1981 1.15 12.63 -4.28
CA LEU B 1981 2.21 11.93 -3.56
C LEU B 1981 2.94 10.98 -4.48
N ILE B 1982 2.19 10.20 -5.25
CA ILE B 1982 2.82 9.28 -6.18
C ILE B 1982 3.81 10.02 -7.05
N LYS B 1983 3.36 11.11 -7.65
CA LYS B 1983 4.24 11.93 -8.46
C LYS B 1983 5.48 12.31 -7.71
N ALA B 1984 5.32 12.88 -6.51
CA ALA B 1984 6.47 13.26 -5.72
C ALA B 1984 7.40 12.08 -5.49
N LEU B 1985 6.84 10.95 -5.10
CA LEU B 1985 7.70 9.83 -4.76
C LEU B 1985 8.35 9.20 -5.97
N SER B 1986 7.87 9.51 -7.17
CA SER B 1986 8.54 9.03 -8.37
C SER B 1986 9.54 10.03 -8.90
N SER B 1987 9.58 11.24 -8.36
CA SER B 1987 10.61 12.20 -8.71
C SER B 1987 11.79 12.13 -7.78
N LEU B 1988 11.68 11.39 -6.69
CA LEU B 1988 12.77 11.19 -5.74
C LEU B 1988 13.60 9.97 -6.07
N GLY B 1989 12.98 8.88 -6.49
CA GLY B 1989 13.65 7.63 -6.67
C GLY B 1989 13.18 6.55 -5.73
N LEU B 1990 12.33 6.89 -4.77
CA LEU B 1990 11.72 5.92 -3.86
C LEU B 1990 10.63 5.18 -4.63
N ALA B 1991 11.00 4.07 -5.26
CA ALA B 1991 10.04 3.33 -6.06
C ALA B 1991 9.19 2.39 -5.24
N GLY B 1992 9.72 1.81 -4.16
CA GLY B 1992 8.92 0.92 -3.35
C GLY B 1992 7.76 1.62 -2.67
N LEU B 1993 8.01 2.82 -2.15
CA LEU B 1993 6.93 3.56 -1.51
C LEU B 1993 5.84 3.94 -2.50
N SER B 1994 6.24 4.36 -3.71
CA SER B 1994 5.22 4.70 -4.69
C SER B 1994 4.47 3.47 -5.17
N ASN B 1995 5.14 2.33 -5.24
CA ASN B 1995 4.45 1.09 -5.60
C ASN B 1995 3.36 0.76 -4.59
N SER B 1996 3.71 0.83 -3.30
CA SER B 1996 2.72 0.57 -2.26
C SER B 1996 1.61 1.61 -2.27
N LEU B 1997 1.92 2.86 -2.60
CA LEU B 1997 0.86 3.85 -2.75
C LEU B 1997 0.00 3.58 -3.97
N LEU B 1998 0.51 2.86 -4.95
CA LEU B 1998 -0.25 2.59 -6.15
C LEU B 1998 -1.28 1.52 -5.94
N GLN B 1999 -0.88 0.38 -5.38
CA GLN B 1999 -1.84 -0.72 -5.22
C GLN B 1999 -3.04 -0.32 -4.36
N SER B 2000 -2.80 0.47 -3.32
CA SER B 2000 -3.89 0.90 -2.44
C SER B 2000 -4.99 1.61 -3.21
N GLN B 2001 -4.63 2.59 -4.02
CA GLN B 2001 -5.61 3.30 -4.84
C GLN B 2001 -6.35 2.33 -5.75
N GLN B 2002 -7.68 2.44 -5.75
CA GLN B 2002 -8.55 1.54 -6.50
C GLN B 2002 -9.41 2.24 -7.55
N SER B 2003 -9.54 3.55 -7.50
CA SER B 2003 -10.08 4.31 -8.61
C SER B 2003 -8.90 4.95 -9.33
N ILE B 2004 -8.41 4.28 -10.38
CA ILE B 2004 -7.25 4.78 -11.10
C ILE B 2004 -7.74 5.70 -12.19
N ASP B 2005 -8.23 6.89 -11.82
CA ASP B 2005 -8.75 7.88 -12.78
C ASP B 2005 -8.12 9.24 -12.46
N GLY B 2006 -6.89 9.39 -12.89
CA GLY B 2006 -5.97 10.48 -12.62
C GLY B 2006 -5.32 11.14 -13.81
N SER B 2007 -5.98 11.90 -14.67
CA SER B 2007 -5.79 12.02 -16.12
C SER B 2007 -4.74 11.09 -16.74
N SER B 2008 -3.49 11.53 -16.92
CA SER B 2008 -2.46 10.72 -17.56
C SER B 2008 -1.24 10.66 -16.68
N ASP B 2009 -1.28 11.36 -15.55
CA ASP B 2009 -0.20 11.32 -14.57
C ASP B 2009 -0.09 9.92 -13.96
N SER B 2010 -1.23 9.28 -13.68
CA SER B 2010 -1.23 7.94 -13.12
C SER B 2010 -0.84 6.89 -14.16
N LEU B 2011 -1.20 7.13 -15.42
CA LEU B 2011 -0.84 6.21 -16.50
C LEU B 2011 0.68 6.07 -16.61
N ASP B 2012 1.39 7.19 -16.58
CA ASP B 2012 2.84 7.16 -16.69
C ASP B 2012 3.48 6.67 -15.40
N ALA B 2013 2.88 7.03 -14.26
CA ALA B 2013 3.41 6.58 -12.99
C ALA B 2013 3.24 5.09 -12.75
N THR B 2014 2.29 4.43 -13.42
CA THR B 2014 2.10 3.01 -13.21
C THR B 2014 3.11 2.17 -13.97
N PHE B 2015 3.90 2.76 -14.86
CA PHE B 2015 4.87 2.01 -15.63
C PHE B 2015 6.31 2.42 -15.39
N THR B 2016 6.55 3.66 -14.96
CA THR B 2016 7.89 3.98 -14.49
C THR B 2016 8.28 3.09 -13.32
N THR B 2017 7.38 2.95 -12.35
CA THR B 2017 7.67 2.16 -11.17
C THR B 2017 7.86 0.69 -11.52
N ALA B 2018 7.05 0.18 -12.43
CA ALA B 2018 7.17 -1.20 -12.83
C ALA B 2018 8.50 -1.45 -13.53
N ARG B 2019 8.98 -0.48 -14.30
CA ARG B 2019 10.27 -0.66 -14.95
C ARG B 2019 11.41 -0.59 -13.96
N LYS B 2020 11.31 0.30 -12.97
CA LYS B 2020 12.39 0.44 -12.01
C LYS B 2020 12.50 -0.77 -11.11
N LEU B 2021 11.37 -1.28 -10.62
CA LEU B 2021 11.39 -2.47 -9.78
C LEU B 2021 11.46 -3.76 -10.58
N GLU B 2022 11.42 -3.68 -11.90
CA GLU B 2022 11.50 -4.84 -12.80
C GLU B 2022 10.36 -5.82 -12.54
N ILE B 2023 9.14 -5.29 -12.71
CA ILE B 2023 7.92 -6.07 -12.65
C ILE B 2023 7.40 -6.22 -14.07
N TRP B 2024 7.73 -7.31 -14.74
CA TRP B 2024 7.55 -7.42 -16.18
C TRP B 2024 6.26 -8.12 -16.57
N ASN B 2025 5.23 -8.08 -15.74
CA ASN B 2025 3.98 -8.76 -16.07
C ASN B 2025 2.79 -7.81 -16.00
N LEU B 2026 3.01 -6.57 -16.26
CA LEU B 2026 1.82 -5.74 -16.33
C LEU B 2026 1.24 -5.84 -17.74
N PRO B 2027 -0.06 -5.81 -17.87
CA PRO B 2027 -0.66 -5.76 -19.21
C PRO B 2027 -0.64 -4.33 -19.72
N ALA B 2028 0.20 -4.07 -20.69
CA ALA B 2028 0.42 -2.71 -21.14
C ALA B 2028 -0.64 -2.32 -22.14
N PRO B 2029 -1.26 -1.15 -22.00
CA PRO B 2029 -2.26 -0.72 -22.97
C PRO B 2029 -1.65 -0.55 -24.33
N VAL B 2030 -2.49 -0.68 -25.35
CA VAL B 2030 -2.07 -0.56 -26.74
C VAL B 2030 -2.59 0.76 -27.28
N ASN B 2031 -1.76 1.41 -28.12
CA ASN B 2031 -2.04 2.74 -28.65
C ASN B 2031 -2.21 3.75 -27.51
N SER B 2032 -1.13 3.97 -26.78
CA SER B 2032 -1.08 4.94 -25.70
C SER B 2032 -0.03 6.00 -26.02
N ASP B 2033 -0.32 7.22 -25.61
CA ASP B 2033 0.54 8.37 -25.87
C ASP B 2033 1.58 8.58 -24.80
N SER B 2034 1.93 7.55 -24.06
CA SER B 2034 2.80 7.67 -22.91
C SER B 2034 4.16 7.08 -23.24
N TRP B 2035 5.21 7.79 -22.88
CA TRP B 2035 6.55 7.28 -23.15
C TRP B 2035 6.89 6.11 -22.24
N ALA B 2036 6.38 6.13 -21.01
CA ALA B 2036 6.71 5.08 -20.05
C ALA B 2036 6.18 3.75 -20.53
N VAL B 2037 4.99 3.75 -21.13
CA VAL B 2037 4.40 2.53 -21.66
C VAL B 2037 5.23 2.00 -22.82
N THR B 2038 5.72 2.88 -23.69
CA THR B 2038 6.51 2.45 -24.83
C THR B 2038 7.81 1.79 -24.37
N VAL B 2039 8.54 2.49 -23.50
CA VAL B 2039 9.79 1.95 -22.99
C VAL B 2039 9.54 0.66 -22.21
N TYR B 2040 8.43 0.60 -21.46
CA TYR B 2040 8.12 -0.58 -20.70
C TYR B 2040 7.85 -1.76 -21.61
N LYS B 2041 7.13 -1.54 -22.71
CA LYS B 2041 6.85 -2.64 -23.61
C LYS B 2041 8.12 -3.15 -24.26
N ALA B 2042 9.04 -2.25 -24.59
CA ALA B 2042 10.31 -2.72 -25.13
C ALA B 2042 11.06 -3.60 -24.14
N TYR B 2043 11.15 -3.16 -22.88
CA TYR B 2043 11.92 -3.95 -21.92
C TYR B 2043 11.20 -5.24 -21.55
N GLN B 2044 9.88 -5.19 -21.46
CA GLN B 2044 9.11 -6.39 -21.19
C GLN B 2044 9.34 -7.43 -22.25
N SER B 2045 9.18 -7.04 -23.52
CA SER B 2045 9.48 -7.94 -24.62
C SER B 2045 10.91 -8.43 -24.58
N MET B 2046 11.83 -7.64 -24.07
CA MET B 2046 13.18 -8.14 -23.88
C MET B 2046 13.23 -9.24 -22.82
N TYR B 2047 12.36 -9.16 -21.82
CA TYR B 2047 12.32 -10.19 -20.79
C TYR B 2047 11.68 -11.48 -21.31
N GLN B 2048 10.52 -11.36 -21.96
CA GLN B 2048 9.76 -12.52 -22.42
C GLN B 2048 10.03 -12.79 -23.89
N ALA B 2049 11.26 -13.19 -24.19
CA ALA B 2049 11.60 -13.49 -25.57
C ALA B 2049 12.86 -14.33 -25.61
N GLN B 2050 12.94 -15.23 -26.58
CA GLN B 2050 14.07 -16.11 -26.73
C GLN B 2050 14.92 -15.82 -27.95
N GLU B 2051 14.51 -14.87 -28.80
CA GLU B 2051 15.25 -14.53 -30.00
C GLU B 2051 15.33 -13.02 -30.14
N LEU B 2052 16.45 -12.54 -30.64
CA LEU B 2052 16.67 -11.11 -30.80
C LEU B 2052 15.73 -10.46 -31.80
N ASP B 2053 15.14 -11.22 -32.71
CA ASP B 2053 14.29 -10.62 -33.73
C ASP B 2053 13.02 -10.06 -33.13
N THR B 2054 12.43 -10.76 -32.16
CA THR B 2054 11.22 -10.25 -31.51
C THR B 2054 11.51 -8.95 -30.78
N VAL B 2055 12.66 -8.88 -30.11
CA VAL B 2055 13.02 -7.68 -29.38
C VAL B 2055 13.27 -6.52 -30.33
N ARG B 2056 13.97 -6.77 -31.43
CA ARG B 2056 14.18 -5.72 -32.41
C ARG B 2056 12.88 -5.24 -33.00
N SER B 2057 11.95 -6.15 -33.27
CA SER B 2057 10.66 -5.74 -33.80
C SER B 2057 9.91 -4.86 -32.81
N MET B 2058 9.98 -5.19 -31.53
CA MET B 2058 9.28 -4.37 -30.55
C MET B 2058 9.93 -3.01 -30.39
N VAL B 2059 11.26 -2.95 -30.44
CA VAL B 2059 11.96 -1.67 -30.38
C VAL B 2059 11.60 -0.79 -31.58
N HIS B 2060 11.57 -1.38 -32.77
CA HIS B 2060 11.25 -0.59 -33.95
C HIS B 2060 9.80 -0.12 -33.93
N ASP B 2061 8.89 -0.95 -33.44
CA ASP B 2061 7.52 -0.49 -33.28
C ASP B 2061 7.45 0.67 -32.31
N GLY B 2062 8.27 0.64 -31.26
CA GLY B 2062 8.29 1.74 -30.32
C GLY B 2062 8.77 3.04 -30.95
N LEU B 2063 9.87 2.96 -31.71
CA LEU B 2063 10.38 4.16 -32.39
C LEU B 2063 9.35 4.72 -33.36
N LYS B 2064 8.70 3.85 -34.11
CA LYS B 2064 7.69 4.30 -35.08
C LYS B 2064 6.54 5.01 -34.39
N ASN B 2065 6.02 4.41 -33.33
CA ASN B 2065 4.89 5.03 -32.63
C ASN B 2065 5.30 6.34 -31.97
N THR B 2066 6.49 6.42 -31.42
CA THR B 2066 6.93 7.65 -30.80
C THR B 2066 7.03 8.77 -31.81
N VAL B 2067 7.54 8.47 -33.01
CA VAL B 2067 7.64 9.51 -34.02
C VAL B 2067 6.26 9.95 -34.48
N ARG B 2068 5.33 9.01 -34.66
CA ARG B 2068 3.98 9.42 -35.02
C ARG B 2068 3.37 10.33 -33.96
N HIS B 2069 3.66 10.05 -32.69
CA HIS B 2069 3.09 10.89 -31.64
C HIS B 2069 3.73 12.27 -31.62
N LEU B 2070 5.04 12.35 -31.88
CA LEU B 2070 5.68 13.65 -32.00
C LEU B 2070 5.11 14.44 -33.16
N SER B 2071 4.75 13.77 -34.24
CA SER B 2071 4.14 14.47 -35.37
C SER B 2071 2.71 14.89 -35.11
N SER B 2072 2.05 14.30 -34.11
CA SER B 2072 0.65 14.62 -33.85
C SER B 2072 0.38 16.09 -33.57
N GLY B 2073 1.38 16.87 -33.19
CA GLY B 2073 1.12 18.29 -32.99
C GLY B 2073 1.14 18.82 -31.58
N SER B 2074 -0.05 19.05 -30.99
CA SER B 2074 -0.17 19.88 -29.80
C SER B 2074 0.44 19.21 -28.57
N LEU B 2075 1.72 19.47 -28.34
CA LEU B 2075 2.45 19.01 -27.18
C LEU B 2075 3.22 20.19 -26.64
N ASN B 2076 3.12 20.44 -25.34
CA ASN B 2076 3.95 21.47 -24.74
C ASN B 2076 5.35 20.89 -24.55
N THR B 2077 6.23 21.66 -23.91
CA THR B 2077 7.65 21.36 -23.99
C THR B 2077 8.03 20.15 -23.15
N SER B 2078 7.39 19.96 -21.99
CA SER B 2078 7.77 18.84 -21.14
C SER B 2078 7.43 17.52 -21.79
N VAL B 2079 6.23 17.41 -22.36
CA VAL B 2079 5.85 16.17 -23.04
C VAL B 2079 6.72 15.94 -24.26
N LEU B 2080 7.05 17.01 -24.98
CA LEU B 2080 7.93 16.91 -26.13
C LEU B 2080 9.29 16.35 -25.72
N ARG B 2081 9.87 16.91 -24.67
CA ARG B 2081 11.18 16.43 -24.26
C ARG B 2081 11.12 15.02 -23.70
N GLN B 2082 9.99 14.64 -23.10
CA GLN B 2082 9.84 13.26 -22.66
C GLN B 2082 9.82 12.31 -23.84
N GLN B 2083 9.10 12.66 -24.91
CA GLN B 2083 9.07 11.78 -26.07
C GLN B 2083 10.45 11.65 -26.70
N LEU B 2084 11.18 12.75 -26.79
CA LEU B 2084 12.53 12.67 -27.35
C LEU B 2084 13.44 11.81 -26.47
N GLY B 2085 13.29 11.90 -25.16
CA GLY B 2085 14.06 11.03 -24.28
C GLY B 2085 13.70 9.56 -24.42
N ALA B 2086 12.43 9.28 -24.73
CA ALA B 2086 12.03 7.92 -25.04
C ALA B 2086 12.71 7.42 -26.30
N LEU B 2087 12.80 8.26 -27.32
CA LEU B 2087 13.54 7.89 -28.52
C LEU B 2087 14.99 7.59 -28.19
N ALA B 2088 15.61 8.41 -27.34
CA ALA B 2088 17.01 8.18 -26.98
C ALA B 2088 17.20 6.87 -26.24
N ALA B 2089 16.29 6.55 -25.33
CA ALA B 2089 16.38 5.30 -24.58
C ALA B 2089 16.24 4.10 -25.49
N LEU B 2090 15.25 4.13 -26.39
CA LEU B 2090 15.09 3.03 -27.33
C LEU B 2090 16.31 2.88 -28.23
N THR B 2091 16.92 3.99 -28.61
CA THR B 2091 18.11 3.89 -29.47
C THR B 2091 19.28 3.27 -28.72
N GLU B 2092 19.48 3.62 -27.46
CA GLU B 2092 20.57 2.99 -26.72
C GLU B 2092 20.30 1.51 -26.51
N LEU B 2093 19.04 1.14 -26.28
CA LEU B 2093 18.68 -0.26 -26.19
C LEU B 2093 19.03 -0.99 -27.47
N ASP B 2094 18.64 -0.43 -28.60
CA ASP B 2094 18.92 -1.05 -29.88
C ASP B 2094 20.41 -1.10 -30.16
N ASP B 2095 21.18 -0.19 -29.58
CA ASP B 2095 22.63 -0.21 -29.78
C ASP B 2095 23.28 -1.36 -29.02
N ILE B 2096 22.91 -1.56 -27.75
CA ILE B 2096 23.55 -2.66 -27.05
C ILE B 2096 22.99 -4.01 -27.46
N LEU B 2097 21.78 -4.08 -28.01
CA LEU B 2097 21.30 -5.38 -28.48
C LEU B 2097 22.09 -5.89 -29.66
N ASN B 2098 22.77 -5.02 -30.40
CA ASN B 2098 23.40 -5.37 -31.67
C ASN B 2098 24.92 -5.47 -31.57
N VAL B 2099 25.48 -5.64 -30.39
CA VAL B 2099 26.91 -5.80 -30.28
C VAL B 2099 27.24 -7.25 -30.60
N ARG B 2100 28.38 -7.45 -31.25
CA ARG B 2100 28.80 -8.78 -31.67
C ARG B 2100 30.09 -9.25 -31.04
N ASP B 2101 30.95 -8.34 -30.59
CA ASP B 2101 32.23 -8.73 -30.02
C ASP B 2101 32.62 -7.73 -28.94
N GLN B 2102 33.87 -7.81 -28.49
CA GLN B 2102 34.33 -6.98 -27.40
C GLN B 2102 34.59 -5.54 -27.85
N SER B 2103 35.14 -5.37 -29.05
CA SER B 2103 35.50 -4.03 -29.51
C SER B 2103 34.28 -3.13 -29.62
N GLU B 2104 33.14 -3.67 -30.07
CA GLU B 2104 31.93 -2.85 -30.11
C GLU B 2104 31.41 -2.57 -28.72
N LEU B 2105 31.61 -3.49 -27.77
CA LEU B 2105 31.25 -3.21 -26.39
C LEU B 2105 32.03 -2.01 -25.88
N GLN B 2106 33.34 -2.03 -26.09
CA GLN B 2106 34.14 -0.90 -25.64
C GLN B 2106 33.78 0.38 -26.38
N CYS B 2107 33.40 0.29 -27.66
CA CYS B 2107 33.00 1.49 -28.36
C CYS B 2107 31.68 2.04 -27.83
N THR B 2108 30.76 1.16 -27.44
CA THR B 2108 29.54 1.61 -26.81
C THR B 2108 29.82 2.33 -25.50
N LEU B 2109 30.73 1.76 -24.70
CA LEU B 2109 31.09 2.42 -23.46
C LEU B 2109 31.68 3.81 -23.70
N ALA B 2110 32.56 3.93 -24.69
CA ALA B 2110 33.14 5.23 -25.00
C ALA B 2110 32.06 6.22 -25.44
N THR B 2111 31.07 5.75 -26.19
CA THR B 2111 29.96 6.60 -26.55
C THR B 2111 29.25 7.12 -25.31
N PHE B 2112 29.04 6.24 -24.32
CA PHE B 2112 28.41 6.68 -23.09
C PHE B 2112 29.21 7.78 -22.43
N GLU B 2113 30.54 7.69 -22.51
CA GLU B 2113 31.37 8.72 -21.87
C GLU B 2113 31.22 10.08 -22.56
N LYS B 2114 31.28 10.11 -23.90
CA LYS B 2114 31.10 11.39 -24.59
C LYS B 2114 29.73 11.98 -24.29
N ARG B 2115 28.69 11.15 -24.29
CA ARG B 2115 27.40 11.69 -23.95
C ARG B 2115 27.38 12.23 -22.54
N SER B 2116 28.16 11.65 -21.63
CA SER B 2116 28.27 12.24 -20.30
C SER B 2116 28.81 13.66 -20.37
N LYS B 2117 29.79 13.87 -21.25
CA LYS B 2117 30.31 15.23 -21.45
C LYS B 2117 29.17 16.19 -21.75
N TRP B 2118 28.24 15.79 -22.62
CA TRP B 2118 27.12 16.70 -22.85
C TRP B 2118 26.20 16.79 -21.63
N MET B 2119 26.06 15.69 -20.88
CA MET B 2119 25.01 15.60 -19.86
C MET B 2119 25.30 16.46 -18.66
N MET B 2120 26.57 16.64 -18.33
CA MET B 2120 26.93 17.32 -17.08
C MET B 2120 26.24 18.66 -16.92
N SER B 2121 25.91 19.37 -18.00
CA SER B 2121 25.33 20.69 -17.87
C SER B 2121 23.91 20.78 -18.40
N GLY B 2122 23.37 19.69 -18.93
CA GLY B 2122 22.06 19.70 -19.53
C GLY B 2122 20.94 19.78 -18.52
N ARG B 2123 19.73 19.80 -19.04
CA ARG B 2123 18.56 19.86 -18.18
C ARG B 2123 18.47 18.59 -17.36
N TYR B 2124 17.82 18.69 -16.18
CA TYR B 2124 17.89 17.54 -15.29
C TYR B 2124 16.86 16.48 -15.61
N ALA B 2125 15.68 16.87 -16.08
CA ALA B 2125 14.68 15.86 -16.41
C ALA B 2125 15.17 14.95 -17.51
N ASP B 2126 15.73 15.52 -18.58
CA ASP B 2126 16.22 14.71 -19.69
C ASP B 2126 17.33 13.79 -19.24
N VAL B 2127 18.25 14.30 -18.42
CA VAL B 2127 19.38 13.49 -18.00
C VAL B 2127 18.93 12.36 -17.11
N SER B 2128 18.04 12.64 -16.16
CA SER B 2128 17.62 11.58 -15.26
C SER B 2128 16.86 10.51 -16.01
N GLN B 2129 16.02 10.91 -16.97
CA GLN B 2129 15.27 9.93 -17.73
C GLN B 2129 16.18 9.04 -18.57
N ILE B 2130 17.11 9.64 -19.30
CA ILE B 2130 18.02 8.85 -20.12
C ILE B 2130 18.88 7.93 -19.28
N LEU B 2131 19.34 8.41 -18.12
CA LEU B 2131 20.26 7.60 -17.33
C LEU B 2131 19.53 6.46 -16.63
N SER B 2132 18.30 6.68 -16.18
CA SER B 2132 17.57 5.57 -15.59
C SER B 2132 17.26 4.51 -16.63
N CYS B 2133 16.85 4.92 -17.84
CA CYS B 2133 16.60 3.91 -18.86
C CYS B 2133 17.88 3.17 -19.25
N ARG B 2134 19.02 3.86 -19.22
CA ARG B 2134 20.27 3.17 -19.52
C ARG B 2134 20.62 2.15 -18.44
N GLU B 2135 20.32 2.47 -17.18
CA GLU B 2135 20.54 1.48 -16.12
C GLU B 2135 19.69 0.24 -16.34
N THR B 2136 18.42 0.44 -16.66
CA THR B 2136 17.56 -0.71 -16.92
C THR B 2136 18.09 -1.53 -18.08
N THR B 2137 18.53 -0.87 -19.14
CA THR B 2137 19.05 -1.58 -20.31
C THR B 2137 20.24 -2.44 -19.96
N LEU B 2138 21.22 -1.87 -19.26
CA LEU B 2138 22.41 -2.64 -18.97
C LEU B 2138 22.13 -3.80 -18.03
N SER B 2139 21.23 -3.61 -17.06
CA SER B 2139 20.93 -4.72 -16.15
C SER B 2139 20.20 -5.84 -16.87
N MET B 2140 19.19 -5.50 -17.67
CA MET B 2140 18.46 -6.52 -18.41
C MET B 2140 19.39 -7.26 -19.36
N TRP B 2141 20.28 -6.55 -20.03
CA TRP B 2141 21.21 -7.24 -20.92
C TRP B 2141 22.13 -8.16 -20.15
N SER B 2142 22.50 -7.79 -18.93
CA SER B 2142 23.37 -8.67 -18.17
C SER B 2142 22.64 -9.91 -17.68
N GLN B 2143 21.32 -9.81 -17.48
CA GLN B 2143 20.58 -10.95 -16.97
C GLN B 2143 20.26 -11.97 -18.06
N ARG B 2144 19.89 -11.50 -19.25
CA ARG B 2144 19.31 -12.35 -20.30
C ARG B 2144 20.43 -12.95 -21.13
N HIS B 2145 20.81 -14.18 -20.81
CA HIS B 2145 21.98 -14.77 -21.43
C HIS B 2145 21.73 -15.24 -22.86
N ASN B 2146 20.49 -15.52 -23.24
CA ASN B 2146 20.24 -16.06 -24.57
C ASN B 2146 20.15 -14.99 -25.63
N LEU B 2147 19.94 -13.73 -25.24
CA LEU B 2147 19.91 -12.62 -26.18
C LEU B 2147 21.30 -12.17 -26.60
N ARG B 2148 22.34 -12.51 -25.83
CA ARG B 2148 23.67 -12.00 -26.12
C ARG B 2148 24.30 -12.79 -27.25
N ALA B 2149 25.41 -12.25 -27.76
CA ALA B 2149 26.08 -12.86 -28.89
C ALA B 2149 26.89 -14.06 -28.40
N ALA B 2150 27.77 -14.58 -29.26
CA ALA B 2150 28.48 -15.81 -28.91
C ALA B 2150 29.58 -15.54 -27.90
N GLY B 2151 30.52 -14.68 -28.25
CA GLY B 2151 31.72 -14.53 -27.44
C GLY B 2151 31.62 -13.54 -26.31
N LEU B 2152 30.42 -13.20 -25.87
CA LEU B 2152 30.21 -12.25 -24.79
C LEU B 2152 29.77 -13.02 -23.55
N THR B 2153 30.72 -13.33 -22.68
CA THR B 2153 30.44 -14.07 -21.47
C THR B 2153 29.66 -13.20 -20.49
N SER B 2154 29.31 -13.77 -19.34
CA SER B 2154 28.57 -13.00 -18.35
C SER B 2154 29.46 -12.05 -17.57
N ALA B 2155 30.75 -12.35 -17.45
CA ALA B 2155 31.67 -11.43 -16.80
C ALA B 2155 31.77 -10.12 -17.59
N ASP B 2156 31.74 -10.20 -18.92
CA ASP B 2156 31.79 -9.00 -19.74
C ASP B 2156 30.56 -8.14 -19.55
N ALA B 2157 29.38 -8.75 -19.58
CA ALA B 2157 28.17 -7.98 -19.37
C ALA B 2157 28.12 -7.38 -17.99
N ARG B 2158 28.56 -8.13 -16.98
CA ARG B 2158 28.59 -7.58 -15.63
C ARG B 2158 29.53 -6.40 -15.53
N LEU B 2159 30.73 -6.54 -16.07
CA LEU B 2159 31.71 -5.46 -15.99
C LEU B 2159 31.20 -4.21 -16.68
N VAL B 2160 30.57 -4.38 -17.84
CA VAL B 2160 30.06 -3.21 -18.53
C VAL B 2160 28.93 -2.56 -17.74
N GLN B 2161 28.07 -3.37 -17.11
CA GLN B 2161 27.02 -2.80 -16.27
C GLN B 2161 27.60 -1.96 -15.17
N ILE B 2162 28.64 -2.48 -14.52
CA ILE B 2162 29.25 -1.76 -13.40
C ILE B 2162 29.86 -0.44 -13.87
N ARG B 2163 30.56 -0.46 -15.00
CA ARG B 2163 31.16 0.77 -15.50
C ARG B 2163 30.10 1.80 -15.87
N GLY B 2164 29.03 1.38 -16.53
CA GLY B 2164 27.95 2.31 -16.82
C GLY B 2164 27.33 2.91 -15.57
N MET B 2165 27.22 2.13 -14.52
CA MET B 2165 26.67 2.66 -13.28
C MET B 2165 27.60 3.68 -12.65
N LEU B 2166 28.91 3.41 -12.65
CA LEU B 2166 29.84 4.37 -12.05
C LEU B 2166 29.85 5.69 -12.82
N LEU B 2167 29.75 5.61 -14.14
CA LEU B 2167 29.62 6.81 -14.96
C LEU B 2167 28.36 7.60 -14.58
N SER B 2168 27.23 6.92 -14.48
CA SER B 2168 26.01 7.62 -14.08
C SER B 2168 26.15 8.23 -12.70
N SER B 2169 26.97 7.63 -11.84
CA SER B 2169 27.13 8.18 -10.50
C SER B 2169 27.91 9.48 -10.54
N ASP B 2170 28.96 9.57 -11.36
CA ASP B 2170 29.60 10.87 -11.57
C ASP B 2170 28.60 11.93 -12.03
N ILE B 2171 27.82 11.60 -13.07
CA ILE B 2171 26.90 12.57 -13.64
C ILE B 2171 25.88 13.03 -12.60
N PHE B 2172 25.35 12.11 -11.81
CA PHE B 2172 24.38 12.48 -10.78
C PHE B 2172 25.03 13.25 -9.64
N ARG B 2173 26.31 13.05 -9.40
CA ARG B 2173 26.96 13.79 -8.33
C ARG B 2173 27.08 15.27 -8.65
N PHE B 2174 27.43 15.62 -9.89
CA PHE B 2174 27.50 17.05 -10.22
C PHE B 2174 26.14 17.73 -10.12
N HIS B 2175 25.07 17.06 -10.54
CA HIS B 2175 23.76 17.68 -10.45
C HIS B 2175 23.29 17.80 -9.02
N ARG B 2176 24.06 17.30 -8.06
CA ARG B 2176 23.68 17.30 -6.65
C ARG B 2176 22.31 16.66 -6.44
N ALA B 2177 22.15 15.47 -7.01
CA ALA B 2177 20.98 14.65 -6.80
C ALA B 2177 21.36 13.60 -5.77
N ARG B 2178 21.04 13.86 -4.51
CA ARG B 2178 21.50 12.97 -3.45
C ARG B 2178 20.84 11.61 -3.57
N GLN B 2179 19.53 11.59 -3.76
CA GLN B 2179 18.83 10.32 -3.70
C GLN B 2179 19.23 9.40 -4.84
N GLU B 2180 19.63 9.96 -5.98
CA GLU B 2180 20.01 9.08 -7.08
C GLU B 2180 21.39 8.50 -6.90
N THR B 2181 22.32 9.24 -6.31
CA THR B 2181 23.59 8.62 -5.95
C THR B 2181 23.41 7.59 -4.87
N LEU B 2182 22.47 7.79 -3.96
CA LEU B 2182 22.19 6.79 -2.94
C LEU B 2182 21.63 5.52 -3.57
N ASN B 2183 20.63 5.66 -4.44
CA ASN B 2183 20.08 4.51 -5.14
C ASN B 2183 21.16 3.77 -5.92
N LEU B 2184 22.00 4.50 -6.65
CA LEU B 2184 23.00 3.85 -7.47
C LEU B 2184 24.02 3.12 -6.61
N SER B 2185 24.48 3.73 -5.53
CA SER B 2185 25.51 3.07 -4.74
C SER B 2185 24.96 1.87 -4.01
N THR B 2186 23.69 1.91 -3.61
CA THR B 2186 23.08 0.72 -3.01
C THR B 2186 22.95 -0.40 -4.04
N ALA B 2187 22.41 -0.09 -5.21
CA ALA B 2187 22.25 -1.12 -6.24
C ALA B 2187 23.58 -1.64 -6.73
N LEU B 2188 24.65 -0.87 -6.58
CA LEU B 2188 25.97 -1.37 -6.93
C LEU B 2188 26.51 -2.28 -5.85
N SER B 2189 26.35 -1.89 -4.59
CA SER B 2189 26.80 -2.74 -3.49
C SER B 2189 26.09 -4.07 -3.49
N ASP B 2190 24.87 -4.13 -4.03
CA ASP B 2190 24.19 -5.41 -4.10
C ASP B 2190 24.74 -6.32 -5.19
N LEU B 2191 25.57 -5.83 -6.10
CA LEU B 2191 26.08 -6.67 -7.16
C LEU B 2191 27.37 -7.39 -6.81
N ILE B 2192 27.96 -7.10 -5.65
CA ILE B 2192 29.27 -7.63 -5.31
C ILE B 2192 29.25 -9.14 -5.09
N PRO B 2193 28.27 -9.70 -4.35
CA PRO B 2193 28.24 -11.17 -4.24
C PRO B 2193 28.14 -11.87 -5.58
N SER B 2194 27.28 -11.40 -6.49
CA SER B 2194 27.18 -12.01 -7.80
C SER B 2194 28.34 -11.68 -8.70
N CYS B 2195 29.17 -10.71 -8.35
CA CYS B 2195 30.38 -10.40 -9.12
C CYS B 2195 31.58 -11.20 -8.68
N GLU B 2196 31.65 -11.58 -7.40
CA GLU B 2196 32.76 -12.40 -6.95
C GLU B 2196 32.68 -13.82 -7.45
N SER B 2197 31.49 -14.29 -7.82
CA SER B 2197 31.35 -15.65 -8.35
C SER B 2197 31.61 -15.73 -9.83
N LEU B 2198 31.54 -14.61 -10.56
CA LEU B 2198 31.90 -14.56 -11.96
C LEU B 2198 33.38 -14.36 -12.19
N GLY B 2199 34.15 -14.18 -11.13
CA GLY B 2199 35.58 -13.97 -11.26
C GLY B 2199 35.99 -12.53 -11.40
N LEU B 2200 35.17 -11.59 -10.95
CA LEU B 2200 35.46 -10.17 -11.04
C LEU B 2200 35.92 -9.64 -9.70
N SER B 2201 36.82 -8.67 -9.73
CA SER B 2201 37.28 -7.97 -8.54
C SER B 2201 36.87 -6.53 -8.70
N VAL B 2202 35.71 -6.17 -8.18
CA VAL B 2202 35.20 -4.81 -8.30
C VAL B 2202 34.79 -4.27 -6.94
N ASP B 2203 35.40 -4.78 -5.88
CA ASP B 2203 35.00 -4.35 -4.54
C ASP B 2203 35.52 -2.97 -4.21
N ALA B 2204 36.71 -2.62 -4.69
CA ALA B 2204 37.29 -1.34 -4.30
C ALA B 2204 36.56 -0.18 -4.95
N ALA B 2205 36.24 -0.28 -6.23
CA ALA B 2205 35.54 0.82 -6.90
C ALA B 2205 34.14 1.01 -6.34
N ILE B 2206 33.47 -0.09 -6.01
CA ILE B 2206 32.11 -0.01 -5.51
C ILE B 2206 32.10 0.54 -4.09
N LYS B 2207 33.05 0.11 -3.26
CA LYS B 2207 33.12 0.68 -1.92
C LYS B 2207 33.54 2.15 -1.96
N MET B 2208 34.34 2.56 -2.94
CA MET B 2208 34.64 3.97 -3.06
C MET B 2208 33.43 4.76 -3.50
N GLU B 2209 32.58 4.16 -4.32
CA GLU B 2209 31.33 4.85 -4.65
C GLU B 2209 30.45 5.00 -3.42
N ALA B 2210 30.39 3.98 -2.57
CA ALA B 2210 29.63 4.11 -1.33
C ALA B 2210 30.20 5.19 -0.44
N ALA B 2211 31.52 5.24 -0.33
CA ALA B 2211 32.16 6.29 0.47
C ALA B 2211 31.83 7.67 -0.08
N ASN B 2212 31.76 7.82 -1.40
CA ASN B 2212 31.37 9.10 -1.97
C ASN B 2212 29.93 9.46 -1.64
N ALA B 2213 29.02 8.50 -1.69
CA ALA B 2213 27.64 8.77 -1.30
C ALA B 2213 27.57 9.24 0.15
N LEU B 2214 28.27 8.55 1.03
CA LEU B 2214 28.32 8.96 2.43
C LEU B 2214 28.83 10.39 2.55
N TRP B 2215 29.97 10.68 1.92
CA TRP B 2215 30.55 12.00 2.06
C TRP B 2215 29.63 13.08 1.54
N ASP B 2216 28.86 12.77 0.50
CA ASP B 2216 27.95 13.77 -0.06
C ASP B 2216 26.67 13.91 0.74
N HIS B 2217 26.36 12.98 1.63
CA HIS B 2217 25.21 13.20 2.52
C HIS B 2217 25.60 13.83 3.84
N GLY B 2218 26.88 14.04 4.10
CA GLY B 2218 27.31 14.70 5.32
C GLY B 2218 28.04 13.82 6.30
N GLU B 2219 28.06 12.51 6.10
CA GLU B 2219 28.77 11.62 7.01
C GLU B 2219 30.23 11.67 6.67
N MET B 2220 30.96 12.58 7.31
CA MET B 2220 32.38 12.69 7.00
C MET B 2220 33.19 11.57 7.63
N ILE B 2221 32.93 11.26 8.90
CA ILE B 2221 33.77 10.26 9.56
C ILE B 2221 33.50 8.88 9.00
N SER B 2222 32.25 8.58 8.67
CA SER B 2222 31.96 7.27 8.10
C SER B 2222 32.63 7.11 6.74
N SER B 2223 32.63 8.15 5.92
CA SER B 2223 33.31 8.10 4.65
C SER B 2223 34.80 7.90 4.84
N ILE B 2224 35.41 8.61 5.78
CA ILE B 2224 36.84 8.47 5.99
C ILE B 2224 37.18 7.07 6.45
N ARG B 2225 36.37 6.51 7.36
CA ARG B 2225 36.64 5.16 7.84
C ARG B 2225 36.50 4.14 6.73
N MET B 2226 35.53 4.36 5.84
CA MET B 2226 35.33 3.43 4.74
C MET B 2226 36.50 3.47 3.75
N LEU B 2227 36.99 4.66 3.43
CA LEU B 2227 38.14 4.75 2.54
C LEU B 2227 39.38 4.15 3.18
N GLN B 2228 39.56 4.35 4.49
CA GLN B 2228 40.72 3.75 5.13
C GLN B 2228 40.62 2.24 5.14
N ALA B 2229 39.41 1.69 5.26
CA ALA B 2229 39.26 0.25 5.17
C ALA B 2229 39.56 -0.27 3.78
N ILE B 2230 39.16 0.48 2.74
CA ILE B 2230 39.53 0.11 1.37
C ILE B 2230 41.04 0.08 1.23
N ASP B 2231 41.72 1.07 1.80
CA ASP B 2231 43.16 1.14 1.64
C ASP B 2231 43.88 0.07 2.42
N LYS B 2232 43.34 -0.33 3.57
CA LYS B 2232 44.02 -1.32 4.40
C LYS B 2232 43.93 -2.70 3.80
N ASP B 2233 42.72 -3.24 3.65
CA ASP B 2233 42.51 -4.61 3.21
C ASP B 2233 41.84 -4.61 1.84
N SER B 2234 42.66 -4.48 0.80
CA SER B 2234 42.20 -4.58 -0.58
C SER B 2234 43.42 -4.58 -1.48
N SER B 2235 43.34 -5.34 -2.57
CA SER B 2235 44.45 -5.49 -3.49
C SER B 2235 44.14 -4.61 -4.70
N LEU B 2236 44.55 -3.35 -4.62
CA LEU B 2236 44.23 -2.38 -5.68
C LEU B 2236 44.97 -2.65 -6.97
N LYS B 2237 45.90 -3.59 -7.00
CA LYS B 2237 46.64 -3.92 -8.22
C LYS B 2237 45.89 -4.93 -9.07
N LYS B 2238 45.62 -6.11 -8.52
CA LYS B 2238 44.99 -7.19 -9.27
C LYS B 2238 43.49 -7.07 -9.14
N GLN B 2239 42.92 -6.14 -9.91
CA GLN B 2239 41.46 -6.01 -9.90
C GLN B 2239 41.01 -5.15 -11.05
N SER B 2240 39.88 -5.54 -11.66
CA SER B 2240 39.29 -4.79 -12.76
C SER B 2240 38.62 -3.54 -12.23
N VAL B 2241 38.22 -2.66 -13.14
CA VAL B 2241 37.81 -1.31 -12.77
C VAL B 2241 38.92 -0.73 -11.91
N PRO B 2242 40.05 -0.35 -12.50
CA PRO B 2242 41.25 -0.09 -11.70
C PRO B 2242 41.06 1.03 -10.70
N LEU B 2243 41.93 1.06 -9.71
CA LEU B 2243 41.90 2.09 -8.69
C LEU B 2243 43.33 2.28 -8.21
N SER B 2244 43.94 3.41 -8.56
CA SER B 2244 45.31 3.68 -8.17
C SER B 2244 45.39 3.97 -6.69
N ARG B 2245 46.50 3.57 -6.08
CA ARG B 2245 46.64 3.75 -4.65
C ARG B 2245 46.94 5.19 -4.30
N SER B 2246 47.54 5.95 -5.22
CA SER B 2246 47.86 7.33 -4.94
C SER B 2246 46.64 8.23 -4.97
N ASP B 2247 45.67 7.95 -5.85
CA ASP B 2247 44.46 8.76 -5.81
C ASP B 2247 43.62 8.42 -4.60
N LEU B 2248 43.60 7.16 -4.17
CA LEU B 2248 42.92 6.81 -2.93
C LEU B 2248 43.58 7.49 -1.75
N LEU B 2249 44.90 7.46 -1.68
CA LEU B 2249 45.59 8.10 -0.56
C LEU B 2249 45.35 9.59 -0.54
N SER B 2250 45.37 10.24 -1.70
CA SER B 2250 45.14 11.67 -1.70
C SER B 2250 43.69 12.00 -1.39
N LYS B 2251 42.77 11.11 -1.74
CA LYS B 2251 41.37 11.31 -1.36
C LYS B 2251 41.21 11.24 0.15
N ILE B 2252 41.81 10.24 0.79
CA ILE B 2252 41.77 10.16 2.24
C ILE B 2252 42.40 11.40 2.86
N GLY B 2253 43.52 11.85 2.31
CA GLY B 2253 44.19 13.01 2.87
C GLY B 2253 43.35 14.27 2.77
N TYR B 2254 42.69 14.46 1.65
CA TYR B 2254 41.81 15.61 1.50
C TYR B 2254 40.66 15.54 2.50
N GLN B 2255 40.04 14.37 2.64
CA GLN B 2255 38.89 14.29 3.52
C GLN B 2255 39.29 14.39 4.98
N VAL B 2256 40.47 13.90 5.35
CA VAL B 2256 40.92 14.02 6.72
C VAL B 2256 41.29 15.45 7.04
N SER B 2257 41.81 16.20 6.05
CA SER B 2257 42.11 17.61 6.28
C SER B 2257 40.83 18.43 6.42
N VAL B 2258 39.81 18.10 5.65
CA VAL B 2258 38.58 18.89 5.74
C VAL B 2258 37.91 18.68 7.09
N ALA B 2259 37.94 17.47 7.61
CA ALA B 2259 37.29 17.16 8.87
C ALA B 2259 38.17 17.39 10.08
N ARG B 2260 39.38 17.90 9.90
CA ARG B 2260 40.32 18.15 11.00
C ARG B 2260 40.56 16.92 11.84
N LEU B 2261 40.41 15.74 11.23
CA LEU B 2261 40.45 14.50 12.00
C LEU B 2261 41.83 14.17 12.52
N GLU B 2262 42.88 14.71 11.90
CA GLU B 2262 44.24 14.46 12.36
C GLU B 2262 45.05 15.73 12.22
N SER B 2263 46.15 15.79 12.94
CA SER B 2263 46.96 16.99 12.97
C SER B 2263 47.69 17.14 11.63
N PRO B 2264 47.84 18.35 11.12
CA PRO B 2264 48.43 18.54 9.80
C PRO B 2264 49.85 18.04 9.66
N ASP B 2265 50.43 17.54 10.73
CA ASP B 2265 51.74 16.92 10.62
C ASP B 2265 51.67 15.42 10.38
N ALA B 2266 50.55 14.78 10.75
CA ALA B 2266 50.32 13.38 10.41
C ALA B 2266 49.64 13.20 9.08
N ILE B 2267 48.89 14.19 8.63
CA ILE B 2267 48.29 14.14 7.29
C ILE B 2267 49.39 14.07 6.25
N GLN B 2268 50.46 14.82 6.44
CA GLN B 2268 51.54 14.83 5.46
C GLN B 2268 52.38 13.58 5.54
N LYS B 2269 52.42 12.96 6.70
CA LYS B 2269 53.28 11.80 6.89
C LYS B 2269 52.61 10.50 6.50
N LYS B 2270 51.29 10.42 6.62
CA LYS B 2270 50.56 9.20 6.32
C LYS B 2270 49.89 9.19 4.96
N TYR B 2271 49.56 10.34 4.41
CA TYR B 2271 48.74 10.33 3.21
C TYR B 2271 49.33 11.07 2.04
N LEU B 2272 50.02 12.19 2.25
CA LEU B 2272 50.48 12.94 1.10
C LEU B 2272 51.83 12.48 0.60
N GLU B 2273 52.77 12.25 1.48
CA GLU B 2273 54.07 11.79 1.04
C GLU B 2273 54.00 10.34 0.56
N PRO B 2274 53.21 9.46 1.18
CA PRO B 2274 53.00 8.16 0.56
C PRO B 2274 52.36 8.25 -0.81
N ALA B 2275 51.49 9.22 -1.05
CA ALA B 2275 50.94 9.38 -2.39
C ALA B 2275 52.01 9.76 -3.38
N LEU B 2276 52.81 10.78 -3.07
CA LEU B 2276 53.89 11.14 -3.99
C LEU B 2276 54.85 9.99 -4.20
N LYS B 2277 55.01 9.13 -3.21
CA LYS B 2277 55.89 7.98 -3.41
C LYS B 2277 55.23 6.91 -4.26
N GLU B 2278 53.90 6.81 -4.23
CA GLU B 2278 53.20 5.82 -5.05
C GLU B 2278 53.18 6.21 -6.52
N LEU B 2279 53.37 7.49 -6.84
CA LEU B 2279 53.43 7.87 -8.24
C LEU B 2279 54.57 7.16 -8.95
N LYS B 2280 55.65 6.88 -8.23
CA LYS B 2280 56.81 6.15 -8.77
C LYS B 2280 57.44 6.90 -9.93
N GLY B 2281 57.90 8.12 -9.64
CA GLY B 2281 58.65 8.92 -10.59
C GLY B 2281 57.88 9.43 -11.79
N LYS B 2282 56.63 9.04 -11.97
CA LYS B 2282 55.81 9.54 -13.06
C LYS B 2282 55.35 10.96 -12.73
N ILE B 2283 55.67 11.91 -13.61
CA ILE B 2283 55.37 13.31 -13.35
C ILE B 2283 54.52 13.88 -14.47
N GLU B 2284 53.68 13.05 -15.07
CA GLU B 2284 52.79 13.52 -16.12
C GLU B 2284 51.49 12.74 -16.05
N GLY B 2285 50.41 13.39 -16.46
CA GLY B 2285 49.08 12.79 -16.44
C GLY B 2285 48.16 13.51 -15.47
N ARG B 2286 46.95 13.00 -15.36
CA ARG B 2286 46.00 13.59 -14.44
C ARG B 2286 46.12 13.04 -13.03
N GLU B 2287 46.55 11.80 -12.89
CA GLU B 2287 46.80 11.26 -11.55
C GLU B 2287 47.86 12.07 -10.83
N ALA B 2288 49.02 12.29 -11.50
CA ALA B 2288 50.07 13.09 -10.88
C ALA B 2288 49.67 14.54 -10.74
N GLY B 2289 48.88 15.07 -11.67
CA GLY B 2289 48.39 16.43 -11.49
C GLY B 2289 47.56 16.56 -10.25
N GLN B 2290 46.67 15.60 -10.00
CA GLN B 2290 45.84 15.65 -8.80
C GLN B 2290 46.70 15.55 -7.55
N VAL B 2291 47.68 14.65 -7.54
CA VAL B 2291 48.51 14.48 -6.37
C VAL B 2291 49.31 15.75 -6.07
N PHE B 2292 49.91 16.32 -7.10
CA PHE B 2292 50.75 17.51 -6.89
C PHE B 2292 49.92 18.71 -6.50
N HIS B 2293 48.74 18.89 -7.07
CA HIS B 2293 47.91 20.00 -6.64
C HIS B 2293 47.46 19.81 -5.20
N GLN B 2294 47.11 18.58 -4.83
CA GLN B 2294 46.78 18.28 -3.44
C GLN B 2294 47.90 18.73 -2.51
N PHE B 2295 49.12 18.27 -2.78
CA PHE B 2295 50.23 18.58 -1.89
C PHE B 2295 50.53 20.08 -1.85
N ALA B 2296 50.47 20.74 -3.00
CA ALA B 2296 50.79 22.17 -3.01
C ALA B 2296 49.74 22.98 -2.25
N VAL B 2297 48.47 22.65 -2.41
CA VAL B 2297 47.45 23.37 -1.67
C VAL B 2297 47.59 23.12 -0.19
N PHE B 2298 47.96 21.89 0.20
CA PHE B 2298 48.19 21.59 1.60
C PHE B 2298 49.31 22.45 2.16
N CYS B 2299 50.47 22.48 1.51
CA CYS B 2299 51.57 23.28 2.02
C CYS B 2299 51.24 24.77 2.04
N ASP B 2300 50.59 25.27 1.00
CA ASP B 2300 50.18 26.67 1.00
C ASP B 2300 49.29 26.97 2.18
N GLU B 2301 48.29 26.12 2.42
CA GLU B 2301 47.40 26.31 3.56
C GLU B 2301 48.16 26.26 4.87
N GLN B 2302 49.24 25.50 4.94
CA GLN B 2302 50.01 25.48 6.17
C GLN B 2302 50.78 26.76 6.36
N LEU B 2303 51.22 27.40 5.28
CA LEU B 2303 51.92 28.69 5.41
C LEU B 2303 50.99 29.77 5.94
N GLN B 2304 49.93 30.07 5.20
CA GLN B 2304 48.96 31.09 5.60
C GLN B 2304 47.99 30.50 6.61
N ASN B 2305 48.52 30.23 7.80
CA ASN B 2305 47.75 29.71 8.90
C ASN B 2305 47.69 30.74 10.01
N PRO B 2306 46.51 31.14 10.48
CA PRO B 2306 46.46 32.16 11.53
C PRO B 2306 47.16 31.74 12.81
N ASP B 2307 47.04 30.47 13.21
CA ASP B 2307 47.72 29.99 14.40
C ASP B 2307 49.24 30.08 14.24
N SER B 2308 49.76 29.62 13.10
CA SER B 2308 51.20 29.61 12.91
C SER B 2308 51.76 31.01 12.79
N LEU B 2309 51.00 31.92 12.17
CA LEU B 2309 51.45 33.30 12.08
C LEU B 2309 51.43 33.96 13.45
N GLU B 2310 50.41 33.68 14.27
CA GLU B 2310 50.41 34.20 15.63
C GLU B 2310 51.58 33.65 16.43
N ASP B 2311 51.92 32.37 16.24
CA ASP B 2311 53.05 31.79 16.96
C ASP B 2311 54.36 32.46 16.53
N LEU B 2312 54.53 32.68 15.23
CA LEU B 2312 55.74 33.34 14.75
C LEU B 2312 55.83 34.77 15.28
N ALA B 2313 54.69 35.47 15.32
CA ALA B 2313 54.69 36.83 15.85
C ALA B 2313 55.02 36.85 17.33
N ARG B 2314 54.48 35.90 18.09
CA ARG B 2314 54.75 35.83 19.51
C ARG B 2314 56.24 35.57 19.77
N LEU B 2315 56.80 34.60 19.05
CA LEU B 2315 58.22 34.32 19.21
C LEU B 2315 59.08 35.50 18.77
N GLN B 2316 58.64 36.25 17.76
CA GLN B 2316 59.40 37.42 17.33
C GLN B 2316 59.37 38.51 18.38
N ASN B 2317 58.21 38.79 18.96
CA ASN B 2317 58.16 39.78 20.03
C ASN B 2317 58.97 39.34 21.24
N LEU B 2318 58.97 38.04 21.52
CA LEU B 2318 59.79 37.54 22.62
C LEU B 2318 61.27 37.78 22.36
N LYS B 2319 61.73 37.46 21.15
CA LYS B 2319 63.13 37.72 20.81
C LYS B 2319 63.45 39.20 20.94
N LYS B 2320 62.57 40.05 20.44
CA LYS B 2320 62.81 41.49 20.48
C LYS B 2320 62.92 41.99 21.92
N GLY B 2321 61.95 41.60 22.75
CA GLY B 2321 61.96 42.06 24.14
C GLY B 2321 63.14 41.54 24.93
N LYS B 2322 63.50 40.26 24.72
CA LYS B 2322 64.65 39.72 25.44
C LYS B 2322 65.95 40.37 25.00
N ASP B 2323 66.08 40.67 23.71
CA ASP B 2323 67.28 41.37 23.26
C ASP B 2323 67.34 42.78 23.83
N GLU B 2324 66.18 43.45 23.93
CA GLU B 2324 66.16 44.78 24.53
C GLU B 2324 66.55 44.72 26.01
N GLU B 2325 66.09 43.70 26.71
CA GLU B 2325 66.46 43.53 28.13
C GLU B 2325 67.95 43.27 28.28
N VAL B 2326 68.50 42.40 27.43
CA VAL B 2326 69.94 42.11 27.50
C VAL B 2326 70.73 43.38 27.21
N ALA B 2327 70.30 44.17 26.23
CA ALA B 2327 70.99 45.42 25.96
C ALA B 2327 70.91 46.35 27.16
N GLN B 2328 69.75 46.38 27.84
CA GLN B 2328 69.62 47.21 29.04
C GLN B 2328 70.65 46.82 30.09
N LEU B 2329 70.88 45.51 30.28
CA LEU B 2329 71.89 45.10 31.25
C LEU B 2329 73.31 45.32 30.73
N LYS B 2330 73.52 45.12 29.43
CA LYS B 2330 74.87 45.22 28.88
C LYS B 2330 74.84 45.82 27.48
N HIS B 2348 72.77 37.03 36.64
CA HIS B 2348 71.66 37.68 35.98
C HIS B 2348 71.86 37.67 34.47
N LEU B 2349 72.99 38.25 34.02
CA LEU B 2349 73.29 38.28 32.59
C LEU B 2349 73.39 36.88 32.02
N ALA B 2350 73.91 35.92 32.78
CA ALA B 2350 74.10 34.56 32.27
C ALA B 2350 72.77 33.91 31.96
N LYS B 2351 71.85 33.89 32.93
CA LYS B 2351 70.55 33.27 32.69
C LYS B 2351 69.76 34.03 31.64
N ALA B 2352 69.88 35.36 31.64
CA ALA B 2352 69.18 36.15 30.62
C ALA B 2352 69.66 35.78 29.22
N LYS B 2353 70.98 35.66 29.05
CA LYS B 2353 71.52 35.26 27.75
C LYS B 2353 71.12 33.84 27.40
N GLN B 2354 71.08 32.94 28.39
CA GLN B 2354 70.70 31.57 28.11
C GLN B 2354 69.25 31.48 27.63
N TRP B 2355 68.36 32.22 28.29
CA TRP B 2355 66.98 32.31 27.83
C TRP B 2355 66.91 32.90 26.42
N GLN B 2356 67.71 33.93 26.15
CA GLN B 2356 67.74 34.52 24.82
C GLN B 2356 68.16 33.51 23.76
N GLU B 2357 69.18 32.70 24.07
CA GLU B 2357 69.64 31.70 23.13
C GLU B 2357 68.60 30.62 22.90
N LEU B 2358 67.89 30.22 23.95
CA LEU B 2358 66.83 29.23 23.76
C LEU B 2358 65.72 29.80 22.88
N ASP B 2359 65.38 31.07 23.07
CA ASP B 2359 64.42 31.72 22.16
C ASP B 2359 64.91 31.70 20.73
N GLN B 2360 66.19 32.00 20.52
CA GLN B 2360 66.75 31.96 19.17
C GLN B 2360 66.63 30.57 18.55
N GLN B 2361 66.89 29.53 19.34
CA GLN B 2361 66.81 28.17 18.80
C GLN B 2361 65.37 27.83 18.41
N GLU B 2362 64.41 28.19 19.27
CA GLU B 2362 63.01 27.97 18.93
C GLU B 2362 62.61 28.72 17.65
N LEU B 2363 63.06 29.95 17.52
CA LEU B 2363 62.71 30.74 16.33
C LEU B 2363 63.35 30.15 15.07
N ARG B 2364 64.59 29.68 15.18
CA ARG B 2364 65.20 29.01 14.03
C ARG B 2364 64.41 27.78 13.61
N ARG B 2365 63.94 27.00 14.58
CA ARG B 2365 63.16 25.81 14.24
C ARG B 2365 61.89 26.21 13.49
N VAL B 2366 61.17 27.22 14.00
CA VAL B 2366 59.93 27.61 13.35
C VAL B 2366 60.18 28.13 11.95
N GLU B 2367 61.19 28.99 11.79
CA GLU B 2367 61.47 29.52 10.46
C GLU B 2367 61.91 28.44 9.49
N GLN B 2368 62.66 27.44 9.97
CA GLN B 2368 63.04 26.36 9.06
C GLN B 2368 61.84 25.55 8.61
N THR B 2369 60.89 25.31 9.52
CA THR B 2369 59.66 24.63 9.11
C THR B 2369 58.95 25.43 8.03
N ARG B 2370 58.84 26.75 8.22
CA ARG B 2370 58.16 27.55 7.20
C ARG B 2370 58.92 27.55 5.89
N SER B 2371 60.25 27.51 5.93
CA SER B 2371 61.02 27.48 4.69
C SER B 2371 60.81 26.18 3.94
N GLU B 2372 60.74 25.05 4.65
CA GLU B 2372 60.44 23.80 3.98
C GLU B 2372 59.07 23.83 3.34
N PHE B 2373 58.08 24.36 4.06
CA PHE B 2373 56.75 24.46 3.46
C PHE B 2373 56.76 25.31 2.20
N LEU B 2374 57.51 26.42 2.21
CA LEU B 2374 57.57 27.26 1.02
C LEU B 2374 58.19 26.52 -0.16
N LYS B 2375 59.29 25.82 0.08
CA LYS B 2375 59.90 25.03 -0.98
C LYS B 2375 58.91 24.05 -1.59
N LEU B 2376 58.24 23.26 -0.73
CA LEU B 2376 57.33 22.26 -1.25
C LEU B 2376 56.15 22.90 -1.98
N CYS B 2377 55.67 24.04 -1.48
CA CYS B 2377 54.55 24.69 -2.12
C CYS B 2377 54.91 25.11 -3.53
N ILE B 2378 56.02 25.83 -3.69
CA ILE B 2378 56.37 26.33 -5.01
C ILE B 2378 56.68 25.18 -5.96
N GLU B 2379 57.47 24.20 -5.50
CA GLU B 2379 57.82 23.09 -6.37
C GLU B 2379 56.60 22.32 -6.84
N ASN B 2380 55.64 22.09 -5.95
CA ASN B 2380 54.48 21.31 -6.37
C ASN B 2380 53.52 22.12 -7.20
N TYR B 2381 53.43 23.42 -7.00
CA TYR B 2381 52.64 24.22 -7.94
C TYR B 2381 53.22 24.10 -9.34
N LEU B 2382 54.54 24.20 -9.46
CA LEU B 2382 55.14 24.14 -10.79
C LEU B 2382 54.99 22.76 -11.41
N LEU B 2383 55.09 21.70 -10.60
CA LEU B 2383 54.91 20.37 -11.16
C LEU B 2383 53.46 20.09 -11.54
N SER B 2384 52.50 20.68 -10.82
CA SER B 2384 51.12 20.45 -11.19
C SER B 2384 50.75 21.20 -12.46
N LEU B 2385 51.34 22.38 -12.68
CA LEU B 2385 51.09 23.09 -13.93
C LEU B 2385 51.66 22.35 -15.13
N ALA B 2386 52.77 21.66 -14.95
CA ALA B 2386 53.42 20.96 -16.06
C ALA B 2386 52.81 19.60 -16.36
N ALA B 2387 51.88 19.11 -15.55
CA ALA B 2387 51.39 17.75 -15.69
C ALA B 2387 50.05 17.67 -16.41
N SER B 2388 49.06 18.45 -15.99
CA SER B 2388 47.74 18.40 -16.60
C SER B 2388 47.19 19.80 -16.74
N ASP B 2389 46.00 19.91 -17.32
CA ASP B 2389 45.33 21.19 -17.51
C ASP B 2389 44.13 21.37 -16.60
N GLU B 2390 43.91 20.45 -15.66
CA GLU B 2390 42.75 20.57 -14.79
C GLU B 2390 42.86 21.78 -13.88
N HIS B 2391 44.04 22.02 -13.34
CA HIS B 2391 44.29 23.12 -12.41
C HIS B 2391 45.18 24.14 -13.11
N ASP B 2392 44.57 25.19 -13.63
CA ASP B 2392 45.31 26.23 -14.34
C ASP B 2392 45.24 27.58 -13.68
N ASN B 2393 44.42 27.76 -12.67
CA ASN B 2393 44.54 28.94 -11.82
C ASN B 2393 45.64 28.77 -10.79
N ASP B 2394 46.35 27.65 -10.82
CA ASP B 2394 47.57 27.54 -10.05
C ASP B 2394 48.66 28.43 -10.60
N ALA B 2395 48.51 28.93 -11.82
CA ALA B 2395 49.48 29.87 -12.36
C ALA B 2395 49.37 31.22 -11.68
N LEU B 2396 48.15 31.69 -11.44
CA LEU B 2396 47.94 32.94 -10.72
C LEU B 2396 48.42 32.83 -9.28
N ARG B 2397 48.16 31.70 -8.63
CA ARG B 2397 48.58 31.52 -7.25
C ARG B 2397 50.09 31.36 -7.16
N PHE B 2398 50.68 30.60 -8.07
CA PHE B 2398 52.14 30.51 -8.07
C PHE B 2398 52.76 31.86 -8.32
N MET B 2399 52.19 32.66 -9.21
CA MET B 2399 52.77 33.97 -9.51
C MET B 2399 52.71 34.89 -8.30
N ALA B 2400 51.56 34.95 -7.63
CA ALA B 2400 51.49 35.75 -6.41
C ALA B 2400 52.51 35.27 -5.39
N LEU B 2401 52.57 33.96 -5.19
CA LEU B 2401 53.47 33.40 -4.18
C LEU B 2401 54.92 33.64 -4.52
N TRP B 2402 55.26 33.70 -5.80
CA TRP B 2402 56.65 33.91 -6.20
C TRP B 2402 57.02 35.38 -6.19
N LEU B 2403 56.08 36.26 -6.50
CA LEU B 2403 56.39 37.68 -6.45
C LEU B 2403 56.46 38.19 -5.02
N GLU B 2404 55.76 37.53 -4.09
CA GLU B 2404 55.94 37.91 -2.69
C GLU B 2404 57.32 37.55 -2.18
N LYS B 2405 57.92 36.47 -2.66
CA LYS B 2405 59.20 35.97 -2.18
C LYS B 2405 60.32 36.23 -3.17
N SER B 2406 60.32 37.39 -3.82
CA SER B 2406 61.31 37.65 -4.83
C SER B 2406 62.72 37.74 -4.26
N GLU B 2407 62.87 38.02 -2.96
CA GLU B 2407 64.20 38.15 -2.36
C GLU B 2407 64.70 36.87 -1.73
N GLU B 2408 63.81 36.02 -1.23
CA GLU B 2408 64.21 34.81 -0.54
C GLU B 2408 64.84 33.84 -1.54
N GLU B 2409 66.15 33.68 -1.47
CA GLU B 2409 66.88 32.94 -2.51
C GLU B 2409 66.47 31.48 -2.58
N VAL B 2410 65.86 30.95 -1.52
CA VAL B 2410 65.29 29.61 -1.53
C VAL B 2410 64.26 29.47 -2.66
N ALA B 2411 63.28 30.37 -2.63
CA ALA B 2411 62.23 30.35 -3.64
C ALA B 2411 62.82 30.44 -5.04
N ASN B 2412 63.80 31.32 -5.22
CA ASN B 2412 64.35 31.51 -6.55
C ASN B 2412 65.13 30.29 -7.01
N GLU B 2413 65.77 29.57 -6.11
CA GLU B 2413 66.42 28.33 -6.54
C GLU B 2413 65.42 27.28 -6.97
N VAL B 2414 64.34 27.11 -6.22
CA VAL B 2414 63.33 26.12 -6.62
C VAL B 2414 62.70 26.50 -7.96
N VAL B 2415 62.38 27.78 -8.12
CA VAL B 2415 61.79 28.22 -9.38
C VAL B 2415 62.76 27.99 -10.52
N LYS B 2416 64.04 28.33 -10.30
CA LYS B 2416 65.02 28.11 -11.36
C LYS B 2416 65.07 26.65 -11.75
N LYS B 2417 64.91 25.76 -10.79
CA LYS B 2417 65.04 24.35 -11.10
C LYS B 2417 63.83 23.85 -11.90
N TRP B 2418 62.62 24.34 -11.59
CA TRP B 2418 61.42 23.72 -12.15
C TRP B 2418 60.66 24.56 -13.17
N ILE B 2419 61.10 25.77 -13.49
CA ILE B 2419 60.25 26.66 -14.28
C ILE B 2419 60.24 26.30 -15.76
N ASN B 2420 61.26 25.61 -16.26
CA ASN B 2420 61.36 25.40 -17.70
C ASN B 2420 60.51 24.26 -18.21
N LYS B 2421 59.71 23.61 -17.37
CA LYS B 2421 58.88 22.51 -17.82
C LYS B 2421 57.42 22.89 -17.93
N VAL B 2422 57.04 24.09 -17.51
CA VAL B 2422 55.66 24.56 -17.65
C VAL B 2422 55.45 25.08 -19.07
N PRO B 2423 54.39 24.69 -19.76
CA PRO B 2423 54.08 25.34 -21.03
C PRO B 2423 53.80 26.81 -20.82
N THR B 2424 54.39 27.64 -21.67
CA THR B 2424 54.20 29.06 -21.47
C THR B 2424 52.78 29.52 -21.74
N ARG B 2425 51.91 28.65 -22.23
CA ARG B 2425 50.54 29.07 -22.45
C ARG B 2425 49.77 29.23 -21.14
N LYS B 2426 50.36 28.82 -20.02
CA LYS B 2426 49.71 28.99 -18.72
C LYS B 2426 49.92 30.40 -18.19
N PHE B 2427 51.01 31.03 -18.59
CA PHE B 2427 51.34 32.38 -18.14
C PHE B 2427 50.97 33.44 -19.17
N ALA B 2428 50.42 33.05 -20.30
CA ALA B 2428 50.25 34.01 -21.40
C ALA B 2428 49.31 35.13 -21.05
N LEU B 2429 48.30 34.87 -20.23
CA LEU B 2429 47.33 35.90 -19.85
C LEU B 2429 47.77 36.72 -18.65
N LEU B 2430 48.96 36.46 -18.11
CA LEU B 2430 49.49 37.20 -16.97
C LEU B 2430 50.64 38.08 -17.38
N MET B 2431 50.56 38.73 -18.53
CA MET B 2431 51.65 39.58 -18.97
C MET B 2431 51.52 41.01 -18.47
N ASN B 2432 50.36 41.40 -17.96
CA ASN B 2432 50.28 42.71 -17.31
C ASN B 2432 51.04 42.68 -15.99
N GLN B 2433 51.01 41.55 -15.30
CA GLN B 2433 51.67 41.43 -14.01
C GLN B 2433 53.14 41.08 -14.15
N LEU B 2434 53.51 40.39 -15.22
CA LEU B 2434 54.89 39.99 -15.37
C LEU B 2434 55.73 41.13 -15.92
N SER B 2435 55.25 41.80 -16.96
CA SER B 2435 56.00 42.89 -17.55
C SER B 2435 56.01 44.14 -16.69
N SER B 2436 55.28 44.17 -15.59
CA SER B 2436 55.32 45.31 -14.70
C SER B 2436 56.40 45.18 -13.63
N ARG B 2437 56.96 43.99 -13.46
CA ARG B 2437 58.01 43.74 -12.49
C ARG B 2437 59.37 43.64 -13.15
N LEU B 2438 59.47 43.92 -14.44
CA LEU B 2438 60.75 43.82 -15.12
C LEU B 2438 61.68 44.91 -14.63
N GLN B 2439 62.94 44.54 -14.42
CA GLN B 2439 63.99 45.49 -14.10
C GLN B 2439 65.32 44.88 -14.53
N ASP B 2440 66.34 45.72 -14.60
CA ASP B 2440 67.69 45.27 -14.92
C ASP B 2440 68.53 45.40 -13.65
N HIS B 2441 68.54 44.34 -12.84
CA HIS B 2441 69.22 44.35 -11.56
C HIS B 2441 70.25 43.26 -11.41
N ASN B 2442 70.36 42.34 -12.36
CA ASN B 2442 71.33 41.25 -12.39
C ASN B 2442 71.12 40.24 -11.28
N THR B 2443 69.99 40.26 -10.60
CA THR B 2443 69.74 39.28 -9.54
C THR B 2443 69.36 37.96 -10.18
N LEU B 2444 68.87 37.01 -9.39
CA LEU B 2444 68.37 35.78 -9.96
C LEU B 2444 66.89 35.90 -10.29
N PHE B 2445 66.14 36.64 -9.47
CA PHE B 2445 64.75 36.86 -9.78
C PHE B 2445 64.58 37.48 -11.14
N GLN B 2446 65.41 38.46 -11.48
CA GLN B 2446 65.29 39.10 -12.78
C GLN B 2446 65.77 38.21 -13.90
N LYS B 2447 66.81 37.42 -13.68
CA LYS B 2447 67.24 36.52 -14.74
C LYS B 2447 66.22 35.45 -15.02
N LEU B 2448 65.37 35.13 -14.06
CA LEU B 2448 64.28 34.19 -14.32
C LEU B 2448 63.09 34.89 -14.94
N LEU B 2449 62.76 36.08 -14.45
CA LEU B 2449 61.58 36.79 -14.94
C LEU B 2449 61.77 37.21 -16.39
N ILE B 2450 62.96 37.70 -16.74
CA ILE B 2450 63.18 38.15 -18.09
C ILE B 2450 63.17 36.99 -19.06
N ASP B 2451 63.74 35.87 -18.66
CA ASP B 2451 63.70 34.70 -19.52
C ASP B 2451 62.28 34.20 -19.71
N LEU B 2452 61.46 34.24 -18.66
CA LEU B 2452 60.09 33.79 -18.80
C LEU B 2452 59.30 34.71 -19.72
N VAL B 2453 59.47 36.02 -19.57
CA VAL B 2453 58.74 36.95 -20.44
C VAL B 2453 59.19 36.79 -21.88
N TYR B 2454 60.49 36.55 -22.08
CA TYR B 2454 61.01 36.32 -23.42
C TYR B 2454 60.39 35.07 -24.04
N ARG B 2455 60.32 33.98 -23.30
CA ARG B 2455 59.78 32.76 -23.88
C ARG B 2455 58.29 32.89 -24.15
N ILE B 2456 57.57 33.64 -23.33
CA ILE B 2456 56.16 33.87 -23.61
C ILE B 2456 56.00 34.65 -24.91
N CYS B 2457 56.78 35.73 -25.07
CA CYS B 2457 56.67 36.52 -26.30
C CYS B 2457 57.13 35.76 -27.53
N VAL B 2458 57.99 34.76 -27.36
CA VAL B 2458 58.41 33.97 -28.52
C VAL B 2458 57.36 32.93 -28.89
N ASP B 2459 56.78 32.23 -27.90
CA ASP B 2459 55.81 31.19 -28.24
C ASP B 2459 54.48 31.80 -28.67
N HIS B 2460 53.99 32.80 -27.95
CA HIS B 2460 52.69 33.42 -28.20
C HIS B 2460 52.91 34.90 -28.46
N PRO B 2461 53.27 35.27 -29.69
CA PRO B 2461 53.69 36.66 -29.93
C PRO B 2461 52.56 37.66 -29.84
N TYR B 2462 51.37 37.29 -30.29
CA TYR B 2462 50.27 38.24 -30.22
C TYR B 2462 49.73 38.43 -28.82
N HIS B 2463 50.35 37.80 -27.83
CA HIS B 2463 49.96 37.97 -26.44
C HIS B 2463 51.00 38.68 -25.59
N GLY B 2464 52.24 38.78 -26.07
CA GLY B 2464 53.28 39.42 -25.29
C GLY B 2464 53.99 40.57 -25.99
N MET B 2465 53.93 40.61 -27.32
CA MET B 2465 54.74 41.61 -27.99
C MET B 2465 54.17 43.01 -27.90
N TYR B 2466 52.86 43.16 -27.75
CA TYR B 2466 52.36 44.52 -27.55
C TYR B 2466 52.73 45.03 -26.17
N HIS B 2467 52.81 44.14 -25.18
CA HIS B 2467 53.31 44.55 -23.88
C HIS B 2467 54.75 44.97 -23.96
N ILE B 2468 55.57 44.24 -24.71
CA ILE B 2468 56.97 44.62 -24.87
C ILE B 2468 57.09 45.96 -25.60
N TRP B 2469 56.32 46.15 -26.67
CA TRP B 2469 56.37 47.42 -27.39
C TRP B 2469 55.98 48.58 -26.48
N THR B 2470 54.88 48.44 -25.74
CA THR B 2470 54.48 49.52 -24.86
C THR B 2470 55.52 49.77 -23.79
N GLY B 2471 56.19 48.72 -23.32
CA GLY B 2471 57.17 48.89 -22.28
C GLY B 2471 58.41 49.61 -22.75
N ALA B 2472 58.82 49.35 -23.99
CA ALA B 2472 60.02 50.02 -24.51
C ALA B 2472 59.70 51.44 -24.95
N ARG B 2473 58.80 51.60 -25.90
CA ARG B 2473 58.47 52.92 -26.44
C ARG B 2473 57.49 53.68 -25.55
N VAL B 2482 61.40 53.90 -10.58
CA VAL B 2482 61.72 52.56 -11.06
C VAL B 2482 61.20 52.35 -12.47
N ALA B 2483 60.73 53.43 -13.09
CA ALA B 2483 60.26 53.33 -14.46
C ALA B 2483 61.43 53.23 -15.44
N VAL B 2484 62.57 53.82 -15.11
CA VAL B 2484 63.69 53.81 -16.03
C VAL B 2484 64.28 52.41 -16.14
N SER B 2485 64.37 51.69 -15.02
CA SER B 2485 64.88 50.33 -15.07
C SER B 2485 63.94 49.41 -15.83
N ARG B 2486 62.64 49.54 -15.58
CA ARG B 2486 61.66 48.74 -16.32
C ARG B 2486 61.78 49.01 -17.81
N GLN B 2487 61.89 50.28 -18.20
CA GLN B 2487 62.05 50.60 -19.61
C GLN B 2487 63.33 50.00 -20.17
N ARG B 2488 64.42 50.03 -19.41
CA ARG B 2488 65.66 49.48 -19.93
C ARG B 2488 65.56 47.98 -20.14
N ALA B 2489 64.93 47.28 -19.19
CA ALA B 2489 64.81 45.83 -19.31
C ALA B 2489 63.91 45.45 -20.47
N THR B 2490 62.77 46.14 -20.60
CA THR B 2490 61.90 45.88 -21.73
C THR B 2490 62.59 46.17 -23.04
N ASP B 2491 63.47 47.19 -23.07
CA ASP B 2491 64.21 47.48 -24.30
C ASP B 2491 65.18 46.37 -24.63
N LYS B 2492 65.82 45.80 -23.62
CA LYS B 2492 66.72 44.67 -23.89
C LYS B 2492 65.94 43.48 -24.42
N ILE B 2493 64.76 43.20 -23.85
CA ILE B 2493 63.95 42.10 -24.37
C ILE B 2493 63.52 42.38 -25.81
N ALA B 2494 63.19 43.64 -26.12
CA ALA B 2494 62.80 43.96 -27.49
C ALA B 2494 63.94 43.75 -28.45
N LYS B 2495 65.15 44.19 -28.06
CA LYS B 2495 66.31 43.99 -28.92
C LYS B 2495 66.55 42.50 -29.14
N ALA B 2496 66.36 41.69 -28.11
CA ALA B 2496 66.57 40.26 -28.29
C ALA B 2496 65.46 39.63 -29.12
N LEU B 2497 64.26 40.19 -29.07
CA LEU B 2497 63.16 39.68 -29.88
C LEU B 2497 63.42 39.92 -31.35
N SER B 2498 63.96 41.08 -31.69
CA SER B 2498 64.27 41.33 -33.09
C SER B 2498 65.64 40.75 -33.44
N LYS B 2499 65.90 39.52 -33.00
CA LYS B 2499 67.12 38.84 -33.39
C LYS B 2499 66.96 37.36 -33.65
N ASN B 2500 65.85 36.73 -33.25
CA ASN B 2500 65.73 35.29 -33.34
C ASN B 2500 64.80 34.90 -34.48
N ASN B 2501 64.83 33.62 -34.83
CA ASN B 2501 64.27 33.17 -36.09
C ASN B 2501 62.76 32.99 -36.03
N LYS B 2502 62.23 32.54 -34.89
CA LYS B 2502 60.80 32.29 -34.81
C LYS B 2502 60.00 33.58 -34.96
N VAL B 2503 60.34 34.59 -34.19
CA VAL B 2503 59.64 35.86 -34.27
C VAL B 2503 60.57 36.90 -34.87
N SER B 2504 60.56 36.99 -36.19
CA SER B 2504 61.32 38.03 -36.89
C SER B 2504 60.54 38.70 -38.01
N SER B 2505 59.52 38.05 -38.55
CA SER B 2505 58.58 38.71 -39.43
C SER B 2505 57.37 39.24 -38.67
N ILE B 2506 57.35 39.09 -37.36
CA ILE B 2506 56.23 39.50 -36.53
C ILE B 2506 56.58 40.72 -35.68
N TRP B 2507 57.79 40.80 -35.17
CA TRP B 2507 58.14 41.94 -34.34
C TRP B 2507 58.27 43.24 -35.13
N PRO B 2508 58.92 43.23 -36.30
CA PRO B 2508 58.92 44.47 -37.10
C PRO B 2508 57.54 44.92 -37.53
N ALA B 2509 56.66 43.98 -37.88
CA ALA B 2509 55.31 44.35 -38.27
C ALA B 2509 54.61 45.10 -37.14
N ILE B 2510 54.67 44.53 -35.93
CA ILE B 2510 54.02 45.15 -34.78
C ILE B 2510 54.67 46.48 -34.46
N ASP B 2511 55.99 46.58 -34.63
CA ASP B 2511 56.71 47.82 -34.42
C ASP B 2511 56.15 48.92 -35.31
N GLN B 2512 56.23 48.73 -36.63
CA GLN B 2512 55.83 49.77 -37.57
C GLN B 2512 54.34 50.09 -37.44
N THR B 2513 53.52 49.05 -37.29
CA THR B 2513 52.09 49.25 -37.22
C THR B 2513 51.70 50.03 -35.98
N SER B 2514 52.27 49.70 -34.82
CA SER B 2514 51.98 50.46 -33.63
C SER B 2514 52.43 51.90 -33.77
N ARG B 2515 53.58 52.12 -34.42
CA ARG B 2515 54.01 53.50 -34.61
C ARG B 2515 52.98 54.30 -35.39
N VAL B 2516 52.44 53.71 -36.46
CA VAL B 2516 51.50 54.50 -37.24
C VAL B 2516 50.15 54.62 -36.55
N TYR B 2517 49.74 53.60 -35.78
CA TYR B 2517 48.50 53.71 -35.01
C TYR B 2517 48.59 54.82 -33.98
N HIS B 2518 49.73 54.90 -33.29
CA HIS B 2518 49.92 55.96 -32.32
C HIS B 2518 49.95 57.33 -33.00
N ALA B 2519 50.64 57.43 -34.14
CA ALA B 2519 50.66 58.70 -34.86
C ALA B 2519 49.26 59.13 -35.25
N LEU B 2520 48.46 58.20 -35.75
CA LEU B 2520 47.09 58.52 -36.12
C LEU B 2520 46.25 58.91 -34.91
N ALA B 2521 46.53 58.29 -33.76
CA ALA B 2521 45.77 58.61 -32.56
C ALA B 2521 46.05 60.03 -32.08
N MET B 2522 47.32 60.40 -32.08
CA MET B 2522 47.72 61.70 -31.52
C MET B 2522 47.31 62.87 -32.42
N ASP B 2523 47.01 62.61 -33.68
CA ASP B 2523 46.81 63.67 -34.67
C ASP B 2523 45.39 64.20 -34.55
N ARG B 2524 45.23 65.38 -33.97
CA ARG B 2524 43.95 66.04 -33.85
C ARG B 2524 44.00 67.38 -34.55
N ASP B 2525 43.04 67.64 -35.43
CA ASP B 2525 42.90 68.92 -36.10
C ASP B 2525 41.42 69.30 -36.11
N PRO B 2526 41.04 70.37 -35.41
CA PRO B 2526 39.61 70.70 -35.33
C PRO B 2526 38.97 70.99 -36.67
N THR B 2527 39.76 71.39 -37.67
CA THR B 2527 39.20 71.67 -38.99
C THR B 2527 39.13 70.42 -39.84
N ARG B 2528 40.22 69.65 -39.89
CA ARG B 2528 40.26 68.44 -40.70
C ARG B 2528 39.43 67.33 -40.10
N TYR B 2529 39.13 67.39 -38.81
CA TYR B 2529 38.35 66.37 -38.12
C TYR B 2529 37.21 67.06 -37.37
N LYS B 2530 36.03 67.05 -37.96
CA LYS B 2530 34.86 67.68 -37.34
C LYS B 2530 34.01 66.61 -36.65
N SER B 2531 33.68 66.85 -35.38
CA SER B 2531 32.95 65.89 -34.59
C SER B 2531 31.60 65.57 -35.21
N GLY B 2532 31.41 64.32 -35.60
CA GLY B 2532 30.17 63.85 -36.18
C GLY B 2532 30.25 63.56 -37.66
N GLN B 2533 31.31 63.99 -38.35
CA GLN B 2533 31.42 63.81 -39.78
C GLN B 2533 31.86 62.40 -40.11
N LYS B 2534 32.28 62.17 -41.35
CA LYS B 2534 32.79 60.88 -41.78
C LYS B 2534 33.83 61.13 -42.88
N VAL B 2535 35.09 61.20 -42.47
CA VAL B 2535 36.16 61.72 -43.33
C VAL B 2535 36.89 60.57 -44.00
N PRO B 2536 37.19 60.63 -45.29
CA PRO B 2536 38.04 59.59 -45.88
C PRO B 2536 39.46 59.73 -45.39
N ILE B 2537 40.05 58.63 -44.94
CA ILE B 2537 41.39 58.69 -44.37
C ILE B 2537 42.35 58.52 -45.54
N LYS B 2538 42.48 59.59 -46.31
CA LYS B 2538 43.57 59.75 -47.27
C LYS B 2538 44.01 61.20 -47.40
N ASN B 2539 43.43 62.13 -46.67
CA ASN B 2539 43.68 63.54 -46.88
C ASN B 2539 44.73 64.12 -45.95
N SER B 2540 44.84 63.60 -44.74
CA SER B 2540 45.95 63.99 -43.90
C SER B 2540 47.21 63.22 -44.31
N PRO B 2541 48.39 63.80 -44.11
CA PRO B 2541 49.61 63.01 -44.33
C PRO B 2541 49.70 61.82 -43.40
N VAL B 2542 49.26 61.99 -42.15
CA VAL B 2542 49.20 60.87 -41.22
C VAL B 2542 48.35 59.75 -41.77
N GLY B 2543 47.21 60.10 -42.38
CA GLY B 2543 46.34 59.07 -42.92
C GLY B 2543 46.98 58.28 -44.04
N GLN B 2544 47.70 58.96 -44.93
CA GLN B 2544 48.30 58.26 -46.06
C GLN B 2544 49.48 57.41 -45.60
N ASN B 2545 50.31 57.96 -44.72
CA ASN B 2545 51.39 57.16 -44.15
C ASN B 2545 50.85 55.93 -43.45
N PHE B 2546 49.75 56.09 -42.73
CA PHE B 2546 49.11 54.97 -42.04
C PHE B 2546 48.65 53.91 -43.03
N LEU B 2547 47.93 54.33 -44.06
CA LEU B 2547 47.41 53.35 -45.02
C LEU B 2547 48.54 52.60 -45.71
N SER B 2548 49.59 53.32 -46.11
CA SER B 2548 50.71 52.66 -46.77
C SER B 2548 51.40 51.68 -45.85
N THR B 2549 51.73 52.13 -44.63
CA THR B 2549 52.42 51.26 -43.69
C THR B 2549 51.61 50.03 -43.35
N MET B 2550 50.30 50.18 -43.28
CA MET B 2550 49.46 49.03 -42.97
C MET B 2550 49.35 48.10 -44.16
N SER B 2551 49.45 48.63 -45.37
CA SER B 2551 49.45 47.75 -46.54
C SER B 2551 50.73 46.95 -46.61
N ASN B 2552 51.87 47.54 -46.25
CA ASN B 2552 53.13 46.83 -46.37
C ASN B 2552 53.35 45.80 -45.28
N ASN B 2553 52.70 45.93 -44.12
CA ASN B 2553 52.91 45.05 -42.97
C ASN B 2553 51.61 44.37 -42.58
N PRO B 2554 51.45 43.08 -42.82
CA PRO B 2554 50.20 42.42 -42.46
C PRO B 2554 50.22 41.84 -41.05
N ILE B 2555 49.21 42.18 -40.25
CA ILE B 2555 49.06 41.66 -38.89
C ILE B 2555 47.60 41.36 -38.66
N PRO B 2556 47.29 40.57 -37.64
CA PRO B 2556 45.90 40.44 -37.22
C PRO B 2556 45.40 41.76 -36.65
N PRO B 2557 44.10 42.01 -36.70
CA PRO B 2557 43.59 43.26 -36.19
C PRO B 2557 43.95 43.39 -34.73
N PRO B 2558 44.46 44.53 -34.30
CA PRO B 2558 44.99 44.62 -32.94
C PRO B 2558 43.92 44.49 -31.87
N THR B 2559 42.65 44.65 -32.21
CA THR B 2559 41.57 44.53 -31.24
C THR B 2559 40.81 43.22 -31.39
N LEU B 2560 41.35 42.26 -32.13
CA LEU B 2560 40.74 40.94 -32.21
C LEU B 2560 41.23 40.10 -31.04
N GLN B 2561 40.30 39.40 -30.40
CA GLN B 2561 40.64 38.55 -29.25
C GLN B 2561 41.12 37.21 -29.76
N ILE B 2562 42.40 36.92 -29.59
CA ILE B 2562 42.99 35.67 -30.05
C ILE B 2562 43.04 34.71 -28.88
N GLU B 2563 42.52 33.50 -29.07
CA GLU B 2563 42.63 32.48 -28.05
C GLU B 2563 44.00 31.81 -28.10
N VAL B 2564 44.49 31.39 -26.95
CA VAL B 2564 45.83 30.84 -26.84
C VAL B 2564 45.82 29.42 -27.42
N SER B 2565 46.82 29.11 -28.23
CA SER B 2565 46.89 27.85 -28.95
C SER B 2565 47.85 26.90 -28.25
N ALA B 2566 47.35 25.73 -27.88
CA ALA B 2566 48.22 24.72 -27.28
C ALA B 2566 49.20 24.16 -28.29
N ASN B 2567 48.83 24.12 -29.57
CA ASN B 2567 49.72 23.62 -30.61
C ASN B 2567 50.65 24.70 -31.14
N LEU B 2568 50.60 25.92 -30.60
CA LEU B 2568 51.53 27.00 -30.96
C LEU B 2568 51.44 27.35 -32.45
N ASP B 2569 50.23 27.35 -32.99
CA ASP B 2569 50.00 27.57 -34.41
C ASP B 2569 49.05 28.76 -34.58
N TYR B 2570 49.60 29.90 -34.95
CA TYR B 2570 48.82 31.12 -35.12
C TYR B 2570 48.73 31.53 -36.58
N SER B 2571 48.62 30.54 -37.47
CA SER B 2571 48.45 30.80 -38.89
C SER B 2571 46.99 30.94 -39.28
N HIS B 2572 46.07 30.37 -38.51
CA HIS B 2572 44.65 30.47 -38.79
C HIS B 2572 44.05 31.80 -38.36
N VAL B 2573 44.87 32.78 -38.03
CA VAL B 2573 44.39 34.06 -37.51
C VAL B 2573 44.19 35.01 -38.68
N PRO B 2574 43.05 35.69 -38.77
CA PRO B 2574 42.82 36.61 -39.89
C PRO B 2574 43.73 37.82 -39.79
N MET B 2575 44.42 38.12 -40.89
CA MET B 2575 45.24 39.33 -40.98
C MET B 2575 44.39 40.46 -41.53
N ILE B 2576 44.89 41.69 -41.35
CA ILE B 2576 44.20 42.84 -41.91
C ILE B 2576 44.42 42.83 -43.42
N HIS B 2577 43.32 42.75 -44.17
CA HIS B 2577 43.42 42.81 -45.62
C HIS B 2577 43.50 44.25 -46.11
N LYS B 2578 42.52 45.07 -45.75
CA LYS B 2578 42.54 46.46 -46.14
C LYS B 2578 41.75 47.26 -45.12
N PHE B 2579 41.67 48.57 -45.33
CA PHE B 2579 40.86 49.43 -44.50
C PHE B 2579 39.74 50.03 -45.34
N ALA B 2580 38.58 50.19 -44.71
CA ALA B 2580 37.52 50.93 -45.36
C ALA B 2580 37.99 52.35 -45.62
N PRO B 2581 37.55 52.96 -46.72
CA PRO B 2581 38.13 54.24 -47.12
C PRO B 2581 37.90 55.37 -46.15
N GLU B 2582 36.79 55.35 -45.43
CA GLU B 2582 36.43 56.45 -44.55
C GLU B 2582 36.51 56.03 -43.08
N MET B 2583 36.48 57.03 -42.22
CA MET B 2583 36.51 56.83 -40.78
C MET B 2583 35.58 57.84 -40.14
N ALA B 2584 34.80 57.39 -39.16
CA ALA B 2584 33.89 58.28 -38.48
C ALA B 2584 34.62 59.06 -37.40
N ILE B 2585 33.94 60.03 -36.82
CA ILE B 2585 34.50 60.88 -35.78
C ILE B 2585 33.46 61.09 -34.71
N ALA B 2586 33.86 61.00 -33.44
CA ALA B 2586 32.96 61.23 -32.32
C ALA B 2586 33.19 62.59 -31.69
N SER B 2587 32.29 62.96 -30.78
CA SER B 2587 32.33 64.30 -30.19
C SER B 2587 33.28 64.35 -29.00
N GLY B 2588 34.17 65.34 -29.02
CA GLY B 2588 35.13 65.50 -27.93
C GLY B 2588 36.12 66.59 -28.29
N VAL B 2589 37.23 66.63 -27.56
CA VAL B 2589 38.29 67.58 -27.86
C VAL B 2589 39.32 66.90 -28.75
N SER B 2590 39.95 65.84 -28.22
CA SER B 2590 40.82 64.99 -29.03
C SER B 2590 39.92 63.97 -29.71
N ALA B 2591 39.62 64.20 -30.98
CA ALA B 2591 38.60 63.48 -31.72
C ALA B 2591 38.89 61.99 -31.74
N PRO B 2592 38.10 61.16 -31.06
CA PRO B 2592 38.26 59.71 -31.20
C PRO B 2592 37.72 59.28 -32.56
N LYS B 2593 38.54 58.59 -33.34
CA LYS B 2593 38.17 58.20 -34.69
C LYS B 2593 37.90 56.71 -34.75
N ILE B 2594 36.86 56.33 -35.47
CA ILE B 2594 36.40 54.96 -35.53
C ILE B 2594 36.82 54.40 -36.88
N LEU B 2595 37.89 53.63 -36.91
CA LEU B 2595 38.33 53.00 -38.14
C LEU B 2595 37.59 51.71 -38.36
N THR B 2596 37.62 51.22 -39.59
CA THR B 2596 37.12 49.91 -39.93
C THR B 2596 38.20 49.17 -40.69
N ALA B 2597 38.35 47.89 -40.44
CA ALA B 2597 39.35 47.10 -41.15
C ALA B 2597 38.69 45.86 -41.70
N ILE B 2598 38.85 45.61 -42.98
CA ILE B 2598 38.34 44.40 -43.60
C ILE B 2598 39.45 43.37 -43.56
N GLY B 2599 39.19 42.23 -42.93
CA GLY B 2599 40.20 41.24 -42.72
C GLY B 2599 40.31 40.27 -43.88
N THR B 2600 41.18 39.29 -43.70
CA THR B 2600 41.39 38.29 -44.75
C THR B 2600 40.15 37.43 -44.95
N ASP B 2601 39.53 37.00 -43.86
CA ASP B 2601 38.33 36.16 -43.95
C ASP B 2601 37.09 36.96 -44.32
N GLY B 2602 37.22 38.27 -44.54
CA GLY B 2602 36.10 39.05 -45.02
C GLY B 2602 35.19 39.62 -43.97
N ARG B 2603 35.62 39.71 -42.72
CA ARG B 2603 34.83 40.32 -41.67
C ARG B 2603 35.32 41.74 -41.41
N LYS B 2604 34.45 42.54 -40.82
CA LYS B 2604 34.77 43.92 -40.52
C LYS B 2604 35.08 44.04 -39.03
N TYR B 2605 36.26 44.55 -38.72
CA TYR B 2605 36.68 44.82 -37.36
C TYR B 2605 36.75 46.33 -37.20
N LYS B 2606 35.82 46.90 -36.45
CA LYS B 2606 35.90 48.32 -36.19
C LYS B 2606 36.77 48.56 -34.97
N GLN B 2607 37.29 49.79 -34.86
CA GLN B 2607 38.24 50.12 -33.81
C GLN B 2607 38.05 51.57 -33.42
N LEU B 2608 38.17 51.85 -32.15
CA LEU B 2608 38.28 53.21 -31.68
C LEU B 2608 39.76 53.47 -31.51
N VAL B 2609 40.29 54.47 -32.22
CA VAL B 2609 41.66 54.89 -32.03
C VAL B 2609 41.60 56.08 -31.08
N LYS B 2610 41.80 55.83 -29.79
CA LYS B 2610 41.53 56.80 -28.75
C LYS B 2610 42.83 57.49 -28.37
N GLY B 2611 42.84 58.81 -28.49
CA GLY B 2611 44.00 59.59 -28.12
C GLY B 2611 43.63 60.65 -27.11
N GLY B 2612 44.62 61.19 -26.44
CA GLY B 2612 44.37 62.22 -25.45
C GLY B 2612 45.22 62.05 -24.22
N ASN B 2613 44.61 62.20 -23.05
CA ASN B 2613 45.32 62.07 -21.79
C ASN B 2613 44.66 61.03 -20.88
N ASP B 2614 43.93 60.08 -21.46
CA ASP B 2614 43.23 59.09 -20.67
C ASP B 2614 44.17 58.00 -20.21
N ASP B 2615 43.69 57.16 -19.31
CA ASP B 2615 44.42 55.99 -18.85
C ASP B 2615 43.60 54.77 -19.23
N LEU B 2616 44.02 54.10 -20.29
CA LEU B 2616 43.41 52.85 -20.70
C LEU B 2616 43.98 51.65 -19.99
N ARG B 2617 45.08 51.79 -19.26
CA ARG B 2617 45.59 50.62 -18.56
C ARG B 2617 44.68 50.25 -17.39
N GLN B 2618 44.07 51.23 -16.73
CA GLN B 2618 43.04 50.92 -15.74
C GLN B 2618 41.93 50.10 -16.37
N ASP B 2619 41.40 50.56 -17.50
CA ASP B 2619 40.30 49.87 -18.15
C ASP B 2619 40.71 48.48 -18.61
N ALA B 2620 41.95 48.31 -19.05
CA ALA B 2620 42.40 47.00 -19.51
C ALA B 2620 42.55 46.03 -18.36
N ILE B 2621 43.16 46.48 -17.27
CA ILE B 2621 43.32 45.64 -16.10
C ILE B 2621 41.97 45.21 -15.56
N MET B 2622 41.03 46.16 -15.43
CA MET B 2622 39.74 45.79 -14.89
C MET B 2622 38.96 44.90 -15.85
N GLU B 2623 39.09 45.09 -17.15
CA GLU B 2623 38.44 44.16 -18.06
C GLU B 2623 38.98 42.76 -17.87
N GLN B 2624 40.29 42.64 -17.60
CA GLN B 2624 40.86 41.31 -17.39
C GLN B 2624 40.36 40.68 -16.10
N VAL B 2625 40.24 41.47 -15.05
CA VAL B 2625 39.73 40.97 -13.77
C VAL B 2625 38.28 40.51 -13.91
N PHE B 2626 37.44 41.31 -14.55
CA PHE B 2626 36.06 40.94 -14.74
C PHE B 2626 35.92 39.69 -15.58
N ALA B 2627 36.76 39.54 -16.60
CA ALA B 2627 36.72 38.33 -17.40
C ALA B 2627 37.12 37.10 -16.59
N ALA B 2628 38.11 37.24 -15.70
CA ALA B 2628 38.51 36.10 -14.86
C ALA B 2628 37.39 35.70 -13.90
N VAL B 2629 36.72 36.66 -13.26
CA VAL B 2629 35.64 36.31 -12.35
C VAL B 2629 34.48 35.67 -13.11
N SER B 2630 34.12 36.22 -14.26
CA SER B 2630 33.08 35.58 -15.04
C SER B 2630 33.47 34.18 -15.46
N GLU B 2631 34.77 33.93 -15.65
CA GLU B 2631 35.17 32.56 -15.91
C GLU B 2631 35.00 31.68 -14.69
N LEU B 2632 35.17 32.25 -13.49
CA LEU B 2632 34.87 31.46 -12.29
C LEU B 2632 33.42 31.05 -12.25
N LEU B 2633 32.53 31.88 -12.80
CA LEU B 2633 31.11 31.55 -12.73
C LEU B 2633 30.75 30.26 -13.46
N LYS B 2634 31.60 29.76 -14.33
CA LYS B 2634 31.24 28.59 -15.14
C LYS B 2634 31.36 27.27 -14.39
N LEU B 2635 31.83 27.28 -13.16
CA LEU B 2635 32.13 26.04 -12.46
C LEU B 2635 30.99 25.57 -11.57
N HIS B 2636 29.86 26.27 -11.59
CA HIS B 2636 28.75 25.96 -10.70
C HIS B 2636 27.53 25.63 -11.53
N ARG B 2637 26.71 24.71 -11.03
CA ARG B 2637 25.62 24.20 -11.85
C ARG B 2637 24.60 25.28 -12.17
N GLU B 2638 24.26 26.11 -11.20
CA GLU B 2638 23.14 27.02 -11.41
C GLU B 2638 23.50 28.14 -12.37
N THR B 2639 24.71 28.68 -12.29
CA THR B 2639 25.09 29.76 -13.17
C THR B 2639 25.53 29.25 -14.54
N ARG B 2640 26.04 28.04 -14.61
CA ARG B 2640 26.39 27.48 -15.89
C ARG B 2640 25.17 27.01 -16.66
N GLN B 2641 24.14 26.55 -15.96
CA GLN B 2641 22.92 26.15 -16.63
C GLN B 2641 22.24 27.33 -17.31
N ARG B 2642 22.42 28.53 -16.78
CA ARG B 2642 21.80 29.74 -17.31
C ARG B 2642 22.75 30.58 -18.13
N ASN B 2643 23.97 30.10 -18.36
CA ASN B 2643 24.98 30.86 -19.08
C ASN B 2643 25.14 32.26 -18.51
N LEU B 2644 25.16 32.36 -17.18
CA LEU B 2644 25.39 33.64 -16.55
C LEU B 2644 26.85 34.02 -16.68
N GLY B 2645 27.10 35.21 -17.20
CA GLY B 2645 28.45 35.67 -17.44
C GLY B 2645 28.36 37.06 -18.02
N ILE B 2646 29.52 37.61 -18.34
CA ILE B 2646 29.56 38.95 -18.89
C ILE B 2646 30.14 38.90 -20.29
N ARG B 2647 29.81 39.90 -21.08
CA ARG B 2647 30.34 40.06 -22.41
C ARG B 2647 31.60 40.90 -22.34
N THR B 2648 32.65 40.45 -22.99
CA THR B 2648 33.94 41.13 -22.92
C THR B 2648 34.22 41.90 -24.19
N TYR B 2649 35.15 42.84 -24.07
CA TYR B 2649 35.70 43.53 -25.22
C TYR B 2649 37.20 43.65 -24.98
N LYS B 2650 37.93 44.20 -25.94
CA LYS B 2650 39.38 44.19 -25.89
C LYS B 2650 39.91 45.61 -25.87
N VAL B 2651 40.65 45.95 -24.83
CA VAL B 2651 41.35 47.23 -24.75
C VAL B 2651 42.83 46.95 -24.91
N LEU B 2652 43.50 47.81 -25.68
CA LEU B 2652 44.92 47.64 -25.99
C LEU B 2652 45.60 48.99 -25.85
N PRO B 2653 46.25 49.25 -24.71
CA PRO B 2653 46.94 50.53 -24.54
C PRO B 2653 48.25 50.52 -25.32
N LEU B 2654 48.44 51.54 -26.17
CA LEU B 2654 49.67 51.65 -26.93
C LEU B 2654 50.72 52.42 -26.16
N THR B 2655 50.37 53.63 -25.72
CA THR B 2655 51.26 54.44 -24.89
C THR B 2655 50.49 54.94 -23.68
N SER B 2656 51.11 55.80 -22.89
CA SER B 2656 50.40 56.39 -21.76
C SER B 2656 49.39 57.43 -22.17
N SER B 2657 49.12 57.57 -23.47
CA SER B 2657 48.19 58.58 -23.92
C SER B 2657 47.29 58.12 -25.06
N SER B 2658 47.28 56.84 -25.40
CA SER B 2658 46.58 56.39 -26.59
C SER B 2658 46.34 54.89 -26.52
N GLY B 2659 45.32 54.46 -27.24
CA GLY B 2659 45.01 53.05 -27.27
C GLY B 2659 44.08 52.70 -28.40
N LEU B 2660 43.90 51.40 -28.57
CA LEU B 2660 42.92 50.83 -29.49
C LEU B 2660 41.86 50.12 -28.67
N ILE B 2661 40.62 50.49 -28.88
CA ILE B 2661 39.51 49.84 -28.19
C ILE B 2661 38.67 49.12 -29.23
N GLU B 2662 38.21 47.93 -28.90
CA GLU B 2662 37.39 47.17 -29.81
C GLU B 2662 36.00 47.77 -29.87
N PHE B 2663 35.54 48.13 -31.05
CA PHE B 2663 34.19 48.66 -31.23
C PHE B 2663 33.23 47.49 -31.30
N VAL B 2664 32.43 47.31 -30.26
CA VAL B 2664 31.56 46.15 -30.18
C VAL B 2664 30.58 46.18 -31.33
N SER B 2665 30.38 45.01 -31.95
CA SER B 2665 29.94 44.91 -33.33
C SER B 2665 28.64 45.61 -33.65
N ASN B 2666 27.53 45.12 -33.13
CA ASN B 2666 26.21 45.61 -33.56
C ASN B 2666 25.38 46.00 -32.37
N THR B 2667 25.94 46.83 -31.51
CA THR B 2667 25.26 47.34 -30.35
C THR B 2667 24.78 48.77 -30.61
N ILE B 2668 24.14 49.35 -29.60
CA ILE B 2668 23.74 50.75 -29.62
C ILE B 2668 23.77 51.27 -28.20
N PRO B 2669 24.36 52.43 -27.91
CA PRO B 2669 24.42 52.90 -26.53
C PRO B 2669 23.04 53.06 -25.94
N LEU B 2670 22.95 52.81 -24.63
CA LEU B 2670 21.64 52.84 -23.98
C LEU B 2670 21.03 54.22 -24.04
N HIS B 2671 21.85 55.25 -23.89
CA HIS B 2671 21.31 56.60 -23.90
C HIS B 2671 20.86 57.02 -25.28
N GLU B 2672 21.54 56.53 -26.32
CA GLU B 2672 21.20 56.86 -27.70
C GLU B 2672 19.96 56.14 -28.20
N TYR B 2673 19.60 55.01 -27.59
CA TYR B 2673 18.26 54.51 -27.83
C TYR B 2673 17.24 55.25 -26.98
N LEU B 2674 17.54 55.51 -25.71
CA LEU B 2674 16.48 55.96 -24.83
C LEU B 2674 16.09 57.41 -25.04
N MET B 2675 16.97 58.24 -25.53
CA MET B 2675 16.55 59.63 -25.57
C MET B 2675 15.63 59.93 -26.76
N PRO B 2676 15.87 59.38 -27.95
CA PRO B 2676 14.86 59.51 -29.01
C PRO B 2676 13.57 58.76 -28.73
N ALA B 2677 13.64 57.56 -28.15
CA ALA B 2677 12.44 56.80 -27.91
C ALA B 2677 11.51 57.49 -26.93
N HIS B 2678 12.05 58.23 -25.98
CA HIS B 2678 11.21 58.88 -24.98
C HIS B 2678 10.30 59.91 -25.61
N GLU B 2679 10.76 60.57 -26.65
CA GLU B 2679 9.93 61.55 -27.33
C GLU B 2679 9.17 60.96 -28.49
N ARG B 2680 9.58 59.80 -28.97
CA ARG B 2680 8.79 59.14 -30.01
C ARG B 2680 7.54 58.50 -29.44
N TYR B 2681 7.62 57.93 -28.23
CA TYR B 2681 6.46 57.25 -27.67
C TYR B 2681 5.62 58.11 -26.74
N TYR B 2682 6.16 59.19 -26.18
CA TYR B 2682 5.42 60.09 -25.30
C TYR B 2682 5.72 61.52 -25.70
N PRO B 2683 5.01 62.04 -26.69
CA PRO B 2683 5.32 63.40 -27.17
C PRO B 2683 4.89 64.51 -26.21
N LYS B 2684 4.18 64.19 -25.14
CA LYS B 2684 3.77 65.22 -24.17
C LYS B 2684 4.67 65.26 -22.95
N ASP B 2685 5.67 64.39 -22.86
CA ASP B 2685 6.56 64.40 -21.70
C ASP B 2685 7.66 65.43 -21.89
N LEU B 2686 8.44 65.60 -20.84
CA LEU B 2686 9.63 66.44 -20.91
C LEU B 2686 10.68 65.80 -21.81
N LYS B 2687 11.61 66.61 -22.26
CA LYS B 2687 12.74 66.09 -23.00
C LYS B 2687 13.80 65.57 -22.04
N GLY B 2688 14.74 64.79 -22.58
CA GLY B 2688 15.85 64.35 -21.77
C GLY B 2688 16.68 65.52 -21.29
N SER B 2689 16.88 66.52 -22.15
CA SER B 2689 17.67 67.68 -21.77
C SER B 2689 16.94 68.54 -20.75
N GLN B 2690 15.63 68.64 -20.85
CA GLN B 2690 14.88 69.40 -19.85
C GLN B 2690 14.94 68.73 -18.49
N CYS B 2691 14.84 67.40 -18.45
CA CYS B 2691 14.99 66.70 -17.18
C CYS B 2691 16.39 66.86 -16.62
N ARG B 2692 17.42 66.73 -17.46
CA ARG B 2692 18.78 66.87 -16.97
C ARG B 2692 19.00 68.26 -16.42
N LYS B 2693 18.55 69.29 -17.12
CA LYS B 2693 18.76 70.64 -16.64
C LYS B 2693 17.98 70.91 -15.36
N GLU B 2694 16.75 70.42 -15.27
CA GLU B 2694 15.95 70.62 -14.08
C GLU B 2694 16.54 69.94 -12.87
N ILE B 2695 17.20 68.81 -13.07
CA ILE B 2695 17.84 68.12 -11.96
C ILE B 2695 19.18 68.73 -11.63
N ALA B 2696 19.88 69.30 -12.61
CA ALA B 2696 21.16 69.93 -12.33
C ALA B 2696 21.02 71.29 -11.69
N ASN B 2697 19.90 71.98 -11.88
CA ASN B 2697 19.73 73.27 -11.22
C ASN B 2697 19.59 73.10 -9.71
N ALA B 2698 18.89 72.06 -9.27
CA ALA B 2698 18.74 71.82 -7.85
C ALA B 2698 19.83 70.89 -7.32
N GLN B 2699 21.08 71.21 -7.63
CA GLN B 2699 22.20 70.39 -7.20
C GLN B 2699 22.88 70.95 -5.96
N THR B 2700 22.64 72.20 -5.64
CA THR B 2700 23.22 72.89 -4.50
C THR B 2700 22.14 73.25 -3.50
N LYS B 2701 21.22 72.33 -3.24
CA LYS B 2701 20.09 72.57 -2.36
C LYS B 2701 19.93 71.40 -1.40
N ASN B 2702 19.09 71.59 -0.40
CA ASN B 2702 18.91 70.58 0.62
C ASN B 2702 18.29 69.33 0.03
N THR B 2703 18.47 68.22 0.74
CA THR B 2703 17.99 66.94 0.20
C THR B 2703 16.48 66.94 0.00
N GLU B 2704 15.73 67.67 0.81
CA GLU B 2704 14.29 67.70 0.62
C GLU B 2704 13.93 68.28 -0.73
N THR B 2705 14.53 69.41 -1.09
CA THR B 2705 14.23 70.03 -2.37
C THR B 2705 14.70 69.17 -3.53
N ARG B 2706 15.86 68.52 -3.39
CA ARG B 2706 16.34 67.66 -4.47
C ARG B 2706 15.38 66.51 -4.70
N ILE B 2707 14.90 65.87 -3.63
CA ILE B 2707 13.98 64.76 -3.81
C ILE B 2707 12.64 65.24 -4.36
N ALA B 2708 12.18 66.43 -3.96
CA ALA B 2708 10.93 66.94 -4.49
C ALA B 2708 11.05 67.23 -5.99
N VAL B 2709 12.16 67.83 -6.41
CA VAL B 2709 12.38 68.10 -7.82
C VAL B 2709 12.48 66.80 -8.60
N TYR B 2710 13.11 65.79 -8.02
CA TYR B 2710 13.24 64.53 -8.72
C TYR B 2710 11.90 63.83 -8.88
N ARG B 2711 11.07 63.84 -7.85
CA ARG B 2711 9.74 63.28 -8.03
C ARG B 2711 8.95 64.03 -9.08
N ARG B 2712 9.05 65.36 -9.06
CA ARG B 2712 8.30 66.16 -10.03
C ARG B 2712 8.75 65.85 -11.45
N VAL B 2713 10.05 65.59 -11.64
CA VAL B 2713 10.53 65.30 -12.98
C VAL B 2713 10.10 63.91 -13.42
N THR B 2714 10.26 62.92 -12.55
CA THR B 2714 9.92 61.58 -12.98
C THR B 2714 8.42 61.34 -13.05
N GLU B 2715 7.59 62.25 -12.55
CA GLU B 2715 6.17 62.11 -12.83
C GLU B 2715 5.81 62.53 -14.25
N ARG B 2716 6.73 63.18 -14.96
CA ARG B 2716 6.53 63.60 -16.33
C ARG B 2716 7.52 62.94 -17.26
N PHE B 2717 7.91 61.71 -16.96
CA PHE B 2717 8.91 61.01 -17.74
C PHE B 2717 8.63 59.52 -17.58
N HIS B 2718 8.10 58.89 -18.60
CA HIS B 2718 7.74 57.51 -18.40
C HIS B 2718 8.69 56.58 -19.14
N PRO B 2719 8.96 55.40 -18.60
CA PRO B 2719 9.93 54.51 -19.23
C PRO B 2719 9.44 53.93 -20.53
N VAL B 2720 10.36 53.68 -21.45
CA VAL B 2720 10.01 53.21 -22.78
C VAL B 2720 10.89 52.04 -23.18
N MET B 2721 11.61 51.45 -22.24
CA MET B 2721 12.60 50.46 -22.63
C MET B 2721 11.95 49.21 -23.16
N ARG B 2722 10.71 48.93 -22.77
CA ARG B 2722 10.06 47.70 -23.18
C ARG B 2722 9.87 47.63 -24.66
N TYR B 2723 10.00 48.76 -25.35
CA TYR B 2723 9.83 48.79 -26.79
C TYR B 2723 11.08 48.37 -27.53
N PHE B 2724 12.27 48.48 -26.93
CA PHE B 2724 13.47 48.04 -27.62
C PHE B 2724 13.32 46.62 -28.11
N PHE B 2725 12.53 45.80 -27.44
CA PHE B 2725 12.38 44.43 -27.84
C PHE B 2725 11.20 44.24 -28.75
N MET B 2726 10.19 45.10 -28.66
CA MET B 2726 9.06 44.97 -29.55
C MET B 2726 9.32 45.55 -30.92
N GLU B 2727 10.45 46.20 -31.13
CA GLU B 2727 10.74 46.80 -32.41
C GLU B 2727 12.01 46.28 -33.06
N TYR B 2728 12.84 45.53 -32.34
CA TYR B 2728 13.90 44.81 -33.00
C TYR B 2728 13.60 43.32 -33.14
N PHE B 2729 12.65 42.79 -32.37
CA PHE B 2729 12.29 41.38 -32.42
C PHE B 2729 10.78 41.30 -32.37
N PRO B 2730 10.11 41.28 -33.52
CA PRO B 2730 8.65 41.18 -33.52
C PRO B 2730 8.11 39.77 -33.40
N ASP B 2731 8.95 38.76 -33.56
CA ASP B 2731 8.52 37.38 -33.46
C ASP B 2731 8.47 36.97 -32.00
N PRO B 2732 7.34 36.45 -31.50
CA PRO B 2732 7.25 36.21 -30.06
C PRO B 2732 8.26 35.22 -29.52
N ASP B 2733 8.60 34.18 -30.26
CA ASP B 2733 9.61 33.25 -29.77
C ASP B 2733 10.95 33.95 -29.57
N GLU B 2734 11.40 34.66 -30.59
CA GLU B 2734 12.63 35.42 -30.52
C GLU B 2734 12.55 36.54 -29.48
N TRP B 2735 11.40 37.22 -29.40
CA TRP B 2735 11.24 38.29 -28.43
C TRP B 2735 11.42 37.78 -27.01
N PHE B 2736 10.82 36.65 -26.69
CA PHE B 2736 10.97 36.10 -25.35
C PHE B 2736 12.41 35.73 -25.07
N GLN B 2737 13.05 35.03 -25.99
CA GLN B 2737 14.43 34.64 -25.73
C GLN B 2737 15.34 35.85 -25.54
N LYS B 2738 15.16 36.90 -26.34
CA LYS B 2738 16.05 38.04 -26.23
C LYS B 2738 15.79 38.84 -24.96
N ARG B 2739 14.53 38.95 -24.54
CA ARG B 2739 14.27 39.64 -23.29
C ARG B 2739 14.84 38.90 -22.11
N THR B 2740 14.83 37.57 -22.15
CA THR B 2740 15.47 36.80 -21.11
C THR B 2740 16.99 36.99 -21.12
N ASN B 2741 17.61 37.05 -22.29
CA ASN B 2741 19.03 37.35 -22.35
C ASN B 2741 19.34 38.69 -21.70
N TYR B 2742 18.52 39.70 -21.97
CA TYR B 2742 18.75 41.00 -21.38
C TYR B 2742 18.68 40.92 -19.87
N THR B 2743 17.63 40.30 -19.34
CA THR B 2743 17.48 40.21 -17.88
C THR B 2743 18.63 39.46 -17.23
N ARG B 2744 19.04 38.34 -17.81
CA ARG B 2744 20.11 37.57 -17.21
C ARG B 2744 21.44 38.30 -17.23
N THR B 2745 21.79 38.93 -18.35
CA THR B 2745 23.07 39.63 -18.38
C THR B 2745 23.06 40.85 -17.47
N THR B 2746 21.91 41.52 -17.34
CA THR B 2746 21.82 42.61 -16.39
C THR B 2746 21.99 42.12 -14.96
N ALA B 2747 21.39 40.99 -14.61
CA ALA B 2747 21.55 40.47 -13.25
C ALA B 2747 23.00 40.11 -12.98
N ALA B 2748 23.64 39.39 -13.89
CA ALA B 2748 25.02 38.99 -13.66
C ALA B 2748 25.92 40.19 -13.51
N ILE B 2749 25.78 41.20 -14.36
CA ILE B 2749 26.70 42.31 -14.22
C ILE B 2749 26.34 43.19 -13.03
N SER B 2750 25.10 43.17 -12.57
CA SER B 2750 24.76 43.90 -11.36
C SER B 2750 25.42 43.29 -10.14
N MET B 2751 25.29 41.98 -9.96
CA MET B 2751 25.96 41.37 -8.81
C MET B 2751 27.48 41.49 -8.93
N LEU B 2752 28.03 41.22 -10.11
CA LEU B 2752 29.47 41.26 -10.27
C LEU B 2752 30.03 42.65 -10.14
N GLY B 2753 29.25 43.69 -10.39
CA GLY B 2753 29.73 45.03 -10.21
C GLY B 2753 29.40 45.61 -8.89
N HIS B 2754 28.55 44.94 -8.12
CA HIS B 2754 28.44 45.27 -6.71
C HIS B 2754 29.63 44.72 -5.95
N VAL B 2755 29.98 43.45 -6.19
CA VAL B 2755 31.06 42.83 -5.45
C VAL B 2755 32.39 43.53 -5.67
N LEU B 2756 32.62 44.07 -6.87
CA LEU B 2756 33.87 44.76 -7.20
C LEU B 2756 33.70 46.28 -7.23
N GLY B 2757 32.64 46.80 -6.64
CA GLY B 2757 32.49 48.23 -6.47
C GLY B 2757 32.42 49.01 -7.75
N LEU B 2758 32.07 48.38 -8.86
CA LEU B 2758 32.09 49.02 -10.16
C LEU B 2758 31.20 50.25 -10.20
N GLY B 2759 31.74 51.36 -10.68
CA GLY B 2759 31.01 52.62 -10.71
C GLY B 2759 31.11 53.29 -12.07
N ASP B 2760 30.56 54.49 -12.21
CA ASP B 2760 30.52 55.22 -13.48
C ASP B 2760 29.61 54.52 -14.49
N ARG B 2761 28.46 54.05 -14.02
CA ARG B 2761 27.55 53.25 -14.83
C ARG B 2761 26.46 54.11 -15.44
N HIS B 2762 26.84 55.14 -16.19
CA HIS B 2762 25.84 55.98 -16.82
C HIS B 2762 25.47 55.39 -18.17
N GLY B 2763 24.63 56.11 -18.92
CA GLY B 2763 24.07 55.52 -20.11
C GLY B 2763 25.04 55.33 -21.25
N HIS B 2764 26.18 55.99 -21.22
CA HIS B 2764 27.13 55.90 -22.32
C HIS B 2764 28.13 54.79 -22.13
N ASN B 2765 28.09 54.09 -21.00
CA ASN B 2765 28.95 52.95 -20.74
C ASN B 2765 28.20 51.63 -20.82
N ILE B 2766 26.94 51.64 -21.23
CA ILE B 2766 26.13 50.43 -21.33
C ILE B 2766 25.61 50.36 -22.74
N LEU B 2767 25.94 49.28 -23.44
CA LEU B 2767 25.58 49.08 -24.83
C LEU B 2767 24.54 47.98 -24.91
N LEU B 2768 23.57 48.13 -25.79
CA LEU B 2768 22.52 47.14 -26.00
C LEU B 2768 22.80 46.41 -27.29
N ASP B 2769 22.98 45.11 -27.21
CA ASP B 2769 23.28 44.30 -28.38
C ASP B 2769 21.96 43.92 -29.04
N HIS B 2770 21.63 44.54 -30.17
CA HIS B 2770 20.34 44.31 -30.77
C HIS B 2770 20.31 43.14 -31.73
N LYS B 2771 21.23 42.18 -31.57
CA LYS B 2771 21.14 40.89 -32.22
C LYS B 2771 20.89 39.76 -31.26
N THR B 2772 21.42 39.84 -30.03
CA THR B 2772 21.22 38.85 -29.00
C THR B 2772 20.48 39.38 -27.78
N GLY B 2773 20.26 40.68 -27.69
CA GLY B 2773 19.49 41.24 -26.62
C GLY B 2773 20.29 41.65 -25.39
N GLU B 2774 21.52 41.18 -25.25
CA GLU B 2774 22.25 41.22 -23.99
C GLU B 2774 23.17 42.43 -23.88
N VAL B 2775 23.23 43.02 -22.69
CA VAL B 2775 23.92 44.28 -22.47
C VAL B 2775 25.41 44.04 -22.36
N VAL B 2776 26.18 45.06 -22.73
CA VAL B 2776 27.64 45.03 -22.63
C VAL B 2776 28.06 46.25 -21.84
N HIS B 2777 28.88 46.04 -20.82
CA HIS B 2777 29.38 47.14 -20.03
C HIS B 2777 30.82 47.41 -20.42
N ILE B 2778 31.12 48.66 -20.78
CA ILE B 2778 32.44 49.09 -21.20
C ILE B 2778 32.92 50.11 -20.18
N ASP B 2779 34.19 50.52 -20.32
CA ASP B 2779 34.73 51.61 -19.52
C ASP B 2779 34.72 51.26 -18.04
N LEU B 2780 35.37 50.15 -17.71
CA LEU B 2780 35.27 49.56 -16.38
C LEU B 2780 36.36 50.01 -15.43
N GLY B 2781 36.85 51.24 -15.55
CA GLY B 2781 38.05 51.59 -14.81
C GLY B 2781 37.85 52.15 -13.42
N VAL B 2782 36.66 52.67 -13.13
CA VAL B 2782 36.34 53.23 -11.82
C VAL B 2782 35.72 52.09 -11.00
N ALA B 2783 36.56 51.34 -10.32
CA ALA B 2783 36.11 50.19 -9.56
C ALA B 2783 36.52 50.37 -8.11
N PHE B 2784 36.23 49.35 -7.30
CA PHE B 2784 36.61 49.33 -5.90
C PHE B 2784 36.17 50.60 -5.16
N GLU B 2785 34.94 51.02 -5.42
CA GLU B 2785 34.26 52.10 -4.72
C GLU B 2785 34.92 53.45 -4.91
N MET B 2786 35.74 53.63 -5.95
CA MET B 2786 36.29 54.95 -6.22
C MET B 2786 35.22 55.96 -6.59
N GLY B 2787 33.97 55.52 -6.77
CA GLY B 2787 32.93 56.38 -7.26
C GLY B 2787 32.19 57.15 -6.20
N ARG B 2788 32.25 56.68 -4.96
CA ARG B 2788 31.64 57.42 -3.87
C ARG B 2788 32.61 58.38 -3.22
N VAL B 2789 33.74 58.64 -3.87
CA VAL B 2789 34.68 59.67 -3.45
C VAL B 2789 34.53 60.94 -4.27
N LEU B 2790 33.80 60.90 -5.37
CA LEU B 2790 33.62 62.03 -6.28
C LEU B 2790 32.95 63.19 -5.56
N PRO B 2791 32.91 64.38 -6.16
CA PRO B 2791 32.18 65.49 -5.53
C PRO B 2791 30.71 65.18 -5.27
N VAL B 2792 29.98 64.71 -6.27
CA VAL B 2792 28.60 64.27 -6.08
C VAL B 2792 28.61 62.75 -6.11
N PRO B 2793 28.66 62.07 -4.98
CA PRO B 2793 29.01 60.65 -4.97
C PRO B 2793 27.96 59.79 -5.64
N GLU B 2794 28.39 58.62 -6.09
CA GLU B 2794 27.51 57.59 -6.64
C GLU B 2794 27.25 56.57 -5.55
N LEU B 2795 26.10 56.71 -4.89
CA LEU B 2795 25.80 55.93 -3.69
C LEU B 2795 24.78 54.82 -3.95
N VAL B 2796 24.80 54.22 -5.14
CA VAL B 2796 23.92 53.11 -5.47
C VAL B 2796 24.80 51.92 -5.81
N PRO B 2797 24.40 50.70 -5.51
CA PRO B 2797 25.28 49.57 -5.80
C PRO B 2797 25.41 49.28 -7.29
N PHE B 2798 24.37 49.53 -8.07
CA PHE B 2798 24.39 49.31 -9.52
C PHE B 2798 23.27 50.13 -10.12
N ARG B 2799 23.20 50.12 -11.45
CA ARG B 2799 22.19 50.89 -12.18
C ARG B 2799 20.92 50.08 -12.31
N LEU B 2800 19.85 50.51 -11.65
CA LEU B 2800 18.56 49.85 -11.74
C LEU B 2800 17.45 50.88 -11.82
N THR B 2801 17.59 51.85 -12.71
CA THR B 2801 16.59 52.90 -12.84
C THR B 2801 15.30 52.34 -13.42
N ARG B 2802 14.34 53.22 -13.69
CA ARG B 2802 13.03 52.75 -14.11
C ARG B 2802 13.05 52.17 -15.50
N ASP B 2803 14.01 52.57 -16.33
CA ASP B 2803 14.05 52.03 -17.69
C ASP B 2803 14.77 50.70 -17.74
N ILE B 2804 15.85 50.54 -16.99
CA ILE B 2804 16.46 49.22 -16.90
C ILE B 2804 15.45 48.21 -16.41
N VAL B 2805 14.61 48.59 -15.45
CA VAL B 2805 13.64 47.67 -14.88
C VAL B 2805 12.43 47.53 -15.79
N ASP B 2806 12.14 48.53 -16.62
CA ASP B 2806 11.02 48.41 -17.54
C ASP B 2806 11.30 47.43 -18.65
N GLY B 2807 12.56 47.24 -18.99
CA GLY B 2807 12.87 46.27 -20.00
C GLY B 2807 12.63 44.84 -19.61
N MET B 2808 11.99 44.58 -18.47
CA MET B 2808 11.85 43.23 -17.92
C MET B 2808 10.42 42.73 -17.85
N GLY B 2809 9.44 43.62 -18.00
CA GLY B 2809 8.09 43.22 -18.31
C GLY B 2809 7.11 43.34 -17.17
N ILE B 2810 6.06 42.53 -17.18
CA ILE B 2810 5.06 42.56 -16.12
C ILE B 2810 5.74 42.35 -14.77
N THR B 2811 6.58 41.33 -14.65
CA THR B 2811 7.33 41.04 -13.44
C THR B 2811 8.56 41.95 -13.39
N LYS B 2812 8.39 43.15 -12.82
CA LYS B 2812 9.46 44.15 -12.80
C LYS B 2812 10.76 43.56 -12.29
N THR B 2813 10.80 43.13 -11.03
CA THR B 2813 11.99 42.51 -10.45
C THR B 2813 11.72 41.07 -10.06
N GLU B 2814 10.70 40.80 -9.24
CA GLU B 2814 10.41 39.45 -8.77
C GLU B 2814 10.28 38.52 -9.97
N GLY B 2815 11.22 37.61 -10.15
CA GLY B 2815 11.21 36.73 -11.30
C GLY B 2815 12.58 36.28 -11.74
N VAL B 2816 12.92 36.55 -13.00
CA VAL B 2816 14.20 36.14 -13.56
C VAL B 2816 15.34 36.98 -12.98
N PHE B 2817 15.13 38.28 -12.78
CA PHE B 2817 16.20 39.16 -12.33
C PHE B 2817 16.60 38.87 -10.90
N ARG B 2818 15.63 38.57 -10.04
CA ARG B 2818 15.95 38.32 -8.65
C ARG B 2818 16.53 36.93 -8.46
N ARG B 2819 16.00 35.94 -9.14
CA ARG B 2819 16.57 34.60 -9.03
C ARG B 2819 17.97 34.56 -9.62
N CYS B 2820 18.23 35.30 -10.69
CA CYS B 2820 19.56 35.30 -11.27
C CYS B 2820 20.53 36.09 -10.42
N CYS B 2821 20.09 37.20 -9.82
CA CYS B 2821 20.93 37.86 -8.84
C CYS B 2821 21.33 36.90 -7.72
N GLU B 2822 20.39 36.10 -7.23
CA GLU B 2822 20.73 35.23 -6.11
C GLU B 2822 21.64 34.09 -6.54
N PHE B 2823 21.45 33.52 -7.73
CA PHE B 2823 22.36 32.47 -8.17
C PHE B 2823 23.76 33.01 -8.39
N THR B 2824 23.88 34.20 -8.98
CA THR B 2824 25.20 34.79 -9.16
C THR B 2824 25.87 35.05 -7.83
N LEU B 2825 25.19 35.72 -6.91
CA LEU B 2825 25.80 36.06 -5.64
C LEU B 2825 26.06 34.83 -4.80
N ASP B 2826 25.32 33.75 -5.00
CA ASP B 2826 25.60 32.53 -4.29
C ASP B 2826 26.81 31.81 -4.86
N ALA B 2827 27.02 31.89 -6.16
CA ALA B 2827 28.23 31.30 -6.72
C ALA B 2827 29.45 32.15 -6.48
N LEU B 2828 29.28 33.46 -6.26
CA LEU B 2828 30.42 34.31 -6.03
C LEU B 2828 31.00 34.13 -4.65
N ARG B 2829 30.15 34.00 -3.63
CA ARG B 2829 30.66 33.82 -2.28
C ARG B 2829 31.07 32.39 -1.98
N GLU B 2830 30.94 31.47 -2.92
CA GLU B 2830 31.58 30.17 -2.82
C GLU B 2830 32.87 30.09 -3.59
N GLU B 2831 33.28 31.19 -4.22
CA GLU B 2831 34.56 31.30 -4.89
C GLU B 2831 35.37 32.44 -4.29
N ALA B 2832 35.16 32.75 -3.02
CA ALA B 2832 35.84 33.89 -2.43
C ALA B 2832 37.34 33.67 -2.35
N ALA B 2833 37.79 32.42 -2.31
CA ALA B 2833 39.23 32.18 -2.33
C ALA B 2833 39.82 32.54 -3.69
N SER B 2834 39.14 32.16 -4.77
CA SER B 2834 39.67 32.46 -6.10
C SER B 2834 39.59 33.95 -6.40
N ILE B 2835 38.56 34.62 -5.93
CA ILE B 2835 38.50 36.06 -6.11
C ILE B 2835 39.58 36.73 -5.29
N GLN B 2836 39.89 36.19 -4.11
CA GLN B 2836 41.00 36.72 -3.34
C GLN B 2836 42.32 36.53 -4.08
N THR B 2837 42.48 35.39 -4.75
CA THR B 2837 43.70 35.16 -5.52
C THR B 2837 43.83 36.12 -6.68
N ILE B 2838 42.72 36.41 -7.37
CA ILE B 2838 42.77 37.34 -8.48
C ILE B 2838 43.13 38.74 -7.99
N LEU B 2839 42.47 39.21 -6.93
CA LEU B 2839 42.83 40.52 -6.42
C LEU B 2839 44.23 40.55 -5.83
N ASP B 2840 44.73 39.42 -5.34
CA ASP B 2840 46.09 39.39 -4.85
C ASP B 2840 47.07 39.56 -6.00
N SER B 2841 46.86 38.85 -7.10
CA SER B 2841 47.68 39.11 -8.28
C SER B 2841 47.60 40.56 -8.69
N LEU B 2842 46.45 41.20 -8.48
CA LEU B 2842 46.36 42.63 -8.72
C LEU B 2842 47.20 43.43 -7.74
N ARG B 2843 47.41 42.90 -6.53
CA ARG B 2843 48.13 43.66 -5.50
C ARG B 2843 49.62 43.78 -5.81
N HIS B 2844 50.17 42.85 -6.58
CA HIS B 2844 51.57 42.86 -6.97
C HIS B 2844 51.78 43.48 -8.34
N ASP B 2845 50.90 44.37 -8.75
CA ASP B 2845 51.00 45.08 -10.02
C ASP B 2845 51.40 46.51 -9.69
N THR B 2846 52.64 46.87 -9.98
CA THR B 2846 53.18 48.16 -9.56
C THR B 2846 52.47 49.33 -10.22
N LEU B 2847 51.83 49.11 -11.37
CA LEU B 2847 51.30 50.17 -12.18
C LEU B 2847 49.80 50.41 -11.99
N TYR B 2848 49.12 49.58 -11.21
CA TYR B 2848 47.69 49.76 -11.00
C TYR B 2848 47.48 50.76 -9.87
N GLN B 2849 46.67 51.78 -10.12
CA GLN B 2849 46.40 52.81 -9.14
C GLN B 2849 45.14 52.48 -8.37
N TRP B 2850 45.20 52.53 -7.06
CA TRP B 2850 44.06 52.18 -6.23
C TRP B 2850 43.24 53.39 -5.81
N SER B 2851 43.56 54.56 -6.34
CA SER B 2851 42.76 55.75 -6.13
C SER B 2851 42.59 56.45 -7.46
N ILE B 2852 41.55 57.27 -7.57
CA ILE B 2852 41.21 57.90 -8.83
C ILE B 2852 41.90 59.25 -8.88
N SER B 2853 42.78 59.41 -9.86
CA SER B 2853 43.63 60.59 -9.92
C SER B 2853 42.82 61.81 -10.34
N PRO B 2854 43.05 62.98 -9.70
CA PRO B 2854 42.16 64.13 -9.93
C PRO B 2854 42.01 64.53 -11.38
N VAL B 2855 42.90 64.09 -12.27
CA VAL B 2855 42.68 64.31 -13.70
C VAL B 2855 41.36 63.69 -14.14
N ARG B 2856 41.24 62.38 -13.98
CA ARG B 2856 40.00 61.71 -14.37
C ARG B 2856 38.84 62.10 -13.47
N MET B 2857 39.11 62.39 -12.19
CA MET B 2857 38.04 62.84 -11.32
C MET B 2857 37.44 64.16 -11.80
N ALA B 2858 38.25 65.00 -12.45
CA ALA B 2858 37.72 66.20 -13.07
C ALA B 2858 37.12 65.91 -14.44
N LYS B 2859 37.59 64.85 -15.10
CA LYS B 2859 37.02 64.45 -16.38
C LYS B 2859 35.69 63.72 -16.25
N LEU B 2860 35.31 63.32 -15.03
CA LEU B 2860 34.09 62.55 -14.80
C LEU B 2860 32.89 63.41 -14.44
N GLN B 2861 33.08 64.48 -13.66
CA GLN B 2861 31.95 65.24 -13.14
C GLN B 2861 32.12 66.73 -13.40
N ASN B 2862 32.49 67.08 -14.63
CA ASN B 2862 32.52 68.47 -15.07
C ASN B 2862 33.41 69.33 -14.19
N SER B 2897 46.72 50.65 3.82
CA SER B 2897 47.10 50.55 2.43
C SER B 2897 45.85 50.49 1.57
N GLU B 2898 45.82 51.24 0.47
CA GLU B 2898 44.62 51.30 -0.36
C GLU B 2898 44.27 49.93 -0.92
N ALA B 2899 45.27 49.17 -1.34
CA ALA B 2899 45.01 47.81 -1.77
C ALA B 2899 44.36 47.02 -0.66
N ASP B 2900 44.84 47.17 0.56
CA ASP B 2900 44.32 46.38 1.67
C ASP B 2900 42.90 46.77 1.99
N ARG B 2901 42.58 48.06 2.02
CA ARG B 2901 41.21 48.48 2.28
C ARG B 2901 40.27 47.98 1.19
N ALA B 2902 40.65 48.13 -0.07
CA ALA B 2902 39.79 47.70 -1.15
C ALA B 2902 39.54 46.20 -1.09
N ILE B 2903 40.60 45.41 -0.92
CA ILE B 2903 40.42 43.96 -0.90
C ILE B 2903 39.69 43.52 0.34
N GLU B 2904 39.78 44.27 1.44
CA GLU B 2904 39.01 43.92 2.61
C GLU B 2904 37.53 44.19 2.40
N VAL B 2905 37.19 45.29 1.73
CA VAL B 2905 35.78 45.56 1.45
C VAL B 2905 35.23 44.49 0.52
N VAL B 2906 35.97 44.13 -0.51
CA VAL B 2906 35.54 43.05 -1.39
C VAL B 2906 35.36 41.77 -0.60
N LYS B 2907 36.23 41.53 0.39
CA LYS B 2907 36.16 40.28 1.13
C LYS B 2907 35.00 40.26 2.10
N LYS B 2908 34.56 41.40 2.57
CA LYS B 2908 33.40 41.42 3.45
C LYS B 2908 32.09 41.54 2.71
N LYS B 2909 32.10 41.88 1.41
CA LYS B 2909 30.88 41.74 0.62
C LYS B 2909 30.58 40.30 0.26
N LEU B 2910 31.56 39.41 0.38
CA LEU B 2910 31.40 38.01 0.08
C LEU B 2910 31.26 37.16 1.34
N SER B 2911 30.80 37.74 2.44
CA SER B 2911 30.72 37.06 3.72
C SER B 2911 29.39 36.36 3.85
N LYS B 2912 29.41 35.14 4.36
CA LYS B 2912 28.21 34.32 4.43
C LYS B 2912 27.36 34.62 5.67
N THR B 2913 27.51 35.80 6.26
CA THR B 2913 26.75 36.13 7.46
C THR B 2913 25.25 36.22 7.17
N LEU B 2914 24.86 37.11 6.25
CA LEU B 2914 23.49 37.17 5.81
C LEU B 2914 23.22 36.14 4.73
N SER B 2915 21.95 35.80 4.56
CA SER B 2915 21.59 34.89 3.49
C SER B 2915 21.61 35.63 2.16
N VAL B 2916 21.60 34.88 1.07
CA VAL B 2916 21.64 35.51 -0.24
C VAL B 2916 20.35 36.26 -0.50
N MET B 2917 19.22 35.70 -0.06
CA MET B 2917 17.94 36.35 -0.26
C MET B 2917 17.91 37.71 0.40
N ALA B 2918 18.38 37.80 1.64
CA ALA B 2918 18.34 39.06 2.36
C ALA B 2918 19.30 40.07 1.76
N THR B 2919 20.48 39.61 1.35
CA THR B 2919 21.45 40.50 0.74
C THR B 2919 20.90 41.10 -0.54
N VAL B 2920 20.31 40.27 -1.40
CA VAL B 2920 19.77 40.76 -2.65
C VAL B 2920 18.57 41.67 -2.41
N ASN B 2921 17.72 41.35 -1.43
CA ASN B 2921 16.63 42.26 -1.10
C ASN B 2921 17.17 43.61 -0.70
N ASP B 2922 18.22 43.65 0.10
CA ASP B 2922 18.75 44.94 0.51
C ASP B 2922 19.34 45.71 -0.66
N LEU B 2923 20.07 45.00 -1.53
CA LEU B 2923 20.67 45.66 -2.68
C LEU B 2923 19.60 46.25 -3.59
N ILE B 2924 18.58 45.46 -3.92
CA ILE B 2924 17.54 45.96 -4.80
C ILE B 2924 16.69 47.03 -4.13
N ASN B 2925 16.66 47.08 -2.80
CA ASN B 2925 15.99 48.19 -2.15
C ASN B 2925 16.80 49.46 -2.28
N GLN B 2926 18.12 49.37 -2.12
CA GLN B 2926 18.87 50.62 -2.16
C GLN B 2926 19.24 51.04 -3.58
N ALA B 2927 19.06 50.17 -4.57
CA ALA B 2927 19.35 50.56 -5.94
C ALA B 2927 18.19 51.26 -6.60
N THR B 2928 16.97 50.99 -6.14
CA THR B 2928 15.76 51.58 -6.71
C THR B 2928 15.13 52.63 -5.80
N SER B 2929 15.81 53.06 -4.76
CA SER B 2929 15.22 53.98 -3.82
C SER B 2929 15.21 55.38 -4.38
N VAL B 2930 14.12 56.10 -4.14
CA VAL B 2930 14.02 57.46 -4.67
C VAL B 2930 14.92 58.41 -3.90
N SER B 2931 15.13 58.16 -2.60
CA SER B 2931 16.02 59.03 -1.84
C SER B 2931 17.48 58.81 -2.19
N ASN B 2932 17.83 57.67 -2.78
CA ASN B 2932 19.18 57.45 -3.28
C ASN B 2932 19.33 57.93 -4.72
N LEU B 2933 18.31 57.72 -5.54
CA LEU B 2933 18.38 58.16 -6.92
C LEU B 2933 18.20 59.66 -7.05
N ALA B 2934 17.68 60.32 -6.04
CA ALA B 2934 17.43 61.75 -6.22
C ALA B 2934 18.67 62.59 -6.02
N VAL B 2935 19.68 62.06 -5.35
CA VAL B 2935 20.88 62.83 -5.02
C VAL B 2935 22.09 62.35 -5.82
N LEU B 2936 21.87 61.69 -6.94
CA LEU B 2936 22.94 61.31 -7.84
C LEU B 2936 23.24 62.44 -8.81
N TYR B 2937 24.42 62.38 -9.41
CA TYR B 2937 24.83 63.41 -10.36
C TYR B 2937 23.89 63.42 -11.55
N SER B 2938 23.70 64.60 -12.14
CA SER B 2938 22.72 64.74 -13.21
C SER B 2938 23.18 64.10 -14.50
N GLY B 2939 24.48 63.93 -14.70
CA GLY B 2939 24.94 63.20 -15.87
C GLY B 2939 24.71 61.72 -15.77
N TRP B 2940 24.60 61.21 -14.55
CA TRP B 2940 24.14 59.85 -14.26
C TRP B 2940 22.65 59.90 -14.37
N ALA B 2941 22.12 59.65 -15.56
CA ALA B 2941 20.72 60.00 -15.79
C ALA B 2941 19.80 59.08 -15.03
N ALA B 2942 19.43 59.46 -13.81
CA ALA B 2942 18.63 58.58 -12.97
C ALA B 2942 17.14 58.71 -13.26
N TYR B 2943 16.71 59.89 -13.71
CA TYR B 2943 15.32 60.07 -14.12
C TYR B 2943 14.96 59.11 -15.23
N ALA B 2944 15.92 58.80 -16.10
CA ALA B 2944 15.69 57.93 -17.22
C ALA B 2944 15.35 56.54 -16.75
PG AGS C . 49.52 27.44 44.27
S1G AGS C . 50.97 26.15 44.32
O2G AGS C . 48.43 27.00 43.25
O3G AGS C . 50.06 28.84 43.85
PB AGS C . 47.37 27.11 45.86
O1B AGS C . 46.69 27.03 44.56
O2B AGS C . 47.46 25.84 46.69
O3B AGS C . 48.86 27.58 45.68
PA AGS C . 46.16 27.68 48.20
O1A AGS C . 47.33 27.26 48.98
O2A AGS C . 45.31 28.82 48.76
O3A AGS C . 46.59 28.12 46.76
O5' AGS C . 45.29 26.40 48.03
C5' AGS C . 44.38 26.04 49.08
C4' AGS C . 44.10 24.57 49.02
O4' AGS C . 42.69 24.34 49.14
C3' AGS C . 44.48 23.91 47.71
O3' AGS C . 44.77 22.53 47.91
C2' AGS C . 43.24 24.12 46.83
O2' AGS C . 42.99 23.03 45.97
C1' AGS C . 42.11 24.20 47.86
N9 AGS C . 41.23 25.33 47.64
C8 AGS C . 41.60 26.60 47.27
N7 AGS C . 40.59 27.43 47.16
C5 AGS C . 39.49 26.66 47.48
C6 AGS C . 38.12 26.95 47.53
N6 AGS C . 37.61 28.15 47.27
N1 AGS C . 37.29 25.95 47.88
C2 AGS C . 37.80 24.75 48.15
N3 AGS C . 39.07 24.35 48.11
C4 AGS C . 39.87 25.37 47.78
MG MG D . 44.48 28.44 43.86
PG AGS E . 31.59 60.81 -21.65
S1G AGS E . 30.20 62.16 -21.69
O2G AGS E . 31.04 59.48 -21.08
O3G AGS E . 32.76 61.29 -20.75
PB AGS E . 31.91 59.17 -23.75
O1B AGS E . 31.59 58.16 -22.73
O2B AGS E . 30.87 59.41 -24.83
O3B AGS E . 32.14 60.57 -23.08
PA AGS E . 33.17 58.66 -26.07
O1A AGS E . 32.83 59.97 -26.62
O2A AGS E . 34.50 58.04 -26.49
O3A AGS E . 33.19 58.71 -24.50
O5' AGS E . 32.00 57.71 -26.48
C5' AGS E . 32.03 57.09 -27.77
C4' AGS E . 30.62 56.74 -28.16
O4' AGS E . 30.60 55.41 -28.69
C3' AGS E . 29.61 56.73 -27.04
O3' AGS E . 28.31 56.99 -27.52
C2' AGS E . 29.76 55.31 -26.47
O2' AGS E . 28.51 54.79 -26.03
C1' AGS E . 30.21 54.50 -27.68
N9 AGS E . 31.35 53.65 -27.40
C8 AGS E . 32.43 53.96 -26.62
N7 AGS E . 33.31 53.01 -26.53
C5 AGS E . 32.78 51.99 -27.31
C6 AGS E . 33.23 50.71 -27.63
N6 AGS E . 34.38 50.20 -27.18
N1 AGS E . 32.46 49.95 -28.42
C2 AGS E . 31.31 50.46 -28.87
N3 AGS E . 30.77 51.65 -28.63
C4 AGS E . 31.57 52.38 -27.85
MG MG F . 33.02 55.91 -22.24
#